data_2K4A
#
_entry.id   2K4A
#
loop_
_entity.id
_entity.type
_entity.pdbx_description
1 polymer Synaptotagmin-1
2 polymer 'Heparin-binding growth factor 1'
#
loop_
_entity_poly.entity_id
_entity_poly.type
_entity_poly.pdbx_seq_one_letter_code
_entity_poly.pdbx_strand_id
1 'polypeptide(L)'
;EKLGKLQYSLDYDFQNNQLLVGIIQAAELPALDMGGTSDPYVKVFLLPDKKKKFETKVHRKTLNPVFNEQFTFKVPYSEL
GGKTLVMAVYDFDRFSKHDIIGEFKVPMNTVDFGHVTEEWRDLQSAEK
;
A
2 'polypeptide(L)'
;YKKPKLLYCSNGGHFLRILPDGTVDGTRDRSDQHIQLQLSAESVGEVYIKSTETGQYLAMDTDGLLYGSQTPNEECLFLE
RLEENHYNTYISKKHAEKNWFVGLKKNGSCKRGPRTHYGQKAILFLPLPVSSD
;
B
#
# COMPACT_ATOMS: atom_id res chain seq x y z
N GLU A 1 -5.94 -8.09 -8.49
CA GLU A 1 -7.09 -7.18 -8.19
C GLU A 1 -7.31 -6.22 -9.36
N LYS A 2 -8.54 -5.71 -9.50
CA LYS A 2 -8.87 -4.78 -10.59
C LYS A 2 -10.11 -3.95 -10.23
N LEU A 3 -9.96 -2.63 -10.26
CA LEU A 3 -11.06 -1.72 -9.95
C LEU A 3 -11.35 -0.79 -11.14
N GLY A 4 -10.66 -1.01 -12.25
CA GLY A 4 -10.85 -0.18 -13.43
C GLY A 4 -9.78 0.89 -13.53
N LYS A 5 -10.17 2.10 -13.87
CA LYS A 5 -9.22 3.21 -14.01
C LYS A 5 -9.83 4.51 -13.52
N LEU A 6 -8.97 5.42 -13.07
CA LEU A 6 -9.40 6.71 -12.57
C LEU A 6 -8.48 7.82 -13.11
N GLN A 7 -9.07 8.78 -13.78
CA GLN A 7 -8.30 9.89 -14.34
C GLN A 7 -8.21 11.01 -13.32
N TYR A 8 -7.05 11.61 -13.15
CA TYR A 8 -6.89 12.69 -12.18
C TYR A 8 -5.77 13.67 -12.54
N SER A 9 -5.90 14.88 -12.01
CA SER A 9 -4.94 15.95 -12.22
C SER A 9 -4.67 16.61 -10.86
N LEU A 10 -3.52 16.29 -10.27
CA LEU A 10 -3.18 16.83 -8.95
C LEU A 10 -2.19 17.98 -9.05
N ASP A 11 -2.53 19.10 -8.41
CA ASP A 11 -1.66 20.27 -8.39
C ASP A 11 -1.31 20.62 -6.94
N TYR A 12 -0.31 21.47 -6.74
CA TYR A 12 0.13 21.83 -5.39
C TYR A 12 -0.05 23.31 -5.08
N ASP A 13 -0.37 23.61 -3.82
CA ASP A 13 -0.54 24.98 -3.36
C ASP A 13 0.55 25.29 -2.32
N PHE A 14 1.32 26.33 -2.56
CA PHE A 14 2.40 26.72 -1.65
C PHE A 14 2.03 27.93 -0.79
N GLN A 15 0.76 28.31 -0.80
CA GLN A 15 0.29 29.45 -0.01
C GLN A 15 -0.37 28.94 1.28
N ASN A 16 -1.24 27.94 1.12
CA ASN A 16 -1.94 27.35 2.27
C ASN A 16 -1.27 26.03 2.67
N ASN A 17 -0.45 25.49 1.76
CA ASN A 17 0.28 24.24 1.99
C ASN A 17 -0.64 23.03 1.90
N GLN A 18 -1.19 22.82 0.70
CA GLN A 18 -2.08 21.70 0.45
C GLN A 18 -1.99 21.26 -1.00
N LEU A 19 -2.10 19.96 -1.23
CA LEU A 19 -2.07 19.43 -2.58
C LEU A 19 -3.49 19.26 -3.08
N LEU A 20 -3.75 19.74 -4.30
CA LEU A 20 -5.08 19.66 -4.88
C LEU A 20 -5.26 18.39 -5.68
N VAL A 21 -5.92 17.41 -5.07
CA VAL A 21 -6.17 16.14 -5.74
C VAL A 21 -7.43 16.27 -6.60
N GLY A 22 -7.25 16.78 -7.80
CA GLY A 22 -8.38 16.96 -8.71
C GLY A 22 -8.55 15.79 -9.65
N ILE A 23 -9.36 14.82 -9.24
CA ILE A 23 -9.61 13.65 -10.07
C ILE A 23 -10.72 13.97 -11.08
N ILE A 24 -10.68 13.32 -12.23
CA ILE A 24 -11.67 13.55 -13.27
C ILE A 24 -12.86 12.61 -13.11
N GLN A 25 -12.59 11.31 -13.08
CA GLN A 25 -13.64 10.31 -12.93
C GLN A 25 -13.04 8.91 -12.85
N ALA A 26 -13.90 7.92 -12.58
CA ALA A 26 -13.49 6.53 -12.49
C ALA A 26 -14.23 5.72 -13.54
N ALA A 27 -13.53 4.78 -14.16
CA ALA A 27 -14.14 3.95 -15.19
C ALA A 27 -13.99 2.46 -14.89
N GLU A 28 -15.03 1.70 -15.23
CA GLU A 28 -15.05 0.25 -15.04
C GLU A 28 -15.00 -0.13 -13.56
N LEU A 29 -15.91 0.44 -12.77
CA LEU A 29 -15.98 0.15 -11.35
C LEU A 29 -16.75 -1.15 -11.11
N PRO A 30 -16.38 -1.92 -10.07
CA PRO A 30 -17.05 -3.18 -9.73
C PRO A 30 -18.50 -2.98 -9.31
N ALA A 31 -19.29 -4.05 -9.40
CA ALA A 31 -20.70 -3.99 -9.05
C ALA A 31 -20.92 -4.31 -7.56
N LEU A 32 -22.07 -3.87 -7.04
CA LEU A 32 -22.43 -4.11 -5.65
C LEU A 32 -23.96 -4.12 -5.50
N ASP A 33 -24.61 -3.08 -6.02
CA ASP A 33 -26.07 -2.99 -5.96
C ASP A 33 -26.71 -4.10 -6.79
N MET A 34 -27.98 -4.37 -6.55
CA MET A 34 -28.69 -5.42 -7.26
C MET A 34 -28.97 -5.03 -8.72
N GLY A 35 -27.95 -5.16 -9.56
CA GLY A 35 -28.10 -4.83 -10.96
C GLY A 35 -26.78 -4.50 -11.63
N GLY A 36 -25.77 -5.35 -11.40
CA GLY A 36 -24.46 -5.16 -12.00
C GLY A 36 -24.00 -3.70 -11.91
N THR A 37 -24.32 -3.05 -10.80
CA THR A 37 -23.95 -1.66 -10.58
C THR A 37 -23.68 -1.42 -9.09
N SER A 38 -23.31 -0.20 -8.74
CA SER A 38 -23.02 0.14 -7.36
C SER A 38 -23.09 1.65 -7.14
N ASP A 39 -22.91 2.07 -5.90
CA ASP A 39 -22.91 3.49 -5.54
C ASP A 39 -21.51 3.86 -5.07
N PRO A 40 -20.51 3.78 -5.97
CA PRO A 40 -19.11 4.04 -5.64
C PRO A 40 -18.77 5.51 -5.42
N TYR A 41 -18.19 5.80 -4.27
CA TYR A 41 -17.74 7.12 -3.92
C TYR A 41 -16.30 7.02 -3.41
N VAL A 42 -15.42 7.86 -3.91
CA VAL A 42 -14.02 7.81 -3.52
C VAL A 42 -13.80 8.49 -2.17
N LYS A 43 -13.26 7.74 -1.22
CA LYS A 43 -12.96 8.26 0.10
C LYS A 43 -11.46 8.47 0.22
N VAL A 44 -11.03 9.72 0.08
CA VAL A 44 -9.63 10.06 0.15
C VAL A 44 -9.08 9.87 1.56
N PHE A 45 -8.11 8.98 1.69
CA PHE A 45 -7.50 8.69 2.97
C PHE A 45 -5.98 8.88 2.89
N LEU A 46 -5.32 8.87 4.05
CA LEU A 46 -3.89 9.05 4.11
C LEU A 46 -3.25 8.07 5.09
N LEU A 47 -1.96 7.82 4.91
CA LEU A 47 -1.20 6.95 5.78
C LEU A 47 -1.21 7.53 7.22
N PRO A 48 -0.45 6.92 8.17
CA PRO A 48 -0.35 7.39 9.55
C PRO A 48 -0.68 8.87 9.73
N ASP A 49 -0.13 9.71 8.83
CA ASP A 49 -0.39 11.15 8.85
C ASP A 49 -1.85 11.42 9.22
N LYS A 50 -2.75 10.74 8.50
CA LYS A 50 -4.20 10.86 8.72
C LYS A 50 -4.69 12.30 8.91
N LYS A 51 -4.00 13.27 8.32
CA LYS A 51 -4.42 14.66 8.45
C LYS A 51 -5.26 15.09 7.25
N LYS A 52 -6.34 14.37 7.01
CA LYS A 52 -7.23 14.65 5.89
C LYS A 52 -8.24 13.52 5.72
N LYS A 53 -9.50 13.88 5.49
CA LYS A 53 -10.56 12.91 5.30
C LYS A 53 -11.73 13.56 4.58
N PHE A 54 -11.95 13.19 3.32
CA PHE A 54 -13.03 13.76 2.53
C PHE A 54 -13.89 12.67 1.90
N GLU A 55 -15.19 12.88 1.92
CA GLU A 55 -16.14 11.94 1.35
C GLU A 55 -16.78 12.54 0.10
N THR A 56 -16.65 11.86 -1.02
CA THR A 56 -17.22 12.34 -2.27
C THR A 56 -18.73 12.15 -2.30
N LYS A 57 -19.38 12.70 -3.32
CA LYS A 57 -20.83 12.60 -3.44
C LYS A 57 -21.20 11.20 -3.93
N VAL A 58 -22.04 10.51 -3.18
CA VAL A 58 -22.49 9.19 -3.57
C VAL A 58 -22.98 9.20 -5.01
N HIS A 59 -22.56 8.22 -5.78
CA HIS A 59 -22.95 8.10 -7.18
C HIS A 59 -23.85 6.88 -7.33
N ARG A 60 -25.14 7.11 -7.16
CA ARG A 60 -26.15 6.05 -7.22
C ARG A 60 -26.08 5.22 -8.51
N LYS A 61 -25.96 3.91 -8.34
CA LYS A 61 -25.93 2.94 -9.43
C LYS A 61 -25.17 3.45 -10.65
N THR A 62 -23.85 3.43 -10.57
CA THR A 62 -23.01 3.89 -11.68
C THR A 62 -21.61 3.31 -11.57
N LEU A 63 -21.15 2.68 -12.65
CA LEU A 63 -19.81 2.08 -12.68
C LEU A 63 -18.83 2.93 -13.50
N ASN A 64 -19.32 4.07 -14.00
CA ASN A 64 -18.50 4.97 -14.80
C ASN A 64 -19.02 6.41 -14.62
N PRO A 65 -19.09 6.88 -13.36
CA PRO A 65 -19.59 8.20 -13.05
C PRO A 65 -18.52 9.30 -13.14
N VAL A 66 -18.97 10.51 -13.46
CA VAL A 66 -18.09 11.66 -13.57
C VAL A 66 -18.54 12.72 -12.57
N PHE A 67 -17.60 13.47 -12.02
CA PHE A 67 -17.93 14.50 -11.05
C PHE A 67 -16.76 15.46 -10.85
N ASN A 68 -15.57 14.89 -10.63
CA ASN A 68 -14.37 15.69 -10.42
C ASN A 68 -14.44 16.43 -9.09
N GLU A 69 -14.31 15.67 -8.00
CA GLU A 69 -14.34 16.25 -6.66
C GLU A 69 -12.99 16.88 -6.33
N GLN A 70 -13.01 17.90 -5.49
CA GLN A 70 -11.80 18.61 -5.10
C GLN A 70 -11.32 18.15 -3.72
N PHE A 71 -10.24 17.35 -3.71
CA PHE A 71 -9.68 16.87 -2.46
C PHE A 71 -8.47 17.71 -2.07
N THR A 72 -8.55 18.31 -0.88
CA THR A 72 -7.48 19.14 -0.37
C THR A 72 -6.53 18.33 0.52
N PHE A 73 -5.34 18.04 -0.02
CA PHE A 73 -4.34 17.28 0.72
C PHE A 73 -3.72 18.17 1.80
N LYS A 74 -4.41 18.26 2.93
CA LYS A 74 -3.95 19.07 4.06
C LYS A 74 -2.62 18.56 4.61
N VAL A 75 -1.53 19.12 4.09
CA VAL A 75 -0.18 18.78 4.53
C VAL A 75 0.83 19.60 3.75
N PRO A 76 1.78 20.25 4.45
CA PRO A 76 2.80 21.07 3.80
C PRO A 76 3.59 20.29 2.76
N TYR A 77 3.81 20.91 1.60
CA TYR A 77 4.57 20.27 0.52
C TYR A 77 5.85 19.62 1.06
N SER A 78 6.51 20.34 1.97
CA SER A 78 7.74 19.88 2.58
C SER A 78 7.52 18.59 3.40
N GLU A 79 6.28 18.38 3.85
CA GLU A 79 5.93 17.22 4.65
C GLU A 79 5.45 16.07 3.76
N LEU A 80 4.85 16.41 2.61
CA LEU A 80 4.33 15.43 1.66
C LEU A 80 5.29 14.24 1.48
N GLY A 81 6.59 14.52 1.50
CA GLY A 81 7.59 13.47 1.33
C GLY A 81 7.33 12.25 2.20
N GLY A 82 6.80 12.47 3.40
CA GLY A 82 6.53 11.36 4.30
C GLY A 82 5.04 11.04 4.43
N LYS A 83 4.27 11.30 3.38
CA LYS A 83 2.84 11.04 3.43
C LYS A 83 2.34 10.36 2.15
N THR A 84 1.91 9.11 2.29
CA THR A 84 1.39 8.34 1.17
C THR A 84 -0.13 8.46 1.14
N LEU A 85 -0.67 9.16 0.15
CA LEU A 85 -2.11 9.34 0.03
C LEU A 85 -2.75 8.06 -0.52
N VAL A 86 -3.96 7.76 -0.04
CA VAL A 86 -4.66 6.58 -0.49
C VAL A 86 -6.10 6.91 -0.87
N MET A 87 -6.48 6.59 -2.09
CA MET A 87 -7.82 6.85 -2.58
C MET A 87 -8.60 5.55 -2.69
N ALA A 88 -9.57 5.37 -1.80
CA ALA A 88 -10.38 4.16 -1.81
C ALA A 88 -11.80 4.48 -2.25
N VAL A 89 -12.32 3.71 -3.19
CA VAL A 89 -13.68 3.92 -3.67
C VAL A 89 -14.63 3.04 -2.88
N TYR A 90 -15.51 3.68 -2.13
CA TYR A 90 -16.48 2.97 -1.30
C TYR A 90 -17.85 2.94 -1.95
N ASP A 91 -18.55 1.83 -1.81
CA ASP A 91 -19.88 1.67 -2.37
C ASP A 91 -20.94 2.18 -1.39
N PHE A 92 -22.14 2.44 -1.89
CA PHE A 92 -23.23 2.93 -1.07
C PHE A 92 -24.54 2.27 -1.48
N ASP A 93 -24.50 0.96 -1.70
CA ASP A 93 -25.70 0.18 -2.08
C ASP A 93 -26.91 0.59 -1.25
N ARG A 94 -26.67 0.88 0.04
CA ARG A 94 -27.71 1.33 0.98
C ARG A 94 -28.53 0.16 1.55
N PHE A 95 -27.99 -1.05 1.49
CA PHE A 95 -28.70 -2.22 2.00
C PHE A 95 -27.76 -3.14 2.77
N SER A 96 -26.73 -3.63 2.10
CA SER A 96 -25.76 -4.54 2.69
C SER A 96 -24.57 -3.76 3.26
N LYS A 97 -23.57 -4.47 3.75
CA LYS A 97 -22.38 -3.84 4.29
C LYS A 97 -21.57 -3.23 3.17
N HIS A 98 -21.67 -1.91 3.01
CA HIS A 98 -20.93 -1.22 1.95
C HIS A 98 -19.50 -1.75 1.87
N ASP A 99 -19.13 -2.28 0.71
CA ASP A 99 -17.79 -2.84 0.52
C ASP A 99 -16.88 -1.89 -0.24
N ILE A 100 -15.58 -2.09 -0.11
CA ILE A 100 -14.59 -1.28 -0.79
C ILE A 100 -14.28 -1.91 -2.14
N ILE A 101 -15.01 -1.49 -3.17
CA ILE A 101 -14.83 -2.03 -4.51
C ILE A 101 -13.37 -1.93 -4.97
N GLY A 102 -12.63 -0.96 -4.44
CA GLY A 102 -11.23 -0.82 -4.82
C GLY A 102 -10.60 0.46 -4.29
N GLU A 103 -9.33 0.64 -4.59
CA GLU A 103 -8.58 1.81 -4.14
C GLU A 103 -7.28 1.97 -4.92
N PHE A 104 -6.58 3.08 -4.67
CA PHE A 104 -5.30 3.35 -5.30
C PHE A 104 -4.48 4.31 -4.43
N LYS A 105 -3.16 4.26 -4.55
CA LYS A 105 -2.28 5.12 -3.77
C LYS A 105 -0.94 5.33 -4.48
N VAL A 106 -0.20 6.35 -4.07
CA VAL A 106 1.09 6.65 -4.67
C VAL A 106 2.00 7.37 -3.67
N PRO A 107 3.28 6.97 -3.61
CA PRO A 107 4.25 7.59 -2.72
C PRO A 107 4.51 9.05 -3.08
N MET A 108 3.88 9.97 -2.35
CA MET A 108 4.01 11.40 -2.60
C MET A 108 5.47 11.83 -2.75
N ASN A 109 6.36 11.26 -1.93
CA ASN A 109 7.78 11.62 -2.00
C ASN A 109 8.31 11.46 -3.44
N THR A 110 7.80 10.45 -4.15
CA THR A 110 8.22 10.21 -5.52
C THR A 110 7.42 11.09 -6.51
N VAL A 111 6.42 11.81 -5.99
CA VAL A 111 5.60 12.68 -6.81
C VAL A 111 6.17 14.09 -6.80
N ASP A 112 7.12 14.33 -7.70
CA ASP A 112 7.75 15.65 -7.80
C ASP A 112 6.72 16.70 -8.21
N PHE A 113 6.21 17.42 -7.22
CA PHE A 113 5.22 18.47 -7.45
C PHE A 113 5.84 19.66 -8.19
N GLY A 114 6.25 19.43 -9.43
CA GLY A 114 6.84 20.49 -10.24
C GLY A 114 5.79 21.49 -10.70
N HIS A 115 4.63 20.98 -11.11
CA HIS A 115 3.53 21.83 -11.57
C HIS A 115 2.19 21.16 -11.27
N VAL A 116 1.83 20.20 -12.11
CA VAL A 116 0.58 19.47 -11.96
C VAL A 116 0.78 18.01 -12.35
N THR A 117 0.33 17.11 -11.47
CA THR A 117 0.46 15.69 -11.70
C THR A 117 -0.83 15.13 -12.30
N GLU A 118 -0.88 15.08 -13.62
CA GLU A 118 -2.04 14.55 -14.34
C GLU A 118 -1.68 13.21 -14.96
N GLU A 119 -2.55 12.22 -14.80
CA GLU A 119 -2.31 10.89 -15.35
C GLU A 119 -3.55 10.00 -15.25
N TRP A 120 -3.56 8.91 -16.01
CA TRP A 120 -4.66 7.97 -16.00
C TRP A 120 -4.38 6.85 -15.00
N ARG A 121 -4.68 7.13 -13.73
CA ARG A 121 -4.42 6.19 -12.65
C ARG A 121 -5.24 4.90 -12.80
N ASP A 122 -4.58 3.78 -12.58
CA ASP A 122 -5.20 2.47 -12.64
C ASP A 122 -5.83 2.16 -11.29
N LEU A 123 -7.01 1.56 -11.31
CA LEU A 123 -7.73 1.23 -10.07
C LEU A 123 -7.64 -0.26 -9.77
N GLN A 124 -7.42 -0.59 -8.50
CA GLN A 124 -7.33 -1.99 -8.07
C GLN A 124 -8.29 -2.27 -6.92
N SER A 125 -8.89 -3.46 -6.93
CA SER A 125 -9.83 -3.85 -5.90
C SER A 125 -9.10 -4.40 -4.67
N ALA A 126 -8.77 -3.50 -3.74
CA ALA A 126 -8.09 -3.90 -2.52
C ALA A 126 -9.09 -4.54 -1.55
N GLU A 127 -9.02 -5.86 -1.43
CA GLU A 127 -9.91 -6.60 -0.55
C GLU A 127 -9.77 -6.10 0.89
N LYS A 128 -10.82 -5.42 1.37
CA LYS A 128 -10.82 -4.89 2.72
C LYS A 128 -11.97 -5.50 3.51
N TYR B 1 28.75 -5.89 6.22
CA TYR B 1 28.26 -4.68 6.91
C TYR B 1 26.76 -4.79 7.20
N LYS B 2 26.41 -5.74 8.07
CA LYS B 2 25.00 -5.97 8.42
C LYS B 2 24.33 -4.64 8.81
N LYS B 3 23.46 -4.16 7.95
CA LYS B 3 22.75 -2.90 8.17
C LYS B 3 21.46 -2.88 7.33
N PRO B 4 20.73 -1.74 7.31
CA PRO B 4 19.50 -1.56 6.56
C PRO B 4 19.29 -2.57 5.44
N LYS B 5 18.40 -3.52 5.67
CA LYS B 5 18.09 -4.55 4.70
C LYS B 5 16.85 -4.15 3.90
N LEU B 6 17.04 -3.74 2.66
CA LEU B 6 15.93 -3.33 1.80
C LEU B 6 15.30 -4.55 1.16
N LEU B 7 13.97 -4.60 1.15
CA LEU B 7 13.24 -5.72 0.58
C LEU B 7 11.96 -5.24 -0.10
N TYR B 8 11.68 -5.77 -1.29
CA TYR B 8 10.47 -5.40 -2.03
C TYR B 8 10.15 -6.50 -3.05
N CYS B 9 9.00 -6.40 -3.72
CA CYS B 9 8.62 -7.40 -4.70
C CYS B 9 7.79 -6.79 -5.83
N SER B 10 7.64 -7.55 -6.91
CA SER B 10 6.88 -7.11 -8.08
C SER B 10 7.71 -6.11 -8.88
N ASN B 11 7.99 -6.45 -10.13
CA ASN B 11 8.77 -5.59 -11.01
C ASN B 11 8.24 -4.17 -10.98
N GLY B 12 9.10 -3.22 -10.69
CA GLY B 12 8.70 -1.83 -10.63
C GLY B 12 9.24 -1.13 -9.41
N GLY B 13 9.72 0.10 -9.60
CA GLY B 13 10.26 0.86 -8.49
C GLY B 13 9.29 1.00 -7.35
N HIS B 14 9.54 0.25 -6.27
CA HIS B 14 8.69 0.26 -5.08
C HIS B 14 9.43 -0.42 -3.93
N PHE B 15 9.64 0.31 -2.83
CA PHE B 15 10.33 -0.23 -1.67
C PHE B 15 9.43 -0.24 -0.45
N LEU B 16 9.64 -1.20 0.44
CA LEU B 16 8.84 -1.33 1.65
C LEU B 16 9.22 -0.24 2.65
N ARG B 17 8.42 0.83 2.71
CA ARG B 17 8.69 1.92 3.63
C ARG B 17 7.90 1.73 4.92
N ILE B 18 8.60 1.39 5.99
CA ILE B 18 7.98 1.16 7.28
C ILE B 18 7.89 2.44 8.10
N LEU B 19 6.79 2.57 8.82
CA LEU B 19 6.58 3.73 9.67
C LEU B 19 6.14 3.28 11.06
N PRO B 20 6.65 3.94 12.12
CA PRO B 20 6.33 3.60 13.52
C PRO B 20 4.83 3.36 13.73
N ASP B 21 4.02 4.05 12.94
CA ASP B 21 2.56 3.92 13.00
C ASP B 21 2.14 2.47 12.73
N GLY B 22 2.75 1.86 11.73
CA GLY B 22 2.43 0.51 11.37
C GLY B 22 2.03 0.37 9.90
N THR B 23 1.42 1.42 9.35
CA THR B 23 0.99 1.40 7.96
C THR B 23 2.19 1.50 7.02
N VAL B 24 2.78 0.35 6.72
CA VAL B 24 3.93 0.28 5.82
C VAL B 24 3.44 0.16 4.37
N ASP B 25 4.00 0.98 3.48
CA ASP B 25 3.61 0.95 2.07
C ASP B 25 4.84 0.78 1.17
N GLY B 26 4.59 0.45 -0.09
CA GLY B 26 5.66 0.25 -1.05
C GLY B 26 6.13 1.54 -1.69
N THR B 27 6.70 2.41 -0.87
CA THR B 27 7.20 3.70 -1.35
C THR B 27 8.40 3.51 -2.26
N ARG B 28 8.35 4.13 -3.44
CA ARG B 28 9.46 4.02 -4.38
C ARG B 28 10.42 5.19 -4.20
N ASP B 29 11.10 5.21 -3.07
CA ASP B 29 12.06 6.27 -2.76
C ASP B 29 13.18 5.73 -1.88
N ARG B 30 14.35 6.35 -1.98
CA ARG B 30 15.51 5.96 -1.19
C ARG B 30 16.20 7.19 -0.61
N SER B 31 15.45 8.28 -0.48
CA SER B 31 15.95 9.53 0.05
C SER B 31 15.74 9.58 1.56
N ASP B 32 14.55 9.17 1.99
CA ASP B 32 14.22 9.17 3.41
C ASP B 32 14.48 7.80 4.01
N GLN B 33 15.25 7.75 5.09
CA GLN B 33 15.58 6.49 5.76
C GLN B 33 14.36 5.87 6.42
N HIS B 34 13.48 5.28 5.62
CA HIS B 34 12.29 4.61 6.16
C HIS B 34 11.94 3.36 5.35
N ILE B 35 12.88 2.87 4.55
CA ILE B 35 12.67 1.68 3.73
C ILE B 35 13.76 0.63 4.00
N GLN B 36 14.07 0.45 5.28
CA GLN B 36 15.10 -0.50 5.68
C GLN B 36 14.68 -1.25 6.94
N LEU B 37 14.85 -2.56 6.90
CA LEU B 37 14.51 -3.42 8.04
C LEU B 37 15.71 -4.30 8.38
N GLN B 38 15.79 -4.74 9.63
CA GLN B 38 16.89 -5.58 10.07
C GLN B 38 16.54 -7.06 9.86
N LEU B 39 16.54 -7.48 8.61
CA LEU B 39 16.24 -8.87 8.26
C LEU B 39 17.43 -9.76 8.60
N SER B 40 17.17 -10.82 9.34
CA SER B 40 18.22 -11.77 9.74
C SER B 40 17.62 -13.10 10.15
N ALA B 41 18.42 -14.16 10.05
CA ALA B 41 18.00 -15.49 10.41
C ALA B 41 18.18 -15.69 11.91
N GLU B 42 17.09 -15.61 12.66
CA GLU B 42 17.13 -15.76 14.10
C GLU B 42 17.41 -17.21 14.48
N SER B 43 16.58 -18.11 13.97
CA SER B 43 16.73 -19.54 14.23
C SER B 43 17.03 -20.28 12.92
N VAL B 44 17.30 -21.57 13.02
CA VAL B 44 17.59 -22.39 11.83
C VAL B 44 16.49 -22.24 10.78
N GLY B 45 16.70 -21.32 9.85
CA GLY B 45 15.74 -21.09 8.80
C GLY B 45 14.69 -20.04 9.15
N GLU B 46 14.58 -19.70 10.43
CA GLU B 46 13.61 -18.72 10.88
C GLU B 46 14.18 -17.30 10.81
N VAL B 47 13.69 -16.52 9.85
CA VAL B 47 14.14 -15.15 9.68
C VAL B 47 13.10 -14.17 10.23
N TYR B 48 13.58 -13.10 10.83
CA TYR B 48 12.69 -12.08 11.40
C TYR B 48 12.84 -10.76 10.67
N ILE B 49 11.74 -10.02 10.60
CA ILE B 49 11.71 -8.72 9.95
C ILE B 49 11.46 -7.64 10.99
N LYS B 50 12.51 -6.93 11.37
CA LYS B 50 12.41 -5.88 12.36
C LYS B 50 13.10 -4.61 11.89
N SER B 51 12.31 -3.57 11.66
CA SER B 51 12.84 -2.28 11.21
C SER B 51 13.34 -1.49 12.41
N THR B 52 14.31 -2.06 13.11
CA THR B 52 14.88 -1.45 14.31
C THR B 52 15.37 -0.03 14.06
N GLU B 53 16.45 0.10 13.32
CA GLU B 53 17.05 1.40 13.04
C GLU B 53 16.34 2.13 11.90
N THR B 54 15.03 2.33 12.03
CA THR B 54 14.26 3.03 11.00
C THR B 54 12.76 3.04 11.29
N GLY B 55 12.21 1.92 11.75
CA GLY B 55 10.79 1.88 12.01
C GLY B 55 10.41 1.10 13.25
N GLN B 56 9.78 -0.04 13.05
CA GLN B 56 9.28 -0.88 14.13
C GLN B 56 9.41 -2.36 13.81
N TYR B 57 8.93 -3.20 14.72
CA TYR B 57 8.96 -4.65 14.55
C TYR B 57 7.66 -5.10 13.90
N LEU B 58 7.74 -6.12 13.05
CA LEU B 58 6.56 -6.62 12.36
C LEU B 58 5.75 -7.57 13.25
N ALA B 59 4.47 -7.66 12.96
CA ALA B 59 3.54 -8.52 13.68
C ALA B 59 2.30 -8.77 12.84
N MET B 60 2.41 -9.76 11.95
CA MET B 60 1.32 -10.11 11.05
C MET B 60 0.00 -10.33 11.79
N ASP B 61 -1.09 -9.90 11.15
CA ASP B 61 -2.42 -10.07 11.73
C ASP B 61 -3.02 -11.36 11.20
N THR B 62 -2.64 -12.47 11.83
CA THR B 62 -3.14 -13.78 11.42
C THR B 62 -2.70 -14.07 9.98
N ASP B 63 -1.52 -13.58 9.62
CA ASP B 63 -0.98 -13.74 8.25
C ASP B 63 -1.81 -12.92 7.26
N GLY B 64 -3.13 -13.12 7.27
CA GLY B 64 -4.03 -12.39 6.39
C GLY B 64 -3.56 -10.98 6.09
N LEU B 65 -3.36 -10.19 7.15
CA LEU B 65 -2.90 -8.82 7.00
C LEU B 65 -1.53 -8.66 7.64
N LEU B 66 -0.61 -8.03 6.92
CA LEU B 66 0.74 -7.84 7.43
C LEU B 66 0.89 -6.44 8.03
N TYR B 67 1.39 -6.38 9.26
CA TYR B 67 1.58 -5.11 9.95
C TYR B 67 2.69 -5.24 11.00
N GLY B 68 3.02 -4.14 11.65
CA GLY B 68 4.05 -4.16 12.67
C GLY B 68 4.21 -2.82 13.34
N SER B 69 4.50 -2.82 14.63
CA SER B 69 4.68 -1.58 15.39
C SER B 69 4.78 -1.85 16.88
N GLN B 70 3.73 -2.40 17.47
CA GLN B 70 3.69 -2.68 18.90
C GLN B 70 4.75 -3.68 19.34
N THR B 71 4.58 -4.95 18.99
CA THR B 71 5.54 -5.98 19.40
C THR B 71 5.76 -7.03 18.31
N PRO B 72 7.00 -7.57 18.23
CA PRO B 72 7.35 -8.60 17.25
C PRO B 72 6.80 -9.96 17.66
N ASN B 73 5.48 -10.12 17.55
CA ASN B 73 4.82 -11.36 17.91
C ASN B 73 5.28 -12.51 17.00
N GLU B 74 5.14 -13.75 17.50
CA GLU B 74 5.55 -14.94 16.73
C GLU B 74 5.10 -14.83 15.27
N GLU B 75 3.96 -14.18 15.04
CA GLU B 75 3.45 -13.96 13.68
C GLU B 75 4.56 -13.44 12.76
N CYS B 76 5.56 -12.77 13.34
CA CYS B 76 6.67 -12.20 12.57
C CYS B 76 7.78 -13.22 12.27
N LEU B 77 7.62 -14.48 12.67
CA LEU B 77 8.64 -15.49 12.39
C LEU B 77 8.37 -16.17 11.05
N PHE B 78 9.31 -16.05 10.12
CA PHE B 78 9.15 -16.62 8.80
C PHE B 78 10.34 -17.50 8.42
N LEU B 79 10.06 -18.57 7.66
CA LEU B 79 11.08 -19.49 7.21
C LEU B 79 11.74 -18.93 5.95
N GLU B 80 13.07 -18.80 5.98
CA GLU B 80 13.82 -18.26 4.85
C GLU B 80 13.92 -19.29 3.72
N ARG B 81 13.32 -18.96 2.57
CA ARG B 81 13.34 -19.83 1.40
C ARG B 81 13.79 -19.03 0.17
N LEU B 82 14.42 -19.69 -0.77
CA LEU B 82 14.91 -19.03 -1.97
C LEU B 82 14.32 -19.69 -3.22
N GLU B 83 13.96 -18.88 -4.20
CA GLU B 83 13.39 -19.38 -5.45
C GLU B 83 14.36 -19.12 -6.61
N GLU B 84 14.47 -20.08 -7.52
CA GLU B 84 15.36 -19.95 -8.67
C GLU B 84 14.79 -18.94 -9.68
N ASN B 85 14.48 -17.75 -9.19
CA ASN B 85 13.91 -16.68 -10.01
C ASN B 85 14.46 -15.33 -9.55
N HIS B 86 15.61 -15.35 -8.87
CA HIS B 86 16.25 -14.14 -8.35
C HIS B 86 15.33 -13.44 -7.35
N TYR B 87 14.71 -14.22 -6.47
CA TYR B 87 13.80 -13.67 -5.46
C TYR B 87 13.86 -14.50 -4.17
N ASN B 88 13.54 -13.85 -3.06
CA ASN B 88 13.54 -14.49 -1.75
C ASN B 88 12.12 -14.84 -1.33
N THR B 89 11.98 -15.94 -0.60
CA THR B 89 10.68 -16.39 -0.12
C THR B 89 10.72 -16.57 1.39
N TYR B 90 9.67 -16.12 2.07
CA TYR B 90 9.60 -16.24 3.52
C TYR B 90 8.27 -16.85 3.92
N ILE B 91 8.33 -18.03 4.53
CA ILE B 91 7.12 -18.73 4.94
C ILE B 91 6.76 -18.43 6.38
N SER B 92 5.60 -17.80 6.58
CA SER B 92 5.12 -17.48 7.92
C SER B 92 4.75 -18.76 8.66
N LYS B 93 5.76 -19.45 9.19
CA LYS B 93 5.56 -20.70 9.91
C LYS B 93 4.35 -20.60 10.86
N LYS B 94 4.16 -19.42 11.44
CA LYS B 94 3.03 -19.19 12.35
C LYS B 94 1.71 -19.59 11.69
N HIS B 95 1.65 -19.50 10.35
CA HIS B 95 0.45 -19.86 9.60
C HIS B 95 0.76 -20.85 8.47
N ALA B 96 1.98 -21.39 8.47
CA ALA B 96 2.38 -22.35 7.44
C ALA B 96 1.37 -23.48 7.34
N GLU B 97 0.74 -23.79 8.47
CA GLU B 97 -0.29 -24.84 8.53
C GLU B 97 -1.34 -24.65 7.44
N LYS B 98 -1.63 -23.40 7.10
CA LYS B 98 -2.61 -23.08 6.07
C LYS B 98 -1.92 -22.82 4.73
N ASN B 99 -0.63 -23.18 4.64
CA ASN B 99 0.15 -22.96 3.42
C ASN B 99 0.19 -21.47 3.07
N TRP B 100 0.22 -20.64 4.11
CA TRP B 100 0.27 -19.20 3.95
C TRP B 100 1.68 -18.68 4.23
N PHE B 101 2.21 -17.89 3.31
CA PHE B 101 3.53 -17.31 3.48
C PHE B 101 3.54 -15.84 3.06
N VAL B 102 3.88 -14.99 4.03
CA VAL B 102 3.93 -13.53 3.87
C VAL B 102 3.95 -13.04 2.41
N GLY B 103 2.97 -12.23 2.07
CA GLY B 103 2.86 -11.67 0.74
C GLY B 103 2.39 -10.23 0.79
N LEU B 104 3.07 -9.33 0.07
CA LEU B 104 2.72 -7.91 0.07
C LEU B 104 2.35 -7.42 -1.31
N LYS B 105 1.64 -6.29 -1.35
CA LYS B 105 1.23 -5.68 -2.61
C LYS B 105 2.11 -4.46 -2.90
N LYS B 106 3.02 -4.63 -3.87
CA LYS B 106 3.94 -3.58 -4.28
C LYS B 106 3.26 -2.20 -4.35
N ASN B 107 2.07 -2.19 -4.94
CA ASN B 107 1.32 -0.94 -5.09
C ASN B 107 0.08 -0.94 -4.18
N GLY B 108 0.22 -1.51 -2.99
CA GLY B 108 -0.88 -1.55 -2.06
C GLY B 108 -0.44 -1.55 -0.60
N SER B 109 0.45 -2.49 -0.27
CA SER B 109 1.00 -2.65 1.09
C SER B 109 1.08 -4.16 1.40
N CYS B 110 1.64 -4.49 2.55
CA CYS B 110 1.77 -5.88 2.95
C CYS B 110 0.49 -6.38 3.63
N LYS B 111 -0.33 -7.13 2.89
CA LYS B 111 -1.57 -7.68 3.42
C LYS B 111 -2.30 -8.50 2.36
N ARG B 112 -1.87 -9.73 2.18
CA ARG B 112 -2.48 -10.62 1.20
C ARG B 112 -2.51 -12.07 1.71
N GLY B 113 -2.55 -12.23 3.03
CA GLY B 113 -2.58 -13.56 3.63
C GLY B 113 -3.54 -14.51 2.92
N PRO B 114 -4.81 -14.11 2.74
CA PRO B 114 -5.80 -14.94 2.06
C PRO B 114 -5.30 -15.43 0.68
N ARG B 115 -4.23 -14.80 0.19
CA ARG B 115 -3.64 -15.18 -1.10
C ARG B 115 -2.12 -15.35 -0.96
N THR B 116 -1.62 -15.57 0.26
CA THR B 116 -0.19 -15.76 0.47
C THR B 116 0.28 -17.10 -0.09
N HIS B 117 -0.68 -17.98 -0.39
CA HIS B 117 -0.36 -19.27 -0.98
C HIS B 117 0.16 -19.03 -2.41
N TYR B 118 0.55 -20.10 -3.12
CA TYR B 118 1.05 -19.92 -4.48
C TYR B 118 -0.02 -19.33 -5.40
N GLY B 119 -0.26 -18.04 -5.24
CA GLY B 119 -1.24 -17.33 -6.04
C GLY B 119 -0.69 -16.02 -6.59
N GLN B 120 -0.08 -15.23 -5.71
CA GLN B 120 0.49 -13.95 -6.10
C GLN B 120 2.02 -14.03 -6.11
N LYS B 121 2.63 -13.81 -7.27
CA LYS B 121 4.09 -13.87 -7.40
C LYS B 121 4.76 -12.88 -6.43
N ALA B 122 3.98 -11.91 -5.94
CA ALA B 122 4.47 -10.92 -4.99
C ALA B 122 5.17 -11.55 -3.78
N ILE B 123 4.96 -12.85 -3.57
CA ILE B 123 5.59 -13.57 -2.49
C ILE B 123 7.11 -13.65 -2.69
N LEU B 124 7.55 -13.56 -3.94
CA LEU B 124 8.96 -13.63 -4.27
C LEU B 124 9.58 -12.25 -4.13
N PHE B 125 10.05 -11.94 -2.93
CA PHE B 125 10.63 -10.64 -2.62
C PHE B 125 12.07 -10.53 -3.12
N LEU B 126 12.45 -9.32 -3.50
CA LEU B 126 13.80 -9.04 -3.97
C LEU B 126 14.53 -8.19 -2.93
N PRO B 127 15.47 -8.79 -2.20
CA PRO B 127 16.22 -8.10 -1.15
C PRO B 127 17.45 -7.36 -1.67
N LEU B 128 17.71 -6.19 -1.09
CA LEU B 128 18.87 -5.38 -1.43
C LEU B 128 19.60 -4.93 -0.15
N PRO B 129 19.86 -5.87 0.77
CA PRO B 129 20.52 -5.57 2.04
C PRO B 129 22.04 -5.47 1.92
N VAL B 130 22.65 -4.70 2.81
CA VAL B 130 24.09 -4.54 2.83
C VAL B 130 24.74 -5.72 3.53
N SER B 131 25.03 -6.76 2.75
CA SER B 131 25.66 -7.96 3.27
C SER B 131 27.10 -7.71 3.70
N SER B 132 27.75 -8.74 4.23
CA SER B 132 29.13 -8.64 4.66
C SER B 132 30.02 -9.46 3.74
N ASP B 133 30.10 -9.03 2.48
CA ASP B 133 30.90 -9.71 1.47
C ASP B 133 32.28 -9.07 1.37
N GLU A 1 -7.38 -7.39 -8.59
CA GLU A 1 -8.03 -6.09 -8.29
C GLU A 1 -8.33 -5.34 -9.58
N LYS A 2 -9.59 -4.94 -9.76
CA LYS A 2 -9.98 -4.23 -10.97
C LYS A 2 -11.09 -3.22 -10.68
N LEU A 3 -10.72 -1.94 -10.66
CA LEU A 3 -11.67 -0.86 -10.42
C LEU A 3 -11.65 0.14 -11.59
N GLY A 4 -11.12 -0.29 -12.73
CA GLY A 4 -11.03 0.57 -13.89
C GLY A 4 -9.85 1.52 -13.81
N LYS A 5 -10.02 2.70 -14.38
CA LYS A 5 -8.97 3.71 -14.38
C LYS A 5 -9.53 5.06 -13.97
N LEU A 6 -8.71 5.83 -13.26
CA LEU A 6 -9.12 7.14 -12.79
C LEU A 6 -8.20 8.21 -13.37
N GLN A 7 -8.80 9.12 -14.12
CA GLN A 7 -8.06 10.22 -14.74
C GLN A 7 -8.03 11.37 -13.75
N TYR A 8 -6.85 11.91 -13.47
CA TYR A 8 -6.75 13.01 -12.51
C TYR A 8 -5.60 13.98 -12.81
N SER A 9 -5.72 15.16 -12.23
CA SER A 9 -4.74 16.22 -12.36
C SER A 9 -4.25 16.60 -10.96
N LEU A 10 -3.01 16.26 -10.65
CA LEU A 10 -2.47 16.56 -9.32
C LEU A 10 -1.47 17.71 -9.36
N ASP A 11 -1.71 18.72 -8.53
CA ASP A 11 -0.81 19.86 -8.44
C ASP A 11 -0.58 20.19 -6.96
N TYR A 12 0.23 21.20 -6.67
CA TYR A 12 0.51 21.56 -5.29
C TYR A 12 0.70 23.06 -5.13
N ASP A 13 0.46 23.55 -3.92
CA ASP A 13 0.64 24.96 -3.61
C ASP A 13 1.64 25.11 -2.47
N PHE A 14 2.63 25.96 -2.68
CA PHE A 14 3.67 26.19 -1.68
C PHE A 14 3.30 27.33 -0.71
N GLN A 15 2.45 28.25 -1.17
CA GLN A 15 2.02 29.37 -0.34
C GLN A 15 1.25 28.86 0.88
N ASN A 16 0.35 27.91 0.64
CA ASN A 16 -0.44 27.32 1.71
C ASN A 16 0.23 26.04 2.20
N ASN A 17 1.14 25.50 1.37
CA ASN A 17 1.90 24.30 1.70
C ASN A 17 0.99 23.07 1.78
N GLN A 18 0.42 22.72 0.63
CA GLN A 18 -0.45 21.55 0.53
C GLN A 18 -0.61 21.15 -0.93
N LEU A 19 -0.98 19.91 -1.17
CA LEU A 19 -1.15 19.42 -2.53
C LEU A 19 -2.60 19.51 -2.95
N LEU A 20 -2.82 19.68 -4.26
CA LEU A 20 -4.17 19.79 -4.78
C LEU A 20 -4.44 18.65 -5.76
N VAL A 21 -5.28 17.72 -5.35
CA VAL A 21 -5.62 16.58 -6.18
C VAL A 21 -6.92 16.85 -6.93
N GLY A 22 -6.80 17.17 -8.22
CA GLY A 22 -7.96 17.44 -9.04
C GLY A 22 -8.22 16.32 -10.01
N ILE A 23 -8.89 15.27 -9.54
CA ILE A 23 -9.21 14.12 -10.39
C ILE A 23 -10.28 14.51 -11.41
N ILE A 24 -10.37 13.76 -12.49
CA ILE A 24 -11.35 14.03 -13.54
C ILE A 24 -12.57 13.14 -13.40
N GLN A 25 -12.38 11.83 -13.54
CA GLN A 25 -13.49 10.88 -13.44
C GLN A 25 -13.00 9.44 -13.34
N ALA A 26 -13.88 8.57 -12.85
CA ALA A 26 -13.58 7.15 -12.71
C ALA A 26 -14.34 6.37 -13.78
N ALA A 27 -14.15 5.06 -13.84
CA ALA A 27 -14.84 4.26 -14.85
C ALA A 27 -14.85 2.77 -14.49
N GLU A 28 -15.85 2.07 -15.03
CA GLU A 28 -16.01 0.62 -14.82
C GLU A 28 -16.11 0.25 -13.34
N LEU A 29 -16.71 1.12 -12.55
CA LEU A 29 -16.87 0.86 -11.12
C LEU A 29 -17.82 -0.32 -10.88
N PRO A 30 -17.50 -1.19 -9.91
CA PRO A 30 -18.34 -2.37 -9.58
C PRO A 30 -19.77 -2.00 -9.23
N ALA A 31 -20.69 -2.93 -9.47
CA ALA A 31 -22.11 -2.71 -9.19
C ALA A 31 -22.48 -3.22 -7.80
N LEU A 32 -22.78 -2.28 -6.90
CA LEU A 32 -23.16 -2.60 -5.53
C LEU A 32 -24.66 -2.39 -5.32
N ASP A 33 -25.24 -1.46 -6.09
CA ASP A 33 -26.66 -1.16 -5.99
C ASP A 33 -27.50 -2.20 -6.73
N MET A 34 -28.73 -2.40 -6.27
CA MET A 34 -29.64 -3.36 -6.88
C MET A 34 -30.11 -2.86 -8.24
N GLY A 35 -29.18 -2.83 -9.20
CA GLY A 35 -29.50 -2.38 -10.54
C GLY A 35 -28.27 -2.26 -11.41
N GLY A 36 -27.37 -3.24 -11.31
CA GLY A 36 -26.15 -3.23 -12.10
C GLY A 36 -25.44 -1.88 -12.05
N THR A 37 -25.48 -1.23 -10.90
CA THR A 37 -24.86 0.07 -10.72
C THR A 37 -24.53 0.30 -9.23
N SER A 38 -24.05 1.50 -8.90
CA SER A 38 -23.70 1.81 -7.52
C SER A 38 -23.71 3.32 -7.30
N ASP A 39 -23.53 3.72 -6.04
CA ASP A 39 -23.47 5.13 -5.66
C ASP A 39 -22.07 5.42 -5.14
N PRO A 40 -21.05 5.27 -6.00
CA PRO A 40 -19.65 5.44 -5.62
C PRO A 40 -19.20 6.89 -5.41
N TYR A 41 -18.54 7.11 -4.28
CA TYR A 41 -17.98 8.41 -3.94
C TYR A 41 -16.54 8.20 -3.50
N VAL A 42 -15.63 9.03 -4.01
CA VAL A 42 -14.22 8.89 -3.67
C VAL A 42 -13.89 9.63 -2.37
N LYS A 43 -13.28 8.91 -1.44
CA LYS A 43 -12.89 9.49 -0.17
C LYS A 43 -11.37 9.58 -0.10
N VAL A 44 -10.87 10.77 0.15
CA VAL A 44 -9.43 11.00 0.19
C VAL A 44 -8.86 10.67 1.57
N PHE A 45 -7.91 9.76 1.59
CA PHE A 45 -7.24 9.36 2.82
C PHE A 45 -5.73 9.35 2.62
N LEU A 46 -5.00 9.21 3.72
CA LEU A 46 -3.54 9.20 3.68
C LEU A 46 -2.99 8.19 4.67
N LEU A 47 -1.69 7.90 4.54
CA LEU A 47 -1.01 6.98 5.45
C LEU A 47 -1.10 7.52 6.89
N PRO A 48 -0.43 6.86 7.89
CA PRO A 48 -0.43 7.29 9.28
C PRO A 48 -0.71 8.79 9.46
N ASP A 49 -0.07 9.60 8.63
CA ASP A 49 -0.26 11.06 8.65
C ASP A 49 -1.72 11.39 8.95
N LYS A 50 -2.61 10.82 8.14
CA LYS A 50 -4.05 11.00 8.27
C LYS A 50 -4.46 12.46 8.51
N LYS A 51 -3.64 13.40 8.05
CA LYS A 51 -3.94 14.82 8.23
C LYS A 51 -4.80 15.32 7.07
N LYS A 52 -5.96 14.70 6.90
CA LYS A 52 -6.89 15.07 5.85
C LYS A 52 -8.05 14.07 5.79
N LYS A 53 -9.24 14.59 5.54
CA LYS A 53 -10.44 13.78 5.44
C LYS A 53 -11.50 14.51 4.61
N PHE A 54 -11.54 14.23 3.32
CA PHE A 54 -12.48 14.86 2.41
C PHE A 54 -13.29 13.82 1.67
N GLU A 55 -14.58 14.08 1.54
CA GLU A 55 -15.50 13.19 0.84
C GLU A 55 -16.10 13.89 -0.36
N THR A 56 -16.28 13.15 -1.44
CA THR A 56 -16.84 13.70 -2.67
C THR A 56 -18.37 13.55 -2.68
N LYS A 57 -19.00 14.27 -3.61
CA LYS A 57 -20.45 14.23 -3.74
C LYS A 57 -20.90 12.83 -4.17
N VAL A 58 -21.86 12.28 -3.45
CA VAL A 58 -22.36 10.94 -3.76
C VAL A 58 -22.85 10.87 -5.20
N HIS A 59 -22.15 10.08 -6.00
CA HIS A 59 -22.52 9.90 -7.40
C HIS A 59 -23.41 8.66 -7.49
N ARG A 60 -24.69 8.89 -7.23
CA ARG A 60 -25.68 7.81 -7.21
C ARG A 60 -25.93 7.16 -8.57
N LYS A 61 -26.14 5.85 -8.53
CA LYS A 61 -26.44 5.04 -9.70
C LYS A 61 -25.56 5.39 -10.90
N THR A 62 -24.26 5.20 -10.76
CA THR A 62 -23.33 5.49 -11.85
C THR A 62 -21.98 4.82 -11.62
N LEU A 63 -21.56 4.00 -12.58
CA LEU A 63 -20.29 3.29 -12.50
C LEU A 63 -19.20 3.99 -13.34
N ASN A 64 -19.59 5.06 -14.01
CA ASN A 64 -18.66 5.83 -14.84
C ASN A 64 -18.98 7.33 -14.71
N PRO A 65 -19.02 7.83 -13.46
CA PRO A 65 -19.35 9.23 -13.18
C PRO A 65 -18.19 10.21 -13.38
N VAL A 66 -18.54 11.44 -13.70
CA VAL A 66 -17.59 12.52 -13.90
C VAL A 66 -17.96 13.68 -12.98
N PHE A 67 -16.98 14.51 -12.60
CA PHE A 67 -17.25 15.64 -11.72
C PHE A 67 -16.04 16.53 -11.57
N ASN A 68 -14.89 15.93 -11.29
CA ASN A 68 -13.65 16.67 -11.10
C ASN A 68 -13.71 17.46 -9.79
N GLU A 69 -13.76 16.74 -8.67
CA GLU A 69 -13.84 17.35 -7.35
C GLU A 69 -12.43 17.54 -6.78
N GLN A 70 -12.22 18.69 -6.13
CA GLN A 70 -10.92 19.03 -5.57
C GLN A 70 -10.65 18.37 -4.22
N PHE A 71 -9.46 17.77 -4.09
CA PHE A 71 -9.05 17.13 -2.84
C PHE A 71 -7.94 17.96 -2.18
N THR A 72 -8.26 18.53 -1.03
CA THR A 72 -7.31 19.34 -0.27
C THR A 72 -6.27 18.46 0.44
N PHE A 73 -5.13 18.27 -0.21
CA PHE A 73 -4.05 17.45 0.36
C PHE A 73 -3.27 18.26 1.39
N LYS A 74 -3.87 18.44 2.56
CA LYS A 74 -3.26 19.20 3.64
C LYS A 74 -1.98 18.52 4.14
N VAL A 75 -0.84 19.01 3.65
CA VAL A 75 0.46 18.48 4.04
C VAL A 75 1.56 19.23 3.29
N PRO A 76 2.50 19.85 4.03
CA PRO A 76 3.60 20.60 3.43
C PRO A 76 4.47 19.74 2.51
N TYR A 77 5.01 20.37 1.47
CA TYR A 77 5.88 19.66 0.51
C TYR A 77 7.00 18.92 1.25
N SER A 78 7.47 19.52 2.33
CA SER A 78 8.52 18.93 3.15
C SER A 78 7.99 17.66 3.82
N GLU A 79 6.78 17.76 4.35
CA GLU A 79 6.13 16.62 5.00
C GLU A 79 5.76 15.57 3.96
N LEU A 80 5.35 16.03 2.78
CA LEU A 80 4.97 15.16 1.67
C LEU A 80 5.93 13.99 1.53
N GLY A 81 7.22 14.25 1.74
CA GLY A 81 8.23 13.20 1.64
C GLY A 81 7.87 11.96 2.44
N GLY A 82 7.07 12.13 3.50
CA GLY A 82 6.68 10.99 4.31
C GLY A 82 5.19 10.71 4.25
N LYS A 83 4.58 10.97 3.10
CA LYS A 83 3.15 10.74 2.93
C LYS A 83 2.86 9.85 1.72
N THR A 84 1.92 8.93 1.90
CA THR A 84 1.52 8.01 0.85
C THR A 84 0.02 8.18 0.57
N LEU A 85 -0.29 8.85 -0.53
CA LEU A 85 -1.68 9.14 -0.89
C LEU A 85 -2.47 7.85 -1.09
N VAL A 86 -3.65 7.79 -0.47
CA VAL A 86 -4.53 6.64 -0.59
C VAL A 86 -5.97 7.08 -0.83
N MET A 87 -6.40 6.99 -2.08
CA MET A 87 -7.74 7.40 -2.47
C MET A 87 -8.61 6.16 -2.68
N ALA A 88 -9.73 6.11 -1.97
CA ALA A 88 -10.64 4.98 -2.08
C ALA A 88 -12.04 5.44 -2.46
N VAL A 89 -12.69 4.70 -3.34
CA VAL A 89 -14.02 5.04 -3.77
C VAL A 89 -15.02 4.14 -3.03
N TYR A 90 -15.89 4.77 -2.25
CA TYR A 90 -16.87 4.05 -1.46
C TYR A 90 -18.25 4.18 -2.08
N ASP A 91 -19.00 3.09 -2.07
CA ASP A 91 -20.35 3.08 -2.61
C ASP A 91 -21.36 3.59 -1.59
N PHE A 92 -22.56 3.91 -2.05
CA PHE A 92 -23.62 4.38 -1.19
C PHE A 92 -24.97 3.80 -1.67
N ASP A 93 -25.00 2.48 -1.87
CA ASP A 93 -26.21 1.80 -2.32
C ASP A 93 -27.45 2.28 -1.56
N ARG A 94 -27.26 2.62 -0.28
CA ARG A 94 -28.34 3.12 0.58
C ARG A 94 -29.31 2.00 0.96
N PHE A 95 -28.76 0.89 1.43
CA PHE A 95 -29.55 -0.26 1.84
C PHE A 95 -28.69 -1.25 2.62
N SER A 96 -27.67 -1.75 1.96
CA SER A 96 -26.75 -2.71 2.56
C SER A 96 -25.49 -2.02 3.07
N LYS A 97 -24.53 -2.81 3.53
CA LYS A 97 -23.27 -2.27 4.01
C LYS A 97 -22.43 -1.85 2.82
N HIS A 98 -22.54 -0.58 2.44
CA HIS A 98 -21.79 -0.03 1.30
C HIS A 98 -20.38 -0.62 1.29
N ASP A 99 -19.89 -0.96 0.11
CA ASP A 99 -18.57 -1.57 0.00
C ASP A 99 -17.54 -0.64 -0.64
N ILE A 100 -16.27 -0.91 -0.35
CA ILE A 100 -15.17 -0.14 -0.91
C ILE A 100 -14.80 -0.76 -2.25
N ILE A 101 -15.68 -0.57 -3.23
CA ILE A 101 -15.49 -1.13 -4.57
C ILE A 101 -14.03 -1.12 -5.02
N GLY A 102 -13.29 -0.05 -4.71
CA GLY A 102 -11.90 0.02 -5.11
C GLY A 102 -11.20 1.27 -4.61
N GLU A 103 -9.89 1.35 -4.88
CA GLU A 103 -9.08 2.47 -4.46
C GLU A 103 -7.76 2.53 -5.23
N PHE A 104 -6.95 3.54 -4.91
CA PHE A 104 -5.64 3.71 -5.52
C PHE A 104 -4.74 4.51 -4.58
N LYS A 105 -3.45 4.19 -4.57
CA LYS A 105 -2.51 4.87 -3.68
C LYS A 105 -1.14 5.03 -4.32
N VAL A 106 -0.37 6.00 -3.82
CA VAL A 106 0.97 6.26 -4.35
C VAL A 106 1.81 7.07 -3.34
N PRO A 107 3.09 6.70 -3.16
CA PRO A 107 4.00 7.41 -2.26
C PRO A 107 4.27 8.82 -2.76
N MET A 108 3.84 9.83 -1.99
CA MET A 108 4.00 11.22 -2.39
C MET A 108 5.46 11.56 -2.66
N ASN A 109 6.38 11.08 -1.82
CA ASN A 109 7.80 11.37 -2.00
C ASN A 109 8.25 11.01 -3.42
N THR A 110 7.61 10.00 -4.01
CA THR A 110 7.94 9.58 -5.37
C THR A 110 7.28 10.49 -6.41
N VAL A 111 6.27 11.26 -6.00
CA VAL A 111 5.56 12.17 -6.89
C VAL A 111 6.32 13.48 -7.00
N ASP A 112 7.12 13.60 -8.06
CA ASP A 112 7.89 14.81 -8.29
C ASP A 112 6.97 16.00 -8.57
N PHE A 113 6.60 16.69 -7.52
CA PHE A 113 5.71 17.86 -7.63
C PHE A 113 6.44 19.06 -8.27
N GLY A 114 7.02 18.84 -9.44
CA GLY A 114 7.72 19.91 -10.13
C GLY A 114 6.79 20.98 -10.63
N HIS A 115 5.68 20.56 -11.22
CA HIS A 115 4.68 21.50 -11.74
C HIS A 115 3.28 20.93 -11.53
N VAL A 116 2.93 19.92 -12.31
CA VAL A 116 1.62 19.28 -12.20
C VAL A 116 1.73 17.81 -12.60
N THR A 117 1.14 16.94 -11.78
CA THR A 117 1.16 15.51 -12.04
C THR A 117 -0.18 15.04 -12.60
N GLU A 118 -0.25 14.93 -13.91
CA GLU A 118 -1.46 14.48 -14.59
C GLU A 118 -1.20 13.15 -15.28
N GLU A 119 -2.01 12.15 -14.95
CA GLU A 119 -1.86 10.82 -15.53
C GLU A 119 -3.14 10.01 -15.35
N TRP A 120 -3.23 8.89 -16.07
CA TRP A 120 -4.39 8.01 -15.98
C TRP A 120 -4.13 6.95 -14.92
N ARG A 121 -4.55 7.25 -13.69
CA ARG A 121 -4.35 6.36 -12.56
C ARG A 121 -5.18 5.10 -12.66
N ASP A 122 -4.59 3.99 -12.27
CA ASP A 122 -5.26 2.70 -12.27
C ASP A 122 -6.02 2.53 -10.97
N LEU A 123 -7.22 1.97 -11.07
CA LEU A 123 -8.06 1.75 -9.89
C LEU A 123 -8.07 0.25 -9.55
N GLN A 124 -7.84 -0.07 -8.28
CA GLN A 124 -7.81 -1.45 -7.83
C GLN A 124 -8.85 -1.73 -6.76
N SER A 125 -9.54 -2.85 -6.90
CA SER A 125 -10.56 -3.27 -5.94
C SER A 125 -9.89 -3.90 -4.72
N ALA A 126 -9.52 -3.07 -3.75
CA ALA A 126 -8.87 -3.55 -2.54
C ALA A 126 -9.83 -4.40 -1.71
N GLU A 127 -9.43 -5.65 -1.46
CA GLU A 127 -10.26 -6.56 -0.67
C GLU A 127 -10.45 -6.00 0.74
N LYS A 128 -11.55 -5.30 0.95
CA LYS A 128 -11.85 -4.71 2.25
C LYS A 128 -12.94 -5.53 2.96
N TYR B 1 28.20 -5.28 6.33
CA TYR B 1 27.77 -4.16 7.21
C TYR B 1 26.37 -4.42 7.73
N LYS B 2 26.28 -5.05 8.89
CA LYS B 2 24.98 -5.35 9.48
C LYS B 2 24.27 -4.05 9.84
N LYS B 3 23.54 -3.52 8.88
CA LYS B 3 22.82 -2.27 9.06
C LYS B 3 21.55 -2.26 8.22
N PRO B 4 20.78 -1.14 8.28
CA PRO B 4 19.55 -0.95 7.53
C PRO B 4 19.47 -1.77 6.24
N LYS B 5 18.68 -2.83 6.27
CA LYS B 5 18.50 -3.71 5.13
C LYS B 5 17.28 -3.26 4.34
N LEU B 6 17.46 -3.04 3.04
CA LEU B 6 16.36 -2.61 2.19
C LEU B 6 15.68 -3.83 1.56
N LEU B 7 14.35 -3.85 1.60
CA LEU B 7 13.59 -4.95 1.04
C LEU B 7 12.40 -4.44 0.22
N TYR B 8 12.19 -5.04 -0.94
CA TYR B 8 11.08 -4.65 -1.82
C TYR B 8 10.74 -5.80 -2.76
N CYS B 9 9.65 -5.65 -3.52
CA CYS B 9 9.23 -6.68 -4.46
C CYS B 9 8.30 -6.11 -5.52
N SER B 10 8.08 -6.90 -6.58
CA SER B 10 7.21 -6.51 -7.69
C SER B 10 7.87 -5.45 -8.57
N ASN B 11 7.97 -5.75 -9.86
CA ASN B 11 8.58 -4.83 -10.82
C ASN B 11 7.95 -3.44 -10.68
N GLY B 12 8.79 -2.45 -10.38
CA GLY B 12 8.30 -1.10 -10.21
C GLY B 12 9.18 -0.27 -9.28
N GLY B 13 9.82 -0.94 -8.33
CA GLY B 13 10.69 -0.25 -7.39
C GLY B 13 9.94 0.39 -6.24
N HIS B 14 9.27 -0.45 -5.45
CA HIS B 14 8.52 0.04 -4.30
C HIS B 14 9.13 -0.54 -3.03
N PHE B 15 9.93 0.27 -2.35
CA PHE B 15 10.62 -0.16 -1.14
C PHE B 15 9.69 -0.12 0.07
N LEU B 16 9.77 -1.15 0.90
CA LEU B 16 8.94 -1.24 2.09
C LEU B 16 9.30 -0.13 3.08
N ARG B 17 8.52 0.95 3.05
CA ARG B 17 8.76 2.07 3.94
C ARG B 17 7.96 1.88 5.23
N ILE B 18 8.67 1.67 6.32
CA ILE B 18 8.05 1.43 7.62
C ILE B 18 7.92 2.71 8.44
N LEU B 19 6.81 2.81 9.16
CA LEU B 19 6.53 3.97 10.01
C LEU B 19 6.03 3.49 11.37
N PRO B 20 6.37 4.22 12.45
CA PRO B 20 5.97 3.86 13.83
C PRO B 20 4.53 3.38 13.93
N ASP B 21 3.64 3.98 13.13
CA ASP B 21 2.23 3.61 13.12
C ASP B 21 2.05 2.13 12.73
N GLY B 22 2.76 1.71 11.68
CA GLY B 22 2.68 0.33 11.23
C GLY B 22 2.31 0.19 9.76
N THR B 23 1.62 1.19 9.20
CA THR B 23 1.22 1.15 7.80
C THR B 23 2.42 1.27 6.87
N VAL B 24 3.18 0.20 6.76
CA VAL B 24 4.35 0.15 5.89
C VAL B 24 3.91 0.02 4.43
N ASP B 25 4.38 0.93 3.57
CA ASP B 25 4.01 0.90 2.16
C ASP B 25 5.24 0.73 1.27
N GLY B 26 4.98 0.51 -0.03
CA GLY B 26 6.06 0.34 -0.98
C GLY B 26 6.46 1.66 -1.63
N THR B 27 7.18 2.47 -0.89
CA THR B 27 7.61 3.77 -1.39
C THR B 27 8.74 3.64 -2.40
N ARG B 28 8.65 4.37 -3.50
CA ARG B 28 9.69 4.34 -4.52
C ARG B 28 10.64 5.50 -4.32
N ASP B 29 11.53 5.35 -3.35
CA ASP B 29 12.53 6.38 -3.03
C ASP B 29 13.45 5.88 -1.93
N ARG B 30 14.73 6.24 -2.03
CA ARG B 30 15.71 5.83 -1.03
C ARG B 30 16.31 7.05 -0.31
N SER B 31 15.50 8.10 -0.21
CA SER B 31 15.92 9.33 0.44
C SER B 31 15.38 9.35 1.87
N ASP B 32 14.10 9.05 2.01
CA ASP B 32 13.45 9.03 3.33
C ASP B 32 13.97 7.88 4.16
N GLN B 33 14.53 8.19 5.33
CA GLN B 33 15.07 7.17 6.22
C GLN B 33 13.94 6.33 6.82
N HIS B 34 13.19 5.63 5.97
CA HIS B 34 12.10 4.79 6.43
C HIS B 34 11.94 3.51 5.61
N ILE B 35 12.85 3.26 4.66
CA ILE B 35 12.78 2.06 3.82
C ILE B 35 13.91 1.09 4.15
N GLN B 36 14.19 0.94 5.44
CA GLN B 36 15.27 0.07 5.89
C GLN B 36 14.87 -0.69 7.15
N LEU B 37 15.20 -1.98 7.17
CA LEU B 37 14.89 -2.84 8.31
C LEU B 37 16.10 -3.73 8.65
N GLN B 38 16.19 -4.17 9.89
CA GLN B 38 17.30 -5.01 10.30
C GLN B 38 16.94 -6.49 10.13
N LEU B 39 16.93 -6.94 8.89
CA LEU B 39 16.60 -8.34 8.59
C LEU B 39 17.80 -9.23 8.94
N SER B 40 17.53 -10.30 9.69
CA SER B 40 18.58 -11.23 10.09
C SER B 40 17.98 -12.56 10.55
N ALA B 41 18.75 -13.63 10.42
CA ALA B 41 18.31 -14.95 10.85
C ALA B 41 18.53 -15.12 12.34
N GLU B 42 17.45 -15.15 13.11
CA GLU B 42 17.53 -15.29 14.55
C GLU B 42 17.94 -16.70 14.95
N SER B 43 17.41 -17.69 14.24
CA SER B 43 17.72 -19.08 14.52
C SER B 43 17.86 -19.87 13.21
N VAL B 44 17.97 -21.19 13.31
CA VAL B 44 18.11 -22.05 12.14
C VAL B 44 16.98 -21.80 11.13
N GLY B 45 17.24 -20.93 10.16
CA GLY B 45 16.25 -20.62 9.14
C GLY B 45 15.28 -19.51 9.54
N GLU B 46 15.11 -19.30 10.84
CA GLU B 46 14.19 -18.28 11.34
C GLU B 46 14.75 -16.88 11.09
N VAL B 47 14.07 -16.11 10.27
CA VAL B 47 14.49 -14.75 9.96
C VAL B 47 13.48 -13.74 10.49
N TYR B 48 13.97 -12.67 11.09
CA TYR B 48 13.10 -11.64 11.64
C TYR B 48 13.26 -10.33 10.88
N ILE B 49 12.14 -9.66 10.64
CA ILE B 49 12.14 -8.39 9.93
C ILE B 49 11.78 -7.28 10.91
N LYS B 50 12.80 -6.61 11.45
CA LYS B 50 12.60 -5.54 12.42
C LYS B 50 13.25 -4.24 11.95
N SER B 51 12.48 -3.18 11.86
CA SER B 51 13.02 -1.89 11.44
C SER B 51 13.57 -1.15 12.66
N THR B 52 14.57 -1.77 13.28
CA THR B 52 15.22 -1.25 14.49
C THR B 52 15.43 0.27 14.45
N GLU B 53 16.44 0.72 13.72
CA GLU B 53 16.76 2.14 13.63
C GLU B 53 16.10 2.78 12.41
N THR B 54 14.76 2.77 12.40
CA THR B 54 14.01 3.36 11.28
C THR B 54 12.49 3.19 11.44
N GLY B 55 12.06 2.04 11.95
CA GLY B 55 10.64 1.79 12.09
C GLY B 55 10.23 1.19 13.41
N GLN B 56 9.88 -0.10 13.38
CA GLN B 56 9.40 -0.80 14.57
C GLN B 56 9.47 -2.32 14.38
N TYR B 57 8.78 -3.05 15.23
CA TYR B 57 8.72 -4.51 15.16
C TYR B 57 7.48 -4.95 14.40
N LEU B 58 7.66 -5.85 13.43
CA LEU B 58 6.55 -6.32 12.62
C LEU B 58 5.66 -7.31 13.37
N ALA B 59 4.41 -7.39 12.94
CA ALA B 59 3.41 -8.27 13.53
C ALA B 59 2.31 -8.56 12.50
N MET B 60 2.32 -9.76 11.95
CA MET B 60 1.34 -10.16 10.94
C MET B 60 0.15 -10.84 11.58
N ASP B 61 -0.89 -10.06 11.89
CA ASP B 61 -2.09 -10.61 12.50
C ASP B 61 -2.67 -11.71 11.64
N THR B 62 -2.43 -12.96 12.04
CA THR B 62 -2.91 -14.12 11.30
C THR B 62 -2.39 -14.08 9.86
N ASP B 63 -1.26 -13.39 9.64
CA ASP B 63 -0.66 -13.25 8.31
C ASP B 63 -1.50 -12.35 7.40
N GLY B 64 -2.81 -12.60 7.35
CA GLY B 64 -3.71 -11.82 6.53
C GLY B 64 -3.32 -10.36 6.43
N LEU B 65 -3.21 -9.70 7.58
CA LEU B 65 -2.82 -8.30 7.62
C LEU B 65 -1.41 -8.13 8.17
N LEU B 66 -0.47 -7.89 7.28
CA LEU B 66 0.92 -7.71 7.66
C LEU B 66 1.15 -6.28 8.13
N TYR B 67 1.50 -6.12 9.39
CA TYR B 67 1.77 -4.81 9.97
C TYR B 67 2.82 -4.95 11.07
N GLY B 68 2.92 -3.94 11.93
CA GLY B 68 3.88 -4.01 13.01
C GLY B 68 4.10 -2.66 13.68
N SER B 69 4.49 -2.67 14.94
CA SER B 69 4.73 -1.45 15.68
C SER B 69 4.89 -1.73 17.16
N GLN B 70 3.86 -2.31 17.76
CA GLN B 70 3.85 -2.59 19.19
C GLN B 70 4.91 -3.61 19.60
N THR B 71 4.59 -4.90 19.54
CA THR B 71 5.52 -5.94 19.96
C THR B 71 5.81 -6.95 18.85
N PRO B 72 7.08 -7.38 18.75
CA PRO B 72 7.50 -8.38 17.76
C PRO B 72 7.05 -9.78 18.16
N ASN B 73 5.74 -9.99 18.12
CA ASN B 73 5.15 -11.27 18.49
C ASN B 73 5.61 -12.39 17.56
N GLU B 74 5.47 -13.63 18.02
CA GLU B 74 5.85 -14.81 17.24
C GLU B 74 5.13 -14.86 15.87
N GLU B 75 4.18 -13.97 15.64
CA GLU B 75 3.50 -13.91 14.35
C GLU B 75 4.46 -13.42 13.25
N CYS B 76 5.67 -12.98 13.65
CA CYS B 76 6.65 -12.47 12.69
C CYS B 76 7.83 -13.42 12.43
N LEU B 77 7.84 -14.61 13.02
CA LEU B 77 8.96 -15.53 12.77
C LEU B 77 8.79 -16.22 11.43
N PHE B 78 9.53 -15.74 10.44
CA PHE B 78 9.47 -16.29 9.09
C PHE B 78 10.67 -17.19 8.79
N LEU B 79 10.48 -18.12 7.88
CA LEU B 79 11.53 -19.03 7.46
C LEU B 79 12.17 -18.50 6.18
N GLU B 80 13.47 -18.26 6.22
CA GLU B 80 14.19 -17.73 5.07
C GLU B 80 14.25 -18.74 3.92
N ARG B 81 13.79 -18.30 2.75
CA ARG B 81 13.79 -19.13 1.56
C ARG B 81 14.28 -18.29 0.38
N LEU B 82 15.02 -18.91 -0.53
CA LEU B 82 15.56 -18.21 -1.69
C LEU B 82 15.07 -18.86 -2.98
N GLU B 83 14.69 -18.04 -3.95
CA GLU B 83 14.21 -18.53 -5.23
C GLU B 83 15.28 -18.33 -6.32
N GLU B 84 15.59 -19.41 -7.05
CA GLU B 84 16.57 -19.38 -8.12
C GLU B 84 16.29 -18.22 -9.09
N ASN B 85 15.03 -17.82 -9.17
CA ASN B 85 14.59 -16.71 -10.02
C ASN B 85 15.28 -15.40 -9.62
N HIS B 86 16.00 -15.42 -8.49
CA HIS B 86 16.73 -14.26 -7.97
C HIS B 86 15.82 -13.41 -7.10
N TYR B 87 15.20 -14.06 -6.12
CA TYR B 87 14.30 -13.39 -5.19
C TYR B 87 14.29 -14.13 -3.85
N ASN B 88 13.99 -13.39 -2.80
CA ASN B 88 13.96 -13.96 -1.45
C ASN B 88 12.53 -14.24 -1.03
N THR B 89 12.34 -15.35 -0.33
CA THR B 89 11.03 -15.74 0.14
C THR B 89 11.08 -16.02 1.63
N TYR B 90 10.01 -15.67 2.34
CA TYR B 90 9.95 -15.89 3.77
C TYR B 90 8.61 -16.49 4.15
N ILE B 91 8.63 -17.76 4.54
CA ILE B 91 7.41 -18.45 4.91
C ILE B 91 6.98 -18.10 6.32
N SER B 92 5.70 -17.77 6.46
CA SER B 92 5.14 -17.41 7.74
C SER B 92 5.02 -18.65 8.62
N LYS B 93 6.16 -19.10 9.17
CA LYS B 93 6.19 -20.30 10.01
C LYS B 93 4.99 -20.32 10.96
N LYS B 94 4.72 -19.18 11.58
CA LYS B 94 3.60 -19.06 12.52
C LYS B 94 2.30 -19.59 11.89
N HIS B 95 2.13 -19.37 10.59
CA HIS B 95 0.92 -19.82 9.89
C HIS B 95 1.25 -20.76 8.74
N ALA B 96 2.45 -21.34 8.75
CA ALA B 96 2.87 -22.27 7.69
C ALA B 96 1.81 -23.34 7.49
N GLU B 97 1.05 -23.63 8.56
CA GLU B 97 -0.02 -24.62 8.51
C GLU B 97 -0.97 -24.35 7.34
N LYS B 98 -1.14 -23.06 7.00
CA LYS B 98 -2.02 -22.67 5.90
C LYS B 98 -1.25 -22.45 4.59
N ASN B 99 0.05 -22.81 4.59
CA ASN B 99 0.87 -22.64 3.40
C ASN B 99 0.94 -21.16 3.01
N TRP B 100 1.00 -20.30 4.02
CA TRP B 100 1.05 -18.86 3.80
C TRP B 100 2.46 -18.30 3.99
N PHE B 101 2.92 -17.53 3.00
CA PHE B 101 4.23 -16.88 3.04
C PHE B 101 4.07 -15.39 2.82
N VAL B 102 4.42 -14.61 3.84
CA VAL B 102 4.30 -13.14 3.80
C VAL B 102 4.50 -12.58 2.39
N GLY B 103 3.48 -11.86 1.93
CA GLY B 103 3.54 -11.24 0.60
C GLY B 103 3.10 -9.80 0.66
N LEU B 104 3.83 -8.92 -0.01
CA LEU B 104 3.50 -7.49 -0.01
C LEU B 104 2.69 -7.11 -1.25
N LYS B 105 2.25 -5.85 -1.28
CA LYS B 105 1.49 -5.32 -2.39
C LYS B 105 2.17 -4.05 -2.90
N LYS B 106 2.92 -4.19 -3.98
CA LYS B 106 3.64 -3.06 -4.59
C LYS B 106 2.78 -1.81 -4.60
N ASN B 107 1.59 -1.92 -5.17
CA ASN B 107 0.67 -0.78 -5.26
C ASN B 107 -0.27 -0.77 -4.06
N GLY B 108 0.31 -0.80 -2.86
CA GLY B 108 -0.46 -0.79 -1.65
C GLY B 108 0.40 -0.99 -0.41
N SER B 109 0.18 -2.11 0.29
CA SER B 109 0.94 -2.42 1.49
C SER B 109 0.96 -3.93 1.70
N CYS B 110 1.89 -4.40 2.52
CA CYS B 110 2.01 -5.82 2.79
C CYS B 110 0.82 -6.32 3.61
N LYS B 111 -0.03 -7.12 2.97
CA LYS B 111 -1.21 -7.70 3.62
C LYS B 111 -2.01 -8.52 2.62
N ARG B 112 -1.58 -9.76 2.43
CA ARG B 112 -2.24 -10.65 1.48
C ARG B 112 -2.30 -12.08 2.01
N GLY B 113 -2.37 -12.23 3.35
CA GLY B 113 -2.42 -13.56 3.96
C GLY B 113 -3.27 -14.56 3.17
N PRO B 114 -4.57 -14.27 2.97
CA PRO B 114 -5.46 -15.16 2.22
C PRO B 114 -4.93 -15.50 0.82
N ARG B 115 -3.87 -14.82 0.38
CA ARG B 115 -3.26 -15.06 -0.92
C ARG B 115 -1.74 -15.24 -0.82
N THR B 116 -1.20 -15.37 0.39
CA THR B 116 0.24 -15.52 0.57
C THR B 116 0.68 -16.95 0.21
N HIS B 117 0.29 -17.38 -0.99
CA HIS B 117 0.61 -18.70 -1.50
C HIS B 117 1.09 -18.57 -2.95
N TYR B 118 1.17 -19.67 -3.69
CA TYR B 118 1.61 -19.61 -5.07
C TYR B 118 0.55 -18.93 -5.94
N GLY B 119 0.36 -17.63 -5.70
CA GLY B 119 -0.60 -16.85 -6.44
C GLY B 119 -0.03 -15.52 -6.89
N GLN B 120 0.61 -14.82 -5.96
CA GLN B 120 1.22 -13.53 -6.24
C GLN B 120 2.74 -13.61 -6.09
N LYS B 121 3.46 -13.25 -7.14
CA LYS B 121 4.92 -13.28 -7.11
C LYS B 121 5.46 -12.30 -6.06
N ALA B 122 4.62 -11.36 -5.63
CA ALA B 122 5.00 -10.37 -4.62
C ALA B 122 5.68 -11.00 -3.40
N ILE B 123 5.44 -12.30 -3.18
CA ILE B 123 6.07 -13.01 -2.07
C ILE B 123 7.58 -13.16 -2.30
N LEU B 124 8.00 -13.01 -3.56
CA LEU B 124 9.41 -13.10 -3.91
C LEU B 124 10.04 -11.71 -3.77
N PHE B 125 10.54 -11.43 -2.57
CA PHE B 125 11.13 -10.13 -2.27
C PHE B 125 12.57 -10.03 -2.76
N LEU B 126 12.99 -8.81 -3.06
CA LEU B 126 14.35 -8.55 -3.51
C LEU B 126 15.03 -7.65 -2.48
N PRO B 127 15.83 -8.26 -1.57
CA PRO B 127 16.52 -7.52 -0.53
C PRO B 127 17.85 -6.91 -1.00
N LEU B 128 18.12 -5.70 -0.53
CA LEU B 128 19.35 -5.00 -0.89
C LEU B 128 20.14 -4.68 0.39
N PRO B 129 20.62 -5.71 1.10
CA PRO B 129 21.38 -5.54 2.34
C PRO B 129 22.88 -5.34 2.09
N VAL B 130 23.52 -4.58 2.97
CA VAL B 130 24.95 -4.33 2.86
C VAL B 130 25.74 -5.49 3.47
N SER B 131 25.78 -6.60 2.74
CA SER B 131 26.48 -7.80 3.17
C SER B 131 27.89 -7.49 3.63
N SER B 132 28.29 -8.06 4.76
CA SER B 132 29.61 -7.86 5.31
C SER B 132 30.64 -8.71 4.56
N ASP B 133 31.04 -8.21 3.39
CA ASP B 133 32.01 -8.90 2.54
C ASP B 133 33.22 -8.02 2.30
N GLU A 1 -5.62 -8.13 -8.63
CA GLU A 1 -6.81 -7.34 -8.21
C GLU A 1 -6.99 -6.13 -9.13
N LYS A 2 -8.14 -6.07 -9.80
CA LYS A 2 -8.43 -4.96 -10.72
C LYS A 2 -9.69 -4.22 -10.32
N LEU A 3 -9.63 -2.89 -10.37
CA LEU A 3 -10.77 -2.03 -10.05
C LEU A 3 -11.18 -1.22 -11.28
N GLY A 4 -10.32 -1.17 -12.29
CA GLY A 4 -10.60 -0.41 -13.49
C GLY A 4 -9.54 0.63 -13.74
N LYS A 5 -9.96 1.86 -13.99
CA LYS A 5 -9.03 2.96 -14.24
C LYS A 5 -9.64 4.28 -13.78
N LEU A 6 -8.79 5.15 -13.26
CA LEU A 6 -9.24 6.45 -12.78
C LEU A 6 -8.36 7.57 -13.31
N GLN A 7 -9.01 8.60 -13.84
CA GLN A 7 -8.28 9.76 -14.37
C GLN A 7 -8.27 10.84 -13.31
N TYR A 8 -7.11 11.45 -13.06
CA TYR A 8 -7.02 12.48 -12.04
C TYR A 8 -6.01 13.57 -12.37
N SER A 9 -6.29 14.75 -11.85
CA SER A 9 -5.45 15.92 -12.02
C SER A 9 -5.15 16.52 -10.64
N LEU A 10 -3.92 16.39 -10.17
CA LEU A 10 -3.55 16.89 -8.85
C LEU A 10 -2.65 18.13 -8.94
N ASP A 11 -3.13 19.24 -8.35
CA ASP A 11 -2.34 20.47 -8.33
C ASP A 11 -1.92 20.77 -6.89
N TYR A 12 -0.73 21.34 -6.72
CA TYR A 12 -0.21 21.62 -5.38
C TYR A 12 -0.41 23.09 -4.99
N ASP A 13 -0.55 23.32 -3.68
CA ASP A 13 -0.72 24.67 -3.15
C ASP A 13 0.56 25.11 -2.43
N PHE A 14 0.61 26.38 -2.02
CA PHE A 14 1.79 26.90 -1.34
C PHE A 14 1.42 27.80 -0.14
N GLN A 15 0.39 28.63 -0.29
CA GLN A 15 0.00 29.53 0.80
C GLN A 15 -0.84 28.81 1.85
N ASN A 16 -1.68 27.86 1.42
CA ASN A 16 -2.51 27.11 2.36
C ASN A 16 -1.83 25.77 2.73
N ASN A 17 -0.91 25.34 1.87
CA ASN A 17 -0.15 24.10 2.09
C ASN A 17 -1.03 22.86 2.05
N GLN A 18 -1.34 22.43 0.83
CA GLN A 18 -2.14 21.23 0.60
C GLN A 18 -2.16 20.88 -0.88
N LEU A 19 -2.39 19.61 -1.17
CA LEU A 19 -2.43 19.15 -2.55
C LEU A 19 -3.88 19.02 -3.01
N LEU A 20 -4.19 19.58 -4.18
CA LEU A 20 -5.54 19.52 -4.71
C LEU A 20 -5.68 18.33 -5.64
N VAL A 21 -6.14 17.22 -5.10
CA VAL A 21 -6.32 16.01 -5.88
C VAL A 21 -7.64 16.07 -6.64
N GLY A 22 -7.59 16.62 -7.84
CA GLY A 22 -8.78 16.73 -8.65
C GLY A 22 -8.95 15.55 -9.58
N ILE A 23 -9.49 14.46 -9.05
CA ILE A 23 -9.71 13.26 -9.86
C ILE A 23 -10.90 13.50 -10.79
N ILE A 24 -10.84 12.93 -11.99
CA ILE A 24 -11.89 13.11 -12.97
C ILE A 24 -13.01 12.10 -12.76
N GLN A 25 -12.69 10.82 -12.93
CA GLN A 25 -13.69 9.77 -12.79
C GLN A 25 -13.04 8.39 -12.75
N ALA A 26 -13.82 7.40 -12.32
CA ALA A 26 -13.35 6.02 -12.24
C ALA A 26 -14.11 5.18 -13.27
N ALA A 27 -13.38 4.36 -14.02
CA ALA A 27 -14.01 3.54 -15.05
C ALA A 27 -13.89 2.05 -14.76
N GLU A 28 -14.96 1.31 -15.06
CA GLU A 28 -15.03 -0.14 -14.88
C GLU A 28 -15.03 -0.57 -13.41
N LEU A 29 -15.79 0.13 -12.58
CA LEU A 29 -15.86 -0.20 -11.16
C LEU A 29 -16.64 -1.50 -10.96
N PRO A 30 -16.07 -2.44 -10.19
CA PRO A 30 -16.70 -3.75 -9.91
C PRO A 30 -18.14 -3.62 -9.41
N ALA A 31 -18.96 -4.62 -9.72
CA ALA A 31 -20.36 -4.63 -9.31
C ALA A 31 -20.51 -5.05 -7.85
N LEU A 32 -21.57 -4.57 -7.20
CA LEU A 32 -21.85 -4.88 -5.81
C LEU A 32 -23.36 -4.91 -5.55
N ASP A 33 -24.03 -3.84 -5.95
CA ASP A 33 -25.47 -3.72 -5.79
C ASP A 33 -26.19 -4.82 -6.57
N MET A 34 -27.33 -5.25 -6.07
CA MET A 34 -28.11 -6.31 -6.72
C MET A 34 -28.66 -5.81 -8.07
N GLY A 35 -27.77 -5.73 -9.05
CA GLY A 35 -28.15 -5.29 -10.37
C GLY A 35 -26.95 -5.01 -11.26
N GLY A 36 -25.98 -5.93 -11.24
CA GLY A 36 -24.76 -5.78 -12.05
C GLY A 36 -24.18 -4.38 -11.98
N THR A 37 -24.26 -3.76 -10.81
CA THR A 37 -23.75 -2.41 -10.61
C THR A 37 -23.42 -2.19 -9.12
N SER A 38 -23.10 -0.96 -8.74
CA SER A 38 -22.77 -0.65 -7.36
C SER A 38 -22.87 0.85 -7.10
N ASP A 39 -22.63 1.24 -5.86
CA ASP A 39 -22.66 2.64 -5.45
C ASP A 39 -21.25 3.03 -4.99
N PRO A 40 -20.27 2.97 -5.89
CA PRO A 40 -18.87 3.24 -5.57
C PRO A 40 -18.55 4.72 -5.39
N TYR A 41 -18.04 5.05 -4.21
CA TYR A 41 -17.62 6.40 -3.88
C TYR A 41 -16.19 6.36 -3.34
N VAL A 42 -15.37 7.29 -3.78
CA VAL A 42 -13.97 7.32 -3.35
C VAL A 42 -13.80 8.04 -2.02
N LYS A 43 -13.12 7.40 -1.09
CA LYS A 43 -12.84 7.98 0.22
C LYS A 43 -11.36 8.22 0.36
N VAL A 44 -11.00 9.50 0.37
CA VAL A 44 -9.60 9.90 0.46
C VAL A 44 -9.02 9.61 1.85
N PHE A 45 -7.85 8.99 1.86
CA PHE A 45 -7.17 8.68 3.09
C PHE A 45 -5.66 8.87 2.93
N LEU A 46 -4.91 8.66 4.01
CA LEU A 46 -3.47 8.84 3.97
C LEU A 46 -2.79 7.89 4.96
N LEU A 47 -1.46 7.78 4.85
CA LEU A 47 -0.67 6.95 5.76
C LEU A 47 -0.84 7.48 7.20
N PRO A 48 -0.03 7.01 8.20
CA PRO A 48 -0.13 7.46 9.58
C PRO A 48 -0.51 8.94 9.69
N ASP A 49 -0.01 9.74 8.75
CA ASP A 49 -0.32 11.16 8.69
C ASP A 49 -1.79 11.42 9.03
N LYS A 50 -2.67 10.75 8.29
CA LYS A 50 -4.12 10.85 8.49
C LYS A 50 -4.62 12.31 8.56
N LYS A 51 -3.87 13.26 8.00
CA LYS A 51 -4.29 14.66 8.03
C LYS A 51 -5.22 14.97 6.86
N LYS A 52 -6.30 14.19 6.76
CA LYS A 52 -7.27 14.38 5.68
C LYS A 52 -8.26 13.23 5.65
N LYS A 53 -9.52 13.56 5.41
CA LYS A 53 -10.59 12.59 5.33
C LYS A 53 -11.80 13.23 4.66
N PHE A 54 -12.18 12.70 3.51
CA PHE A 54 -13.30 13.24 2.77
C PHE A 54 -14.06 12.13 2.04
N GLU A 55 -15.39 12.21 2.11
CA GLU A 55 -16.24 11.23 1.47
C GLU A 55 -16.92 11.86 0.25
N THR A 56 -16.72 11.26 -0.92
CA THR A 56 -17.29 11.78 -2.15
C THR A 56 -18.80 11.53 -2.22
N LYS A 57 -19.44 12.13 -3.21
CA LYS A 57 -20.88 11.97 -3.40
C LYS A 57 -21.17 10.56 -3.90
N VAL A 58 -21.81 9.76 -3.05
CA VAL A 58 -22.14 8.38 -3.39
C VAL A 58 -22.67 8.27 -4.82
N HIS A 59 -21.87 7.70 -5.71
CA HIS A 59 -22.26 7.54 -7.10
C HIS A 59 -23.08 6.26 -7.20
N ARG A 60 -24.33 6.36 -6.76
CA ARG A 60 -25.26 5.23 -6.76
C ARG A 60 -25.55 4.69 -8.16
N LYS A 61 -25.57 3.36 -8.27
CA LYS A 61 -25.87 2.66 -9.52
C LYS A 61 -25.07 3.23 -10.70
N THR A 62 -23.76 3.01 -10.68
CA THR A 62 -22.89 3.48 -11.75
C THR A 62 -21.46 2.96 -11.56
N LEU A 63 -21.04 2.09 -12.47
CA LEU A 63 -19.69 1.51 -12.41
C LEU A 63 -18.67 2.35 -13.20
N ASN A 64 -19.15 3.42 -13.85
CA ASN A 64 -18.28 4.31 -14.61
C ASN A 64 -18.78 5.75 -14.46
N PRO A 65 -18.91 6.22 -13.21
CA PRO A 65 -19.42 7.56 -12.93
C PRO A 65 -18.38 8.66 -13.09
N VAL A 66 -18.83 9.81 -13.56
CA VAL A 66 -17.98 10.97 -13.76
C VAL A 66 -18.45 12.08 -12.81
N PHE A 67 -17.52 12.76 -12.16
CA PHE A 67 -17.90 13.80 -11.21
C PHE A 67 -16.85 14.91 -11.09
N ASN A 68 -15.59 14.53 -11.04
CA ASN A 68 -14.50 15.50 -10.90
C ASN A 68 -14.62 16.20 -9.55
N GLU A 69 -14.56 15.41 -8.49
CA GLU A 69 -14.68 15.92 -7.12
C GLU A 69 -13.30 16.37 -6.61
N GLN A 70 -13.30 17.32 -5.68
CA GLN A 70 -12.05 17.86 -5.14
C GLN A 70 -11.64 17.23 -3.80
N PHE A 71 -10.39 16.81 -3.72
CA PHE A 71 -9.84 16.22 -2.50
C PHE A 71 -8.79 17.16 -1.90
N THR A 72 -9.03 17.60 -0.67
CA THR A 72 -8.13 18.51 0.03
C THR A 72 -7.01 17.74 0.73
N PHE A 73 -5.85 17.64 0.07
CA PHE A 73 -4.71 16.96 0.63
C PHE A 73 -3.99 17.89 1.61
N LYS A 74 -4.59 18.09 2.77
CA LYS A 74 -4.03 18.96 3.80
C LYS A 74 -2.68 18.43 4.29
N VAL A 75 -1.61 19.13 3.91
CA VAL A 75 -0.26 18.75 4.31
C VAL A 75 0.77 19.69 3.68
N PRO A 76 1.81 20.07 4.42
CA PRO A 76 2.85 20.98 3.92
C PRO A 76 3.51 20.43 2.66
N TYR A 77 3.65 21.28 1.64
CA TYR A 77 4.26 20.85 0.38
C TYR A 77 5.60 20.15 0.62
N SER A 78 6.32 20.57 1.65
CA SER A 78 7.60 19.96 1.99
C SER A 78 7.38 18.64 2.75
N GLU A 79 6.52 18.70 3.76
CA GLU A 79 6.20 17.53 4.57
C GLU A 79 5.57 16.42 3.73
N LEU A 80 4.85 16.82 2.68
CA LEU A 80 4.18 15.88 1.77
C LEU A 80 5.07 14.69 1.42
N GLY A 81 6.38 14.92 1.36
CA GLY A 81 7.32 13.87 1.01
C GLY A 81 7.03 12.55 1.71
N GLY A 82 6.91 12.60 3.04
CA GLY A 82 6.67 11.39 3.80
C GLY A 82 5.19 11.05 3.96
N LYS A 83 4.38 11.35 2.95
CA LYS A 83 2.95 11.07 3.02
C LYS A 83 2.50 10.16 1.88
N THR A 84 2.14 8.92 2.22
CA THR A 84 1.68 7.95 1.24
C THR A 84 0.19 8.20 0.94
N LEU A 85 -0.09 8.71 -0.26
CA LEU A 85 -1.47 9.01 -0.66
C LEU A 85 -2.21 7.73 -1.00
N VAL A 86 -3.42 7.59 -0.45
CA VAL A 86 -4.24 6.41 -0.69
C VAL A 86 -5.69 6.82 -1.02
N MET A 87 -6.19 6.36 -2.16
CA MET A 87 -7.55 6.66 -2.58
C MET A 87 -8.34 5.36 -2.73
N ALA A 88 -9.26 5.13 -1.80
CA ALA A 88 -10.07 3.91 -1.83
C ALA A 88 -11.50 4.20 -2.25
N VAL A 89 -12.04 3.35 -3.12
CA VAL A 89 -13.41 3.50 -3.59
C VAL A 89 -14.31 2.51 -2.86
N TYR A 90 -15.21 3.03 -2.05
CA TYR A 90 -16.11 2.21 -1.27
C TYR A 90 -17.50 2.18 -1.90
N ASP A 91 -18.14 1.01 -1.85
CA ASP A 91 -19.49 0.85 -2.40
C ASP A 91 -20.53 1.17 -1.34
N PHE A 92 -21.76 1.36 -1.79
CA PHE A 92 -22.86 1.66 -0.89
C PHE A 92 -24.15 0.98 -1.35
N ASP A 93 -24.08 -0.34 -1.57
CA ASP A 93 -25.25 -1.11 -2.00
C ASP A 93 -26.48 -0.79 -1.14
N ARG A 94 -26.23 -0.43 0.13
CA ARG A 94 -27.30 -0.07 1.07
C ARG A 94 -28.11 -1.29 1.51
N PHE A 95 -27.48 -2.45 1.58
CA PHE A 95 -28.17 -3.67 1.99
C PHE A 95 -27.21 -4.61 2.72
N SER A 96 -26.13 -4.96 2.06
CA SER A 96 -25.12 -5.86 2.63
C SER A 96 -23.92 -5.06 3.13
N LYS A 97 -22.94 -5.75 3.70
CA LYS A 97 -21.74 -5.08 4.19
C LYS A 97 -20.95 -4.54 3.00
N HIS A 98 -21.31 -3.33 2.57
CA HIS A 98 -20.63 -2.68 1.43
C HIS A 98 -19.13 -2.97 1.49
N ASP A 99 -18.54 -3.29 0.35
CA ASP A 99 -17.13 -3.64 0.29
C ASP A 99 -16.31 -2.58 -0.45
N ILE A 100 -15.00 -2.81 -0.50
CA ILE A 100 -14.07 -1.92 -1.19
C ILE A 100 -13.79 -2.47 -2.57
N ILE A 101 -14.46 -1.90 -3.58
CA ILE A 101 -14.28 -2.34 -4.95
C ILE A 101 -12.83 -2.17 -5.41
N GLY A 102 -12.14 -1.19 -4.83
CA GLY A 102 -10.75 -0.95 -5.20
C GLY A 102 -10.17 0.26 -4.47
N GLU A 103 -8.86 0.48 -4.64
CA GLU A 103 -8.20 1.60 -3.98
C GLU A 103 -6.75 1.75 -4.46
N PHE A 104 -6.46 2.90 -5.08
CA PHE A 104 -5.11 3.17 -5.58
C PHE A 104 -4.36 4.02 -4.55
N LYS A 105 -3.03 4.03 -4.65
CA LYS A 105 -2.21 4.80 -3.71
C LYS A 105 -0.88 5.19 -4.36
N VAL A 106 -0.29 6.28 -3.87
CA VAL A 106 0.97 6.77 -4.41
C VAL A 106 1.81 7.46 -3.33
N PRO A 107 3.13 7.22 -3.32
CA PRO A 107 4.03 7.83 -2.35
C PRO A 107 4.41 9.26 -2.77
N MET A 108 3.83 10.24 -2.09
CA MET A 108 4.07 11.65 -2.41
C MET A 108 5.56 11.95 -2.61
N ASN A 109 6.42 11.34 -1.81
CA ASN A 109 7.86 11.57 -1.94
C ASN A 109 8.34 11.34 -3.37
N THR A 110 7.67 10.44 -4.09
CA THR A 110 8.01 10.16 -5.47
C THR A 110 7.11 10.93 -6.44
N VAL A 111 6.44 11.95 -5.93
CA VAL A 111 5.54 12.77 -6.75
C VAL A 111 5.98 14.23 -6.67
N ASP A 112 6.42 14.77 -7.81
CA ASP A 112 6.87 16.16 -7.85
C ASP A 112 5.68 17.11 -7.75
N PHE A 113 5.92 18.27 -7.16
CA PHE A 113 4.88 19.28 -7.01
C PHE A 113 5.34 20.59 -7.64
N GLY A 114 6.00 20.46 -8.80
CA GLY A 114 6.49 21.63 -9.52
C GLY A 114 5.42 22.26 -10.39
N HIS A 115 4.34 21.52 -10.67
CA HIS A 115 3.26 22.03 -11.49
C HIS A 115 1.93 21.34 -11.15
N VAL A 116 1.51 20.39 -11.98
CA VAL A 116 0.26 19.67 -11.74
C VAL A 116 0.42 18.20 -12.14
N THR A 117 -0.01 17.32 -11.25
CA THR A 117 0.08 15.89 -11.50
C THR A 117 -1.16 15.41 -12.25
N GLU A 118 -1.10 15.47 -13.57
CA GLU A 118 -2.20 15.04 -14.41
C GLU A 118 -1.81 13.78 -15.18
N GLU A 119 -2.32 12.64 -14.73
CA GLU A 119 -2.03 11.35 -15.35
C GLU A 119 -3.19 10.38 -15.19
N TRP A 120 -3.05 9.20 -15.78
CA TRP A 120 -4.08 8.17 -15.70
C TRP A 120 -3.69 7.17 -14.62
N ARG A 121 -4.58 6.95 -13.65
CA ARG A 121 -4.29 6.04 -12.56
C ARG A 121 -5.04 4.72 -12.71
N ASP A 122 -4.28 3.64 -12.59
CA ASP A 122 -4.83 2.30 -12.66
C ASP A 122 -5.60 1.98 -11.38
N LEU A 123 -6.75 1.35 -11.52
CA LEU A 123 -7.57 1.00 -10.37
C LEU A 123 -7.44 -0.48 -10.05
N GLN A 124 -7.14 -0.76 -8.78
CA GLN A 124 -6.99 -2.14 -8.33
C GLN A 124 -7.88 -2.41 -7.12
N SER A 125 -8.32 -3.66 -7.00
CA SER A 125 -9.18 -4.07 -5.90
C SER A 125 -8.36 -4.31 -4.62
N ALA A 126 -9.03 -4.23 -3.47
CA ALA A 126 -8.37 -4.46 -2.19
C ALA A 126 -9.38 -4.96 -1.16
N GLU A 127 -9.73 -6.25 -1.28
CA GLU A 127 -10.70 -6.87 -0.38
C GLU A 127 -10.30 -6.69 1.08
N LYS A 128 -11.22 -6.14 1.86
CA LYS A 128 -11.00 -5.90 3.29
C LYS A 128 -12.33 -5.90 4.03
N TYR B 1 28.67 -5.90 5.62
CA TYR B 1 28.33 -4.96 6.71
C TYR B 1 26.83 -5.04 7.01
N LYS B 2 26.45 -5.90 7.95
CA LYS B 2 25.06 -6.06 8.30
C LYS B 2 24.43 -4.73 8.71
N LYS B 3 23.43 -4.31 7.96
CA LYS B 3 22.73 -3.06 8.22
C LYS B 3 21.43 -3.01 7.42
N PRO B 4 20.68 -1.89 7.49
CA PRO B 4 19.42 -1.71 6.77
C PRO B 4 19.33 -2.51 5.47
N LYS B 5 18.42 -3.49 5.46
CA LYS B 5 18.20 -4.34 4.29
C LYS B 5 16.92 -3.89 3.57
N LEU B 6 16.99 -3.77 2.25
CA LEU B 6 15.83 -3.36 1.46
C LEU B 6 15.15 -4.58 0.85
N LEU B 7 13.82 -4.56 0.81
CA LEU B 7 13.05 -5.67 0.25
C LEU B 7 11.77 -5.17 -0.44
N TYR B 8 11.41 -5.80 -1.55
CA TYR B 8 10.21 -5.42 -2.30
C TYR B 8 9.91 -6.46 -3.39
N CYS B 9 8.83 -6.25 -4.15
CA CYS B 9 8.44 -7.17 -5.22
C CYS B 9 7.51 -6.46 -6.22
N SER B 10 6.91 -7.24 -7.13
CA SER B 10 5.99 -6.70 -8.12
C SER B 10 6.72 -5.82 -9.14
N ASN B 11 7.86 -6.33 -9.62
CA ASN B 11 8.72 -5.66 -10.62
C ASN B 11 8.39 -4.17 -10.80
N GLY B 12 9.13 -3.31 -10.13
CA GLY B 12 8.91 -1.87 -10.25
C GLY B 12 9.35 -1.11 -9.03
N GLY B 13 9.75 0.14 -9.23
CA GLY B 13 10.20 0.98 -8.13
C GLY B 13 9.14 1.13 -7.07
N HIS B 14 9.40 0.57 -5.90
CA HIS B 14 8.50 0.64 -4.75
C HIS B 14 9.08 -0.23 -3.63
N PHE B 15 9.70 0.42 -2.65
CA PHE B 15 10.33 -0.31 -1.55
C PHE B 15 9.42 -0.35 -0.32
N LEU B 16 9.51 -1.44 0.43
CA LEU B 16 8.69 -1.60 1.63
C LEU B 16 9.05 -0.53 2.65
N ARG B 17 8.17 0.46 2.78
CA ARG B 17 8.39 1.55 3.70
C ARG B 17 7.78 1.25 5.06
N ILE B 18 8.63 1.04 6.03
CA ILE B 18 8.20 0.71 7.39
C ILE B 18 8.08 1.95 8.26
N LEU B 19 6.94 2.07 8.92
CA LEU B 19 6.67 3.18 9.81
C LEU B 19 6.28 2.65 11.19
N PRO B 20 6.82 3.25 12.26
CA PRO B 20 6.56 2.83 13.65
C PRO B 20 5.08 2.65 13.98
N ASP B 21 4.20 3.38 13.29
CA ASP B 21 2.77 3.28 13.55
C ASP B 21 2.24 1.94 13.09
N GLY B 22 2.62 1.52 11.88
CA GLY B 22 2.17 0.24 11.36
C GLY B 22 1.78 0.28 9.90
N THR B 23 1.38 1.45 9.41
CA THR B 23 0.99 1.59 8.00
C THR B 23 2.20 1.49 7.07
N VAL B 24 2.79 0.31 7.02
CA VAL B 24 3.94 0.08 6.15
C VAL B 24 3.52 0.14 4.68
N ASP B 25 4.06 1.11 3.94
CA ASP B 25 3.72 1.29 2.53
C ASP B 25 4.85 0.81 1.62
N GLY B 26 4.78 1.14 0.33
CA GLY B 26 5.81 0.72 -0.59
C GLY B 26 6.40 1.87 -1.40
N THR B 27 6.66 3.00 -0.72
CA THR B 27 7.24 4.16 -1.37
C THR B 27 8.48 3.80 -2.17
N ARG B 28 8.62 4.37 -3.36
CA ARG B 28 9.76 4.11 -4.21
C ARG B 28 10.74 5.27 -4.16
N ASP B 29 11.40 5.43 -3.03
CA ASP B 29 12.36 6.51 -2.84
C ASP B 29 13.51 6.06 -1.94
N ARG B 30 14.67 6.70 -2.11
CA ARG B 30 15.85 6.40 -1.32
C ARG B 30 16.19 7.53 -0.34
N SER B 31 15.58 8.70 -0.56
CA SER B 31 15.81 9.85 0.32
C SER B 31 15.28 9.56 1.72
N ASP B 32 14.05 9.08 1.78
CA ASP B 32 13.42 8.76 3.06
C ASP B 32 13.84 7.36 3.50
N GLN B 33 14.84 7.30 4.37
CA GLN B 33 15.36 6.02 4.86
C GLN B 33 14.34 5.31 5.76
N HIS B 34 13.18 5.01 5.20
CA HIS B 34 12.13 4.30 5.94
C HIS B 34 11.75 3.01 5.23
N ILE B 35 12.60 2.57 4.31
CA ILE B 35 12.36 1.35 3.55
C ILE B 35 13.49 0.36 3.81
N GLN B 36 14.00 0.36 5.03
CA GLN B 36 15.10 -0.52 5.41
C GLN B 36 14.74 -1.33 6.66
N LEU B 37 15.00 -2.63 6.60
CA LEU B 37 14.72 -3.54 7.71
C LEU B 37 15.92 -4.45 7.94
N GLN B 38 16.01 -5.05 9.12
CA GLN B 38 17.12 -5.93 9.43
C GLN B 38 16.74 -7.39 9.18
N LEU B 39 16.75 -7.77 7.91
CA LEU B 39 16.42 -9.12 7.51
C LEU B 39 17.61 -10.06 7.75
N SER B 40 17.40 -11.08 8.56
CA SER B 40 18.44 -12.05 8.87
C SER B 40 17.85 -13.36 9.39
N ALA B 41 18.61 -14.44 9.27
CA ALA B 41 18.17 -15.75 9.72
C ALA B 41 18.40 -15.91 11.22
N GLU B 42 17.32 -16.02 11.97
CA GLU B 42 17.39 -16.18 13.42
C GLU B 42 17.47 -17.66 13.77
N SER B 43 16.52 -18.42 13.25
CA SER B 43 16.46 -19.86 13.49
C SER B 43 16.72 -20.63 12.19
N VAL B 44 16.77 -21.96 12.29
CA VAL B 44 17.01 -22.81 11.13
C VAL B 44 16.08 -22.43 9.98
N GLY B 45 16.65 -21.78 8.97
CA GLY B 45 15.87 -21.38 7.82
C GLY B 45 14.78 -20.38 8.14
N GLU B 46 14.90 -19.71 9.30
CA GLU B 46 13.89 -18.74 9.71
C GLU B 46 14.47 -17.33 9.72
N VAL B 47 13.87 -16.45 8.93
CA VAL B 47 14.31 -15.07 8.84
C VAL B 47 13.27 -14.14 9.47
N TYR B 48 13.74 -13.20 10.26
CA TYR B 48 12.85 -12.25 10.92
C TYR B 48 12.94 -10.88 10.26
N ILE B 49 11.79 -10.36 9.85
CA ILE B 49 11.73 -9.06 9.20
C ILE B 49 11.37 -7.97 10.19
N LYS B 50 12.38 -7.30 10.72
CA LYS B 50 12.19 -6.23 11.70
C LYS B 50 12.95 -4.98 11.26
N SER B 51 12.36 -3.82 11.45
CA SER B 51 12.99 -2.56 11.07
C SER B 51 13.46 -1.81 12.31
N THR B 52 14.31 -2.46 13.10
CA THR B 52 14.83 -1.91 14.35
C THR B 52 15.24 -0.44 14.21
N GLU B 53 16.26 -0.18 13.39
CA GLU B 53 16.75 1.19 13.21
C GLU B 53 16.13 1.85 11.98
N THR B 54 14.81 1.98 11.98
CA THR B 54 14.09 2.61 10.86
C THR B 54 12.57 2.52 11.02
N GLY B 55 12.07 1.36 11.45
CA GLY B 55 10.65 1.18 11.58
C GLY B 55 10.24 0.60 12.92
N GLN B 56 10.01 -0.72 12.93
CA GLN B 56 9.56 -1.39 14.14
C GLN B 56 9.55 -2.92 13.96
N TYR B 57 8.91 -3.62 14.90
CA TYR B 57 8.79 -5.07 14.85
C TYR B 57 7.47 -5.45 14.18
N LEU B 58 7.55 -6.30 13.16
CA LEU B 58 6.36 -6.73 12.42
C LEU B 58 5.58 -7.83 13.13
N ALA B 59 4.32 -7.96 12.75
CA ALA B 59 3.41 -8.96 13.30
C ALA B 59 2.28 -9.21 12.31
N MET B 60 2.42 -10.25 11.51
CA MET B 60 1.41 -10.59 10.50
C MET B 60 0.15 -11.14 11.15
N ASP B 61 -0.76 -10.25 11.54
CA ASP B 61 -2.02 -10.64 12.15
C ASP B 61 -2.70 -11.74 11.33
N THR B 62 -2.70 -12.95 11.87
CA THR B 62 -3.30 -14.10 11.21
C THR B 62 -2.86 -14.19 9.74
N ASP B 63 -1.68 -13.63 9.43
CA ASP B 63 -1.12 -13.63 8.07
C ASP B 63 -1.88 -12.66 7.15
N GLY B 64 -3.18 -12.48 7.38
CA GLY B 64 -3.97 -11.58 6.57
C GLY B 64 -3.43 -10.16 6.57
N LEU B 65 -3.17 -9.63 7.75
CA LEU B 65 -2.68 -8.26 7.88
C LEU B 65 -1.19 -8.24 8.25
N LEU B 66 -0.35 -7.94 7.27
CA LEU B 66 1.09 -7.88 7.49
C LEU B 66 1.48 -6.48 7.98
N TYR B 67 1.46 -6.29 9.28
CA TYR B 67 1.83 -4.99 9.85
C TYR B 67 2.93 -5.16 10.90
N GLY B 68 3.42 -4.04 11.40
CA GLY B 68 4.47 -4.06 12.41
C GLY B 68 4.49 -2.78 13.22
N SER B 69 4.95 -2.86 14.46
CA SER B 69 4.99 -1.68 15.32
C SER B 69 5.39 -2.03 16.76
N GLN B 70 4.61 -2.89 17.40
CA GLN B 70 4.86 -3.23 18.79
C GLN B 70 5.90 -4.34 18.96
N THR B 71 5.47 -5.58 19.15
CA THR B 71 6.39 -6.69 19.38
C THR B 71 6.34 -7.73 18.28
N PRO B 72 7.49 -8.37 17.98
CA PRO B 72 7.58 -9.41 16.97
C PRO B 72 7.26 -10.78 17.56
N ASN B 73 5.97 -11.08 17.66
CA ASN B 73 5.53 -12.36 18.20
C ASN B 73 5.69 -13.46 17.14
N GLU B 74 5.24 -14.67 17.46
CA GLU B 74 5.33 -15.79 16.53
C GLU B 74 4.84 -15.40 15.13
N GLU B 75 3.90 -14.46 15.07
CA GLU B 75 3.37 -13.97 13.78
C GLU B 75 4.45 -13.23 12.97
N CYS B 76 5.68 -13.13 13.51
CA CYS B 76 6.77 -12.44 12.82
C CYS B 76 7.89 -13.40 12.36
N LEU B 77 7.70 -14.72 12.54
CA LEU B 77 8.72 -15.68 12.13
C LEU B 77 8.37 -16.29 10.77
N PHE B 78 9.31 -16.24 9.83
CA PHE B 78 9.08 -16.76 8.48
C PHE B 78 10.23 -17.67 8.03
N LEU B 79 9.86 -18.72 7.30
CA LEU B 79 10.81 -19.69 6.76
C LEU B 79 11.39 -19.15 5.45
N GLU B 80 12.71 -19.16 5.35
CA GLU B 80 13.40 -18.65 4.17
C GLU B 80 13.36 -19.64 3.00
N ARG B 81 13.11 -19.12 1.81
CA ARG B 81 13.06 -19.95 0.60
C ARG B 81 13.39 -19.09 -0.64
N LEU B 82 14.58 -19.30 -1.19
CA LEU B 82 15.00 -18.55 -2.38
C LEU B 82 14.36 -19.12 -3.64
N GLU B 83 13.98 -18.25 -4.57
CA GLU B 83 13.34 -18.68 -5.81
C GLU B 83 14.34 -18.72 -6.96
N GLU B 84 14.23 -19.74 -7.79
CA GLU B 84 15.12 -19.92 -8.93
C GLU B 84 14.92 -18.80 -9.96
N ASN B 85 13.85 -18.02 -9.82
CA ASN B 85 13.56 -16.91 -10.72
C ASN B 85 14.30 -15.63 -10.28
N HIS B 86 15.21 -15.78 -9.31
CA HIS B 86 15.99 -14.65 -8.78
C HIS B 86 15.14 -13.78 -7.86
N TYR B 87 14.53 -14.42 -6.87
CA TYR B 87 13.70 -13.73 -5.90
C TYR B 87 13.76 -14.45 -4.55
N ASN B 88 13.27 -13.79 -3.51
CA ASN B 88 13.27 -14.34 -2.16
C ASN B 88 11.86 -14.64 -1.68
N THR B 89 11.66 -15.85 -1.16
CA THR B 89 10.38 -16.26 -0.65
C THR B 89 10.48 -16.50 0.86
N TYR B 90 9.45 -16.13 1.59
CA TYR B 90 9.42 -16.31 3.03
C TYR B 90 8.10 -16.92 3.45
N ILE B 91 8.17 -18.13 4.00
CA ILE B 91 6.97 -18.84 4.43
C ILE B 91 6.67 -18.56 5.89
N SER B 92 5.53 -17.92 6.15
CA SER B 92 5.13 -17.61 7.51
C SER B 92 4.90 -18.91 8.28
N LYS B 93 5.97 -19.50 8.80
CA LYS B 93 5.89 -20.76 9.54
C LYS B 93 4.73 -20.72 10.54
N LYS B 94 4.48 -19.55 11.11
CA LYS B 94 3.37 -19.38 12.07
C LYS B 94 2.02 -19.63 11.40
N HIS B 95 1.95 -19.48 10.08
CA HIS B 95 0.68 -19.69 9.37
C HIS B 95 0.84 -20.65 8.19
N ALA B 96 1.97 -21.35 8.10
CA ALA B 96 2.18 -22.32 7.03
C ALA B 96 0.97 -23.26 6.97
N GLU B 97 0.32 -23.42 8.12
CA GLU B 97 -0.90 -24.22 8.27
C GLU B 97 -1.83 -24.08 7.07
N LYS B 98 -1.97 -22.86 6.55
CA LYS B 98 -2.85 -22.60 5.42
C LYS B 98 -2.06 -22.44 4.12
N ASN B 99 -0.81 -22.91 4.10
CA ASN B 99 0.03 -22.81 2.91
C ASN B 99 0.21 -21.33 2.53
N TRP B 100 0.35 -20.49 3.54
CA TRP B 100 0.50 -19.05 3.32
C TRP B 100 1.93 -18.58 3.60
N PHE B 101 2.48 -17.84 2.64
CA PHE B 101 3.82 -17.28 2.76
C PHE B 101 3.74 -15.77 2.60
N VAL B 102 4.04 -15.04 3.67
CA VAL B 102 4.00 -13.57 3.70
C VAL B 102 4.15 -12.95 2.31
N GLY B 103 3.08 -12.27 1.87
CA GLY B 103 3.08 -11.63 0.56
C GLY B 103 2.48 -10.24 0.64
N LEU B 104 3.14 -9.27 0.02
CA LEU B 104 2.68 -7.88 0.05
C LEU B 104 2.37 -7.37 -1.36
N LYS B 105 1.69 -6.22 -1.41
CA LYS B 105 1.32 -5.60 -2.68
C LYS B 105 2.17 -4.35 -2.89
N LYS B 106 3.23 -4.48 -3.69
CA LYS B 106 4.15 -3.37 -3.97
C LYS B 106 3.40 -2.06 -4.16
N ASN B 107 2.36 -2.08 -4.98
CA ASN B 107 1.58 -0.88 -5.25
C ASN B 107 0.42 -0.75 -4.26
N GLY B 108 0.73 -0.87 -2.98
CA GLY B 108 -0.29 -0.76 -1.96
C GLY B 108 0.26 -0.91 -0.55
N SER B 109 0.62 -2.12 -0.18
CA SER B 109 1.15 -2.42 1.15
C SER B 109 1.18 -3.95 1.36
N CYS B 110 1.61 -4.38 2.54
CA CYS B 110 1.70 -5.80 2.85
C CYS B 110 0.44 -6.28 3.58
N LYS B 111 -0.42 -6.99 2.86
CA LYS B 111 -1.65 -7.53 3.42
C LYS B 111 -2.37 -8.38 2.37
N ARG B 112 -1.97 -9.64 2.26
CA ARG B 112 -2.58 -10.55 1.29
C ARG B 112 -2.72 -11.96 1.86
N GLY B 113 -2.98 -12.08 3.16
CA GLY B 113 -3.13 -13.39 3.79
C GLY B 113 -3.95 -14.35 2.93
N PRO B 114 -5.16 -13.96 2.48
CA PRO B 114 -6.00 -14.82 1.65
C PRO B 114 -5.40 -15.07 0.25
N ARG B 115 -4.17 -14.59 0.03
CA ARG B 115 -3.49 -14.76 -1.26
C ARG B 115 -1.98 -14.99 -1.05
N THR B 116 -1.58 -15.44 0.14
CA THR B 116 -0.16 -15.68 0.42
C THR B 116 0.30 -17.07 -0.06
N HIS B 117 -0.43 -17.62 -1.03
CA HIS B 117 -0.08 -18.91 -1.63
C HIS B 117 0.43 -18.65 -3.05
N TYR B 118 0.57 -19.68 -3.87
CA TYR B 118 1.04 -19.47 -5.24
C TYR B 118 -0.04 -18.81 -6.09
N GLY B 119 -0.50 -17.65 -5.64
CA GLY B 119 -1.51 -16.90 -6.35
C GLY B 119 -1.04 -15.51 -6.75
N GLN B 120 0.00 -15.02 -6.08
CA GLN B 120 0.55 -13.71 -6.36
C GLN B 120 2.07 -13.78 -6.33
N LYS B 121 2.71 -13.53 -7.48
CA LYS B 121 4.17 -13.58 -7.55
C LYS B 121 4.81 -12.58 -6.57
N ALA B 122 4.02 -11.60 -6.13
CA ALA B 122 4.48 -10.59 -5.18
C ALA B 122 5.18 -11.19 -3.96
N ILE B 123 4.86 -12.44 -3.63
CA ILE B 123 5.50 -13.10 -2.48
C ILE B 123 6.99 -13.33 -2.75
N LEU B 124 7.36 -13.43 -4.03
CA LEU B 124 8.75 -13.63 -4.41
C LEU B 124 9.46 -12.28 -4.42
N PHE B 125 9.78 -11.80 -3.22
CA PHE B 125 10.41 -10.49 -3.05
C PHE B 125 11.85 -10.45 -3.58
N LEU B 126 12.30 -9.24 -3.89
CA LEU B 126 13.65 -9.00 -4.37
C LEU B 126 14.36 -8.13 -3.34
N PRO B 127 15.20 -8.74 -2.49
CA PRO B 127 15.92 -8.03 -1.44
C PRO B 127 17.22 -7.40 -1.90
N LEU B 128 17.55 -6.28 -1.28
CA LEU B 128 18.78 -5.54 -1.56
C LEU B 128 19.52 -5.31 -0.24
N PRO B 129 20.20 -6.35 0.26
CA PRO B 129 20.93 -6.29 1.52
C PRO B 129 22.40 -5.89 1.36
N VAL B 130 22.97 -5.39 2.45
CA VAL B 130 24.37 -4.98 2.47
C VAL B 130 25.27 -6.15 2.92
N SER B 131 25.16 -7.25 2.19
CA SER B 131 25.91 -8.47 2.49
C SER B 131 27.42 -8.19 2.64
N SER B 132 28.02 -8.80 3.67
CA SER B 132 29.44 -8.63 3.93
C SER B 132 30.26 -9.54 3.01
N ASP B 133 30.40 -9.13 1.76
CA ASP B 133 31.15 -9.91 0.78
C ASP B 133 32.44 -9.19 0.41
N GLU A 1 -6.73 -7.29 -9.72
CA GLU A 1 -7.33 -5.96 -9.43
C GLU A 1 -7.86 -5.34 -10.72
N LYS A 2 -9.09 -4.81 -10.67
CA LYS A 2 -9.69 -4.18 -11.83
C LYS A 2 -10.81 -3.22 -11.41
N LEU A 3 -10.44 -1.96 -11.18
CA LEU A 3 -11.40 -0.94 -10.79
C LEU A 3 -11.47 0.17 -11.85
N GLY A 4 -10.98 -0.13 -13.05
CA GLY A 4 -11.00 0.85 -14.11
C GLY A 4 -9.90 1.88 -13.95
N LYS A 5 -10.24 3.15 -14.18
CA LYS A 5 -9.28 4.22 -14.05
C LYS A 5 -9.97 5.49 -13.54
N LEU A 6 -9.19 6.33 -12.86
CA LEU A 6 -9.71 7.58 -12.32
C LEU A 6 -8.78 8.74 -12.66
N GLN A 7 -8.91 9.23 -13.88
CA GLN A 7 -8.10 10.35 -14.35
C GLN A 7 -8.20 11.53 -13.36
N TYR A 8 -7.07 12.17 -13.06
CA TYR A 8 -7.07 13.28 -12.11
C TYR A 8 -5.99 14.33 -12.41
N SER A 9 -6.16 15.48 -11.79
CA SER A 9 -5.23 16.61 -11.92
C SER A 9 -4.82 17.06 -10.52
N LEU A 10 -3.58 16.82 -10.16
CA LEU A 10 -3.08 17.17 -8.83
C LEU A 10 -2.16 18.40 -8.87
N ASP A 11 -2.42 19.34 -7.97
CA ASP A 11 -1.62 20.54 -7.84
C ASP A 11 -1.33 20.82 -6.37
N TYR A 12 -0.63 21.91 -6.05
CA TYR A 12 -0.30 22.19 -4.66
C TYR A 12 -0.22 23.69 -4.39
N ASP A 13 -0.29 24.04 -3.11
CA ASP A 13 -0.20 25.43 -2.67
C ASP A 13 0.73 25.52 -1.45
N PHE A 14 1.72 26.40 -1.53
CA PHE A 14 2.68 26.56 -0.43
C PHE A 14 2.15 27.50 0.65
N GLN A 15 1.27 28.43 0.26
CA GLN A 15 0.70 29.39 1.22
C GLN A 15 -0.04 28.64 2.33
N ASN A 16 -1.01 27.84 1.93
CA ASN A 16 -1.80 27.04 2.88
C ASN A 16 -1.01 25.81 3.31
N ASN A 17 -0.06 25.40 2.47
CA ASN A 17 0.80 24.26 2.75
C ASN A 17 0.00 22.96 2.68
N GLN A 18 -0.43 22.61 1.48
CA GLN A 18 -1.19 21.40 1.24
C GLN A 18 -1.27 21.13 -0.26
N LEU A 19 -1.77 19.95 -0.62
CA LEU A 19 -1.89 19.56 -2.02
C LEU A 19 -3.35 19.59 -2.45
N LEU A 20 -3.57 19.95 -3.70
CA LEU A 20 -4.91 20.03 -4.25
C LEU A 20 -5.15 18.87 -5.21
N VAL A 21 -5.84 17.86 -4.73
CA VAL A 21 -6.13 16.69 -5.54
C VAL A 21 -7.45 16.88 -6.29
N GLY A 22 -7.35 17.30 -7.54
CA GLY A 22 -8.52 17.52 -8.35
C GLY A 22 -8.71 16.43 -9.37
N ILE A 23 -9.40 15.36 -8.98
CA ILE A 23 -9.65 14.24 -9.89
C ILE A 23 -10.66 14.63 -10.95
N ILE A 24 -10.70 13.89 -12.05
CA ILE A 24 -11.64 14.20 -13.13
C ILE A 24 -12.89 13.32 -13.00
N GLN A 25 -12.69 12.01 -13.08
CA GLN A 25 -13.79 11.07 -12.99
C GLN A 25 -13.28 9.63 -12.98
N ALA A 26 -14.13 8.71 -12.59
CA ALA A 26 -13.78 7.29 -12.56
C ALA A 26 -14.48 6.59 -13.73
N ALA A 27 -13.79 5.66 -14.39
CA ALA A 27 -14.36 4.96 -15.53
C ALA A 27 -14.40 3.46 -15.33
N GLU A 28 -15.62 2.92 -15.21
CA GLU A 28 -15.85 1.49 -15.06
C GLU A 28 -15.54 1.00 -13.64
N LEU A 29 -16.59 0.81 -12.87
CA LEU A 29 -16.48 0.34 -11.49
C LEU A 29 -17.37 -0.89 -11.28
N PRO A 30 -17.04 -1.73 -10.27
CA PRO A 30 -17.82 -2.94 -9.95
C PRO A 30 -19.28 -2.63 -9.63
N ALA A 31 -20.13 -3.64 -9.76
CA ALA A 31 -21.57 -3.48 -9.49
C ALA A 31 -21.92 -3.98 -8.09
N LEU A 32 -22.19 -3.04 -7.19
CA LEU A 32 -22.57 -3.35 -5.82
C LEU A 32 -24.08 -3.30 -5.63
N ASP A 33 -24.72 -2.35 -6.31
CA ASP A 33 -26.16 -2.20 -6.21
C ASP A 33 -26.88 -3.26 -7.05
N MET A 34 -28.05 -3.68 -6.59
CA MET A 34 -28.81 -4.70 -7.30
C MET A 34 -29.40 -4.12 -8.61
N GLY A 35 -28.52 -3.84 -9.54
CA GLY A 35 -28.93 -3.30 -10.82
C GLY A 35 -27.73 -3.05 -11.74
N GLY A 36 -26.81 -4.00 -11.76
CA GLY A 36 -25.62 -3.89 -12.59
C GLY A 36 -24.95 -2.52 -12.46
N THR A 37 -25.03 -1.94 -11.26
CA THR A 37 -24.44 -0.64 -11.01
C THR A 37 -24.12 -0.48 -9.52
N SER A 38 -23.64 0.69 -9.14
CA SER A 38 -23.30 0.97 -7.75
C SER A 38 -23.36 2.46 -7.45
N ASP A 39 -23.20 2.81 -6.19
CA ASP A 39 -23.20 4.20 -5.74
C ASP A 39 -21.79 4.53 -5.25
N PRO A 40 -20.80 4.53 -6.17
CA PRO A 40 -19.40 4.75 -5.83
C PRO A 40 -19.03 6.21 -5.54
N TYR A 41 -18.38 6.39 -4.38
CA TYR A 41 -17.90 7.69 -3.98
C TYR A 41 -16.44 7.52 -3.54
N VAL A 42 -15.62 8.51 -3.81
CA VAL A 42 -14.21 8.43 -3.47
C VAL A 42 -13.95 8.91 -2.04
N LYS A 43 -13.24 8.10 -1.28
CA LYS A 43 -12.89 8.42 0.09
C LYS A 43 -11.38 8.59 0.19
N VAL A 44 -10.94 9.84 0.22
CA VAL A 44 -9.53 10.16 0.29
C VAL A 44 -8.94 9.83 1.66
N PHE A 45 -7.89 9.02 1.66
CA PHE A 45 -7.24 8.63 2.90
C PHE A 45 -5.73 8.75 2.74
N LEU A 46 -5.02 8.75 3.87
CA LEU A 46 -3.57 8.87 3.86
C LEU A 46 -2.93 7.86 4.80
N LEU A 47 -1.62 7.63 4.60
CA LEU A 47 -0.86 6.72 5.46
C LEU A 47 -0.90 7.25 6.90
N PRO A 48 -0.14 6.64 7.85
CA PRO A 48 -0.09 7.05 9.25
C PRO A 48 -0.51 8.51 9.46
N ASP A 49 0.07 9.41 8.66
CA ASP A 49 -0.23 10.84 8.73
C ASP A 49 -1.72 11.06 9.00
N LYS A 50 -2.56 10.48 8.15
CA LYS A 50 -4.01 10.57 8.26
C LYS A 50 -4.52 12.00 8.52
N LYS A 51 -3.73 13.01 8.18
CA LYS A 51 -4.15 14.40 8.41
C LYS A 51 -5.11 14.85 7.32
N LYS A 52 -6.23 14.15 7.18
CA LYS A 52 -7.23 14.47 6.17
C LYS A 52 -8.31 13.40 6.12
N LYS A 53 -9.53 13.82 5.81
CA LYS A 53 -10.66 12.90 5.73
C LYS A 53 -11.81 13.54 4.96
N PHE A 54 -11.66 13.61 3.64
CA PHE A 54 -12.68 14.19 2.78
C PHE A 54 -13.52 13.10 2.14
N GLU A 55 -14.82 13.37 1.99
CA GLU A 55 -15.73 12.40 1.40
C GLU A 55 -16.46 13.05 0.22
N THR A 56 -16.38 12.41 -0.94
CA THR A 56 -17.04 12.93 -2.13
C THR A 56 -18.54 12.66 -2.07
N LYS A 57 -19.31 13.48 -2.76
CA LYS A 57 -20.76 13.33 -2.79
C LYS A 57 -21.14 11.99 -3.38
N VAL A 58 -22.00 11.26 -2.68
CA VAL A 58 -22.44 9.96 -3.15
C VAL A 58 -22.99 10.07 -4.57
N HIS A 59 -22.46 9.24 -5.47
CA HIS A 59 -22.90 9.22 -6.86
C HIS A 59 -23.69 7.95 -7.07
N ARG A 60 -25.00 8.04 -6.83
CA ARG A 60 -25.89 6.89 -6.94
C ARG A 60 -26.00 6.35 -8.37
N LYS A 61 -25.99 5.03 -8.47
CA LYS A 61 -26.11 4.33 -9.75
C LYS A 61 -25.26 4.98 -10.85
N THR A 62 -23.96 4.72 -10.82
CA THR A 62 -23.06 5.27 -11.83
C THR A 62 -21.70 4.59 -11.77
N LEU A 63 -21.37 3.84 -12.82
CA LEU A 63 -20.09 3.14 -12.90
C LEU A 63 -19.03 4.05 -13.55
N ASN A 64 -19.45 5.24 -14.00
CA ASN A 64 -18.57 6.22 -14.60
C ASN A 64 -18.92 7.59 -14.02
N PRO A 65 -18.63 7.81 -12.74
CA PRO A 65 -18.95 9.05 -12.05
C PRO A 65 -17.98 10.20 -12.35
N VAL A 66 -18.55 11.31 -12.79
CA VAL A 66 -17.79 12.53 -13.08
C VAL A 66 -18.20 13.60 -12.07
N PHE A 67 -17.28 14.46 -11.66
CA PHE A 67 -17.62 15.50 -10.68
C PHE A 67 -16.50 16.50 -10.46
N ASN A 68 -15.26 16.01 -10.42
CA ASN A 68 -14.10 16.87 -10.21
C ASN A 68 -14.13 17.46 -8.80
N GLU A 69 -14.40 16.60 -7.81
CA GLU A 69 -14.46 17.03 -6.42
C GLU A 69 -13.05 17.20 -5.86
N GLN A 70 -12.74 18.45 -5.51
CA GLN A 70 -11.43 18.83 -4.99
C GLN A 70 -11.13 18.17 -3.63
N PHE A 71 -10.01 17.43 -3.57
CA PHE A 71 -9.57 16.77 -2.35
C PHE A 71 -8.47 17.60 -1.69
N THR A 72 -8.78 18.14 -0.52
CA THR A 72 -7.82 18.97 0.21
C THR A 72 -6.78 18.12 0.92
N PHE A 73 -5.59 18.00 0.33
CA PHE A 73 -4.50 17.23 0.89
C PHE A 73 -3.80 18.04 1.97
N LYS A 74 -4.44 18.16 3.13
CA LYS A 74 -3.89 18.93 4.25
C LYS A 74 -2.61 18.30 4.78
N VAL A 75 -1.47 18.91 4.43
CA VAL A 75 -0.16 18.45 4.88
C VAL A 75 0.93 19.30 4.25
N PRO A 76 1.93 19.73 5.04
CA PRO A 76 3.03 20.53 4.54
C PRO A 76 3.72 19.90 3.34
N TYR A 77 3.86 20.64 2.25
CA TYR A 77 4.50 20.11 1.03
C TYR A 77 5.86 19.49 1.36
N SER A 78 6.58 20.09 2.31
CA SER A 78 7.88 19.57 2.72
C SER A 78 7.71 18.25 3.46
N GLU A 79 6.64 18.17 4.25
CA GLU A 79 6.33 16.96 5.01
C GLU A 79 5.78 15.88 4.09
N LEU A 80 5.12 16.30 3.02
CA LEU A 80 4.53 15.37 2.05
C LEU A 80 5.50 14.22 1.73
N GLY A 81 6.80 14.53 1.69
CA GLY A 81 7.81 13.51 1.41
C GLY A 81 7.63 12.26 2.25
N GLY A 82 7.05 12.42 3.44
CA GLY A 82 6.85 11.28 4.31
C GLY A 82 5.40 10.81 4.34
N LYS A 83 4.65 11.12 3.28
CA LYS A 83 3.24 10.73 3.22
C LYS A 83 2.93 9.93 1.96
N THR A 84 2.02 8.98 2.11
CA THR A 84 1.56 8.15 1.02
C THR A 84 0.04 8.23 0.96
N LEU A 85 -0.48 8.94 -0.04
CA LEU A 85 -1.92 9.12 -0.17
C LEU A 85 -2.59 7.87 -0.74
N VAL A 86 -3.79 7.58 -0.23
CA VAL A 86 -4.55 6.44 -0.70
C VAL A 86 -5.94 6.89 -1.12
N MET A 87 -6.27 6.66 -2.38
CA MET A 87 -7.55 7.05 -2.93
C MET A 87 -8.44 5.82 -3.09
N ALA A 88 -9.37 5.64 -2.16
CA ALA A 88 -10.26 4.50 -2.19
C ALA A 88 -11.67 4.92 -2.59
N VAL A 89 -12.32 4.10 -3.40
CA VAL A 89 -13.67 4.37 -3.85
C VAL A 89 -14.61 3.44 -3.11
N TYR A 90 -15.60 4.03 -2.43
CA TYR A 90 -16.55 3.27 -1.65
C TYR A 90 -17.94 3.37 -2.24
N ASP A 91 -18.69 2.27 -2.20
CA ASP A 91 -20.06 2.24 -2.69
C ASP A 91 -21.03 2.68 -1.61
N PHE A 92 -22.22 3.10 -2.02
CA PHE A 92 -23.24 3.55 -1.10
C PHE A 92 -24.61 2.99 -1.49
N ASP A 93 -24.68 1.68 -1.69
CA ASP A 93 -25.93 1.00 -2.07
C ASP A 93 -27.11 1.44 -1.17
N ARG A 94 -26.80 1.90 0.04
CA ARG A 94 -27.83 2.35 1.00
C ARG A 94 -28.69 1.20 1.47
N PHE A 95 -28.12 0.00 1.54
CA PHE A 95 -28.85 -1.18 1.97
C PHE A 95 -27.97 -2.12 2.77
N SER A 96 -27.03 -2.76 2.09
CA SER A 96 -26.13 -3.71 2.72
C SER A 96 -24.83 -3.03 3.13
N LYS A 97 -23.91 -3.81 3.68
CA LYS A 97 -22.62 -3.30 4.08
C LYS A 97 -21.81 -2.95 2.83
N HIS A 98 -22.11 -1.77 2.27
CA HIS A 98 -21.43 -1.29 1.06
C HIS A 98 -19.97 -1.73 1.03
N ASP A 99 -19.47 -2.04 -0.15
CA ASP A 99 -18.11 -2.52 -0.31
C ASP A 99 -17.19 -1.45 -0.90
N ILE A 100 -15.90 -1.55 -0.57
CA ILE A 100 -14.91 -0.62 -1.08
C ILE A 100 -14.30 -1.21 -2.35
N ILE A 101 -15.07 -1.09 -3.43
CA ILE A 101 -14.68 -1.62 -4.75
C ILE A 101 -13.18 -1.53 -5.05
N GLY A 102 -12.53 -0.43 -4.69
CA GLY A 102 -11.10 -0.30 -4.97
C GLY A 102 -10.45 0.89 -4.32
N GLU A 103 -9.11 0.90 -4.33
CA GLU A 103 -8.32 1.97 -3.74
C GLU A 103 -6.91 2.02 -4.35
N PHE A 104 -6.50 3.20 -4.79
CA PHE A 104 -5.18 3.37 -5.38
C PHE A 104 -4.35 4.31 -4.50
N LYS A 105 -3.04 4.15 -4.52
CA LYS A 105 -2.16 4.97 -3.70
C LYS A 105 -0.79 5.17 -4.34
N VAL A 106 -0.09 6.21 -3.91
CA VAL A 106 1.24 6.51 -4.42
C VAL A 106 2.01 7.35 -3.41
N PRO A 107 3.28 6.99 -3.15
CA PRO A 107 4.13 7.73 -2.21
C PRO A 107 4.36 9.16 -2.66
N MET A 108 3.87 10.11 -1.87
CA MET A 108 4.01 11.53 -2.20
C MET A 108 5.46 11.89 -2.48
N ASN A 109 6.37 11.30 -1.70
CA ASN A 109 7.81 11.56 -1.88
C ASN A 109 8.22 11.35 -3.33
N THR A 110 7.62 10.36 -3.98
CA THR A 110 7.91 10.04 -5.36
C THR A 110 7.28 11.07 -6.29
N VAL A 111 6.11 11.58 -5.91
CA VAL A 111 5.40 12.57 -6.70
C VAL A 111 6.12 13.92 -6.65
N ASP A 112 6.90 14.20 -7.69
CA ASP A 112 7.64 15.46 -7.75
C ASP A 112 6.67 16.62 -7.95
N PHE A 113 6.22 17.19 -6.83
CA PHE A 113 5.29 18.31 -6.86
C PHE A 113 5.95 19.59 -7.38
N GLY A 114 6.41 19.54 -8.63
CA GLY A 114 7.03 20.70 -9.23
C GLY A 114 6.03 21.78 -9.55
N HIS A 115 5.11 21.48 -10.46
CA HIS A 115 4.08 22.43 -10.87
C HIS A 115 2.70 21.80 -10.72
N VAL A 116 2.42 20.77 -11.50
CA VAL A 116 1.14 20.08 -11.45
C VAL A 116 1.30 18.63 -11.92
N THR A 117 0.52 17.73 -11.32
CA THR A 117 0.56 16.32 -11.67
C THR A 117 -0.77 15.87 -12.24
N GLU A 118 -0.84 15.74 -13.57
CA GLU A 118 -2.07 15.32 -14.23
C GLU A 118 -1.84 14.02 -14.99
N GLU A 119 -2.53 12.97 -14.58
CA GLU A 119 -2.39 11.65 -15.21
C GLU A 119 -3.67 10.83 -15.07
N TRP A 120 -3.80 9.81 -15.90
CA TRP A 120 -4.97 8.93 -15.88
C TRP A 120 -4.70 7.78 -14.92
N ARG A 121 -4.82 8.07 -13.63
CA ARG A 121 -4.58 7.09 -12.58
C ARG A 121 -5.43 5.83 -12.76
N ASP A 122 -4.76 4.69 -12.64
CA ASP A 122 -5.41 3.39 -12.75
C ASP A 122 -6.12 3.06 -11.44
N LEU A 123 -7.25 2.38 -11.53
CA LEU A 123 -8.03 2.01 -10.36
C LEU A 123 -7.92 0.52 -10.08
N GLN A 124 -7.46 0.18 -8.87
CA GLN A 124 -7.31 -1.20 -8.46
C GLN A 124 -8.35 -1.57 -7.41
N SER A 125 -8.94 -2.74 -7.58
CA SER A 125 -9.94 -3.22 -6.63
C SER A 125 -9.26 -3.60 -5.31
N ALA A 126 -9.98 -3.47 -4.20
CA ALA A 126 -9.41 -3.79 -2.90
C ALA A 126 -10.36 -4.63 -2.05
N GLU A 127 -9.88 -5.78 -1.59
CA GLU A 127 -10.70 -6.67 -0.77
C GLU A 127 -10.87 -6.09 0.63
N LYS A 128 -11.55 -4.97 0.72
CA LYS A 128 -11.78 -4.30 2.00
C LYS A 128 -13.00 -4.88 2.72
N TYR B 1 28.77 -5.47 6.06
CA TYR B 1 28.35 -4.31 6.88
C TYR B 1 26.86 -4.45 7.21
N LYS B 2 26.53 -5.37 8.11
CA LYS B 2 25.14 -5.61 8.51
C LYS B 2 24.47 -4.32 8.96
N LYS B 3 23.80 -3.66 8.02
CA LYS B 3 23.10 -2.42 8.31
C LYS B 3 21.86 -2.30 7.42
N PRO B 4 21.10 -1.17 7.53
CA PRO B 4 19.89 -0.91 6.78
C PRO B 4 19.73 -1.77 5.53
N LYS B 5 18.87 -2.79 5.62
CA LYS B 5 18.61 -3.70 4.53
C LYS B 5 17.25 -3.38 3.90
N LEU B 6 17.24 -3.19 2.58
CA LEU B 6 15.99 -2.88 1.88
C LEU B 6 15.37 -4.16 1.33
N LEU B 7 14.03 -4.21 1.32
CA LEU B 7 13.31 -5.37 0.81
C LEU B 7 12.07 -4.92 0.04
N TYR B 8 11.81 -5.58 -1.08
CA TYR B 8 10.64 -5.26 -1.91
C TYR B 8 10.40 -6.38 -2.94
N CYS B 9 9.21 -6.41 -3.52
CA CYS B 9 8.89 -7.43 -4.53
C CYS B 9 8.08 -6.84 -5.67
N SER B 10 7.97 -7.60 -6.76
CA SER B 10 7.24 -7.16 -7.94
C SER B 10 8.04 -6.09 -8.67
N ASN B 11 8.60 -6.46 -9.81
CA ASN B 11 9.40 -5.52 -10.61
C ASN B 11 8.74 -4.14 -10.63
N GLY B 12 9.50 -3.14 -10.24
CA GLY B 12 9.00 -1.78 -10.22
C GLY B 12 9.41 -1.04 -8.96
N GLY B 13 9.94 0.16 -9.12
CA GLY B 13 10.38 0.95 -7.99
C GLY B 13 9.33 1.01 -6.89
N HIS B 14 9.55 0.26 -5.82
CA HIS B 14 8.62 0.23 -4.68
C HIS B 14 9.32 -0.38 -3.47
N PHE B 15 9.97 0.46 -2.68
CA PHE B 15 10.69 0.00 -1.50
C PHE B 15 9.75 -0.07 -0.30
N LEU B 16 9.80 -1.18 0.44
CA LEU B 16 8.96 -1.34 1.61
C LEU B 16 9.30 -0.29 2.66
N ARG B 17 8.55 0.81 2.66
CA ARG B 17 8.78 1.88 3.61
C ARG B 17 8.01 1.60 4.90
N ILE B 18 8.71 1.70 6.02
CA ILE B 18 8.12 1.41 7.32
C ILE B 18 8.00 2.65 8.21
N LEU B 19 6.87 2.76 8.90
CA LEU B 19 6.61 3.87 9.79
C LEU B 19 6.10 3.35 11.13
N PRO B 20 6.62 3.90 12.25
CA PRO B 20 6.24 3.49 13.60
C PRO B 20 4.74 3.29 13.78
N ASP B 21 3.95 4.12 13.12
CA ASP B 21 2.49 4.05 13.18
C ASP B 21 2.00 2.60 13.04
N GLY B 22 2.54 1.91 12.04
CA GLY B 22 2.14 0.54 11.79
C GLY B 22 1.96 0.27 10.32
N THR B 23 1.50 1.27 9.58
CA THR B 23 1.28 1.13 8.15
C THR B 23 2.61 1.21 7.39
N VAL B 24 2.76 0.33 6.40
CA VAL B 24 3.95 0.29 5.57
C VAL B 24 3.55 0.17 4.10
N ASP B 25 4.22 0.92 3.24
CA ASP B 25 3.91 0.89 1.81
C ASP B 25 5.19 0.78 0.97
N GLY B 26 5.02 0.48 -0.31
CA GLY B 26 6.15 0.34 -1.20
C GLY B 26 6.55 1.65 -1.84
N THR B 27 7.15 2.53 -1.05
CA THR B 27 7.59 3.83 -1.53
C THR B 27 8.83 3.68 -2.41
N ARG B 28 8.82 4.31 -3.59
CA ARG B 28 9.95 4.22 -4.50
C ARG B 28 10.89 5.42 -4.31
N ASP B 29 11.26 5.67 -3.07
CA ASP B 29 12.15 6.77 -2.73
C ASP B 29 13.24 6.32 -1.78
N ARG B 30 14.48 6.65 -2.09
CA ARG B 30 15.61 6.30 -1.25
C ARG B 30 16.08 7.49 -0.41
N SER B 31 15.36 8.61 -0.54
CA SER B 31 15.70 9.82 0.20
C SER B 31 15.25 9.69 1.65
N ASP B 32 13.99 9.30 1.83
CA ASP B 32 13.43 9.14 3.17
C ASP B 32 13.96 7.86 3.81
N GLN B 33 14.80 8.03 4.85
CA GLN B 33 15.39 6.89 5.55
C GLN B 33 14.32 6.10 6.30
N HIS B 34 13.40 5.49 5.56
CA HIS B 34 12.33 4.69 6.16
C HIS B 34 12.08 3.42 5.37
N ILE B 35 13.07 2.99 4.58
CA ILE B 35 12.95 1.78 3.76
C ILE B 35 14.06 0.80 4.11
N GLN B 36 14.47 0.78 5.37
CA GLN B 36 15.54 -0.10 5.83
C GLN B 36 15.08 -0.94 7.02
N LEU B 37 15.32 -2.24 6.93
CA LEU B 37 14.96 -3.17 7.98
C LEU B 37 16.14 -4.08 8.28
N GLN B 38 16.25 -4.54 9.52
CA GLN B 38 17.36 -5.40 9.91
C GLN B 38 17.09 -6.85 9.52
N LEU B 39 16.83 -7.09 8.23
CA LEU B 39 16.58 -8.42 7.72
C LEU B 39 17.76 -9.34 8.03
N SER B 40 17.67 -10.07 9.14
CA SER B 40 18.74 -10.96 9.55
C SER B 40 18.18 -12.25 10.14
N ALA B 41 18.97 -13.31 10.08
CA ALA B 41 18.58 -14.61 10.62
C ALA B 41 18.69 -14.61 12.14
N GLU B 42 17.83 -15.38 12.79
CA GLU B 42 17.83 -15.47 14.24
C GLU B 42 17.76 -16.93 14.69
N SER B 43 16.77 -17.66 14.19
CA SER B 43 16.61 -19.07 14.51
C SER B 43 17.11 -19.93 13.36
N VAL B 44 17.09 -21.25 13.55
CA VAL B 44 17.55 -22.19 12.52
C VAL B 44 16.83 -21.97 11.19
N GLY B 45 17.41 -21.13 10.34
CA GLY B 45 16.81 -20.84 9.05
C GLY B 45 15.68 -19.82 9.14
N GLU B 46 15.53 -19.20 10.32
CA GLU B 46 14.48 -18.23 10.54
C GLU B 46 15.07 -16.82 10.58
N VAL B 47 14.51 -15.94 9.77
CA VAL B 47 14.96 -14.55 9.68
C VAL B 47 13.90 -13.61 10.23
N TYR B 48 14.34 -12.54 10.87
CA TYR B 48 13.43 -11.56 11.44
C TYR B 48 13.59 -10.21 10.77
N ILE B 49 12.51 -9.76 10.13
CA ILE B 49 12.51 -8.48 9.45
C ILE B 49 12.04 -7.40 10.43
N LYS B 50 12.99 -6.76 11.10
CA LYS B 50 12.68 -5.71 12.06
C LYS B 50 13.43 -4.43 11.74
N SER B 51 12.70 -3.32 11.68
CA SER B 51 13.30 -2.03 11.38
C SER B 51 13.67 -1.32 12.68
N THR B 52 14.94 -1.44 13.07
CA THR B 52 15.43 -0.84 14.31
C THR B 52 15.46 0.69 14.24
N GLU B 53 16.60 1.28 13.88
CA GLU B 53 16.72 2.73 13.81
C GLU B 53 16.12 3.30 12.53
N THR B 54 14.82 3.06 12.32
CA THR B 54 14.14 3.55 11.13
C THR B 54 12.64 3.27 11.15
N GLY B 55 12.27 1.99 11.35
CA GLY B 55 10.87 1.64 11.35
C GLY B 55 10.36 1.18 12.71
N GLN B 56 9.77 -0.01 12.72
CA GLN B 56 9.20 -0.58 13.92
C GLN B 56 9.34 -2.11 13.93
N TYR B 57 8.79 -2.74 14.97
CA TYR B 57 8.84 -4.19 15.10
C TYR B 57 7.60 -4.79 14.46
N LEU B 58 7.80 -5.68 13.49
CA LEU B 58 6.70 -6.31 12.77
C LEU B 58 5.90 -7.27 13.66
N ALA B 59 4.61 -7.39 13.34
CA ALA B 59 3.69 -8.26 14.06
C ALA B 59 2.48 -8.58 13.18
N MET B 60 2.73 -9.34 12.13
CA MET B 60 1.69 -9.72 11.17
C MET B 60 0.44 -10.26 11.86
N ASP B 61 -0.72 -9.79 11.42
CA ASP B 61 -1.99 -10.29 11.96
C ASP B 61 -2.32 -11.59 11.28
N THR B 62 -1.76 -12.68 11.79
CA THR B 62 -1.96 -14.00 11.22
C THR B 62 -1.66 -13.98 9.72
N ASP B 63 -0.54 -13.34 9.37
CA ASP B 63 -0.10 -13.21 7.97
C ASP B 63 -1.06 -12.31 7.16
N GLY B 64 -2.36 -12.60 7.24
CA GLY B 64 -3.37 -11.81 6.54
C GLY B 64 -3.00 -10.35 6.43
N LEU B 65 -2.85 -9.69 7.57
CA LEU B 65 -2.48 -8.28 7.60
C LEU B 65 -1.06 -8.12 8.10
N LEU B 66 -0.14 -7.79 7.19
CA LEU B 66 1.25 -7.61 7.56
C LEU B 66 1.47 -6.19 8.07
N TYR B 67 2.10 -6.07 9.23
CA TYR B 67 2.36 -4.77 9.83
C TYR B 67 3.33 -4.90 11.00
N GLY B 68 3.72 -3.77 11.56
CA GLY B 68 4.62 -3.75 12.69
C GLY B 68 4.59 -2.43 13.42
N SER B 69 5.03 -2.42 14.67
CA SER B 69 5.04 -1.20 15.45
C SER B 69 5.82 -1.37 16.75
N GLN B 70 5.23 -2.04 17.72
CA GLN B 70 5.89 -2.23 19.01
C GLN B 70 6.08 -3.72 19.34
N THR B 71 4.99 -4.42 19.62
CA THR B 71 5.03 -5.83 19.99
C THR B 71 5.65 -6.70 18.90
N PRO B 72 6.89 -7.17 19.11
CA PRO B 72 7.59 -8.04 18.18
C PRO B 72 7.24 -9.50 18.48
N ASN B 73 5.97 -9.85 18.25
CA ASN B 73 5.48 -11.19 18.51
C ASN B 73 6.05 -12.21 17.53
N GLU B 74 6.17 -13.46 17.98
CA GLU B 74 6.70 -14.55 17.16
C GLU B 74 6.05 -14.59 15.78
N GLU B 75 4.82 -14.07 15.66
CA GLU B 75 4.12 -14.01 14.37
C GLU B 75 5.04 -13.46 13.28
N CYS B 76 6.02 -12.62 13.68
CA CYS B 76 6.95 -12.01 12.75
C CYS B 76 8.14 -12.92 12.40
N LEU B 77 8.19 -14.13 12.94
CA LEU B 77 9.29 -15.04 12.64
C LEU B 77 9.03 -15.76 11.31
N PHE B 78 9.93 -15.54 10.35
CA PHE B 78 9.78 -16.16 9.03
C PHE B 78 10.99 -17.01 8.67
N LEU B 79 10.72 -18.15 8.03
CA LEU B 79 11.77 -19.05 7.58
C LEU B 79 12.33 -18.56 6.26
N GLU B 80 13.65 -18.44 6.16
CA GLU B 80 14.30 -17.94 4.95
C GLU B 80 14.29 -19.00 3.84
N ARG B 81 13.68 -18.66 2.70
CA ARG B 81 13.62 -19.56 1.56
C ARG B 81 14.00 -18.81 0.28
N LEU B 82 15.05 -19.27 -0.38
CA LEU B 82 15.53 -18.64 -1.60
C LEU B 82 14.79 -19.17 -2.83
N GLU B 83 14.86 -18.42 -3.93
CA GLU B 83 14.23 -18.82 -5.18
C GLU B 83 15.16 -18.54 -6.36
N GLU B 84 15.24 -19.49 -7.30
CA GLU B 84 16.11 -19.35 -8.47
C GLU B 84 15.71 -18.14 -9.34
N ASN B 85 14.53 -17.57 -9.08
CA ASN B 85 14.06 -16.43 -9.84
C ASN B 85 14.74 -15.12 -9.36
N HIS B 86 15.80 -15.24 -8.56
CA HIS B 86 16.51 -14.08 -8.05
C HIS B 86 15.63 -13.29 -7.08
N TYR B 87 15.05 -14.00 -6.12
CA TYR B 87 14.18 -13.40 -5.12
C TYR B 87 14.27 -14.16 -3.81
N ASN B 88 13.89 -13.50 -2.71
CA ASN B 88 13.95 -14.09 -1.38
C ASN B 88 12.54 -14.33 -0.84
N THR B 89 12.32 -15.50 -0.29
CA THR B 89 11.02 -15.86 0.28
C THR B 89 11.15 -16.09 1.78
N TYR B 90 10.11 -15.72 2.53
CA TYR B 90 10.09 -15.88 3.97
C TYR B 90 8.80 -16.56 4.40
N ILE B 91 8.91 -17.71 5.06
CA ILE B 91 7.74 -18.45 5.50
C ILE B 91 7.41 -18.15 6.96
N SER B 92 6.27 -17.49 7.18
CA SER B 92 5.81 -17.17 8.52
C SER B 92 5.48 -18.46 9.28
N LYS B 93 6.53 -19.12 9.77
CA LYS B 93 6.37 -20.37 10.50
C LYS B 93 5.18 -20.32 11.46
N LYS B 94 4.96 -19.16 12.07
CA LYS B 94 3.85 -18.98 13.00
C LYS B 94 2.53 -19.41 12.37
N HIS B 95 2.43 -19.34 11.05
CA HIS B 95 1.21 -19.75 10.36
C HIS B 95 1.53 -20.52 9.09
N ALA B 96 2.47 -21.44 9.20
CA ALA B 96 2.83 -22.28 8.08
C ALA B 96 1.72 -23.32 7.82
N GLU B 97 0.81 -23.45 8.79
CA GLU B 97 -0.31 -24.39 8.68
C GLU B 97 -1.17 -24.06 7.47
N LYS B 98 -1.60 -22.79 7.39
CA LYS B 98 -2.44 -22.34 6.28
C LYS B 98 -1.60 -21.95 5.07
N ASN B 99 -0.32 -22.37 5.04
CA ASN B 99 0.57 -22.08 3.92
C ASN B 99 0.77 -20.56 3.78
N TRP B 100 0.81 -19.86 4.92
CA TRP B 100 0.98 -18.42 4.92
C TRP B 100 2.46 -18.06 5.06
N PHE B 101 3.02 -17.43 4.03
CA PHE B 101 4.41 -17.03 4.05
C PHE B 101 4.61 -15.57 3.64
N VAL B 102 3.98 -14.68 4.42
CA VAL B 102 4.06 -13.22 4.26
C VAL B 102 4.06 -12.73 2.80
N GLY B 103 2.90 -12.26 2.35
CA GLY B 103 2.77 -11.73 0.99
C GLY B 103 2.30 -10.29 0.99
N LEU B 104 3.00 -9.41 0.26
CA LEU B 104 2.64 -8.00 0.22
C LEU B 104 2.18 -7.57 -1.17
N LYS B 105 1.65 -6.35 -1.26
CA LYS B 105 1.17 -5.80 -2.52
C LYS B 105 1.96 -4.54 -2.86
N LYS B 106 2.85 -4.65 -3.85
CA LYS B 106 3.70 -3.55 -4.29
C LYS B 106 2.96 -2.21 -4.27
N ASN B 107 1.86 -2.11 -5.02
CA ASN B 107 1.09 -0.88 -5.08
C ASN B 107 -0.17 -1.01 -4.20
N GLY B 108 0.04 -1.38 -2.94
CA GLY B 108 -1.07 -1.53 -2.02
C GLY B 108 -0.62 -1.50 -0.57
N SER B 109 0.34 -2.37 -0.24
CA SER B 109 0.91 -2.52 1.11
C SER B 109 1.12 -4.01 1.40
N CYS B 110 1.66 -4.31 2.57
CA CYS B 110 1.91 -5.69 2.95
C CYS B 110 0.72 -6.27 3.72
N LYS B 111 -0.08 -7.09 3.03
CA LYS B 111 -1.25 -7.74 3.64
C LYS B 111 -2.00 -8.57 2.62
N ARG B 112 -1.62 -9.84 2.49
CA ARG B 112 -2.26 -10.74 1.54
C ARG B 112 -2.36 -12.17 2.08
N GLY B 113 -2.35 -12.32 3.41
CA GLY B 113 -2.44 -13.64 4.03
C GLY B 113 -3.36 -14.59 3.29
N PRO B 114 -4.64 -14.20 3.10
CA PRO B 114 -5.62 -15.04 2.39
C PRO B 114 -5.19 -15.45 0.98
N ARG B 115 -4.07 -14.89 0.49
CA ARG B 115 -3.55 -15.22 -0.83
C ARG B 115 -2.03 -15.43 -0.81
N THR B 116 -1.43 -15.53 0.38
CA THR B 116 0.00 -15.73 0.47
C THR B 116 0.38 -17.13 0.01
N HIS B 117 0.45 -17.30 -1.29
CA HIS B 117 0.81 -18.58 -1.90
C HIS B 117 1.29 -18.34 -3.32
N TYR B 118 1.56 -19.43 -4.05
CA TYR B 118 2.03 -19.32 -5.43
C TYR B 118 1.20 -18.29 -6.23
N GLY B 119 -0.07 -18.15 -5.88
CA GLY B 119 -0.94 -17.19 -6.55
C GLY B 119 -0.45 -15.76 -6.42
N GLN B 120 0.41 -15.50 -5.45
CA GLN B 120 0.95 -14.16 -5.24
C GLN B 120 2.48 -14.18 -5.32
N LYS B 121 3.01 -14.09 -6.54
CA LYS B 121 4.46 -14.09 -6.75
C LYS B 121 5.11 -12.95 -5.95
N ALA B 122 4.30 -11.95 -5.59
CA ALA B 122 4.77 -10.80 -4.81
C ALA B 122 5.45 -11.20 -3.50
N ILE B 123 5.31 -12.47 -3.10
CA ILE B 123 5.94 -12.95 -1.87
C ILE B 123 7.45 -13.09 -2.06
N LEU B 124 7.88 -13.26 -3.31
CA LEU B 124 9.30 -13.39 -3.61
C LEU B 124 9.95 -12.01 -3.64
N PHE B 125 10.38 -11.56 -2.47
CA PHE B 125 10.96 -10.22 -2.31
C PHE B 125 12.42 -10.20 -2.76
N LEU B 126 12.83 -9.06 -3.31
CA LEU B 126 14.19 -8.85 -3.74
C LEU B 126 14.90 -7.98 -2.71
N PRO B 127 15.74 -8.58 -1.88
CA PRO B 127 16.46 -7.86 -0.83
C PRO B 127 17.64 -7.05 -1.35
N LEU B 128 17.81 -5.87 -0.76
CA LEU B 128 18.92 -4.98 -1.11
C LEU B 128 19.65 -4.59 0.18
N PRO B 129 20.29 -5.58 0.83
CA PRO B 129 21.02 -5.38 2.07
C PRO B 129 22.51 -5.20 1.88
N VAL B 130 23.14 -4.47 2.78
CA VAL B 130 24.58 -4.25 2.73
C VAL B 130 25.30 -5.42 3.37
N SER B 131 25.56 -6.45 2.56
CA SER B 131 26.24 -7.64 3.03
C SER B 131 27.63 -7.32 3.58
N SER B 132 28.42 -8.36 3.88
CA SER B 132 29.75 -8.15 4.43
C SER B 132 30.79 -8.96 3.66
N ASP B 133 31.13 -8.50 2.48
CA ASP B 133 32.13 -9.17 1.64
C ASP B 133 33.53 -8.86 2.15
N GLU A 1 -5.70 -7.48 -8.99
CA GLU A 1 -7.07 -6.95 -8.85
C GLU A 1 -7.40 -6.02 -10.03
N LYS A 2 -8.64 -5.53 -10.09
CA LYS A 2 -9.06 -4.64 -11.17
C LYS A 2 -10.24 -3.76 -10.75
N LEU A 3 -10.02 -2.45 -10.67
CA LEU A 3 -11.06 -1.52 -10.29
C LEU A 3 -11.39 -0.57 -11.45
N GLY A 4 -10.56 -0.57 -12.50
CA GLY A 4 -10.80 0.29 -13.64
C GLY A 4 -9.74 1.36 -13.78
N LYS A 5 -10.17 2.61 -13.94
CA LYS A 5 -9.24 3.73 -14.07
C LYS A 5 -9.87 5.00 -13.51
N LEU A 6 -9.03 5.85 -12.92
CA LEU A 6 -9.48 7.11 -12.34
C LEU A 6 -8.60 8.25 -12.84
N GLN A 7 -9.01 8.86 -13.94
CA GLN A 7 -8.28 9.99 -14.51
C GLN A 7 -8.43 11.21 -13.61
N TYR A 8 -7.31 11.77 -13.18
CA TYR A 8 -7.34 12.94 -12.30
C TYR A 8 -6.23 13.92 -12.60
N SER A 9 -6.39 15.14 -12.09
CA SER A 9 -5.41 16.19 -12.24
C SER A 9 -5.17 16.83 -10.87
N LEU A 10 -4.07 16.44 -10.25
CA LEU A 10 -3.75 16.93 -8.91
C LEU A 10 -2.70 18.03 -8.96
N ASP A 11 -2.81 19.00 -8.05
CA ASP A 11 -1.85 20.10 -7.98
C ASP A 11 -1.53 20.41 -6.53
N TYR A 12 -0.67 21.39 -6.28
CA TYR A 12 -0.28 21.74 -4.91
C TYR A 12 -0.46 23.23 -4.62
N ASP A 13 -0.53 23.56 -3.34
CA ASP A 13 -0.67 24.94 -2.89
C ASP A 13 0.33 25.21 -1.78
N PHE A 14 1.18 26.22 -1.97
CA PHE A 14 2.19 26.57 -0.97
C PHE A 14 1.73 27.72 -0.07
N GLN A 15 0.58 28.31 -0.38
CA GLN A 15 0.05 29.40 0.43
C GLN A 15 -0.62 28.85 1.68
N ASN A 16 -1.40 27.79 1.48
CA ASN A 16 -2.11 27.12 2.57
C ASN A 16 -1.35 25.85 2.98
N ASN A 17 -0.38 25.43 2.16
CA ASN A 17 0.44 24.25 2.42
C ASN A 17 -0.40 22.99 2.37
N GLN A 18 -0.76 22.57 1.16
CA GLN A 18 -1.55 21.36 0.94
C GLN A 18 -1.64 21.03 -0.54
N LEU A 19 -2.07 19.82 -0.84
CA LEU A 19 -2.22 19.38 -2.23
C LEU A 19 -3.67 19.42 -2.66
N LEU A 20 -3.90 19.74 -3.93
CA LEU A 20 -5.24 19.81 -4.48
C LEU A 20 -5.50 18.60 -5.37
N VAL A 21 -6.20 17.62 -4.81
CA VAL A 21 -6.51 16.41 -5.55
C VAL A 21 -7.83 16.54 -6.31
N GLY A 22 -7.73 16.62 -7.63
CA GLY A 22 -8.93 16.74 -8.46
C GLY A 22 -9.09 15.56 -9.38
N ILE A 23 -9.97 14.62 -9.02
CA ILE A 23 -10.21 13.45 -9.84
C ILE A 23 -11.40 13.65 -10.76
N ILE A 24 -11.20 13.43 -12.05
CA ILE A 24 -12.25 13.62 -13.04
C ILE A 24 -13.39 12.61 -12.85
N GLN A 25 -13.10 11.34 -13.13
CA GLN A 25 -14.11 10.29 -13.01
C GLN A 25 -13.47 8.90 -13.05
N ALA A 26 -14.15 7.94 -12.44
CA ALA A 26 -13.70 6.56 -12.42
C ALA A 26 -14.56 5.73 -13.36
N ALA A 27 -13.95 4.77 -14.05
CA ALA A 27 -14.68 3.94 -15.00
C ALA A 27 -14.37 2.46 -14.83
N GLU A 28 -15.41 1.63 -14.93
CA GLU A 28 -15.31 0.17 -14.82
C GLU A 28 -15.19 -0.28 -13.36
N LEU A 29 -16.04 0.28 -12.50
CA LEU A 29 -16.05 -0.07 -11.09
C LEU A 29 -16.87 -1.34 -10.87
N PRO A 30 -16.39 -2.26 -10.00
CA PRO A 30 -17.09 -3.52 -9.71
C PRO A 30 -18.56 -3.31 -9.33
N ALA A 31 -19.38 -4.33 -9.61
CA ALA A 31 -20.81 -4.28 -9.32
C ALA A 31 -21.10 -4.82 -7.92
N LEU A 32 -21.64 -3.97 -7.08
CA LEU A 32 -22.00 -4.35 -5.72
C LEU A 32 -23.53 -4.41 -5.56
N ASP A 33 -24.22 -3.51 -6.23
CA ASP A 33 -25.68 -3.45 -6.18
C ASP A 33 -26.29 -4.58 -7.01
N MET A 34 -27.52 -4.97 -6.67
CA MET A 34 -28.21 -6.04 -7.39
C MET A 34 -28.72 -5.53 -8.74
N GLY A 35 -27.81 -5.07 -9.58
CA GLY A 35 -28.19 -4.57 -10.89
C GLY A 35 -27.00 -4.23 -11.75
N GLY A 36 -26.02 -5.15 -11.81
CA GLY A 36 -24.82 -4.93 -12.60
C GLY A 36 -24.24 -3.54 -12.41
N THR A 37 -24.42 -2.98 -11.21
CA THR A 37 -23.92 -1.65 -10.89
C THR A 37 -23.72 -1.50 -9.38
N SER A 38 -23.33 -0.31 -8.94
CA SER A 38 -23.11 -0.07 -7.52
C SER A 38 -23.19 1.43 -7.23
N ASP A 39 -22.96 1.79 -5.98
CA ASP A 39 -22.96 3.18 -5.55
C ASP A 39 -21.55 3.53 -5.05
N PRO A 40 -20.53 3.36 -5.91
CA PRO A 40 -19.13 3.59 -5.55
C PRO A 40 -18.75 5.06 -5.48
N TYR A 41 -18.23 5.46 -4.33
CA TYR A 41 -17.76 6.83 -4.11
C TYR A 41 -16.34 6.76 -3.56
N VAL A 42 -15.47 7.65 -4.03
CA VAL A 42 -14.09 7.65 -3.59
C VAL A 42 -13.90 8.41 -2.28
N LYS A 43 -13.19 7.79 -1.36
CA LYS A 43 -12.87 8.38 -0.07
C LYS A 43 -11.36 8.40 0.09
N VAL A 44 -10.82 9.60 0.22
CA VAL A 44 -9.38 9.78 0.34
C VAL A 44 -8.87 9.40 1.72
N PHE A 45 -7.86 8.54 1.75
CA PHE A 45 -7.26 8.10 2.99
C PHE A 45 -5.75 8.34 2.94
N LEU A 46 -5.11 8.39 4.10
CA LEU A 46 -3.68 8.63 4.18
C LEU A 46 -3.01 7.63 5.11
N LEU A 47 -1.70 7.49 4.94
CA LEU A 47 -0.89 6.60 5.78
C LEU A 47 -0.89 7.18 7.22
N PRO A 48 -0.02 6.68 8.14
CA PRO A 48 0.07 7.17 9.51
C PRO A 48 -0.40 8.61 9.67
N ASP A 49 0.03 9.48 8.73
CA ASP A 49 -0.35 10.89 8.73
C ASP A 49 -1.82 11.07 9.13
N LYS A 50 -2.70 10.46 8.34
CA LYS A 50 -4.15 10.51 8.58
C LYS A 50 -4.66 11.94 8.84
N LYS A 51 -3.91 12.94 8.41
CA LYS A 51 -4.32 14.32 8.64
C LYS A 51 -5.10 14.85 7.44
N LYS A 52 -6.21 14.19 7.14
CA LYS A 52 -7.07 14.56 6.01
C LYS A 52 -8.11 13.46 5.76
N LYS A 53 -9.38 13.86 5.78
CA LYS A 53 -10.48 12.91 5.56
C LYS A 53 -11.57 13.57 4.73
N PHE A 54 -11.71 13.12 3.48
CA PHE A 54 -12.72 13.66 2.58
C PHE A 54 -13.53 12.53 1.94
N GLU A 55 -14.85 12.69 1.90
CA GLU A 55 -15.72 11.69 1.32
C GLU A 55 -16.54 12.29 0.18
N THR A 56 -16.41 11.71 -1.00
CA THR A 56 -17.12 12.21 -2.18
C THR A 56 -18.59 11.82 -2.13
N LYS A 57 -19.40 12.56 -2.89
CA LYS A 57 -20.84 12.29 -2.96
C LYS A 57 -21.08 10.91 -3.57
N VAL A 58 -21.99 10.15 -2.96
CA VAL A 58 -22.33 8.82 -3.45
C VAL A 58 -22.84 8.90 -4.89
N HIS A 59 -22.70 7.81 -5.63
CA HIS A 59 -23.14 7.76 -7.01
C HIS A 59 -24.19 6.67 -7.19
N ARG A 60 -25.44 7.08 -7.08
CA ARG A 60 -26.59 6.17 -7.19
C ARG A 60 -26.53 5.29 -8.44
N LYS A 61 -26.25 4.00 -8.22
CA LYS A 61 -26.19 3.00 -9.28
C LYS A 61 -25.38 3.48 -10.50
N THR A 62 -24.07 3.27 -10.45
CA THR A 62 -23.20 3.65 -11.56
C THR A 62 -21.80 3.10 -11.38
N LEU A 63 -21.21 2.64 -12.49
CA LEU A 63 -19.86 2.10 -12.48
C LEU A 63 -18.94 2.96 -13.35
N ASN A 64 -19.40 4.16 -13.70
CA ASN A 64 -18.64 5.08 -14.53
C ASN A 64 -19.17 6.51 -14.33
N PRO A 65 -19.15 7.02 -13.09
CA PRO A 65 -19.64 8.35 -12.78
C PRO A 65 -18.55 9.42 -12.74
N VAL A 66 -18.84 10.56 -13.36
CA VAL A 66 -17.91 11.68 -13.37
C VAL A 66 -18.25 12.63 -12.22
N PHE A 67 -17.25 13.32 -11.68
CA PHE A 67 -17.51 14.23 -10.57
C PHE A 67 -16.56 15.41 -10.53
N ASN A 68 -15.27 15.18 -10.74
CA ASN A 68 -14.28 16.26 -10.69
C ASN A 68 -14.29 16.89 -9.29
N GLU A 69 -14.13 16.04 -8.28
CA GLU A 69 -14.14 16.48 -6.89
C GLU A 69 -12.79 17.08 -6.50
N GLN A 70 -12.83 18.09 -5.62
CA GLN A 70 -11.63 18.76 -5.15
C GLN A 70 -11.29 18.30 -3.74
N PHE A 71 -10.24 17.52 -3.59
CA PHE A 71 -9.82 17.04 -2.28
C PHE A 71 -8.69 17.91 -1.74
N THR A 72 -8.95 18.51 -0.58
CA THR A 72 -7.98 19.37 0.09
C THR A 72 -6.98 18.51 0.87
N PHE A 73 -5.86 18.22 0.23
CA PHE A 73 -4.82 17.39 0.83
C PHE A 73 -4.03 18.20 1.86
N LYS A 74 -4.66 18.45 3.01
CA LYS A 74 -4.06 19.22 4.08
C LYS A 74 -2.73 18.62 4.54
N VAL A 75 -1.63 19.14 3.97
CA VAL A 75 -0.30 18.68 4.32
C VAL A 75 0.76 19.58 3.70
N PRO A 76 1.69 20.10 4.51
CA PRO A 76 2.75 20.97 4.01
C PRO A 76 3.58 20.30 2.92
N TYR A 77 3.91 21.06 1.87
CA TYR A 77 4.69 20.52 0.76
C TYR A 77 5.90 19.74 1.26
N SER A 78 6.51 20.22 2.34
CA SER A 78 7.67 19.57 2.93
C SER A 78 7.25 18.25 3.58
N GLU A 79 6.21 18.30 4.41
CA GLU A 79 5.70 17.12 5.10
C GLU A 79 5.21 16.07 4.09
N LEU A 80 4.61 16.55 3.01
CA LEU A 80 4.08 15.69 1.95
C LEU A 80 5.04 14.55 1.61
N GLY A 81 6.34 14.85 1.60
CA GLY A 81 7.34 13.85 1.26
C GLY A 81 7.06 12.49 1.86
N GLY A 82 6.86 12.45 3.18
CA GLY A 82 6.62 11.18 3.84
C GLY A 82 5.14 10.89 4.05
N LYS A 83 4.28 11.45 3.20
CA LYS A 83 2.84 11.24 3.32
C LYS A 83 2.28 10.47 2.12
N THR A 84 2.12 9.17 2.29
CA THR A 84 1.58 8.31 1.24
C THR A 84 0.05 8.36 1.29
N LEU A 85 -0.56 8.84 0.21
CA LEU A 85 -2.01 8.95 0.13
C LEU A 85 -2.61 7.72 -0.52
N VAL A 86 -3.82 7.37 -0.10
CA VAL A 86 -4.52 6.22 -0.65
C VAL A 86 -5.95 6.58 -1.01
N MET A 87 -6.30 6.41 -2.28
CA MET A 87 -7.63 6.72 -2.76
C MET A 87 -8.46 5.45 -2.81
N ALA A 88 -9.45 5.34 -1.94
CA ALA A 88 -10.31 4.17 -1.89
C ALA A 88 -11.72 4.49 -2.32
N VAL A 89 -12.27 3.68 -3.22
CA VAL A 89 -13.61 3.86 -3.70
C VAL A 89 -14.55 2.91 -2.96
N TYR A 90 -15.42 3.49 -2.13
CA TYR A 90 -16.34 2.70 -1.33
C TYR A 90 -17.73 2.70 -1.95
N ASP A 91 -18.37 1.54 -1.95
CA ASP A 91 -19.71 1.41 -2.51
C ASP A 91 -20.76 1.83 -1.48
N PHE A 92 -21.95 2.13 -1.95
CA PHE A 92 -23.05 2.52 -1.09
C PHE A 92 -24.35 1.93 -1.62
N ASP A 93 -24.32 0.63 -1.92
CA ASP A 93 -25.49 -0.09 -2.44
C ASP A 93 -26.78 0.36 -1.75
N ARG A 94 -26.70 0.55 -0.43
CA ARG A 94 -27.82 1.00 0.39
C ARG A 94 -28.75 -0.18 0.73
N PHE A 95 -28.14 -1.32 1.06
CA PHE A 95 -28.90 -2.52 1.40
C PHE A 95 -28.08 -3.47 2.26
N SER A 96 -26.94 -3.89 1.73
CA SER A 96 -26.05 -4.81 2.43
C SER A 96 -24.83 -4.08 3.00
N LYS A 97 -23.85 -4.85 3.48
CA LYS A 97 -22.63 -4.28 4.02
C LYS A 97 -21.79 -3.74 2.87
N HIS A 98 -21.72 -2.42 2.75
CA HIS A 98 -20.93 -1.79 1.69
C HIS A 98 -19.54 -2.40 1.62
N ASP A 99 -18.92 -2.34 0.44
CA ASP A 99 -17.59 -2.89 0.25
C ASP A 99 -16.68 -1.91 -0.49
N ILE A 100 -15.38 -2.09 -0.35
CA ILE A 100 -14.39 -1.24 -1.01
C ILE A 100 -13.98 -1.89 -2.32
N ILE A 101 -14.74 -1.61 -3.37
CA ILE A 101 -14.48 -2.17 -4.69
C ILE A 101 -13.00 -2.06 -5.09
N GLY A 102 -12.34 -0.99 -4.64
CA GLY A 102 -10.93 -0.80 -4.96
C GLY A 102 -10.34 0.43 -4.30
N GLU A 103 -9.01 0.50 -4.29
CA GLU A 103 -8.31 1.64 -3.69
C GLU A 103 -6.84 1.67 -4.10
N PHE A 104 -6.41 2.76 -4.70
CA PHE A 104 -5.02 2.90 -5.13
C PHE A 104 -4.25 3.80 -4.17
N LYS A 105 -2.97 4.02 -4.44
CA LYS A 105 -2.13 4.86 -3.60
C LYS A 105 -0.79 5.13 -4.28
N VAL A 106 -0.10 6.17 -3.83
CA VAL A 106 1.19 6.52 -4.39
C VAL A 106 1.99 7.40 -3.43
N PRO A 107 3.27 7.05 -3.20
CA PRO A 107 4.15 7.82 -2.32
C PRO A 107 4.38 9.24 -2.84
N MET A 108 3.86 10.22 -2.13
CA MET A 108 3.98 11.63 -2.52
C MET A 108 5.44 12.00 -2.79
N ASN A 109 6.37 11.52 -1.97
CA ASN A 109 7.79 11.83 -2.16
C ASN A 109 8.19 11.62 -3.61
N THR A 110 7.57 10.63 -4.25
CA THR A 110 7.84 10.31 -5.65
C THR A 110 7.05 11.25 -6.57
N VAL A 111 5.80 11.53 -6.20
CA VAL A 111 4.93 12.39 -6.99
C VAL A 111 5.33 13.85 -6.83
N ASP A 112 6.25 14.30 -7.68
CA ASP A 112 6.73 15.67 -7.64
C ASP A 112 5.58 16.65 -7.87
N PHE A 113 5.67 17.81 -7.23
CA PHE A 113 4.67 18.85 -7.36
C PHE A 113 5.25 20.06 -8.08
N GLY A 114 6.10 19.80 -9.07
CA GLY A 114 6.72 20.88 -9.82
C GLY A 114 5.71 21.83 -10.43
N HIS A 115 4.54 21.31 -10.79
CA HIS A 115 3.49 22.12 -11.39
C HIS A 115 2.11 21.50 -11.13
N VAL A 116 1.80 20.43 -11.85
CA VAL A 116 0.51 19.74 -11.70
C VAL A 116 0.63 18.27 -12.09
N THR A 117 0.03 17.40 -11.30
CA THR A 117 0.08 15.98 -11.55
C THR A 117 -1.20 15.50 -12.26
N GLU A 118 -1.15 15.45 -13.58
CA GLU A 118 -2.28 15.03 -14.39
C GLU A 118 -1.96 13.67 -15.02
N GLU A 119 -2.46 12.61 -14.40
CA GLU A 119 -2.19 11.25 -14.89
C GLU A 119 -3.44 10.38 -14.86
N TRP A 120 -3.49 9.42 -15.76
CA TRP A 120 -4.62 8.49 -15.85
C TRP A 120 -4.39 7.32 -14.91
N ARG A 121 -4.59 7.59 -13.62
CA ARG A 121 -4.39 6.59 -12.58
C ARG A 121 -5.29 5.37 -12.78
N ASP A 122 -4.67 4.19 -12.82
CA ASP A 122 -5.42 2.96 -12.97
C ASP A 122 -6.05 2.59 -11.63
N LEU A 123 -7.15 1.85 -11.65
CA LEU A 123 -7.84 1.48 -10.44
C LEU A 123 -7.68 -0.01 -10.13
N GLN A 124 -7.25 -0.30 -8.90
CA GLN A 124 -7.06 -1.67 -8.46
C GLN A 124 -8.01 -2.00 -7.31
N SER A 125 -8.64 -3.18 -7.37
CA SER A 125 -9.57 -3.61 -6.34
C SER A 125 -8.83 -3.87 -5.03
N ALA A 126 -9.60 -3.98 -3.93
CA ALA A 126 -9.02 -4.23 -2.62
C ALA A 126 -10.01 -4.97 -1.72
N GLU A 127 -9.48 -5.76 -0.80
CA GLU A 127 -10.32 -6.51 0.13
C GLU A 127 -10.14 -5.97 1.54
N LYS A 128 -11.13 -5.22 2.01
CA LYS A 128 -11.10 -4.65 3.35
C LYS A 128 -12.35 -5.03 4.13
N TYR B 1 28.71 -6.25 6.35
CA TYR B 1 28.14 -5.04 7.00
C TYR B 1 26.62 -5.21 7.14
N LYS B 2 26.19 -5.96 8.16
CA LYS B 2 24.79 -6.22 8.39
C LYS B 2 24.07 -4.94 8.86
N LYS B 3 23.75 -4.09 7.90
CA LYS B 3 23.06 -2.83 8.17
C LYS B 3 21.76 -2.73 7.39
N PRO B 4 20.98 -1.64 7.58
CA PRO B 4 19.71 -1.40 6.92
C PRO B 4 19.50 -2.24 5.65
N LYS B 5 18.59 -3.20 5.75
CA LYS B 5 18.28 -4.09 4.64
C LYS B 5 17.00 -3.62 3.95
N LEU B 6 17.06 -3.49 2.62
CA LEU B 6 15.90 -3.06 1.84
C LEU B 6 15.30 -4.25 1.09
N LEU B 7 13.98 -4.32 1.05
CA LEU B 7 13.27 -5.41 0.38
C LEU B 7 12.03 -4.91 -0.36
N TYR B 8 11.76 -5.50 -1.52
CA TYR B 8 10.59 -5.15 -2.33
C TYR B 8 10.31 -6.28 -3.32
N CYS B 9 9.19 -6.23 -4.04
CA CYS B 9 8.86 -7.27 -5.00
C CYS B 9 8.10 -6.70 -6.20
N SER B 10 7.99 -7.49 -7.26
CA SER B 10 7.30 -7.08 -8.47
C SER B 10 8.12 -6.03 -9.22
N ASN B 11 7.95 -5.95 -10.53
CA ASN B 11 8.68 -4.99 -11.34
C ASN B 11 8.26 -3.56 -10.96
N GLY B 12 9.13 -2.60 -11.25
CA GLY B 12 8.84 -1.21 -10.92
C GLY B 12 9.33 -0.82 -9.54
N GLY B 13 9.77 0.42 -9.40
CA GLY B 13 10.27 0.89 -8.12
C GLY B 13 9.17 0.98 -7.07
N HIS B 14 9.54 0.72 -5.81
CA HIS B 14 8.60 0.77 -4.68
C HIS B 14 9.17 -0.02 -3.50
N PHE B 15 9.88 0.66 -2.61
CA PHE B 15 10.49 0.01 -1.45
C PHE B 15 9.55 0.08 -0.25
N LEU B 16 9.56 -0.95 0.59
CA LEU B 16 8.71 -1.00 1.77
C LEU B 16 9.13 0.08 2.77
N ARG B 17 8.30 1.12 2.90
CA ARG B 17 8.57 2.22 3.83
C ARG B 17 7.88 1.96 5.16
N ILE B 18 8.66 1.91 6.23
CA ILE B 18 8.12 1.64 7.56
C ILE B 18 8.04 2.89 8.43
N LEU B 19 6.96 2.97 9.21
CA LEU B 19 6.73 4.09 10.11
C LEU B 19 6.10 3.58 11.41
N PRO B 20 6.47 4.16 12.56
CA PRO B 20 5.95 3.76 13.88
C PRO B 20 4.48 3.34 13.85
N ASP B 21 3.66 4.14 13.15
CA ASP B 21 2.23 3.86 13.04
C ASP B 21 1.97 2.40 12.68
N GLY B 22 2.68 1.91 11.67
CA GLY B 22 2.51 0.53 11.26
C GLY B 22 2.16 0.38 9.78
N THR B 23 1.40 1.34 9.24
CA THR B 23 1.02 1.28 7.83
C THR B 23 2.24 1.43 6.92
N VAL B 24 2.83 0.30 6.54
CA VAL B 24 3.99 0.28 5.67
C VAL B 24 3.56 0.24 4.20
N ASP B 25 4.14 1.10 3.38
CA ASP B 25 3.80 1.17 1.96
C ASP B 25 5.03 0.99 1.08
N GLY B 26 4.80 0.96 -0.22
CA GLY B 26 5.88 0.79 -1.17
C GLY B 26 6.29 2.11 -1.81
N THR B 27 7.34 2.71 -1.28
CA THR B 27 7.83 3.99 -1.78
C THR B 27 9.00 3.78 -2.74
N ARG B 28 8.88 4.24 -3.98
CA ARG B 28 9.95 4.08 -4.96
C ARG B 28 10.99 5.18 -4.80
N ASP B 29 11.46 5.37 -3.58
CA ASP B 29 12.44 6.38 -3.25
C ASP B 29 13.07 6.06 -1.91
N ARG B 30 14.34 6.41 -1.74
CA ARG B 30 15.04 6.14 -0.49
C ARG B 30 15.70 7.42 0.04
N SER B 31 15.11 8.57 -0.29
CA SER B 31 15.64 9.84 0.18
C SER B 31 15.62 9.87 1.70
N ASP B 32 14.56 9.33 2.27
CA ASP B 32 14.42 9.24 3.72
C ASP B 32 14.64 7.81 4.16
N GLN B 33 15.57 7.60 5.08
CA GLN B 33 15.89 6.26 5.56
C GLN B 33 14.74 5.66 6.37
N HIS B 34 13.65 5.35 5.68
CA HIS B 34 12.49 4.74 6.31
C HIS B 34 12.02 3.50 5.55
N ILE B 35 12.89 2.97 4.69
CA ILE B 35 12.58 1.79 3.90
C ILE B 35 13.66 0.72 4.13
N GLN B 36 14.19 0.67 5.34
CA GLN B 36 15.22 -0.27 5.71
C GLN B 36 14.83 -1.05 6.96
N LEU B 37 15.04 -2.36 6.90
CA LEU B 37 14.73 -3.23 8.02
C LEU B 37 15.93 -4.13 8.32
N GLN B 38 15.96 -4.72 9.50
CA GLN B 38 17.08 -5.58 9.87
C GLN B 38 16.80 -7.02 9.47
N LEU B 39 16.84 -7.27 8.17
CA LEU B 39 16.62 -8.61 7.64
C LEU B 39 17.78 -9.53 7.97
N SER B 40 17.51 -10.56 8.76
CA SER B 40 18.52 -11.53 9.16
C SER B 40 17.86 -12.80 9.68
N ALA B 41 18.59 -13.91 9.63
CA ALA B 41 18.08 -15.18 10.11
C ALA B 41 18.33 -15.31 11.61
N GLU B 42 17.27 -15.58 12.36
CA GLU B 42 17.38 -15.72 13.81
C GLU B 42 17.40 -17.19 14.20
N SER B 43 16.44 -17.95 13.68
CA SER B 43 16.36 -19.39 13.96
C SER B 43 16.77 -20.19 12.73
N VAL B 44 16.82 -21.52 12.87
CA VAL B 44 17.20 -22.39 11.76
C VAL B 44 16.34 -22.12 10.53
N GLY B 45 16.92 -21.41 9.56
CA GLY B 45 16.20 -21.08 8.34
C GLY B 45 15.04 -20.14 8.58
N GLU B 46 15.04 -19.45 9.73
CA GLU B 46 13.97 -18.53 10.07
C GLU B 46 14.48 -17.10 10.14
N VAL B 47 13.82 -16.21 9.40
CA VAL B 47 14.19 -14.81 9.38
C VAL B 47 13.10 -13.97 10.02
N TYR B 48 13.52 -12.93 10.73
CA TYR B 48 12.58 -12.05 11.41
C TYR B 48 12.63 -10.66 10.76
N ILE B 49 11.49 -10.21 10.25
CA ILE B 49 11.41 -8.92 9.61
C ILE B 49 11.11 -7.84 10.65
N LYS B 50 12.04 -6.90 10.81
CA LYS B 50 11.89 -5.83 11.78
C LYS B 50 12.70 -4.60 11.38
N SER B 51 12.12 -3.42 11.56
CA SER B 51 12.80 -2.17 11.22
C SER B 51 13.32 -1.51 12.52
N THR B 52 14.17 -2.24 13.21
CA THR B 52 14.74 -1.82 14.49
C THR B 52 15.07 -0.31 14.55
N GLU B 53 16.15 0.09 13.91
CA GLU B 53 16.59 1.48 13.92
C GLU B 53 16.05 2.24 12.72
N THR B 54 14.74 2.18 12.50
CA THR B 54 14.14 2.87 11.36
C THR B 54 12.61 2.87 11.42
N GLY B 55 12.02 1.76 11.85
CA GLY B 55 10.58 1.67 11.91
C GLY B 55 10.07 1.06 13.20
N GLN B 56 9.72 -0.22 13.15
CA GLN B 56 9.17 -0.92 14.31
C GLN B 56 9.25 -2.44 14.13
N TYR B 57 8.65 -3.16 15.08
CA TYR B 57 8.62 -4.62 15.02
C TYR B 57 7.33 -5.07 14.33
N LEU B 58 7.44 -6.05 13.47
CA LEU B 58 6.29 -6.55 12.72
C LEU B 58 5.43 -7.49 13.55
N ALA B 59 4.13 -7.46 13.29
CA ALA B 59 3.16 -8.29 13.98
C ALA B 59 2.04 -8.64 13.00
N MET B 60 2.37 -9.48 12.04
CA MET B 60 1.43 -9.91 11.01
C MET B 60 0.12 -10.42 11.63
N ASP B 61 -0.98 -9.91 11.13
CA ASP B 61 -2.29 -10.35 11.59
C ASP B 61 -2.68 -11.60 10.83
N THR B 62 -2.17 -12.73 11.29
CA THR B 62 -2.42 -14.02 10.66
C THR B 62 -2.09 -13.95 9.17
N ASP B 63 -0.94 -13.35 8.86
CA ASP B 63 -0.47 -13.17 7.49
C ASP B 63 -1.37 -12.20 6.72
N GLY B 64 -2.68 -12.43 6.77
CA GLY B 64 -3.65 -11.57 6.10
C GLY B 64 -3.27 -10.10 6.18
N LEU B 65 -3.21 -9.56 7.39
CA LEU B 65 -2.85 -8.17 7.58
C LEU B 65 -1.40 -8.04 8.04
N LEU B 66 -0.51 -7.83 7.09
CA LEU B 66 0.92 -7.71 7.37
C LEU B 66 1.24 -6.28 7.83
N TYR B 67 1.61 -6.13 9.09
CA TYR B 67 1.96 -4.83 9.63
C TYR B 67 2.87 -4.97 10.86
N GLY B 68 3.40 -3.85 11.33
CA GLY B 68 4.28 -3.86 12.48
C GLY B 68 4.19 -2.56 13.26
N SER B 69 4.64 -2.58 14.51
CA SER B 69 4.61 -1.40 15.36
C SER B 69 4.93 -1.80 16.80
N GLN B 70 4.09 -2.66 17.36
CA GLN B 70 4.25 -3.12 18.73
C GLN B 70 5.21 -4.31 18.82
N THR B 71 5.17 -5.01 19.96
CA THR B 71 6.03 -6.16 20.19
C THR B 71 5.94 -7.18 19.06
N PRO B 72 7.08 -7.77 18.66
CA PRO B 72 7.12 -8.76 17.59
C PRO B 72 6.65 -10.13 18.06
N ASN B 73 5.49 -10.55 17.55
CA ASN B 73 4.92 -11.84 17.91
C ASN B 73 5.42 -12.92 16.95
N GLU B 74 5.10 -14.19 17.22
CA GLU B 74 5.54 -15.30 16.35
C GLU B 74 5.30 -14.95 14.89
N GLU B 75 4.19 -14.26 14.62
CA GLU B 75 3.82 -13.85 13.26
C GLU B 75 4.97 -13.10 12.56
N CYS B 76 5.92 -12.59 13.34
CA CYS B 76 7.05 -11.83 12.79
C CYS B 76 8.19 -12.74 12.29
N LEU B 77 8.10 -14.06 12.55
CA LEU B 77 9.15 -14.98 12.12
C LEU B 77 8.72 -15.77 10.88
N PHE B 78 9.58 -15.76 9.86
CA PHE B 78 9.30 -16.47 8.61
C PHE B 78 10.48 -17.36 8.21
N LEU B 79 10.18 -18.44 7.48
CA LEU B 79 11.22 -19.37 7.04
C LEU B 79 11.82 -18.91 5.71
N GLU B 80 13.14 -18.81 5.67
CA GLU B 80 13.85 -18.35 4.47
C GLU B 80 13.74 -19.34 3.31
N ARG B 81 13.36 -18.83 2.15
CA ARG B 81 13.23 -19.64 0.94
C ARG B 81 13.56 -18.81 -0.30
N LEU B 82 14.62 -19.19 -1.02
CA LEU B 82 15.03 -18.45 -2.21
C LEU B 82 14.45 -19.09 -3.48
N GLU B 83 14.10 -18.25 -4.46
CA GLU B 83 13.55 -18.74 -5.72
C GLU B 83 14.57 -18.58 -6.85
N GLU B 84 14.63 -19.56 -7.74
CA GLU B 84 15.56 -19.53 -8.87
C GLU B 84 15.39 -18.26 -9.68
N ASN B 85 14.18 -17.71 -9.66
CA ASN B 85 13.85 -16.48 -10.38
C ASN B 85 14.69 -15.29 -9.86
N HIS B 86 15.42 -15.51 -8.76
CA HIS B 86 16.28 -14.49 -8.16
C HIS B 86 15.45 -13.60 -7.23
N TYR B 87 14.72 -14.24 -6.33
CA TYR B 87 13.89 -13.53 -5.37
C TYR B 87 13.85 -14.28 -4.04
N ASN B 88 13.59 -13.53 -2.97
CA ASN B 88 13.54 -14.09 -1.63
C ASN B 88 12.10 -14.33 -1.19
N THR B 89 11.86 -15.51 -0.63
CA THR B 89 10.55 -15.89 -0.14
C THR B 89 10.68 -16.27 1.33
N TYR B 90 9.68 -15.96 2.14
CA TYR B 90 9.73 -16.28 3.55
C TYR B 90 8.43 -16.94 4.01
N ILE B 91 8.52 -18.24 4.30
CA ILE B 91 7.35 -19.02 4.71
C ILE B 91 6.84 -18.54 6.07
N SER B 92 5.53 -18.34 6.16
CA SER B 92 4.90 -17.89 7.38
C SER B 92 4.85 -19.04 8.38
N LYS B 93 5.98 -19.36 8.98
CA LYS B 93 6.05 -20.46 9.94
C LYS B 93 4.87 -20.42 10.91
N LYS B 94 4.50 -19.23 11.34
CA LYS B 94 3.39 -19.06 12.26
C LYS B 94 2.07 -19.55 11.66
N HIS B 95 1.96 -19.58 10.33
CA HIS B 95 0.73 -20.01 9.69
C HIS B 95 0.97 -20.92 8.49
N ALA B 96 2.10 -21.65 8.48
CA ALA B 96 2.39 -22.57 7.39
C ALA B 96 1.17 -23.46 7.17
N GLU B 97 0.48 -23.75 8.26
CA GLU B 97 -0.76 -24.52 8.27
C GLU B 97 -1.63 -24.20 7.05
N LYS B 98 -1.83 -22.90 6.81
CA LYS B 98 -2.67 -22.46 5.71
C LYS B 98 -1.84 -22.11 4.47
N ASN B 99 -0.61 -22.60 4.41
CA ASN B 99 0.28 -22.37 3.28
C ASN B 99 0.61 -20.88 3.09
N TRP B 100 0.49 -20.10 4.16
CA TRP B 100 0.76 -18.67 4.10
C TRP B 100 2.26 -18.38 4.22
N PHE B 101 2.68 -17.23 3.68
CA PHE B 101 4.08 -16.81 3.72
C PHE B 101 4.24 -15.35 3.29
N VAL B 102 3.72 -14.46 4.14
CA VAL B 102 3.80 -13.01 3.95
C VAL B 102 3.45 -12.56 2.52
N GLY B 103 2.16 -12.42 2.25
CA GLY B 103 1.70 -11.97 0.95
C GLY B 103 1.46 -10.47 0.93
N LEU B 104 2.35 -9.72 0.27
CA LEU B 104 2.23 -8.27 0.22
C LEU B 104 1.94 -7.78 -1.20
N LYS B 105 1.56 -6.50 -1.29
CA LYS B 105 1.27 -5.86 -2.58
C LYS B 105 2.03 -4.55 -2.67
N LYS B 106 3.20 -4.60 -3.31
CA LYS B 106 4.04 -3.42 -3.46
C LYS B 106 3.29 -2.22 -4.06
N ASN B 107 2.17 -2.49 -4.74
CA ASN B 107 1.38 -1.41 -5.34
C ASN B 107 0.50 -0.71 -4.28
N GLY B 108 0.61 -1.14 -3.02
CA GLY B 108 -0.16 -0.52 -1.96
C GLY B 108 0.42 -0.78 -0.59
N SER B 109 0.52 -2.04 -0.21
CA SER B 109 1.06 -2.42 1.09
C SER B 109 1.07 -3.95 1.25
N CYS B 110 1.55 -4.40 2.40
CA CYS B 110 1.61 -5.83 2.68
C CYS B 110 0.36 -6.30 3.43
N LYS B 111 -0.48 -7.06 2.74
CA LYS B 111 -1.72 -7.58 3.35
C LYS B 111 -2.52 -8.41 2.34
N ARG B 112 -2.08 -9.63 2.11
CA ARG B 112 -2.76 -10.53 1.18
C ARG B 112 -2.77 -11.97 1.69
N GLY B 113 -2.65 -12.13 3.01
CA GLY B 113 -2.63 -13.46 3.64
C GLY B 113 -3.47 -14.50 2.92
N PRO B 114 -4.80 -14.35 2.92
CA PRO B 114 -5.70 -15.30 2.26
C PRO B 114 -5.32 -15.60 0.80
N ARG B 115 -4.47 -14.76 0.21
CA ARG B 115 -4.02 -14.95 -1.15
C ARG B 115 -2.51 -15.18 -1.22
N THR B 116 -1.84 -15.30 -0.06
CA THR B 116 -0.40 -15.52 -0.03
C THR B 116 -0.07 -16.92 -0.53
N HIS B 117 -0.09 -17.07 -1.84
CA HIS B 117 0.23 -18.35 -2.47
C HIS B 117 0.96 -18.11 -3.79
N TYR B 118 1.32 -19.17 -4.50
CA TYR B 118 2.04 -19.03 -5.76
C TYR B 118 1.36 -17.99 -6.66
N GLY B 119 0.03 -17.92 -6.59
CA GLY B 119 -0.70 -16.95 -7.38
C GLY B 119 -0.22 -15.52 -7.10
N GLN B 120 0.30 -15.30 -5.89
CA GLN B 120 0.79 -14.00 -5.48
C GLN B 120 2.32 -13.95 -5.65
N LYS B 121 2.76 -13.88 -6.91
CA LYS B 121 4.19 -13.81 -7.22
C LYS B 121 4.86 -12.66 -6.47
N ALA B 122 4.06 -11.67 -6.04
CA ALA B 122 4.58 -10.52 -5.30
C ALA B 122 5.23 -10.93 -3.98
N ILE B 123 5.08 -12.20 -3.59
CA ILE B 123 5.70 -12.69 -2.37
C ILE B 123 7.20 -12.91 -2.56
N LEU B 124 7.62 -13.10 -3.82
CA LEU B 124 9.03 -13.30 -4.13
C LEU B 124 9.73 -11.95 -4.10
N PHE B 125 10.19 -11.58 -2.91
CA PHE B 125 10.83 -10.28 -2.71
C PHE B 125 12.25 -10.22 -3.24
N LEU B 126 12.65 -9.03 -3.66
CA LEU B 126 13.98 -8.76 -4.17
C LEU B 126 14.71 -7.89 -3.15
N PRO B 127 15.61 -8.49 -2.35
CA PRO B 127 16.34 -7.77 -1.32
C PRO B 127 17.51 -6.95 -1.87
N LEU B 128 17.65 -5.72 -1.37
CA LEU B 128 18.72 -4.83 -1.77
C LEU B 128 19.44 -4.31 -0.50
N PRO B 129 19.89 -5.22 0.36
CA PRO B 129 20.56 -4.87 1.61
C PRO B 129 22.08 -4.96 1.55
N VAL B 130 22.74 -4.31 2.49
CA VAL B 130 24.19 -4.34 2.57
C VAL B 130 24.63 -5.62 3.26
N SER B 131 25.36 -6.46 2.54
CA SER B 131 25.83 -7.73 3.08
C SER B 131 27.25 -7.60 3.64
N SER B 132 27.89 -8.73 3.90
CA SER B 132 29.24 -8.74 4.42
C SER B 132 30.16 -9.55 3.50
N ASP B 133 30.85 -8.85 2.60
CA ASP B 133 31.75 -9.50 1.65
C ASP B 133 33.20 -9.27 2.06
N GLU A 1 -6.67 -8.22 -9.05
CA GLU A 1 -7.31 -6.93 -8.70
C GLU A 1 -7.59 -6.14 -9.97
N LYS A 2 -8.78 -5.57 -10.07
CA LYS A 2 -9.17 -4.80 -11.23
C LYS A 2 -10.38 -3.91 -10.94
N LEU A 3 -10.11 -2.69 -10.48
CA LEU A 3 -11.19 -1.75 -10.18
C LEU A 3 -11.54 -0.93 -11.41
N GLY A 4 -10.59 -0.82 -12.34
CA GLY A 4 -10.81 -0.06 -13.55
C GLY A 4 -9.75 0.97 -13.78
N LYS A 5 -10.16 2.14 -14.27
CA LYS A 5 -9.22 3.22 -14.53
C LYS A 5 -9.81 4.54 -14.05
N LEU A 6 -8.97 5.40 -13.49
CA LEU A 6 -9.41 6.69 -12.99
C LEU A 6 -8.52 7.81 -13.52
N GLN A 7 -9.15 8.86 -14.04
CA GLN A 7 -8.40 10.01 -14.57
C GLN A 7 -8.32 11.07 -13.48
N TYR A 8 -7.15 11.68 -13.30
CA TYR A 8 -7.00 12.68 -12.25
C TYR A 8 -5.91 13.72 -12.55
N SER A 9 -6.15 14.93 -12.07
CA SER A 9 -5.23 16.05 -12.21
C SER A 9 -4.86 16.54 -10.81
N LEU A 10 -3.61 16.33 -10.42
CA LEU A 10 -3.18 16.72 -9.08
C LEU A 10 -2.25 17.94 -9.12
N ASP A 11 -2.61 18.96 -8.34
CA ASP A 11 -1.81 20.17 -8.24
C ASP A 11 -1.58 20.48 -6.76
N TYR A 12 -1.06 21.67 -6.44
CA TYR A 12 -0.79 22.00 -5.04
C TYR A 12 -0.74 23.49 -4.82
N ASP A 13 -0.80 23.87 -3.55
CA ASP A 13 -0.73 25.27 -3.16
C ASP A 13 0.33 25.43 -2.07
N PHE A 14 1.26 26.35 -2.30
CA PHE A 14 2.35 26.59 -1.36
C PHE A 14 2.04 27.75 -0.41
N GLN A 15 0.92 28.43 -0.60
CA GLN A 15 0.55 29.55 0.25
C GLN A 15 -0.07 29.03 1.55
N ASN A 16 -0.97 28.06 1.42
CA ASN A 16 -1.62 27.46 2.59
C ASN A 16 -1.00 26.10 2.91
N ASN A 17 -0.06 25.66 2.07
CA ASN A 17 0.63 24.38 2.27
C ASN A 17 -0.32 23.20 2.22
N GLN A 18 -0.69 22.82 1.00
CA GLN A 18 -1.59 21.69 0.78
C GLN A 18 -1.63 21.32 -0.70
N LEU A 19 -1.96 20.06 -0.98
CA LEU A 19 -2.04 19.58 -2.36
C LEU A 19 -3.49 19.54 -2.82
N LEU A 20 -3.69 19.69 -4.12
CA LEU A 20 -5.03 19.69 -4.70
C LEU A 20 -5.20 18.47 -5.61
N VAL A 21 -6.07 17.56 -5.20
CA VAL A 21 -6.34 16.36 -5.96
C VAL A 21 -7.65 16.49 -6.74
N GLY A 22 -7.54 16.68 -8.05
CA GLY A 22 -8.72 16.81 -8.88
C GLY A 22 -8.93 15.61 -9.77
N ILE A 23 -9.63 14.60 -9.25
CA ILE A 23 -9.90 13.39 -10.02
C ILE A 23 -11.09 13.61 -10.95
N ILE A 24 -10.94 13.22 -12.21
CA ILE A 24 -11.99 13.40 -13.20
C ILE A 24 -13.11 12.38 -13.03
N GLN A 25 -12.77 11.10 -13.23
CA GLN A 25 -13.75 10.03 -13.12
C GLN A 25 -13.08 8.66 -13.12
N ALA A 26 -13.87 7.65 -12.75
CA ALA A 26 -13.39 6.27 -12.71
C ALA A 26 -14.23 5.44 -13.69
N ALA A 27 -13.57 4.53 -14.41
CA ALA A 27 -14.27 3.70 -15.38
C ALA A 27 -14.07 2.22 -15.13
N GLU A 28 -15.14 1.44 -15.36
CA GLU A 28 -15.14 -0.01 -15.20
C GLU A 28 -15.13 -0.43 -13.73
N LEU A 29 -15.96 0.22 -12.91
CA LEU A 29 -16.04 -0.09 -11.50
C LEU A 29 -16.86 -1.37 -11.29
N PRO A 30 -16.43 -2.26 -10.38
CA PRO A 30 -17.13 -3.53 -10.08
C PRO A 30 -18.59 -3.33 -9.68
N ALA A 31 -19.40 -4.37 -9.91
CA ALA A 31 -20.82 -4.32 -9.59
C ALA A 31 -21.11 -4.90 -8.20
N LEU A 32 -21.66 -4.06 -7.32
CA LEU A 32 -22.02 -4.46 -5.97
C LEU A 32 -23.54 -4.39 -5.76
N ASP A 33 -24.18 -3.43 -6.41
CA ASP A 33 -25.64 -3.25 -6.31
C ASP A 33 -26.38 -4.35 -7.05
N MET A 34 -27.59 -4.65 -6.60
CA MET A 34 -28.42 -5.68 -7.21
C MET A 34 -28.92 -5.23 -8.57
N GLY A 35 -28.00 -5.14 -9.53
CA GLY A 35 -28.35 -4.74 -10.88
C GLY A 35 -27.14 -4.43 -11.73
N GLY A 36 -26.16 -5.34 -11.73
CA GLY A 36 -24.95 -5.16 -12.50
C GLY A 36 -24.39 -3.74 -12.41
N THR A 37 -24.50 -3.14 -11.24
CA THR A 37 -24.02 -1.78 -11.01
C THR A 37 -23.69 -1.58 -9.54
N SER A 38 -23.31 -0.36 -9.15
CA SER A 38 -22.97 -0.07 -7.76
C SER A 38 -23.08 1.42 -7.48
N ASP A 39 -22.88 1.80 -6.22
CA ASP A 39 -22.90 3.20 -5.80
C ASP A 39 -21.49 3.56 -5.34
N PRO A 40 -20.50 3.47 -6.24
CA PRO A 40 -19.10 3.74 -5.90
C PRO A 40 -18.76 5.21 -5.74
N TYR A 41 -18.22 5.56 -4.58
CA TYR A 41 -17.78 6.90 -4.29
C TYR A 41 -16.35 6.82 -3.76
N VAL A 42 -15.49 7.71 -4.24
CA VAL A 42 -14.09 7.69 -3.82
C VAL A 42 -13.88 8.44 -2.51
N LYS A 43 -13.15 7.81 -1.60
CA LYS A 43 -12.82 8.41 -0.31
C LYS A 43 -11.31 8.45 -0.17
N VAL A 44 -10.78 9.63 0.07
CA VAL A 44 -9.35 9.83 0.19
C VAL A 44 -8.83 9.43 1.57
N PHE A 45 -7.73 8.69 1.57
CA PHE A 45 -7.10 8.24 2.80
C PHE A 45 -5.59 8.49 2.74
N LEU A 46 -4.97 8.59 3.90
CA LEU A 46 -3.54 8.84 3.99
C LEU A 46 -2.85 7.86 4.92
N LEU A 47 -1.54 7.76 4.80
CA LEU A 47 -0.74 6.89 5.66
C LEU A 47 -0.88 7.37 7.12
N PRO A 48 -0.12 6.80 8.09
CA PRO A 48 -0.15 7.18 9.50
C PRO A 48 -0.61 8.63 9.73
N ASP A 49 -0.12 9.54 8.88
CA ASP A 49 -0.49 10.96 8.95
C ASP A 49 -1.98 11.14 9.23
N LYS A 50 -2.81 10.52 8.38
CA LYS A 50 -4.26 10.57 8.49
C LYS A 50 -4.82 11.99 8.69
N LYS A 51 -4.13 13.00 8.16
CA LYS A 51 -4.61 14.39 8.30
C LYS A 51 -5.46 14.81 7.10
N LYS A 52 -6.53 14.07 6.86
CA LYS A 52 -7.44 14.36 5.74
C LYS A 52 -8.41 13.20 5.50
N LYS A 53 -9.70 13.49 5.57
CA LYS A 53 -10.74 12.49 5.34
C LYS A 53 -11.89 13.11 4.56
N PHE A 54 -11.79 13.05 3.24
CA PHE A 54 -12.82 13.61 2.37
C PHE A 54 -13.57 12.51 1.65
N GLU A 55 -14.90 12.59 1.68
CA GLU A 55 -15.75 11.61 1.03
C GLU A 55 -16.48 12.25 -0.16
N THR A 56 -16.22 11.76 -1.35
CA THR A 56 -16.86 12.31 -2.54
C THR A 56 -18.34 11.95 -2.58
N LYS A 57 -19.12 12.75 -3.31
CA LYS A 57 -20.56 12.51 -3.41
C LYS A 57 -20.84 11.12 -4.01
N VAL A 58 -21.71 10.37 -3.36
CA VAL A 58 -22.07 9.02 -3.83
C VAL A 58 -22.66 9.09 -5.24
N HIS A 59 -22.58 7.99 -5.97
CA HIS A 59 -23.09 7.93 -7.33
C HIS A 59 -24.09 6.79 -7.45
N ARG A 60 -25.36 7.15 -7.50
CA ARG A 60 -26.45 6.17 -7.58
C ARG A 60 -26.35 5.29 -8.82
N LYS A 61 -26.07 4.01 -8.60
CA LYS A 61 -25.98 3.01 -9.67
C LYS A 61 -25.15 3.51 -10.86
N THR A 62 -23.84 3.32 -10.77
CA THR A 62 -22.95 3.72 -11.85
C THR A 62 -21.56 3.13 -11.68
N LEU A 63 -20.98 2.67 -12.79
CA LEU A 63 -19.64 2.11 -12.80
C LEU A 63 -18.68 2.96 -13.64
N ASN A 64 -19.17 4.14 -14.06
CA ASN A 64 -18.39 5.07 -14.87
C ASN A 64 -18.91 6.50 -14.64
N PRO A 65 -18.94 6.94 -13.37
CA PRO A 65 -19.42 8.27 -13.02
C PRO A 65 -18.36 9.36 -13.08
N VAL A 66 -18.71 10.49 -13.67
CA VAL A 66 -17.80 11.63 -13.77
C VAL A 66 -18.16 12.63 -12.68
N PHE A 67 -17.17 13.36 -12.17
CA PHE A 67 -17.43 14.33 -11.11
C PHE A 67 -16.41 15.46 -11.08
N ASN A 68 -15.13 15.15 -11.23
CA ASN A 68 -14.08 16.17 -11.19
C ASN A 68 -14.02 16.77 -9.78
N GLU A 69 -14.28 15.92 -8.77
CA GLU A 69 -14.28 16.33 -7.37
C GLU A 69 -12.90 16.87 -6.98
N GLN A 70 -12.89 17.81 -6.06
CA GLN A 70 -11.65 18.44 -5.61
C GLN A 70 -11.28 17.97 -4.21
N PHE A 71 -10.19 17.19 -4.11
CA PHE A 71 -9.73 16.69 -2.81
C PHE A 71 -8.61 17.60 -2.29
N THR A 72 -8.83 18.16 -1.11
CA THR A 72 -7.86 19.04 -0.48
C THR A 72 -6.87 18.23 0.38
N PHE A 73 -5.64 18.13 -0.11
CA PHE A 73 -4.61 17.39 0.61
C PHE A 73 -3.95 18.28 1.65
N LYS A 74 -4.57 18.34 2.83
CA LYS A 74 -4.05 19.15 3.92
C LYS A 74 -2.74 18.58 4.47
N VAL A 75 -1.63 19.21 4.08
CA VAL A 75 -0.30 18.81 4.52
C VAL A 75 0.75 19.63 3.77
N PRO A 76 1.72 20.19 4.51
CA PRO A 76 2.78 21.01 3.91
C PRO A 76 3.54 20.25 2.82
N TYR A 77 3.87 20.94 1.73
CA TYR A 77 4.60 20.33 0.62
C TYR A 77 5.83 19.60 1.14
N SER A 78 6.51 20.20 2.11
CA SER A 78 7.69 19.60 2.70
C SER A 78 7.34 18.23 3.30
N GLU A 79 6.23 18.18 4.04
CA GLU A 79 5.77 16.96 4.68
C GLU A 79 5.36 15.92 3.63
N LEU A 80 4.85 16.38 2.49
CA LEU A 80 4.43 15.48 1.42
C LEU A 80 5.46 14.39 1.17
N GLY A 81 6.75 14.71 1.35
CA GLY A 81 7.81 13.74 1.15
C GLY A 81 7.47 12.39 1.76
N GLY A 82 7.21 12.38 3.06
CA GLY A 82 6.85 11.15 3.72
C GLY A 82 5.36 11.02 3.92
N LYS A 83 4.58 11.53 2.97
CA LYS A 83 3.13 11.49 3.06
C LYS A 83 2.53 10.61 1.96
N THR A 84 2.35 9.33 2.26
CA THR A 84 1.76 8.39 1.32
C THR A 84 0.24 8.55 1.30
N LEU A 85 -0.30 8.95 0.14
CA LEU A 85 -1.74 9.15 -0.01
C LEU A 85 -2.38 7.96 -0.72
N VAL A 86 -3.64 7.70 -0.38
CA VAL A 86 -4.38 6.59 -0.98
C VAL A 86 -5.83 6.99 -1.25
N MET A 87 -6.34 6.60 -2.40
CA MET A 87 -7.72 6.89 -2.77
C MET A 87 -8.47 5.60 -2.97
N ALA A 88 -9.50 5.39 -2.15
CA ALA A 88 -10.31 4.18 -2.22
C ALA A 88 -11.74 4.50 -2.62
N VAL A 89 -12.28 3.76 -3.57
CA VAL A 89 -13.64 3.97 -4.02
C VAL A 89 -14.55 2.98 -3.30
N TYR A 90 -15.42 3.52 -2.45
CA TYR A 90 -16.33 2.70 -1.67
C TYR A 90 -17.72 2.70 -2.29
N ASP A 91 -18.35 1.52 -2.31
CA ASP A 91 -19.70 1.39 -2.85
C ASP A 91 -20.72 1.74 -1.79
N PHE A 92 -21.93 2.04 -2.23
CA PHE A 92 -23.02 2.38 -1.34
C PHE A 92 -24.33 1.73 -1.82
N ASP A 93 -24.30 0.41 -2.02
CA ASP A 93 -25.49 -0.33 -2.47
C ASP A 93 -26.72 0.03 -1.62
N ARG A 94 -26.48 0.44 -0.37
CA ARG A 94 -27.55 0.84 0.55
C ARG A 94 -28.40 -0.34 1.00
N PHE A 95 -27.80 -1.53 1.07
CA PHE A 95 -28.51 -2.72 1.50
C PHE A 95 -27.59 -3.68 2.24
N SER A 96 -26.61 -4.21 1.53
CA SER A 96 -25.66 -5.15 2.11
C SER A 96 -24.43 -4.42 2.65
N LYS A 97 -23.43 -5.20 3.06
CA LYS A 97 -22.19 -4.63 3.56
C LYS A 97 -21.39 -4.05 2.41
N HIS A 98 -21.70 -2.81 2.05
CA HIS A 98 -20.99 -2.13 0.95
C HIS A 98 -19.50 -2.38 1.08
N ASP A 99 -18.83 -2.65 -0.03
CA ASP A 99 -17.41 -2.94 -0.01
C ASP A 99 -16.60 -1.93 -0.82
N ILE A 100 -15.29 -1.91 -0.58
CA ILE A 100 -14.40 -1.01 -1.30
C ILE A 100 -13.92 -1.70 -2.57
N ILE A 101 -14.77 -1.68 -3.57
CA ILE A 101 -14.50 -2.30 -4.87
C ILE A 101 -13.04 -2.13 -5.32
N GLY A 102 -12.42 -1.01 -4.97
CA GLY A 102 -11.02 -0.80 -5.35
C GLY A 102 -10.44 0.50 -4.84
N GLU A 103 -9.17 0.71 -5.12
CA GLU A 103 -8.47 1.92 -4.68
C GLU A 103 -7.19 2.12 -5.47
N PHE A 104 -6.50 3.22 -5.18
CA PHE A 104 -5.22 3.54 -5.79
C PHE A 104 -4.43 4.43 -4.84
N LYS A 105 -3.12 4.21 -4.75
CA LYS A 105 -2.29 5.00 -3.85
C LYS A 105 -0.90 5.23 -4.44
N VAL A 106 -0.26 6.29 -3.98
CA VAL A 106 1.07 6.64 -4.44
C VAL A 106 1.80 7.47 -3.39
N PRO A 107 3.06 7.11 -3.07
CA PRO A 107 3.86 7.85 -2.09
C PRO A 107 4.25 9.22 -2.63
N MET A 108 3.66 10.27 -2.06
CA MET A 108 3.94 11.64 -2.50
C MET A 108 5.45 11.88 -2.63
N ASN A 109 6.24 11.17 -1.82
CA ASN A 109 7.70 11.30 -1.88
C ASN A 109 8.18 11.31 -3.32
N THR A 110 7.75 10.30 -4.08
CA THR A 110 8.11 10.17 -5.49
C THR A 110 7.26 11.08 -6.38
N VAL A 111 6.11 11.50 -5.86
CA VAL A 111 5.21 12.37 -6.61
C VAL A 111 5.70 13.82 -6.54
N ASP A 112 6.42 14.24 -7.56
CA ASP A 112 6.93 15.61 -7.60
C ASP A 112 5.78 16.61 -7.67
N PHE A 113 6.07 17.84 -7.26
CA PHE A 113 5.08 18.90 -7.29
C PHE A 113 5.66 20.17 -7.90
N GLY A 114 6.39 19.99 -9.00
CA GLY A 114 6.99 21.13 -9.68
C GLY A 114 5.94 22.08 -10.22
N HIS A 115 4.81 21.53 -10.68
CA HIS A 115 3.72 22.32 -11.21
C HIS A 115 2.40 21.59 -10.97
N VAL A 116 2.15 20.55 -11.76
CA VAL A 116 0.93 19.76 -11.63
C VAL A 116 1.19 18.32 -12.08
N THR A 117 0.51 17.38 -11.46
CA THR A 117 0.65 15.98 -11.78
C THR A 117 -0.65 15.46 -12.40
N GLU A 118 -0.70 15.46 -13.73
CA GLU A 118 -1.87 14.97 -14.46
C GLU A 118 -1.54 13.65 -15.15
N GLU A 119 -2.45 12.68 -15.05
CA GLU A 119 -2.22 11.38 -15.67
C GLU A 119 -3.44 10.46 -15.48
N TRP A 120 -3.35 9.26 -16.03
CA TRP A 120 -4.42 8.28 -15.90
C TRP A 120 -4.01 7.22 -14.89
N ARG A 121 -4.76 7.10 -13.81
CA ARG A 121 -4.45 6.15 -12.76
C ARG A 121 -5.27 4.87 -12.86
N ASP A 122 -4.58 3.75 -12.75
CA ASP A 122 -5.21 2.44 -12.80
C ASP A 122 -5.89 2.16 -11.47
N LEU A 123 -7.08 1.58 -11.53
CA LEU A 123 -7.84 1.26 -10.33
C LEU A 123 -7.72 -0.21 -9.98
N GLN A 124 -7.23 -0.49 -8.78
CA GLN A 124 -7.02 -1.86 -8.33
C GLN A 124 -7.99 -2.20 -7.21
N SER A 125 -8.45 -3.45 -7.20
CA SER A 125 -9.37 -3.92 -6.17
C SER A 125 -8.60 -4.33 -4.92
N ALA A 126 -8.75 -3.54 -3.86
CA ALA A 126 -8.07 -3.81 -2.60
C ALA A 126 -9.04 -4.41 -1.59
N GLU A 127 -9.01 -5.73 -1.46
CA GLU A 127 -9.89 -6.43 -0.53
C GLU A 127 -9.68 -5.92 0.90
N LYS A 128 -10.74 -5.34 1.47
CA LYS A 128 -10.68 -4.79 2.81
C LYS A 128 -11.58 -5.59 3.76
N TYR B 1 29.24 -5.77 6.60
CA TYR B 1 28.66 -4.56 7.24
C TYR B 1 27.14 -4.65 7.27
N LYS B 2 26.61 -5.57 8.08
CA LYS B 2 25.17 -5.76 8.19
C LYS B 2 24.50 -4.45 8.62
N LYS B 3 23.59 -3.96 7.79
CA LYS B 3 22.88 -2.73 8.08
C LYS B 3 21.61 -2.63 7.21
N PRO B 4 20.84 -1.52 7.33
CA PRO B 4 19.61 -1.29 6.59
C PRO B 4 19.44 -2.15 5.35
N LYS B 5 18.61 -3.19 5.48
CA LYS B 5 18.33 -4.11 4.39
C LYS B 5 17.01 -3.73 3.72
N LEU B 6 17.07 -3.43 2.43
CA LEU B 6 15.89 -3.02 1.68
C LEU B 6 15.13 -4.24 1.14
N LEU B 7 13.80 -4.14 1.12
CA LEU B 7 12.94 -5.22 0.63
C LEU B 7 11.90 -4.68 -0.35
N TYR B 8 11.73 -5.35 -1.49
CA TYR B 8 10.77 -4.93 -2.51
C TYR B 8 10.46 -6.10 -3.45
N CYS B 9 9.38 -5.99 -4.24
CA CYS B 9 9.01 -7.04 -5.17
C CYS B 9 7.93 -6.56 -6.15
N SER B 10 7.46 -7.47 -7.01
CA SER B 10 6.42 -7.17 -8.00
C SER B 10 7.00 -6.37 -9.17
N ASN B 11 8.15 -6.81 -9.67
CA ASN B 11 8.85 -6.17 -10.80
C ASN B 11 8.35 -4.75 -11.07
N GLY B 12 8.87 -3.80 -10.30
CA GLY B 12 8.47 -2.41 -10.46
C GLY B 12 9.27 -1.49 -9.58
N GLY B 13 8.60 -0.55 -8.94
CA GLY B 13 9.26 0.39 -8.05
C GLY B 13 8.43 0.71 -6.83
N HIS B 14 8.73 0.03 -5.72
CA HIS B 14 8.02 0.24 -4.46
C HIS B 14 8.78 -0.40 -3.31
N PHE B 15 9.52 0.40 -2.57
CA PHE B 15 10.30 -0.10 -1.43
C PHE B 15 9.45 -0.11 -0.17
N LEU B 16 9.56 -1.19 0.60
CA LEU B 16 8.79 -1.33 1.84
C LEU B 16 9.23 -0.26 2.85
N ARG B 17 8.44 0.81 2.95
CA ARG B 17 8.75 1.90 3.86
C ARG B 17 8.05 1.66 5.21
N ILE B 18 8.84 1.32 6.21
CA ILE B 18 8.33 1.03 7.55
C ILE B 18 8.26 2.29 8.41
N LEU B 19 7.10 2.48 9.05
CA LEU B 19 6.88 3.62 9.93
C LEU B 19 6.30 3.17 11.26
N PRO B 20 6.79 3.73 12.37
CA PRO B 20 6.33 3.40 13.73
C PRO B 20 4.84 3.05 13.81
N ASP B 21 4.01 3.86 13.15
CA ASP B 21 2.55 3.65 13.14
C ASP B 21 2.18 2.19 12.86
N GLY B 22 2.65 1.68 11.74
CA GLY B 22 2.36 0.32 11.36
C GLY B 22 1.95 0.19 9.90
N THR B 23 1.27 1.21 9.37
CA THR B 23 0.84 1.19 7.98
C THR B 23 2.03 1.34 7.04
N VAL B 24 2.77 0.25 6.89
CA VAL B 24 3.94 0.21 6.01
C VAL B 24 3.49 0.17 4.54
N ASP B 25 4.05 1.07 3.73
CA ASP B 25 3.72 1.13 2.31
C ASP B 25 4.96 1.00 1.44
N GLY B 26 4.75 0.72 0.16
CA GLY B 26 5.86 0.56 -0.76
C GLY B 26 6.33 1.88 -1.33
N THR B 27 6.94 2.71 -0.50
CA THR B 27 7.43 4.01 -0.93
C THR B 27 8.70 3.84 -1.76
N ARG B 28 8.54 3.94 -3.08
CA ARG B 28 9.68 3.81 -3.99
C ARG B 28 10.55 5.06 -3.96
N ASP B 29 11.27 5.24 -2.86
CA ASP B 29 12.13 6.41 -2.72
C ASP B 29 13.42 6.06 -2.00
N ARG B 30 14.47 6.82 -2.27
CA ARG B 30 15.77 6.64 -1.65
C ARG B 30 16.06 7.77 -0.65
N SER B 31 15.37 8.89 -0.82
CA SER B 31 15.53 10.06 0.05
C SER B 31 15.23 9.71 1.51
N ASP B 32 14.03 9.18 1.76
CA ASP B 32 13.64 8.82 3.12
C ASP B 32 14.19 7.45 3.48
N GLN B 33 15.11 7.43 4.44
CA GLN B 33 15.73 6.19 4.89
C GLN B 33 14.80 5.38 5.78
N HIS B 34 13.52 5.32 5.43
CA HIS B 34 12.54 4.58 6.23
C HIS B 34 12.27 3.19 5.65
N ILE B 35 13.09 2.76 4.69
CA ILE B 35 12.93 1.44 4.08
C ILE B 35 14.10 0.55 4.51
N GLN B 36 14.42 0.57 5.80
CA GLN B 36 15.53 -0.22 6.32
C GLN B 36 15.08 -1.19 7.42
N LEU B 37 15.07 -2.48 7.10
CA LEU B 37 14.69 -3.50 8.06
C LEU B 37 15.90 -4.39 8.35
N GLN B 38 15.93 -4.98 9.53
CA GLN B 38 17.06 -5.83 9.92
C GLN B 38 16.77 -7.29 9.61
N LEU B 39 16.39 -7.55 8.36
CA LEU B 39 16.10 -8.90 7.91
C LEU B 39 17.27 -9.83 8.23
N SER B 40 17.13 -10.64 9.27
CA SER B 40 18.18 -11.54 9.68
C SER B 40 17.61 -12.87 10.14
N ALA B 41 18.38 -13.95 9.97
CA ALA B 41 17.96 -15.27 10.37
C ALA B 41 18.15 -15.48 11.86
N GLU B 42 17.08 -15.86 12.53
CA GLU B 42 17.12 -16.10 13.97
C GLU B 42 17.20 -17.60 14.24
N SER B 43 16.16 -18.32 13.90
CA SER B 43 16.12 -19.76 14.08
C SER B 43 16.63 -20.46 12.83
N VAL B 44 16.92 -21.75 12.94
CA VAL B 44 17.41 -22.54 11.81
C VAL B 44 16.56 -22.31 10.56
N GLY B 45 17.09 -21.53 9.63
CA GLY B 45 16.39 -21.24 8.40
C GLY B 45 15.21 -20.31 8.58
N GLU B 46 15.15 -19.62 9.72
CA GLU B 46 14.05 -18.70 10.01
C GLU B 46 14.59 -17.27 10.13
N VAL B 47 14.00 -16.36 9.38
CA VAL B 47 14.43 -14.96 9.40
C VAL B 47 13.39 -14.08 10.06
N TYR B 48 13.87 -13.08 10.80
CA TYR B 48 12.99 -12.14 11.48
C TYR B 48 13.09 -10.77 10.82
N ILE B 49 12.05 -10.41 10.08
CA ILE B 49 12.01 -9.12 9.42
C ILE B 49 11.59 -8.06 10.42
N LYS B 50 12.54 -7.61 11.23
CA LYS B 50 12.29 -6.61 12.25
C LYS B 50 13.07 -5.34 11.96
N SER B 51 12.50 -4.20 12.35
CA SER B 51 13.13 -2.90 12.15
C SER B 51 14.01 -2.54 13.34
N THR B 52 15.12 -1.86 13.07
CA THR B 52 16.03 -1.44 14.13
C THR B 52 15.87 0.05 14.45
N GLU B 53 16.53 0.90 13.66
CA GLU B 53 16.47 2.34 13.87
C GLU B 53 15.75 3.03 12.72
N THR B 54 14.45 2.78 12.59
CA THR B 54 13.65 3.37 11.53
C THR B 54 12.20 2.88 11.57
N GLY B 55 12.01 1.58 11.40
CA GLY B 55 10.67 1.02 11.39
C GLY B 55 10.20 0.59 12.76
N GLN B 56 9.38 -0.45 12.78
CA GLN B 56 8.82 -0.97 14.01
C GLN B 56 8.91 -2.50 14.05
N TYR B 57 8.30 -3.09 15.08
CA TYR B 57 8.29 -4.54 15.24
C TYR B 57 7.10 -5.14 14.51
N LEU B 58 7.38 -5.97 13.51
CA LEU B 58 6.34 -6.61 12.71
C LEU B 58 5.43 -7.52 13.54
N ALA B 59 4.16 -7.58 13.13
CA ALA B 59 3.15 -8.39 13.78
C ALA B 59 2.07 -8.74 12.76
N MET B 60 2.37 -9.71 11.91
CA MET B 60 1.45 -10.13 10.86
C MET B 60 0.14 -10.67 11.45
N ASP B 61 -0.96 -9.97 11.17
CA ASP B 61 -2.27 -10.39 11.66
C ASP B 61 -2.66 -11.69 11.00
N THR B 62 -2.22 -12.80 11.57
CA THR B 62 -2.52 -14.12 11.03
C THR B 62 -2.19 -14.17 9.54
N ASP B 63 -1.11 -13.48 9.16
CA ASP B 63 -0.66 -13.39 7.76
C ASP B 63 -1.53 -12.41 6.98
N GLY B 64 -2.87 -12.56 7.10
CA GLY B 64 -3.80 -11.68 6.43
C GLY B 64 -3.33 -10.24 6.36
N LEU B 65 -3.25 -9.59 7.51
CA LEU B 65 -2.81 -8.20 7.58
C LEU B 65 -1.37 -8.13 8.08
N LEU B 66 -0.44 -8.00 7.15
CA LEU B 66 0.96 -7.92 7.50
C LEU B 66 1.28 -6.54 8.07
N TYR B 67 1.08 -6.39 9.37
CA TYR B 67 1.33 -5.11 10.05
C TYR B 67 2.42 -5.28 11.12
N GLY B 68 2.69 -4.21 11.85
CA GLY B 68 3.69 -4.25 12.90
C GLY B 68 3.86 -2.89 13.55
N SER B 69 4.40 -2.87 14.77
CA SER B 69 4.61 -1.61 15.46
C SER B 69 5.37 -1.80 16.77
N GLN B 70 4.68 -2.25 17.82
CA GLN B 70 5.30 -2.42 19.13
C GLN B 70 5.71 -3.86 19.43
N THR B 71 4.74 -4.77 19.48
CA THR B 71 5.02 -6.16 19.81
C THR B 71 5.34 -7.02 18.59
N PRO B 72 6.58 -7.54 18.50
CA PRO B 72 7.00 -8.41 17.41
C PRO B 72 6.52 -9.84 17.67
N ASN B 73 5.22 -10.05 17.50
CA ASN B 73 4.59 -11.35 17.74
C ASN B 73 5.20 -12.44 16.85
N GLU B 74 5.04 -13.69 17.28
CA GLU B 74 5.57 -14.85 16.56
C GLU B 74 5.31 -14.74 15.06
N GLU B 75 4.15 -14.19 14.70
CA GLU B 75 3.79 -14.01 13.29
C GLU B 75 4.97 -13.43 12.49
N CYS B 76 5.86 -12.70 13.19
CA CYS B 76 7.02 -12.08 12.55
C CYS B 76 8.13 -13.08 12.20
N LEU B 77 8.00 -14.34 12.64
CA LEU B 77 9.02 -15.34 12.33
C LEU B 77 8.68 -16.06 11.02
N PHE B 78 9.56 -15.93 10.03
CA PHE B 78 9.34 -16.55 8.73
C PHE B 78 10.51 -17.42 8.31
N LEU B 79 10.22 -18.55 7.68
CA LEU B 79 11.25 -19.45 7.20
C LEU B 79 11.88 -18.87 5.94
N GLU B 80 13.20 -18.77 5.93
CA GLU B 80 13.93 -18.21 4.79
C GLU B 80 14.02 -19.19 3.63
N ARG B 81 13.35 -18.86 2.54
CA ARG B 81 13.36 -19.70 1.35
C ARG B 81 13.79 -18.85 0.14
N LEU B 82 14.34 -19.50 -0.88
CA LEU B 82 14.80 -18.80 -2.08
C LEU B 82 14.24 -19.44 -3.33
N GLU B 83 14.10 -18.64 -4.39
CA GLU B 83 13.59 -19.12 -5.66
C GLU B 83 14.57 -18.80 -6.79
N GLU B 84 14.74 -19.76 -7.69
CA GLU B 84 15.64 -19.61 -8.85
C GLU B 84 15.38 -18.29 -9.59
N ASN B 85 14.19 -17.74 -9.42
CA ASN B 85 13.80 -16.47 -10.03
C ASN B 85 14.68 -15.32 -9.54
N HIS B 86 15.54 -15.58 -8.54
CA HIS B 86 16.42 -14.56 -7.97
C HIS B 86 15.63 -13.69 -7.00
N TYR B 87 14.86 -14.35 -6.14
CA TYR B 87 14.04 -13.65 -5.16
C TYR B 87 14.03 -14.40 -3.84
N ASN B 88 13.63 -13.70 -2.79
CA ASN B 88 13.57 -14.27 -1.45
C ASN B 88 12.14 -14.62 -1.08
N THR B 89 11.97 -15.75 -0.39
CA THR B 89 10.66 -16.21 0.04
C THR B 89 10.69 -16.48 1.54
N TYR B 90 9.69 -16.00 2.26
CA TYR B 90 9.63 -16.19 3.70
C TYR B 90 8.31 -16.85 4.09
N ILE B 91 8.39 -18.04 4.68
CA ILE B 91 7.20 -18.78 5.11
C ILE B 91 6.86 -18.47 6.56
N SER B 92 5.67 -17.92 6.78
CA SER B 92 5.21 -17.58 8.12
C SER B 92 4.93 -18.85 8.92
N LYS B 93 6.00 -19.47 9.42
CA LYS B 93 5.89 -20.71 10.21
C LYS B 93 4.73 -20.63 11.21
N LYS B 94 4.62 -19.49 11.89
CA LYS B 94 3.56 -19.27 12.87
C LYS B 94 2.18 -19.62 12.31
N HIS B 95 2.01 -19.51 10.99
CA HIS B 95 0.74 -19.84 10.36
C HIS B 95 0.94 -20.73 9.13
N ALA B 96 2.03 -21.50 9.14
CA ALA B 96 2.32 -22.41 8.03
C ALA B 96 1.15 -23.35 7.78
N GLU B 97 0.42 -23.66 8.85
CA GLU B 97 -0.74 -24.56 8.76
C GLU B 97 -1.66 -24.16 7.60
N LYS B 98 -1.89 -22.87 7.42
CA LYS B 98 -2.76 -22.38 6.36
C LYS B 98 -2.03 -22.30 5.01
N ASN B 99 -0.77 -22.72 4.97
CA ASN B 99 0.02 -22.70 3.74
C ASN B 99 0.21 -21.28 3.22
N TRP B 100 0.48 -20.35 4.13
CA TRP B 100 0.70 -18.95 3.79
C TRP B 100 2.16 -18.57 4.06
N PHE B 101 2.68 -17.63 3.28
CA PHE B 101 4.05 -17.17 3.43
C PHE B 101 4.19 -15.68 3.11
N VAL B 102 3.90 -14.86 4.13
CA VAL B 102 3.96 -13.39 4.07
C VAL B 102 4.08 -12.81 2.65
N GLY B 103 2.96 -12.30 2.15
CA GLY B 103 2.93 -11.70 0.82
C GLY B 103 2.36 -10.29 0.84
N LEU B 104 3.11 -9.34 0.28
CA LEU B 104 2.66 -7.94 0.27
C LEU B 104 2.29 -7.48 -1.14
N LYS B 105 1.61 -6.34 -1.22
CA LYS B 105 1.19 -5.77 -2.50
C LYS B 105 2.05 -4.54 -2.83
N LYS B 106 2.98 -4.72 -3.76
CA LYS B 106 3.89 -3.66 -4.19
C LYS B 106 3.23 -2.28 -4.22
N ASN B 107 2.11 -2.17 -4.93
CA ASN B 107 1.41 -0.89 -5.05
C ASN B 107 0.13 -0.89 -4.19
N GLY B 108 0.20 -1.52 -3.02
CA GLY B 108 -0.96 -1.57 -2.15
C GLY B 108 -0.58 -1.55 -0.68
N SER B 109 0.38 -2.42 -0.31
CA SER B 109 0.88 -2.57 1.06
C SER B 109 0.96 -4.06 1.39
N CYS B 110 1.50 -4.40 2.55
CA CYS B 110 1.61 -5.79 2.95
C CYS B 110 0.34 -6.27 3.65
N LYS B 111 -0.43 -7.09 2.94
CA LYS B 111 -1.68 -7.65 3.47
C LYS B 111 -2.36 -8.51 2.40
N ARG B 112 -2.02 -9.79 2.35
CA ARG B 112 -2.61 -10.69 1.36
C ARG B 112 -2.79 -12.12 1.91
N GLY B 113 -2.84 -12.27 3.23
CA GLY B 113 -2.99 -13.60 3.85
C GLY B 113 -3.76 -14.60 3.00
N PRO B 114 -5.09 -14.42 2.86
CA PRO B 114 -5.94 -15.33 2.08
C PRO B 114 -5.42 -15.58 0.65
N ARG B 115 -4.47 -14.79 0.20
CA ARG B 115 -3.91 -14.94 -1.15
C ARG B 115 -2.39 -15.14 -1.12
N THR B 116 -1.80 -15.30 0.07
CA THR B 116 -0.37 -15.48 0.18
C THR B 116 0.04 -16.86 -0.35
N HIS B 117 -0.08 -17.04 -1.66
CA HIS B 117 0.26 -18.29 -2.32
C HIS B 117 0.86 -17.99 -3.70
N TYR B 118 1.10 -19.03 -4.48
CA TYR B 118 1.67 -18.85 -5.83
C TYR B 118 0.95 -17.73 -6.59
N GLY B 119 -0.34 -17.58 -6.33
CA GLY B 119 -1.11 -16.53 -6.98
C GLY B 119 -0.54 -15.15 -6.73
N GLN B 120 0.28 -15.00 -5.69
CA GLN B 120 0.89 -13.72 -5.35
C GLN B 120 2.41 -13.79 -5.56
N LYS B 121 2.83 -13.72 -6.82
CA LYS B 121 4.26 -13.77 -7.16
C LYS B 121 5.04 -12.68 -6.41
N ALA B 122 4.34 -11.64 -5.97
CA ALA B 122 4.97 -10.54 -5.24
C ALA B 122 5.64 -11.03 -3.94
N ILE B 123 5.31 -12.24 -3.50
CA ILE B 123 5.91 -12.80 -2.30
C ILE B 123 7.41 -13.05 -2.51
N LEU B 124 7.81 -13.27 -3.76
CA LEU B 124 9.21 -13.50 -4.09
C LEU B 124 9.95 -12.17 -4.01
N PHE B 125 10.11 -11.68 -2.79
CA PHE B 125 10.75 -10.39 -2.52
C PHE B 125 12.19 -10.32 -3.02
N LEU B 126 12.57 -9.14 -3.49
CA LEU B 126 13.93 -8.88 -3.96
C LEU B 126 14.60 -7.95 -2.97
N PRO B 127 15.31 -8.52 -1.99
CA PRO B 127 15.98 -7.74 -0.95
C PRO B 127 17.32 -7.15 -1.41
N LEU B 128 17.63 -5.97 -0.89
CA LEU B 128 18.87 -5.28 -1.21
C LEU B 128 19.64 -5.00 0.08
N PRO B 129 20.19 -6.05 0.72
CA PRO B 129 20.93 -5.93 1.96
C PRO B 129 22.43 -5.74 1.75
N VAL B 130 23.09 -5.10 2.70
CA VAL B 130 24.53 -4.87 2.62
C VAL B 130 25.28 -6.05 3.23
N SER B 131 25.15 -7.21 2.60
CA SER B 131 25.80 -8.43 3.06
C SER B 131 27.28 -8.19 3.34
N SER B 132 27.76 -8.70 4.47
CA SER B 132 29.15 -8.53 4.84
C SER B 132 30.07 -9.35 3.94
N ASP B 133 30.21 -8.87 2.71
CA ASP B 133 31.06 -9.53 1.72
C ASP B 133 32.08 -8.53 1.19
N GLU A 1 -5.56 -7.90 -8.02
CA GLU A 1 -6.82 -7.14 -7.80
C GLU A 1 -7.04 -6.14 -8.95
N LYS A 2 -8.28 -6.01 -9.40
CA LYS A 2 -8.60 -5.12 -10.52
C LYS A 2 -9.77 -4.18 -10.21
N LEU A 3 -9.63 -2.93 -10.62
CA LEU A 3 -10.67 -1.92 -10.43
C LEU A 3 -10.69 -0.97 -11.63
N GLY A 4 -10.36 -1.50 -12.81
CA GLY A 4 -10.33 -0.70 -14.02
C GLY A 4 -9.14 0.23 -14.03
N LYS A 5 -9.38 1.50 -14.33
CA LYS A 5 -8.33 2.51 -14.38
C LYS A 5 -8.86 3.87 -13.95
N LEU A 6 -8.01 4.65 -13.30
CA LEU A 6 -8.41 5.98 -12.83
C LEU A 6 -7.64 7.06 -13.57
N GLN A 7 -8.36 8.05 -14.06
CA GLN A 7 -7.75 9.17 -14.77
C GLN A 7 -7.86 10.41 -13.90
N TYR A 8 -6.72 11.06 -13.62
CA TYR A 8 -6.73 12.24 -12.77
C TYR A 8 -5.60 13.22 -13.10
N SER A 9 -5.73 14.43 -12.55
CA SER A 9 -4.77 15.49 -12.73
C SER A 9 -4.49 16.12 -11.36
N LEU A 10 -3.34 15.79 -10.77
CA LEU A 10 -2.99 16.29 -9.45
C LEU A 10 -2.25 17.62 -9.53
N ASP A 11 -2.70 18.57 -8.72
CA ASP A 11 -2.11 19.91 -8.66
C ASP A 11 -1.58 20.15 -7.24
N TYR A 12 -0.78 21.19 -7.05
CA TYR A 12 -0.22 21.48 -5.74
C TYR A 12 -0.19 22.98 -5.46
N ASP A 13 -0.53 23.37 -4.24
CA ASP A 13 -0.52 24.78 -3.85
C ASP A 13 0.44 25.00 -2.70
N PHE A 14 1.21 26.07 -2.76
CA PHE A 14 2.19 26.39 -1.74
C PHE A 14 1.69 27.45 -0.76
N GLN A 15 0.83 28.36 -1.23
CA GLN A 15 0.31 29.43 -0.37
C GLN A 15 -0.41 28.85 0.85
N ASN A 16 -1.17 27.79 0.61
CA ASN A 16 -1.92 27.12 1.68
C ASN A 16 -1.31 25.76 2.00
N ASN A 17 -0.13 25.47 1.42
CA ASN A 17 0.58 24.21 1.63
C ASN A 17 -0.38 23.01 1.60
N GLN A 18 -0.78 22.65 0.39
CA GLN A 18 -1.69 21.53 0.20
C GLN A 18 -1.75 21.12 -1.26
N LEU A 19 -1.93 19.83 -1.52
CA LEU A 19 -2.02 19.33 -2.89
C LEU A 19 -3.47 19.27 -3.33
N LEU A 20 -3.67 19.47 -4.62
CA LEU A 20 -5.01 19.47 -5.20
C LEU A 20 -5.20 18.22 -6.06
N VAL A 21 -5.86 17.23 -5.51
CA VAL A 21 -6.11 15.99 -6.25
C VAL A 21 -7.39 16.12 -7.07
N GLY A 22 -7.23 16.34 -8.37
CA GLY A 22 -8.37 16.46 -9.25
C GLY A 22 -8.47 15.32 -10.24
N ILE A 23 -9.28 14.33 -9.91
CA ILE A 23 -9.45 13.18 -10.79
C ILE A 23 -10.55 13.46 -11.80
N ILE A 24 -10.55 12.71 -12.90
CA ILE A 24 -11.56 12.92 -13.94
C ILE A 24 -12.77 12.01 -13.70
N GLN A 25 -12.53 10.70 -13.70
CA GLN A 25 -13.59 9.73 -13.49
C GLN A 25 -13.04 8.31 -13.41
N ALA A 26 -13.81 7.43 -12.80
CA ALA A 26 -13.41 6.02 -12.67
C ALA A 26 -14.26 5.16 -13.60
N ALA A 27 -13.68 4.11 -14.16
CA ALA A 27 -14.40 3.23 -15.06
C ALA A 27 -14.07 1.77 -14.83
N GLU A 28 -15.04 0.90 -15.11
CA GLU A 28 -14.88 -0.54 -14.96
C GLU A 28 -14.77 -0.93 -13.48
N LEU A 29 -15.62 -0.34 -12.64
CA LEU A 29 -15.62 -0.65 -11.23
C LEU A 29 -16.49 -1.89 -10.96
N PRO A 30 -16.05 -2.78 -10.06
CA PRO A 30 -16.80 -4.00 -9.72
C PRO A 30 -18.27 -3.71 -9.39
N ALA A 31 -19.14 -4.63 -9.79
CA ALA A 31 -20.58 -4.48 -9.54
C ALA A 31 -20.95 -5.05 -8.18
N LEU A 32 -21.25 -4.17 -7.23
CA LEU A 32 -21.62 -4.57 -5.88
C LEU A 32 -23.15 -4.60 -5.70
N ASP A 33 -23.86 -3.90 -6.58
CA ASP A 33 -25.31 -3.84 -6.51
C ASP A 33 -25.94 -5.00 -7.27
N MET A 34 -27.16 -5.37 -6.88
CA MET A 34 -27.89 -6.47 -7.52
C MET A 34 -28.43 -6.05 -8.89
N GLY A 35 -27.56 -5.51 -9.72
CA GLY A 35 -27.95 -5.07 -11.06
C GLY A 35 -26.76 -4.75 -11.93
N GLY A 36 -25.68 -5.51 -11.77
CA GLY A 36 -24.48 -5.30 -12.55
C GLY A 36 -23.95 -3.88 -12.42
N THR A 37 -24.12 -3.29 -11.23
CA THR A 37 -23.66 -1.95 -10.98
C THR A 37 -23.30 -1.76 -9.51
N SER A 38 -22.94 -0.52 -9.14
CA SER A 38 -22.58 -0.20 -7.77
C SER A 38 -22.66 1.30 -7.55
N ASP A 39 -22.54 1.72 -6.30
CA ASP A 39 -22.56 3.13 -5.95
C ASP A 39 -21.17 3.49 -5.42
N PRO A 40 -20.14 3.36 -6.28
CA PRO A 40 -18.75 3.60 -5.89
C PRO A 40 -18.39 5.07 -5.79
N TYR A 41 -17.88 5.46 -4.62
CA TYR A 41 -17.43 6.81 -4.38
C TYR A 41 -16.02 6.76 -3.80
N VAL A 42 -15.15 7.60 -4.33
CA VAL A 42 -13.76 7.61 -3.89
C VAL A 42 -13.60 8.37 -2.57
N LYS A 43 -12.95 7.72 -1.62
CA LYS A 43 -12.68 8.32 -0.33
C LYS A 43 -11.18 8.48 -0.16
N VAL A 44 -10.74 9.73 -0.01
CA VAL A 44 -9.33 10.02 0.11
C VAL A 44 -8.75 9.47 1.41
N PHE A 45 -7.61 8.81 1.29
CA PHE A 45 -6.93 8.23 2.42
C PHE A 45 -5.42 8.41 2.28
N LEU A 46 -4.75 8.57 3.41
CA LEU A 46 -3.31 8.77 3.44
C LEU A 46 -2.65 7.83 4.45
N LEU A 47 -1.33 7.77 4.40
CA LEU A 47 -0.57 6.95 5.34
C LEU A 47 -0.84 7.44 6.78
N PRO A 48 -0.14 6.90 7.80
CA PRO A 48 -0.31 7.28 9.22
C PRO A 48 -0.81 8.72 9.39
N ASP A 49 -0.22 9.65 8.62
CA ASP A 49 -0.61 11.05 8.66
C ASP A 49 -2.12 11.19 8.86
N LYS A 50 -2.87 10.56 7.95
CA LYS A 50 -4.33 10.57 7.97
C LYS A 50 -4.92 11.95 8.30
N LYS A 51 -4.25 13.02 7.89
CA LYS A 51 -4.74 14.37 8.14
C LYS A 51 -5.44 14.91 6.90
N LYS A 52 -6.52 14.26 6.50
CA LYS A 52 -7.28 14.66 5.32
C LYS A 52 -8.37 13.65 4.99
N LYS A 53 -9.51 13.79 5.64
CA LYS A 53 -10.64 12.89 5.44
C LYS A 53 -11.70 13.58 4.57
N PHE A 54 -11.85 13.10 3.34
CA PHE A 54 -12.81 13.67 2.41
C PHE A 54 -13.56 12.59 1.66
N GLU A 55 -14.89 12.67 1.67
CA GLU A 55 -15.73 11.70 0.98
C GLU A 55 -16.38 12.36 -0.24
N THR A 56 -16.36 11.66 -1.36
CA THR A 56 -16.92 12.19 -2.61
C THR A 56 -18.45 12.03 -2.63
N LYS A 57 -19.07 12.46 -3.71
CA LYS A 57 -20.51 12.36 -3.87
C LYS A 57 -20.91 10.95 -4.32
N VAL A 58 -22.00 10.44 -3.76
CA VAL A 58 -22.48 9.12 -4.12
C VAL A 58 -22.84 9.10 -5.61
N HIS A 59 -22.29 8.13 -6.33
CA HIS A 59 -22.55 8.00 -7.75
C HIS A 59 -23.58 6.90 -7.98
N ARG A 60 -24.84 7.28 -7.84
CA ARG A 60 -25.98 6.37 -7.98
C ARG A 60 -25.79 5.30 -9.06
N LYS A 61 -25.69 4.05 -8.59
CA LYS A 61 -25.54 2.86 -9.46
C LYS A 61 -24.83 3.17 -10.78
N THR A 62 -23.50 3.17 -10.75
CA THR A 62 -22.72 3.44 -11.95
C THR A 62 -21.29 2.90 -11.81
N LEU A 63 -20.86 2.11 -12.80
CA LEU A 63 -19.52 1.55 -12.80
C LEU A 63 -18.55 2.43 -13.60
N ASN A 64 -19.04 3.60 -14.03
CA ASN A 64 -18.23 4.56 -14.77
C ASN A 64 -18.51 5.96 -14.23
N PRO A 65 -18.34 6.14 -12.90
CA PRO A 65 -18.59 7.42 -12.22
C PRO A 65 -17.74 8.57 -12.75
N VAL A 66 -18.39 9.52 -13.40
CA VAL A 66 -17.75 10.72 -13.92
C VAL A 66 -18.23 11.92 -13.11
N PHE A 67 -17.35 12.89 -12.87
CA PHE A 67 -17.71 14.07 -12.10
C PHE A 67 -16.54 15.05 -12.00
N ASN A 68 -15.34 14.51 -11.75
CA ASN A 68 -14.14 15.33 -11.60
C ASN A 68 -14.16 16.08 -10.27
N GLU A 69 -14.31 15.32 -9.19
CA GLU A 69 -14.35 15.89 -7.85
C GLU A 69 -12.93 16.24 -7.37
N GLN A 70 -12.81 17.30 -6.58
CA GLN A 70 -11.51 17.75 -6.09
C GLN A 70 -11.23 17.30 -4.66
N PHE A 71 -10.02 16.80 -4.43
CA PHE A 71 -9.60 16.36 -3.10
C PHE A 71 -8.54 17.31 -2.56
N THR A 72 -8.78 17.84 -1.37
CA THR A 72 -7.85 18.78 -0.73
C THR A 72 -6.79 18.04 0.08
N PHE A 73 -5.60 17.91 -0.48
CA PHE A 73 -4.50 17.24 0.20
C PHE A 73 -3.84 18.20 1.19
N LYS A 74 -4.49 18.39 2.33
CA LYS A 74 -4.00 19.28 3.37
C LYS A 74 -2.72 18.75 4.02
N VAL A 75 -1.59 19.30 3.61
CA VAL A 75 -0.29 18.90 4.16
C VAL A 75 0.82 19.68 3.47
N PRO A 76 1.78 20.22 4.25
CA PRO A 76 2.89 20.99 3.71
C PRO A 76 3.62 20.23 2.61
N TYR A 77 3.87 20.88 1.49
CA TYR A 77 4.55 20.24 0.36
C TYR A 77 5.85 19.56 0.82
N SER A 78 6.45 20.11 1.87
CA SER A 78 7.67 19.56 2.43
C SER A 78 7.40 18.19 3.08
N GLU A 79 6.27 18.11 3.79
CA GLU A 79 5.87 16.88 4.46
C GLU A 79 5.57 15.76 3.47
N LEU A 80 5.25 16.12 2.23
CA LEU A 80 4.93 15.14 1.20
C LEU A 80 5.96 14.00 1.19
N GLY A 81 7.21 14.33 1.54
CA GLY A 81 8.26 13.33 1.59
C GLY A 81 7.87 12.12 2.43
N GLY A 82 6.96 12.34 3.39
CA GLY A 82 6.50 11.27 4.24
C GLY A 82 5.00 11.12 4.20
N LYS A 83 4.40 11.35 3.03
CA LYS A 83 2.96 11.26 2.85
C LYS A 83 2.61 10.35 1.67
N THR A 84 2.13 9.15 2.00
CA THR A 84 1.73 8.17 0.99
C THR A 84 0.23 8.22 0.75
N LEU A 85 -0.17 8.70 -0.43
CA LEU A 85 -1.58 8.81 -0.79
C LEU A 85 -2.16 7.42 -1.08
N VAL A 86 -3.33 7.12 -0.51
CA VAL A 86 -3.96 5.81 -0.68
C VAL A 86 -5.48 5.91 -0.85
N MET A 87 -5.96 6.87 -1.63
CA MET A 87 -7.40 7.04 -1.85
C MET A 87 -8.04 5.73 -2.34
N ALA A 88 -9.21 5.42 -1.79
CA ALA A 88 -9.92 4.20 -2.16
C ALA A 88 -11.35 4.50 -2.61
N VAL A 89 -11.95 3.61 -3.39
CA VAL A 89 -13.30 3.79 -3.86
C VAL A 89 -14.23 2.82 -3.14
N TYR A 90 -15.19 3.37 -2.40
CA TYR A 90 -16.13 2.55 -1.64
C TYR A 90 -17.51 2.57 -2.29
N ASP A 91 -18.17 1.42 -2.27
CA ASP A 91 -19.50 1.29 -2.84
C ASP A 91 -20.56 1.68 -1.81
N PHE A 92 -21.75 1.98 -2.30
CA PHE A 92 -22.86 2.36 -1.44
C PHE A 92 -24.16 1.73 -1.96
N ASP A 93 -24.14 0.39 -2.12
CA ASP A 93 -25.30 -0.36 -2.58
C ASP A 93 -26.61 0.16 -1.95
N ARG A 94 -26.51 0.60 -0.69
CA ARG A 94 -27.65 1.14 0.05
C ARG A 94 -28.58 0.04 0.56
N PHE A 95 -28.00 -1.07 1.01
CA PHE A 95 -28.80 -2.17 1.55
C PHE A 95 -27.96 -3.11 2.41
N SER A 96 -26.94 -3.70 1.81
CA SER A 96 -26.07 -4.64 2.52
C SER A 96 -24.74 -3.99 2.87
N LYS A 97 -23.84 -4.78 3.45
CA LYS A 97 -22.52 -4.29 3.81
C LYS A 97 -21.75 -3.90 2.56
N HIS A 98 -21.83 -2.63 2.19
CA HIS A 98 -21.12 -2.14 1.01
C HIS A 98 -19.64 -2.47 1.14
N ASP A 99 -19.00 -2.79 0.02
CA ASP A 99 -17.58 -3.16 0.04
C ASP A 99 -16.74 -2.16 -0.74
N ILE A 100 -15.44 -2.17 -0.47
CA ILE A 100 -14.51 -1.29 -1.16
C ILE A 100 -14.12 -1.91 -2.49
N ILE A 101 -14.90 -1.61 -3.53
CA ILE A 101 -14.66 -2.14 -4.87
C ILE A 101 -13.18 -2.09 -5.24
N GLY A 102 -12.48 -1.04 -4.81
CA GLY A 102 -11.06 -0.92 -5.12
C GLY A 102 -10.41 0.31 -4.50
N GLU A 103 -9.09 0.38 -4.60
CA GLU A 103 -8.34 1.50 -4.05
C GLU A 103 -6.96 1.61 -4.69
N PHE A 104 -6.44 2.84 -4.78
CA PHE A 104 -5.13 3.07 -5.37
C PHE A 104 -4.24 3.79 -4.36
N LYS A 105 -2.97 3.99 -4.70
CA LYS A 105 -2.06 4.66 -3.79
C LYS A 105 -0.73 5.01 -4.45
N VAL A 106 -0.07 6.03 -3.91
CA VAL A 106 1.22 6.50 -4.41
C VAL A 106 1.91 7.38 -3.38
N PRO A 107 3.23 7.17 -3.17
CA PRO A 107 4.01 7.95 -2.22
C PRO A 107 4.35 9.35 -2.75
N MET A 108 3.80 10.37 -2.10
CA MET A 108 4.04 11.76 -2.52
C MET A 108 5.53 12.03 -2.64
N ASN A 109 6.32 11.48 -1.71
CA ASN A 109 7.76 11.63 -1.72
C ASN A 109 8.30 11.46 -3.14
N THR A 110 7.83 10.42 -3.83
CA THR A 110 8.25 10.15 -5.19
C THR A 110 7.55 11.08 -6.19
N VAL A 111 6.25 11.28 -6.01
CA VAL A 111 5.47 12.13 -6.89
C VAL A 111 5.88 13.59 -6.75
N ASP A 112 6.95 13.97 -7.45
CA ASP A 112 7.44 15.34 -7.41
C ASP A 112 6.32 16.31 -7.82
N PHE A 113 6.22 17.41 -7.10
CA PHE A 113 5.19 18.43 -7.35
C PHE A 113 5.79 19.62 -8.11
N GLY A 114 6.30 19.36 -9.30
CA GLY A 114 6.87 20.44 -10.10
C GLY A 114 5.84 21.45 -10.52
N HIS A 115 4.77 20.98 -11.13
CA HIS A 115 3.69 21.86 -11.59
C HIS A 115 2.34 21.17 -11.43
N VAL A 116 2.16 20.07 -12.14
CA VAL A 116 0.93 19.30 -12.07
C VAL A 116 1.21 17.85 -12.45
N THR A 117 0.48 16.92 -11.84
CA THR A 117 0.67 15.50 -12.12
C THR A 117 -0.55 14.94 -12.84
N GLU A 118 -0.46 14.86 -14.16
CA GLU A 118 -1.53 14.35 -15.00
C GLU A 118 -1.13 12.99 -15.56
N GLU A 119 -1.75 11.93 -15.06
CA GLU A 119 -1.42 10.57 -15.49
C GLU A 119 -2.59 9.62 -15.26
N TRP A 120 -2.45 8.40 -15.77
CA TRP A 120 -3.47 7.38 -15.61
C TRP A 120 -3.09 6.47 -14.45
N ARG A 121 -3.99 6.38 -13.46
CA ARG A 121 -3.74 5.58 -12.27
C ARG A 121 -4.36 4.20 -12.37
N ASP A 122 -3.58 3.19 -12.00
CA ASP A 122 -4.05 1.81 -12.00
C ASP A 122 -5.01 1.59 -10.83
N LEU A 123 -6.19 1.09 -11.14
CA LEU A 123 -7.20 0.83 -10.12
C LEU A 123 -7.26 -0.66 -9.80
N GLN A 124 -7.18 -0.99 -8.52
CA GLN A 124 -7.22 -2.38 -8.08
C GLN A 124 -8.26 -2.57 -6.98
N SER A 125 -8.81 -3.79 -6.89
CA SER A 125 -9.82 -4.12 -5.90
C SER A 125 -9.27 -3.95 -4.49
N ALA A 126 -10.15 -3.57 -3.55
CA ALA A 126 -9.75 -3.36 -2.17
C ALA A 126 -10.36 -4.40 -1.25
N GLU A 127 -9.65 -5.50 -1.05
CA GLU A 127 -10.13 -6.57 -0.18
C GLU A 127 -9.89 -6.19 1.28
N LYS A 128 -10.64 -5.20 1.74
CA LYS A 128 -10.53 -4.72 3.12
C LYS A 128 -11.71 -5.21 3.96
N TYR B 1 28.36 -5.84 5.31
CA TYR B 1 28.08 -4.78 6.28
C TYR B 1 26.65 -4.91 6.80
N LYS B 2 26.39 -5.99 7.53
CA LYS B 2 25.06 -6.26 8.06
C LYS B 2 24.46 -5.02 8.72
N LYS B 3 23.47 -4.45 8.05
CA LYS B 3 22.78 -3.25 8.52
C LYS B 3 21.50 -3.06 7.71
N PRO B 4 20.75 -1.96 7.95
CA PRO B 4 19.49 -1.66 7.26
C PRO B 4 19.37 -2.34 5.89
N LYS B 5 18.47 -3.33 5.83
CA LYS B 5 18.24 -4.09 4.60
C LYS B 5 16.98 -3.57 3.91
N LEU B 6 17.05 -3.38 2.59
CA LEU B 6 15.90 -2.90 1.82
C LEU B 6 15.14 -4.08 1.21
N LEU B 7 13.82 -4.03 1.29
CA LEU B 7 12.96 -5.08 0.74
C LEU B 7 12.01 -4.52 -0.31
N TYR B 8 11.82 -5.25 -1.40
CA TYR B 8 10.95 -4.83 -2.49
C TYR B 8 10.61 -6.02 -3.38
N CYS B 9 9.48 -5.97 -4.07
CA CYS B 9 9.06 -7.06 -4.94
C CYS B 9 8.15 -6.54 -6.06
N SER B 10 7.94 -7.38 -7.07
CA SER B 10 7.11 -7.03 -8.21
C SER B 10 7.85 -6.04 -9.11
N ASN B 11 8.15 -6.46 -10.33
CA ASN B 11 8.88 -5.61 -11.28
C ASN B 11 8.37 -4.18 -11.23
N GLY B 12 9.30 -3.24 -11.13
CA GLY B 12 8.94 -1.84 -11.06
C GLY B 12 9.67 -1.15 -9.92
N GLY B 13 9.08 -0.09 -9.39
CA GLY B 13 9.70 0.63 -8.30
C GLY B 13 8.73 0.82 -7.14
N HIS B 14 9.12 0.36 -5.96
CA HIS B 14 8.31 0.46 -4.75
C HIS B 14 8.94 -0.36 -3.64
N PHE B 15 9.71 0.29 -2.78
CA PHE B 15 10.41 -0.41 -1.68
C PHE B 15 9.56 -0.40 -0.42
N LEU B 16 9.71 -1.44 0.40
CA LEU B 16 8.97 -1.55 1.64
C LEU B 16 9.39 -0.45 2.62
N ARG B 17 8.54 0.55 2.78
CA ARG B 17 8.81 1.66 3.67
C ARG B 17 8.01 1.50 4.96
N ILE B 18 8.72 1.25 6.06
CA ILE B 18 8.08 1.04 7.35
C ILE B 18 7.97 2.33 8.16
N LEU B 19 6.98 2.38 9.04
CA LEU B 19 6.74 3.54 9.89
C LEU B 19 6.32 3.08 11.29
N PRO B 20 6.74 3.82 12.33
CA PRO B 20 6.43 3.49 13.74
C PRO B 20 4.97 3.13 13.95
N ASP B 21 4.06 3.87 13.29
CA ASP B 21 2.63 3.61 13.43
C ASP B 21 2.28 2.18 12.99
N GLY B 22 3.01 1.66 12.00
CA GLY B 22 2.77 0.31 11.54
C GLY B 22 2.25 0.20 10.12
N THR B 23 1.87 1.32 9.52
CA THR B 23 1.35 1.32 8.17
C THR B 23 2.48 1.34 7.14
N VAL B 24 3.19 0.22 7.05
CA VAL B 24 4.30 0.10 6.10
C VAL B 24 3.77 0.12 4.66
N ASP B 25 4.35 0.98 3.84
CA ASP B 25 3.93 1.10 2.44
C ASP B 25 5.09 0.76 1.50
N GLY B 26 4.83 0.87 0.20
CA GLY B 26 5.84 0.58 -0.80
C GLY B 26 6.34 1.82 -1.51
N THR B 27 7.05 2.68 -0.80
CA THR B 27 7.58 3.89 -1.40
C THR B 27 8.78 3.58 -2.30
N ARG B 28 8.79 4.15 -3.50
CA ARG B 28 9.88 3.92 -4.44
C ARG B 28 10.86 5.09 -4.40
N ASP B 29 11.38 5.36 -3.22
CA ASP B 29 12.33 6.45 -3.01
C ASP B 29 13.43 6.04 -2.03
N ARG B 30 14.62 6.59 -2.22
CA ARG B 30 15.75 6.27 -1.34
C ARG B 30 16.25 7.53 -0.63
N SER B 31 15.34 8.47 -0.42
CA SER B 31 15.65 9.75 0.25
C SER B 31 15.21 9.67 1.71
N ASP B 32 14.02 9.12 1.93
CA ASP B 32 13.49 8.96 3.28
C ASP B 32 13.95 7.64 3.87
N GLN B 33 14.81 7.72 4.88
CA GLN B 33 15.37 6.53 5.54
C GLN B 33 14.29 5.73 6.29
N HIS B 34 13.26 5.29 5.55
CA HIS B 34 12.18 4.51 6.14
C HIS B 34 12.07 3.13 5.48
N ILE B 35 12.84 2.90 4.42
CA ILE B 35 12.82 1.61 3.72
C ILE B 35 14.03 0.78 4.15
N GLN B 36 14.14 0.55 5.45
CA GLN B 36 15.25 -0.20 6.00
C GLN B 36 14.80 -1.14 7.12
N LEU B 37 15.02 -2.43 6.92
CA LEU B 37 14.65 -3.43 7.91
C LEU B 37 15.84 -4.35 8.16
N GLN B 38 16.04 -4.73 9.43
CA GLN B 38 17.16 -5.59 9.79
C GLN B 38 16.83 -7.05 9.47
N LEU B 39 16.72 -7.36 8.18
CA LEU B 39 16.42 -8.71 7.72
C LEU B 39 17.61 -9.64 8.01
N SER B 40 17.41 -10.59 8.90
CA SER B 40 18.47 -11.54 9.27
C SER B 40 17.88 -12.87 9.71
N ALA B 41 18.71 -13.92 9.66
CA ALA B 41 18.30 -15.25 10.06
C ALA B 41 18.47 -15.43 11.56
N GLU B 42 17.36 -15.61 12.26
CA GLU B 42 17.40 -15.78 13.71
C GLU B 42 17.59 -17.25 14.06
N SER B 43 16.66 -18.08 13.61
CA SER B 43 16.72 -19.52 13.86
C SER B 43 17.01 -20.27 12.56
N VAL B 44 17.13 -21.59 12.64
CA VAL B 44 17.40 -22.42 11.47
C VAL B 44 16.49 -22.05 10.29
N GLY B 45 17.05 -21.31 9.33
CA GLY B 45 16.30 -20.89 8.17
C GLY B 45 15.20 -19.86 8.46
N GLU B 46 15.13 -19.40 9.71
CA GLU B 46 14.12 -18.43 10.10
C GLU B 46 14.68 -17.01 10.01
N VAL B 47 14.16 -16.24 9.06
CA VAL B 47 14.60 -14.87 8.87
C VAL B 47 13.58 -13.90 9.42
N TYR B 48 14.05 -12.95 10.22
CA TYR B 48 13.19 -11.96 10.83
C TYR B 48 13.34 -10.60 10.15
N ILE B 49 12.22 -9.93 9.92
CA ILE B 49 12.21 -8.64 9.30
C ILE B 49 11.83 -7.58 10.34
N LYS B 50 12.83 -7.03 11.01
CA LYS B 50 12.59 -6.01 12.03
C LYS B 50 13.42 -4.77 11.74
N SER B 51 12.75 -3.64 11.58
CA SER B 51 13.42 -2.39 11.29
C SER B 51 13.85 -1.69 12.58
N THR B 52 14.80 -2.30 13.28
CA THR B 52 15.31 -1.77 14.53
C THR B 52 15.96 -0.39 14.35
N GLU B 53 16.38 -0.09 13.13
CA GLU B 53 17.04 1.18 12.84
C GLU B 53 16.04 2.34 12.81
N THR B 54 15.20 2.37 11.79
CA THR B 54 14.22 3.45 11.66
C THR B 54 12.83 2.91 11.30
N GLY B 55 12.46 1.78 11.91
CA GLY B 55 11.17 1.19 11.66
C GLY B 55 10.52 0.66 12.93
N GLN B 56 10.13 -0.62 12.91
CA GLN B 56 9.48 -1.23 14.06
C GLN B 56 9.48 -2.76 13.97
N TYR B 57 8.82 -3.42 14.93
CA TYR B 57 8.74 -4.87 14.96
C TYR B 57 7.48 -5.33 14.22
N LEU B 58 7.64 -6.31 13.33
CA LEU B 58 6.51 -6.82 12.55
C LEU B 58 5.66 -7.82 13.35
N ALA B 59 4.36 -7.82 13.06
CA ALA B 59 3.41 -8.71 13.71
C ALA B 59 2.24 -8.96 12.77
N MET B 60 2.46 -9.84 11.80
CA MET B 60 1.44 -10.18 10.80
C MET B 60 0.17 -10.73 11.45
N ASP B 61 -0.90 -9.94 11.43
CA ASP B 61 -2.16 -10.37 12.02
C ASP B 61 -2.70 -11.56 11.26
N THR B 62 -2.40 -12.76 11.76
CA THR B 62 -2.84 -14.01 11.14
C THR B 62 -2.46 -14.03 9.66
N ASP B 63 -1.29 -13.45 9.35
CA ASP B 63 -0.80 -13.38 7.97
C ASP B 63 -1.64 -12.40 7.13
N GLY B 64 -2.96 -12.60 7.15
CA GLY B 64 -3.87 -11.73 6.42
C GLY B 64 -3.41 -10.29 6.36
N LEU B 65 -3.21 -9.67 7.52
CA LEU B 65 -2.78 -8.29 7.59
C LEU B 65 -1.33 -8.22 8.06
N LEU B 66 -0.42 -8.05 7.12
CA LEU B 66 1.00 -7.98 7.43
C LEU B 66 1.37 -6.56 7.88
N TYR B 67 1.56 -6.40 9.19
CA TYR B 67 1.92 -5.10 9.75
C TYR B 67 2.85 -5.28 10.95
N GLY B 68 3.23 -4.17 11.58
CA GLY B 68 4.11 -4.24 12.73
C GLY B 68 4.23 -2.89 13.42
N SER B 69 4.65 -2.88 14.67
CA SER B 69 4.81 -1.65 15.42
C SER B 69 5.08 -1.93 16.89
N GLN B 70 4.21 -2.71 17.51
CA GLN B 70 4.34 -3.03 18.92
C GLN B 70 5.50 -3.99 19.19
N THR B 71 5.29 -5.28 18.96
CA THR B 71 6.33 -6.28 19.21
C THR B 71 6.38 -7.33 18.10
N PRO B 72 7.52 -8.03 17.97
CA PRO B 72 7.72 -9.06 16.95
C PRO B 72 7.14 -10.40 17.40
N ASN B 73 5.81 -10.49 17.41
CA ASN B 73 5.12 -11.72 17.81
C ASN B 73 5.51 -12.88 16.88
N GLU B 74 5.13 -14.09 17.28
CA GLU B 74 5.43 -15.30 16.51
C GLU B 74 5.21 -15.08 15.02
N GLU B 75 4.16 -14.33 14.69
CA GLU B 75 3.82 -14.03 13.31
C GLU B 75 5.04 -13.52 12.53
N CYS B 76 6.03 -12.98 13.24
CA CYS B 76 7.23 -12.44 12.61
C CYS B 76 8.26 -13.53 12.28
N LEU B 77 7.98 -14.79 12.61
CA LEU B 77 8.93 -15.86 12.29
C LEU B 77 8.65 -16.40 10.89
N PHE B 78 9.51 -16.03 9.95
CA PHE B 78 9.37 -16.45 8.56
C PHE B 78 10.55 -17.31 8.11
N LEU B 79 10.26 -18.34 7.33
CA LEU B 79 11.29 -19.23 6.81
C LEU B 79 11.73 -18.74 5.44
N GLU B 80 13.04 -18.62 5.25
CA GLU B 80 13.59 -18.13 3.98
C GLU B 80 13.67 -19.25 2.93
N ARG B 81 13.09 -19.00 1.77
CA ARG B 81 13.10 -19.95 0.67
C ARG B 81 13.41 -19.23 -0.64
N LEU B 82 14.67 -19.23 -1.05
CA LEU B 82 15.09 -18.56 -2.28
C LEU B 82 14.52 -19.27 -3.50
N GLU B 83 14.02 -18.49 -4.46
CA GLU B 83 13.45 -19.03 -5.69
C GLU B 83 14.45 -18.85 -6.84
N GLU B 84 14.47 -19.82 -7.75
CA GLU B 84 15.38 -19.78 -8.90
C GLU B 84 15.14 -18.53 -9.75
N ASN B 85 13.98 -17.88 -9.54
CA ASN B 85 13.62 -16.67 -10.27
C ASN B 85 14.40 -15.45 -9.74
N HIS B 86 15.37 -15.68 -8.86
CA HIS B 86 16.19 -14.61 -8.28
C HIS B 86 15.34 -13.73 -7.35
N TYR B 87 14.74 -14.37 -6.36
CA TYR B 87 13.91 -13.66 -5.39
C TYR B 87 13.91 -14.39 -4.05
N ASN B 88 13.59 -13.66 -2.99
CA ASN B 88 13.56 -14.22 -1.65
C ASN B 88 12.13 -14.49 -1.21
N THR B 89 11.78 -15.76 -1.11
CA THR B 89 10.45 -16.14 -0.65
C THR B 89 10.49 -16.41 0.84
N TYR B 90 9.64 -15.74 1.59
CA TYR B 90 9.61 -15.92 3.05
C TYR B 90 8.28 -16.56 3.44
N ILE B 91 8.37 -17.73 4.07
CA ILE B 91 7.18 -18.45 4.49
C ILE B 91 6.89 -18.21 5.98
N SER B 92 5.75 -17.62 6.26
CA SER B 92 5.34 -17.35 7.63
C SER B 92 5.00 -18.66 8.34
N LYS B 93 6.04 -19.43 8.67
CA LYS B 93 5.88 -20.71 9.34
C LYS B 93 4.81 -20.64 10.43
N LYS B 94 4.80 -19.54 11.19
CA LYS B 94 3.82 -19.35 12.26
C LYS B 94 2.39 -19.58 11.74
N HIS B 95 2.17 -19.35 10.45
CA HIS B 95 0.85 -19.56 9.86
C HIS B 95 0.93 -20.38 8.57
N ALA B 96 1.99 -21.16 8.43
CA ALA B 96 2.15 -22.01 7.25
C ALA B 96 1.01 -23.05 7.17
N GLU B 97 0.25 -23.15 8.27
CA GLU B 97 -0.87 -24.08 8.37
C GLU B 97 -1.73 -24.04 7.11
N LYS B 98 -2.00 -22.83 6.62
CA LYS B 98 -2.82 -22.65 5.43
C LYS B 98 -1.96 -22.49 4.17
N ASN B 99 -0.69 -22.88 4.28
CA ASN B 99 0.27 -22.78 3.18
C ASN B 99 0.41 -21.32 2.72
N TRP B 100 0.48 -20.42 3.69
CA TRP B 100 0.63 -19.00 3.42
C TRP B 100 2.08 -18.56 3.68
N PHE B 101 2.61 -17.75 2.78
CA PHE B 101 3.96 -17.25 2.91
C PHE B 101 4.00 -15.75 2.65
N VAL B 102 4.07 -14.98 3.73
CA VAL B 102 4.09 -13.50 3.71
C VAL B 102 4.40 -12.91 2.33
N GLY B 103 3.42 -12.18 1.79
CA GLY B 103 3.56 -11.53 0.51
C GLY B 103 2.97 -10.13 0.53
N LEU B 104 3.70 -9.16 0.00
CA LEU B 104 3.23 -7.78 0.00
C LEU B 104 2.67 -7.37 -1.36
N LYS B 105 2.05 -6.20 -1.40
CA LYS B 105 1.47 -5.65 -2.61
C LYS B 105 2.27 -4.41 -3.02
N LYS B 106 3.17 -4.58 -3.99
CA LYS B 106 4.02 -3.49 -4.47
C LYS B 106 3.24 -2.17 -4.56
N ASN B 107 2.14 -2.19 -5.28
CA ASN B 107 1.32 -0.98 -5.45
C ASN B 107 0.28 -0.89 -4.32
N GLY B 108 0.75 -0.98 -3.08
CA GLY B 108 -0.13 -0.89 -1.93
C GLY B 108 0.60 -1.06 -0.61
N SER B 109 0.57 -2.26 -0.08
CA SER B 109 1.22 -2.57 1.19
C SER B 109 1.26 -4.10 1.41
N CYS B 110 1.78 -4.53 2.54
CA CYS B 110 1.85 -5.95 2.85
C CYS B 110 0.59 -6.41 3.57
N LYS B 111 -0.27 -7.15 2.85
CA LYS B 111 -1.52 -7.66 3.43
C LYS B 111 -2.32 -8.44 2.39
N ARG B 112 -2.04 -9.74 2.27
CA ARG B 112 -2.74 -10.58 1.31
C ARG B 112 -2.85 -12.03 1.82
N GLY B 113 -2.97 -12.20 3.14
CA GLY B 113 -3.06 -13.53 3.74
C GLY B 113 -3.86 -14.52 2.91
N PRO B 114 -5.14 -14.25 2.66
CA PRO B 114 -6.00 -15.13 1.87
C PRO B 114 -5.48 -15.39 0.45
N ARG B 115 -4.36 -14.74 0.07
CA ARG B 115 -3.77 -14.92 -1.24
C ARG B 115 -2.26 -15.11 -1.17
N THR B 116 -1.70 -15.27 0.03
CA THR B 116 -0.24 -15.45 0.18
C THR B 116 0.18 -16.83 -0.32
N HIS B 117 -0.08 -17.07 -1.60
CA HIS B 117 0.24 -18.33 -2.24
C HIS B 117 0.83 -18.04 -3.63
N TYR B 118 1.03 -19.08 -4.44
CA TYR B 118 1.59 -18.89 -5.77
C TYR B 118 0.85 -17.78 -6.52
N GLY B 119 -0.43 -17.62 -6.22
CA GLY B 119 -1.23 -16.58 -6.85
C GLY B 119 -0.62 -15.19 -6.69
N GLN B 120 0.13 -14.99 -5.61
CA GLN B 120 0.77 -13.71 -5.34
C GLN B 120 2.29 -13.81 -5.54
N LYS B 121 2.73 -13.70 -6.80
CA LYS B 121 4.15 -13.76 -7.11
C LYS B 121 4.92 -12.69 -6.33
N ALA B 122 4.19 -11.66 -5.87
CA ALA B 122 4.79 -10.58 -5.09
C ALA B 122 5.46 -11.08 -3.82
N ILE B 123 5.24 -12.35 -3.46
CA ILE B 123 5.88 -12.93 -2.28
C ILE B 123 7.38 -13.12 -2.54
N LEU B 124 7.76 -13.17 -3.82
CA LEU B 124 9.16 -13.32 -4.20
C LEU B 124 9.87 -11.97 -4.06
N PHE B 125 10.21 -11.64 -2.83
CA PHE B 125 10.86 -10.36 -2.53
C PHE B 125 12.28 -10.28 -3.08
N LEU B 126 12.67 -9.08 -3.48
CA LEU B 126 14.00 -8.82 -3.99
C LEU B 126 14.72 -7.87 -3.04
N PRO B 127 15.20 -8.39 -1.91
CA PRO B 127 15.89 -7.57 -0.90
C PRO B 127 17.23 -7.05 -1.38
N LEU B 128 17.57 -5.85 -0.94
CA LEU B 128 18.84 -5.21 -1.30
C LEU B 128 19.64 -4.92 -0.03
N PRO B 129 20.28 -5.96 0.54
CA PRO B 129 21.08 -5.84 1.75
C PRO B 129 22.56 -5.65 1.47
N VAL B 130 23.23 -4.89 2.33
CA VAL B 130 24.66 -4.64 2.20
C VAL B 130 25.45 -5.81 2.78
N SER B 131 25.30 -6.97 2.14
CA SER B 131 25.95 -8.20 2.57
C SER B 131 27.45 -8.02 2.78
N SER B 132 27.97 -8.54 3.88
CA SER B 132 29.38 -8.45 4.20
C SER B 132 30.18 -9.39 3.30
N ASP B 133 30.46 -8.94 2.09
CA ASP B 133 31.21 -9.72 1.12
C ASP B 133 32.20 -8.84 0.38
N GLU A 1 -6.34 -8.20 -8.21
CA GLU A 1 -7.34 -7.13 -7.99
C GLU A 1 -7.54 -6.31 -9.25
N LYS A 2 -8.70 -5.70 -9.41
CA LYS A 2 -9.00 -4.90 -10.60
C LYS A 2 -10.14 -3.91 -10.34
N LEU A 3 -9.87 -2.63 -10.58
CA LEU A 3 -10.86 -1.58 -10.38
C LEU A 3 -10.82 -0.60 -11.57
N GLY A 4 -10.44 -1.11 -12.74
CA GLY A 4 -10.36 -0.28 -13.92
C GLY A 4 -9.28 0.77 -13.82
N LYS A 5 -9.63 2.02 -14.05
CA LYS A 5 -8.66 3.12 -13.98
C LYS A 5 -9.36 4.41 -13.59
N LEU A 6 -8.58 5.33 -13.03
CA LEU A 6 -9.10 6.62 -12.61
C LEU A 6 -8.32 7.77 -13.26
N GLN A 7 -9.04 8.68 -13.89
CA GLN A 7 -8.42 9.84 -14.53
C GLN A 7 -8.39 11.00 -13.56
N TYR A 8 -7.22 11.59 -13.35
CA TYR A 8 -7.10 12.69 -12.39
C TYR A 8 -5.99 13.66 -12.78
N SER A 9 -6.10 14.86 -12.24
CA SER A 9 -5.13 15.92 -12.47
C SER A 9 -4.90 16.65 -11.14
N LEU A 10 -3.76 16.38 -10.52
CA LEU A 10 -3.44 16.98 -9.23
C LEU A 10 -2.62 18.26 -9.38
N ASP A 11 -2.79 19.15 -8.41
CA ASP A 11 -2.09 20.43 -8.37
C ASP A 11 -1.56 20.66 -6.95
N TYR A 12 -0.68 21.62 -6.76
CA TYR A 12 -0.13 21.88 -5.42
C TYR A 12 -0.05 23.37 -5.12
N ASP A 13 -0.45 23.75 -3.92
CA ASP A 13 -0.42 25.15 -3.49
C ASP A 13 0.57 25.32 -2.35
N PHE A 14 1.56 26.19 -2.57
CA PHE A 14 2.60 26.45 -1.57
C PHE A 14 2.18 27.54 -0.58
N GLN A 15 1.05 28.19 -0.83
CA GLN A 15 0.56 29.25 0.05
C GLN A 15 -0.17 28.62 1.24
N ASN A 16 -1.17 27.80 0.94
CA ASN A 16 -1.94 27.11 1.97
C ASN A 16 -1.17 25.89 2.45
N ASN A 17 -0.29 25.38 1.59
CA ASN A 17 0.54 24.22 1.89
C ASN A 17 -0.30 22.94 1.88
N GLN A 18 -0.93 22.68 0.74
CA GLN A 18 -1.73 21.49 0.55
C GLN A 18 -1.74 21.09 -0.92
N LEU A 19 -2.03 19.83 -1.19
CA LEU A 19 -2.06 19.33 -2.55
C LEU A 19 -3.49 19.28 -3.06
N LEU A 20 -3.69 19.78 -4.27
CA LEU A 20 -5.01 19.80 -4.88
C LEU A 20 -5.21 18.52 -5.70
N VAL A 21 -5.89 17.56 -5.09
CA VAL A 21 -6.15 16.30 -5.76
C VAL A 21 -7.48 16.36 -6.51
N GLY A 22 -7.40 16.55 -7.82
CA GLY A 22 -8.59 16.62 -8.64
C GLY A 22 -8.76 15.38 -9.49
N ILE A 23 -9.86 14.67 -9.31
CA ILE A 23 -10.12 13.45 -10.07
C ILE A 23 -11.29 13.65 -11.02
N ILE A 24 -11.11 13.22 -12.26
CA ILE A 24 -12.13 13.36 -13.29
C ILE A 24 -13.22 12.30 -13.10
N GLN A 25 -12.82 11.04 -13.17
CA GLN A 25 -13.76 9.93 -13.01
C GLN A 25 -13.05 8.58 -13.03
N ALA A 26 -13.73 7.56 -12.49
CA ALA A 26 -13.20 6.22 -12.47
C ALA A 26 -13.92 5.40 -13.54
N ALA A 27 -13.20 4.53 -14.22
CA ALA A 27 -13.80 3.74 -15.29
C ALA A 27 -13.70 2.24 -15.02
N GLU A 28 -14.86 1.57 -15.08
CA GLU A 28 -14.97 0.13 -14.87
C GLU A 28 -14.74 -0.25 -13.42
N LEU A 29 -15.81 -0.26 -12.65
CA LEU A 29 -15.75 -0.62 -11.23
C LEU A 29 -16.66 -1.83 -10.94
N PRO A 30 -16.28 -2.66 -9.95
CA PRO A 30 -17.07 -3.84 -9.56
C PRO A 30 -18.53 -3.50 -9.25
N ALA A 31 -19.41 -4.46 -9.46
CA ALA A 31 -20.84 -4.28 -9.22
C ALA A 31 -21.23 -4.81 -7.84
N LEU A 32 -21.65 -3.91 -6.98
CA LEU A 32 -22.08 -4.25 -5.62
C LEU A 32 -23.61 -4.28 -5.52
N ASP A 33 -24.26 -3.43 -6.31
CA ASP A 33 -25.72 -3.35 -6.32
C ASP A 33 -26.31 -4.47 -7.16
N MET A 34 -27.49 -4.94 -6.78
CA MET A 34 -28.16 -6.02 -7.51
C MET A 34 -28.29 -5.71 -8.99
N GLY A 35 -28.49 -4.43 -9.31
CA GLY A 35 -28.64 -4.03 -10.71
C GLY A 35 -27.32 -3.93 -11.46
N GLY A 36 -26.49 -4.97 -11.33
CA GLY A 36 -25.20 -5.01 -12.01
C GLY A 36 -24.46 -3.69 -11.98
N THR A 37 -24.59 -2.96 -10.88
CA THR A 37 -23.93 -1.67 -10.73
C THR A 37 -23.60 -1.43 -9.26
N SER A 38 -23.17 -0.22 -8.92
CA SER A 38 -22.84 0.10 -7.55
C SER A 38 -23.01 1.60 -7.31
N ASP A 39 -22.84 2.00 -6.06
CA ASP A 39 -22.91 3.41 -5.68
C ASP A 39 -21.51 3.83 -5.25
N PRO A 40 -20.53 3.77 -6.18
CA PRO A 40 -19.12 4.06 -5.88
C PRO A 40 -18.79 5.54 -5.71
N TYR A 41 -18.17 5.85 -4.59
CA TYR A 41 -17.72 7.20 -4.29
C TYR A 41 -16.28 7.13 -3.77
N VAL A 42 -15.39 7.90 -4.36
CA VAL A 42 -13.99 7.88 -3.97
C VAL A 42 -13.76 8.64 -2.67
N LYS A 43 -13.21 7.94 -1.69
CA LYS A 43 -12.91 8.55 -0.40
C LYS A 43 -11.40 8.65 -0.23
N VAL A 44 -10.94 9.86 0.01
CA VAL A 44 -9.52 10.12 0.16
C VAL A 44 -9.03 9.80 1.57
N PHE A 45 -7.95 9.05 1.65
CA PHE A 45 -7.37 8.67 2.93
C PHE A 45 -5.88 8.99 2.93
N LEU A 46 -5.24 8.84 4.08
CA LEU A 46 -3.82 9.13 4.22
C LEU A 46 -3.15 8.11 5.12
N LEU A 47 -1.82 8.03 5.02
CA LEU A 47 -1.03 7.13 5.86
C LEU A 47 -1.16 7.58 7.32
N PRO A 48 -0.34 7.04 8.25
CA PRO A 48 -0.38 7.41 9.68
C PRO A 48 -0.77 8.87 9.91
N ASP A 49 -0.25 9.76 9.05
CA ASP A 49 -0.56 11.19 9.13
C ASP A 49 -2.05 11.40 9.40
N LYS A 50 -2.88 10.83 8.55
CA LYS A 50 -4.34 10.92 8.66
C LYS A 50 -4.83 12.36 8.94
N LYS A 51 -4.08 13.35 8.46
CA LYS A 51 -4.48 14.74 8.65
C LYS A 51 -5.30 15.24 7.47
N LYS A 52 -6.37 14.51 7.16
CA LYS A 52 -7.26 14.87 6.05
C LYS A 52 -8.32 13.79 5.86
N LYS A 53 -9.53 14.22 5.54
CA LYS A 53 -10.64 13.30 5.33
C LYS A 53 -11.69 13.96 4.45
N PHE A 54 -11.84 13.44 3.23
CA PHE A 54 -12.81 13.97 2.28
C PHE A 54 -13.58 12.84 1.61
N GLU A 55 -14.89 12.98 1.56
CA GLU A 55 -15.75 11.98 0.96
C GLU A 55 -16.50 12.57 -0.23
N THR A 56 -16.23 12.05 -1.42
CA THR A 56 -16.89 12.54 -2.63
C THR A 56 -18.38 12.19 -2.59
N LYS A 57 -19.19 12.97 -3.30
CA LYS A 57 -20.62 12.70 -3.32
C LYS A 57 -20.90 11.34 -3.94
N VAL A 58 -21.71 10.55 -3.25
CA VAL A 58 -22.06 9.21 -3.74
C VAL A 58 -22.64 9.28 -5.15
N HIS A 59 -22.40 8.24 -5.94
CA HIS A 59 -22.90 8.16 -7.30
C HIS A 59 -23.75 6.90 -7.43
N ARG A 60 -25.06 7.09 -7.28
CA ARG A 60 -26.01 5.99 -7.33
C ARG A 60 -25.98 5.19 -8.63
N LYS A 61 -25.92 3.87 -8.46
CA LYS A 61 -25.92 2.90 -9.56
C LYS A 61 -25.11 3.36 -10.76
N THR A 62 -23.80 3.23 -10.68
CA THR A 62 -22.92 3.62 -11.78
C THR A 62 -21.54 2.97 -11.62
N LEU A 63 -20.92 2.64 -12.75
CA LEU A 63 -19.59 2.03 -12.76
C LEU A 63 -18.63 2.84 -13.64
N ASN A 64 -19.02 4.07 -13.98
CA ASN A 64 -18.21 4.96 -14.81
C ASN A 64 -18.79 6.37 -14.81
N PRO A 65 -18.96 6.97 -13.60
CA PRO A 65 -19.53 8.30 -13.46
C PRO A 65 -18.48 9.41 -13.35
N VAL A 66 -18.79 10.57 -13.92
CA VAL A 66 -17.89 11.72 -13.87
C VAL A 66 -18.31 12.69 -12.78
N PHE A 67 -17.37 13.48 -12.27
CA PHE A 67 -17.69 14.44 -11.21
C PHE A 67 -16.69 15.59 -11.17
N ASN A 68 -15.41 15.29 -11.33
CA ASN A 68 -14.36 16.32 -11.29
C ASN A 68 -14.28 16.91 -9.89
N GLU A 69 -14.42 16.06 -8.88
CA GLU A 69 -14.37 16.49 -7.49
C GLU A 69 -12.93 16.86 -7.12
N GLN A 70 -12.78 17.71 -6.12
CA GLN A 70 -11.46 18.16 -5.70
C GLN A 70 -11.17 17.75 -4.25
N PHE A 71 -10.01 17.15 -4.04
CA PHE A 71 -9.59 16.74 -2.71
C PHE A 71 -8.50 17.68 -2.18
N THR A 72 -8.76 18.25 -1.02
CA THR A 72 -7.83 19.16 -0.37
C THR A 72 -6.81 18.37 0.45
N PHE A 73 -5.69 18.02 -0.17
CA PHE A 73 -4.65 17.27 0.51
C PHE A 73 -3.92 18.19 1.49
N LYS A 74 -4.57 18.46 2.61
CA LYS A 74 -4.03 19.34 3.65
C LYS A 74 -2.72 18.78 4.23
N VAL A 75 -1.61 19.10 3.57
CA VAL A 75 -0.32 18.66 4.03
C VAL A 75 0.77 19.54 3.41
N PRO A 76 1.63 20.14 4.24
CA PRO A 76 2.71 20.99 3.77
C PRO A 76 3.59 20.25 2.76
N TYR A 77 3.86 20.87 1.61
CA TYR A 77 4.68 20.24 0.59
C TYR A 77 5.97 19.69 1.18
N SER A 78 6.49 20.36 2.21
CA SER A 78 7.71 19.92 2.88
C SER A 78 7.51 18.55 3.53
N GLU A 79 6.28 18.24 3.94
CA GLU A 79 5.97 16.98 4.58
C GLU A 79 5.65 15.90 3.54
N LEU A 80 5.28 16.32 2.33
CA LEU A 80 4.95 15.38 1.24
C LEU A 80 5.97 14.22 1.18
N GLY A 81 7.24 14.54 1.40
CA GLY A 81 8.28 13.52 1.37
C GLY A 81 7.97 12.32 2.26
N GLY A 82 7.22 12.53 3.32
CA GLY A 82 6.89 11.44 4.22
C GLY A 82 5.40 11.12 4.23
N LYS A 83 4.70 11.48 3.16
CA LYS A 83 3.27 11.24 3.08
C LYS A 83 2.91 10.35 1.87
N THR A 84 2.01 9.41 2.08
CA THR A 84 1.57 8.51 1.03
C THR A 84 0.10 8.76 0.71
N LEU A 85 -0.21 8.94 -0.57
CA LEU A 85 -1.58 9.20 -1.00
C LEU A 85 -2.34 7.89 -1.17
N VAL A 86 -3.50 7.79 -0.54
CA VAL A 86 -4.32 6.59 -0.63
C VAL A 86 -5.80 6.97 -0.78
N MET A 87 -6.41 6.55 -1.88
CA MET A 87 -7.82 6.84 -2.12
C MET A 87 -8.56 5.56 -2.47
N ALA A 88 -9.73 5.39 -1.87
CA ALA A 88 -10.54 4.20 -2.10
C ALA A 88 -11.94 4.59 -2.54
N VAL A 89 -12.49 3.83 -3.48
CA VAL A 89 -13.84 4.09 -3.97
C VAL A 89 -14.82 3.20 -3.21
N TYR A 90 -15.54 3.82 -2.30
CA TYR A 90 -16.49 3.12 -1.46
C TYR A 90 -17.85 3.01 -2.15
N ASP A 91 -18.53 1.89 -1.95
CA ASP A 91 -19.84 1.69 -2.55
C ASP A 91 -20.94 2.06 -1.56
N PHE A 92 -22.12 2.33 -2.07
CA PHE A 92 -23.26 2.68 -1.24
C PHE A 92 -24.51 1.95 -1.71
N ASP A 93 -24.41 0.63 -1.83
CA ASP A 93 -25.53 -0.22 -2.25
C ASP A 93 -26.82 0.22 -1.55
N ARG A 94 -26.69 0.58 -0.28
CA ARG A 94 -27.79 1.06 0.55
C ARG A 94 -28.65 -0.09 1.10
N PHE A 95 -27.99 -1.18 1.49
CA PHE A 95 -28.70 -2.32 2.06
C PHE A 95 -27.74 -3.23 2.81
N SER A 96 -26.79 -3.78 2.09
CA SER A 96 -25.81 -4.68 2.67
C SER A 96 -24.64 -3.89 3.27
N LYS A 97 -23.68 -4.59 3.84
CA LYS A 97 -22.52 -3.94 4.42
C LYS A 97 -21.71 -3.27 3.31
N HIS A 98 -21.99 -1.98 3.08
CA HIS A 98 -21.30 -1.21 2.04
C HIS A 98 -19.84 -1.58 2.01
N ASP A 99 -19.37 -2.08 0.88
CA ASP A 99 -17.98 -2.51 0.74
C ASP A 99 -17.15 -1.54 -0.09
N ILE A 100 -15.89 -1.89 -0.30
CA ILE A 100 -14.98 -1.08 -1.08
C ILE A 100 -14.65 -1.80 -2.39
N ILE A 101 -15.29 -1.37 -3.46
CA ILE A 101 -15.08 -1.98 -4.78
C ILE A 101 -13.62 -1.88 -5.22
N GLY A 102 -12.92 -0.83 -4.77
CA GLY A 102 -11.52 -0.68 -5.14
C GLY A 102 -10.87 0.56 -4.56
N GLU A 103 -9.57 0.71 -4.80
CA GLU A 103 -8.82 1.85 -4.30
C GLU A 103 -7.47 1.96 -5.01
N PHE A 104 -6.72 3.02 -4.70
CA PHE A 104 -5.41 3.24 -5.29
C PHE A 104 -4.56 4.10 -4.35
N LYS A 105 -3.24 3.99 -4.46
CA LYS A 105 -2.35 4.75 -3.60
C LYS A 105 -1.01 5.04 -4.28
N VAL A 106 -0.32 6.06 -3.79
CA VAL A 106 0.98 6.46 -4.34
C VAL A 106 1.76 7.31 -3.34
N PRO A 107 3.07 7.05 -3.19
CA PRO A 107 3.93 7.82 -2.28
C PRO A 107 4.15 9.23 -2.79
N MET A 108 3.65 10.23 -2.05
CA MET A 108 3.78 11.63 -2.46
C MET A 108 5.23 11.97 -2.80
N ASN A 109 6.16 11.58 -1.94
CA ASN A 109 7.57 11.85 -2.15
C ASN A 109 8.02 11.45 -3.56
N THR A 110 7.38 10.42 -4.12
CA THR A 110 7.70 9.95 -5.45
C THR A 110 7.18 10.92 -6.52
N VAL A 111 6.07 11.60 -6.23
CA VAL A 111 5.50 12.54 -7.17
C VAL A 111 5.99 13.95 -6.86
N ASP A 112 7.12 14.31 -7.47
CA ASP A 112 7.70 15.63 -7.26
C ASP A 112 6.76 16.72 -7.76
N PHE A 113 6.27 17.52 -6.82
CA PHE A 113 5.34 18.61 -7.13
C PHE A 113 6.02 19.71 -7.95
N GLY A 114 6.38 19.37 -9.19
CA GLY A 114 7.02 20.34 -10.06
C GLY A 114 6.05 21.41 -10.53
N HIS A 115 4.86 20.98 -10.96
CA HIS A 115 3.83 21.90 -11.43
C HIS A 115 2.45 21.29 -11.20
N VAL A 116 2.15 20.23 -11.94
CA VAL A 116 0.87 19.55 -11.82
C VAL A 116 1.04 18.05 -12.00
N THR A 117 0.04 17.28 -11.59
CA THR A 117 0.09 15.83 -11.72
C THR A 117 -1.14 15.31 -12.46
N GLU A 118 -1.07 15.34 -13.79
CA GLU A 118 -2.17 14.88 -14.63
C GLU A 118 -1.78 13.58 -15.32
N GLU A 119 -2.51 12.51 -15.02
CA GLU A 119 -2.21 11.20 -15.59
C GLU A 119 -3.38 10.24 -15.45
N TRP A 120 -3.23 9.03 -15.98
CA TRP A 120 -4.27 8.01 -15.89
C TRP A 120 -3.89 6.98 -14.83
N ARG A 121 -4.40 7.19 -13.63
CA ARG A 121 -4.08 6.33 -12.49
C ARG A 121 -4.84 5.01 -12.55
N ASP A 122 -4.12 3.94 -12.22
CA ASP A 122 -4.68 2.60 -12.18
C ASP A 122 -5.51 2.41 -10.92
N LEU A 123 -6.51 1.55 -11.01
CA LEU A 123 -7.39 1.27 -9.87
C LEU A 123 -7.40 -0.23 -9.58
N GLN A 124 -7.41 -0.60 -8.30
CA GLN A 124 -7.42 -2.00 -7.90
C GLN A 124 -8.44 -2.27 -6.80
N SER A 125 -9.01 -3.47 -6.82
CA SER A 125 -9.99 -3.88 -5.81
C SER A 125 -9.28 -4.41 -4.57
N ALA A 126 -9.07 -3.52 -3.59
CA ALA A 126 -8.42 -3.90 -2.35
C ALA A 126 -9.40 -4.63 -1.44
N GLU A 127 -9.23 -5.95 -1.34
CA GLU A 127 -10.09 -6.77 -0.51
C GLU A 127 -10.03 -6.34 0.95
N LYS A 128 -10.97 -5.48 1.34
CA LYS A 128 -11.04 -4.99 2.71
C LYS A 128 -11.93 -5.90 3.55
N TYR B 1 28.93 -6.12 6.48
CA TYR B 1 28.21 -5.04 7.21
C TYR B 1 26.71 -5.31 7.21
N LYS B 2 26.24 -6.08 8.19
CA LYS B 2 24.83 -6.39 8.29
C LYS B 2 24.08 -5.18 8.85
N LYS B 3 23.15 -4.66 8.07
CA LYS B 3 22.39 -3.49 8.46
C LYS B 3 21.13 -3.37 7.59
N PRO B 4 20.37 -2.25 7.70
CA PRO B 4 19.16 -2.00 6.93
C PRO B 4 19.03 -2.87 5.70
N LYS B 5 18.20 -3.91 5.80
CA LYS B 5 17.98 -4.84 4.70
C LYS B 5 16.78 -4.38 3.87
N LEU B 6 17.04 -3.93 2.65
CA LEU B 6 15.98 -3.48 1.76
C LEU B 6 15.33 -4.67 1.08
N LEU B 7 14.00 -4.74 1.11
CA LEU B 7 13.28 -5.85 0.50
C LEU B 7 12.00 -5.36 -0.18
N TYR B 8 11.63 -6.01 -1.28
CA TYR B 8 10.42 -5.67 -2.02
C TYR B 8 10.07 -6.79 -3.00
N CYS B 9 8.79 -6.96 -3.30
CA CYS B 9 8.36 -7.99 -4.24
C CYS B 9 7.38 -7.41 -5.26
N SER B 10 7.77 -7.48 -6.53
CA SER B 10 6.98 -6.99 -7.66
C SER B 10 7.88 -6.19 -8.61
N ASN B 11 7.65 -6.32 -9.91
CA ASN B 11 8.46 -5.59 -10.89
C ASN B 11 8.24 -4.09 -10.77
N GLY B 12 9.28 -3.31 -11.04
CA GLY B 12 9.17 -1.86 -10.95
C GLY B 12 9.55 -1.34 -9.58
N GLY B 13 9.92 -0.06 -9.51
CA GLY B 13 10.29 0.55 -8.24
C GLY B 13 9.13 0.68 -7.28
N HIS B 14 9.42 0.49 -6.00
CA HIS B 14 8.44 0.58 -4.91
C HIS B 14 9.00 -0.16 -3.69
N PHE B 15 9.81 0.54 -2.90
CA PHE B 15 10.44 -0.04 -1.72
C PHE B 15 9.49 -0.06 -0.53
N LEU B 16 9.68 -1.03 0.36
CA LEU B 16 8.84 -1.19 1.53
C LEU B 16 9.15 -0.13 2.58
N ARG B 17 8.37 0.95 2.60
CA ARG B 17 8.57 2.02 3.58
C ARG B 17 7.71 1.76 4.80
N ILE B 18 8.35 1.55 5.95
CA ILE B 18 7.65 1.24 7.18
C ILE B 18 7.43 2.49 8.03
N LEU B 19 6.28 2.53 8.71
CA LEU B 19 5.93 3.63 9.59
C LEU B 19 5.45 3.09 10.95
N PRO B 20 6.26 3.30 12.01
CA PRO B 20 5.96 2.84 13.36
C PRO B 20 4.48 2.96 13.76
N ASP B 21 3.83 4.01 13.28
CA ASP B 21 2.42 4.23 13.57
C ASP B 21 1.58 2.99 13.25
N GLY B 22 2.07 2.19 12.30
CA GLY B 22 1.36 0.98 11.92
C GLY B 22 0.95 0.99 10.46
N THR B 23 1.90 1.33 9.59
CA THR B 23 1.64 1.37 8.16
C THR B 23 2.93 1.14 7.37
N VAL B 24 2.77 0.66 6.14
CA VAL B 24 3.91 0.39 5.27
C VAL B 24 3.45 0.33 3.82
N ASP B 25 4.12 1.09 2.96
CA ASP B 25 3.76 1.13 1.53
C ASP B 25 5.00 0.99 0.66
N GLY B 26 4.78 0.80 -0.64
CA GLY B 26 5.86 0.63 -1.59
C GLY B 26 6.38 1.97 -2.10
N THR B 27 7.18 2.63 -1.30
CA THR B 27 7.74 3.91 -1.67
C THR B 27 8.92 3.72 -2.62
N ARG B 28 8.73 4.07 -3.88
CA ARG B 28 9.81 3.92 -4.87
C ARG B 28 10.81 5.07 -4.75
N ASP B 29 11.47 5.12 -3.61
CA ASP B 29 12.47 6.16 -3.36
C ASP B 29 13.34 5.78 -2.15
N ARG B 30 14.52 6.39 -2.07
CA ARG B 30 15.44 6.12 -0.98
C ARG B 30 16.08 7.40 -0.44
N SER B 31 15.29 8.47 -0.40
CA SER B 31 15.78 9.76 0.11
C SER B 31 15.78 9.77 1.63
N ASP B 32 14.89 8.99 2.24
CA ASP B 32 14.79 8.91 3.69
C ASP B 32 14.95 7.47 4.16
N GLN B 33 15.62 7.31 5.29
CA GLN B 33 15.87 5.99 5.85
C GLN B 33 14.61 5.43 6.51
N HIS B 34 13.62 5.06 5.70
CA HIS B 34 12.37 4.48 6.21
C HIS B 34 11.94 3.25 5.41
N ILE B 35 12.82 2.75 4.54
CA ILE B 35 12.54 1.57 3.74
C ILE B 35 13.59 0.50 4.05
N GLN B 36 13.83 0.28 5.33
CA GLN B 36 14.82 -0.68 5.77
C GLN B 36 14.33 -1.52 6.95
N LEU B 37 14.82 -2.74 7.02
CA LEU B 37 14.47 -3.66 8.09
C LEU B 37 15.67 -4.57 8.36
N GLN B 38 15.92 -4.88 9.62
CA GLN B 38 17.05 -5.73 9.96
C GLN B 38 16.65 -7.19 9.82
N LEU B 39 16.48 -7.61 8.57
CA LEU B 39 16.11 -8.99 8.26
C LEU B 39 17.31 -9.91 8.46
N SER B 40 17.22 -10.78 9.46
CA SER B 40 18.29 -11.72 9.75
C SER B 40 17.70 -13.04 10.28
N ALA B 41 18.49 -14.10 10.16
CA ALA B 41 18.06 -15.41 10.62
C ALA B 41 18.20 -15.50 12.13
N GLU B 42 17.09 -15.74 12.81
CA GLU B 42 17.08 -15.85 14.26
C GLU B 42 17.34 -17.29 14.68
N SER B 43 16.75 -18.22 13.95
CA SER B 43 16.90 -19.65 14.25
C SER B 43 16.90 -20.45 12.94
N VAL B 44 16.97 -21.77 13.05
CA VAL B 44 16.98 -22.66 11.89
C VAL B 44 15.91 -22.25 10.87
N GLY B 45 16.36 -21.55 9.83
CA GLY B 45 15.47 -21.12 8.76
C GLY B 45 14.50 -20.02 9.19
N GLU B 46 14.60 -19.55 10.43
CA GLU B 46 13.71 -18.53 10.95
C GLU B 46 14.30 -17.13 10.75
N VAL B 47 13.71 -16.36 9.84
CA VAL B 47 14.17 -15.01 9.60
C VAL B 47 13.17 -14.01 10.16
N TYR B 48 13.68 -13.00 10.85
CA TYR B 48 12.84 -11.98 11.47
C TYR B 48 12.91 -10.66 10.72
N ILE B 49 11.75 -10.06 10.47
CA ILE B 49 11.67 -8.78 9.79
C ILE B 49 11.43 -7.68 10.84
N LYS B 50 12.50 -7.02 11.26
CA LYS B 50 12.40 -5.98 12.28
C LYS B 50 13.09 -4.69 11.82
N SER B 51 12.32 -3.61 11.74
CA SER B 51 12.84 -2.32 11.32
C SER B 51 13.27 -1.52 12.55
N THR B 52 14.23 -2.06 13.29
CA THR B 52 14.71 -1.42 14.52
C THR B 52 14.99 0.08 14.34
N GLU B 53 16.08 0.42 13.66
CA GLU B 53 16.46 1.80 13.44
C GLU B 53 15.74 2.44 12.26
N THR B 54 14.41 2.45 12.32
CA THR B 54 13.59 3.03 11.25
C THR B 54 12.10 2.89 11.55
N GLY B 55 11.69 1.68 11.92
CA GLY B 55 10.30 1.43 12.21
C GLY B 55 10.10 0.75 13.54
N GLN B 56 9.88 -0.55 13.51
CA GLN B 56 9.63 -1.33 14.72
C GLN B 56 9.44 -2.81 14.38
N TYR B 57 8.91 -3.57 15.34
CA TYR B 57 8.63 -4.98 15.12
C TYR B 57 7.34 -5.14 14.33
N LEU B 58 7.25 -6.22 13.56
CA LEU B 58 6.08 -6.48 12.74
C LEU B 58 5.14 -7.48 13.42
N ALA B 59 3.89 -7.47 12.99
CA ALA B 59 2.87 -8.36 13.53
C ALA B 59 1.83 -8.66 12.46
N MET B 60 2.08 -9.70 11.67
CA MET B 60 1.18 -10.10 10.60
C MET B 60 -0.05 -10.79 11.17
N ASP B 61 -1.07 -9.99 11.48
CA ASP B 61 -2.32 -10.52 12.04
C ASP B 61 -2.80 -11.70 11.23
N THR B 62 -2.50 -12.90 11.71
CA THR B 62 -2.89 -14.13 11.03
C THR B 62 -2.43 -14.09 9.56
N ASP B 63 -1.28 -13.46 9.32
CA ASP B 63 -0.71 -13.34 7.97
C ASP B 63 -1.54 -12.40 7.10
N GLY B 64 -2.85 -12.66 7.01
CA GLY B 64 -3.74 -11.82 6.23
C GLY B 64 -3.38 -10.35 6.29
N LEU B 65 -3.28 -9.81 7.50
CA LEU B 65 -2.97 -8.40 7.69
C LEU B 65 -1.48 -8.25 8.02
N LEU B 66 -0.66 -8.11 6.98
CA LEU B 66 0.77 -7.96 7.15
C LEU B 66 1.12 -6.52 7.54
N TYR B 67 1.45 -6.30 8.81
CA TYR B 67 1.81 -4.97 9.28
C TYR B 67 2.72 -5.06 10.50
N GLY B 68 3.19 -3.91 10.96
CA GLY B 68 4.06 -3.86 12.11
C GLY B 68 3.92 -2.56 12.87
N SER B 69 4.30 -2.57 14.14
CA SER B 69 4.20 -1.37 14.98
C SER B 69 4.49 -1.70 16.44
N GLN B 70 3.81 -2.71 16.96
CA GLN B 70 3.97 -3.10 18.36
C GLN B 70 4.92 -4.31 18.51
N THR B 71 4.70 -5.11 19.53
CA THR B 71 5.53 -6.27 19.83
C THR B 71 5.65 -7.24 18.63
N PRO B 72 6.82 -7.89 18.49
CA PRO B 72 7.08 -8.84 17.43
C PRO B 72 6.45 -10.19 17.74
N ASN B 73 5.15 -10.30 17.52
CA ASN B 73 4.42 -11.53 17.78
C ASN B 73 4.99 -12.68 16.95
N GLU B 74 4.60 -13.90 17.31
CA GLU B 74 5.08 -15.11 16.62
C GLU B 74 5.04 -14.95 15.09
N GLU B 75 3.99 -14.30 14.60
CA GLU B 75 3.84 -14.08 13.15
C GLU B 75 4.96 -13.21 12.56
N CYS B 76 5.77 -12.59 13.43
CA CYS B 76 6.88 -11.76 12.98
C CYS B 76 8.03 -12.64 12.45
N LEU B 77 7.99 -13.93 12.74
CA LEU B 77 9.02 -14.86 12.29
C LEU B 77 8.57 -15.59 11.02
N PHE B 78 9.48 -15.71 10.07
CA PHE B 78 9.18 -16.38 8.81
C PHE B 78 10.31 -17.34 8.42
N LEU B 79 9.94 -18.40 7.69
CA LEU B 79 10.91 -19.38 7.24
C LEU B 79 11.61 -18.88 5.98
N GLU B 80 12.93 -18.66 6.08
CA GLU B 80 13.72 -18.15 4.95
C GLU B 80 13.80 -19.15 3.81
N ARG B 81 13.32 -18.75 2.64
CA ARG B 81 13.35 -19.60 1.46
C ARG B 81 13.81 -18.78 0.25
N LEU B 82 14.51 -19.43 -0.67
CA LEU B 82 15.00 -18.76 -1.87
C LEU B 82 14.44 -19.42 -3.13
N GLU B 83 14.12 -18.61 -4.13
CA GLU B 83 13.59 -19.12 -5.39
C GLU B 83 14.65 -19.02 -6.49
N GLU B 84 14.83 -20.12 -7.22
CA GLU B 84 15.81 -20.19 -8.31
C GLU B 84 15.72 -18.96 -9.21
N ASN B 85 14.51 -18.45 -9.38
CA ASN B 85 14.25 -17.26 -10.20
C ASN B 85 15.06 -16.06 -9.72
N HIS B 86 15.61 -16.16 -8.49
CA HIS B 86 16.42 -15.10 -7.88
C HIS B 86 15.54 -14.18 -7.05
N TYR B 87 14.74 -14.77 -6.18
CA TYR B 87 13.86 -14.02 -5.30
C TYR B 87 13.74 -14.72 -3.96
N ASN B 88 13.47 -13.95 -2.92
CA ASN B 88 13.35 -14.48 -1.57
C ASN B 88 11.91 -14.83 -1.21
N THR B 89 11.74 -15.90 -0.46
CA THR B 89 10.44 -16.34 -0.01
C THR B 89 10.48 -16.56 1.51
N TYR B 90 9.42 -16.19 2.20
CA TYR B 90 9.39 -16.36 3.65
C TYR B 90 8.08 -17.01 4.09
N ILE B 91 8.18 -18.21 4.65
CA ILE B 91 7.01 -18.96 5.10
C ILE B 91 6.53 -18.47 6.46
N SER B 92 5.23 -18.15 6.53
CA SER B 92 4.60 -17.68 7.76
C SER B 92 4.35 -18.84 8.71
N LYS B 93 5.41 -19.30 9.38
CA LYS B 93 5.31 -20.42 10.31
C LYS B 93 4.12 -20.26 11.26
N LYS B 94 3.86 -19.02 11.68
CA LYS B 94 2.75 -18.72 12.58
C LYS B 94 1.48 -19.47 12.17
N HIS B 95 1.21 -19.50 10.87
CA HIS B 95 0.03 -20.19 10.36
C HIS B 95 0.32 -20.83 9.01
N ALA B 96 1.52 -21.40 8.88
CA ALA B 96 1.94 -22.06 7.65
C ALA B 96 0.95 -23.15 7.24
N GLU B 97 0.11 -23.57 8.19
CA GLU B 97 -0.90 -24.59 7.94
C GLU B 97 -1.68 -24.28 6.66
N LYS B 98 -2.03 -23.00 6.49
CA LYS B 98 -2.78 -22.58 5.30
C LYS B 98 -1.83 -22.31 4.12
N ASN B 99 -0.57 -22.73 4.25
CA ASN B 99 0.44 -22.51 3.21
C ASN B 99 0.54 -21.03 2.91
N TRP B 100 0.47 -20.23 3.96
CA TRP B 100 0.57 -18.79 3.84
C TRP B 100 2.00 -18.34 4.09
N PHE B 101 2.62 -17.70 3.11
CA PHE B 101 3.99 -17.24 3.24
C PHE B 101 4.11 -15.76 2.87
N VAL B 102 3.65 -14.90 3.79
CA VAL B 102 3.70 -13.43 3.66
C VAL B 102 3.80 -12.91 2.22
N GLY B 103 2.69 -12.35 1.73
CA GLY B 103 2.65 -11.79 0.39
C GLY B 103 2.29 -10.32 0.45
N LEU B 104 3.16 -9.45 -0.05
CA LEU B 104 2.90 -8.02 0.00
C LEU B 104 2.52 -7.47 -1.37
N LYS B 105 1.70 -6.43 -1.37
CA LYS B 105 1.28 -5.78 -2.59
C LYS B 105 2.08 -4.50 -2.78
N LYS B 106 3.21 -4.62 -3.46
CA LYS B 106 4.10 -3.49 -3.71
C LYS B 106 3.32 -2.24 -4.15
N ASN B 107 2.21 -2.44 -4.87
CA ASN B 107 1.39 -1.33 -5.33
C ASN B 107 0.27 -1.02 -4.33
N GLY B 108 0.64 -0.98 -3.05
CA GLY B 108 -0.33 -0.68 -2.02
C GLY B 108 0.20 -0.90 -0.62
N SER B 109 0.50 -2.16 -0.30
CA SER B 109 1.00 -2.52 1.03
C SER B 109 0.99 -4.05 1.19
N CYS B 110 1.55 -4.53 2.28
CA CYS B 110 1.59 -5.96 2.55
C CYS B 110 0.30 -6.41 3.24
N LYS B 111 -0.47 -7.26 2.57
CA LYS B 111 -1.72 -7.77 3.12
C LYS B 111 -2.43 -8.67 2.10
N ARG B 112 -1.94 -9.89 1.94
CA ARG B 112 -2.52 -10.84 0.99
C ARG B 112 -2.57 -12.26 1.58
N GLY B 113 -2.58 -12.36 2.92
CA GLY B 113 -2.61 -13.67 3.57
C GLY B 113 -3.53 -14.67 2.90
N PRO B 114 -4.85 -14.37 2.83
CA PRO B 114 -5.82 -15.26 2.19
C PRO B 114 -5.40 -15.70 0.78
N ARG B 115 -4.41 -15.01 0.20
CA ARG B 115 -3.91 -15.34 -1.13
C ARG B 115 -2.38 -15.45 -1.14
N THR B 116 -1.77 -15.74 0.01
CA THR B 116 -0.32 -15.87 0.07
C THR B 116 0.17 -17.19 -0.53
N HIS B 117 -0.73 -17.91 -1.20
CA HIS B 117 -0.38 -19.16 -1.86
C HIS B 117 0.24 -18.84 -3.23
N TYR B 118 0.54 -19.85 -4.03
CA TYR B 118 1.14 -19.60 -5.35
C TYR B 118 0.10 -19.02 -6.31
N GLY B 119 -0.48 -17.88 -5.93
CA GLY B 119 -1.48 -17.22 -6.77
C GLY B 119 -0.93 -16.02 -7.51
N GLN B 120 0.11 -15.40 -6.97
CA GLN B 120 0.72 -14.23 -7.60
C GLN B 120 2.20 -14.14 -7.19
N LYS B 121 3.01 -13.54 -8.05
CA LYS B 121 4.44 -13.39 -7.78
C LYS B 121 4.68 -12.18 -6.87
N ALA B 122 3.89 -12.08 -5.79
CA ALA B 122 3.99 -10.97 -4.85
C ALA B 122 4.65 -11.42 -3.54
N ILE B 123 5.09 -12.68 -3.50
CA ILE B 123 5.75 -13.23 -2.32
C ILE B 123 7.25 -13.39 -2.56
N LEU B 124 7.63 -13.52 -3.83
CA LEU B 124 9.03 -13.67 -4.19
C LEU B 124 9.71 -12.31 -4.11
N PHE B 125 10.15 -11.96 -2.92
CA PHE B 125 10.77 -10.67 -2.66
C PHE B 125 12.19 -10.58 -3.24
N LEU B 126 12.53 -9.39 -3.72
CA LEU B 126 13.86 -9.13 -4.25
C LEU B 126 14.59 -8.21 -3.28
N PRO B 127 15.41 -8.79 -2.39
CA PRO B 127 16.13 -8.04 -1.38
C PRO B 127 17.38 -7.35 -1.90
N LEU B 128 17.64 -6.17 -1.37
CA LEU B 128 18.82 -5.38 -1.71
C LEU B 128 19.42 -4.82 -0.41
N PRO B 129 19.78 -5.72 0.52
CA PRO B 129 20.33 -5.34 1.81
C PRO B 129 21.86 -5.34 1.85
N VAL B 130 22.38 -4.66 2.86
CA VAL B 130 23.82 -4.60 3.05
C VAL B 130 24.30 -5.84 3.79
N SER B 131 25.15 -6.62 3.14
CA SER B 131 25.66 -7.85 3.72
C SER B 131 27.16 -7.72 4.00
N SER B 132 27.81 -8.83 4.31
CA SER B 132 29.24 -8.84 4.58
C SER B 132 29.96 -9.74 3.57
N ASP B 133 30.95 -9.16 2.90
CA ASP B 133 31.73 -9.90 1.92
C ASP B 133 33.21 -9.55 2.05
N GLU A 1 -5.57 -7.16 -9.45
CA GLU A 1 -6.65 -6.21 -9.07
C GLU A 1 -7.05 -5.39 -10.28
N LYS A 2 -8.34 -5.10 -10.41
CA LYS A 2 -8.85 -4.31 -11.53
C LYS A 2 -10.12 -3.57 -11.12
N LEU A 3 -9.97 -2.29 -10.82
CA LEU A 3 -11.09 -1.45 -10.44
C LEU A 3 -11.46 -0.48 -11.57
N GLY A 4 -10.61 -0.42 -12.60
CA GLY A 4 -10.86 0.48 -13.72
C GLY A 4 -9.80 1.57 -13.80
N LYS A 5 -10.25 2.79 -14.04
CA LYS A 5 -9.35 3.93 -14.15
C LYS A 5 -10.03 5.18 -13.57
N LEU A 6 -9.22 6.08 -13.02
CA LEU A 6 -9.75 7.30 -12.44
C LEU A 6 -8.87 8.49 -12.79
N GLN A 7 -9.17 9.14 -13.90
CA GLN A 7 -8.44 10.32 -14.34
C GLN A 7 -8.58 11.44 -13.31
N TYR A 8 -7.48 12.12 -13.04
CA TYR A 8 -7.48 13.20 -12.06
C TYR A 8 -6.35 14.20 -12.29
N SER A 9 -6.52 15.40 -11.77
CA SER A 9 -5.52 16.45 -11.89
C SER A 9 -5.12 16.91 -10.49
N LEU A 10 -3.87 16.63 -10.12
CA LEU A 10 -3.38 16.98 -8.78
C LEU A 10 -2.60 18.29 -8.81
N ASP A 11 -2.96 19.19 -7.91
CA ASP A 11 -2.32 20.50 -7.78
C ASP A 11 -1.89 20.71 -6.32
N TYR A 12 -1.00 21.66 -6.07
CA TYR A 12 -0.54 21.92 -4.70
C TYR A 12 -0.46 23.42 -4.43
N ASP A 13 -0.93 23.84 -3.26
CA ASP A 13 -0.91 25.24 -2.87
C ASP A 13 0.14 25.47 -1.78
N PHE A 14 1.12 26.30 -2.10
CA PHE A 14 2.21 26.59 -1.17
C PHE A 14 1.86 27.71 -0.19
N GLN A 15 0.78 28.45 -0.45
CA GLN A 15 0.39 29.54 0.42
C GLN A 15 -0.21 29.00 1.72
N ASN A 16 -1.06 28.00 1.59
CA ASN A 16 -1.70 27.37 2.74
C ASN A 16 -1.03 26.04 3.09
N ASN A 17 -0.18 25.55 2.18
CA ASN A 17 0.55 24.30 2.40
C ASN A 17 -0.39 23.09 2.33
N GLN A 18 -0.99 22.89 1.17
CA GLN A 18 -1.91 21.77 0.96
C GLN A 18 -1.98 21.40 -0.52
N LEU A 19 -2.31 20.14 -0.78
CA LEU A 19 -2.43 19.64 -2.13
C LEU A 19 -3.89 19.55 -2.52
N LEU A 20 -4.18 19.85 -3.78
CA LEU A 20 -5.54 19.80 -4.29
C LEU A 20 -5.66 18.69 -5.33
N VAL A 21 -6.31 17.61 -4.95
CA VAL A 21 -6.49 16.48 -5.84
C VAL A 21 -7.84 16.56 -6.55
N GLY A 22 -7.81 16.88 -7.84
CA GLY A 22 -9.02 16.97 -8.62
C GLY A 22 -9.33 15.67 -9.32
N ILE A 23 -10.12 14.81 -8.67
CA ILE A 23 -10.48 13.53 -9.24
C ILE A 23 -11.64 13.68 -10.22
N ILE A 24 -11.30 13.79 -11.50
CA ILE A 24 -12.30 13.96 -12.55
C ILE A 24 -13.42 12.93 -12.44
N GLN A 25 -13.08 11.66 -12.58
CA GLN A 25 -14.06 10.60 -12.50
C GLN A 25 -13.42 9.22 -12.59
N ALA A 26 -14.15 8.22 -12.12
CA ALA A 26 -13.70 6.84 -12.16
C ALA A 26 -14.45 6.10 -13.25
N ALA A 27 -13.77 5.19 -13.93
CA ALA A 27 -14.39 4.44 -15.02
C ALA A 27 -14.20 2.93 -14.83
N GLU A 28 -15.21 2.16 -15.24
CA GLU A 28 -15.19 0.71 -15.15
C GLU A 28 -15.26 0.22 -13.70
N LEU A 29 -15.98 0.95 -12.86
CA LEU A 29 -16.11 0.57 -11.45
C LEU A 29 -16.90 -0.73 -11.32
N PRO A 30 -16.48 -1.62 -10.41
CA PRO A 30 -17.17 -2.90 -10.18
C PRO A 30 -18.59 -2.72 -9.68
N ALA A 31 -19.44 -3.72 -9.93
CA ALA A 31 -20.83 -3.67 -9.51
C ALA A 31 -20.98 -4.10 -8.05
N LEU A 32 -22.13 -3.76 -7.47
CA LEU A 32 -22.44 -4.10 -6.09
C LEU A 32 -23.96 -4.15 -5.88
N ASP A 33 -24.64 -3.12 -6.37
CA ASP A 33 -26.09 -3.04 -6.26
C ASP A 33 -26.75 -4.20 -6.99
N MET A 34 -27.95 -4.55 -6.55
CA MET A 34 -28.71 -5.65 -7.14
C MET A 34 -29.17 -5.28 -8.56
N GLY A 35 -28.23 -5.21 -9.49
CA GLY A 35 -28.56 -4.87 -10.86
C GLY A 35 -27.37 -4.38 -11.65
N GLY A 36 -26.30 -5.16 -11.65
CA GLY A 36 -25.09 -4.82 -12.38
C GLY A 36 -24.69 -3.36 -12.23
N THR A 37 -24.93 -2.80 -11.05
CA THR A 37 -24.59 -1.41 -10.78
C THR A 37 -23.99 -1.27 -9.39
N SER A 38 -23.72 -0.03 -8.98
CA SER A 38 -23.14 0.23 -7.67
C SER A 38 -23.28 1.71 -7.34
N ASP A 39 -23.09 2.04 -6.07
CA ASP A 39 -23.14 3.42 -5.60
C ASP A 39 -21.76 3.80 -5.08
N PRO A 40 -20.75 3.76 -5.97
CA PRO A 40 -19.36 4.04 -5.61
C PRO A 40 -19.03 5.51 -5.42
N TYR A 41 -18.33 5.79 -4.33
CA TYR A 41 -17.87 7.13 -4.01
C TYR A 41 -16.46 7.02 -3.46
N VAL A 42 -15.60 7.95 -3.85
CA VAL A 42 -14.20 7.89 -3.42
C VAL A 42 -14.01 8.60 -2.08
N LYS A 43 -13.19 7.99 -1.24
CA LYS A 43 -12.86 8.54 0.07
C LYS A 43 -11.36 8.71 0.17
N VAL A 44 -10.91 9.96 0.15
CA VAL A 44 -9.50 10.28 0.21
C VAL A 44 -8.93 9.97 1.60
N PHE A 45 -7.85 9.21 1.62
CA PHE A 45 -7.19 8.84 2.86
C PHE A 45 -5.68 8.92 2.70
N LEU A 46 -4.98 8.84 3.82
CA LEU A 46 -3.52 8.93 3.83
C LEU A 46 -2.92 7.87 4.75
N LEU A 47 -1.60 7.74 4.70
CA LEU A 47 -0.89 6.80 5.55
C LEU A 47 -1.08 7.20 7.03
N PRO A 48 -0.33 6.59 7.98
CA PRO A 48 -0.45 6.90 9.41
C PRO A 48 -0.78 8.37 9.68
N ASP A 49 -0.23 9.27 8.85
CA ASP A 49 -0.49 10.71 8.96
C ASP A 49 -1.97 10.94 9.24
N LYS A 50 -2.82 10.37 8.38
CA LYS A 50 -4.27 10.48 8.48
C LYS A 50 -4.77 11.90 8.75
N LYS A 51 -4.00 12.91 8.38
CA LYS A 51 -4.40 14.29 8.59
C LYS A 51 -5.23 14.79 7.40
N LYS A 52 -6.29 14.04 7.09
CA LYS A 52 -7.17 14.38 5.98
C LYS A 52 -8.14 13.23 5.70
N LYS A 53 -9.43 13.53 5.82
CA LYS A 53 -10.48 12.56 5.59
C LYS A 53 -11.64 13.23 4.87
N PHE A 54 -11.78 12.96 3.59
CA PHE A 54 -12.84 13.56 2.79
C PHE A 54 -13.66 12.49 2.08
N GLU A 55 -14.98 12.59 2.21
CA GLU A 55 -15.89 11.64 1.58
C GLU A 55 -16.63 12.30 0.43
N THR A 56 -16.31 11.89 -0.79
CA THR A 56 -16.96 12.45 -1.98
C THR A 56 -18.43 12.07 -2.03
N LYS A 57 -19.21 12.80 -2.80
CA LYS A 57 -20.64 12.53 -2.92
C LYS A 57 -20.88 11.18 -3.58
N VAL A 58 -21.73 10.37 -2.94
CA VAL A 58 -22.06 9.06 -3.47
C VAL A 58 -22.75 9.17 -4.83
N HIS A 59 -22.60 8.15 -5.66
CA HIS A 59 -23.20 8.15 -6.98
C HIS A 59 -24.11 6.94 -7.12
N ARG A 60 -25.39 7.14 -6.83
CA ARG A 60 -26.38 6.07 -6.90
C ARG A 60 -26.49 5.44 -8.29
N LYS A 61 -26.25 4.14 -8.34
CA LYS A 61 -26.34 3.35 -9.56
C LYS A 61 -25.49 3.92 -10.69
N THR A 62 -24.19 3.75 -10.59
CA THR A 62 -23.27 4.22 -11.63
C THR A 62 -21.87 3.67 -11.43
N LEU A 63 -21.36 3.02 -12.47
CA LEU A 63 -20.03 2.43 -12.45
C LEU A 63 -19.04 3.27 -13.26
N ASN A 64 -19.50 4.41 -13.79
CA ASN A 64 -18.66 5.29 -14.60
C ASN A 64 -19.13 6.75 -14.50
N PRO A 65 -19.39 7.25 -13.27
CA PRO A 65 -19.86 8.62 -13.05
C PRO A 65 -18.75 9.65 -12.96
N VAL A 66 -19.06 10.88 -13.38
CA VAL A 66 -18.11 11.99 -13.33
C VAL A 66 -18.40 12.87 -12.11
N PHE A 67 -17.44 13.69 -11.71
CA PHE A 67 -17.66 14.57 -10.55
C PHE A 67 -16.58 15.64 -10.42
N ASN A 68 -15.31 15.25 -10.49
CA ASN A 68 -14.19 16.19 -10.34
C ASN A 68 -14.25 16.82 -8.95
N GLU A 69 -14.15 15.96 -7.93
CA GLU A 69 -14.19 16.42 -6.54
C GLU A 69 -12.87 17.09 -6.14
N GLN A 70 -12.96 18.04 -5.21
CA GLN A 70 -11.79 18.77 -4.74
C GLN A 70 -11.26 18.18 -3.44
N PHE A 71 -10.22 17.35 -3.54
CA PHE A 71 -9.62 16.74 -2.35
C PHE A 71 -8.56 17.67 -1.75
N THR A 72 -8.85 18.19 -0.57
CA THR A 72 -7.93 19.08 0.12
C THR A 72 -6.90 18.29 0.93
N PHE A 73 -5.73 18.09 0.35
CA PHE A 73 -4.65 17.35 0.99
C PHE A 73 -4.02 18.20 2.09
N LYS A 74 -4.60 18.12 3.28
CA LYS A 74 -4.13 18.89 4.43
C LYS A 74 -2.78 18.37 4.94
N VAL A 75 -1.70 18.91 4.40
CA VAL A 75 -0.36 18.54 4.81
C VAL A 75 0.67 19.42 4.08
N PRO A 76 1.60 20.03 4.83
CA PRO A 76 2.64 20.89 4.26
C PRO A 76 3.49 20.15 3.23
N TYR A 77 3.79 20.81 2.12
CA TYR A 77 4.59 20.20 1.06
C TYR A 77 5.86 19.54 1.61
N SER A 78 6.47 20.16 2.62
CA SER A 78 7.67 19.60 3.22
C SER A 78 7.41 18.21 3.81
N GLU A 79 6.19 18.00 4.30
CA GLU A 79 5.81 16.72 4.89
C GLU A 79 5.39 15.72 3.81
N LEU A 80 4.97 16.24 2.65
CA LEU A 80 4.53 15.41 1.54
C LEU A 80 5.48 14.24 1.31
N GLY A 81 6.79 14.51 1.36
CA GLY A 81 7.79 13.48 1.14
C GLY A 81 7.62 12.25 2.01
N GLY A 82 6.97 12.39 3.17
CA GLY A 82 6.79 11.26 4.05
C GLY A 82 5.37 10.72 4.07
N LYS A 83 4.47 11.31 3.29
CA LYS A 83 3.07 10.91 3.27
C LYS A 83 2.72 10.09 2.03
N THR A 84 2.03 8.98 2.24
CA THR A 84 1.60 8.09 1.16
C THR A 84 0.11 8.32 0.88
N LEU A 85 -0.21 8.83 -0.31
CA LEU A 85 -1.59 9.11 -0.68
C LEU A 85 -2.34 7.84 -1.07
N VAL A 86 -3.54 7.66 -0.51
CA VAL A 86 -4.35 6.50 -0.82
C VAL A 86 -5.79 6.91 -1.14
N MET A 87 -6.27 6.52 -2.30
CA MET A 87 -7.62 6.85 -2.74
C MET A 87 -8.47 5.59 -2.83
N ALA A 88 -9.45 5.48 -1.96
CA ALA A 88 -10.33 4.33 -1.94
C ALA A 88 -11.74 4.70 -2.36
N VAL A 89 -12.36 3.84 -3.18
CA VAL A 89 -13.71 4.07 -3.62
C VAL A 89 -14.64 3.09 -2.92
N TYR A 90 -15.63 3.63 -2.22
CA TYR A 90 -16.56 2.83 -1.46
C TYR A 90 -17.96 2.86 -2.07
N ASP A 91 -18.63 1.72 -2.06
CA ASP A 91 -19.99 1.61 -2.57
C ASP A 91 -21.00 1.94 -1.48
N PHE A 92 -22.21 2.32 -1.88
CA PHE A 92 -23.26 2.63 -0.93
C PHE A 92 -24.60 2.09 -1.44
N ASP A 93 -24.64 0.78 -1.72
CA ASP A 93 -25.87 0.12 -2.19
C ASP A 93 -27.06 0.50 -1.31
N ARG A 94 -26.78 0.78 -0.03
CA ARG A 94 -27.78 1.18 0.95
C ARG A 94 -28.62 0.00 1.44
N PHE A 95 -28.02 -1.17 1.50
CA PHE A 95 -28.72 -2.36 1.97
C PHE A 95 -27.75 -3.40 2.53
N SER A 96 -26.86 -3.88 1.67
CA SER A 96 -25.90 -4.88 2.05
C SER A 96 -24.67 -4.22 2.66
N LYS A 97 -23.75 -5.04 3.17
CA LYS A 97 -22.52 -4.53 3.76
C LYS A 97 -21.62 -3.95 2.67
N HIS A 98 -21.98 -2.77 2.18
CA HIS A 98 -21.19 -2.10 1.14
C HIS A 98 -19.70 -2.27 1.43
N ASP A 99 -18.90 -2.44 0.40
CA ASP A 99 -17.46 -2.64 0.56
C ASP A 99 -16.66 -1.73 -0.35
N ILE A 100 -15.37 -1.59 -0.06
CA ILE A 100 -14.48 -0.77 -0.86
C ILE A 100 -14.01 -1.55 -2.07
N ILE A 101 -14.81 -1.51 -3.13
CA ILE A 101 -14.50 -2.23 -4.38
C ILE A 101 -13.03 -2.10 -4.77
N GLY A 102 -12.44 -0.93 -4.55
CA GLY A 102 -11.05 -0.72 -4.89
C GLY A 102 -10.47 0.54 -4.29
N GLU A 103 -9.14 0.60 -4.22
CA GLU A 103 -8.47 1.76 -3.66
C GLU A 103 -7.01 1.82 -4.12
N PHE A 104 -6.66 2.85 -4.86
CA PHE A 104 -5.30 3.02 -5.35
C PHE A 104 -4.50 3.87 -4.37
N LYS A 105 -3.21 4.06 -4.65
CA LYS A 105 -2.35 4.86 -3.78
C LYS A 105 -1.10 5.27 -4.53
N VAL A 106 -0.48 6.36 -4.07
CA VAL A 106 0.73 6.86 -4.70
C VAL A 106 1.69 7.47 -3.67
N PRO A 107 2.97 7.08 -3.70
CA PRO A 107 4.00 7.60 -2.80
C PRO A 107 4.32 9.07 -3.12
N MET A 108 3.69 9.98 -2.39
CA MET A 108 3.88 11.41 -2.60
C MET A 108 5.36 11.78 -2.74
N ASN A 109 6.22 11.14 -1.95
CA ASN A 109 7.66 11.41 -2.01
C ASN A 109 8.16 11.37 -3.46
N THR A 110 7.61 10.45 -4.24
CA THR A 110 8.00 10.29 -5.63
C THR A 110 7.16 11.18 -6.56
N VAL A 111 6.32 12.04 -5.98
CA VAL A 111 5.48 12.93 -6.75
C VAL A 111 6.00 14.35 -6.61
N ASP A 112 7.14 14.61 -7.23
CA ASP A 112 7.77 15.92 -7.21
C ASP A 112 6.79 16.99 -7.67
N PHE A 113 6.19 17.67 -6.69
CA PHE A 113 5.21 18.72 -6.96
C PHE A 113 5.86 19.93 -7.63
N GLY A 114 6.28 19.74 -8.88
CA GLY A 114 6.90 20.81 -9.63
C GLY A 114 5.89 21.85 -10.08
N HIS A 115 4.76 21.37 -10.60
CA HIS A 115 3.69 22.25 -11.06
C HIS A 115 2.33 21.61 -10.81
N VAL A 116 2.00 20.59 -11.60
CA VAL A 116 0.73 19.88 -11.47
C VAL A 116 0.89 18.43 -11.90
N THR A 117 0.07 17.56 -11.34
CA THR A 117 0.12 16.14 -11.67
C THR A 117 -1.14 15.72 -12.42
N GLU A 118 -1.00 15.52 -13.73
CA GLU A 118 -2.11 15.10 -14.58
C GLU A 118 -1.82 13.73 -15.17
N GLU A 119 -2.48 12.71 -14.64
CA GLU A 119 -2.27 11.34 -15.11
C GLU A 119 -3.56 10.54 -15.06
N TRP A 120 -3.67 9.53 -15.91
CA TRP A 120 -4.85 8.68 -15.95
C TRP A 120 -4.66 7.53 -14.96
N ARG A 121 -4.86 7.84 -13.69
CA ARG A 121 -4.70 6.86 -12.61
C ARG A 121 -5.52 5.61 -12.85
N ASP A 122 -4.87 4.46 -12.69
CA ASP A 122 -5.52 3.17 -12.82
C ASP A 122 -6.18 2.81 -11.50
N LEU A 123 -7.28 2.07 -11.56
CA LEU A 123 -8.00 1.69 -10.35
C LEU A 123 -7.77 0.21 -10.03
N GLN A 124 -7.33 -0.04 -8.80
CA GLN A 124 -7.06 -1.40 -8.34
C GLN A 124 -8.12 -1.84 -7.34
N SER A 125 -8.68 -3.03 -7.55
CA SER A 125 -9.69 -3.57 -6.65
C SER A 125 -9.11 -3.78 -5.26
N ALA A 126 -9.96 -3.77 -4.24
CA ALA A 126 -9.52 -3.95 -2.87
C ALA A 126 -10.42 -4.95 -2.15
N GLU A 127 -9.93 -5.46 -1.02
CA GLU A 127 -10.67 -6.42 -0.21
C GLU A 127 -10.68 -5.96 1.25
N LYS A 128 -11.65 -5.11 1.59
CA LYS A 128 -11.76 -4.59 2.95
C LYS A 128 -12.92 -5.27 3.69
N TYR B 1 28.90 -5.61 5.60
CA TYR B 1 28.38 -4.42 6.31
C TYR B 1 26.92 -4.62 6.71
N LYS B 2 26.68 -5.62 7.57
CA LYS B 2 25.31 -5.92 8.02
C LYS B 2 24.64 -4.66 8.56
N LYS B 3 23.67 -4.17 7.80
CA LYS B 3 22.94 -2.97 8.16
C LYS B 3 21.65 -2.89 7.34
N PRO B 4 20.89 -1.76 7.43
CA PRO B 4 19.64 -1.55 6.71
C PRO B 4 19.48 -2.44 5.49
N LYS B 5 18.60 -3.43 5.62
CA LYS B 5 18.33 -4.36 4.54
C LYS B 5 17.09 -3.91 3.76
N LEU B 6 17.28 -3.62 2.47
CA LEU B 6 16.17 -3.17 1.62
C LEU B 6 15.45 -4.37 1.03
N LEU B 7 14.13 -4.39 1.13
CA LEU B 7 13.33 -5.48 0.61
C LEU B 7 12.11 -4.93 -0.16
N TYR B 8 11.81 -5.56 -1.29
CA TYR B 8 10.67 -5.17 -2.12
C TYR B 8 10.34 -6.29 -3.10
N CYS B 9 9.20 -6.20 -3.76
CA CYS B 9 8.78 -7.23 -4.72
C CYS B 9 7.91 -6.62 -5.81
N SER B 10 7.73 -7.40 -6.89
CA SER B 10 6.91 -7.01 -8.03
C SER B 10 7.70 -6.09 -8.96
N ASN B 11 7.79 -6.50 -10.23
CA ASN B 11 8.52 -5.73 -11.23
C ASN B 11 8.15 -4.25 -11.18
N GLY B 12 9.14 -3.41 -10.97
CA GLY B 12 8.91 -1.98 -10.93
C GLY B 12 9.65 -1.33 -9.77
N GLY B 13 9.49 -0.01 -9.65
CA GLY B 13 10.13 0.73 -8.59
C GLY B 13 9.17 0.97 -7.46
N HIS B 14 9.48 0.41 -6.29
CA HIS B 14 8.64 0.56 -5.10
C HIS B 14 9.28 -0.18 -3.92
N PHE B 15 9.91 0.56 -3.03
CA PHE B 15 10.58 -0.03 -1.87
C PHE B 15 9.65 -0.04 -0.66
N LEU B 16 9.84 -1.03 0.21
CA LEU B 16 9.02 -1.16 1.40
C LEU B 16 9.36 -0.08 2.43
N ARG B 17 8.50 0.91 2.55
CA ARG B 17 8.71 2.00 3.49
C ARG B 17 7.93 1.73 4.77
N ILE B 18 8.66 1.62 5.88
CA ILE B 18 8.06 1.34 7.17
C ILE B 18 7.88 2.61 8.00
N LEU B 19 6.77 2.69 8.72
CA LEU B 19 6.47 3.84 9.55
C LEU B 19 6.09 3.39 10.96
N PRO B 20 6.92 3.73 11.97
CA PRO B 20 6.71 3.36 13.37
C PRO B 20 5.25 3.49 13.81
N ASP B 21 4.56 4.50 13.28
CA ASP B 21 3.15 4.73 13.60
C ASP B 21 2.35 3.44 13.50
N GLY B 22 2.70 2.59 12.55
CA GLY B 22 1.99 1.33 12.38
C GLY B 22 1.50 1.14 10.96
N THR B 23 2.37 1.36 9.99
CA THR B 23 2.03 1.20 8.58
C THR B 23 3.28 1.05 7.72
N VAL B 24 3.16 0.32 6.64
CA VAL B 24 4.27 0.10 5.71
C VAL B 24 3.72 -0.02 4.30
N ASP B 25 4.32 0.71 3.36
CA ASP B 25 3.88 0.69 1.96
C ASP B 25 5.07 0.61 1.01
N GLY B 26 4.77 0.47 -0.28
CA GLY B 26 5.81 0.37 -1.28
C GLY B 26 6.08 1.71 -1.95
N THR B 27 6.96 2.50 -1.34
CA THR B 27 7.31 3.81 -1.88
C THR B 27 8.63 3.71 -2.65
N ARG B 28 8.62 4.17 -3.90
CA ARG B 28 9.81 4.13 -4.73
C ARG B 28 10.68 5.35 -4.47
N ASP B 29 11.25 5.39 -3.28
CA ASP B 29 12.14 6.48 -2.89
C ASP B 29 13.14 6.00 -1.85
N ARG B 30 14.32 6.60 -1.86
CA ARG B 30 15.37 6.24 -0.92
C ARG B 30 16.02 7.51 -0.37
N SER B 31 15.21 8.55 -0.17
CA SER B 31 15.69 9.82 0.35
C SER B 31 15.82 9.78 1.86
N ASP B 32 14.78 9.29 2.53
CA ASP B 32 14.77 9.22 3.98
C ASP B 32 14.89 7.79 4.46
N GLN B 33 15.56 7.61 5.60
CA GLN B 33 15.77 6.28 6.17
C GLN B 33 14.46 5.71 6.72
N HIS B 34 13.59 5.28 5.81
CA HIS B 34 12.31 4.68 6.20
C HIS B 34 11.96 3.47 5.32
N ILE B 35 12.92 3.00 4.52
CA ILE B 35 12.71 1.87 3.64
C ILE B 35 13.82 0.83 3.86
N GLN B 36 14.14 0.60 5.12
CA GLN B 36 15.20 -0.33 5.48
C GLN B 36 14.81 -1.14 6.72
N LEU B 37 15.06 -2.44 6.68
CA LEU B 37 14.76 -3.32 7.81
C LEU B 37 16.00 -4.14 8.15
N GLN B 38 16.08 -4.65 9.37
CA GLN B 38 17.23 -5.43 9.80
C GLN B 38 17.00 -6.92 9.59
N LEU B 39 16.59 -7.29 8.37
CA LEU B 39 16.34 -8.68 8.04
C LEU B 39 17.54 -9.55 8.44
N SER B 40 17.29 -10.48 9.36
CA SER B 40 18.32 -11.38 9.84
C SER B 40 17.73 -12.72 10.27
N ALA B 41 18.49 -13.78 10.11
CA ALA B 41 18.04 -15.12 10.50
C ALA B 41 18.54 -15.45 11.90
N GLU B 42 17.64 -15.38 12.88
CA GLU B 42 18.00 -15.66 14.26
C GLU B 42 17.73 -17.13 14.64
N SER B 43 17.26 -17.92 13.68
CA SER B 43 16.99 -19.34 13.92
C SER B 43 17.20 -20.14 12.64
N VAL B 44 17.24 -21.47 12.77
CA VAL B 44 17.45 -22.36 11.63
C VAL B 44 16.53 -22.03 10.46
N GLY B 45 17.10 -21.38 9.44
CA GLY B 45 16.33 -21.01 8.25
C GLY B 45 15.21 -20.02 8.55
N GLU B 46 15.20 -19.47 9.76
CA GLU B 46 14.16 -18.54 10.16
C GLU B 46 14.69 -17.11 10.18
N VAL B 47 14.08 -16.25 9.38
CA VAL B 47 14.48 -14.85 9.29
C VAL B 47 13.43 -13.96 9.95
N TYR B 48 13.91 -12.97 10.70
CA TYR B 48 13.02 -12.03 11.38
C TYR B 48 13.05 -10.67 10.69
N ILE B 49 11.87 -10.14 10.39
CA ILE B 49 11.76 -8.84 9.75
C ILE B 49 11.44 -7.75 10.77
N LYS B 50 12.33 -6.78 10.89
CA LYS B 50 12.16 -5.67 11.83
C LYS B 50 13.01 -4.48 11.42
N SER B 51 12.43 -3.29 11.47
CA SER B 51 13.13 -2.07 11.11
C SER B 51 13.51 -1.30 12.37
N THR B 52 14.37 -1.90 13.19
CA THR B 52 14.81 -1.28 14.44
C THR B 52 15.21 0.18 14.23
N GLU B 53 16.24 0.41 13.42
CA GLU B 53 16.72 1.77 13.16
C GLU B 53 16.09 2.34 11.89
N THR B 54 14.77 2.56 11.92
CA THR B 54 14.04 3.11 10.78
C THR B 54 12.52 3.00 10.95
N GLY B 55 12.04 1.89 11.52
CA GLY B 55 10.62 1.71 11.68
C GLY B 55 10.23 0.99 12.95
N GLN B 56 10.05 -0.32 12.87
CA GLN B 56 9.62 -1.11 14.02
C GLN B 56 9.59 -2.61 13.71
N TYR B 57 9.04 -3.38 14.65
CA TYR B 57 8.88 -4.82 14.48
C TYR B 57 7.58 -5.10 13.74
N LEU B 58 7.49 -6.25 13.09
CA LEU B 58 6.30 -6.59 12.33
C LEU B 58 5.42 -7.61 13.05
N ALA B 59 4.12 -7.53 12.78
CA ALA B 59 3.13 -8.42 13.35
C ALA B 59 2.11 -8.79 12.28
N MET B 60 2.41 -9.86 11.55
CA MET B 60 1.54 -10.31 10.48
C MET B 60 0.27 -10.93 11.02
N ASP B 61 -0.69 -10.07 11.36
CA ASP B 61 -2.00 -10.50 11.88
C ASP B 61 -2.52 -11.68 11.07
N THR B 62 -2.31 -12.89 11.57
CA THR B 62 -2.74 -14.10 10.87
C THR B 62 -2.32 -14.04 9.40
N ASP B 63 -1.20 -13.37 9.13
CA ASP B 63 -0.67 -13.19 7.77
C ASP B 63 -1.54 -12.23 6.96
N GLY B 64 -2.87 -12.45 7.00
CA GLY B 64 -3.80 -11.61 6.29
C GLY B 64 -3.39 -10.14 6.26
N LEU B 65 -3.18 -9.56 7.43
CA LEU B 65 -2.79 -8.16 7.52
C LEU B 65 -1.35 -8.04 7.98
N LEU B 66 -0.45 -7.84 7.03
CA LEU B 66 0.97 -7.72 7.32
C LEU B 66 1.32 -6.29 7.74
N TYR B 67 1.41 -6.07 9.05
CA TYR B 67 1.74 -4.76 9.58
C TYR B 67 2.76 -4.89 10.71
N GLY B 68 3.16 -3.77 11.30
CA GLY B 68 4.12 -3.80 12.38
C GLY B 68 4.22 -2.47 13.10
N SER B 69 4.73 -2.51 14.34
CA SER B 69 4.90 -1.32 15.17
C SER B 69 5.02 -1.70 16.64
N GLN B 70 4.12 -2.57 17.08
CA GLN B 70 4.10 -3.00 18.48
C GLN B 70 5.05 -4.18 18.74
N THR B 71 4.84 -4.87 19.86
CA THR B 71 5.66 -6.00 20.27
C THR B 71 5.91 -6.99 19.13
N PRO B 72 7.18 -7.43 18.96
CA PRO B 72 7.55 -8.38 17.92
C PRO B 72 7.20 -9.81 18.28
N ASN B 73 5.90 -10.10 18.34
CA ASN B 73 5.43 -11.45 18.67
C ASN B 73 5.99 -12.44 17.65
N GLU B 74 6.02 -13.72 18.00
CA GLU B 74 6.55 -14.76 17.09
C GLU B 74 5.64 -14.96 15.88
N GLU B 75 5.33 -13.87 15.19
CA GLU B 75 4.47 -13.90 14.01
C GLU B 75 5.25 -13.48 12.77
N CYS B 76 6.28 -12.64 12.95
CA CYS B 76 7.10 -12.17 11.84
C CYS B 76 8.32 -13.05 11.58
N LEU B 77 8.30 -14.28 12.10
CA LEU B 77 9.39 -15.21 11.89
C LEU B 77 9.09 -16.04 10.65
N PHE B 78 9.85 -15.83 9.59
CA PHE B 78 9.63 -16.54 8.34
C PHE B 78 10.81 -17.41 7.94
N LEU B 79 10.52 -18.47 7.21
CA LEU B 79 11.54 -19.39 6.73
C LEU B 79 12.16 -18.84 5.45
N GLU B 80 13.47 -18.62 5.49
CA GLU B 80 14.19 -18.07 4.34
C GLU B 80 14.21 -19.06 3.17
N ARG B 81 13.49 -18.73 2.11
CA ARG B 81 13.42 -19.58 0.92
C ARG B 81 13.77 -18.79 -0.33
N LEU B 82 14.84 -19.18 -1.02
CA LEU B 82 15.26 -18.49 -2.24
C LEU B 82 14.66 -19.17 -3.47
N GLU B 83 14.06 -18.38 -4.36
CA GLU B 83 13.45 -18.92 -5.57
C GLU B 83 14.40 -18.82 -6.76
N GLU B 84 14.36 -19.83 -7.63
CA GLU B 84 15.22 -19.88 -8.81
C GLU B 84 15.10 -18.60 -9.65
N ASN B 85 13.92 -17.96 -9.57
CA ASN B 85 13.66 -16.72 -10.30
C ASN B 85 14.53 -15.56 -9.78
N HIS B 86 15.34 -15.82 -8.75
CA HIS B 86 16.24 -14.82 -8.17
C HIS B 86 15.47 -13.90 -7.21
N TYR B 87 14.55 -14.49 -6.45
CA TYR B 87 13.76 -13.74 -5.50
C TYR B 87 13.73 -14.45 -4.15
N ASN B 88 13.50 -13.67 -3.10
CA ASN B 88 13.47 -14.17 -1.75
C ASN B 88 12.05 -14.45 -1.29
N THR B 89 11.82 -15.65 -0.79
CA THR B 89 10.54 -16.06 -0.28
C THR B 89 10.68 -16.36 1.21
N TYR B 90 9.75 -15.89 2.03
CA TYR B 90 9.83 -16.10 3.46
C TYR B 90 8.58 -16.82 3.97
N ILE B 91 8.72 -18.11 4.23
CA ILE B 91 7.60 -18.93 4.71
C ILE B 91 7.12 -18.47 6.07
N SER B 92 5.84 -18.10 6.15
CA SER B 92 5.23 -17.64 7.39
C SER B 92 5.04 -18.81 8.35
N LYS B 93 6.14 -19.27 8.95
CA LYS B 93 6.10 -20.40 9.87
C LYS B 93 4.95 -20.26 10.88
N LYS B 94 4.73 -19.05 11.38
CA LYS B 94 3.66 -18.83 12.35
C LYS B 94 2.27 -19.04 11.73
N HIS B 95 2.19 -19.01 10.41
CA HIS B 95 0.93 -19.21 9.70
C HIS B 95 1.14 -20.18 8.53
N ALA B 96 2.11 -21.07 8.68
CA ALA B 96 2.46 -22.05 7.64
C ALA B 96 1.37 -23.10 7.47
N GLU B 97 0.63 -23.39 8.53
CA GLU B 97 -0.43 -24.40 8.47
C GLU B 97 -1.40 -24.10 7.33
N LYS B 98 -1.58 -22.81 7.05
CA LYS B 98 -2.48 -22.38 5.97
C LYS B 98 -1.74 -22.27 4.64
N ASN B 99 -0.44 -22.60 4.63
CA ASN B 99 0.37 -22.54 3.41
C ASN B 99 0.58 -21.09 2.96
N TRP B 100 0.58 -20.17 3.94
CA TRP B 100 0.77 -18.75 3.66
C TRP B 100 2.22 -18.35 3.98
N PHE B 101 2.69 -17.28 3.37
CA PHE B 101 4.05 -16.81 3.60
C PHE B 101 4.25 -15.33 3.27
N VAL B 102 3.62 -14.47 4.08
CA VAL B 102 3.73 -13.01 3.96
C VAL B 102 3.74 -12.50 2.50
N GLY B 103 2.57 -12.10 2.01
CA GLY B 103 2.47 -11.57 0.67
C GLY B 103 2.11 -10.09 0.66
N LEU B 104 2.97 -9.27 0.07
CA LEU B 104 2.73 -7.82 0.02
C LEU B 104 2.26 -7.38 -1.35
N LYS B 105 1.80 -6.13 -1.43
CA LYS B 105 1.32 -5.56 -2.70
C LYS B 105 2.17 -4.35 -3.06
N LYS B 106 3.07 -4.52 -4.03
CA LYS B 106 3.94 -3.43 -4.49
C LYS B 106 3.12 -2.18 -4.80
N ASN B 107 1.90 -2.37 -5.30
CA ASN B 107 1.03 -1.25 -5.64
C ASN B 107 0.12 -0.88 -4.47
N GLY B 108 0.64 -1.02 -3.26
CA GLY B 108 -0.12 -0.69 -2.07
C GLY B 108 0.65 -0.95 -0.79
N SER B 109 0.31 -2.03 -0.10
CA SER B 109 0.97 -2.38 1.14
C SER B 109 0.98 -3.90 1.33
N CYS B 110 1.63 -4.36 2.39
CA CYS B 110 1.72 -5.79 2.67
C CYS B 110 0.48 -6.26 3.43
N LYS B 111 -0.33 -7.09 2.78
CA LYS B 111 -1.55 -7.63 3.37
C LYS B 111 -2.28 -8.51 2.37
N ARG B 112 -1.81 -9.75 2.24
CA ARG B 112 -2.42 -10.69 1.30
C ARG B 112 -2.50 -12.10 1.90
N GLY B 113 -2.54 -12.19 3.24
CA GLY B 113 -2.62 -13.50 3.90
C GLY B 113 -3.39 -14.54 3.11
N PRO B 114 -4.71 -14.35 2.93
CA PRO B 114 -5.56 -15.30 2.18
C PRO B 114 -5.16 -15.43 0.71
N ARG B 115 -4.18 -14.66 0.27
CA ARG B 115 -3.70 -14.69 -1.10
C ARG B 115 -2.19 -14.98 -1.16
N THR B 116 -1.55 -15.15 -0.01
CA THR B 116 -0.12 -15.41 0.02
C THR B 116 0.19 -16.82 -0.49
N HIS B 117 -0.01 -17.02 -1.78
CA HIS B 117 0.23 -18.30 -2.41
C HIS B 117 0.75 -18.08 -3.84
N TYR B 118 1.01 -19.17 -4.56
CA TYR B 118 1.50 -19.10 -5.93
C TYR B 118 0.77 -18.03 -6.74
N GLY B 119 -0.53 -17.87 -6.47
CA GLY B 119 -1.32 -16.88 -7.16
C GLY B 119 -0.76 -15.46 -7.05
N GLN B 120 0.01 -15.19 -6.00
CA GLN B 120 0.59 -13.88 -5.80
C GLN B 120 2.11 -13.94 -5.85
N LYS B 121 2.68 -13.71 -7.04
CA LYS B 121 4.13 -13.71 -7.22
C LYS B 121 4.78 -12.62 -6.36
N ALA B 122 3.97 -11.65 -5.93
CA ALA B 122 4.45 -10.53 -5.10
C ALA B 122 5.11 -11.00 -3.79
N ILE B 123 5.01 -12.29 -3.48
CA ILE B 123 5.63 -12.83 -2.28
C ILE B 123 7.14 -13.01 -2.48
N LEU B 124 7.56 -13.18 -3.74
CA LEU B 124 8.96 -13.34 -4.07
C LEU B 124 9.64 -11.98 -4.06
N PHE B 125 10.20 -11.62 -2.92
CA PHE B 125 10.85 -10.31 -2.76
C PHE B 125 12.25 -10.27 -3.36
N LEU B 126 12.65 -9.09 -3.78
CA LEU B 126 13.97 -8.85 -4.35
C LEU B 126 14.74 -7.94 -3.39
N PRO B 127 15.39 -8.55 -2.37
CA PRO B 127 16.14 -7.80 -1.35
C PRO B 127 17.42 -7.17 -1.88
N LEU B 128 17.70 -5.97 -1.38
CA LEU B 128 18.90 -5.23 -1.74
C LEU B 128 19.57 -4.70 -0.47
N PRO B 129 20.08 -5.61 0.38
CA PRO B 129 20.73 -5.25 1.63
C PRO B 129 22.24 -5.08 1.49
N VAL B 130 22.86 -4.62 2.56
CA VAL B 130 24.31 -4.42 2.59
C VAL B 130 24.97 -5.63 3.26
N SER B 131 25.33 -6.61 2.43
CA SER B 131 25.97 -7.82 2.92
C SER B 131 27.39 -7.54 3.42
N SER B 132 28.08 -8.57 3.87
CA SER B 132 29.45 -8.44 4.36
C SER B 132 30.38 -9.37 3.60
N ASP B 133 30.87 -8.89 2.47
CA ASP B 133 31.79 -9.65 1.64
C ASP B 133 33.02 -8.83 1.29
N GLU A 1 -6.27 -7.99 -9.59
CA GLU A 1 -7.03 -6.77 -9.22
C GLU A 1 -7.48 -6.02 -10.47
N LYS A 2 -8.66 -5.42 -10.42
CA LYS A 2 -9.17 -4.66 -11.55
C LYS A 2 -10.29 -3.71 -11.13
N LEU A 3 -10.01 -2.41 -11.21
CA LEU A 3 -11.01 -1.39 -10.89
C LEU A 3 -11.17 -0.40 -12.05
N GLY A 4 -10.33 -0.53 -13.08
CA GLY A 4 -10.42 0.36 -14.22
C GLY A 4 -9.34 1.42 -14.21
N LYS A 5 -9.73 2.65 -14.51
CA LYS A 5 -8.79 3.76 -14.54
C LYS A 5 -9.42 5.01 -13.94
N LEU A 6 -8.59 5.88 -13.39
CA LEU A 6 -9.06 7.11 -12.79
C LEU A 6 -8.15 8.27 -13.19
N GLN A 7 -8.53 8.95 -14.26
CA GLN A 7 -7.76 10.10 -14.76
C GLN A 7 -7.87 11.26 -13.79
N TYR A 8 -6.72 11.86 -13.45
CA TYR A 8 -6.71 12.98 -12.52
C TYR A 8 -5.60 13.99 -12.84
N SER A 9 -5.72 15.15 -12.22
CA SER A 9 -4.75 16.22 -12.35
C SER A 9 -4.53 16.83 -10.96
N LEU A 10 -3.45 16.43 -10.32
CA LEU A 10 -3.16 16.89 -8.96
C LEU A 10 -2.04 17.94 -8.94
N ASP A 11 -2.41 19.16 -8.57
CA ASP A 11 -1.44 20.24 -8.48
C ASP A 11 -1.09 20.50 -7.02
N TYR A 12 -0.12 21.37 -6.75
CA TYR A 12 0.30 21.63 -5.38
C TYR A 12 0.25 23.12 -5.02
N ASP A 13 0.25 23.38 -3.71
CA ASP A 13 0.24 24.73 -3.17
C ASP A 13 1.42 24.88 -2.20
N PHE A 14 1.73 26.10 -1.81
CA PHE A 14 2.85 26.36 -0.90
C PHE A 14 2.44 27.18 0.32
N GLN A 15 1.65 28.23 0.13
CA GLN A 15 1.25 29.08 1.25
C GLN A 15 0.24 28.35 2.16
N ASN A 16 -0.67 27.59 1.57
CA ASN A 16 -1.65 26.86 2.37
C ASN A 16 -1.07 25.51 2.80
N ASN A 17 -0.13 25.00 2.01
CA ASN A 17 0.54 23.72 2.29
C ASN A 17 -0.44 22.56 2.19
N GLN A 18 -0.85 22.26 0.95
CA GLN A 18 -1.76 21.16 0.67
C GLN A 18 -1.78 20.88 -0.83
N LEU A 19 -1.99 19.63 -1.19
CA LEU A 19 -2.02 19.24 -2.60
C LEU A 19 -3.45 19.30 -3.14
N LEU A 20 -3.56 19.76 -4.38
CA LEU A 20 -4.85 19.89 -5.04
C LEU A 20 -5.12 18.63 -5.87
N VAL A 21 -5.62 17.60 -5.21
CA VAL A 21 -5.92 16.35 -5.88
C VAL A 21 -7.28 16.43 -6.56
N GLY A 22 -7.25 16.56 -7.89
CA GLY A 22 -8.48 16.63 -8.67
C GLY A 22 -8.63 15.42 -9.57
N ILE A 23 -9.59 14.56 -9.24
CA ILE A 23 -9.84 13.36 -10.03
C ILE A 23 -10.97 13.59 -11.03
N ILE A 24 -10.61 13.58 -12.31
CA ILE A 24 -11.57 13.81 -13.40
C ILE A 24 -12.73 12.83 -13.34
N GLN A 25 -12.44 11.55 -13.55
CA GLN A 25 -13.47 10.52 -13.53
C GLN A 25 -12.86 9.12 -13.49
N ALA A 26 -13.64 8.19 -12.93
CA ALA A 26 -13.21 6.80 -12.85
C ALA A 26 -14.00 5.98 -13.86
N ALA A 27 -13.39 4.94 -14.40
CA ALA A 27 -14.05 4.10 -15.40
C ALA A 27 -13.79 2.62 -15.15
N GLU A 28 -14.72 1.78 -15.62
CA GLU A 28 -14.60 0.32 -15.50
C GLU A 28 -14.74 -0.15 -14.05
N LEU A 29 -15.60 0.53 -13.30
CA LEU A 29 -15.83 0.19 -11.90
C LEU A 29 -16.73 -1.03 -11.79
N PRO A 30 -16.40 -1.98 -10.90
CA PRO A 30 -17.19 -3.21 -10.70
C PRO A 30 -18.66 -2.92 -10.35
N ALA A 31 -19.54 -3.86 -10.66
CA ALA A 31 -20.96 -3.72 -10.38
C ALA A 31 -21.29 -4.16 -8.95
N LEU A 32 -21.88 -3.26 -8.19
CA LEU A 32 -22.27 -3.54 -6.81
C LEU A 32 -23.79 -3.51 -6.67
N ASP A 33 -24.41 -2.49 -7.23
CA ASP A 33 -25.85 -2.33 -7.17
C ASP A 33 -26.56 -3.40 -7.99
N MET A 34 -27.78 -3.74 -7.60
CA MET A 34 -28.56 -4.75 -8.30
C MET A 34 -29.04 -4.23 -9.65
N GLY A 35 -28.11 -4.19 -10.62
CA GLY A 35 -28.44 -3.72 -11.95
C GLY A 35 -27.21 -3.44 -12.79
N GLY A 36 -26.23 -4.35 -12.75
CA GLY A 36 -25.00 -4.18 -13.52
C GLY A 36 -24.40 -2.79 -13.38
N THR A 37 -24.53 -2.21 -12.19
CA THR A 37 -24.00 -0.89 -11.93
C THR A 37 -23.76 -0.71 -10.43
N SER A 38 -23.30 0.47 -10.03
CA SER A 38 -23.03 0.73 -8.61
C SER A 38 -23.12 2.23 -8.32
N ASP A 39 -22.95 2.58 -7.05
CA ASP A 39 -22.97 3.97 -6.61
C ASP A 39 -21.57 4.31 -6.09
N PRO A 40 -20.58 4.31 -6.99
CA PRO A 40 -19.17 4.55 -6.62
C PRO A 40 -18.83 6.00 -6.34
N TYR A 41 -18.21 6.22 -5.19
CA TYR A 41 -17.72 7.51 -4.77
C TYR A 41 -16.36 7.30 -4.11
N VAL A 42 -15.37 8.08 -4.52
CA VAL A 42 -14.03 7.91 -3.98
C VAL A 42 -13.86 8.65 -2.66
N LYS A 43 -13.31 7.95 -1.67
CA LYS A 43 -13.05 8.53 -0.36
C LYS A 43 -11.54 8.58 -0.17
N VAL A 44 -11.01 9.79 -0.11
CA VAL A 44 -9.58 10.01 0.03
C VAL A 44 -9.09 9.63 1.42
N PHE A 45 -8.04 8.81 1.46
CA PHE A 45 -7.45 8.39 2.72
C PHE A 45 -5.93 8.57 2.67
N LEU A 46 -5.31 8.55 3.84
CA LEU A 46 -3.87 8.73 3.95
C LEU A 46 -3.28 7.73 4.93
N LEU A 47 -1.96 7.57 4.87
CA LEU A 47 -1.24 6.69 5.79
C LEU A 47 -1.37 7.24 7.21
N PRO A 48 -0.65 6.67 8.22
CA PRO A 48 -0.67 7.13 9.60
C PRO A 48 -1.00 8.62 9.75
N ASP A 49 -0.45 9.43 8.84
CA ASP A 49 -0.70 10.87 8.83
C ASP A 49 -2.17 11.16 9.14
N LYS A 50 -3.05 10.43 8.43
CA LYS A 50 -4.50 10.56 8.60
C LYS A 50 -4.95 12.01 8.83
N LYS A 51 -4.23 12.96 8.26
CA LYS A 51 -4.56 14.36 8.43
C LYS A 51 -5.37 14.86 7.23
N LYS A 52 -6.45 14.16 6.94
CA LYS A 52 -7.32 14.51 5.82
C LYS A 52 -8.34 13.41 5.58
N LYS A 53 -9.61 13.79 5.61
CA LYS A 53 -10.70 12.84 5.39
C LYS A 53 -11.78 13.52 4.57
N PHE A 54 -11.75 13.29 3.25
CA PHE A 54 -12.71 13.90 2.34
C PHE A 54 -13.41 12.84 1.50
N GLU A 55 -14.72 12.97 1.38
CA GLU A 55 -15.53 12.03 0.62
C GLU A 55 -16.13 12.74 -0.59
N THR A 56 -16.16 12.05 -1.73
CA THR A 56 -16.72 12.63 -2.95
C THR A 56 -18.23 12.42 -2.99
N LYS A 57 -18.90 13.13 -3.89
CA LYS A 57 -20.35 13.02 -4.03
C LYS A 57 -20.73 11.66 -4.62
N VAL A 58 -21.70 11.01 -3.99
CA VAL A 58 -22.18 9.70 -4.43
C VAL A 58 -22.71 9.77 -5.86
N HIS A 59 -22.39 8.75 -6.66
CA HIS A 59 -22.83 8.68 -8.05
C HIS A 59 -23.77 7.51 -8.22
N ARG A 60 -25.06 7.79 -8.11
CA ARG A 60 -26.10 6.77 -8.21
C ARG A 60 -26.12 6.05 -9.56
N LYS A 61 -25.97 4.72 -9.50
CA LYS A 61 -26.02 3.86 -10.68
C LYS A 61 -25.09 4.33 -11.81
N THR A 62 -23.79 4.10 -11.65
CA THR A 62 -22.83 4.48 -12.67
C THR A 62 -21.47 3.81 -12.44
N LEU A 63 -20.90 3.27 -13.51
CA LEU A 63 -19.60 2.63 -13.45
C LEU A 63 -18.54 3.43 -14.21
N ASN A 64 -18.90 4.66 -14.60
CA ASN A 64 -18.00 5.56 -15.30
C ASN A 64 -18.46 7.00 -15.08
N PRO A 65 -18.53 7.42 -13.81
CA PRO A 65 -18.98 8.76 -13.45
C PRO A 65 -17.85 9.77 -13.37
N VAL A 66 -18.07 10.93 -13.98
CA VAL A 66 -17.09 12.01 -13.97
C VAL A 66 -17.49 13.02 -12.90
N PHE A 67 -16.56 13.86 -12.46
CA PHE A 67 -16.88 14.86 -11.44
C PHE A 67 -15.76 15.89 -11.27
N ASN A 68 -14.52 15.41 -11.18
CA ASN A 68 -13.37 16.29 -10.98
C ASN A 68 -13.42 16.91 -9.58
N GLU A 69 -13.86 16.11 -8.61
CA GLU A 69 -13.96 16.57 -7.23
C GLU A 69 -12.58 16.95 -6.69
N GLN A 70 -12.55 17.97 -5.84
CA GLN A 70 -11.29 18.46 -5.28
C GLN A 70 -10.99 17.84 -3.91
N PHE A 71 -9.92 17.05 -3.85
CA PHE A 71 -9.50 16.42 -2.61
C PHE A 71 -8.49 17.32 -1.90
N THR A 72 -8.86 17.84 -0.74
CA THR A 72 -7.99 18.72 0.04
C THR A 72 -6.88 17.94 0.74
N PHE A 73 -5.75 17.76 0.06
CA PHE A 73 -4.62 17.06 0.63
C PHE A 73 -3.86 17.98 1.58
N LYS A 74 -4.46 18.25 2.73
CA LYS A 74 -3.85 19.13 3.73
C LYS A 74 -2.57 18.54 4.30
N VAL A 75 -1.43 19.13 3.92
CA VAL A 75 -0.12 18.69 4.38
C VAL A 75 0.98 19.42 3.62
N PRO A 76 1.93 20.03 4.34
CA PRO A 76 3.03 20.75 3.70
C PRO A 76 3.84 19.85 2.79
N TYR A 77 4.12 20.33 1.58
CA TYR A 77 4.89 19.56 0.61
C TYR A 77 6.14 18.99 1.26
N SER A 78 6.73 19.74 2.18
CA SER A 78 7.93 19.30 2.89
C SER A 78 7.62 18.05 3.72
N GLU A 79 6.44 18.03 4.34
CA GLU A 79 6.02 16.89 5.16
C GLU A 79 5.47 15.77 4.27
N LEU A 80 4.89 16.16 3.13
CA LEU A 80 4.31 15.21 2.18
C LEU A 80 5.24 14.01 1.95
N GLY A 81 6.54 14.26 1.90
CA GLY A 81 7.51 13.19 1.67
C GLY A 81 7.27 11.97 2.54
N GLY A 82 6.90 12.18 3.79
CA GLY A 82 6.68 11.06 4.69
C GLY A 82 5.24 10.56 4.68
N LYS A 83 4.46 10.94 3.67
CA LYS A 83 3.08 10.51 3.59
C LYS A 83 2.82 9.68 2.33
N THR A 84 1.66 9.03 2.28
CA THR A 84 1.25 8.22 1.15
C THR A 84 -0.26 8.31 0.99
N LEU A 85 -0.71 9.08 0.00
CA LEU A 85 -2.13 9.25 -0.25
C LEU A 85 -2.76 8.02 -0.87
N VAL A 86 -3.97 7.70 -0.46
CA VAL A 86 -4.69 6.54 -0.99
C VAL A 86 -6.13 6.93 -1.30
N MET A 87 -6.54 6.67 -2.53
CA MET A 87 -7.89 6.98 -2.97
C MET A 87 -8.68 5.70 -3.16
N ALA A 88 -9.64 5.46 -2.27
CA ALA A 88 -10.46 4.26 -2.35
C ALA A 88 -11.86 4.62 -2.85
N VAL A 89 -12.31 3.91 -3.88
CA VAL A 89 -13.63 4.15 -4.45
C VAL A 89 -14.66 3.30 -3.70
N TYR A 90 -15.54 3.97 -2.97
CA TYR A 90 -16.56 3.29 -2.19
C TYR A 90 -17.90 3.30 -2.92
N ASP A 91 -18.65 2.21 -2.79
CA ASP A 91 -19.96 2.11 -3.42
C ASP A 91 -21.07 2.44 -2.42
N PHE A 92 -22.21 2.82 -2.93
CA PHE A 92 -23.35 3.16 -2.09
C PHE A 92 -24.63 2.52 -2.63
N ASP A 93 -24.57 1.23 -2.93
CA ASP A 93 -25.73 0.49 -3.44
C ASP A 93 -27.01 0.84 -2.64
N ARG A 94 -26.83 1.05 -1.35
CA ARG A 94 -27.91 1.43 -0.43
C ARG A 94 -28.79 0.23 -0.06
N PHE A 95 -28.18 -0.94 0.11
CA PHE A 95 -28.91 -2.15 0.50
C PHE A 95 -27.97 -3.18 1.10
N SER A 96 -26.97 -3.56 0.32
CA SER A 96 -25.98 -4.55 0.74
C SER A 96 -24.84 -3.88 1.50
N LYS A 97 -23.93 -4.68 2.05
CA LYS A 97 -22.79 -4.13 2.76
C LYS A 97 -21.89 -3.39 1.78
N HIS A 98 -22.07 -2.07 1.68
CA HIS A 98 -21.28 -1.25 0.76
C HIS A 98 -19.84 -1.72 0.74
N ASP A 99 -19.42 -2.24 -0.40
CA ASP A 99 -18.07 -2.77 -0.56
C ASP A 99 -17.14 -1.77 -1.23
N ILE A 100 -15.85 -2.02 -1.10
CA ILE A 100 -14.83 -1.17 -1.70
C ILE A 100 -14.35 -1.81 -3.00
N ILE A 101 -14.98 -1.41 -4.10
CA ILE A 101 -14.66 -1.93 -5.42
C ILE A 101 -13.16 -1.87 -5.71
N GLY A 102 -12.47 -0.83 -5.22
CA GLY A 102 -11.04 -0.71 -5.45
C GLY A 102 -10.46 0.58 -4.91
N GLU A 103 -9.16 0.77 -5.13
CA GLU A 103 -8.46 1.95 -4.66
C GLU A 103 -7.18 2.18 -5.46
N PHE A 104 -6.60 3.36 -5.30
CA PHE A 104 -5.35 3.71 -5.97
C PHE A 104 -4.52 4.61 -5.06
N LYS A 105 -3.20 4.46 -5.13
CA LYS A 105 -2.31 5.26 -4.30
C LYS A 105 -0.96 5.46 -4.97
N VAL A 106 -0.19 6.42 -4.48
CA VAL A 106 1.13 6.71 -5.02
C VAL A 106 2.01 7.36 -3.94
N PRO A 107 3.27 6.92 -3.83
CA PRO A 107 4.22 7.46 -2.84
C PRO A 107 4.40 8.98 -2.99
N MET A 108 3.98 9.71 -1.96
CA MET A 108 4.06 11.17 -1.97
C MET A 108 5.49 11.65 -2.28
N ASN A 109 6.46 11.18 -1.50
CA ASN A 109 7.86 11.60 -1.71
C ASN A 109 8.28 11.42 -3.17
N THR A 110 7.67 10.44 -3.85
CA THR A 110 8.00 10.19 -5.25
C THR A 110 7.27 11.16 -6.19
N VAL A 111 6.09 11.61 -5.78
CA VAL A 111 5.30 12.53 -6.57
C VAL A 111 5.87 13.94 -6.47
N ASP A 112 6.77 14.28 -7.38
CA ASP A 112 7.40 15.59 -7.38
C ASP A 112 6.36 16.69 -7.56
N PHE A 113 6.40 17.68 -6.69
CA PHE A 113 5.47 18.80 -6.74
C PHE A 113 6.05 19.96 -7.55
N GLY A 114 6.47 19.66 -8.78
CA GLY A 114 7.03 20.68 -9.63
C GLY A 114 6.01 21.73 -10.01
N HIS A 115 4.86 21.27 -10.52
CA HIS A 115 3.79 22.17 -10.92
C HIS A 115 2.43 21.48 -10.81
N VAL A 116 2.19 20.51 -11.68
CA VAL A 116 0.94 19.78 -11.69
C VAL A 116 1.16 18.31 -12.03
N THR A 117 0.61 17.42 -11.22
CA THR A 117 0.74 15.99 -11.45
C THR A 117 -0.50 15.48 -12.18
N GLU A 118 -0.39 15.37 -13.49
CA GLU A 118 -1.49 14.90 -14.32
C GLU A 118 -1.12 13.57 -14.97
N GLU A 119 -2.01 12.59 -14.85
CA GLU A 119 -1.76 11.26 -15.41
C GLU A 119 -3.03 10.41 -15.35
N TRP A 120 -3.08 9.38 -16.20
CA TRP A 120 -4.23 8.49 -16.25
C TRP A 120 -4.01 7.32 -15.27
N ARG A 121 -4.20 7.61 -13.99
CA ARG A 121 -4.02 6.63 -12.92
C ARG A 121 -4.87 5.38 -13.13
N ASP A 122 -4.25 4.24 -12.82
CA ASP A 122 -4.90 2.93 -12.92
C ASP A 122 -5.69 2.66 -11.65
N LEU A 123 -6.74 1.85 -11.76
CA LEU A 123 -7.57 1.50 -10.61
C LEU A 123 -7.52 0.00 -10.33
N GLN A 124 -7.19 -0.35 -9.09
CA GLN A 124 -7.10 -1.75 -8.68
C GLN A 124 -8.12 -2.05 -7.60
N SER A 125 -8.70 -3.25 -7.66
CA SER A 125 -9.68 -3.70 -6.66
C SER A 125 -9.01 -3.85 -5.30
N ALA A 126 -9.78 -3.71 -4.23
CA ALA A 126 -9.23 -3.82 -2.88
C ALA A 126 -10.09 -4.72 -2.00
N GLU A 127 -9.63 -5.95 -1.78
CA GLU A 127 -10.35 -6.89 -0.93
C GLU A 127 -10.35 -6.40 0.51
N LYS A 128 -11.46 -5.80 0.93
CA LYS A 128 -11.58 -5.27 2.28
C LYS A 128 -12.68 -6.01 3.03
N TYR B 1 28.89 -5.77 5.16
CA TYR B 1 28.45 -4.61 5.96
C TYR B 1 26.96 -4.73 6.27
N LYS B 2 26.59 -5.74 7.07
CA LYS B 2 25.19 -5.98 7.42
C LYS B 2 24.56 -4.73 8.02
N LYS B 3 23.80 -4.02 7.20
CA LYS B 3 23.12 -2.80 7.61
C LYS B 3 21.86 -2.62 6.77
N PRO B 4 21.17 -1.45 6.85
CA PRO B 4 19.95 -1.14 6.12
C PRO B 4 19.69 -2.08 4.94
N LYS B 5 18.78 -3.03 5.17
CA LYS B 5 18.40 -4.01 4.16
C LYS B 5 17.11 -3.56 3.46
N LEU B 6 17.14 -3.52 2.14
CA LEU B 6 15.97 -3.12 1.37
C LEU B 6 15.36 -4.34 0.68
N LEU B 7 14.05 -4.49 0.79
CA LEU B 7 13.35 -5.63 0.20
C LEU B 7 12.00 -5.20 -0.39
N TYR B 8 11.58 -5.88 -1.45
CA TYR B 8 10.31 -5.59 -2.12
C TYR B 8 10.01 -6.64 -3.20
N CYS B 9 8.74 -6.87 -3.49
CA CYS B 9 8.36 -7.84 -4.51
C CYS B 9 7.27 -7.29 -5.43
N SER B 10 7.65 -7.05 -6.69
CA SER B 10 6.74 -6.55 -7.74
C SER B 10 7.59 -5.89 -8.83
N ASN B 11 7.11 -5.91 -10.06
CA ASN B 11 7.84 -5.32 -11.17
C ASN B 11 7.65 -3.81 -11.17
N GLY B 12 8.72 -3.07 -10.94
CA GLY B 12 8.67 -1.61 -10.92
C GLY B 12 9.18 -1.05 -9.60
N GLY B 13 9.61 0.20 -9.62
CA GLY B 13 10.13 0.83 -8.43
C GLY B 13 9.06 1.03 -7.37
N HIS B 14 9.30 0.52 -6.17
CA HIS B 14 8.37 0.63 -5.04
C HIS B 14 9.00 -0.06 -3.82
N PHE B 15 9.78 0.71 -3.04
CA PHE B 15 10.46 0.17 -1.86
C PHE B 15 9.57 0.23 -0.62
N LEU B 16 9.67 -0.78 0.23
CA LEU B 16 8.88 -0.84 1.45
C LEU B 16 9.22 0.31 2.41
N ARG B 17 8.33 1.29 2.51
CA ARG B 17 8.55 2.43 3.40
C ARG B 17 7.96 2.10 4.78
N ILE B 18 8.85 1.90 5.73
CA ILE B 18 8.46 1.52 7.09
C ILE B 18 8.30 2.75 8.00
N LEU B 19 7.19 2.77 8.74
CA LEU B 19 6.90 3.87 9.66
C LEU B 19 6.49 3.31 11.02
N PRO B 20 7.05 3.86 12.12
CA PRO B 20 6.76 3.41 13.49
C PRO B 20 5.28 3.16 13.74
N ASP B 21 4.42 3.97 13.13
CA ASP B 21 2.97 3.83 13.28
C ASP B 21 2.52 2.40 13.04
N GLY B 22 3.08 1.77 12.01
CA GLY B 22 2.72 0.40 11.68
C GLY B 22 2.26 0.24 10.24
N THR B 23 1.70 1.30 9.67
CA THR B 23 1.23 1.27 8.30
C THR B 23 2.40 1.49 7.34
N VAL B 24 2.77 0.45 6.61
CA VAL B 24 3.89 0.52 5.67
C VAL B 24 3.39 0.27 4.24
N ASP B 25 4.03 0.94 3.28
CA ASP B 25 3.68 0.82 1.87
C ASP B 25 4.92 0.76 0.99
N GLY B 26 4.70 0.57 -0.31
CA GLY B 26 5.80 0.50 -1.24
C GLY B 26 6.11 1.85 -1.87
N THR B 27 7.08 2.55 -1.32
CA THR B 27 7.47 3.86 -1.81
C THR B 27 8.69 3.75 -2.72
N ARG B 28 8.56 4.20 -3.96
CA ARG B 28 9.66 4.14 -4.91
C ARG B 28 10.64 5.30 -4.68
N ASP B 29 11.28 5.28 -3.53
CA ASP B 29 12.25 6.32 -3.19
C ASP B 29 13.28 5.78 -2.19
N ARG B 30 14.50 6.28 -2.30
CA ARG B 30 15.57 5.86 -1.40
C ARG B 30 16.28 7.08 -0.80
N SER B 31 15.63 8.24 -0.88
CA SER B 31 16.19 9.47 -0.36
C SER B 31 15.93 9.57 1.15
N ASP B 32 14.69 9.29 1.56
CA ASP B 32 14.31 9.36 2.97
C ASP B 32 14.73 8.08 3.69
N GLN B 33 15.15 8.22 4.94
CA GLN B 33 15.58 7.07 5.73
C GLN B 33 14.38 6.35 6.35
N HIS B 34 13.54 5.76 5.49
CA HIS B 34 12.38 5.03 5.96
C HIS B 34 12.10 3.77 5.13
N ILE B 35 13.11 3.30 4.38
CA ILE B 35 12.94 2.11 3.56
C ILE B 35 14.12 1.16 3.77
N GLN B 36 14.49 0.95 5.02
CA GLN B 36 15.61 0.07 5.36
C GLN B 36 15.31 -0.72 6.64
N LEU B 37 15.40 -2.04 6.54
CA LEU B 37 15.16 -2.91 7.68
C LEU B 37 16.39 -3.78 7.92
N GLN B 38 16.54 -4.32 9.12
CA GLN B 38 17.69 -5.15 9.44
C GLN B 38 17.35 -6.63 9.27
N LEU B 39 16.84 -6.98 8.09
CA LEU B 39 16.48 -8.36 7.78
C LEU B 39 17.71 -9.26 7.88
N SER B 40 17.72 -10.14 8.86
CA SER B 40 18.83 -11.06 9.06
C SER B 40 18.34 -12.39 9.62
N ALA B 41 19.09 -13.45 9.35
CA ALA B 41 18.74 -14.78 9.82
C ALA B 41 19.09 -14.92 11.29
N GLU B 42 18.10 -15.31 12.09
CA GLU B 42 18.29 -15.48 13.53
C GLU B 42 18.48 -16.96 13.87
N SER B 43 17.58 -17.80 13.36
CA SER B 43 17.66 -19.23 13.59
C SER B 43 17.91 -19.94 12.27
N VAL B 44 18.31 -21.21 12.33
CA VAL B 44 18.57 -21.99 11.12
C VAL B 44 17.42 -21.87 10.12
N GLY B 45 17.60 -20.99 9.14
CA GLY B 45 16.58 -20.79 8.12
C GLY B 45 15.53 -19.75 8.51
N GLU B 46 15.60 -19.24 9.74
CA GLU B 46 14.63 -18.25 10.21
C GLU B 46 15.19 -16.84 10.12
N VAL B 47 14.49 -15.97 9.41
CA VAL B 47 14.92 -14.59 9.26
C VAL B 47 13.89 -13.65 9.89
N TYR B 48 14.37 -12.64 10.59
CA TYR B 48 13.49 -11.67 11.24
C TYR B 48 13.59 -10.30 10.57
N ILE B 49 12.43 -9.71 10.26
CA ILE B 49 12.38 -8.41 9.63
C ILE B 49 12.26 -7.33 10.69
N LYS B 50 13.40 -6.90 11.20
CA LYS B 50 13.44 -5.88 12.24
C LYS B 50 14.07 -4.58 11.71
N SER B 51 13.26 -3.53 11.60
CA SER B 51 13.75 -2.25 11.11
C SER B 51 14.02 -1.33 12.30
N THR B 52 14.95 -1.75 13.15
CA THR B 52 15.29 -1.01 14.36
C THR B 52 15.61 0.47 14.09
N GLU B 53 16.74 0.74 13.45
CA GLU B 53 17.17 2.11 13.18
C GLU B 53 16.49 2.71 11.94
N THR B 54 15.16 2.71 11.91
CA THR B 54 14.41 3.28 10.78
C THR B 54 12.91 2.99 10.89
N GLY B 55 12.56 1.71 11.01
CA GLY B 55 11.17 1.32 11.07
C GLY B 55 10.70 0.91 12.45
N GLN B 56 10.32 -0.35 12.58
CA GLN B 56 9.80 -0.88 13.83
C GLN B 56 9.89 -2.41 13.87
N TYR B 57 9.19 -3.01 14.83
CA TYR B 57 9.17 -4.46 14.98
C TYR B 57 7.95 -5.04 14.29
N LEU B 58 8.17 -5.79 13.22
CA LEU B 58 7.09 -6.38 12.43
C LEU B 58 6.38 -7.50 13.19
N ALA B 59 5.09 -7.64 12.88
CA ALA B 59 4.23 -8.66 13.47
C ALA B 59 3.08 -8.95 12.52
N MET B 60 3.28 -9.92 11.63
CA MET B 60 2.29 -10.27 10.63
C MET B 60 1.03 -10.88 11.25
N ASP B 61 0.13 -10.02 11.71
CA ASP B 61 -1.13 -10.46 12.32
C ASP B 61 -1.81 -11.49 11.42
N THR B 62 -1.72 -12.76 11.82
CA THR B 62 -2.31 -13.85 11.07
C THR B 62 -1.98 -13.76 9.58
N ASP B 63 -0.82 -13.16 9.27
CA ASP B 63 -0.36 -12.98 7.88
C ASP B 63 -1.29 -12.04 7.10
N GLY B 64 -2.58 -12.34 7.12
CA GLY B 64 -3.58 -11.53 6.42
C GLY B 64 -3.18 -10.06 6.32
N LEU B 65 -2.94 -9.43 7.46
CA LEU B 65 -2.55 -8.03 7.50
C LEU B 65 -1.15 -7.88 8.10
N LEU B 66 -0.15 -7.90 7.23
CA LEU B 66 1.23 -7.76 7.64
C LEU B 66 1.49 -6.36 8.17
N TYR B 67 1.83 -6.26 9.45
CA TYR B 67 2.11 -4.97 10.07
C TYR B 67 3.18 -5.13 11.15
N GLY B 68 3.51 -4.03 11.83
CA GLY B 68 4.51 -4.10 12.88
C GLY B 68 4.74 -2.74 13.50
N SER B 69 5.31 -2.72 14.70
CA SER B 69 5.58 -1.48 15.40
C SER B 69 6.35 -1.71 16.70
N GLN B 70 5.67 -2.25 17.71
CA GLN B 70 6.28 -2.44 19.02
C GLN B 70 6.69 -3.89 19.29
N THR B 71 5.73 -4.81 19.23
CA THR B 71 5.99 -6.21 19.55
C THR B 71 6.33 -7.07 18.33
N PRO B 72 7.56 -7.61 18.28
CA PRO B 72 8.01 -8.50 17.22
C PRO B 72 7.77 -9.95 17.64
N ASN B 73 6.50 -10.25 17.95
CA ASN B 73 6.10 -11.57 18.42
C ASN B 73 6.25 -12.64 17.34
N GLU B 74 5.94 -13.89 17.72
CA GLU B 74 6.00 -15.06 16.82
C GLU B 74 5.53 -14.73 15.39
N GLU B 75 4.63 -13.78 15.25
CA GLU B 75 4.13 -13.38 13.93
C GLU B 75 5.23 -12.71 13.08
N CYS B 76 6.47 -12.65 13.61
CA CYS B 76 7.59 -12.03 12.90
C CYS B 76 8.67 -13.04 12.46
N LEU B 77 8.48 -14.34 12.72
CA LEU B 77 9.48 -15.33 12.32
C LEU B 77 9.13 -15.95 10.98
N PHE B 78 10.04 -15.80 10.01
CA PHE B 78 9.83 -16.32 8.67
C PHE B 78 11.01 -17.18 8.22
N LEU B 79 10.70 -18.30 7.60
CA LEU B 79 11.71 -19.22 7.10
C LEU B 79 12.17 -18.75 5.72
N GLU B 80 13.45 -18.47 5.61
CA GLU B 80 14.04 -17.98 4.35
C GLU B 80 13.96 -19.03 3.24
N ARG B 81 13.50 -18.60 2.08
CA ARG B 81 13.36 -19.47 0.91
C ARG B 81 13.70 -18.69 -0.35
N LEU B 82 14.83 -19.01 -0.97
CA LEU B 82 15.25 -18.32 -2.19
C LEU B 82 14.67 -18.99 -3.43
N GLU B 83 14.31 -18.19 -4.43
CA GLU B 83 13.74 -18.71 -5.66
C GLU B 83 14.72 -18.56 -6.83
N GLU B 84 14.81 -19.61 -7.65
CA GLU B 84 15.70 -19.63 -8.81
C GLU B 84 15.52 -18.41 -9.69
N ASN B 85 14.32 -17.85 -9.70
CA ASN B 85 14.01 -16.67 -10.49
C ASN B 85 14.72 -15.40 -9.95
N HIS B 86 15.58 -15.59 -8.94
CA HIS B 86 16.33 -14.48 -8.34
C HIS B 86 15.43 -13.67 -7.43
N TYR B 87 14.77 -14.36 -6.51
CA TYR B 87 13.86 -13.72 -5.56
C TYR B 87 13.95 -14.38 -4.20
N ASN B 88 13.62 -13.64 -3.16
CA ASN B 88 13.67 -14.13 -1.80
C ASN B 88 12.26 -14.30 -1.23
N THR B 89 11.98 -15.50 -0.78
CA THR B 89 10.69 -15.82 -0.17
C THR B 89 10.90 -16.12 1.32
N TYR B 90 9.91 -15.82 2.15
CA TYR B 90 10.03 -16.06 3.58
C TYR B 90 8.75 -16.67 4.14
N ILE B 91 8.80 -17.94 4.50
CA ILE B 91 7.63 -18.64 5.02
C ILE B 91 7.46 -18.39 6.50
N SER B 92 6.36 -17.73 6.86
CA SER B 92 6.07 -17.44 8.25
C SER B 92 5.75 -18.75 8.98
N LYS B 93 6.76 -19.33 9.63
CA LYS B 93 6.57 -20.58 10.36
C LYS B 93 5.33 -20.50 11.24
N LYS B 94 5.09 -19.31 11.81
CA LYS B 94 3.95 -19.10 12.68
C LYS B 94 2.63 -19.29 11.92
N HIS B 95 2.68 -19.18 10.59
CA HIS B 95 1.50 -19.34 9.76
C HIS B 95 1.73 -20.34 8.64
N ALA B 96 2.67 -21.26 8.86
CA ALA B 96 2.97 -22.29 7.88
C ALA B 96 1.76 -23.21 7.72
N GLU B 97 0.85 -23.18 8.70
CA GLU B 97 -0.36 -24.00 8.67
C GLU B 97 -1.03 -23.89 7.30
N LYS B 98 -1.51 -22.69 6.97
CA LYS B 98 -2.16 -22.45 5.68
C LYS B 98 -1.12 -22.15 4.59
N ASN B 99 0.16 -22.38 4.91
CA ASN B 99 1.25 -22.15 3.97
C ASN B 99 1.33 -20.68 3.57
N TRP B 100 1.10 -19.80 4.55
CA TRP B 100 1.17 -18.36 4.30
C TRP B 100 2.58 -17.86 4.57
N PHE B 101 3.25 -17.40 3.51
CA PHE B 101 4.61 -16.90 3.62
C PHE B 101 4.67 -15.38 3.39
N VAL B 102 3.97 -14.63 4.25
CA VAL B 102 3.94 -13.16 4.21
C VAL B 102 3.83 -12.59 2.79
N GLY B 103 2.60 -12.30 2.37
CA GLY B 103 2.37 -11.73 1.05
C GLY B 103 1.94 -10.27 1.12
N LEU B 104 2.54 -9.43 0.28
CA LEU B 104 2.22 -8.01 0.28
C LEU B 104 1.97 -7.46 -1.12
N LYS B 105 1.67 -6.17 -1.19
CA LYS B 105 1.43 -5.49 -2.46
C LYS B 105 2.23 -4.20 -2.52
N LYS B 106 3.35 -4.23 -3.25
CA LYS B 106 4.23 -3.07 -3.39
C LYS B 106 3.45 -1.81 -3.79
N ASN B 107 2.31 -1.99 -4.46
CA ASN B 107 1.49 -0.87 -4.89
C ASN B 107 0.18 -0.80 -4.07
N GLY B 108 0.23 -1.30 -2.84
CA GLY B 108 -0.95 -1.29 -1.99
C GLY B 108 -0.59 -1.25 -0.52
N SER B 109 0.27 -2.18 -0.10
CA SER B 109 0.75 -2.33 1.28
C SER B 109 0.98 -3.82 1.57
N CYS B 110 1.44 -4.13 2.76
CA CYS B 110 1.69 -5.52 3.14
C CYS B 110 0.49 -6.12 3.87
N LYS B 111 -0.26 -6.97 3.16
CA LYS B 111 -1.45 -7.61 3.72
C LYS B 111 -2.16 -8.45 2.65
N ARG B 112 -1.79 -9.73 2.56
CA ARG B 112 -2.42 -10.61 1.57
C ARG B 112 -2.56 -12.05 2.09
N GLY B 113 -2.54 -12.23 3.42
CA GLY B 113 -2.65 -13.56 4.01
C GLY B 113 -3.51 -14.53 3.20
N PRO B 114 -4.81 -14.24 3.04
CA PRO B 114 -5.73 -15.11 2.28
C PRO B 114 -5.20 -15.49 0.90
N ARG B 115 -4.23 -14.73 0.39
CA ARG B 115 -3.64 -14.99 -0.92
C ARG B 115 -2.13 -15.18 -0.83
N THR B 116 -1.58 -15.29 0.37
CA THR B 116 -0.15 -15.47 0.53
C THR B 116 0.28 -16.87 0.07
N HIS B 117 0.15 -17.10 -1.23
CA HIS B 117 0.51 -18.37 -1.82
C HIS B 117 0.91 -18.15 -3.27
N TYR B 118 1.18 -19.24 -4.00
CA TYR B 118 1.60 -19.14 -5.41
C TYR B 118 0.74 -18.15 -6.19
N GLY B 119 -0.55 -18.07 -5.83
CA GLY B 119 -1.44 -17.13 -6.50
C GLY B 119 -0.90 -15.72 -6.53
N GLN B 120 -0.14 -15.35 -5.50
CA GLN B 120 0.46 -14.03 -5.40
C GLN B 120 1.97 -14.12 -5.56
N LYS B 121 2.45 -13.94 -6.78
CA LYS B 121 3.88 -13.98 -7.06
C LYS B 121 4.59 -12.79 -6.40
N ALA B 122 3.81 -11.84 -5.88
CA ALA B 122 4.35 -10.66 -5.21
C ALA B 122 4.97 -10.98 -3.84
N ILE B 123 5.20 -12.26 -3.56
CA ILE B 123 5.82 -12.66 -2.30
C ILE B 123 7.32 -12.93 -2.52
N LEU B 124 7.70 -13.14 -3.77
CA LEU B 124 9.10 -13.39 -4.12
C LEU B 124 9.85 -12.05 -4.12
N PHE B 125 10.21 -11.61 -2.92
CA PHE B 125 10.88 -10.32 -2.74
C PHE B 125 12.26 -10.26 -3.37
N LEU B 126 12.60 -9.07 -3.86
CA LEU B 126 13.89 -8.81 -4.47
C LEU B 126 14.72 -8.01 -3.46
N PRO B 127 15.65 -8.65 -2.75
CA PRO B 127 16.48 -8.00 -1.74
C PRO B 127 17.58 -7.13 -2.32
N LEU B 128 17.74 -5.93 -1.77
CA LEU B 128 18.78 -5.01 -2.19
C LEU B 128 19.46 -4.42 -0.95
N PRO B 129 19.92 -5.28 -0.02
CA PRO B 129 20.57 -4.85 1.22
C PRO B 129 22.09 -4.80 1.08
N VAL B 130 22.74 -4.19 2.07
CA VAL B 130 24.19 -4.09 2.08
C VAL B 130 24.79 -5.34 2.73
N SER B 131 25.11 -6.31 1.89
CA SER B 131 25.67 -7.58 2.35
C SER B 131 27.12 -7.41 2.83
N SER B 132 27.78 -8.52 3.13
CA SER B 132 29.17 -8.49 3.57
C SER B 132 30.00 -9.39 2.66
N ASP B 133 30.73 -8.76 1.75
CA ASP B 133 31.56 -9.47 0.78
C ASP B 133 32.88 -8.75 0.60
N GLU A 1 -6.01 -8.23 -8.76
CA GLU A 1 -7.23 -7.41 -8.55
C GLU A 1 -7.54 -6.59 -9.78
N LYS A 2 -8.68 -5.90 -9.78
CA LYS A 2 -9.09 -5.09 -10.91
C LYS A 2 -10.22 -4.13 -10.54
N LEU A 3 -9.93 -2.84 -10.58
CA LEU A 3 -10.92 -1.81 -10.27
C LEU A 3 -10.98 -0.81 -11.42
N GLY A 4 -10.55 -1.25 -12.60
CA GLY A 4 -10.53 -0.38 -13.75
C GLY A 4 -9.47 0.69 -13.64
N LYS A 5 -9.87 1.94 -13.81
CA LYS A 5 -8.94 3.06 -13.73
C LYS A 5 -9.65 4.32 -13.26
N LEU A 6 -8.87 5.28 -12.78
CA LEU A 6 -9.41 6.53 -12.30
C LEU A 6 -8.63 7.71 -12.89
N GLN A 7 -9.33 8.59 -13.58
CA GLN A 7 -8.70 9.76 -14.20
C GLN A 7 -8.62 10.86 -13.15
N TYR A 8 -7.45 11.47 -13.00
CA TYR A 8 -7.28 12.52 -12.00
C TYR A 8 -6.20 13.53 -12.40
N SER A 9 -6.42 14.76 -11.97
CA SER A 9 -5.50 15.87 -12.22
C SER A 9 -5.25 16.59 -10.90
N LEU A 10 -4.08 16.38 -10.32
CA LEU A 10 -3.75 16.98 -9.04
C LEU A 10 -2.72 18.10 -9.18
N ASP A 11 -2.77 19.08 -8.27
CA ASP A 11 -1.83 20.19 -8.27
C ASP A 11 -1.35 20.46 -6.84
N TYR A 12 -0.42 21.40 -6.68
CA TYR A 12 0.10 21.71 -5.36
C TYR A 12 -0.06 23.19 -5.03
N ASP A 13 -0.42 23.49 -3.79
CA ASP A 13 -0.59 24.87 -3.35
C ASP A 13 0.46 25.22 -2.31
N PHE A 14 1.24 26.27 -2.58
CA PHE A 14 2.29 26.71 -1.67
C PHE A 14 1.86 27.89 -0.80
N GLN A 15 0.61 28.34 -0.95
CA GLN A 15 0.10 29.46 -0.16
C GLN A 15 -0.60 28.93 1.09
N ASN A 16 -1.44 27.93 0.90
CA ASN A 16 -2.16 27.31 2.00
C ASN A 16 -1.42 26.04 2.48
N ASN A 17 -0.49 25.58 1.65
CA ASN A 17 0.32 24.40 1.97
C ASN A 17 -0.50 23.11 1.93
N GLN A 18 -0.78 22.62 0.73
CA GLN A 18 -1.53 21.39 0.54
C GLN A 18 -1.59 21.02 -0.93
N LEU A 19 -1.82 19.74 -1.21
CA LEU A 19 -1.92 19.25 -2.58
C LEU A 19 -3.38 19.21 -3.01
N LEU A 20 -3.63 19.65 -4.23
CA LEU A 20 -4.98 19.67 -4.76
C LEU A 20 -5.23 18.39 -5.55
N VAL A 21 -5.93 17.46 -4.92
CA VAL A 21 -6.23 16.20 -5.56
C VAL A 21 -7.58 16.28 -6.27
N GLY A 22 -7.54 16.52 -7.57
CA GLY A 22 -8.75 16.61 -8.37
C GLY A 22 -8.97 15.36 -9.21
N ILE A 23 -9.80 14.45 -8.72
CA ILE A 23 -10.09 13.21 -9.45
C ILE A 23 -11.28 13.42 -10.37
N ILE A 24 -11.09 13.08 -11.64
CA ILE A 24 -12.13 13.25 -12.64
C ILE A 24 -13.21 12.19 -12.49
N GLN A 25 -12.83 10.93 -12.61
CA GLN A 25 -13.79 9.83 -12.51
C GLN A 25 -13.10 8.47 -12.53
N ALA A 26 -13.81 7.46 -12.05
CA ALA A 26 -13.32 6.09 -12.01
C ALA A 26 -14.11 5.27 -13.01
N ALA A 27 -13.44 4.39 -13.73
CA ALA A 27 -14.10 3.56 -14.74
C ALA A 27 -13.88 2.07 -14.52
N GLU A 28 -14.98 1.30 -14.60
CA GLU A 28 -14.96 -0.16 -14.43
C GLU A 28 -14.90 -0.57 -12.97
N LEU A 29 -15.92 -0.17 -12.21
CA LEU A 29 -16.00 -0.50 -10.79
C LEU A 29 -16.92 -1.71 -10.58
N PRO A 30 -16.53 -2.65 -9.69
CA PRO A 30 -17.31 -3.84 -9.39
C PRO A 30 -18.77 -3.54 -9.00
N ALA A 31 -19.61 -4.57 -9.09
CA ALA A 31 -21.02 -4.43 -8.78
C ALA A 31 -21.34 -4.90 -7.35
N LEU A 32 -21.85 -3.99 -6.53
CA LEU A 32 -22.21 -4.30 -5.16
C LEU A 32 -23.73 -4.24 -4.94
N ASP A 33 -24.42 -3.48 -5.78
CA ASP A 33 -25.87 -3.32 -5.70
C ASP A 33 -26.58 -4.47 -6.40
N MET A 34 -27.78 -4.78 -5.94
CA MET A 34 -28.58 -5.87 -6.51
C MET A 34 -29.03 -5.53 -7.94
N GLY A 35 -28.08 -5.47 -8.85
CA GLY A 35 -28.40 -5.16 -10.23
C GLY A 35 -27.18 -4.80 -11.06
N GLY A 36 -26.12 -5.60 -10.93
CA GLY A 36 -24.88 -5.36 -11.67
C GLY A 36 -24.45 -3.91 -11.62
N THR A 37 -24.63 -3.28 -10.45
CA THR A 37 -24.25 -1.89 -10.28
C THR A 37 -23.84 -1.64 -8.82
N SER A 38 -23.45 -0.42 -8.49
CA SER A 38 -23.04 -0.09 -7.13
C SER A 38 -23.17 1.41 -6.88
N ASP A 39 -22.96 1.80 -5.63
CA ASP A 39 -23.00 3.21 -5.23
C ASP A 39 -21.59 3.61 -4.79
N PRO A 40 -20.62 3.57 -5.73
CA PRO A 40 -19.22 3.85 -5.43
C PRO A 40 -18.90 5.32 -5.17
N TYR A 41 -18.24 5.56 -4.04
CA TYR A 41 -17.80 6.89 -3.66
C TYR A 41 -16.38 6.76 -3.12
N VAL A 42 -15.48 7.61 -3.61
CA VAL A 42 -14.08 7.53 -3.18
C VAL A 42 -13.83 8.31 -1.90
N LYS A 43 -13.07 7.70 -1.00
CA LYS A 43 -12.70 8.31 0.26
C LYS A 43 -11.19 8.39 0.34
N VAL A 44 -10.67 9.61 0.34
CA VAL A 44 -9.23 9.84 0.38
C VAL A 44 -8.69 9.62 1.79
N PHE A 45 -7.60 8.86 1.87
CA PHE A 45 -6.97 8.57 3.15
C PHE A 45 -5.45 8.62 2.99
N LEU A 46 -4.76 8.80 4.10
CA LEU A 46 -3.31 8.88 4.10
C LEU A 46 -2.69 7.83 5.01
N LEU A 47 -1.39 7.66 4.89
CA LEU A 47 -0.64 6.73 5.73
C LEU A 47 -0.68 7.26 7.18
N PRO A 48 0.16 6.74 8.12
CA PRO A 48 0.21 7.20 9.51
C PRO A 48 -0.21 8.67 9.69
N ASP A 49 0.20 9.53 8.75
CA ASP A 49 -0.15 10.94 8.80
C ASP A 49 -1.66 11.12 9.02
N LYS A 50 -2.44 10.56 8.09
CA LYS A 50 -3.90 10.62 8.15
C LYS A 50 -4.46 12.03 8.41
N LYS A 51 -3.67 13.07 8.12
CA LYS A 51 -4.12 14.44 8.35
C LYS A 51 -4.97 14.94 7.20
N LYS A 52 -6.05 14.22 6.90
CA LYS A 52 -6.96 14.57 5.82
C LYS A 52 -7.98 13.46 5.60
N LYS A 53 -9.25 13.81 5.75
CA LYS A 53 -10.34 12.88 5.56
C LYS A 53 -11.43 13.55 4.75
N PHE A 54 -11.47 13.25 3.45
CA PHE A 54 -12.44 13.84 2.55
C PHE A 54 -13.27 12.76 1.86
N GLU A 55 -14.58 12.89 1.94
CA GLU A 55 -15.49 11.92 1.33
C GLU A 55 -16.18 12.55 0.12
N THR A 56 -16.11 11.86 -1.02
CA THR A 56 -16.73 12.35 -2.24
C THR A 56 -18.23 12.08 -2.23
N LYS A 57 -18.96 12.73 -3.14
CA LYS A 57 -20.41 12.54 -3.23
C LYS A 57 -20.73 11.15 -3.78
N VAL A 58 -21.58 10.44 -3.06
CA VAL A 58 -21.98 9.10 -3.48
C VAL A 58 -22.61 9.12 -4.87
N HIS A 59 -22.52 8.00 -5.58
CA HIS A 59 -23.09 7.88 -6.91
C HIS A 59 -24.00 6.66 -6.96
N ARG A 60 -25.29 6.90 -6.77
CA ARG A 60 -26.28 5.83 -6.74
C ARG A 60 -26.36 5.05 -8.06
N LYS A 61 -26.09 3.75 -7.96
CA LYS A 61 -26.16 2.84 -9.09
C LYS A 61 -25.33 3.32 -10.29
N THR A 62 -24.03 3.07 -10.25
CA THR A 62 -23.14 3.43 -11.35
C THR A 62 -21.77 2.77 -11.19
N LEU A 63 -21.19 2.33 -12.30
CA LEU A 63 -19.88 1.68 -12.29
C LEU A 63 -18.85 2.52 -13.06
N ASN A 64 -19.22 3.77 -13.38
CA ASN A 64 -18.35 4.68 -14.11
C ASN A 64 -18.94 6.09 -14.05
N PRO A 65 -19.01 6.68 -12.84
CA PRO A 65 -19.57 8.01 -12.64
C PRO A 65 -18.53 9.12 -12.58
N VAL A 66 -18.74 10.17 -13.37
CA VAL A 66 -17.84 11.32 -13.38
C VAL A 66 -18.28 12.33 -12.33
N PHE A 67 -17.39 13.22 -11.91
CA PHE A 67 -17.73 14.23 -10.91
C PHE A 67 -16.67 15.34 -10.81
N ASN A 68 -15.41 14.95 -10.78
CA ASN A 68 -14.31 15.91 -10.68
C ASN A 68 -14.30 16.56 -9.28
N GLU A 69 -14.31 15.72 -8.25
CA GLU A 69 -14.30 16.20 -6.87
C GLU A 69 -12.92 16.76 -6.51
N GLN A 70 -12.87 17.63 -5.52
CA GLN A 70 -11.62 18.26 -5.11
C GLN A 70 -11.21 17.81 -3.71
N PHE A 71 -10.15 16.98 -3.63
CA PHE A 71 -9.66 16.49 -2.35
C PHE A 71 -8.58 17.43 -1.81
N THR A 72 -8.82 17.97 -0.62
CA THR A 72 -7.90 18.88 0.03
C THR A 72 -6.79 18.11 0.75
N PHE A 73 -5.65 17.94 0.08
CA PHE A 73 -4.53 17.22 0.68
C PHE A 73 -3.82 18.11 1.69
N LYS A 74 -4.53 18.43 2.77
CA LYS A 74 -4.02 19.31 3.83
C LYS A 74 -2.73 18.76 4.46
N VAL A 75 -1.61 19.29 4.02
CA VAL A 75 -0.31 18.89 4.54
C VAL A 75 0.79 19.71 3.86
N PRO A 76 1.79 20.17 4.63
CA PRO A 76 2.90 20.97 4.08
C PRO A 76 3.62 20.23 2.97
N TYR A 77 3.76 20.88 1.81
CA TYR A 77 4.44 20.25 0.67
C TYR A 77 5.79 19.67 1.10
N SER A 78 6.50 20.39 1.96
CA SER A 78 7.79 19.93 2.46
C SER A 78 7.63 18.61 3.23
N GLU A 79 6.46 18.43 3.83
CA GLU A 79 6.17 17.23 4.60
C GLU A 79 5.58 16.12 3.70
N LEU A 80 4.99 16.52 2.58
CA LEU A 80 4.38 15.58 1.63
C LEU A 80 5.26 14.35 1.39
N GLY A 81 6.60 14.54 1.44
CA GLY A 81 7.51 13.45 1.22
C GLY A 81 7.08 12.16 1.92
N GLY A 82 6.76 12.27 3.20
CA GLY A 82 6.34 11.10 3.96
C GLY A 82 4.84 11.06 4.17
N LYS A 83 4.09 11.55 3.20
CA LYS A 83 2.63 11.57 3.29
C LYS A 83 2.00 10.69 2.21
N THR A 84 2.28 9.39 2.26
CA THR A 84 1.71 8.45 1.31
C THR A 84 0.18 8.49 1.38
N LEU A 85 -0.46 8.85 0.27
CA LEU A 85 -1.91 8.95 0.23
C LEU A 85 -2.54 7.78 -0.52
N VAL A 86 -3.78 7.46 -0.16
CA VAL A 86 -4.50 6.37 -0.80
C VAL A 86 -5.94 6.80 -1.10
N MET A 87 -6.42 6.41 -2.27
CA MET A 87 -7.78 6.74 -2.69
C MET A 87 -8.62 5.47 -2.77
N ALA A 88 -9.46 5.27 -1.77
CA ALA A 88 -10.30 4.08 -1.71
C ALA A 88 -11.73 4.40 -2.15
N VAL A 89 -12.25 3.60 -3.07
CA VAL A 89 -13.62 3.79 -3.55
C VAL A 89 -14.53 2.82 -2.83
N TYR A 90 -15.39 3.37 -1.98
CA TYR A 90 -16.31 2.58 -1.19
C TYR A 90 -17.71 2.60 -1.79
N ASP A 91 -18.35 1.43 -1.79
CA ASP A 91 -19.70 1.32 -2.30
C ASP A 91 -20.70 1.76 -1.25
N PHE A 92 -21.91 2.07 -1.67
CA PHE A 92 -22.95 2.50 -0.76
C PHE A 92 -24.31 1.93 -1.19
N ASP A 93 -24.36 0.61 -1.41
CA ASP A 93 -25.60 -0.06 -1.83
C ASP A 93 -26.78 0.40 -0.96
N ARG A 94 -26.48 0.77 0.29
CA ARG A 94 -27.48 1.27 1.25
C ARG A 94 -28.32 0.14 1.83
N PHE A 95 -27.77 -1.06 1.92
CA PHE A 95 -28.50 -2.18 2.49
C PHE A 95 -27.54 -3.16 3.15
N SER A 96 -26.76 -3.85 2.35
CA SER A 96 -25.81 -4.82 2.84
C SER A 96 -24.53 -4.12 3.30
N LYS A 97 -23.62 -4.87 3.90
CA LYS A 97 -22.37 -4.31 4.35
C LYS A 97 -21.55 -3.86 3.15
N HIS A 98 -21.76 -2.62 2.74
CA HIS A 98 -21.04 -2.04 1.60
C HIS A 98 -19.55 -2.37 1.70
N ASP A 99 -18.88 -2.43 0.57
CA ASP A 99 -17.46 -2.77 0.56
C ASP A 99 -16.64 -1.81 -0.29
N ILE A 100 -15.33 -1.83 -0.08
CA ILE A 100 -14.42 -0.99 -0.83
C ILE A 100 -13.97 -1.74 -2.08
N ILE A 101 -14.75 -1.58 -3.14
CA ILE A 101 -14.47 -2.23 -4.41
C ILE A 101 -12.98 -2.13 -4.78
N GLY A 102 -12.36 -1.00 -4.47
CA GLY A 102 -10.95 -0.82 -4.79
C GLY A 102 -10.37 0.43 -4.18
N GLU A 103 -9.04 0.55 -4.24
CA GLU A 103 -8.34 1.69 -3.68
C GLU A 103 -6.95 1.83 -4.29
N PHE A 104 -6.67 2.98 -4.88
CA PHE A 104 -5.36 3.22 -5.49
C PHE A 104 -4.52 4.09 -4.55
N LYS A 105 -3.20 3.99 -4.68
CA LYS A 105 -2.31 4.75 -3.83
C LYS A 105 -1.04 5.13 -4.59
N VAL A 106 -0.36 6.18 -4.11
CA VAL A 106 0.86 6.65 -4.75
C VAL A 106 1.83 7.24 -3.72
N PRO A 107 3.13 6.95 -3.84
CA PRO A 107 4.16 7.46 -2.92
C PRO A 107 4.50 8.93 -3.20
N MET A 108 3.95 9.83 -2.40
CA MET A 108 4.19 11.26 -2.58
C MET A 108 5.68 11.58 -2.62
N ASN A 109 6.47 10.91 -1.79
CA ASN A 109 7.92 11.14 -1.76
C ASN A 109 8.50 11.02 -3.17
N THR A 110 7.87 10.20 -4.01
CA THR A 110 8.31 10.03 -5.38
C THR A 110 7.59 11.00 -6.31
N VAL A 111 6.31 11.22 -6.06
CA VAL A 111 5.49 12.13 -6.86
C VAL A 111 5.89 13.57 -6.61
N ASP A 112 6.63 14.15 -7.56
CA ASP A 112 7.09 15.52 -7.44
C ASP A 112 5.93 16.49 -7.53
N PHE A 113 6.16 17.71 -7.05
CA PHE A 113 5.14 18.76 -7.09
C PHE A 113 5.69 20.00 -7.80
N GLY A 114 6.36 19.76 -8.93
CA GLY A 114 6.92 20.85 -9.71
C GLY A 114 5.85 21.73 -10.33
N HIS A 115 4.74 21.10 -10.75
CA HIS A 115 3.65 21.83 -11.36
C HIS A 115 2.31 21.18 -11.03
N VAL A 116 2.00 20.07 -11.70
CA VAL A 116 0.73 19.37 -11.48
C VAL A 116 0.86 17.89 -11.84
N THR A 117 0.05 17.06 -11.20
CA THR A 117 0.04 15.63 -11.44
C THR A 117 -1.22 15.25 -12.22
N GLU A 118 -1.07 15.13 -13.53
CA GLU A 118 -2.19 14.78 -14.40
C GLU A 118 -1.88 13.49 -15.16
N GLU A 119 -2.68 12.45 -14.92
CA GLU A 119 -2.48 11.16 -15.57
C GLU A 119 -3.67 10.25 -15.34
N TRP A 120 -3.66 9.10 -16.00
CA TRP A 120 -4.73 8.12 -15.87
C TRP A 120 -4.31 7.02 -14.90
N ARG A 121 -4.70 7.17 -13.64
CA ARG A 121 -4.35 6.21 -12.60
C ARG A 121 -5.12 4.91 -12.69
N ASP A 122 -4.42 3.81 -12.49
CA ASP A 122 -5.03 2.49 -12.51
C ASP A 122 -5.68 2.21 -11.17
N LEU A 123 -6.85 1.58 -11.20
CA LEU A 123 -7.58 1.28 -9.98
C LEU A 123 -7.41 -0.18 -9.59
N GLN A 124 -7.08 -0.43 -8.33
CA GLN A 124 -6.89 -1.77 -7.82
C GLN A 124 -7.94 -2.13 -6.77
N SER A 125 -8.57 -3.29 -6.93
CA SER A 125 -9.59 -3.75 -5.98
C SER A 125 -8.97 -4.04 -4.62
N ALA A 126 -9.75 -3.87 -3.56
CA ALA A 126 -9.27 -4.11 -2.22
C ALA A 126 -10.18 -5.10 -1.48
N GLU A 127 -9.59 -5.80 -0.52
CA GLU A 127 -10.34 -6.76 0.27
C GLU A 127 -10.19 -6.41 1.75
N LYS A 128 -11.12 -5.58 2.24
CA LYS A 128 -11.10 -5.13 3.63
C LYS A 128 -12.21 -5.83 4.43
N TYR B 1 28.91 -6.06 5.85
CA TYR B 1 28.43 -4.97 6.72
C TYR B 1 26.91 -5.08 6.90
N LYS B 2 26.49 -5.92 7.83
CA LYS B 2 25.06 -6.11 8.08
C LYS B 2 24.44 -4.82 8.61
N LYS B 3 23.36 -4.40 7.99
CA LYS B 3 22.67 -3.17 8.36
C LYS B 3 21.40 -3.02 7.50
N PRO B 4 20.77 -1.82 7.44
CA PRO B 4 19.56 -1.60 6.64
C PRO B 4 19.38 -2.58 5.49
N LYS B 5 18.41 -3.48 5.66
CA LYS B 5 18.10 -4.48 4.66
C LYS B 5 16.87 -4.05 3.87
N LEU B 6 17.03 -3.85 2.56
CA LEU B 6 15.92 -3.45 1.72
C LEU B 6 15.35 -4.67 0.99
N LEU B 7 14.04 -4.83 1.04
CA LEU B 7 13.38 -5.96 0.39
C LEU B 7 12.04 -5.53 -0.19
N TYR B 8 11.75 -5.98 -1.41
CA TYR B 8 10.48 -5.65 -2.07
C TYR B 8 10.23 -6.59 -3.24
N CYS B 9 8.97 -6.68 -3.68
CA CYS B 9 8.60 -7.53 -4.80
C CYS B 9 7.76 -6.75 -5.81
N SER B 10 7.50 -7.35 -6.98
CA SER B 10 6.71 -6.71 -8.03
C SER B 10 7.58 -5.72 -8.79
N ASN B 11 8.04 -6.12 -9.98
CA ASN B 11 8.88 -5.26 -10.81
C ASN B 11 8.32 -3.83 -10.84
N GLY B 12 9.20 -2.86 -10.66
CA GLY B 12 8.80 -1.47 -10.64
C GLY B 12 9.16 -0.81 -9.33
N GLY B 13 10.03 0.20 -9.41
CA GLY B 13 10.47 0.90 -8.22
C GLY B 13 9.38 1.11 -7.18
N HIS B 14 9.59 0.56 -5.99
CA HIS B 14 8.65 0.68 -4.88
C HIS B 14 9.20 -0.07 -3.66
N PHE B 15 9.87 0.65 -2.78
CA PHE B 15 10.47 0.06 -1.58
C PHE B 15 9.48 0.07 -0.42
N LEU B 16 9.65 -0.89 0.48
CA LEU B 16 8.79 -1.02 1.65
C LEU B 16 9.11 0.08 2.67
N ARG B 17 8.18 0.99 2.88
CA ARG B 17 8.37 2.08 3.82
C ARG B 17 7.94 1.68 5.23
N ILE B 18 8.91 1.59 6.12
CA ILE B 18 8.65 1.22 7.51
C ILE B 18 8.31 2.44 8.36
N LEU B 19 7.17 2.37 9.03
CA LEU B 19 6.72 3.47 9.89
C LEU B 19 6.16 2.91 11.19
N PRO B 20 6.63 3.43 12.34
CA PRO B 20 6.19 2.98 13.67
C PRO B 20 4.67 2.80 13.76
N ASP B 21 3.93 3.61 13.01
CA ASP B 21 2.47 3.52 12.98
C ASP B 21 2.02 2.12 12.60
N GLY B 22 2.64 1.55 11.57
CA GLY B 22 2.30 0.21 11.15
C GLY B 22 1.88 0.13 9.68
N THR B 23 1.30 1.21 9.15
CA THR B 23 0.86 1.23 7.77
C THR B 23 2.05 1.30 6.82
N VAL B 24 2.81 0.23 6.76
CA VAL B 24 3.96 0.15 5.87
C VAL B 24 3.49 0.28 4.42
N ASP B 25 4.06 1.25 3.70
CA ASP B 25 3.69 1.50 2.31
C ASP B 25 4.83 1.15 1.35
N GLY B 26 4.52 1.18 0.06
CA GLY B 26 5.51 0.89 -0.95
C GLY B 26 5.88 2.15 -1.73
N THR B 27 7.01 2.74 -1.39
CA THR B 27 7.46 3.97 -2.04
C THR B 27 8.84 3.77 -2.68
N ARG B 28 9.02 4.32 -3.87
CA ARG B 28 10.30 4.22 -4.56
C ARG B 28 11.12 5.48 -4.30
N ASP B 29 11.84 5.48 -3.19
CA ASP B 29 12.66 6.61 -2.82
C ASP B 29 13.77 6.18 -1.88
N ARG B 30 14.96 6.73 -2.08
CA ARG B 30 16.12 6.41 -1.25
C ARG B 30 16.58 7.65 -0.47
N SER B 31 15.64 8.57 -0.27
CA SER B 31 15.91 9.81 0.45
C SER B 31 15.44 9.68 1.89
N ASP B 32 14.18 9.28 2.07
CA ASP B 32 13.61 9.11 3.40
C ASP B 32 14.08 7.81 4.01
N GLN B 33 14.89 7.91 5.07
CA GLN B 33 15.42 6.74 5.74
C GLN B 33 14.31 5.98 6.48
N HIS B 34 13.39 5.41 5.72
CA HIS B 34 12.28 4.63 6.29
C HIS B 34 12.00 3.39 5.45
N ILE B 35 13.02 2.84 4.83
CA ILE B 35 12.90 1.63 4.02
C ILE B 35 14.05 0.68 4.35
N GLN B 36 14.45 0.68 5.62
CA GLN B 36 15.56 -0.14 6.08
C GLN B 36 15.15 -1.04 7.25
N LEU B 37 14.94 -2.32 6.95
CA LEU B 37 14.59 -3.29 7.97
C LEU B 37 15.81 -4.16 8.26
N GLN B 38 15.82 -4.83 9.40
CA GLN B 38 16.95 -5.66 9.76
C GLN B 38 16.72 -7.11 9.33
N LEU B 39 16.28 -7.29 8.09
CA LEU B 39 16.03 -8.62 7.54
C LEU B 39 17.23 -9.52 7.79
N SER B 40 17.06 -10.49 8.67
CA SER B 40 18.14 -11.42 9.00
C SER B 40 17.57 -12.73 9.51
N ALA B 41 18.34 -13.81 9.34
CA ALA B 41 17.92 -15.12 9.80
C ALA B 41 18.26 -15.29 11.27
N GLU B 42 17.32 -15.82 12.04
CA GLU B 42 17.53 -16.04 13.47
C GLU B 42 17.45 -17.53 13.77
N SER B 43 16.29 -18.13 13.58
CA SER B 43 16.12 -19.56 13.81
C SER B 43 16.59 -20.34 12.59
N VAL B 44 16.73 -21.65 12.73
CA VAL B 44 17.18 -22.50 11.63
C VAL B 44 16.37 -22.25 10.35
N GLY B 45 16.95 -21.46 9.45
CA GLY B 45 16.30 -21.14 8.19
C GLY B 45 15.14 -20.17 8.35
N GLU B 46 15.06 -19.52 9.52
CA GLU B 46 13.99 -18.58 9.78
C GLU B 46 14.51 -17.15 9.86
N VAL B 47 13.85 -16.25 9.15
CA VAL B 47 14.23 -14.86 9.13
C VAL B 47 13.19 -14.01 9.86
N TYR B 48 13.66 -12.97 10.53
CA TYR B 48 12.77 -12.07 11.27
C TYR B 48 12.80 -10.67 10.67
N ILE B 49 11.64 -10.23 10.19
CA ILE B 49 11.54 -8.91 9.59
C ILE B 49 11.29 -7.84 10.65
N LYS B 50 12.38 -7.35 11.24
CA LYS B 50 12.31 -6.32 12.26
C LYS B 50 13.08 -5.09 11.79
N SER B 51 12.41 -3.96 11.72
CA SER B 51 13.06 -2.73 11.27
C SER B 51 13.59 -1.93 12.46
N THR B 52 14.59 -2.47 13.12
CA THR B 52 15.21 -1.83 14.29
C THR B 52 15.86 -0.50 13.90
N GLU B 53 16.44 -0.45 12.71
CA GLU B 53 17.12 0.75 12.23
C GLU B 53 16.21 1.98 12.29
N THR B 54 15.07 1.93 11.61
CA THR B 54 14.16 3.07 11.60
C THR B 54 12.72 2.64 11.31
N GLY B 55 12.31 1.49 11.85
CA GLY B 55 10.97 1.01 11.61
C GLY B 55 10.28 0.54 12.88
N GLN B 56 9.86 -0.71 12.88
CA GLN B 56 9.15 -1.30 14.01
C GLN B 56 9.17 -2.83 13.95
N TYR B 57 8.55 -3.46 14.95
CA TYR B 57 8.48 -4.91 15.01
C TYR B 57 7.17 -5.36 14.37
N LEU B 58 7.27 -6.29 13.42
CA LEU B 58 6.10 -6.78 12.71
C LEU B 58 5.25 -7.73 13.54
N ALA B 59 3.97 -7.74 13.24
CA ALA B 59 2.99 -8.58 13.91
C ALA B 59 1.84 -8.89 12.95
N MET B 60 2.14 -9.76 11.99
CA MET B 60 1.18 -10.15 10.96
C MET B 60 -0.16 -10.58 11.55
N ASP B 61 -1.24 -10.02 11.01
CA ASP B 61 -2.58 -10.38 11.45
C ASP B 61 -2.95 -11.71 10.80
N THR B 62 -2.35 -12.78 11.32
CA THR B 62 -2.58 -14.11 10.79
C THR B 62 -2.26 -14.14 9.29
N ASP B 63 -1.14 -13.51 8.93
CA ASP B 63 -0.68 -13.41 7.54
C ASP B 63 -1.56 -12.43 6.75
N GLY B 64 -2.88 -12.62 6.83
CA GLY B 64 -3.82 -11.76 6.13
C GLY B 64 -3.36 -10.32 6.05
N LEU B 65 -3.30 -9.65 7.21
CA LEU B 65 -2.87 -8.27 7.26
C LEU B 65 -1.45 -8.18 7.80
N LEU B 66 -0.51 -7.91 6.91
CA LEU B 66 0.90 -7.79 7.29
C LEU B 66 1.17 -6.40 7.84
N TYR B 67 1.49 -6.32 9.13
CA TYR B 67 1.79 -5.03 9.75
C TYR B 67 2.76 -5.20 10.91
N GLY B 68 3.28 -4.09 11.41
CA GLY B 68 4.22 -4.11 12.51
C GLY B 68 4.26 -2.80 13.24
N SER B 69 4.67 -2.81 14.51
CA SER B 69 4.72 -1.58 15.28
C SER B 69 5.38 -1.78 16.64
N GLN B 70 4.80 -2.64 17.49
CA GLN B 70 5.32 -2.83 18.83
C GLN B 70 5.87 -4.24 19.09
N THR B 71 4.97 -5.20 19.34
CA THR B 71 5.37 -6.56 19.66
C THR B 71 5.68 -7.42 18.44
N PRO B 72 6.92 -7.97 18.38
CA PRO B 72 7.35 -8.84 17.28
C PRO B 72 6.90 -10.29 17.54
N ASN B 73 5.58 -10.49 17.53
CA ASN B 73 5.00 -11.81 17.79
C ASN B 73 5.53 -12.87 16.80
N GLU B 74 5.30 -14.15 17.12
CA GLU B 74 5.76 -15.25 16.28
C GLU B 74 5.40 -15.01 14.81
N GLU B 75 4.25 -14.40 14.58
CA GLU B 75 3.80 -14.06 13.22
C GLU B 75 4.93 -13.41 12.42
N CYS B 76 5.84 -12.73 13.12
CA CYS B 76 6.96 -12.03 12.49
C CYS B 76 8.10 -12.99 12.09
N LEU B 77 7.96 -14.29 12.37
CA LEU B 77 8.99 -15.25 12.01
C LEU B 77 8.63 -15.95 10.70
N PHE B 78 9.56 -15.95 9.74
CA PHE B 78 9.32 -16.58 8.44
C PHE B 78 10.50 -17.43 8.00
N LEU B 79 10.21 -18.57 7.37
CA LEU B 79 11.24 -19.46 6.87
C LEU B 79 11.73 -18.98 5.51
N GLU B 80 13.05 -18.85 5.38
CA GLU B 80 13.66 -18.35 4.15
C GLU B 80 13.57 -19.40 3.03
N ARG B 81 13.02 -18.99 1.89
CA ARG B 81 12.88 -19.85 0.72
C ARG B 81 13.31 -19.11 -0.54
N LEU B 82 14.50 -19.40 -1.04
CA LEU B 82 15.02 -18.75 -2.24
C LEU B 82 14.39 -19.35 -3.49
N GLU B 83 14.28 -18.54 -4.55
CA GLU B 83 13.73 -18.99 -5.81
C GLU B 83 14.70 -18.76 -6.96
N GLU B 84 14.74 -19.70 -7.90
CA GLU B 84 15.63 -19.62 -9.06
C GLU B 84 15.44 -18.32 -9.84
N ASN B 85 14.25 -17.73 -9.74
CA ASN B 85 13.93 -16.49 -10.43
C ASN B 85 14.67 -15.29 -9.82
N HIS B 86 15.57 -15.55 -8.85
CA HIS B 86 16.33 -14.48 -8.21
C HIS B 86 15.44 -13.68 -7.26
N TYR B 87 14.67 -14.40 -6.44
CA TYR B 87 13.78 -13.76 -5.49
C TYR B 87 13.74 -14.54 -4.18
N ASN B 88 13.39 -13.85 -3.11
CA ASN B 88 13.32 -14.44 -1.79
C ASN B 88 11.88 -14.66 -1.34
N THR B 89 11.61 -15.89 -0.92
CA THR B 89 10.29 -16.26 -0.42
C THR B 89 10.40 -16.50 1.08
N TYR B 90 9.40 -16.10 1.85
CA TYR B 90 9.44 -16.27 3.30
C TYR B 90 8.18 -16.95 3.80
N ILE B 91 8.33 -18.18 4.26
CA ILE B 91 7.20 -18.96 4.77
C ILE B 91 6.85 -18.58 6.20
N SER B 92 5.69 -17.98 6.38
CA SER B 92 5.23 -17.58 7.71
C SER B 92 4.91 -18.83 8.54
N LYS B 93 5.94 -19.49 9.03
CA LYS B 93 5.77 -20.70 9.85
C LYS B 93 4.61 -20.55 10.81
N LYS B 94 4.46 -19.36 11.39
CA LYS B 94 3.35 -19.08 12.31
C LYS B 94 2.01 -19.52 11.74
N HIS B 95 1.86 -19.42 10.41
CA HIS B 95 0.61 -19.82 9.78
C HIS B 95 0.85 -20.61 8.50
N ALA B 96 1.99 -21.29 8.41
CA ALA B 96 2.29 -22.12 7.24
C ALA B 96 1.14 -23.09 7.01
N GLU B 97 0.36 -23.32 8.08
CA GLU B 97 -0.80 -24.19 8.04
C GLU B 97 -1.62 -23.94 6.78
N LYS B 98 -1.81 -22.66 6.46
CA LYS B 98 -2.60 -22.29 5.28
C LYS B 98 -1.74 -22.08 4.03
N ASN B 99 -0.50 -22.55 4.08
CA ASN B 99 0.43 -22.44 2.96
C ASN B 99 0.61 -20.97 2.54
N TRP B 100 0.77 -20.09 3.53
CA TRP B 100 0.95 -18.67 3.29
C TRP B 100 2.38 -18.24 3.60
N PHE B 101 2.95 -17.41 2.73
CA PHE B 101 4.32 -16.95 2.89
C PHE B 101 4.42 -15.42 2.83
N VAL B 102 3.74 -14.75 3.77
CA VAL B 102 3.74 -13.28 3.88
C VAL B 102 3.73 -12.57 2.52
N GLY B 103 2.54 -12.29 2.00
CA GLY B 103 2.42 -11.62 0.71
C GLY B 103 1.98 -10.17 0.84
N LEU B 104 2.68 -9.27 0.17
CA LEU B 104 2.35 -7.85 0.23
C LEU B 104 2.07 -7.29 -1.16
N LYS B 105 1.37 -6.16 -1.20
CA LYS B 105 1.04 -5.50 -2.44
C LYS B 105 1.95 -4.29 -2.64
N LYS B 106 3.05 -4.49 -3.35
CA LYS B 106 4.03 -3.44 -3.60
C LYS B 106 3.36 -2.14 -4.04
N ASN B 107 2.24 -2.25 -4.74
CA ASN B 107 1.51 -1.07 -5.21
C ASN B 107 0.96 -0.25 -4.04
N GLY B 108 0.80 -0.86 -2.87
CA GLY B 108 0.25 -0.15 -1.74
C GLY B 108 0.86 -0.57 -0.40
N SER B 109 0.42 -1.71 0.13
CA SER B 109 0.92 -2.18 1.42
C SER B 109 0.92 -3.71 1.49
N CYS B 110 1.47 -4.23 2.58
CA CYS B 110 1.56 -5.67 2.80
C CYS B 110 0.30 -6.21 3.49
N LYS B 111 -0.43 -7.08 2.78
CA LYS B 111 -1.66 -7.68 3.31
C LYS B 111 -2.34 -8.53 2.24
N ARG B 112 -1.89 -9.78 2.11
CA ARG B 112 -2.45 -10.69 1.11
C ARG B 112 -2.60 -12.12 1.65
N GLY B 113 -2.57 -12.27 2.97
CA GLY B 113 -2.67 -13.59 3.60
C GLY B 113 -3.49 -14.60 2.82
N PRO B 114 -4.80 -14.38 2.68
CA PRO B 114 -5.70 -15.31 1.96
C PRO B 114 -5.23 -15.68 0.55
N ARG B 115 -4.18 -15.02 0.04
CA ARG B 115 -3.65 -15.32 -1.29
C ARG B 115 -2.12 -15.44 -1.28
N THR B 116 -1.52 -15.65 -0.10
CA THR B 116 -0.07 -15.75 -0.01
C THR B 116 0.45 -17.16 -0.30
N HIS B 117 -0.27 -17.93 -1.10
CA HIS B 117 0.16 -19.28 -1.45
C HIS B 117 0.78 -19.27 -2.85
N TYR B 118 -0.04 -18.92 -3.84
CA TYR B 118 0.42 -18.86 -5.22
C TYR B 118 -0.51 -17.97 -6.05
N GLY B 119 -1.12 -16.98 -5.39
CA GLY B 119 -2.04 -16.08 -6.07
C GLY B 119 -1.32 -15.02 -6.89
N GLN B 120 -0.17 -14.58 -6.39
CA GLN B 120 0.62 -13.56 -7.08
C GLN B 120 2.11 -13.77 -6.79
N LYS B 121 2.96 -13.38 -7.74
CA LYS B 121 4.41 -13.53 -7.60
C LYS B 121 4.95 -12.63 -6.48
N ALA B 122 4.13 -11.69 -6.01
CA ALA B 122 4.50 -10.76 -4.95
C ALA B 122 5.22 -11.44 -3.78
N ILE B 123 4.95 -12.74 -3.58
CA ILE B 123 5.59 -13.49 -2.50
C ILE B 123 7.10 -13.61 -2.72
N LEU B 124 7.54 -13.50 -3.98
CA LEU B 124 8.95 -13.59 -4.31
C LEU B 124 9.59 -12.21 -4.24
N PHE B 125 10.14 -11.89 -3.08
CA PHE B 125 10.75 -10.58 -2.86
C PHE B 125 12.17 -10.48 -3.38
N LEU B 126 12.54 -9.28 -3.82
CA LEU B 126 13.88 -9.01 -4.31
C LEU B 126 14.68 -8.36 -3.19
N PRO B 127 15.66 -9.08 -2.62
CA PRO B 127 16.48 -8.58 -1.53
C PRO B 127 17.59 -7.63 -1.98
N LEU B 128 17.62 -6.45 -1.39
CA LEU B 128 18.64 -5.44 -1.69
C LEU B 128 19.22 -4.91 -0.37
N PRO B 129 19.64 -5.81 0.54
CA PRO B 129 20.18 -5.44 1.84
C PRO B 129 21.71 -5.36 1.83
N VAL B 130 22.25 -4.58 2.76
CA VAL B 130 23.70 -4.44 2.88
C VAL B 130 24.26 -5.70 3.55
N SER B 131 24.90 -6.54 2.75
CA SER B 131 25.47 -7.79 3.25
C SER B 131 26.95 -7.64 3.60
N SER B 132 27.61 -8.76 3.86
CA SER B 132 29.02 -8.77 4.19
C SER B 132 29.77 -9.66 3.19
N ASP B 133 30.63 -9.06 2.40
CA ASP B 133 31.40 -9.79 1.40
C ASP B 133 32.88 -9.83 1.77
N GLU A 1 -6.98 -7.54 -9.49
CA GLU A 1 -7.38 -6.14 -9.20
C GLU A 1 -7.80 -5.44 -10.49
N LYS A 2 -9.00 -4.86 -10.47
CA LYS A 2 -9.52 -4.16 -11.63
C LYS A 2 -10.54 -3.09 -11.20
N LEU A 3 -10.23 -1.84 -11.48
CA LEU A 3 -11.11 -0.73 -11.14
C LEU A 3 -11.02 0.38 -12.20
N GLY A 4 -10.61 0.00 -13.40
CA GLY A 4 -10.48 0.96 -14.48
C GLY A 4 -9.42 2.01 -14.21
N LYS A 5 -9.79 3.28 -14.34
CA LYS A 5 -8.87 4.39 -14.13
C LYS A 5 -9.59 5.60 -13.56
N LEU A 6 -8.83 6.45 -12.87
CA LEU A 6 -9.38 7.67 -12.28
C LEU A 6 -8.52 8.86 -12.69
N GLN A 7 -8.63 9.25 -13.96
CA GLN A 7 -7.88 10.38 -14.49
C GLN A 7 -8.02 11.60 -13.56
N TYR A 8 -6.89 12.20 -13.19
CA TYR A 8 -6.92 13.35 -12.30
C TYR A 8 -5.84 14.37 -12.63
N SER A 9 -5.96 15.52 -11.98
CA SER A 9 -5.03 16.62 -12.12
C SER A 9 -4.71 17.15 -10.73
N LEU A 10 -3.59 16.71 -10.17
CA LEU A 10 -3.20 17.12 -8.83
C LEU A 10 -2.15 18.23 -8.85
N ASP A 11 -2.13 19.01 -7.79
CA ASP A 11 -1.17 20.10 -7.63
C ASP A 11 -0.98 20.39 -6.15
N TYR A 12 -0.27 21.48 -5.80
CA TYR A 12 -0.04 21.78 -4.39
C TYR A 12 -0.12 23.28 -4.11
N ASP A 13 -0.40 23.60 -2.86
CA ASP A 13 -0.48 24.98 -2.41
C ASP A 13 0.50 25.17 -1.26
N PHE A 14 1.32 26.22 -1.33
CA PHE A 14 2.32 26.48 -0.31
C PHE A 14 1.85 27.49 0.73
N GLN A 15 1.05 28.48 0.34
CA GLN A 15 0.58 29.50 1.29
C GLN A 15 -0.15 28.85 2.45
N ASN A 16 -0.96 27.84 2.15
CA ASN A 16 -1.71 27.10 3.17
C ASN A 16 -1.11 25.71 3.39
N ASN A 17 -0.01 25.42 2.68
CA ASN A 17 0.70 24.15 2.79
C ASN A 17 -0.26 22.96 2.70
N GLN A 18 -0.68 22.65 1.48
CA GLN A 18 -1.60 21.54 1.24
C GLN A 18 -1.56 21.10 -0.21
N LEU A 19 -1.89 19.84 -0.47
CA LEU A 19 -1.90 19.33 -1.84
C LEU A 19 -3.30 19.43 -2.43
N LEU A 20 -3.37 19.86 -3.68
CA LEU A 20 -4.64 20.03 -4.36
C LEU A 20 -4.91 18.82 -5.25
N VAL A 21 -5.71 17.89 -4.76
CA VAL A 21 -6.05 16.69 -5.52
C VAL A 21 -7.36 16.90 -6.27
N GLY A 22 -7.26 17.09 -7.58
CA GLY A 22 -8.43 17.27 -8.40
C GLY A 22 -8.60 16.14 -9.40
N ILE A 23 -9.43 15.17 -9.05
CA ILE A 23 -9.67 14.03 -9.93
C ILE A 23 -10.80 14.33 -10.91
N ILE A 24 -10.65 13.87 -12.15
CA ILE A 24 -11.64 14.13 -13.18
C ILE A 24 -12.83 13.20 -13.04
N GLN A 25 -12.62 11.91 -13.28
CA GLN A 25 -13.69 10.93 -13.19
C GLN A 25 -13.15 9.51 -13.19
N ALA A 26 -13.96 8.57 -12.71
CA ALA A 26 -13.59 7.16 -12.66
C ALA A 26 -14.41 6.39 -13.68
N ALA A 27 -14.05 5.14 -13.94
CA ALA A 27 -14.79 4.33 -14.90
C ALA A 27 -14.44 2.85 -14.76
N GLU A 28 -15.31 1.99 -15.31
CA GLU A 28 -15.11 0.54 -15.27
C GLU A 28 -15.18 0.00 -13.84
N LEU A 29 -15.92 0.70 -12.98
CA LEU A 29 -16.06 0.28 -11.58
C LEU A 29 -17.02 -0.91 -11.46
N PRO A 30 -16.67 -1.89 -10.59
CA PRO A 30 -17.49 -3.08 -10.36
C PRO A 30 -18.93 -2.74 -9.98
N ALA A 31 -19.84 -3.68 -10.23
CA ALA A 31 -21.26 -3.48 -9.93
C ALA A 31 -21.59 -3.95 -8.52
N LEU A 32 -22.41 -3.17 -7.82
CA LEU A 32 -22.82 -3.48 -6.46
C LEU A 32 -24.35 -3.41 -6.31
N ASP A 33 -24.96 -2.42 -6.98
CA ASP A 33 -26.40 -2.23 -6.93
C ASP A 33 -27.11 -3.28 -7.78
N MET A 34 -28.34 -3.62 -7.40
CA MET A 34 -29.11 -4.61 -8.12
C MET A 34 -29.51 -4.10 -9.52
N GLY A 35 -28.51 -3.95 -10.37
CA GLY A 35 -28.75 -3.47 -11.72
C GLY A 35 -27.46 -3.21 -12.47
N GLY A 36 -26.52 -4.17 -12.39
CA GLY A 36 -25.24 -4.04 -13.07
C GLY A 36 -24.63 -2.66 -12.92
N THR A 37 -24.76 -2.09 -11.73
CA THR A 37 -24.23 -0.77 -11.45
C THR A 37 -23.95 -0.61 -9.95
N SER A 38 -23.48 0.57 -9.56
CA SER A 38 -23.18 0.83 -8.16
C SER A 38 -23.25 2.33 -7.88
N ASP A 39 -23.13 2.69 -6.61
CA ASP A 39 -23.13 4.08 -6.18
C ASP A 39 -21.73 4.42 -5.69
N PRO A 40 -20.74 4.43 -6.61
CA PRO A 40 -19.35 4.68 -6.26
C PRO A 40 -19.01 6.12 -5.90
N TYR A 41 -18.45 6.28 -4.71
CA TYR A 41 -18.00 7.58 -4.22
C TYR A 41 -16.57 7.40 -3.71
N VAL A 42 -15.68 8.29 -4.13
CA VAL A 42 -14.29 8.20 -3.70
C VAL A 42 -14.08 8.80 -2.32
N LYS A 43 -13.39 8.07 -1.47
CA LYS A 43 -13.09 8.51 -0.13
C LYS A 43 -11.59 8.73 0.01
N VAL A 44 -11.19 9.96 0.28
CA VAL A 44 -9.79 10.30 0.42
C VAL A 44 -9.25 9.85 1.78
N PHE A 45 -8.11 9.15 1.75
CA PHE A 45 -7.48 8.66 2.96
C PHE A 45 -5.98 8.94 2.93
N LEU A 46 -5.27 8.41 3.92
CA LEU A 46 -3.83 8.59 4.00
C LEU A 46 -3.23 7.61 5.00
N LEU A 47 -1.94 7.32 4.82
CA LEU A 47 -1.21 6.43 5.72
C LEU A 47 -1.24 7.00 7.15
N PRO A 48 -0.52 6.38 8.11
CA PRO A 48 -0.44 6.83 9.50
C PRO A 48 -0.76 8.33 9.69
N ASP A 49 -0.18 9.16 8.81
CA ASP A 49 -0.43 10.60 8.82
C ASP A 49 -1.89 10.89 9.16
N LYS A 50 -2.79 10.29 8.38
CA LYS A 50 -4.24 10.44 8.54
C LYS A 50 -4.71 11.89 8.68
N LYS A 51 -3.92 12.86 8.21
CA LYS A 51 -4.32 14.26 8.31
C LYS A 51 -5.29 14.60 7.18
N LYS A 52 -6.43 13.91 7.14
CA LYS A 52 -7.43 14.16 6.11
C LYS A 52 -8.61 13.19 6.23
N LYS A 53 -9.78 13.65 5.83
CA LYS A 53 -11.00 12.86 5.85
C LYS A 53 -12.08 13.55 5.02
N PHE A 54 -12.29 13.06 3.80
CA PHE A 54 -13.28 13.65 2.91
C PHE A 54 -14.09 12.57 2.19
N GLU A 55 -15.40 12.77 2.14
CA GLU A 55 -16.31 11.83 1.49
C GLU A 55 -16.99 12.53 0.31
N THR A 56 -16.66 12.10 -0.90
CA THR A 56 -17.23 12.70 -2.10
C THR A 56 -18.73 12.38 -2.23
N LYS A 57 -19.43 13.20 -3.00
CA LYS A 57 -20.86 13.00 -3.21
C LYS A 57 -21.14 11.66 -3.87
N VAL A 58 -22.11 10.94 -3.34
CA VAL A 58 -22.50 9.65 -3.89
C VAL A 58 -23.03 9.80 -5.31
N HIS A 59 -22.84 8.76 -6.12
CA HIS A 59 -23.29 8.77 -7.51
C HIS A 59 -24.20 7.57 -7.75
N ARG A 60 -25.48 7.77 -7.50
CA ARG A 60 -26.48 6.73 -7.64
C ARG A 60 -26.41 6.01 -8.99
N LYS A 61 -26.12 4.71 -8.93
CA LYS A 61 -26.04 3.85 -10.11
C LYS A 61 -25.21 4.46 -11.24
N THR A 62 -23.92 4.19 -11.25
CA THR A 62 -23.06 4.69 -12.30
C THR A 62 -21.69 3.99 -12.29
N LEU A 63 -21.28 3.50 -13.46
CA LEU A 63 -20.00 2.83 -13.61
C LEU A 63 -18.95 3.83 -14.13
N ASN A 64 -19.42 5.01 -14.57
CA ASN A 64 -18.55 6.06 -15.08
C ASN A 64 -18.99 7.38 -14.47
N PRO A 65 -18.67 7.60 -13.19
CA PRO A 65 -19.05 8.81 -12.46
C PRO A 65 -18.04 9.95 -12.64
N VAL A 66 -18.50 11.02 -13.28
CA VAL A 66 -17.69 12.21 -13.48
C VAL A 66 -18.09 13.25 -12.43
N PHE A 67 -17.16 14.09 -11.98
CA PHE A 67 -17.50 15.06 -10.95
C PHE A 67 -16.48 16.17 -10.80
N ASN A 68 -15.19 15.85 -10.91
CA ASN A 68 -14.13 16.85 -10.74
C ASN A 68 -14.18 17.38 -9.31
N GLU A 69 -13.93 16.48 -8.37
CA GLU A 69 -13.95 16.81 -6.95
C GLU A 69 -12.60 17.31 -6.48
N GLN A 70 -12.62 18.29 -5.58
CA GLN A 70 -11.40 18.85 -5.04
C GLN A 70 -11.08 18.23 -3.69
N PHE A 71 -10.07 17.37 -3.66
CA PHE A 71 -9.65 16.72 -2.43
C PHE A 71 -8.58 17.56 -1.73
N THR A 72 -8.97 18.20 -0.64
CA THR A 72 -8.06 19.03 0.14
C THR A 72 -7.07 18.16 0.91
N PHE A 73 -5.90 17.92 0.32
CA PHE A 73 -4.87 17.12 0.94
C PHE A 73 -4.16 17.91 2.03
N LYS A 74 -4.69 17.86 3.25
CA LYS A 74 -4.10 18.55 4.38
C LYS A 74 -2.78 17.92 4.78
N VAL A 75 -1.68 18.61 4.48
CA VAL A 75 -0.34 18.14 4.81
C VAL A 75 0.69 19.07 4.17
N PRO A 76 1.66 19.54 4.96
CA PRO A 76 2.70 20.44 4.46
C PRO A 76 3.60 19.75 3.44
N TYR A 77 3.87 20.43 2.32
CA TYR A 77 4.72 19.87 1.26
C TYR A 77 6.03 19.33 1.87
N SER A 78 6.55 20.02 2.87
CA SER A 78 7.78 19.61 3.53
C SER A 78 7.61 18.23 4.17
N GLU A 79 6.41 18.00 4.71
CA GLU A 79 6.09 16.74 5.36
C GLU A 79 5.59 15.71 4.35
N LEU A 80 4.88 16.20 3.32
CA LEU A 80 4.33 15.35 2.26
C LEU A 80 5.30 14.25 1.84
N GLY A 81 6.59 14.58 1.82
CA GLY A 81 7.62 13.63 1.43
C GLY A 81 7.42 12.23 1.97
N GLY A 82 6.94 12.13 3.22
CA GLY A 82 6.73 10.82 3.82
C GLY A 82 5.28 10.39 3.86
N LYS A 83 4.43 11.04 3.07
CA LYS A 83 3.01 10.71 3.06
C LYS A 83 2.62 9.92 1.82
N THR A 84 1.93 8.81 2.03
CA THR A 84 1.46 7.97 0.94
C THR A 84 0.00 8.29 0.65
N LEU A 85 -0.25 8.95 -0.48
CA LEU A 85 -1.61 9.33 -0.87
C LEU A 85 -2.40 8.07 -1.21
N VAL A 86 -3.56 7.92 -0.57
CA VAL A 86 -4.41 6.77 -0.80
C VAL A 86 -5.88 7.18 -0.85
N MET A 87 -6.57 6.76 -1.91
CA MET A 87 -7.99 7.07 -2.06
C MET A 87 -8.72 5.85 -2.62
N ALA A 88 -9.84 5.53 -2.01
CA ALA A 88 -10.63 4.38 -2.43
C ALA A 88 -12.04 4.82 -2.81
N VAL A 89 -12.62 4.12 -3.78
CA VAL A 89 -13.97 4.42 -4.21
C VAL A 89 -14.93 3.46 -3.53
N TYR A 90 -15.79 3.99 -2.68
CA TYR A 90 -16.73 3.19 -1.93
C TYR A 90 -18.12 3.26 -2.56
N ASP A 91 -18.82 2.15 -2.55
CA ASP A 91 -20.16 2.10 -3.11
C ASP A 91 -21.21 2.48 -2.07
N PHE A 92 -22.34 2.99 -2.56
CA PHE A 92 -23.43 3.41 -1.70
C PHE A 92 -24.70 2.62 -2.03
N ASP A 93 -24.55 1.30 -2.15
CA ASP A 93 -25.67 0.40 -2.46
C ASP A 93 -26.96 0.77 -1.73
N ARG A 94 -26.83 1.24 -0.49
CA ARG A 94 -27.98 1.61 0.33
C ARG A 94 -28.80 0.37 0.68
N PHE A 95 -28.15 -0.80 0.67
CA PHE A 95 -28.81 -2.07 0.97
C PHE A 95 -27.81 -3.13 1.40
N SER A 96 -26.82 -3.39 0.54
CA SER A 96 -25.79 -4.38 0.83
C SER A 96 -24.86 -3.89 1.95
N LYS A 97 -23.71 -4.56 2.10
CA LYS A 97 -22.74 -4.20 3.13
C LYS A 97 -21.78 -3.11 2.65
N HIS A 98 -21.96 -2.62 1.42
CA HIS A 98 -21.09 -1.60 0.85
C HIS A 98 -19.67 -2.12 0.70
N ASP A 99 -19.33 -2.51 -0.50
CA ASP A 99 -18.01 -3.05 -0.79
C ASP A 99 -17.10 -2.00 -1.42
N ILE A 100 -15.83 -2.02 -1.06
CA ILE A 100 -14.87 -1.08 -1.61
C ILE A 100 -14.39 -1.61 -2.96
N ILE A 101 -15.22 -1.35 -3.97
CA ILE A 101 -14.94 -1.80 -5.33
C ILE A 101 -13.47 -1.67 -5.71
N GLY A 102 -12.81 -0.59 -5.27
CA GLY A 102 -11.41 -0.41 -5.59
C GLY A 102 -10.83 0.86 -5.01
N GLU A 103 -9.53 1.01 -5.15
CA GLU A 103 -8.83 2.19 -4.64
C GLU A 103 -7.55 2.44 -5.43
N PHE A 104 -6.85 3.50 -5.06
CA PHE A 104 -5.58 3.87 -5.68
C PHE A 104 -4.73 4.65 -4.69
N LYS A 105 -3.44 4.67 -4.92
CA LYS A 105 -2.53 5.38 -4.03
C LYS A 105 -1.27 5.82 -4.78
N VAL A 106 -0.59 6.81 -4.23
CA VAL A 106 0.63 7.33 -4.83
C VAL A 106 1.59 7.86 -3.75
N PRO A 107 2.88 7.51 -3.86
CA PRO A 107 3.90 7.95 -2.90
C PRO A 107 4.38 9.36 -3.21
N MET A 108 3.94 10.33 -2.41
CA MET A 108 4.33 11.73 -2.62
C MET A 108 5.84 11.87 -2.82
N ASN A 109 6.62 11.11 -2.05
CA ASN A 109 8.08 11.15 -2.17
C ASN A 109 8.53 11.05 -3.63
N THR A 110 7.82 10.22 -4.39
CA THR A 110 8.14 10.03 -5.80
C THR A 110 7.19 10.81 -6.70
N VAL A 111 6.59 11.87 -6.16
CA VAL A 111 5.67 12.71 -6.90
C VAL A 111 6.01 14.18 -6.62
N ASP A 112 7.06 14.66 -7.27
CA ASP A 112 7.51 16.03 -7.09
C ASP A 112 6.39 17.01 -7.45
N PHE A 113 6.29 18.08 -6.69
CA PHE A 113 5.27 19.10 -6.92
C PHE A 113 5.86 20.29 -7.66
N GLY A 114 6.59 20.01 -8.73
CA GLY A 114 7.19 21.06 -9.53
C GLY A 114 6.15 21.98 -10.14
N HIS A 115 5.01 21.42 -10.53
CA HIS A 115 3.92 22.19 -11.10
C HIS A 115 2.58 21.54 -10.83
N VAL A 116 2.23 20.53 -11.62
CA VAL A 116 0.96 19.83 -11.46
C VAL A 116 1.10 18.35 -11.83
N THR A 117 0.47 17.50 -11.06
CA THR A 117 0.51 16.06 -11.30
C THR A 117 -0.77 15.61 -12.00
N GLU A 118 -0.76 15.66 -13.32
CA GLU A 118 -1.90 15.28 -14.14
C GLU A 118 -1.62 13.96 -14.84
N GLU A 119 -2.56 13.03 -14.78
CA GLU A 119 -2.38 11.72 -15.40
C GLU A 119 -3.63 10.86 -15.30
N TRP A 120 -3.68 9.80 -16.10
CA TRP A 120 -4.80 8.87 -16.09
C TRP A 120 -4.55 7.81 -15.04
N ARG A 121 -4.64 8.21 -13.78
CA ARG A 121 -4.41 7.32 -12.65
C ARG A 121 -5.16 6.01 -12.79
N ASP A 122 -4.42 4.92 -12.60
CA ASP A 122 -4.98 3.58 -12.66
C ASP A 122 -5.69 3.26 -11.35
N LEU A 123 -6.77 2.50 -11.43
CA LEU A 123 -7.52 2.10 -10.26
C LEU A 123 -7.46 0.59 -10.07
N GLN A 124 -7.31 0.15 -8.83
CA GLN A 124 -7.22 -1.27 -8.53
C GLN A 124 -8.18 -1.65 -7.41
N SER A 125 -8.78 -2.83 -7.51
CA SER A 125 -9.70 -3.33 -6.50
C SER A 125 -8.94 -3.76 -5.25
N ALA A 126 -9.46 -3.41 -4.08
CA ALA A 126 -8.83 -3.74 -2.82
C ALA A 126 -9.75 -4.61 -1.96
N GLU A 127 -9.25 -5.78 -1.57
CA GLU A 127 -10.03 -6.69 -0.74
C GLU A 127 -10.25 -6.08 0.64
N LYS A 128 -11.44 -5.54 0.85
CA LYS A 128 -11.79 -4.93 2.13
C LYS A 128 -12.99 -5.65 2.75
N TYR B 1 29.04 -5.57 5.73
CA TYR B 1 28.50 -4.44 6.52
C TYR B 1 26.98 -4.58 6.64
N LYS B 2 26.53 -5.45 7.55
CA LYS B 2 25.11 -5.68 7.75
C LYS B 2 24.43 -4.41 8.25
N LYS B 3 23.48 -3.91 7.47
CA LYS B 3 22.74 -2.70 7.81
C LYS B 3 21.45 -2.64 6.99
N PRO B 4 20.70 -1.51 7.02
CA PRO B 4 19.44 -1.34 6.28
C PRO B 4 19.26 -2.31 5.12
N LYS B 5 18.41 -3.30 5.33
CA LYS B 5 18.13 -4.31 4.30
C LYS B 5 16.92 -3.90 3.47
N LEU B 6 17.18 -3.34 2.30
CA LEU B 6 16.09 -2.91 1.41
C LEU B 6 15.37 -4.13 0.83
N LEU B 7 14.03 -4.08 0.83
CA LEU B 7 13.23 -5.20 0.33
C LEU B 7 11.95 -4.70 -0.34
N TYR B 8 11.49 -5.42 -1.36
CA TYR B 8 10.27 -5.08 -2.10
C TYR B 8 9.96 -6.14 -3.15
N CYS B 9 8.67 -6.36 -3.45
CA CYS B 9 8.28 -7.36 -4.45
C CYS B 9 7.21 -6.81 -5.39
N SER B 10 7.58 -6.69 -6.67
CA SER B 10 6.71 -6.20 -7.73
C SER B 10 7.55 -5.44 -8.75
N ASN B 11 7.19 -5.56 -10.03
CA ASN B 11 7.92 -4.88 -11.09
C ASN B 11 7.60 -3.38 -11.06
N GLY B 12 8.55 -2.59 -10.56
CA GLY B 12 8.36 -1.15 -10.49
C GLY B 12 9.13 -0.54 -9.33
N GLY B 13 9.68 0.65 -9.55
CA GLY B 13 10.45 1.33 -8.52
C GLY B 13 9.61 1.73 -7.33
N HIS B 14 9.46 0.84 -6.37
CA HIS B 14 8.68 1.10 -5.16
C HIS B 14 9.27 0.30 -3.98
N PHE B 15 9.81 0.99 -3.00
CA PHE B 15 10.42 0.34 -1.84
C PHE B 15 9.47 0.32 -0.64
N LEU B 16 9.63 -0.67 0.22
CA LEU B 16 8.80 -0.80 1.40
C LEU B 16 9.15 0.27 2.43
N ARG B 17 8.29 1.29 2.55
CA ARG B 17 8.52 2.37 3.49
C ARG B 17 7.76 2.09 4.79
N ILE B 18 8.51 1.93 5.88
CA ILE B 18 7.90 1.62 7.17
C ILE B 18 7.73 2.86 8.02
N LEU B 19 6.69 2.85 8.86
CA LEU B 19 6.40 3.95 9.76
C LEU B 19 6.03 3.42 11.13
N PRO B 20 6.58 4.02 12.20
CA PRO B 20 6.31 3.59 13.59
C PRO B 20 4.83 3.28 13.84
N ASP B 21 3.96 4.04 13.18
CA ASP B 21 2.51 3.86 13.29
C ASP B 21 2.12 2.39 13.12
N GLY B 22 2.87 1.67 12.29
CA GLY B 22 2.58 0.28 12.03
C GLY B 22 2.06 0.04 10.63
N THR B 23 2.18 1.05 9.77
CA THR B 23 1.73 0.94 8.39
C THR B 23 2.91 1.12 7.45
N VAL B 24 3.11 0.14 6.57
CA VAL B 24 4.20 0.17 5.59
C VAL B 24 3.63 -0.01 4.19
N ASP B 25 4.21 0.70 3.23
CA ASP B 25 3.77 0.63 1.83
C ASP B 25 4.96 0.65 0.88
N GLY B 26 4.69 0.34 -0.38
CA GLY B 26 5.73 0.34 -1.40
C GLY B 26 5.89 1.70 -2.05
N THR B 27 6.66 2.56 -1.42
CA THR B 27 6.90 3.90 -1.94
C THR B 27 8.25 3.98 -2.62
N ARG B 28 8.31 4.68 -3.74
CA ARG B 28 9.56 4.85 -4.48
C ARG B 28 10.44 5.88 -3.77
N ASP B 29 10.77 5.60 -2.50
CA ASP B 29 11.59 6.51 -1.72
C ASP B 29 12.90 5.87 -1.30
N ARG B 30 13.97 6.56 -1.62
CA ARG B 30 15.31 6.15 -1.26
C ARG B 30 16.08 7.40 -0.82
N SER B 31 15.32 8.39 -0.34
CA SER B 31 15.87 9.66 0.09
C SER B 31 15.86 9.78 1.62
N ASP B 32 14.80 9.30 2.26
CA ASP B 32 14.70 9.37 3.71
C ASP B 32 14.90 7.99 4.32
N GLN B 33 15.40 7.97 5.55
CA GLN B 33 15.65 6.71 6.25
C GLN B 33 14.34 6.14 6.78
N HIS B 34 13.50 5.67 5.86
CA HIS B 34 12.22 5.07 6.24
C HIS B 34 11.91 3.82 5.40
N ILE B 35 12.92 3.31 4.70
CA ILE B 35 12.75 2.10 3.88
C ILE B 35 13.86 1.11 4.21
N GLN B 36 14.20 1.01 5.49
CA GLN B 36 15.26 0.12 5.94
C GLN B 36 14.79 -0.77 7.08
N LEU B 37 15.19 -2.03 7.01
CA LEU B 37 14.86 -3.01 8.04
C LEU B 37 16.06 -3.93 8.24
N GLN B 38 16.27 -4.39 9.47
CA GLN B 38 17.41 -5.26 9.77
C GLN B 38 17.09 -6.72 9.44
N LEU B 39 16.62 -6.97 8.22
CA LEU B 39 16.29 -8.32 7.78
C LEU B 39 17.49 -9.24 7.95
N SER B 40 17.34 -10.23 8.82
CA SER B 40 18.40 -11.20 9.09
C SER B 40 17.79 -12.51 9.57
N ALA B 41 18.54 -13.59 9.45
CA ALA B 41 18.06 -14.90 9.88
C ALA B 41 18.29 -15.11 11.37
N GLU B 42 17.21 -15.35 12.11
CA GLU B 42 17.30 -15.57 13.54
C GLU B 42 17.50 -17.06 13.80
N SER B 43 16.47 -17.85 13.50
CA SER B 43 16.55 -19.30 13.66
C SER B 43 17.06 -19.91 12.36
N VAL B 44 17.63 -21.10 12.43
CA VAL B 44 18.16 -21.77 11.24
C VAL B 44 17.16 -21.76 10.08
N GLY B 45 17.38 -20.85 9.14
CA GLY B 45 16.51 -20.75 7.98
C GLY B 45 15.39 -19.72 8.11
N GLU B 46 15.20 -19.17 9.31
CA GLU B 46 14.13 -18.20 9.53
C GLU B 46 14.69 -16.80 9.67
N VAL B 47 14.13 -15.88 8.91
CA VAL B 47 14.57 -14.48 8.92
C VAL B 47 13.52 -13.61 9.59
N TYR B 48 13.98 -12.57 10.28
CA TYR B 48 13.08 -11.66 10.97
C TYR B 48 13.14 -10.26 10.36
N ILE B 49 11.99 -9.72 10.03
CA ILE B 49 11.91 -8.38 9.46
C ILE B 49 11.60 -7.38 10.56
N LYS B 50 12.50 -6.42 10.74
CA LYS B 50 12.34 -5.41 11.79
C LYS B 50 13.08 -4.12 11.41
N SER B 51 12.35 -3.02 11.37
CA SER B 51 12.93 -1.73 11.04
C SER B 51 13.51 -1.10 12.29
N THR B 52 14.56 -1.73 12.82
CA THR B 52 15.22 -1.30 14.04
C THR B 52 15.38 0.22 14.16
N GLU B 53 16.33 0.79 13.42
CA GLU B 53 16.58 2.22 13.47
C GLU B 53 15.88 2.95 12.34
N THR B 54 14.56 2.83 12.25
CA THR B 54 13.80 3.49 11.19
C THR B 54 12.30 3.28 11.30
N GLY B 55 11.87 2.10 11.73
CA GLY B 55 10.44 1.85 11.82
C GLY B 55 10.01 1.17 13.10
N GLN B 56 9.66 -0.10 12.98
CA GLN B 56 9.18 -0.88 14.12
C GLN B 56 9.31 -2.39 13.85
N TYR B 57 8.77 -3.19 14.77
CA TYR B 57 8.79 -4.64 14.65
C TYR B 57 7.53 -5.11 13.91
N LEU B 58 7.65 -6.21 13.17
CA LEU B 58 6.51 -6.72 12.42
C LEU B 58 5.77 -7.83 13.18
N ALA B 59 4.46 -7.84 12.99
CA ALA B 59 3.56 -8.80 13.60
C ALA B 59 2.36 -9.01 12.68
N MET B 60 2.50 -9.93 11.74
CA MET B 60 1.46 -10.20 10.75
C MET B 60 0.13 -10.61 11.39
N ASP B 61 -0.92 -9.83 11.09
CA ASP B 61 -2.26 -10.13 11.61
C ASP B 61 -2.73 -11.46 11.04
N THR B 62 -2.40 -12.54 11.73
CA THR B 62 -2.75 -13.89 11.28
C THR B 62 -2.39 -14.06 9.80
N ASP B 63 -1.32 -13.36 9.38
CA ASP B 63 -0.83 -13.40 8.00
C ASP B 63 -1.66 -12.50 7.08
N GLY B 64 -2.97 -12.42 7.33
CA GLY B 64 -3.84 -11.58 6.53
C GLY B 64 -3.26 -10.20 6.30
N LEU B 65 -3.14 -9.42 7.36
CA LEU B 65 -2.59 -8.08 7.27
C LEU B 65 -1.19 -8.04 7.86
N LEU B 66 -0.21 -7.74 7.00
CA LEU B 66 1.18 -7.67 7.44
C LEU B 66 1.46 -6.29 8.03
N TYR B 67 1.62 -6.24 9.35
CA TYR B 67 1.89 -4.98 10.04
C TYR B 67 2.69 -5.22 11.31
N GLY B 68 2.80 -4.21 12.17
CA GLY B 68 3.54 -4.34 13.40
C GLY B 68 4.02 -3.00 13.92
N SER B 69 4.25 -2.89 15.22
CA SER B 69 4.69 -1.63 15.80
C SER B 69 5.23 -1.82 17.23
N GLN B 70 4.39 -2.36 18.12
CA GLN B 70 4.77 -2.56 19.51
C GLN B 70 5.97 -3.50 19.66
N THR B 71 5.77 -4.79 19.40
CA THR B 71 6.85 -5.77 19.52
C THR B 71 6.75 -6.86 18.46
N PRO B 72 7.82 -7.62 18.25
CA PRO B 72 7.85 -8.71 17.27
C PRO B 72 7.16 -9.97 17.81
N ASN B 73 5.85 -10.04 17.62
CA ASN B 73 5.08 -11.20 18.09
C ASN B 73 5.46 -12.45 17.30
N GLU B 74 4.82 -13.58 17.62
CA GLU B 74 5.09 -14.84 16.95
C GLU B 74 4.89 -14.71 15.44
N GLU B 75 3.92 -13.88 15.05
CA GLU B 75 3.63 -13.65 13.65
C GLU B 75 4.77 -12.86 12.99
N CYS B 76 5.96 -13.44 12.98
CA CYS B 76 7.13 -12.78 12.41
C CYS B 76 8.15 -13.78 11.86
N LEU B 77 8.42 -14.86 12.61
CA LEU B 77 9.37 -15.89 12.18
C LEU B 77 9.01 -16.41 10.79
N PHE B 78 9.79 -16.01 9.78
CA PHE B 78 9.57 -16.44 8.41
C PHE B 78 10.77 -17.20 7.88
N LEU B 79 10.53 -18.37 7.30
CA LEU B 79 11.60 -19.20 6.76
C LEU B 79 12.05 -18.64 5.41
N GLU B 80 13.34 -18.43 5.25
CA GLU B 80 13.88 -17.88 4.00
C GLU B 80 13.84 -18.90 2.88
N ARG B 81 13.15 -18.55 1.79
CA ARG B 81 13.04 -19.41 0.62
C ARG B 81 13.49 -18.64 -0.62
N LEU B 82 14.57 -19.10 -1.24
CA LEU B 82 15.10 -18.43 -2.43
C LEU B 82 14.53 -19.04 -3.71
N GLU B 83 14.16 -18.18 -4.66
CA GLU B 83 13.61 -18.63 -5.93
C GLU B 83 14.62 -18.42 -7.06
N GLU B 84 14.79 -19.45 -7.88
CA GLU B 84 15.73 -19.41 -9.01
C GLU B 84 15.51 -18.16 -9.85
N ASN B 85 14.26 -17.68 -9.89
CA ASN B 85 13.89 -16.48 -10.62
C ASN B 85 14.70 -15.25 -10.13
N HIS B 86 15.41 -15.41 -9.01
CA HIS B 86 16.23 -14.33 -8.45
C HIS B 86 15.40 -13.45 -7.53
N TYR B 87 14.67 -14.09 -6.61
CA TYR B 87 13.83 -13.37 -5.66
C TYR B 87 13.79 -14.10 -4.33
N ASN B 88 13.50 -13.36 -3.27
CA ASN B 88 13.46 -13.91 -1.92
C ASN B 88 12.02 -14.16 -1.45
N THR B 89 11.79 -15.36 -0.95
CA THR B 89 10.49 -15.74 -0.42
C THR B 89 10.64 -16.05 1.06
N TYR B 90 9.63 -15.75 1.86
CA TYR B 90 9.70 -16.00 3.29
C TYR B 90 8.49 -16.80 3.76
N ILE B 91 8.74 -18.05 4.13
CA ILE B 91 7.67 -18.94 4.57
C ILE B 91 7.24 -18.61 5.99
N SER B 92 5.97 -18.25 6.13
CA SER B 92 5.41 -17.90 7.41
C SER B 92 5.36 -19.12 8.33
N LYS B 93 6.45 -19.36 9.05
CA LYS B 93 6.52 -20.50 9.97
C LYS B 93 5.27 -20.56 10.84
N LYS B 94 4.79 -19.40 11.24
CA LYS B 94 3.62 -19.31 12.10
C LYS B 94 2.32 -19.63 11.35
N HIS B 95 2.27 -19.39 10.05
CA HIS B 95 1.04 -19.64 9.30
C HIS B 95 1.20 -20.61 8.13
N ALA B 96 2.35 -21.25 8.01
CA ALA B 96 2.56 -22.23 6.96
C ALA B 96 1.35 -23.19 6.95
N GLU B 97 0.81 -23.42 8.15
CA GLU B 97 -0.37 -24.26 8.35
C GLU B 97 -1.46 -23.94 7.33
N LYS B 98 -1.67 -22.66 7.06
CA LYS B 98 -2.69 -22.22 6.12
C LYS B 98 -2.15 -22.16 4.68
N ASN B 99 -0.91 -22.62 4.49
CA ASN B 99 -0.27 -22.60 3.18
C ASN B 99 0.01 -21.17 2.73
N TRP B 100 0.16 -20.26 3.69
CA TRP B 100 0.43 -18.86 3.40
C TRP B 100 1.82 -18.49 3.90
N PHE B 101 2.51 -17.65 3.14
CA PHE B 101 3.86 -17.23 3.53
C PHE B 101 4.09 -15.73 3.30
N VAL B 102 3.54 -14.91 4.19
CA VAL B 102 3.69 -13.45 4.19
C VAL B 102 3.81 -12.84 2.78
N GLY B 103 2.69 -12.33 2.26
CA GLY B 103 2.67 -11.71 0.95
C GLY B 103 2.21 -10.28 1.02
N LEU B 104 2.82 -9.40 0.21
CA LEU B 104 2.45 -7.99 0.21
C LEU B 104 2.09 -7.49 -1.18
N LYS B 105 1.63 -6.24 -1.23
CA LYS B 105 1.27 -5.59 -2.47
C LYS B 105 2.00 -4.26 -2.57
N LYS B 106 3.17 -4.27 -3.20
CA LYS B 106 3.98 -3.06 -3.35
C LYS B 106 3.12 -1.83 -3.64
N ASN B 107 2.28 -1.94 -4.67
CA ASN B 107 1.40 -0.85 -5.05
C ASN B 107 0.12 -0.89 -4.20
N GLY B 108 0.29 -0.86 -2.89
CA GLY B 108 -0.85 -0.91 -2.00
C GLY B 108 -0.45 -0.98 -0.53
N SER B 109 0.34 -2.01 -0.19
CA SER B 109 0.84 -2.26 1.17
C SER B 109 1.00 -3.77 1.37
N CYS B 110 1.41 -4.16 2.57
CA CYS B 110 1.61 -5.57 2.89
C CYS B 110 0.38 -6.16 3.60
N LYS B 111 -0.33 -7.04 2.89
CA LYS B 111 -1.52 -7.70 3.44
C LYS B 111 -2.14 -8.63 2.40
N ARG B 112 -1.72 -9.90 2.40
CA ARG B 112 -2.25 -10.88 1.45
C ARG B 112 -2.49 -12.25 2.09
N GLY B 113 -2.40 -12.33 3.42
CA GLY B 113 -2.58 -13.59 4.14
C GLY B 113 -3.47 -14.60 3.42
N PRO B 114 -4.79 -14.37 3.40
CA PRO B 114 -5.76 -15.27 2.76
C PRO B 114 -5.34 -15.76 1.36
N ARG B 115 -4.40 -15.05 0.71
CA ARG B 115 -3.96 -15.43 -0.64
C ARG B 115 -2.44 -15.53 -0.74
N THR B 116 -1.73 -15.62 0.40
CA THR B 116 -0.27 -15.70 0.36
C THR B 116 0.20 -17.10 -0.06
N HIS B 117 -0.32 -17.59 -1.17
CA HIS B 117 0.04 -18.89 -1.71
C HIS B 117 0.48 -18.71 -3.16
N TYR B 118 0.40 -19.76 -3.98
CA TYR B 118 0.81 -19.66 -5.38
C TYR B 118 -0.24 -18.89 -6.19
N GLY B 119 -0.58 -17.69 -5.73
CA GLY B 119 -1.56 -16.88 -6.41
C GLY B 119 -1.18 -15.41 -6.44
N GLN B 120 0.12 -15.14 -6.30
CA GLN B 120 0.63 -13.77 -6.31
C GLN B 120 2.15 -13.76 -6.30
N LYS B 121 2.76 -13.40 -7.42
CA LYS B 121 4.22 -13.34 -7.53
C LYS B 121 4.80 -12.31 -6.55
N ALA B 122 3.93 -11.46 -5.99
CA ALA B 122 4.35 -10.41 -5.05
C ALA B 122 4.96 -10.97 -3.76
N ILE B 123 5.04 -12.30 -3.63
CA ILE B 123 5.65 -12.90 -2.45
C ILE B 123 7.15 -13.09 -2.65
N LEU B 124 7.61 -13.05 -3.91
CA LEU B 124 9.02 -13.20 -4.24
C LEU B 124 9.69 -11.83 -4.18
N PHE B 125 10.07 -11.42 -2.98
CA PHE B 125 10.66 -10.10 -2.75
C PHE B 125 12.07 -10.00 -3.34
N LEU B 126 12.41 -8.79 -3.78
CA LEU B 126 13.72 -8.51 -4.33
C LEU B 126 14.51 -7.68 -3.32
N PRO B 127 15.30 -8.35 -2.45
CA PRO B 127 16.09 -7.68 -1.43
C PRO B 127 17.35 -7.01 -1.97
N LEU B 128 17.63 -5.81 -1.49
CA LEU B 128 18.80 -5.06 -1.89
C LEU B 128 19.50 -4.51 -0.65
N PRO B 129 19.94 -5.42 0.24
CA PRO B 129 20.60 -5.05 1.49
C PRO B 129 22.13 -5.04 1.39
N VAL B 130 22.76 -4.24 2.24
CA VAL B 130 24.22 -4.15 2.27
C VAL B 130 24.80 -5.45 2.83
N SER B 131 25.20 -6.33 1.94
CA SER B 131 25.75 -7.63 2.33
C SER B 131 27.25 -7.54 2.62
N SER B 132 27.69 -8.21 3.67
CA SER B 132 29.09 -8.22 4.05
C SER B 132 29.91 -9.09 3.08
N ASP B 133 30.17 -8.55 1.90
CA ASP B 133 30.94 -9.25 0.89
C ASP B 133 32.32 -8.64 0.75
N GLU A 1 -4.82 -7.08 -9.08
CA GLU A 1 -6.12 -6.41 -8.86
C GLU A 1 -6.59 -5.75 -10.15
N LYS A 2 -7.85 -5.31 -10.19
CA LYS A 2 -8.40 -4.66 -11.36
C LYS A 2 -9.64 -3.84 -11.00
N LEU A 3 -9.46 -2.53 -10.87
CA LEU A 3 -10.56 -1.63 -10.54
C LEU A 3 -10.82 -0.64 -11.67
N GLY A 4 -10.01 -0.69 -12.73
CA GLY A 4 -10.19 0.22 -13.84
C GLY A 4 -9.13 1.31 -13.86
N LYS A 5 -9.57 2.54 -14.05
CA LYS A 5 -8.65 3.67 -14.10
C LYS A 5 -9.30 4.93 -13.52
N LEU A 6 -8.46 5.82 -12.99
CA LEU A 6 -8.92 7.06 -12.40
C LEU A 6 -8.04 8.23 -12.84
N GLN A 7 -8.22 8.65 -14.09
CA GLN A 7 -7.46 9.76 -14.65
C GLN A 7 -7.66 11.01 -13.78
N TYR A 8 -6.56 11.66 -13.40
CA TYR A 8 -6.64 12.85 -12.56
C TYR A 8 -5.56 13.88 -12.89
N SER A 9 -5.80 15.10 -12.41
CA SER A 9 -4.88 16.22 -12.59
C SER A 9 -4.74 16.93 -11.25
N LEU A 10 -3.63 16.70 -10.57
CA LEU A 10 -3.38 17.29 -9.26
C LEU A 10 -2.30 18.35 -9.30
N ASP A 11 -2.31 19.23 -8.30
CA ASP A 11 -1.31 20.29 -8.17
C ASP A 11 -1.01 20.53 -6.69
N TYR A 12 -0.08 21.45 -6.40
CA TYR A 12 0.30 21.72 -5.02
C TYR A 12 0.14 23.20 -4.67
N ASP A 13 -0.17 23.48 -3.41
CA ASP A 13 -0.32 24.85 -2.93
C ASP A 13 0.72 25.15 -1.86
N PHE A 14 1.43 26.27 -2.01
CA PHE A 14 2.47 26.65 -1.07
C PHE A 14 2.03 27.77 -0.12
N GLN A 15 0.89 28.41 -0.39
CA GLN A 15 0.41 29.49 0.45
C GLN A 15 -0.38 28.93 1.63
N ASN A 16 -1.17 27.89 1.38
CA ASN A 16 -1.96 27.26 2.44
C ASN A 16 -1.29 25.97 2.92
N ASN A 17 -0.32 25.47 2.13
CA ASN A 17 0.42 24.26 2.47
C ASN A 17 -0.45 23.01 2.32
N GLN A 18 -0.83 22.72 1.08
CA GLN A 18 -1.65 21.53 0.81
C GLN A 18 -1.56 21.16 -0.67
N LEU A 19 -1.94 19.93 -0.98
CA LEU A 19 -1.92 19.45 -2.36
C LEU A 19 -3.34 19.44 -2.92
N LEU A 20 -3.48 19.83 -4.17
CA LEU A 20 -4.78 19.87 -4.82
C LEU A 20 -4.97 18.62 -5.67
N VAL A 21 -5.76 17.68 -5.18
CA VAL A 21 -6.02 16.45 -5.89
C VAL A 21 -7.35 16.55 -6.65
N GLY A 22 -7.25 16.67 -7.97
CA GLY A 22 -8.43 16.76 -8.80
C GLY A 22 -8.54 15.58 -9.75
N ILE A 23 -9.36 14.61 -9.40
CA ILE A 23 -9.54 13.43 -10.24
C ILE A 23 -10.62 13.68 -11.28
N ILE A 24 -10.32 13.37 -12.54
CA ILE A 24 -11.26 13.59 -13.63
C ILE A 24 -12.49 12.69 -13.49
N GLN A 25 -12.25 11.39 -13.54
CA GLN A 25 -13.33 10.41 -13.45
C GLN A 25 -12.79 9.00 -13.30
N ALA A 26 -13.65 8.11 -12.83
CA ALA A 26 -13.28 6.71 -12.65
C ALA A 26 -13.98 5.88 -13.71
N ALA A 27 -13.35 4.79 -14.14
CA ALA A 27 -13.93 3.94 -15.17
C ALA A 27 -13.55 2.49 -14.97
N GLU A 28 -14.41 1.59 -15.47
CA GLU A 28 -14.18 0.14 -15.37
C GLU A 28 -14.38 -0.35 -13.93
N LEU A 29 -15.30 0.30 -13.22
CA LEU A 29 -15.59 -0.07 -11.83
C LEU A 29 -16.45 -1.33 -11.76
N PRO A 30 -16.37 -2.07 -10.63
CA PRO A 30 -17.15 -3.29 -10.41
C PRO A 30 -18.62 -3.01 -10.14
N ALA A 31 -19.45 -4.04 -10.24
CA ALA A 31 -20.88 -3.92 -10.01
C ALA A 31 -21.26 -4.40 -8.61
N LEU A 32 -21.59 -3.46 -7.74
CA LEU A 32 -22.00 -3.78 -6.37
C LEU A 32 -23.52 -3.87 -6.29
N ASP A 33 -24.18 -2.95 -6.98
CA ASP A 33 -25.64 -2.89 -7.00
C ASP A 33 -26.20 -4.03 -7.84
N MET A 34 -27.39 -4.50 -7.49
CA MET A 34 -28.02 -5.60 -8.21
C MET A 34 -28.51 -5.13 -9.59
N GLY A 35 -27.55 -4.96 -10.51
CA GLY A 35 -27.89 -4.51 -11.85
C GLY A 35 -26.69 -3.98 -12.59
N GLY A 36 -25.60 -4.75 -12.58
CA GLY A 36 -24.38 -4.34 -13.27
C GLY A 36 -24.01 -2.89 -13.03
N THR A 37 -24.19 -2.42 -11.80
CA THR A 37 -23.87 -1.04 -11.45
C THR A 37 -23.55 -0.90 -9.97
N SER A 38 -23.09 0.27 -9.58
CA SER A 38 -22.75 0.54 -8.18
C SER A 38 -22.82 2.04 -7.91
N ASP A 39 -22.67 2.42 -6.65
CA ASP A 39 -22.69 3.82 -6.25
C ASP A 39 -21.30 4.18 -5.73
N PRO A 40 -20.27 4.10 -6.61
CA PRO A 40 -18.88 4.35 -6.23
C PRO A 40 -18.55 5.81 -5.97
N TYR A 41 -18.07 6.08 -4.76
CA TYR A 41 -17.66 7.40 -4.36
C TYR A 41 -16.21 7.32 -3.86
N VAL A 42 -15.43 8.35 -4.11
CA VAL A 42 -14.03 8.35 -3.71
C VAL A 42 -13.84 8.88 -2.29
N LYS A 43 -13.26 8.05 -1.43
CA LYS A 43 -12.98 8.43 -0.06
C LYS A 43 -11.47 8.58 0.11
N VAL A 44 -10.96 9.70 -0.36
CA VAL A 44 -9.53 10.00 -0.30
C VAL A 44 -9.01 9.96 1.13
N PHE A 45 -8.00 9.13 1.35
CA PHE A 45 -7.38 8.98 2.65
C PHE A 45 -5.86 9.05 2.54
N LEU A 46 -5.19 9.07 3.67
CA LEU A 46 -3.74 9.14 3.73
C LEU A 46 -3.18 8.10 4.70
N LEU A 47 -1.88 7.83 4.57
CA LEU A 47 -1.20 6.89 5.47
C LEU A 47 -1.31 7.41 6.92
N PRO A 48 -0.58 6.79 7.90
CA PRO A 48 -0.61 7.22 9.30
C PRO A 48 -0.91 8.71 9.49
N ASP A 49 -0.37 9.54 8.60
CA ASP A 49 -0.61 10.98 8.64
C ASP A 49 -2.08 11.28 8.94
N LYS A 50 -2.97 10.68 8.13
CA LYS A 50 -4.41 10.83 8.27
C LYS A 50 -4.86 12.28 8.50
N LYS A 51 -4.05 13.25 8.05
CA LYS A 51 -4.39 14.66 8.22
C LYS A 51 -5.28 15.13 7.08
N LYS A 52 -6.37 14.40 6.85
CA LYS A 52 -7.31 14.71 5.78
C LYS A 52 -8.37 13.63 5.68
N LYS A 53 -9.60 14.04 5.36
CA LYS A 53 -10.72 13.12 5.22
C LYS A 53 -11.82 13.75 4.38
N PHE A 54 -11.71 13.60 3.06
CA PHE A 54 -12.67 14.16 2.13
C PHE A 54 -13.55 13.09 1.52
N GLU A 55 -14.86 13.33 1.52
CA GLU A 55 -15.82 12.40 0.96
C GLU A 55 -16.48 13.00 -0.28
N THR A 56 -16.25 12.38 -1.43
CA THR A 56 -16.83 12.86 -2.68
C THR A 56 -18.33 12.56 -2.74
N LYS A 57 -19.02 13.16 -3.70
CA LYS A 57 -20.45 12.96 -3.85
C LYS A 57 -20.73 11.55 -4.37
N VAL A 58 -21.72 10.90 -3.78
CA VAL A 58 -22.11 9.56 -4.21
C VAL A 58 -22.52 9.59 -5.67
N HIS A 59 -22.03 8.63 -6.43
CA HIS A 59 -22.37 8.53 -7.85
C HIS A 59 -23.25 7.29 -8.05
N ARG A 60 -24.53 7.47 -7.80
CA ARG A 60 -25.52 6.39 -7.88
C ARG A 60 -25.49 5.60 -9.19
N LYS A 61 -25.50 4.28 -9.04
CA LYS A 61 -25.52 3.32 -10.15
C LYS A 61 -24.70 3.81 -11.36
N THR A 62 -23.38 3.72 -11.25
CA THR A 62 -22.51 4.11 -12.35
C THR A 62 -21.13 3.48 -12.20
N LEU A 63 -20.59 2.97 -13.31
CA LEU A 63 -19.27 2.34 -13.32
C LEU A 63 -18.24 3.25 -14.01
N ASN A 64 -18.72 4.37 -14.57
CA ASN A 64 -17.86 5.33 -15.25
C ASN A 64 -18.29 6.75 -14.84
N PRO A 65 -18.22 7.05 -13.54
CA PRO A 65 -18.62 8.35 -13.01
C PRO A 65 -17.59 9.45 -13.24
N VAL A 66 -18.06 10.56 -13.78
CA VAL A 66 -17.23 11.73 -14.05
C VAL A 66 -17.68 12.87 -13.14
N PHE A 67 -16.79 13.79 -12.78
CA PHE A 67 -17.16 14.89 -11.89
C PHE A 67 -16.04 15.91 -11.72
N ASN A 68 -14.82 15.43 -11.54
CA ASN A 68 -13.67 16.31 -11.33
C ASN A 68 -13.73 16.93 -9.93
N GLU A 69 -14.10 16.12 -8.94
CA GLU A 69 -14.21 16.56 -7.55
C GLU A 69 -12.81 16.84 -6.99
N GLN A 70 -12.72 17.83 -6.11
CA GLN A 70 -11.43 18.22 -5.53
C GLN A 70 -11.20 17.61 -4.16
N PHE A 71 -9.96 17.15 -3.94
CA PHE A 71 -9.56 16.57 -2.67
C PHE A 71 -8.53 17.50 -2.00
N THR A 72 -8.91 18.09 -0.88
CA THR A 72 -8.04 19.00 -0.16
C THR A 72 -6.95 18.24 0.60
N PHE A 73 -5.85 17.97 -0.09
CA PHE A 73 -4.72 17.27 0.51
C PHE A 73 -4.03 18.18 1.52
N LYS A 74 -4.67 18.37 2.67
CA LYS A 74 -4.15 19.23 3.73
C LYS A 74 -2.83 18.69 4.29
N VAL A 75 -1.73 19.23 3.78
CA VAL A 75 -0.40 18.83 4.23
C VAL A 75 0.68 19.66 3.55
N PRO A 76 1.59 20.28 4.33
CA PRO A 76 2.66 21.09 3.78
C PRO A 76 3.57 20.28 2.86
N TYR A 77 3.91 20.86 1.70
CA TYR A 77 4.78 20.18 0.74
C TYR A 77 6.01 19.60 1.45
N SER A 78 6.46 20.29 2.50
CA SER A 78 7.61 19.85 3.29
C SER A 78 7.30 18.54 4.01
N GLU A 79 6.07 18.42 4.51
CA GLU A 79 5.63 17.22 5.23
C GLU A 79 5.12 16.16 4.25
N LEU A 80 4.69 16.59 3.07
CA LEU A 80 4.19 15.68 2.04
C LEU A 80 5.15 14.52 1.78
N GLY A 81 6.45 14.79 1.94
CA GLY A 81 7.46 13.76 1.69
C GLY A 81 7.03 12.37 2.12
N GLY A 82 6.89 12.16 3.42
CA GLY A 82 6.50 10.85 3.92
C GLY A 82 4.98 10.68 4.01
N LYS A 83 4.24 11.28 3.09
CA LYS A 83 2.79 11.17 3.10
C LYS A 83 2.28 10.38 1.90
N THR A 84 2.01 9.10 2.14
CA THR A 84 1.49 8.22 1.11
C THR A 84 -0.04 8.29 1.11
N LEU A 85 -0.61 8.88 0.07
CA LEU A 85 -2.05 9.02 -0.03
C LEU A 85 -2.71 7.78 -0.60
N VAL A 86 -3.96 7.55 -0.22
CA VAL A 86 -4.71 6.41 -0.69
C VAL A 86 -6.06 6.85 -1.22
N MET A 87 -6.25 6.66 -2.52
CA MET A 87 -7.50 7.03 -3.17
C MET A 87 -8.41 5.81 -3.21
N ALA A 88 -9.23 5.67 -2.18
CA ALA A 88 -10.14 4.54 -2.09
C ALA A 88 -11.54 4.90 -2.57
N VAL A 89 -12.10 4.05 -3.41
CA VAL A 89 -13.43 4.26 -3.94
C VAL A 89 -14.40 3.33 -3.23
N TYR A 90 -15.37 3.92 -2.53
CA TYR A 90 -16.35 3.17 -1.77
C TYR A 90 -17.69 3.19 -2.48
N ASP A 91 -18.41 2.07 -2.42
CA ASP A 91 -19.72 1.97 -3.05
C ASP A 91 -20.81 2.44 -2.09
N PHE A 92 -21.98 2.75 -2.64
CA PHE A 92 -23.12 3.20 -1.86
C PHE A 92 -24.41 2.54 -2.39
N ASP A 93 -24.34 1.24 -2.65
CA ASP A 93 -25.47 0.46 -3.17
C ASP A 93 -26.79 0.89 -2.52
N ARG A 94 -26.76 1.10 -1.20
CA ARG A 94 -27.92 1.50 -0.42
C ARG A 94 -28.80 0.30 -0.09
N PHE A 95 -28.17 -0.83 0.21
CA PHE A 95 -28.90 -2.04 0.54
C PHE A 95 -28.09 -2.95 1.47
N SER A 96 -26.87 -3.27 1.05
CA SER A 96 -26.00 -4.13 1.83
C SER A 96 -24.84 -3.33 2.44
N LYS A 97 -23.80 -4.03 2.90
CA LYS A 97 -22.64 -3.38 3.49
C LYS A 97 -21.73 -2.88 2.38
N HIS A 98 -21.75 -1.58 2.13
CA HIS A 98 -20.93 -0.96 1.09
C HIS A 98 -19.53 -1.57 1.10
N ASP A 99 -19.04 -1.94 -0.06
CA ASP A 99 -17.71 -2.55 -0.17
C ASP A 99 -16.73 -1.59 -0.84
N ILE A 100 -15.45 -1.71 -0.46
CA ILE A 100 -14.41 -0.87 -1.04
C ILE A 100 -13.89 -1.54 -2.31
N ILE A 101 -14.60 -1.33 -3.41
CA ILE A 101 -14.24 -1.92 -4.69
C ILE A 101 -12.74 -1.83 -4.97
N GLY A 102 -12.12 -0.71 -4.60
CA GLY A 102 -10.69 -0.56 -4.82
C GLY A 102 -10.14 0.73 -4.26
N GLU A 103 -8.81 0.83 -4.22
CA GLU A 103 -8.15 2.02 -3.70
C GLU A 103 -6.69 2.09 -4.15
N PHE A 104 -6.36 3.14 -4.89
CA PHE A 104 -4.99 3.34 -5.37
C PHE A 104 -4.19 4.15 -4.37
N LYS A 105 -2.87 3.97 -4.36
CA LYS A 105 -2.01 4.70 -3.43
C LYS A 105 -0.64 4.96 -4.03
N VAL A 106 -0.03 6.08 -3.63
CA VAL A 106 1.29 6.45 -4.12
C VAL A 106 2.00 7.38 -3.14
N PRO A 107 3.29 7.14 -2.87
CA PRO A 107 4.07 7.97 -1.95
C PRO A 107 4.35 9.35 -2.55
N MET A 108 3.85 10.39 -1.88
CA MET A 108 4.03 11.76 -2.35
C MET A 108 5.49 12.12 -2.55
N ASN A 109 6.39 11.59 -1.71
CA ASN A 109 7.81 11.88 -1.84
C ASN A 109 8.28 11.68 -3.28
N THR A 110 7.87 10.57 -3.89
CA THR A 110 8.23 10.27 -5.26
C THR A 110 7.56 11.24 -6.23
N VAL A 111 6.38 11.74 -5.84
CA VAL A 111 5.64 12.68 -6.67
C VAL A 111 6.18 14.09 -6.47
N ASP A 112 7.14 14.45 -7.30
CA ASP A 112 7.76 15.77 -7.22
C ASP A 112 6.79 16.85 -7.64
N PHE A 113 6.43 17.70 -6.68
CA PHE A 113 5.49 18.79 -6.93
C PHE A 113 6.16 19.92 -7.71
N GLY A 114 6.62 19.59 -8.93
CA GLY A 114 7.27 20.57 -9.77
C GLY A 114 6.32 21.70 -10.16
N HIS A 115 5.10 21.32 -10.51
CA HIS A 115 4.06 22.28 -10.91
C HIS A 115 2.68 21.64 -10.77
N VAL A 116 2.48 20.55 -11.50
CA VAL A 116 1.22 19.82 -11.48
C VAL A 116 1.46 18.34 -11.77
N THR A 117 0.52 17.50 -11.33
CA THR A 117 0.62 16.06 -11.54
C THR A 117 -0.64 15.54 -12.24
N GLU A 118 -0.53 15.38 -13.55
CA GLU A 118 -1.64 14.87 -14.36
C GLU A 118 -1.25 13.56 -15.01
N GLU A 119 -1.85 12.47 -14.55
CA GLU A 119 -1.54 11.14 -15.09
C GLU A 119 -2.78 10.26 -15.14
N TRP A 120 -2.78 9.31 -16.06
CA TRP A 120 -3.90 8.37 -16.19
C TRP A 120 -3.71 7.24 -15.18
N ARG A 121 -3.94 7.57 -13.92
CA ARG A 121 -3.79 6.60 -12.84
C ARG A 121 -4.74 5.41 -12.99
N ASP A 122 -4.19 4.21 -12.81
CA ASP A 122 -4.97 2.99 -12.90
C ASP A 122 -5.61 2.69 -11.54
N LEU A 123 -6.67 1.91 -11.52
CA LEU A 123 -7.37 1.58 -10.30
C LEU A 123 -7.20 0.11 -9.92
N GLN A 124 -6.86 -0.13 -8.66
CA GLN A 124 -6.65 -1.48 -8.15
C GLN A 124 -7.75 -1.86 -7.15
N SER A 125 -8.32 -3.04 -7.33
CA SER A 125 -9.34 -3.55 -6.42
C SER A 125 -8.75 -3.77 -5.03
N ALA A 126 -9.57 -3.72 -3.99
CA ALA A 126 -9.08 -3.91 -2.64
C ALA A 126 -10.09 -4.67 -1.78
N GLU A 127 -9.72 -5.88 -1.38
CA GLU A 127 -10.58 -6.70 -0.55
C GLU A 127 -10.57 -6.16 0.88
N LYS A 128 -11.33 -5.10 1.11
CA LYS A 128 -11.41 -4.46 2.42
C LYS A 128 -12.64 -4.91 3.18
N TYR B 1 28.96 -5.87 5.43
CA TYR B 1 28.60 -4.66 6.20
C TYR B 1 27.11 -4.73 6.59
N LYS B 2 26.77 -5.70 7.44
CA LYS B 2 25.39 -5.88 7.87
C LYS B 2 24.82 -4.56 8.39
N LYS B 3 23.82 -4.06 7.69
CA LYS B 3 23.17 -2.81 8.05
C LYS B 3 21.87 -2.67 7.26
N PRO B 4 21.18 -1.51 7.37
CA PRO B 4 19.93 -1.24 6.66
C PRO B 4 19.77 -2.04 5.37
N LYS B 5 18.82 -2.96 5.36
CA LYS B 5 18.55 -3.79 4.20
C LYS B 5 17.19 -3.44 3.61
N LEU B 6 17.15 -3.20 2.31
CA LEU B 6 15.90 -2.86 1.63
C LEU B 6 15.27 -4.12 1.05
N LEU B 7 13.94 -4.18 1.09
CA LEU B 7 13.22 -5.35 0.57
C LEU B 7 11.95 -4.92 -0.16
N TYR B 8 11.67 -5.55 -1.29
CA TYR B 8 10.47 -5.26 -2.08
C TYR B 8 10.27 -6.35 -3.14
N CYS B 9 9.10 -6.36 -3.78
CA CYS B 9 8.81 -7.37 -4.80
C CYS B 9 7.99 -6.78 -5.94
N SER B 10 7.84 -7.56 -7.01
CA SER B 10 7.07 -7.15 -8.18
C SER B 10 7.86 -6.12 -8.99
N ASN B 11 8.22 -6.50 -10.22
CA ASN B 11 8.98 -5.64 -11.10
C ASN B 11 8.43 -4.21 -11.07
N GLY B 12 9.31 -3.25 -10.87
CA GLY B 12 8.91 -1.86 -10.81
C GLY B 12 9.56 -1.14 -9.65
N GLY B 13 8.95 -0.04 -9.22
CA GLY B 13 9.49 0.72 -8.11
C GLY B 13 8.49 0.88 -6.99
N HIS B 14 8.89 0.49 -5.79
CA HIS B 14 8.05 0.57 -4.58
C HIS B 14 8.70 -0.23 -3.46
N PHE B 15 9.44 0.46 -2.59
CA PHE B 15 10.15 -0.20 -1.49
C PHE B 15 9.34 -0.14 -0.20
N LEU B 16 9.47 -1.19 0.61
CA LEU B 16 8.75 -1.28 1.87
C LEU B 16 9.24 -0.22 2.87
N ARG B 17 8.47 0.84 3.05
CA ARG B 17 8.83 1.90 3.98
C ARG B 17 8.11 1.71 5.31
N ILE B 18 8.88 1.53 6.37
CA ILE B 18 8.32 1.29 7.70
C ILE B 18 8.23 2.56 8.53
N LEU B 19 7.09 2.74 9.19
CA LEU B 19 6.84 3.89 10.04
C LEU B 19 6.30 3.42 11.40
N PRO B 20 6.74 4.05 12.50
CA PRO B 20 6.33 3.70 13.86
C PRO B 20 4.84 3.32 13.97
N ASP B 21 3.99 4.07 13.27
CA ASP B 21 2.55 3.81 13.27
C ASP B 21 2.25 2.35 12.96
N GLY B 22 2.96 1.80 11.98
CA GLY B 22 2.76 0.42 11.59
C GLY B 22 2.30 0.27 10.15
N THR B 23 1.57 1.26 9.65
CA THR B 23 1.09 1.22 8.27
C THR B 23 2.24 1.40 7.28
N VAL B 24 2.96 0.32 7.04
CA VAL B 24 4.09 0.32 6.10
C VAL B 24 3.59 0.28 4.66
N ASP B 25 4.15 1.11 3.80
CA ASP B 25 3.75 1.17 2.39
C ASP B 25 4.96 0.99 1.46
N GLY B 26 4.66 0.74 0.18
CA GLY B 26 5.72 0.56 -0.80
C GLY B 26 6.23 1.87 -1.35
N THR B 27 6.94 2.61 -0.53
CA THR B 27 7.49 3.90 -0.93
C THR B 27 8.65 3.71 -1.91
N ARG B 28 8.43 4.08 -3.16
CA ARG B 28 9.46 3.95 -4.19
C ARG B 28 10.38 5.18 -4.16
N ASP B 29 11.05 5.37 -3.03
CA ASP B 29 11.95 6.49 -2.85
C ASP B 29 13.22 6.07 -2.12
N ARG B 30 14.32 6.75 -2.42
CA ARG B 30 15.60 6.45 -1.80
C ARG B 30 16.14 7.65 -1.02
N SER B 31 15.41 8.77 -1.05
CA SER B 31 15.82 9.97 -0.34
C SER B 31 15.68 9.77 1.17
N ASP B 32 14.53 9.25 1.59
CA ASP B 32 14.28 9.01 3.01
C ASP B 32 14.97 7.70 3.42
N GLN B 33 14.99 7.42 4.72
CA GLN B 33 15.63 6.21 5.23
C GLN B 33 14.65 5.23 5.88
N HIS B 34 13.34 5.44 5.73
CA HIS B 34 12.35 4.54 6.34
C HIS B 34 12.13 3.26 5.54
N ILE B 35 12.99 3.00 4.55
CA ILE B 35 12.86 1.80 3.72
C ILE B 35 14.01 0.84 3.99
N GLN B 36 14.35 0.65 5.27
CA GLN B 36 15.45 -0.24 5.64
C GLN B 36 15.05 -1.14 6.80
N LEU B 37 15.28 -2.42 6.65
CA LEU B 37 14.97 -3.39 7.70
C LEU B 37 16.19 -4.25 7.99
N GLN B 38 16.40 -4.59 9.25
CA GLN B 38 17.54 -5.39 9.66
C GLN B 38 17.30 -6.88 9.38
N LEU B 39 17.03 -7.20 8.12
CA LEU B 39 16.77 -8.58 7.70
C LEU B 39 17.93 -9.47 8.13
N SER B 40 17.67 -10.38 9.06
CA SER B 40 18.71 -11.28 9.56
C SER B 40 18.12 -12.62 9.97
N ALA B 41 18.91 -13.67 9.81
CA ALA B 41 18.50 -15.02 10.17
C ALA B 41 18.80 -15.26 11.65
N GLU B 42 17.76 -15.26 12.46
CA GLU B 42 17.92 -15.47 13.89
C GLU B 42 18.10 -16.95 14.21
N SER B 43 17.12 -17.75 13.81
CA SER B 43 17.18 -19.19 14.03
C SER B 43 17.72 -19.88 12.79
N VAL B 44 17.93 -21.20 12.87
CA VAL B 44 18.43 -21.97 11.73
C VAL B 44 17.45 -21.91 10.55
N GLY B 45 17.50 -20.82 9.80
CA GLY B 45 16.62 -20.65 8.66
C GLY B 45 15.54 -19.60 8.90
N GLU B 46 15.24 -19.33 10.17
CA GLU B 46 14.23 -18.34 10.51
C GLU B 46 14.82 -16.94 10.41
N VAL B 47 14.38 -16.19 9.41
CA VAL B 47 14.86 -14.84 9.18
C VAL B 47 13.83 -13.84 9.72
N TYR B 48 14.31 -12.82 10.41
CA TYR B 48 13.43 -11.82 10.98
C TYR B 48 13.61 -10.47 10.30
N ILE B 49 12.50 -9.80 10.05
CA ILE B 49 12.49 -8.49 9.41
C ILE B 49 12.13 -7.43 10.45
N LYS B 50 13.13 -6.72 10.94
CA LYS B 50 12.92 -5.69 11.95
C LYS B 50 13.65 -4.40 11.57
N SER B 51 12.94 -3.29 11.64
CA SER B 51 13.53 -1.99 11.31
C SER B 51 13.91 -1.26 12.59
N THR B 52 14.81 -1.87 13.35
CA THR B 52 15.29 -1.36 14.63
C THR B 52 15.51 0.16 14.62
N GLU B 53 16.45 0.64 13.82
CA GLU B 53 16.75 2.05 13.75
C GLU B 53 16.19 2.68 12.47
N THR B 54 14.87 2.67 12.35
CA THR B 54 14.19 3.24 11.19
C THR B 54 12.68 3.03 11.28
N GLY B 55 12.26 1.86 11.74
CA GLY B 55 10.84 1.57 11.83
C GLY B 55 10.48 0.87 13.13
N GLN B 56 10.06 -0.39 13.00
CA GLN B 56 9.63 -1.16 14.15
C GLN B 56 9.79 -2.66 13.89
N TYR B 57 9.18 -3.47 14.76
CA TYR B 57 9.21 -4.92 14.64
C TYR B 57 7.91 -5.40 14.00
N LEU B 58 7.99 -6.42 13.15
CA LEU B 58 6.83 -6.94 12.44
C LEU B 58 5.95 -7.83 13.32
N ALA B 59 4.67 -7.89 12.93
CA ALA B 59 3.66 -8.71 13.60
C ALA B 59 2.58 -9.07 12.58
N MET B 60 2.77 -10.21 11.92
CA MET B 60 1.86 -10.68 10.87
C MET B 60 0.58 -11.27 11.42
N ASP B 61 -0.45 -10.43 11.56
CA ASP B 61 -1.76 -10.87 12.06
C ASP B 61 -2.25 -12.04 11.22
N THR B 62 -2.20 -13.24 11.79
CA THR B 62 -2.63 -14.45 11.08
C THR B 62 -2.06 -14.50 9.66
N ASP B 63 -0.91 -13.82 9.47
CA ASP B 63 -0.26 -13.73 8.17
C ASP B 63 -1.16 -13.06 7.12
N GLY B 64 -2.21 -12.37 7.59
CA GLY B 64 -3.11 -11.68 6.70
C GLY B 64 -2.72 -10.24 6.52
N LEU B 65 -2.91 -9.46 7.57
CA LEU B 65 -2.55 -8.05 7.55
C LEU B 65 -1.14 -7.88 8.09
N LEU B 66 -0.17 -8.01 7.20
CA LEU B 66 1.23 -7.88 7.58
C LEU B 66 1.52 -6.48 8.12
N TYR B 67 1.72 -6.39 9.43
CA TYR B 67 2.00 -5.11 10.07
C TYR B 67 3.12 -5.27 11.10
N GLY B 68 3.45 -4.18 11.78
CA GLY B 68 4.48 -4.19 12.79
C GLY B 68 4.62 -2.83 13.45
N SER B 69 4.97 -2.81 14.73
CA SER B 69 5.11 -1.54 15.45
C SER B 69 5.31 -1.76 16.95
N GLN B 70 4.45 -2.57 17.55
CA GLN B 70 4.53 -2.84 18.98
C GLN B 70 5.77 -3.66 19.35
N THR B 71 5.72 -4.98 19.12
CA THR B 71 6.84 -5.84 19.46
C THR B 71 7.04 -6.97 18.45
N PRO B 72 8.28 -7.51 18.38
CA PRO B 72 8.61 -8.60 17.46
C PRO B 72 8.02 -9.94 17.91
N ASN B 73 6.70 -10.03 17.87
CA ASN B 73 6.01 -11.25 18.29
C ASN B 73 6.34 -12.42 17.37
N GLU B 74 6.25 -13.64 17.90
CA GLU B 74 6.54 -14.86 17.12
C GLU B 74 5.87 -14.83 15.75
N GLU B 75 4.73 -14.13 15.63
CA GLU B 75 4.03 -14.00 14.36
C GLU B 75 4.98 -13.54 13.24
N CYS B 76 6.11 -12.93 13.62
CA CYS B 76 7.08 -12.43 12.65
C CYS B 76 8.18 -13.46 12.33
N LEU B 77 8.03 -14.70 12.75
CA LEU B 77 9.03 -15.72 12.47
C LEU B 77 8.83 -16.29 11.06
N PHE B 78 9.80 -16.01 10.18
CA PHE B 78 9.70 -16.47 8.79
C PHE B 78 10.91 -17.32 8.41
N LEU B 79 10.67 -18.40 7.69
CA LEU B 79 11.74 -19.29 7.23
C LEU B 79 12.22 -18.85 5.85
N GLU B 80 13.53 -18.70 5.69
CA GLU B 80 14.12 -18.27 4.42
C GLU B 80 13.87 -19.30 3.32
N ARG B 81 13.47 -18.82 2.15
CA ARG B 81 13.21 -19.69 1.00
C ARG B 81 13.51 -18.95 -0.30
N LEU B 82 14.74 -19.07 -0.80
CA LEU B 82 15.15 -18.41 -2.03
C LEU B 82 14.52 -19.09 -3.26
N GLU B 83 14.24 -18.30 -4.29
CA GLU B 83 13.67 -18.83 -5.52
C GLU B 83 14.63 -18.59 -6.68
N GLU B 84 14.70 -19.57 -7.58
CA GLU B 84 15.58 -19.49 -8.76
C GLU B 84 15.34 -18.20 -9.55
N ASN B 85 14.13 -17.65 -9.45
CA ASN B 85 13.79 -16.42 -10.15
C ASN B 85 14.33 -15.18 -9.42
N HIS B 86 15.60 -15.28 -8.99
CA HIS B 86 16.27 -14.19 -8.28
C HIS B 86 15.35 -13.49 -7.28
N TYR B 87 14.77 -14.26 -6.38
CA TYR B 87 13.86 -13.71 -5.37
C TYR B 87 14.04 -14.42 -4.03
N ASN B 88 13.77 -13.69 -2.96
CA ASN B 88 13.89 -14.21 -1.61
C ASN B 88 12.51 -14.36 -0.98
N THR B 89 12.08 -15.60 -0.79
CA THR B 89 10.78 -15.86 -0.18
C THR B 89 10.95 -16.16 1.31
N TYR B 90 9.98 -15.74 2.11
CA TYR B 90 10.04 -15.96 3.55
C TYR B 90 8.81 -16.74 3.99
N ILE B 91 9.03 -17.98 4.42
CA ILE B 91 7.94 -18.85 4.85
C ILE B 91 7.53 -18.54 6.28
N SER B 92 6.36 -17.94 6.43
CA SER B 92 5.81 -17.61 7.74
C SER B 92 5.46 -18.90 8.47
N LYS B 93 6.49 -19.61 8.91
CA LYS B 93 6.32 -20.87 9.62
C LYS B 93 5.26 -20.76 10.71
N LYS B 94 5.14 -19.58 11.32
CA LYS B 94 4.14 -19.37 12.37
C LYS B 94 2.72 -19.63 11.86
N HIS B 95 2.50 -19.42 10.56
CA HIS B 95 1.19 -19.64 9.96
C HIS B 95 1.29 -20.61 8.78
N ALA B 96 2.39 -21.36 8.73
CA ALA B 96 2.62 -22.31 7.65
C ALA B 96 1.48 -23.32 7.52
N GLU B 97 0.76 -23.55 8.61
CA GLU B 97 -0.36 -24.50 8.60
C GLU B 97 -1.34 -24.15 7.48
N LYS B 98 -1.52 -22.87 7.22
CA LYS B 98 -2.44 -22.42 6.18
C LYS B 98 -1.75 -22.35 4.81
N ASN B 99 -0.48 -22.76 4.76
CA ASN B 99 0.30 -22.73 3.52
C ASN B 99 0.59 -21.28 3.12
N TRP B 100 0.52 -20.37 4.09
CA TRP B 100 0.79 -18.96 3.86
C TRP B 100 2.22 -18.63 4.22
N PHE B 101 2.76 -17.57 3.63
CA PHE B 101 4.12 -17.16 3.91
C PHE B 101 4.35 -15.67 3.59
N VAL B 102 3.82 -14.81 4.45
CA VAL B 102 3.97 -13.34 4.36
C VAL B 102 3.97 -12.80 2.92
N GLY B 103 2.83 -12.29 2.48
CA GLY B 103 2.72 -11.74 1.14
C GLY B 103 2.29 -10.27 1.16
N LEU B 104 2.99 -9.43 0.40
CA LEU B 104 2.67 -8.01 0.35
C LEU B 104 2.30 -7.56 -1.07
N LYS B 105 1.73 -6.37 -1.19
CA LYS B 105 1.33 -5.81 -2.48
C LYS B 105 2.21 -4.61 -2.81
N LYS B 106 3.16 -4.79 -3.74
CA LYS B 106 4.04 -3.71 -4.16
C LYS B 106 3.24 -2.44 -4.42
N ASN B 107 2.12 -2.59 -5.12
CA ASN B 107 1.25 -1.47 -5.47
C ASN B 107 0.38 -1.02 -4.29
N GLY B 108 0.81 -1.31 -3.06
CA GLY B 108 0.03 -0.91 -1.90
C GLY B 108 0.79 -1.09 -0.61
N SER B 109 0.52 -2.18 0.08
CA SER B 109 1.17 -2.46 1.36
C SER B 109 1.25 -3.99 1.58
N CYS B 110 1.83 -4.37 2.71
CA CYS B 110 1.98 -5.78 3.04
C CYS B 110 0.71 -6.33 3.70
N LYS B 111 -0.03 -7.12 2.93
CA LYS B 111 -1.27 -7.74 3.41
C LYS B 111 -1.90 -8.56 2.29
N ARG B 112 -1.70 -9.87 2.35
CA ARG B 112 -2.24 -10.78 1.34
C ARG B 112 -2.59 -12.15 1.91
N GLY B 113 -2.88 -12.21 3.22
CA GLY B 113 -3.20 -13.48 3.87
C GLY B 113 -3.93 -14.46 2.97
N PRO B 114 -5.19 -14.16 2.60
CA PRO B 114 -5.98 -15.04 1.73
C PRO B 114 -5.37 -15.28 0.34
N ARG B 115 -4.18 -14.72 0.07
CA ARG B 115 -3.52 -14.92 -1.21
C ARG B 115 -2.02 -15.13 -1.05
N THR B 116 -1.56 -15.42 0.18
CA THR B 116 -0.13 -15.62 0.41
C THR B 116 0.32 -16.97 -0.16
N HIS B 117 0.23 -17.09 -1.47
CA HIS B 117 0.62 -18.29 -2.19
C HIS B 117 1.17 -17.93 -3.56
N TYR B 118 1.59 -18.93 -4.33
CA TYR B 118 2.15 -18.68 -5.67
C TYR B 118 1.24 -17.75 -6.47
N GLY B 119 -0.07 -17.81 -6.21
CA GLY B 119 -1.00 -16.94 -6.90
C GLY B 119 -0.54 -15.50 -6.93
N GLN B 120 0.21 -15.10 -5.90
CA GLN B 120 0.75 -13.76 -5.80
C GLN B 120 2.27 -13.80 -5.78
N LYS B 121 2.87 -13.69 -6.96
CA LYS B 121 4.33 -13.71 -7.09
C LYS B 121 4.98 -12.65 -6.19
N ALA B 122 4.19 -11.65 -5.78
CA ALA B 122 4.67 -10.57 -4.92
C ALA B 122 5.36 -11.09 -3.65
N ILE B 123 5.12 -12.36 -3.30
CA ILE B 123 5.76 -12.94 -2.12
C ILE B 123 7.25 -13.17 -2.36
N LEU B 124 7.64 -13.31 -3.64
CA LEU B 124 9.03 -13.51 -3.99
C LEU B 124 9.75 -12.17 -3.96
N PHE B 125 10.14 -11.76 -2.76
CA PHE B 125 10.78 -10.46 -2.55
C PHE B 125 12.20 -10.38 -3.11
N LEU B 126 12.56 -9.19 -3.56
CA LEU B 126 13.88 -8.90 -4.08
C LEU B 126 14.58 -7.98 -3.09
N PRO B 127 15.40 -8.54 -2.19
CA PRO B 127 16.10 -7.76 -1.18
C PRO B 127 17.35 -7.06 -1.68
N LEU B 128 17.61 -5.89 -1.12
CA LEU B 128 18.78 -5.09 -1.46
C LEU B 128 19.57 -4.83 -0.17
N PRO B 129 20.25 -5.86 0.35
CA PRO B 129 21.02 -5.78 1.58
C PRO B 129 22.51 -5.53 1.37
N VAL B 130 23.13 -4.83 2.31
CA VAL B 130 24.55 -4.53 2.26
C VAL B 130 25.35 -5.73 2.79
N SER B 131 25.24 -6.85 2.08
CA SER B 131 25.91 -8.09 2.46
C SER B 131 27.40 -7.87 2.69
N SER B 132 27.96 -8.66 3.61
CA SER B 132 29.37 -8.56 3.95
C SER B 132 30.20 -9.45 3.02
N ASP B 133 30.84 -8.83 2.05
CA ASP B 133 31.67 -9.56 1.10
C ASP B 133 32.86 -8.71 0.69
N GLU A 1 -5.51 -7.75 -8.90
CA GLU A 1 -6.88 -7.22 -8.73
C GLU A 1 -7.31 -6.48 -10.00
N LYS A 2 -8.53 -5.95 -10.01
CA LYS A 2 -9.03 -5.23 -11.18
C LYS A 2 -10.14 -4.24 -10.80
N LEU A 3 -9.86 -2.96 -10.99
CA LEU A 3 -10.83 -1.91 -10.70
C LEU A 3 -10.89 -0.90 -11.86
N GLY A 4 -10.33 -1.30 -13.01
CA GLY A 4 -10.32 -0.43 -14.17
C GLY A 4 -9.21 0.60 -14.10
N LYS A 5 -9.56 1.85 -14.40
CA LYS A 5 -8.60 2.94 -14.37
C LYS A 5 -9.25 4.23 -13.94
N LEU A 6 -8.43 5.15 -13.42
CA LEU A 6 -8.90 6.44 -12.96
C LEU A 6 -8.00 7.54 -13.51
N GLN A 7 -8.62 8.51 -14.18
CA GLN A 7 -7.88 9.62 -14.77
C GLN A 7 -7.91 10.79 -13.80
N TYR A 8 -6.75 11.37 -13.51
CA TYR A 8 -6.68 12.50 -12.58
C TYR A 8 -5.55 13.47 -12.89
N SER A 9 -5.67 14.66 -12.32
CA SER A 9 -4.70 15.72 -12.46
C SER A 9 -4.50 16.38 -11.10
N LEU A 10 -3.40 16.06 -10.44
CA LEU A 10 -3.14 16.57 -9.09
C LEU A 10 -2.13 17.72 -9.11
N ASP A 11 -2.41 18.73 -8.29
CA ASP A 11 -1.52 19.88 -8.16
C ASP A 11 -1.33 20.19 -6.66
N TYR A 12 -0.69 21.31 -6.33
CA TYR A 12 -0.48 21.63 -4.92
C TYR A 12 -0.41 23.13 -4.67
N ASP A 13 -0.68 23.52 -3.43
CA ASP A 13 -0.64 24.93 -3.03
C ASP A 13 0.33 25.12 -1.87
N PHE A 14 1.21 26.11 -1.99
CA PHE A 14 2.22 26.38 -0.96
C PHE A 14 1.78 27.46 0.04
N GLN A 15 0.64 28.10 -0.21
CA GLN A 15 0.15 29.13 0.70
C GLN A 15 -0.72 28.51 1.79
N ASN A 16 -1.58 27.58 1.39
CA ASN A 16 -2.45 26.87 2.34
C ASN A 16 -1.76 25.62 2.86
N ASN A 17 -0.73 25.16 2.14
CA ASN A 17 0.03 23.96 2.53
C ASN A 17 -0.81 22.71 2.35
N GLN A 18 -1.17 22.44 1.09
CA GLN A 18 -1.97 21.27 0.76
C GLN A 18 -1.86 20.92 -0.73
N LEU A 19 -2.19 19.69 -1.07
CA LEU A 19 -2.13 19.23 -2.45
C LEU A 19 -3.55 19.11 -3.03
N LEU A 20 -3.72 19.62 -4.23
CA LEU A 20 -5.02 19.60 -4.89
C LEU A 20 -5.15 18.34 -5.74
N VAL A 21 -5.86 17.35 -5.22
CA VAL A 21 -6.07 16.10 -5.94
C VAL A 21 -7.38 16.15 -6.72
N GLY A 22 -7.28 16.20 -8.04
CA GLY A 22 -8.47 16.23 -8.87
C GLY A 22 -8.56 15.02 -9.79
N ILE A 23 -9.52 14.13 -9.51
CA ILE A 23 -9.70 12.93 -10.34
C ILE A 23 -10.86 13.11 -11.30
N ILE A 24 -10.56 12.99 -12.59
CA ILE A 24 -11.56 13.16 -13.65
C ILE A 24 -12.69 12.14 -13.51
N GLN A 25 -12.34 10.86 -13.62
CA GLN A 25 -13.34 9.81 -13.53
C GLN A 25 -12.70 8.42 -13.51
N ALA A 26 -13.50 7.43 -13.13
CA ALA A 26 -13.06 6.04 -13.09
C ALA A 26 -13.84 5.24 -14.12
N ALA A 27 -13.28 4.14 -14.59
CA ALA A 27 -13.95 3.32 -15.60
C ALA A 27 -13.71 1.83 -15.36
N GLU A 28 -14.78 1.04 -15.53
CA GLU A 28 -14.73 -0.41 -15.37
C GLU A 28 -14.71 -0.82 -13.91
N LEU A 29 -15.69 -0.34 -13.15
CA LEU A 29 -15.79 -0.65 -11.73
C LEU A 29 -16.66 -1.90 -11.52
N PRO A 30 -16.33 -2.72 -10.50
CA PRO A 30 -17.09 -3.94 -10.19
C PRO A 30 -18.56 -3.65 -9.89
N ALA A 31 -19.41 -4.64 -10.15
CA ALA A 31 -20.85 -4.50 -9.93
C ALA A 31 -21.24 -4.95 -8.53
N LEU A 32 -21.94 -4.08 -7.80
CA LEU A 32 -22.38 -4.37 -6.45
C LEU A 32 -23.91 -4.36 -6.36
N ASP A 33 -24.54 -3.37 -6.98
CA ASP A 33 -25.99 -3.23 -6.96
C ASP A 33 -26.65 -4.37 -7.74
N MET A 34 -27.87 -4.71 -7.36
CA MET A 34 -28.60 -5.79 -8.01
C MET A 34 -29.02 -5.39 -9.43
N GLY A 35 -28.02 -5.14 -10.28
CA GLY A 35 -28.28 -4.76 -11.65
C GLY A 35 -27.01 -4.43 -12.42
N GLY A 36 -26.00 -5.29 -12.28
CA GLY A 36 -24.73 -5.08 -12.97
C GLY A 36 -24.23 -3.65 -12.85
N THR A 37 -24.40 -3.06 -11.67
CA THR A 37 -23.97 -1.69 -11.44
C THR A 37 -23.63 -1.50 -9.96
N SER A 38 -23.18 -0.30 -9.59
CA SER A 38 -22.82 -0.01 -8.22
C SER A 38 -22.91 1.49 -7.96
N ASP A 39 -22.77 1.87 -6.70
CA ASP A 39 -22.80 3.27 -6.29
C ASP A 39 -21.41 3.64 -5.78
N PRO A 40 -20.40 3.63 -6.68
CA PRO A 40 -19.01 3.89 -6.32
C PRO A 40 -18.68 5.36 -6.03
N TYR A 41 -18.33 5.64 -4.79
CA TYR A 41 -17.93 6.97 -4.38
C TYR A 41 -16.50 6.89 -3.85
N VAL A 42 -15.63 7.74 -4.34
CA VAL A 42 -14.23 7.72 -3.92
C VAL A 42 -14.02 8.38 -2.56
N LYS A 43 -13.48 7.62 -1.63
CA LYS A 43 -13.20 8.10 -0.29
C LYS A 43 -11.70 8.24 -0.13
N VAL A 44 -11.22 9.47 -0.28
CA VAL A 44 -9.81 9.76 -0.16
C VAL A 44 -9.31 9.53 1.26
N PHE A 45 -8.21 8.80 1.39
CA PHE A 45 -7.63 8.50 2.69
C PHE A 45 -6.11 8.59 2.62
N LEU A 46 -5.47 8.59 3.78
CA LEU A 46 -4.02 8.69 3.85
C LEU A 46 -3.45 7.66 4.82
N LEU A 47 -2.13 7.57 4.83
CA LEU A 47 -1.41 6.68 5.73
C LEU A 47 -1.62 7.17 7.18
N PRO A 48 -0.80 6.73 8.16
CA PRO A 48 -0.91 7.17 9.55
C PRO A 48 -1.28 8.65 9.69
N ASP A 49 -0.84 9.46 8.71
CA ASP A 49 -1.16 10.90 8.70
C ASP A 49 -2.63 11.10 9.06
N LYS A 50 -3.51 10.42 8.34
CA LYS A 50 -4.96 10.48 8.57
C LYS A 50 -5.45 11.92 8.77
N LYS A 51 -4.78 12.90 8.17
CA LYS A 51 -5.18 14.30 8.30
C LYS A 51 -5.95 14.76 7.07
N LYS A 52 -7.00 14.04 6.72
CA LYS A 52 -7.82 14.36 5.56
C LYS A 52 -8.87 13.28 5.34
N LYS A 53 -10.14 13.69 5.32
CA LYS A 53 -11.25 12.76 5.15
C LYS A 53 -12.34 13.38 4.26
N PHE A 54 -12.13 13.34 2.96
CA PHE A 54 -13.08 13.91 2.00
C PHE A 54 -14.00 12.82 1.46
N GLU A 55 -15.24 13.20 1.14
CA GLU A 55 -16.22 12.26 0.62
C GLU A 55 -16.83 12.79 -0.67
N THR A 56 -16.68 12.03 -1.75
CA THR A 56 -17.21 12.43 -3.05
C THR A 56 -18.69 12.10 -3.15
N LYS A 57 -19.34 12.64 -4.16
CA LYS A 57 -20.77 12.40 -4.37
C LYS A 57 -21.00 10.96 -4.78
N VAL A 58 -21.83 10.25 -4.01
CA VAL A 58 -22.13 8.86 -4.30
C VAL A 58 -22.71 8.71 -5.70
N HIS A 59 -21.86 8.29 -6.63
CA HIS A 59 -22.28 8.10 -8.01
C HIS A 59 -23.12 6.84 -8.11
N ARG A 60 -24.41 6.99 -7.83
CA ARG A 60 -25.35 5.88 -7.83
C ARG A 60 -25.53 5.24 -9.20
N LYS A 61 -25.56 3.90 -9.19
CA LYS A 61 -25.75 3.09 -10.40
C LYS A 61 -24.89 3.55 -11.56
N THR A 62 -23.59 3.32 -11.46
CA THR A 62 -22.67 3.70 -12.53
C THR A 62 -21.28 3.09 -12.31
N LEU A 63 -20.75 2.47 -13.37
CA LEU A 63 -19.43 1.86 -13.33
C LEU A 63 -18.45 2.63 -14.22
N ASN A 64 -18.89 3.79 -14.72
CA ASN A 64 -18.06 4.63 -15.58
C ASN A 64 -18.53 6.09 -15.50
N PRO A 65 -18.64 6.63 -14.27
CA PRO A 65 -19.08 8.01 -14.04
C PRO A 65 -17.95 9.02 -14.03
N VAL A 66 -18.23 10.23 -14.48
CA VAL A 66 -17.26 11.31 -14.50
C VAL A 66 -17.67 12.40 -13.51
N PHE A 67 -16.71 13.15 -12.99
CA PHE A 67 -17.04 14.20 -12.03
C PHE A 67 -15.91 15.22 -11.87
N ASN A 68 -14.66 14.76 -11.82
CA ASN A 68 -13.52 15.66 -11.65
C ASN A 68 -13.59 16.31 -10.26
N GLU A 69 -14.01 15.52 -9.26
CA GLU A 69 -14.13 15.99 -7.89
C GLU A 69 -12.75 16.31 -7.31
N GLN A 70 -12.68 17.41 -6.58
CA GLN A 70 -11.42 17.88 -6.00
C GLN A 70 -11.22 17.40 -4.57
N PHE A 71 -10.05 16.82 -4.31
CA PHE A 71 -9.69 16.35 -2.99
C PHE A 71 -8.60 17.24 -2.40
N THR A 72 -8.90 17.88 -1.28
CA THR A 72 -7.95 18.76 -0.62
C THR A 72 -6.96 17.97 0.24
N PHE A 73 -5.77 17.72 -0.30
CA PHE A 73 -4.74 16.99 0.41
C PHE A 73 -4.12 17.91 1.46
N LYS A 74 -4.85 18.13 2.54
CA LYS A 74 -4.42 18.99 3.62
C LYS A 74 -3.10 18.51 4.26
N VAL A 75 -1.99 19.06 3.77
CA VAL A 75 -0.67 18.72 4.28
C VAL A 75 0.40 19.47 3.49
N PRO A 76 1.32 20.17 4.18
CA PRO A 76 2.39 20.91 3.51
C PRO A 76 3.28 19.98 2.70
N TYR A 77 3.74 20.46 1.54
CA TYR A 77 4.60 19.67 0.67
C TYR A 77 5.75 19.06 1.48
N SER A 78 6.29 19.83 2.41
CA SER A 78 7.37 19.38 3.27
C SER A 78 6.97 18.08 3.97
N GLU A 79 5.72 18.05 4.44
CA GLU A 79 5.18 16.89 5.12
C GLU A 79 4.90 15.77 4.13
N LEU A 80 4.27 16.14 3.03
CA LEU A 80 3.91 15.19 1.96
C LEU A 80 4.98 14.13 1.75
N GLY A 81 6.24 14.55 1.71
CA GLY A 81 7.35 13.65 1.49
C GLY A 81 7.15 12.26 2.07
N GLY A 82 6.99 12.16 3.38
CA GLY A 82 6.84 10.86 4.02
C GLY A 82 5.41 10.33 4.06
N LYS A 83 4.50 10.93 3.28
CA LYS A 83 3.11 10.49 3.27
C LYS A 83 2.79 9.61 2.05
N THR A 84 1.69 8.89 2.15
CA THR A 84 1.21 8.04 1.07
C THR A 84 -0.31 8.18 0.97
N LEU A 85 -0.79 8.83 -0.08
CA LEU A 85 -2.23 9.03 -0.25
C LEU A 85 -2.88 7.80 -0.85
N VAL A 86 -4.08 7.50 -0.40
CA VAL A 86 -4.82 6.35 -0.89
C VAL A 86 -6.23 6.76 -1.31
N MET A 87 -6.59 6.43 -2.54
CA MET A 87 -7.91 6.74 -3.08
C MET A 87 -8.74 5.48 -3.16
N ALA A 88 -9.68 5.33 -2.23
CA ALA A 88 -10.53 4.16 -2.20
C ALA A 88 -11.94 4.47 -2.70
N VAL A 89 -12.42 3.67 -3.65
CA VAL A 89 -13.74 3.85 -4.19
C VAL A 89 -14.71 2.92 -3.48
N TYR A 90 -15.60 3.49 -2.69
CA TYR A 90 -16.55 2.72 -1.92
C TYR A 90 -17.92 2.70 -2.58
N ASP A 91 -18.57 1.54 -2.56
CA ASP A 91 -19.90 1.39 -3.13
C ASP A 91 -20.95 1.78 -2.11
N PHE A 92 -22.13 2.14 -2.59
CA PHE A 92 -23.23 2.53 -1.73
C PHE A 92 -24.53 1.88 -2.22
N ASP A 93 -24.49 0.57 -2.44
CA ASP A 93 -25.65 -0.20 -2.90
C ASP A 93 -26.94 0.20 -2.17
N ARG A 94 -26.82 0.56 -0.90
CA ARG A 94 -27.98 0.97 -0.10
C ARG A 94 -28.93 -0.21 0.11
N PHE A 95 -28.35 -1.40 0.26
CA PHE A 95 -29.14 -2.61 0.45
C PHE A 95 -28.45 -3.58 1.41
N SER A 96 -27.19 -3.88 1.13
CA SER A 96 -26.41 -4.79 1.95
C SER A 96 -25.11 -4.14 2.40
N LYS A 97 -24.20 -4.94 2.97
CA LYS A 97 -22.92 -4.43 3.41
C LYS A 97 -22.10 -3.92 2.24
N HIS A 98 -22.24 -2.63 1.95
CA HIS A 98 -21.50 -2.03 0.83
C HIS A 98 -20.02 -2.34 0.97
N ASP A 99 -19.38 -2.69 -0.14
CA ASP A 99 -17.97 -3.05 -0.14
C ASP A 99 -17.12 -2.03 -0.92
N ILE A 100 -15.83 -2.03 -0.65
CA ILE A 100 -14.90 -1.14 -1.34
C ILE A 100 -14.35 -1.82 -2.58
N ILE A 101 -14.99 -1.55 -3.71
CA ILE A 101 -14.59 -2.14 -4.98
C ILE A 101 -13.07 -2.10 -5.18
N GLY A 102 -12.44 -0.98 -4.85
CA GLY A 102 -10.99 -0.87 -5.00
C GLY A 102 -10.44 0.44 -4.48
N GLU A 103 -9.10 0.53 -4.41
CA GLU A 103 -8.45 1.74 -3.92
C GLU A 103 -7.00 1.81 -4.35
N PHE A 104 -6.65 2.83 -5.14
CA PHE A 104 -5.29 3.00 -5.60
C PHE A 104 -4.51 3.89 -4.61
N LYS A 105 -3.22 4.05 -4.86
CA LYS A 105 -2.38 4.87 -3.98
C LYS A 105 -1.00 5.07 -4.60
N VAL A 106 -0.30 6.13 -4.17
CA VAL A 106 1.03 6.43 -4.68
C VAL A 106 1.85 7.18 -3.63
N PRO A 107 3.11 6.76 -3.43
CA PRO A 107 4.03 7.42 -2.48
C PRO A 107 4.22 8.90 -2.80
N MET A 108 3.88 9.75 -1.85
CA MET A 108 3.98 11.20 -2.05
C MET A 108 5.40 11.63 -2.43
N ASN A 109 6.40 11.23 -1.64
CA ASN A 109 7.80 11.61 -1.92
C ASN A 109 8.16 11.33 -3.37
N THR A 110 7.57 10.29 -3.95
CA THR A 110 7.83 9.93 -5.35
C THR A 110 7.23 10.96 -6.30
N VAL A 111 6.16 11.63 -5.88
CA VAL A 111 5.50 12.63 -6.69
C VAL A 111 6.29 13.93 -6.71
N ASP A 112 6.85 14.26 -7.87
CA ASP A 112 7.63 15.48 -8.02
C ASP A 112 6.70 16.69 -8.08
N PHE A 113 6.42 17.27 -6.92
CA PHE A 113 5.54 18.43 -6.83
C PHE A 113 6.22 19.67 -7.41
N GLY A 114 6.43 19.65 -8.72
CA GLY A 114 7.06 20.78 -9.39
C GLY A 114 6.09 21.57 -10.23
N HIS A 115 5.00 20.92 -10.67
CA HIS A 115 3.99 21.57 -11.49
C HIS A 115 2.61 20.96 -11.23
N VAL A 116 2.30 19.87 -11.93
CA VAL A 116 1.03 19.19 -11.76
C VAL A 116 1.18 17.70 -12.09
N THR A 117 0.72 16.86 -11.18
CA THR A 117 0.80 15.41 -11.35
C THR A 117 -0.43 14.90 -12.11
N GLU A 118 -0.30 14.81 -13.42
CA GLU A 118 -1.37 14.34 -14.27
C GLU A 118 -0.97 13.03 -14.93
N GLU A 119 -1.84 12.03 -14.85
CA GLU A 119 -1.57 10.72 -15.43
C GLU A 119 -2.80 9.82 -15.36
N TRP A 120 -2.82 8.77 -16.17
CA TRP A 120 -3.94 7.85 -16.19
C TRP A 120 -3.72 6.76 -15.15
N ARG A 121 -4.13 7.04 -13.93
CA ARG A 121 -3.97 6.12 -12.82
C ARG A 121 -4.76 4.84 -13.01
N ASP A 122 -4.14 3.72 -12.70
CA ASP A 122 -4.78 2.42 -12.81
C ASP A 122 -5.64 2.20 -11.56
N LEU A 123 -6.66 1.37 -11.68
CA LEU A 123 -7.54 1.09 -10.56
C LEU A 123 -7.49 -0.39 -10.22
N GLN A 124 -7.16 -0.69 -8.96
CA GLN A 124 -7.08 -2.06 -8.49
C GLN A 124 -8.08 -2.31 -7.37
N SER A 125 -8.71 -3.48 -7.39
CA SER A 125 -9.68 -3.84 -6.37
C SER A 125 -9.02 -3.90 -5.00
N ALA A 126 -9.81 -3.78 -3.94
CA ALA A 126 -9.29 -3.83 -2.58
C ALA A 126 -10.24 -4.57 -1.67
N GLU A 127 -9.80 -5.71 -1.15
CA GLU A 127 -10.62 -6.51 -0.25
C GLU A 127 -10.69 -5.87 1.13
N LYS A 128 -11.67 -4.98 1.31
CA LYS A 128 -11.87 -4.28 2.57
C LYS A 128 -13.21 -4.67 3.20
N TYR B 1 28.96 -5.96 5.71
CA TYR B 1 28.40 -4.82 6.48
C TYR B 1 26.89 -5.00 6.66
N LYS B 2 26.51 -5.96 7.51
CA LYS B 2 25.11 -6.23 7.77
C LYS B 2 24.41 -4.98 8.32
N LYS B 3 23.54 -4.40 7.51
CA LYS B 3 22.83 -3.19 7.89
C LYS B 3 21.54 -3.06 7.08
N PRO B 4 20.81 -1.93 7.22
CA PRO B 4 19.56 -1.65 6.52
C PRO B 4 19.36 -2.52 5.27
N LYS B 5 18.52 -3.54 5.42
CA LYS B 5 18.22 -4.46 4.34
C LYS B 5 17.02 -3.97 3.54
N LEU B 6 17.25 -3.62 2.28
CA LEU B 6 16.18 -3.15 1.41
C LEU B 6 15.45 -4.35 0.80
N LEU B 7 14.12 -4.32 0.84
CA LEU B 7 13.32 -5.42 0.31
C LEU B 7 12.08 -4.89 -0.41
N TYR B 8 11.79 -5.45 -1.59
CA TYR B 8 10.62 -5.05 -2.36
C TYR B 8 10.30 -6.11 -3.42
N CYS B 9 9.23 -5.90 -4.18
CA CYS B 9 8.81 -6.84 -5.21
C CYS B 9 7.86 -6.17 -6.19
N SER B 10 7.51 -6.87 -7.27
CA SER B 10 6.60 -6.36 -8.29
C SER B 10 7.31 -5.35 -9.18
N ASN B 11 7.57 -5.75 -10.42
CA ASN B 11 8.25 -4.89 -11.40
C ASN B 11 7.83 -3.42 -11.22
N GLY B 12 8.77 -2.59 -10.79
CA GLY B 12 8.50 -1.18 -10.58
C GLY B 12 9.25 -0.64 -9.38
N GLY B 13 10.09 0.37 -9.61
CA GLY B 13 10.88 0.96 -8.54
C GLY B 13 10.04 1.42 -7.36
N HIS B 14 9.89 0.55 -6.36
CA HIS B 14 9.13 0.88 -5.16
C HIS B 14 9.67 0.07 -3.99
N PHE B 15 10.18 0.76 -2.96
CA PHE B 15 10.74 0.09 -1.81
C PHE B 15 9.76 0.10 -0.63
N LEU B 16 9.84 -0.93 0.20
CA LEU B 16 8.96 -1.05 1.35
C LEU B 16 9.26 0.02 2.39
N ARG B 17 8.47 1.08 2.39
CA ARG B 17 8.67 2.18 3.33
C ARG B 17 7.94 1.88 4.63
N ILE B 18 8.70 1.62 5.68
CA ILE B 18 8.15 1.29 6.99
C ILE B 18 7.99 2.55 7.84
N LEU B 19 6.85 2.65 8.51
CA LEU B 19 6.56 3.81 9.36
C LEU B 19 6.20 3.34 10.77
N PRO B 20 6.94 3.83 11.79
CA PRO B 20 6.70 3.48 13.20
C PRO B 20 5.22 3.38 13.54
N ASP B 21 4.41 4.24 12.92
CA ASP B 21 2.95 4.25 13.15
C ASP B 21 2.36 2.85 12.97
N GLY B 22 2.98 2.06 12.10
CA GLY B 22 2.50 0.70 11.86
C GLY B 22 2.25 0.42 10.39
N THR B 23 2.07 1.47 9.59
CA THR B 23 1.81 1.31 8.18
C THR B 23 3.12 1.21 7.38
N VAL B 24 3.06 0.56 6.23
CA VAL B 24 4.21 0.39 5.36
C VAL B 24 3.73 0.15 3.92
N ASP B 25 4.36 0.85 2.97
CA ASP B 25 3.97 0.73 1.55
C ASP B 25 5.19 0.71 0.63
N GLY B 26 4.94 0.39 -0.64
CA GLY B 26 6.00 0.36 -1.61
C GLY B 26 6.29 1.74 -2.16
N THR B 27 7.15 2.46 -1.47
CA THR B 27 7.49 3.83 -1.84
C THR B 27 8.61 3.85 -2.88
N ARG B 28 8.41 4.65 -3.92
CA ARG B 28 9.41 4.78 -4.97
C ARG B 28 10.39 5.88 -4.60
N ASP B 29 11.11 5.65 -3.52
CA ASP B 29 12.09 6.63 -3.02
C ASP B 29 12.98 5.99 -1.98
N ARG B 30 14.22 6.47 -1.91
CA ARG B 30 15.19 5.95 -0.95
C ARG B 30 16.03 7.08 -0.36
N SER B 31 15.51 8.31 -0.44
CA SER B 31 16.20 9.49 0.07
C SER B 31 16.29 9.44 1.59
N ASP B 32 15.17 9.13 2.24
CA ASP B 32 15.13 9.07 3.70
C ASP B 32 15.22 7.64 4.20
N GLN B 33 15.77 7.47 5.40
CA GLN B 33 15.91 6.16 6.00
C GLN B 33 14.55 5.66 6.51
N HIS B 34 13.65 5.38 5.58
CA HIS B 34 12.32 4.88 5.92
C HIS B 34 11.98 3.60 5.15
N ILE B 35 12.94 3.08 4.38
CA ILE B 35 12.73 1.86 3.59
C ILE B 35 13.83 0.84 3.88
N GLN B 36 14.16 0.68 5.16
CA GLN B 36 15.20 -0.28 5.55
C GLN B 36 14.74 -1.15 6.72
N LEU B 37 15.11 -2.41 6.69
CA LEU B 37 14.77 -3.36 7.73
C LEU B 37 15.98 -4.25 8.02
N GLN B 38 16.10 -4.74 9.24
CA GLN B 38 17.25 -5.59 9.60
C GLN B 38 16.95 -7.06 9.31
N LEU B 39 16.48 -7.33 8.10
CA LEU B 39 16.16 -8.69 7.69
C LEU B 39 17.38 -9.60 7.86
N SER B 40 17.26 -10.56 8.76
CA SER B 40 18.36 -11.48 9.04
C SER B 40 17.82 -12.83 9.53
N ALA B 41 18.64 -13.87 9.39
CA ALA B 41 18.26 -15.22 9.83
C ALA B 41 18.51 -15.37 11.32
N GLU B 42 17.45 -15.28 12.11
CA GLU B 42 17.56 -15.39 13.56
C GLU B 42 17.51 -16.85 14.01
N SER B 43 16.71 -17.68 13.33
CA SER B 43 16.59 -19.08 13.69
C SER B 43 16.90 -19.97 12.48
N VAL B 44 17.10 -21.27 12.74
CA VAL B 44 17.42 -22.24 11.68
C VAL B 44 16.51 -22.06 10.46
N GLY B 45 17.05 -21.40 9.44
CA GLY B 45 16.31 -21.17 8.21
C GLY B 45 15.16 -20.20 8.39
N GLU B 46 15.16 -19.44 9.48
CA GLU B 46 14.09 -18.49 9.76
C GLU B 46 14.63 -17.06 9.78
N VAL B 47 14.12 -16.23 8.90
CA VAL B 47 14.55 -14.84 8.81
C VAL B 47 13.49 -13.93 9.41
N TYR B 48 13.94 -12.92 10.16
CA TYR B 48 13.05 -11.98 10.80
C TYR B 48 13.18 -10.60 10.16
N ILE B 49 12.05 -10.00 9.81
CA ILE B 49 12.03 -8.68 9.21
C ILE B 49 11.76 -7.63 10.27
N LYS B 50 12.84 -7.13 10.87
CA LYS B 50 12.73 -6.13 11.92
C LYS B 50 13.39 -4.81 11.50
N SER B 51 12.57 -3.79 11.24
CA SER B 51 13.08 -2.48 10.86
C SER B 51 13.49 -1.72 12.12
N THR B 52 14.56 -2.18 12.76
CA THR B 52 15.06 -1.60 14.00
C THR B 52 15.23 -0.07 13.93
N GLU B 53 16.39 0.39 13.48
CA GLU B 53 16.67 1.83 13.42
C GLU B 53 16.02 2.51 12.21
N THR B 54 14.69 2.38 12.09
CA THR B 54 13.97 3.01 10.97
C THR B 54 12.46 2.74 11.07
N GLY B 55 12.07 1.48 10.99
CA GLY B 55 10.66 1.13 11.03
C GLY B 55 10.17 0.67 12.38
N GLN B 56 9.52 -0.48 12.40
CA GLN B 56 8.96 -1.04 13.62
C GLN B 56 9.02 -2.56 13.62
N TYR B 57 8.59 -3.17 14.71
CA TYR B 57 8.57 -4.62 14.84
C TYR B 57 7.36 -5.19 14.09
N LEU B 58 7.63 -5.97 13.05
CA LEU B 58 6.57 -6.55 12.24
C LEU B 58 5.81 -7.64 13.01
N ALA B 59 4.51 -7.68 12.77
CA ALA B 59 3.61 -8.66 13.38
C ALA B 59 2.45 -8.95 12.43
N MET B 60 2.65 -9.93 11.58
CA MET B 60 1.63 -10.31 10.60
C MET B 60 0.37 -10.82 11.27
N ASP B 61 -0.52 -9.88 11.63
CA ASP B 61 -1.78 -10.23 12.29
C ASP B 61 -2.50 -11.32 11.51
N THR B 62 -2.37 -12.55 11.99
CA THR B 62 -3.01 -13.70 11.36
C THR B 62 -2.60 -13.80 9.87
N ASP B 63 -1.40 -13.30 9.56
CA ASP B 63 -0.87 -13.30 8.19
C ASP B 63 -1.63 -12.30 7.32
N GLY B 64 -2.95 -12.41 7.30
CA GLY B 64 -3.79 -11.52 6.52
C GLY B 64 -3.32 -10.07 6.54
N LEU B 65 -3.10 -9.53 7.73
CA LEU B 65 -2.66 -8.14 7.86
C LEU B 65 -1.19 -8.07 8.24
N LEU B 66 -0.35 -7.85 7.22
CA LEU B 66 1.09 -7.75 7.43
C LEU B 66 1.45 -6.37 7.97
N TYR B 67 1.32 -6.19 9.29
CA TYR B 67 1.62 -4.92 9.93
C TYR B 67 2.67 -5.12 11.03
N GLY B 68 2.96 -4.06 11.78
CA GLY B 68 3.94 -4.16 12.85
C GLY B 68 4.22 -2.82 13.48
N SER B 69 4.55 -2.81 14.77
CA SER B 69 4.87 -1.58 15.50
C SER B 69 4.88 -1.83 17.01
N GLN B 70 3.88 -2.57 17.50
CA GLN B 70 3.76 -2.85 18.93
C GLN B 70 4.78 -3.87 19.42
N THR B 71 4.61 -5.13 19.05
CA THR B 71 5.51 -6.18 19.49
C THR B 71 5.80 -7.20 18.39
N PRO B 72 7.08 -7.59 18.24
CA PRO B 72 7.49 -8.57 17.23
C PRO B 72 7.13 -10.00 17.65
N ASN B 73 5.84 -10.22 17.89
CA ASN B 73 5.34 -11.53 18.31
C ASN B 73 5.72 -12.59 17.27
N GLU B 74 5.52 -13.87 17.62
CA GLU B 74 5.85 -14.96 16.70
C GLU B 74 4.96 -14.96 15.45
N GLU B 75 4.88 -13.80 14.79
CA GLU B 75 4.10 -13.63 13.58
C GLU B 75 5.00 -13.21 12.42
N CYS B 76 6.22 -12.74 12.73
CA CYS B 76 7.16 -12.29 11.70
C CYS B 76 8.29 -13.32 11.50
N LEU B 77 8.02 -14.58 11.83
CA LEU B 77 9.01 -15.63 11.65
C LEU B 77 8.78 -16.32 10.31
N PHE B 78 9.65 -16.03 9.35
CA PHE B 78 9.52 -16.60 8.02
C PHE B 78 10.72 -17.46 7.64
N LEU B 79 10.44 -18.60 7.03
CA LEU B 79 11.49 -19.51 6.59
C LEU B 79 12.18 -18.94 5.34
N GLU B 80 13.50 -18.91 5.37
CA GLU B 80 14.28 -18.38 4.27
C GLU B 80 14.25 -19.32 3.06
N ARG B 81 13.58 -18.91 2.00
CA ARG B 81 13.47 -19.68 0.78
C ARG B 81 13.87 -18.81 -0.41
N LEU B 82 14.39 -19.43 -1.47
CA LEU B 82 14.81 -18.70 -2.65
C LEU B 82 14.26 -19.33 -3.92
N GLU B 83 13.85 -18.48 -4.86
CA GLU B 83 13.32 -18.96 -6.13
C GLU B 83 14.34 -18.74 -7.24
N GLU B 84 14.45 -19.71 -8.14
CA GLU B 84 15.39 -19.63 -9.25
C GLU B 84 15.08 -18.45 -10.18
N ASN B 85 13.95 -17.78 -9.97
CA ASN B 85 13.56 -16.64 -10.78
C ASN B 85 14.22 -15.34 -10.28
N HIS B 86 15.24 -15.47 -9.42
CA HIS B 86 15.96 -14.32 -8.89
C HIS B 86 15.10 -13.55 -7.91
N TYR B 87 14.47 -14.27 -6.98
CA TYR B 87 13.61 -13.65 -5.97
C TYR B 87 13.66 -14.42 -4.66
N ASN B 88 13.46 -13.70 -3.56
CA ASN B 88 13.48 -14.27 -2.22
C ASN B 88 12.09 -14.72 -1.81
N THR B 89 12.02 -15.85 -1.12
CA THR B 89 10.75 -16.40 -0.66
C THR B 89 10.79 -16.57 0.86
N TYR B 90 9.79 -16.04 1.56
CA TYR B 90 9.74 -16.15 3.01
C TYR B 90 8.48 -16.89 3.42
N ILE B 91 8.66 -18.12 3.88
CA ILE B 91 7.53 -18.95 4.31
C ILE B 91 7.10 -18.60 5.73
N SER B 92 5.91 -18.02 5.85
CA SER B 92 5.36 -17.65 7.13
C SER B 92 5.03 -18.90 7.94
N LYS B 93 6.07 -19.54 8.47
CA LYS B 93 5.89 -20.76 9.25
C LYS B 93 4.73 -20.62 10.24
N LYS B 94 4.61 -19.44 10.83
CA LYS B 94 3.53 -19.18 11.80
C LYS B 94 2.16 -19.41 11.17
N HIS B 95 2.05 -19.21 9.85
CA HIS B 95 0.77 -19.41 9.17
C HIS B 95 0.88 -20.41 8.02
N ALA B 96 2.04 -21.05 7.87
CA ALA B 96 2.25 -22.03 6.82
C ALA B 96 1.15 -23.09 6.86
N GLU B 97 0.55 -23.27 8.04
CA GLU B 97 -0.53 -24.23 8.21
C GLU B 97 -1.54 -24.13 7.08
N LYS B 98 -1.87 -22.90 6.70
CA LYS B 98 -2.82 -22.66 5.63
C LYS B 98 -2.12 -22.34 4.31
N ASN B 99 -0.87 -22.78 4.19
CA ASN B 99 -0.08 -22.56 2.97
C ASN B 99 0.05 -21.06 2.68
N TRP B 100 0.15 -20.27 3.74
CA TRP B 100 0.27 -18.82 3.61
C TRP B 100 1.70 -18.35 3.87
N PHE B 101 2.25 -17.61 2.92
CA PHE B 101 3.60 -17.07 3.06
C PHE B 101 3.63 -15.58 2.65
N VAL B 102 3.87 -14.73 3.66
CA VAL B 102 3.93 -13.27 3.52
C VAL B 102 4.04 -12.76 2.08
N GLY B 103 3.05 -11.97 1.69
CA GLY B 103 3.01 -11.37 0.37
C GLY B 103 2.50 -9.94 0.43
N LEU B 104 3.31 -8.99 0.01
CA LEU B 104 2.91 -7.58 0.06
C LEU B 104 2.58 -7.03 -1.32
N LYS B 105 1.74 -6.00 -1.35
CA LYS B 105 1.35 -5.36 -2.59
C LYS B 105 2.14 -4.07 -2.78
N LYS B 106 3.22 -4.16 -3.53
CA LYS B 106 4.10 -3.01 -3.78
C LYS B 106 3.31 -1.73 -4.00
N ASN B 107 2.31 -1.79 -4.88
CA ASN B 107 1.49 -0.62 -5.17
C ASN B 107 0.31 -0.52 -4.19
N GLY B 108 0.64 -0.50 -2.90
CA GLY B 108 -0.38 -0.41 -1.88
C GLY B 108 0.16 -0.60 -0.48
N SER B 109 0.52 -1.83 -0.16
CA SER B 109 1.04 -2.18 1.17
C SER B 109 1.06 -3.70 1.35
N CYS B 110 1.58 -4.15 2.49
CA CYS B 110 1.65 -5.57 2.77
C CYS B 110 0.40 -6.03 3.53
N LYS B 111 -0.40 -6.87 2.88
CA LYS B 111 -1.63 -7.39 3.47
C LYS B 111 -2.36 -8.30 2.47
N ARG B 112 -1.90 -9.54 2.36
CA ARG B 112 -2.52 -10.49 1.42
C ARG B 112 -2.54 -11.92 1.99
N GLY B 113 -2.55 -12.06 3.31
CA GLY B 113 -2.56 -13.37 3.94
C GLY B 113 -3.44 -14.38 3.20
N PRO B 114 -4.75 -14.13 3.08
CA PRO B 114 -5.66 -15.04 2.38
C PRO B 114 -5.24 -15.35 0.93
N ARG B 115 -4.18 -14.70 0.44
CA ARG B 115 -3.69 -14.92 -0.91
C ARG B 115 -2.19 -15.17 -0.92
N THR B 116 -1.56 -15.36 0.24
CA THR B 116 -0.12 -15.58 0.32
C THR B 116 0.23 -17.03 -0.06
N HIS B 117 -0.20 -17.42 -1.26
CA HIS B 117 0.03 -18.76 -1.77
C HIS B 117 0.38 -18.66 -3.26
N TYR B 118 0.29 -19.76 -4.01
CA TYR B 118 0.61 -19.73 -5.43
C TYR B 118 -0.44 -18.92 -6.19
N GLY B 119 -0.40 -17.61 -6.01
CA GLY B 119 -1.34 -16.73 -6.67
C GLY B 119 -0.70 -15.41 -7.06
N GLN B 120 -0.05 -14.76 -6.10
CA GLN B 120 0.61 -13.49 -6.34
C GLN B 120 2.12 -13.65 -6.32
N LYS B 121 2.76 -13.44 -7.47
CA LYS B 121 4.21 -13.56 -7.58
C LYS B 121 4.91 -12.60 -6.61
N ALA B 122 4.17 -11.57 -6.17
CA ALA B 122 4.68 -10.56 -5.23
C ALA B 122 5.41 -11.21 -4.04
N ILE B 123 5.01 -12.42 -3.68
CA ILE B 123 5.63 -13.15 -2.57
C ILE B 123 7.14 -13.29 -2.83
N LEU B 124 7.51 -13.35 -4.11
CA LEU B 124 8.90 -13.47 -4.51
C LEU B 124 9.55 -12.10 -4.48
N PHE B 125 10.02 -11.69 -3.30
CA PHE B 125 10.61 -10.38 -3.11
C PHE B 125 12.04 -10.29 -3.64
N LEU B 126 12.43 -9.10 -4.03
CA LEU B 126 13.77 -8.83 -4.53
C LEU B 126 14.51 -7.94 -3.52
N PRO B 127 15.36 -8.54 -2.67
CA PRO B 127 16.10 -7.79 -1.65
C PRO B 127 17.32 -7.07 -2.21
N LEU B 128 17.59 -5.90 -1.64
CA LEU B 128 18.73 -5.08 -2.03
C LEU B 128 19.43 -4.55 -0.77
N PRO B 129 19.90 -5.46 0.10
CA PRO B 129 20.56 -5.10 1.35
C PRO B 129 22.08 -5.03 1.21
N VAL B 130 22.72 -4.51 2.26
CA VAL B 130 24.17 -4.40 2.29
C VAL B 130 24.77 -5.69 2.86
N SER B 131 25.46 -6.44 2.02
CA SER B 131 26.07 -7.69 2.41
C SER B 131 27.42 -7.46 3.11
N SER B 132 28.18 -8.54 3.29
CA SER B 132 29.49 -8.45 3.93
C SER B 132 30.54 -9.17 3.08
N ASP B 133 30.67 -8.73 1.84
CA ASP B 133 31.64 -9.32 0.93
C ASP B 133 32.91 -8.48 0.90
N GLU A 1 -5.76 -7.82 -9.40
CA GLU A 1 -6.73 -6.86 -8.79
C GLU A 1 -6.98 -5.71 -9.77
N LYS A 2 -8.24 -5.42 -10.04
CA LYS A 2 -8.60 -4.35 -10.98
C LYS A 2 -9.85 -3.60 -10.52
N LEU A 3 -9.76 -2.27 -10.52
CA LEU A 3 -10.87 -1.41 -10.13
C LEU A 3 -11.25 -0.47 -11.29
N GLY A 4 -10.50 -0.55 -12.39
CA GLY A 4 -10.76 0.30 -13.53
C GLY A 4 -9.70 1.39 -13.66
N LYS A 5 -10.12 2.59 -13.99
CA LYS A 5 -9.19 3.70 -14.13
C LYS A 5 -9.85 5.01 -13.67
N LEU A 6 -9.03 5.93 -13.16
CA LEU A 6 -9.52 7.21 -12.68
C LEU A 6 -8.61 8.33 -13.16
N GLN A 7 -9.20 9.37 -13.71
CA GLN A 7 -8.44 10.51 -14.21
C GLN A 7 -8.45 11.64 -13.19
N TYR A 8 -7.29 12.23 -12.92
CA TYR A 8 -7.21 13.32 -11.94
C TYR A 8 -6.16 14.36 -12.33
N SER A 9 -6.30 15.53 -11.72
CA SER A 9 -5.39 16.65 -11.92
C SER A 9 -5.19 17.35 -10.58
N LEU A 10 -4.00 17.25 -10.01
CA LEU A 10 -3.72 17.84 -8.71
C LEU A 10 -2.64 18.92 -8.78
N ASP A 11 -2.79 19.93 -7.93
CA ASP A 11 -1.82 21.02 -7.84
C ASP A 11 -1.49 21.27 -6.38
N TYR A 12 -0.37 21.94 -6.11
CA TYR A 12 0.05 22.19 -4.74
C TYR A 12 -0.23 23.63 -4.32
N ASP A 13 -0.80 23.78 -3.13
CA ASP A 13 -1.11 25.09 -2.58
C ASP A 13 0.01 25.50 -1.61
N PHE A 14 0.61 26.64 -1.88
CA PHE A 14 1.69 27.16 -1.05
C PHE A 14 1.24 28.33 -0.17
N GLN A 15 -0.08 28.57 -0.11
CA GLN A 15 -0.60 29.67 0.69
C GLN A 15 -1.08 29.16 2.05
N ASN A 16 -1.74 28.00 2.04
CA ASN A 16 -2.22 27.38 3.27
C ASN A 16 -1.50 26.05 3.52
N ASN A 17 -0.67 25.63 2.55
CA ASN A 17 0.09 24.40 2.65
C ASN A 17 -0.82 23.18 2.52
N GLN A 18 -1.17 22.84 1.29
CA GLN A 18 -2.03 21.69 1.02
C GLN A 18 -1.97 21.34 -0.46
N LEU A 19 -2.42 20.14 -0.81
CA LEU A 19 -2.42 19.70 -2.19
C LEU A 19 -3.84 19.63 -2.73
N LEU A 20 -4.07 20.33 -3.84
CA LEU A 20 -5.37 20.37 -4.47
C LEU A 20 -5.58 19.12 -5.32
N VAL A 21 -6.07 18.06 -4.68
CA VAL A 21 -6.32 16.82 -5.38
C VAL A 21 -7.69 16.85 -6.05
N GLY A 22 -7.69 16.90 -7.37
CA GLY A 22 -8.93 16.93 -8.12
C GLY A 22 -9.07 15.73 -9.03
N ILE A 23 -9.98 14.82 -8.67
CA ILE A 23 -10.22 13.63 -9.46
C ILE A 23 -11.40 13.86 -10.39
N ILE A 24 -11.16 13.69 -11.69
CA ILE A 24 -12.21 13.91 -12.69
C ILE A 24 -13.31 12.86 -12.58
N GLN A 25 -12.94 11.60 -12.79
CA GLN A 25 -13.91 10.51 -12.72
C GLN A 25 -13.23 9.15 -12.81
N ALA A 26 -13.94 8.12 -12.37
CA ALA A 26 -13.47 6.75 -12.41
C ALA A 26 -14.29 5.98 -13.44
N ALA A 27 -13.72 4.95 -14.06
CA ALA A 27 -14.46 4.20 -15.07
C ALA A 27 -14.31 2.69 -14.90
N GLU A 28 -15.45 2.00 -14.96
CA GLU A 28 -15.51 0.54 -14.88
C GLU A 28 -15.29 0.03 -13.46
N LEU A 29 -15.91 0.70 -12.49
CA LEU A 29 -15.80 0.29 -11.10
C LEU A 29 -16.60 -0.99 -10.86
N PRO A 30 -16.09 -1.91 -10.01
CA PRO A 30 -16.76 -3.18 -9.71
C PRO A 30 -18.19 -2.98 -9.22
N ALA A 31 -19.07 -3.93 -9.57
CA ALA A 31 -20.47 -3.87 -9.19
C ALA A 31 -20.70 -4.38 -7.76
N LEU A 32 -21.82 -3.95 -7.18
CA LEU A 32 -22.18 -4.35 -5.83
C LEU A 32 -23.70 -4.40 -5.69
N ASP A 33 -24.35 -3.30 -6.08
CA ASP A 33 -25.80 -3.20 -6.02
C ASP A 33 -26.46 -4.34 -6.79
N MET A 34 -27.66 -4.74 -6.34
CA MET A 34 -28.39 -5.83 -6.97
C MET A 34 -28.86 -5.44 -8.38
N GLY A 35 -27.90 -5.29 -9.29
CA GLY A 35 -28.23 -4.94 -10.66
C GLY A 35 -27.00 -4.65 -11.50
N GLY A 36 -25.97 -5.50 -11.35
CA GLY A 36 -24.74 -5.32 -12.08
C GLY A 36 -24.23 -3.89 -12.03
N THR A 37 -24.43 -3.24 -10.90
CA THR A 37 -23.99 -1.87 -10.71
C THR A 37 -23.61 -1.63 -9.25
N SER A 38 -23.34 -0.38 -8.89
CA SER A 38 -22.97 -0.05 -7.52
C SER A 38 -23.04 1.46 -7.28
N ASP A 39 -22.84 1.84 -6.02
CA ASP A 39 -22.84 3.25 -5.63
C ASP A 39 -21.43 3.60 -5.16
N PRO A 40 -20.44 3.53 -6.08
CA PRO A 40 -19.04 3.78 -5.75
C PRO A 40 -18.69 5.25 -5.54
N TYR A 41 -18.20 5.56 -4.35
CA TYR A 41 -17.76 6.90 -4.00
C TYR A 41 -16.33 6.81 -3.50
N VAL A 42 -15.50 7.78 -3.84
CA VAL A 42 -14.11 7.75 -3.43
C VAL A 42 -13.91 8.46 -2.10
N LYS A 43 -13.17 7.81 -1.20
CA LYS A 43 -12.87 8.37 0.10
C LYS A 43 -11.39 8.71 0.17
N VAL A 44 -11.07 9.97 0.41
CA VAL A 44 -9.69 10.41 0.46
C VAL A 44 -9.07 10.13 1.83
N PHE A 45 -7.96 9.43 1.83
CA PHE A 45 -7.26 9.10 3.06
C PHE A 45 -5.75 9.18 2.84
N LEU A 46 -4.99 9.15 3.93
CA LEU A 46 -3.54 9.24 3.86
C LEU A 46 -2.89 8.25 4.81
N LEU A 47 -1.57 8.12 4.70
CA LEU A 47 -0.78 7.24 5.56
C LEU A 47 -0.93 7.70 7.02
N PRO A 48 -0.16 7.12 7.98
CA PRO A 48 -0.20 7.48 9.40
C PRO A 48 -0.60 8.94 9.63
N ASP A 49 -0.06 9.82 8.78
CA ASP A 49 -0.37 11.25 8.83
C ASP A 49 -1.85 11.45 9.16
N LYS A 50 -2.72 10.83 8.36
CA LYS A 50 -4.16 10.90 8.53
C LYS A 50 -4.65 12.32 8.84
N LYS A 51 -3.93 13.33 8.37
CA LYS A 51 -4.33 14.72 8.59
C LYS A 51 -5.25 15.18 7.47
N LYS A 52 -6.36 14.47 7.31
CA LYS A 52 -7.34 14.78 6.27
C LYS A 52 -8.40 13.68 6.18
N LYS A 53 -9.63 14.09 5.87
CA LYS A 53 -10.73 13.15 5.74
C LYS A 53 -11.85 13.77 4.91
N PHE A 54 -12.06 13.25 3.72
CA PHE A 54 -13.10 13.77 2.83
C PHE A 54 -13.78 12.65 2.07
N GLU A 55 -15.11 12.61 2.17
CA GLU A 55 -15.90 11.62 1.48
C GLU A 55 -16.59 12.26 0.28
N THR A 56 -16.25 11.80 -0.92
CA THR A 56 -16.84 12.36 -2.14
C THR A 56 -18.33 12.09 -2.21
N LYS A 57 -19.02 12.84 -3.06
CA LYS A 57 -20.46 12.70 -3.23
C LYS A 57 -20.81 11.29 -3.67
N VAL A 58 -21.90 10.77 -3.12
CA VAL A 58 -22.37 9.43 -3.47
C VAL A 58 -22.75 9.38 -4.95
N HIS A 59 -22.57 8.22 -5.57
CA HIS A 59 -22.90 8.03 -6.97
C HIS A 59 -23.78 6.80 -7.12
N ARG A 60 -25.08 6.99 -6.92
CA ARG A 60 -26.05 5.91 -6.97
C ARG A 60 -26.07 5.20 -8.32
N LYS A 61 -25.90 3.88 -8.28
CA LYS A 61 -25.93 3.01 -9.45
C LYS A 61 -25.16 3.61 -10.64
N THR A 62 -23.84 3.54 -10.59
CA THR A 62 -23.02 4.05 -11.68
C THR A 62 -21.58 3.52 -11.61
N LEU A 63 -21.16 2.82 -12.66
CA LEU A 63 -19.81 2.26 -12.74
C LEU A 63 -18.82 3.28 -13.31
N ASN A 64 -19.36 4.39 -13.83
CA ASN A 64 -18.55 5.46 -14.41
C ASN A 64 -19.06 6.79 -13.88
N PRO A 65 -18.75 7.11 -12.61
CA PRO A 65 -19.20 8.32 -11.96
C PRO A 65 -18.29 9.52 -12.23
N VAL A 66 -18.84 10.52 -12.90
CA VAL A 66 -18.13 11.75 -13.21
C VAL A 66 -18.63 12.85 -12.29
N PHE A 67 -17.74 13.75 -11.86
CA PHE A 67 -18.16 14.82 -10.95
C PHE A 67 -17.07 15.85 -10.72
N ASN A 68 -15.84 15.39 -10.51
CA ASN A 68 -14.71 16.29 -10.25
C ASN A 68 -14.82 16.85 -8.84
N GLU A 69 -14.34 16.08 -7.87
CA GLU A 69 -14.39 16.48 -6.46
C GLU A 69 -13.04 17.07 -6.05
N GLN A 70 -13.08 18.03 -5.11
CA GLN A 70 -11.87 18.69 -4.65
C GLN A 70 -11.40 18.10 -3.31
N PHE A 71 -10.33 17.33 -3.35
CA PHE A 71 -9.76 16.74 -2.14
C PHE A 71 -8.67 17.66 -1.60
N THR A 72 -8.97 18.31 -0.49
CA THR A 72 -8.02 19.22 0.13
C THR A 72 -6.99 18.45 0.96
N PHE A 73 -5.84 18.18 0.35
CA PHE A 73 -4.77 17.45 1.02
C PHE A 73 -4.09 18.34 2.05
N LYS A 74 -4.65 18.39 3.26
CA LYS A 74 -4.11 19.21 4.34
C LYS A 74 -2.77 18.68 4.83
N VAL A 75 -1.69 19.34 4.43
CA VAL A 75 -0.34 18.95 4.83
C VAL A 75 0.69 19.85 4.13
N PRO A 76 1.62 20.45 4.90
CA PRO A 76 2.64 21.31 4.35
C PRO A 76 3.47 20.60 3.28
N TYR A 77 3.72 21.28 2.16
CA TYR A 77 4.49 20.69 1.07
C TYR A 77 5.78 20.05 1.60
N SER A 78 6.49 20.76 2.48
CA SER A 78 7.72 20.24 3.07
C SER A 78 7.45 18.98 3.88
N GLU A 79 6.19 18.76 4.27
CA GLU A 79 5.81 17.60 5.07
C GLU A 79 5.12 16.54 4.22
N LEU A 80 5.00 16.76 2.91
CA LEU A 80 4.33 15.81 2.03
C LEU A 80 5.26 14.67 1.64
N GLY A 81 6.57 14.94 1.61
CA GLY A 81 7.56 13.95 1.23
C GLY A 81 7.25 12.55 1.77
N GLY A 82 7.21 12.43 3.09
CA GLY A 82 6.95 11.14 3.69
C GLY A 82 5.47 10.82 3.84
N LYS A 83 4.66 11.18 2.85
CA LYS A 83 3.23 10.91 2.90
C LYS A 83 2.79 10.01 1.75
N THR A 84 1.97 9.02 2.08
CA THR A 84 1.44 8.10 1.09
C THR A 84 -0.04 8.39 0.86
N LEU A 85 -0.34 9.09 -0.23
CA LEU A 85 -1.73 9.43 -0.55
C LEU A 85 -2.49 8.19 -0.98
N VAL A 86 -3.65 7.96 -0.36
CA VAL A 86 -4.46 6.79 -0.69
C VAL A 86 -5.90 7.20 -1.00
N MET A 87 -6.34 6.85 -2.20
CA MET A 87 -7.69 7.15 -2.64
C MET A 87 -8.46 5.84 -2.81
N ALA A 88 -9.41 5.59 -1.93
CA ALA A 88 -10.18 4.36 -1.98
C ALA A 88 -11.62 4.63 -2.38
N VAL A 89 -12.17 3.74 -3.21
CA VAL A 89 -13.55 3.89 -3.65
C VAL A 89 -14.43 2.92 -2.87
N TYR A 90 -15.45 3.47 -2.23
CA TYR A 90 -16.36 2.71 -1.41
C TYR A 90 -17.74 2.66 -2.04
N ASP A 91 -18.36 1.49 -2.02
CA ASP A 91 -19.70 1.34 -2.57
C ASP A 91 -20.74 1.79 -1.55
N PHE A 92 -21.91 2.18 -2.04
CA PHE A 92 -22.98 2.63 -1.17
C PHE A 92 -24.31 1.96 -1.56
N ASP A 93 -24.28 0.64 -1.73
CA ASP A 93 -25.49 -0.12 -2.10
C ASP A 93 -26.68 0.34 -1.27
N ARG A 94 -26.44 0.56 0.02
CA ARG A 94 -27.45 1.04 0.97
C ARG A 94 -28.35 -0.09 1.48
N PHE A 95 -27.78 -1.27 1.66
CA PHE A 95 -28.53 -2.42 2.16
C PHE A 95 -27.59 -3.40 2.85
N SER A 96 -26.56 -3.82 2.15
CA SER A 96 -25.58 -4.76 2.66
C SER A 96 -24.37 -4.01 3.24
N LYS A 97 -23.33 -4.75 3.57
CA LYS A 97 -22.11 -4.16 4.11
C LYS A 97 -21.33 -3.49 2.99
N HIS A 98 -21.41 -2.16 2.93
CA HIS A 98 -20.69 -1.40 1.90
C HIS A 98 -19.29 -1.96 1.74
N ASP A 99 -18.90 -2.25 0.51
CA ASP A 99 -17.59 -2.81 0.24
C ASP A 99 -16.69 -1.81 -0.47
N ILE A 100 -15.38 -2.03 -0.35
CA ILE A 100 -14.39 -1.18 -0.99
C ILE A 100 -13.93 -1.84 -2.29
N ILE A 101 -14.74 -1.69 -3.33
CA ILE A 101 -14.45 -2.28 -4.63
C ILE A 101 -12.99 -2.07 -5.06
N GLY A 102 -12.36 -0.99 -4.60
CA GLY A 102 -10.97 -0.74 -4.96
C GLY A 102 -10.42 0.55 -4.39
N GLU A 103 -9.13 0.77 -4.61
CA GLU A 103 -8.45 1.97 -4.12
C GLU A 103 -7.06 2.08 -4.72
N PHE A 104 -6.56 3.31 -4.81
CA PHE A 104 -5.23 3.54 -5.36
C PHE A 104 -4.42 4.42 -4.40
N LYS A 105 -3.11 4.43 -4.57
CA LYS A 105 -2.24 5.23 -3.71
C LYS A 105 -1.03 5.74 -4.48
N VAL A 106 -0.52 6.89 -4.05
CA VAL A 106 0.63 7.50 -4.69
C VAL A 106 1.61 8.04 -3.65
N PRO A 107 2.91 7.69 -3.77
CA PRO A 107 3.93 8.15 -2.84
C PRO A 107 4.27 9.62 -3.08
N MET A 108 3.72 10.48 -2.22
CA MET A 108 3.92 11.92 -2.33
C MET A 108 5.39 12.27 -2.58
N ASN A 109 6.30 11.63 -1.87
CA ASN A 109 7.73 11.89 -2.03
C ASN A 109 8.14 11.85 -3.51
N THR A 110 7.46 11.02 -4.30
CA THR A 110 7.77 10.90 -5.71
C THR A 110 7.00 11.92 -6.55
N VAL A 111 5.94 12.50 -6.00
CA VAL A 111 5.14 13.49 -6.71
C VAL A 111 5.83 14.84 -6.71
N ASP A 112 6.35 15.24 -7.86
CA ASP A 112 7.02 16.52 -7.98
C ASP A 112 6.01 17.66 -8.04
N PHE A 113 5.69 18.22 -6.89
CA PHE A 113 4.74 19.33 -6.81
C PHE A 113 5.34 20.60 -7.41
N GLY A 114 5.73 20.52 -8.68
CA GLY A 114 6.33 21.64 -9.36
C GLY A 114 5.31 22.61 -9.91
N HIS A 115 4.26 22.08 -10.55
CA HIS A 115 3.22 22.92 -11.13
C HIS A 115 1.85 22.26 -10.98
N VAL A 116 1.62 21.19 -11.75
CA VAL A 116 0.34 20.48 -11.71
C VAL A 116 0.55 19.01 -12.03
N THR A 117 0.06 18.14 -11.17
CA THR A 117 0.20 16.71 -11.35
C THR A 117 -1.06 16.12 -11.99
N GLU A 118 -0.94 15.70 -13.24
CA GLU A 118 -2.06 15.12 -13.98
C GLU A 118 -1.63 13.82 -14.63
N GLU A 119 -2.55 12.85 -14.68
CA GLU A 119 -2.27 11.55 -15.28
C GLU A 119 -3.49 10.63 -15.20
N TRP A 120 -3.53 9.62 -16.06
CA TRP A 120 -4.62 8.67 -16.08
C TRP A 120 -4.32 7.54 -15.10
N ARG A 121 -4.72 7.75 -13.85
CA ARG A 121 -4.47 6.78 -12.79
C ARG A 121 -5.27 5.51 -12.96
N ASP A 122 -4.60 4.38 -12.77
CA ASP A 122 -5.22 3.07 -12.85
C ASP A 122 -5.89 2.77 -11.51
N LEU A 123 -6.97 2.00 -11.55
CA LEU A 123 -7.70 1.65 -10.33
C LEU A 123 -7.54 0.16 -10.03
N GLN A 124 -7.15 -0.16 -8.81
CA GLN A 124 -6.97 -1.54 -8.39
C GLN A 124 -7.93 -1.88 -7.24
N SER A 125 -8.45 -3.11 -7.27
CA SER A 125 -9.36 -3.56 -6.22
C SER A 125 -8.60 -3.81 -4.93
N ALA A 126 -9.27 -3.60 -3.80
CA ALA A 126 -8.66 -3.80 -2.49
C ALA A 126 -9.58 -4.63 -1.62
N GLU A 127 -9.14 -5.83 -1.27
CA GLU A 127 -9.94 -6.71 -0.43
C GLU A 127 -10.09 -6.15 0.97
N LYS A 128 -10.94 -5.13 1.09
CA LYS A 128 -11.20 -4.48 2.37
C LYS A 128 -12.48 -5.04 2.97
N TYR B 1 29.17 -5.61 4.52
CA TYR B 1 28.69 -4.41 5.23
C TYR B 1 27.20 -4.54 5.57
N LYS B 2 26.87 -5.56 6.37
CA LYS B 2 25.49 -5.80 6.75
C LYS B 2 24.87 -4.53 7.33
N LYS B 3 23.80 -4.08 6.70
CA LYS B 3 23.11 -2.86 7.12
C LYS B 3 21.75 -2.77 6.42
N PRO B 4 21.02 -1.63 6.55
CA PRO B 4 19.73 -1.42 5.93
C PRO B 4 19.45 -2.34 4.74
N LYS B 5 18.53 -3.27 4.94
CA LYS B 5 18.15 -4.23 3.91
C LYS B 5 16.85 -3.78 3.23
N LEU B 6 16.90 -3.62 1.92
CA LEU B 6 15.73 -3.20 1.16
C LEU B 6 15.10 -4.41 0.44
N LEU B 7 13.77 -4.42 0.34
CA LEU B 7 13.07 -5.53 -0.30
C LEU B 7 11.75 -5.06 -0.96
N TYR B 8 11.46 -5.59 -2.15
CA TYR B 8 10.23 -5.23 -2.86
C TYR B 8 9.96 -6.22 -3.99
N CYS B 9 8.70 -6.34 -4.40
CA CYS B 9 8.33 -7.26 -5.48
C CYS B 9 7.47 -6.54 -6.53
N SER B 10 7.33 -7.18 -7.70
CA SER B 10 6.55 -6.62 -8.79
C SER B 10 7.31 -5.47 -9.43
N ASN B 11 7.66 -5.63 -10.70
CA ASN B 11 8.41 -4.59 -11.41
C ASN B 11 7.67 -3.26 -11.33
N GLY B 12 8.26 -2.32 -10.61
CA GLY B 12 7.64 -1.01 -10.44
C GLY B 12 8.20 -0.28 -9.24
N GLY B 13 8.85 0.86 -9.47
CA GLY B 13 9.45 1.65 -8.41
C GLY B 13 8.55 1.81 -7.19
N HIS B 14 8.70 0.93 -6.21
CA HIS B 14 7.93 0.96 -4.98
C HIS B 14 8.69 0.21 -3.89
N PHE B 15 9.31 0.94 -2.97
CA PHE B 15 10.06 0.32 -1.89
C PHE B 15 9.21 0.20 -0.63
N LEU B 16 9.36 -0.90 0.09
CA LEU B 16 8.60 -1.13 1.31
C LEU B 16 8.96 -0.08 2.36
N ARG B 17 8.08 0.88 2.56
CA ARG B 17 8.31 1.94 3.53
C ARG B 17 7.70 1.56 4.88
N ILE B 18 8.52 1.53 5.91
CA ILE B 18 8.07 1.15 7.25
C ILE B 18 8.01 2.36 8.18
N LEU B 19 6.83 2.55 8.77
CA LEU B 19 6.61 3.66 9.70
C LEU B 19 6.21 3.12 11.07
N PRO B 20 6.72 3.73 12.16
CA PRO B 20 6.44 3.31 13.54
C PRO B 20 4.97 2.99 13.79
N ASP B 21 4.08 3.82 13.25
CA ASP B 21 2.64 3.62 13.44
C ASP B 21 2.21 2.23 13.02
N GLY B 22 2.77 1.73 11.92
CA GLY B 22 2.46 0.40 11.44
C GLY B 22 1.98 0.38 10.00
N THR B 23 1.73 1.55 9.41
CA THR B 23 1.27 1.62 8.04
C THR B 23 2.43 1.47 7.06
N VAL B 24 2.83 0.23 6.82
CA VAL B 24 3.91 -0.06 5.89
C VAL B 24 3.35 -0.18 4.47
N ASP B 25 3.86 0.67 3.57
CA ASP B 25 3.40 0.67 2.18
C ASP B 25 4.59 0.64 1.23
N GLY B 26 4.31 0.45 -0.06
CA GLY B 26 5.35 0.40 -1.05
C GLY B 26 5.53 1.74 -1.74
N THR B 27 6.49 2.52 -1.27
CA THR B 27 6.76 3.83 -1.83
C THR B 27 8.21 3.91 -2.31
N ARG B 28 8.42 4.32 -3.56
CA ARG B 28 9.76 4.43 -4.10
C ARG B 28 10.48 5.64 -3.49
N ASP B 29 10.66 5.58 -2.18
CA ASP B 29 11.32 6.65 -1.44
C ASP B 29 12.64 6.16 -0.86
N ARG B 30 13.69 6.31 -1.65
CA ARG B 30 15.02 5.93 -1.21
C ARG B 30 15.76 7.18 -0.72
N SER B 31 15.02 8.27 -0.54
CA SER B 31 15.60 9.52 -0.10
C SER B 31 15.89 9.47 1.40
N ASP B 32 14.85 9.21 2.20
CA ASP B 32 15.00 9.15 3.65
C ASP B 32 15.05 7.69 4.11
N GLN B 33 15.44 7.50 5.37
CA GLN B 33 15.54 6.16 5.93
C GLN B 33 14.16 5.67 6.38
N HIS B 34 13.34 5.25 5.43
CA HIS B 34 12.01 4.76 5.74
C HIS B 34 11.67 3.47 4.98
N ILE B 35 12.60 2.99 4.14
CA ILE B 35 12.36 1.78 3.36
C ILE B 35 13.51 0.78 3.56
N GLN B 36 14.02 0.72 4.78
CA GLN B 36 15.11 -0.18 5.11
C GLN B 36 14.84 -0.93 6.40
N LEU B 37 15.17 -2.22 6.41
CA LEU B 37 14.98 -3.07 7.57
C LEU B 37 16.23 -3.93 7.80
N GLN B 38 16.27 -4.67 8.90
CA GLN B 38 17.43 -5.50 9.21
C GLN B 38 17.19 -6.95 8.79
N LEU B 39 16.58 -7.14 7.61
CA LEU B 39 16.31 -8.47 7.09
C LEU B 39 17.52 -9.37 7.24
N SER B 40 17.43 -10.36 8.11
CA SER B 40 18.53 -11.28 8.35
C SER B 40 18.02 -12.64 8.84
N ALA B 41 18.77 -13.69 8.56
CA ALA B 41 18.41 -15.02 8.98
C ALA B 41 18.66 -15.17 10.48
N GLU B 42 17.65 -15.62 11.21
CA GLU B 42 17.76 -15.78 12.65
C GLU B 42 17.82 -17.25 13.05
N SER B 43 16.84 -18.03 12.63
CA SER B 43 16.79 -19.44 12.95
C SER B 43 17.02 -20.30 11.70
N VAL B 44 16.86 -21.62 11.85
CA VAL B 44 17.04 -22.57 10.74
C VAL B 44 16.36 -22.09 9.45
N GLY B 45 17.14 -21.50 8.57
CA GLY B 45 16.63 -21.01 7.29
C GLY B 45 15.48 -20.02 7.44
N GLU B 46 15.43 -19.32 8.57
CA GLU B 46 14.37 -18.35 8.82
C GLU B 46 14.94 -16.94 8.94
N VAL B 47 14.36 -16.01 8.21
CA VAL B 47 14.80 -14.63 8.22
C VAL B 47 13.75 -13.74 8.87
N TYR B 48 14.21 -12.82 9.70
CA TYR B 48 13.31 -11.90 10.39
C TYR B 48 13.40 -10.50 9.79
N ILE B 49 12.31 -10.06 9.19
CA ILE B 49 12.24 -8.74 8.60
C ILE B 49 11.94 -7.70 9.68
N LYS B 50 12.96 -7.40 10.49
CA LYS B 50 12.81 -6.43 11.57
C LYS B 50 13.47 -5.10 11.20
N SER B 51 12.71 -4.02 11.33
CA SER B 51 13.21 -2.69 11.03
C SER B 51 13.92 -2.11 12.25
N THR B 52 15.25 -1.98 12.16
CA THR B 52 16.03 -1.46 13.27
C THR B 52 15.97 0.07 13.33
N GLU B 53 16.92 0.75 12.68
CA GLU B 53 16.97 2.20 12.70
C GLU B 53 16.20 2.80 11.51
N THR B 54 14.88 2.67 11.55
CA THR B 54 14.00 3.20 10.50
C THR B 54 12.54 2.92 10.84
N GLY B 55 12.14 1.65 10.70
CA GLY B 55 10.77 1.28 10.97
C GLY B 55 10.56 0.74 12.36
N GLN B 56 9.87 -0.40 12.45
CA GLN B 56 9.55 -1.02 13.73
C GLN B 56 9.59 -2.54 13.60
N TYR B 57 9.17 -3.22 14.66
CA TYR B 57 9.13 -4.68 14.67
C TYR B 57 7.86 -5.16 13.98
N LEU B 58 8.04 -6.07 13.02
CA LEU B 58 6.90 -6.61 12.27
C LEU B 58 6.16 -7.69 13.04
N ALA B 59 4.88 -7.82 12.75
CA ALA B 59 4.02 -8.81 13.38
C ALA B 59 2.82 -9.10 12.48
N MET B 60 3.03 -9.99 11.51
CA MET B 60 1.99 -10.36 10.56
C MET B 60 0.79 -10.98 11.25
N ASP B 61 -0.29 -10.21 11.37
CA ASP B 61 -1.51 -10.70 12.00
C ASP B 61 -2.14 -11.77 11.12
N THR B 62 -2.00 -13.02 11.54
CA THR B 62 -2.54 -14.16 10.81
C THR B 62 -2.15 -14.09 9.33
N ASP B 63 -0.98 -13.52 9.04
CA ASP B 63 -0.47 -13.37 7.67
C ASP B 63 -1.30 -12.37 6.88
N GLY B 64 -2.61 -12.59 6.83
CA GLY B 64 -3.50 -11.70 6.10
C GLY B 64 -3.17 -10.24 6.31
N LEU B 65 -2.96 -9.84 7.56
CA LEU B 65 -2.63 -8.46 7.88
C LEU B 65 -1.15 -8.31 8.16
N LEU B 66 -0.36 -8.15 7.10
CA LEU B 66 1.08 -7.97 7.22
C LEU B 66 1.38 -6.56 7.72
N TYR B 67 1.86 -6.45 8.96
CA TYR B 67 2.19 -5.16 9.55
C TYR B 67 3.25 -5.29 10.64
N GLY B 68 3.62 -4.17 11.23
CA GLY B 68 4.59 -4.15 12.30
C GLY B 68 4.48 -2.87 13.09
N SER B 69 5.11 -2.82 14.27
CA SER B 69 5.04 -1.62 15.10
C SER B 69 5.80 -1.79 16.42
N GLN B 70 5.45 -2.80 17.20
CA GLN B 70 6.10 -3.00 18.50
C GLN B 70 6.48 -4.45 18.77
N THR B 71 5.50 -5.29 19.08
CA THR B 71 5.76 -6.69 19.41
C THR B 71 6.13 -7.52 18.19
N PRO B 72 7.40 -7.98 18.10
CA PRO B 72 7.86 -8.82 17.00
C PRO B 72 7.55 -10.29 17.28
N ASN B 73 6.27 -10.57 17.50
CA ASN B 73 5.81 -11.92 17.81
C ASN B 73 6.26 -12.92 16.75
N GLU B 74 6.39 -14.18 17.16
CA GLU B 74 6.80 -15.27 16.27
C GLU B 74 6.09 -15.19 14.92
N GLU B 75 4.89 -14.62 14.90
CA GLU B 75 4.13 -14.46 13.66
C GLU B 75 5.03 -13.88 12.55
N CYS B 76 6.05 -13.12 12.95
CA CYS B 76 6.97 -12.50 12.00
C CYS B 76 8.12 -13.43 11.58
N LEU B 77 8.07 -14.70 11.98
CA LEU B 77 9.13 -15.65 11.59
C LEU B 77 8.84 -16.20 10.20
N PHE B 78 9.76 -15.95 9.26
CA PHE B 78 9.59 -16.40 7.89
C PHE B 78 10.76 -17.25 7.43
N LEU B 79 10.45 -18.42 6.87
CA LEU B 79 11.48 -19.32 6.36
C LEU B 79 11.90 -18.85 4.97
N GLU B 80 13.22 -18.77 4.75
CA GLU B 80 13.74 -18.32 3.47
C GLU B 80 13.69 -19.42 2.41
N ARG B 81 13.08 -19.11 1.26
CA ARG B 81 12.95 -20.06 0.17
C ARG B 81 13.14 -19.35 -1.17
N LEU B 82 14.38 -19.03 -1.49
CA LEU B 82 14.72 -18.32 -2.73
C LEU B 82 14.14 -19.03 -3.96
N GLU B 83 13.88 -18.24 -5.01
CA GLU B 83 13.35 -18.76 -6.26
C GLU B 83 14.34 -18.48 -7.38
N GLU B 84 14.36 -19.33 -8.40
CA GLU B 84 15.29 -19.16 -9.52
C GLU B 84 14.80 -18.11 -10.52
N ASN B 85 13.92 -17.22 -10.07
CA ASN B 85 13.38 -16.14 -10.89
C ASN B 85 13.99 -14.81 -10.44
N HIS B 86 15.17 -14.88 -9.81
CA HIS B 86 15.86 -13.71 -9.30
C HIS B 86 15.02 -13.01 -8.23
N TYR B 87 14.38 -13.80 -7.37
CA TYR B 87 13.54 -13.27 -6.30
C TYR B 87 13.74 -14.08 -5.01
N ASN B 88 13.46 -13.43 -3.88
CA ASN B 88 13.61 -14.06 -2.57
C ASN B 88 12.25 -14.37 -1.96
N THR B 89 11.87 -15.64 -1.96
CA THR B 89 10.60 -16.04 -1.37
C THR B 89 10.79 -16.40 0.10
N TYR B 90 9.82 -16.04 0.93
CA TYR B 90 9.87 -16.33 2.35
C TYR B 90 8.54 -16.93 2.81
N ILE B 91 8.61 -17.96 3.65
CA ILE B 91 7.41 -18.64 4.13
C ILE B 91 7.16 -18.36 5.61
N SER B 92 6.00 -17.77 5.91
CA SER B 92 5.61 -17.47 7.27
C SER B 92 5.25 -18.77 8.01
N LYS B 93 6.28 -19.56 8.33
CA LYS B 93 6.09 -20.85 9.01
C LYS B 93 5.02 -20.77 10.09
N LYS B 94 5.01 -19.69 10.87
CA LYS B 94 4.03 -19.54 11.93
C LYS B 94 2.60 -19.72 11.42
N HIS B 95 2.37 -19.51 10.12
CA HIS B 95 1.04 -19.68 9.54
C HIS B 95 1.10 -20.47 8.24
N ALA B 96 2.19 -21.18 8.01
CA ALA B 96 2.33 -22.00 6.80
C ALA B 96 1.20 -23.03 6.74
N GLU B 97 0.59 -23.28 7.89
CA GLU B 97 -0.53 -24.21 8.01
C GLU B 97 -1.55 -24.01 6.89
N LYS B 98 -1.79 -22.75 6.52
CA LYS B 98 -2.75 -22.42 5.48
C LYS B 98 -2.08 -22.24 4.11
N ASN B 99 -0.84 -22.69 3.98
CA ASN B 99 -0.10 -22.59 2.73
C ASN B 99 0.12 -21.11 2.36
N TRP B 100 0.44 -20.30 3.38
CA TRP B 100 0.67 -18.89 3.18
C TRP B 100 2.14 -18.54 3.43
N PHE B 101 2.76 -17.85 2.49
CA PHE B 101 4.15 -17.45 2.62
C PHE B 101 4.29 -15.94 2.37
N VAL B 102 4.19 -15.18 3.47
CA VAL B 102 4.29 -13.71 3.47
C VAL B 102 4.33 -13.07 2.08
N GLY B 103 3.16 -12.58 1.64
CA GLY B 103 3.04 -11.94 0.34
C GLY B 103 2.47 -10.54 0.46
N LEU B 104 3.19 -9.55 -0.04
CA LEU B 104 2.73 -8.17 0.04
C LEU B 104 2.59 -7.52 -1.33
N LYS B 105 1.54 -6.72 -1.48
CA LYS B 105 1.29 -6.02 -2.72
C LYS B 105 2.05 -4.71 -2.71
N LYS B 106 3.36 -4.82 -2.96
CA LYS B 106 4.26 -3.67 -2.97
C LYS B 106 3.66 -2.44 -3.68
N ASN B 107 2.79 -2.67 -4.67
CA ASN B 107 2.16 -1.57 -5.39
C ASN B 107 1.10 -0.87 -4.53
N GLY B 108 0.83 -1.42 -3.34
CA GLY B 108 -0.15 -0.83 -2.45
C GLY B 108 0.26 -0.94 -0.98
N SER B 109 0.52 -2.18 -0.53
CA SER B 109 0.92 -2.44 0.85
C SER B 109 0.97 -3.95 1.11
N CYS B 110 1.48 -4.34 2.27
CA CYS B 110 1.59 -5.75 2.63
C CYS B 110 0.32 -6.23 3.34
N LYS B 111 -0.37 -7.17 2.71
CA LYS B 111 -1.59 -7.76 3.26
C LYS B 111 -2.24 -8.68 2.23
N ARG B 112 -2.10 -9.98 2.43
CA ARG B 112 -2.67 -10.96 1.49
C ARG B 112 -3.25 -12.17 2.20
N GLY B 113 -2.49 -12.77 3.13
CA GLY B 113 -2.96 -13.94 3.87
C GLY B 113 -3.67 -14.94 2.99
N PRO B 114 -5.02 -14.95 2.99
CA PRO B 114 -5.82 -15.86 2.18
C PRO B 114 -5.28 -16.06 0.76
N ARG B 115 -4.60 -15.04 0.23
CA ARG B 115 -4.06 -15.11 -1.13
C ARG B 115 -2.53 -15.25 -1.14
N THR B 116 -1.90 -15.44 0.02
CA THR B 116 -0.45 -15.57 0.07
C THR B 116 0.00 -16.94 -0.47
N HIS B 117 -0.35 -17.19 -1.72
CA HIS B 117 -0.01 -18.45 -2.37
C HIS B 117 0.59 -18.16 -3.75
N TYR B 118 0.92 -19.21 -4.50
CA TYR B 118 1.52 -19.04 -5.83
C TYR B 118 0.72 -18.03 -6.66
N GLY B 119 -0.59 -17.97 -6.43
CA GLY B 119 -1.43 -17.05 -7.16
C GLY B 119 -0.96 -15.62 -7.08
N GLN B 120 -0.23 -15.29 -6.01
CA GLN B 120 0.30 -13.94 -5.82
C GLN B 120 1.82 -13.95 -5.92
N LYS B 121 2.31 -13.87 -7.16
CA LYS B 121 3.75 -13.85 -7.42
C LYS B 121 4.44 -12.75 -6.60
N ALA B 122 3.66 -11.76 -6.15
CA ALA B 122 4.18 -10.66 -5.34
C ALA B 122 5.04 -11.16 -4.17
N ILE B 123 4.82 -12.40 -3.75
CA ILE B 123 5.60 -12.99 -2.66
C ILE B 123 7.09 -13.04 -3.02
N LEU B 124 7.37 -13.14 -4.31
CA LEU B 124 8.76 -13.20 -4.79
C LEU B 124 9.39 -11.81 -4.71
N PHE B 125 9.86 -11.45 -3.52
CA PHE B 125 10.46 -10.14 -3.30
C PHE B 125 11.90 -10.08 -3.81
N LEU B 126 12.27 -8.90 -4.29
CA LEU B 126 13.62 -8.64 -4.79
C LEU B 126 14.38 -7.85 -3.73
N PRO B 127 15.37 -8.48 -3.07
CA PRO B 127 16.16 -7.83 -2.03
C PRO B 127 17.26 -6.92 -2.58
N LEU B 128 17.42 -5.76 -1.96
CA LEU B 128 18.45 -4.80 -2.35
C LEU B 128 19.20 -4.31 -1.12
N PRO B 129 19.71 -5.24 -0.28
CA PRO B 129 20.43 -4.90 0.94
C PRO B 129 21.92 -4.77 0.71
N VAL B 130 22.64 -4.32 1.75
CA VAL B 130 24.08 -4.18 1.67
C VAL B 130 24.75 -5.42 2.27
N SER B 131 25.20 -6.30 1.39
CA SER B 131 25.85 -7.54 1.80
C SER B 131 27.29 -7.29 2.26
N SER B 132 28.05 -8.36 2.47
CA SER B 132 29.43 -8.26 2.91
C SER B 132 30.34 -9.04 1.97
N ASP B 133 30.48 -8.53 0.75
CA ASP B 133 31.31 -9.15 -0.27
C ASP B 133 32.77 -8.80 -0.03
N GLU A 1 -5.50 -7.74 -9.53
CA GLU A 1 -6.79 -7.09 -9.23
C GLU A 1 -7.26 -6.25 -10.43
N LYS A 2 -8.46 -5.71 -10.37
CA LYS A 2 -8.99 -4.90 -11.47
C LYS A 2 -10.15 -4.02 -11.00
N LEU A 3 -9.91 -2.73 -10.92
CA LEU A 3 -10.93 -1.77 -10.52
C LEU A 3 -11.32 -0.88 -11.71
N GLY A 4 -10.43 -0.80 -12.71
CA GLY A 4 -10.71 0.01 -13.88
C GLY A 4 -9.62 1.05 -14.09
N LYS A 5 -10.03 2.26 -14.45
CA LYS A 5 -9.10 3.36 -14.66
C LYS A 5 -9.73 4.66 -14.19
N LEU A 6 -8.91 5.51 -13.56
CA LEU A 6 -9.36 6.78 -13.05
C LEU A 6 -8.46 7.91 -13.55
N GLN A 7 -9.06 8.90 -14.19
CA GLN A 7 -8.30 10.03 -14.73
C GLN A 7 -8.34 11.16 -13.72
N TYR A 8 -7.24 11.89 -13.56
CA TYR A 8 -7.19 13.00 -12.60
C TYR A 8 -6.03 13.95 -12.86
N SER A 9 -6.12 15.11 -12.19
CA SER A 9 -5.10 16.14 -12.27
C SER A 9 -4.94 16.79 -10.90
N LEU A 10 -3.85 16.48 -10.22
CA LEU A 10 -3.62 16.99 -8.87
C LEU A 10 -2.69 18.20 -8.87
N ASP A 11 -3.04 19.20 -8.05
CA ASP A 11 -2.24 20.41 -7.91
C ASP A 11 -1.97 20.65 -6.43
N TYR A 12 -1.24 21.72 -6.10
CA TYR A 12 -0.89 21.99 -4.70
C TYR A 12 -1.19 23.43 -4.30
N ASP A 13 -1.32 23.64 -2.99
CA ASP A 13 -1.58 24.96 -2.43
C ASP A 13 -0.53 25.29 -1.36
N PHE A 14 0.37 26.21 -1.68
CA PHE A 14 1.42 26.60 -0.74
C PHE A 14 0.94 27.70 0.22
N GLN A 15 -0.29 28.18 0.01
CA GLN A 15 -0.87 29.21 0.86
C GLN A 15 -1.41 28.58 2.14
N ASN A 16 -2.23 27.54 1.96
CA ASN A 16 -2.80 26.82 3.10
C ASN A 16 -1.93 25.62 3.45
N ASN A 17 -1.04 25.23 2.53
CA ASN A 17 -0.12 24.11 2.74
C ASN A 17 -0.88 22.79 2.63
N GLN A 18 -1.49 22.57 1.46
CA GLN A 18 -2.24 21.35 1.20
C GLN A 18 -2.19 21.01 -0.29
N LEU A 19 -2.54 19.79 -0.64
CA LEU A 19 -2.54 19.35 -2.03
C LEU A 19 -3.97 19.25 -2.56
N LEU A 20 -4.18 19.79 -3.75
CA LEU A 20 -5.51 19.79 -4.35
C LEU A 20 -5.64 18.60 -5.31
N VAL A 21 -6.32 17.56 -4.83
CA VAL A 21 -6.52 16.35 -5.62
C VAL A 21 -7.82 16.46 -6.41
N GLY A 22 -7.69 16.70 -7.73
CA GLY A 22 -8.85 16.80 -8.59
C GLY A 22 -8.90 15.69 -9.62
N ILE A 23 -9.83 14.77 -9.45
CA ILE A 23 -9.96 13.65 -10.36
C ILE A 23 -11.02 13.94 -11.43
N ILE A 24 -10.89 13.29 -12.57
CA ILE A 24 -11.81 13.48 -13.67
C ILE A 24 -12.97 12.50 -13.56
N GLN A 25 -12.66 11.21 -13.56
CA GLN A 25 -13.68 10.17 -13.45
C GLN A 25 -13.05 8.78 -13.39
N ALA A 26 -13.86 7.79 -13.03
CA ALA A 26 -13.41 6.41 -12.95
C ALA A 26 -14.21 5.57 -13.93
N ALA A 27 -13.56 4.62 -14.58
CA ALA A 27 -14.23 3.78 -15.57
C ALA A 27 -14.01 2.30 -15.34
N GLU A 28 -15.07 1.52 -15.58
CA GLU A 28 -15.03 0.06 -15.45
C GLU A 28 -14.98 -0.40 -14.00
N LEU A 29 -15.76 0.25 -13.15
CA LEU A 29 -15.82 -0.11 -11.73
C LEU A 29 -16.58 -1.42 -11.55
N PRO A 30 -16.12 -2.31 -10.68
CA PRO A 30 -16.77 -3.61 -10.43
C PRO A 30 -18.24 -3.47 -10.05
N ALA A 31 -19.06 -4.40 -10.54
CA ALA A 31 -20.50 -4.41 -10.28
C ALA A 31 -20.79 -5.09 -8.94
N LEU A 32 -21.21 -4.29 -7.96
CA LEU A 32 -21.53 -4.80 -6.62
C LEU A 32 -23.05 -4.83 -6.39
N ASP A 33 -23.78 -4.00 -7.14
CA ASP A 33 -25.24 -3.93 -7.01
C ASP A 33 -25.88 -5.00 -7.87
N MET A 34 -27.05 -5.47 -7.45
CA MET A 34 -27.77 -6.50 -8.20
C MET A 34 -28.29 -5.95 -9.52
N GLY A 35 -27.37 -5.65 -10.44
CA GLY A 35 -27.75 -5.13 -11.73
C GLY A 35 -26.56 -4.64 -12.53
N GLY A 36 -25.50 -5.46 -12.59
CA GLY A 36 -24.31 -5.10 -13.34
C GLY A 36 -23.83 -3.68 -13.07
N THR A 37 -24.02 -3.22 -11.84
CA THR A 37 -23.61 -1.87 -11.46
C THR A 37 -23.35 -1.79 -9.96
N SER A 38 -23.06 -0.60 -9.46
CA SER A 38 -22.80 -0.39 -8.05
C SER A 38 -22.93 1.08 -7.71
N ASP A 39 -22.76 1.41 -6.44
CA ASP A 39 -22.80 2.79 -5.97
C ASP A 39 -21.42 3.15 -5.46
N PRO A 40 -20.41 3.13 -6.35
CA PRO A 40 -19.03 3.38 -5.97
C PRO A 40 -18.69 4.86 -5.76
N TYR A 41 -18.20 5.18 -4.59
CA TYR A 41 -17.78 6.52 -4.25
C TYR A 41 -16.35 6.46 -3.72
N VAL A 42 -15.54 7.45 -4.05
CA VAL A 42 -14.15 7.47 -3.63
C VAL A 42 -13.98 8.12 -2.27
N LYS A 43 -13.31 7.43 -1.36
CA LYS A 43 -13.04 7.94 -0.04
C LYS A 43 -11.54 8.12 0.12
N VAL A 44 -11.12 9.37 0.19
CA VAL A 44 -9.71 9.69 0.32
C VAL A 44 -9.15 9.23 1.65
N PHE A 45 -8.12 8.39 1.59
CA PHE A 45 -7.47 7.87 2.79
C PHE A 45 -5.99 8.21 2.77
N LEU A 46 -5.39 8.24 3.95
CA LEU A 46 -3.98 8.56 4.08
C LEU A 46 -3.30 7.56 5.00
N LEU A 47 -1.99 7.43 4.84
CA LEU A 47 -1.19 6.53 5.68
C LEU A 47 -1.30 6.99 7.14
N PRO A 48 -0.47 6.44 8.07
CA PRO A 48 -0.47 6.81 9.48
C PRO A 48 -0.88 8.27 9.73
N ASP A 49 -0.43 9.16 8.85
CA ASP A 49 -0.76 10.59 8.94
C ASP A 49 -2.24 10.78 9.26
N LYS A 50 -3.08 10.18 8.43
CA LYS A 50 -4.53 10.24 8.60
C LYS A 50 -5.05 11.67 8.85
N LYS A 51 -4.35 12.68 8.33
CA LYS A 51 -4.77 14.07 8.52
C LYS A 51 -5.63 14.55 7.35
N LYS A 52 -6.72 13.83 7.10
CA LYS A 52 -7.65 14.16 6.02
C LYS A 52 -8.68 13.07 5.85
N LYS A 53 -9.94 13.48 5.77
CA LYS A 53 -11.06 12.56 5.61
C LYS A 53 -12.10 13.20 4.72
N PHE A 54 -12.24 12.67 3.50
CA PHE A 54 -13.19 13.21 2.54
C PHE A 54 -13.92 12.07 1.82
N GLU A 55 -15.24 12.07 1.95
CA GLU A 55 -16.08 11.08 1.32
C GLU A 55 -16.86 11.72 0.18
N THR A 56 -16.67 11.24 -1.04
CA THR A 56 -17.35 11.79 -2.20
C THR A 56 -18.84 11.47 -2.15
N LYS A 57 -19.61 12.08 -3.05
CA LYS A 57 -21.03 11.86 -3.12
C LYS A 57 -21.31 10.50 -3.74
N VAL A 58 -22.31 9.80 -3.22
CA VAL A 58 -22.68 8.49 -3.74
C VAL A 58 -23.03 8.57 -5.21
N HIS A 59 -22.47 7.67 -6.00
CA HIS A 59 -22.74 7.62 -7.43
C HIS A 59 -23.60 6.40 -7.71
N ARG A 60 -24.89 6.55 -7.44
CA ARG A 60 -25.86 5.47 -7.58
C ARG A 60 -25.78 4.75 -8.93
N LYS A 61 -25.78 3.41 -8.85
CA LYS A 61 -25.76 2.53 -10.01
C LYS A 61 -24.96 3.08 -11.19
N THR A 62 -23.64 2.95 -11.11
CA THR A 62 -22.78 3.42 -12.18
C THR A 62 -21.35 2.90 -12.03
N LEU A 63 -20.83 2.31 -13.10
CA LEU A 63 -19.47 1.78 -13.10
C LEU A 63 -18.52 2.72 -13.86
N ASN A 64 -19.04 3.90 -14.24
CA ASN A 64 -18.27 4.91 -14.95
C ASN A 64 -18.88 6.29 -14.68
N PRO A 65 -18.72 6.80 -13.45
CA PRO A 65 -19.26 8.09 -13.04
C PRO A 65 -18.30 9.25 -13.25
N VAL A 66 -18.83 10.38 -13.70
CA VAL A 66 -18.05 11.58 -13.93
C VAL A 66 -18.56 12.67 -12.99
N PHE A 67 -17.74 13.03 -12.00
CA PHE A 67 -18.13 14.04 -11.02
C PHE A 67 -17.11 15.17 -10.92
N ASN A 68 -15.83 14.81 -10.82
CA ASN A 68 -14.75 15.80 -10.71
C ASN A 68 -14.70 16.39 -9.30
N GLU A 69 -15.01 15.56 -8.30
CA GLU A 69 -15.01 16.00 -6.91
C GLU A 69 -13.57 16.26 -6.44
N GLN A 70 -13.36 17.43 -5.83
CA GLN A 70 -12.03 17.83 -5.37
C GLN A 70 -11.72 17.28 -3.97
N PHE A 71 -10.48 16.82 -3.79
CA PHE A 71 -10.03 16.30 -2.51
C PHE A 71 -8.99 17.24 -1.89
N THR A 72 -9.23 17.66 -0.65
CA THR A 72 -8.33 18.56 0.05
C THR A 72 -7.27 17.77 0.81
N PHE A 73 -6.09 17.66 0.23
CA PHE A 73 -4.98 16.95 0.85
C PHE A 73 -4.34 17.83 1.92
N LYS A 74 -5.00 17.91 3.08
CA LYS A 74 -4.51 18.72 4.19
C LYS A 74 -3.18 18.18 4.72
N VAL A 75 -2.09 18.75 4.22
CA VAL A 75 -0.75 18.37 4.64
C VAL A 75 0.30 19.26 3.97
N PRO A 76 1.16 19.91 4.77
CA PRO A 76 2.20 20.79 4.24
C PRO A 76 3.07 20.09 3.19
N TYR A 77 3.46 20.84 2.15
CA TYR A 77 4.29 20.28 1.09
C TYR A 77 5.50 19.54 1.66
N SER A 78 6.11 20.10 2.70
CA SER A 78 7.27 19.47 3.33
C SER A 78 6.87 18.16 4.03
N GLU A 79 5.61 18.08 4.46
CA GLU A 79 5.09 16.89 5.12
C GLU A 79 4.68 15.85 4.08
N LEU A 80 4.13 16.32 2.96
CA LEU A 80 3.68 15.46 1.88
C LEU A 80 4.68 14.34 1.57
N GLY A 81 5.97 14.66 1.68
CA GLY A 81 7.01 13.68 1.40
C GLY A 81 6.69 12.29 1.92
N GLY A 82 6.70 12.13 3.23
CA GLY A 82 6.43 10.83 3.82
C GLY A 82 4.95 10.60 4.13
N LYS A 83 4.07 11.18 3.31
CA LYS A 83 2.63 11.04 3.52
C LYS A 83 1.98 10.30 2.35
N THR A 84 2.05 8.98 2.38
CA THR A 84 1.46 8.15 1.35
C THR A 84 -0.06 8.28 1.36
N LEU A 85 -0.63 8.70 0.23
CA LEU A 85 -2.08 8.87 0.12
C LEU A 85 -2.69 7.67 -0.59
N VAL A 86 -3.91 7.32 -0.22
CA VAL A 86 -4.60 6.20 -0.82
C VAL A 86 -6.05 6.58 -1.16
N MET A 87 -6.42 6.42 -2.41
CA MET A 87 -7.76 6.74 -2.86
C MET A 87 -8.57 5.46 -3.00
N ALA A 88 -9.44 5.20 -2.04
CA ALA A 88 -10.25 3.99 -2.04
C ALA A 88 -11.68 4.28 -2.50
N VAL A 89 -12.16 3.47 -3.42
CA VAL A 89 -13.52 3.61 -3.92
C VAL A 89 -14.40 2.57 -3.26
N TYR A 90 -15.40 3.04 -2.53
CA TYR A 90 -16.31 2.16 -1.80
C TYR A 90 -17.70 2.15 -2.43
N ASP A 91 -18.32 0.98 -2.45
CA ASP A 91 -19.66 0.82 -3.00
C ASP A 91 -20.71 1.18 -1.95
N PHE A 92 -21.91 1.49 -2.40
CA PHE A 92 -22.99 1.83 -1.51
C PHE A 92 -24.32 1.30 -2.05
N ASP A 93 -24.33 0.03 -2.42
CA ASP A 93 -25.54 -0.63 -2.95
C ASP A 93 -26.79 -0.25 -2.15
N ARG A 94 -26.62 -0.12 -0.82
CA ARG A 94 -27.69 0.25 0.10
C ARG A 94 -28.57 -0.94 0.45
N PHE A 95 -27.97 -2.12 0.53
CA PHE A 95 -28.70 -3.34 0.88
C PHE A 95 -27.79 -4.34 1.59
N SER A 96 -26.65 -4.62 0.98
CA SER A 96 -25.69 -5.55 1.53
C SER A 96 -24.50 -4.82 2.15
N LYS A 97 -23.60 -5.57 2.76
CA LYS A 97 -22.40 -4.99 3.36
C LYS A 97 -21.47 -4.53 2.25
N HIS A 98 -21.80 -3.38 1.65
CA HIS A 98 -21.01 -2.79 0.56
C HIS A 98 -19.53 -3.06 0.75
N ASP A 99 -18.84 -3.30 -0.35
CA ASP A 99 -17.41 -3.60 -0.31
C ASP A 99 -16.60 -2.50 -1.01
N ILE A 100 -15.28 -2.58 -0.86
CA ILE A 100 -14.38 -1.62 -1.48
C ILE A 100 -13.90 -2.19 -2.82
N ILE A 101 -14.60 -1.82 -3.88
CA ILE A 101 -14.27 -2.28 -5.22
C ILE A 101 -12.77 -2.14 -5.52
N GLY A 102 -12.15 -1.05 -5.06
CA GLY A 102 -10.73 -0.86 -5.31
C GLY A 102 -10.19 0.40 -4.64
N GLU A 103 -8.87 0.56 -4.69
CA GLU A 103 -8.22 1.73 -4.07
C GLU A 103 -6.79 1.90 -4.56
N PHE A 104 -6.51 3.04 -5.19
CA PHE A 104 -5.18 3.33 -5.72
C PHE A 104 -4.39 4.22 -4.76
N LYS A 105 -3.08 4.22 -4.89
CA LYS A 105 -2.23 5.03 -4.02
C LYS A 105 -0.87 5.29 -4.67
N VAL A 106 -0.16 6.31 -4.20
CA VAL A 106 1.14 6.67 -4.74
C VAL A 106 2.01 7.33 -3.66
N PRO A 107 3.31 6.98 -3.60
CA PRO A 107 4.24 7.55 -2.63
C PRO A 107 4.48 9.04 -2.91
N MET A 108 3.77 9.90 -2.19
CA MET A 108 3.88 11.34 -2.36
C MET A 108 5.33 11.81 -2.44
N ASN A 109 6.21 11.20 -1.64
CA ASN A 109 7.63 11.59 -1.64
C ASN A 109 8.20 11.56 -3.07
N THR A 110 7.61 10.74 -3.94
CA THR A 110 8.05 10.65 -5.32
C THR A 110 7.30 11.63 -6.22
N VAL A 111 6.12 12.06 -5.77
CA VAL A 111 5.31 12.98 -6.55
C VAL A 111 5.86 14.40 -6.45
N ASP A 112 6.80 14.71 -7.32
CA ASP A 112 7.41 16.04 -7.35
C ASP A 112 6.38 17.08 -7.78
N PHE A 113 5.68 17.63 -6.80
CA PHE A 113 4.65 18.64 -7.03
C PHE A 113 5.24 19.93 -7.60
N GLY A 114 5.90 19.83 -8.75
CA GLY A 114 6.49 20.98 -9.38
C GLY A 114 5.45 22.02 -9.75
N HIS A 115 4.37 21.56 -10.39
CA HIS A 115 3.29 22.44 -10.81
C HIS A 115 1.94 21.74 -10.68
N VAL A 116 1.72 20.74 -11.52
CA VAL A 116 0.48 19.99 -11.50
C VAL A 116 0.71 18.55 -11.92
N THR A 117 0.12 17.61 -11.20
CA THR A 117 0.28 16.19 -11.49
C THR A 117 -0.93 15.66 -12.24
N GLU A 118 -0.81 15.57 -13.56
CA GLU A 118 -1.89 15.08 -14.40
C GLU A 118 -1.49 13.75 -15.03
N GLU A 119 -2.32 12.73 -14.87
CA GLU A 119 -2.04 11.40 -15.41
C GLU A 119 -3.26 10.49 -15.32
N TRP A 120 -3.18 9.35 -16.00
CA TRP A 120 -4.26 8.38 -15.98
C TRP A 120 -3.95 7.31 -14.92
N ARG A 121 -4.74 7.31 -13.85
CA ARG A 121 -4.52 6.39 -12.74
C ARG A 121 -5.20 5.05 -12.97
N ASP A 122 -4.42 4.00 -12.85
CA ASP A 122 -4.91 2.64 -12.99
C ASP A 122 -5.66 2.23 -11.73
N LEU A 123 -6.87 1.72 -11.89
CA LEU A 123 -7.68 1.34 -10.75
C LEU A 123 -7.52 -0.14 -10.42
N GLN A 124 -7.07 -0.41 -9.21
CA GLN A 124 -6.87 -1.77 -8.73
C GLN A 124 -7.91 -2.10 -7.67
N SER A 125 -8.42 -3.34 -7.69
CA SER A 125 -9.42 -3.77 -6.73
C SER A 125 -8.89 -3.72 -5.30
N ALA A 126 -9.79 -3.80 -4.33
CA ALA A 126 -9.41 -3.75 -2.93
C ALA A 126 -9.95 -4.96 -2.18
N GLU A 127 -9.10 -5.59 -1.39
CA GLU A 127 -9.48 -6.74 -0.59
C GLU A 127 -9.28 -6.45 0.88
N LYS A 128 -10.36 -6.51 1.64
CA LYS A 128 -10.30 -6.25 3.08
C LYS A 128 -10.91 -7.40 3.86
N TYR B 1 29.22 -6.02 5.88
CA TYR B 1 28.55 -4.95 6.63
C TYR B 1 27.04 -5.17 6.64
N LYS B 2 26.55 -5.90 7.64
CA LYS B 2 25.12 -6.16 7.75
C LYS B 2 24.42 -4.96 8.40
N LYS B 3 23.41 -4.45 7.73
CA LYS B 3 22.66 -3.29 8.24
C LYS B 3 21.36 -3.14 7.44
N PRO B 4 20.60 -2.02 7.62
CA PRO B 4 19.33 -1.77 6.93
C PRO B 4 19.16 -2.56 5.64
N LYS B 5 18.25 -3.53 5.69
CA LYS B 5 17.96 -4.38 4.54
C LYS B 5 16.75 -3.83 3.77
N LEU B 6 16.86 -3.76 2.44
CA LEU B 6 15.78 -3.27 1.60
C LEU B 6 15.04 -4.43 0.96
N LEU B 7 13.71 -4.42 1.02
CA LEU B 7 12.89 -5.48 0.45
C LEU B 7 11.81 -4.92 -0.47
N TYR B 8 11.57 -5.60 -1.58
CA TYR B 8 10.56 -5.18 -2.55
C TYR B 8 10.26 -6.32 -3.52
N CYS B 9 9.07 -6.32 -4.12
CA CYS B 9 8.70 -7.37 -5.06
C CYS B 9 7.86 -6.81 -6.21
N SER B 10 7.74 -7.61 -7.28
CA SER B 10 6.98 -7.23 -8.46
C SER B 10 7.74 -6.14 -9.23
N ASN B 11 8.22 -6.49 -10.42
CA ASN B 11 8.97 -5.55 -11.26
C ASN B 11 8.31 -4.17 -11.26
N GLY B 12 8.91 -3.24 -10.55
CA GLY B 12 8.37 -1.89 -10.50
C GLY B 12 8.83 -1.15 -9.27
N GLY B 13 9.81 -0.25 -9.45
CA GLY B 13 10.36 0.52 -8.35
C GLY B 13 9.32 0.85 -7.28
N HIS B 14 9.51 0.27 -6.10
CA HIS B 14 8.60 0.49 -4.97
C HIS B 14 9.22 -0.11 -3.71
N PHE B 15 10.05 0.65 -3.03
CA PHE B 15 10.73 0.19 -1.82
C PHE B 15 9.76 0.16 -0.64
N LEU B 16 9.81 -0.92 0.11
CA LEU B 16 8.94 -1.08 1.28
C LEU B 16 9.27 -0.02 2.34
N ARG B 17 8.46 1.03 2.41
CA ARG B 17 8.67 2.09 3.39
C ARG B 17 7.83 1.83 4.63
N ILE B 18 8.50 1.70 5.76
CA ILE B 18 7.85 1.41 7.04
C ILE B 18 7.69 2.66 7.88
N LEU B 19 6.61 2.71 8.66
CA LEU B 19 6.33 3.84 9.53
C LEU B 19 6.01 3.35 10.95
N PRO B 20 6.80 3.79 11.95
CA PRO B 20 6.63 3.40 13.35
C PRO B 20 5.17 3.37 13.81
N ASP B 21 4.36 4.27 13.26
CA ASP B 21 2.93 4.35 13.61
C ASP B 21 2.24 2.98 13.45
N GLY B 22 2.80 2.13 12.58
CA GLY B 22 2.24 0.81 12.37
C GLY B 22 1.73 0.60 10.94
N THR B 23 2.46 1.13 9.97
CA THR B 23 2.08 1.00 8.57
C THR B 23 3.33 0.96 7.67
N VAL B 24 3.18 0.38 6.49
CA VAL B 24 4.28 0.29 5.54
C VAL B 24 3.73 0.16 4.11
N ASP B 25 4.36 0.87 3.17
CA ASP B 25 3.94 0.85 1.76
C ASP B 25 5.13 0.74 0.81
N GLY B 26 4.84 0.70 -0.48
CA GLY B 26 5.89 0.61 -1.48
C GLY B 26 6.27 1.97 -2.04
N THR B 27 7.28 2.58 -1.44
CA THR B 27 7.74 3.89 -1.87
C THR B 27 8.92 3.76 -2.82
N ARG B 28 8.77 4.26 -4.05
CA ARG B 28 9.84 4.19 -5.02
C ARG B 28 10.82 5.35 -4.80
N ASP B 29 11.29 5.47 -3.55
CA ASP B 29 12.22 6.52 -3.19
C ASP B 29 13.11 6.07 -2.04
N ARG B 30 14.39 6.36 -2.14
CA ARG B 30 15.35 5.98 -1.12
C ARG B 30 16.04 7.23 -0.56
N SER B 31 15.34 8.35 -0.59
CA SER B 31 15.89 9.61 -0.11
C SER B 31 15.82 9.65 1.42
N ASP B 32 14.69 9.23 1.98
CA ASP B 32 14.53 9.22 3.42
C ASP B 32 14.67 7.79 3.95
N GLN B 33 15.40 7.64 5.05
CA GLN B 33 15.65 6.34 5.63
C GLN B 33 14.40 5.76 6.30
N HIS B 34 13.44 5.37 5.47
CA HIS B 34 12.20 4.76 5.95
C HIS B 34 11.84 3.50 5.16
N ILE B 35 12.76 3.06 4.29
CA ILE B 35 12.54 1.87 3.46
C ILE B 35 13.61 0.83 3.73
N GLN B 36 13.94 0.66 5.01
CA GLN B 36 14.97 -0.29 5.41
C GLN B 36 14.55 -1.06 6.66
N LEU B 37 14.76 -2.36 6.61
CA LEU B 37 14.42 -3.24 7.73
C LEU B 37 15.60 -4.17 8.03
N GLN B 38 15.83 -4.46 9.29
CA GLN B 38 16.93 -5.34 9.67
C GLN B 38 16.53 -6.80 9.52
N LEU B 39 16.38 -7.23 8.27
CA LEU B 39 16.03 -8.62 7.97
C LEU B 39 17.21 -9.54 8.25
N SER B 40 17.10 -10.34 9.30
CA SER B 40 18.15 -11.29 9.66
C SER B 40 17.53 -12.63 10.08
N ALA B 41 18.30 -13.70 9.92
CA ALA B 41 17.84 -15.03 10.29
C ALA B 41 17.95 -15.22 11.79
N GLU B 42 16.86 -15.66 12.40
CA GLU B 42 16.81 -15.89 13.84
C GLU B 42 16.91 -17.38 14.14
N SER B 43 15.84 -18.12 13.85
CA SER B 43 15.80 -19.55 14.09
C SER B 43 16.26 -20.30 12.85
N VAL B 44 16.44 -21.62 12.97
CA VAL B 44 16.87 -22.45 11.84
C VAL B 44 15.99 -22.22 10.61
N GLY B 45 16.48 -21.40 9.68
CA GLY B 45 15.74 -21.09 8.47
C GLY B 45 14.64 -20.06 8.69
N GLU B 46 14.61 -19.47 9.89
CA GLU B 46 13.61 -18.47 10.23
C GLU B 46 14.24 -17.09 10.32
N VAL B 47 13.62 -16.12 9.68
CA VAL B 47 14.12 -14.75 9.68
C VAL B 47 13.12 -13.81 10.34
N TYR B 48 13.62 -12.70 10.86
CA TYR B 48 12.77 -11.71 11.50
C TYR B 48 12.95 -10.36 10.84
N ILE B 49 11.85 -9.80 10.35
CA ILE B 49 11.87 -8.50 9.70
C ILE B 49 11.54 -7.40 10.70
N LYS B 50 12.51 -6.55 10.98
CA LYS B 50 12.34 -5.46 11.93
C LYS B 50 13.14 -4.24 11.51
N SER B 51 12.48 -3.10 11.36
CA SER B 51 13.15 -1.87 10.95
C SER B 51 13.55 -1.06 12.18
N THR B 52 14.31 -1.70 13.07
CA THR B 52 14.76 -1.07 14.31
C THR B 52 15.19 0.38 14.12
N GLU B 53 16.28 0.57 13.37
CA GLU B 53 16.81 1.90 13.13
C GLU B 53 16.12 2.59 11.95
N THR B 54 14.78 2.58 11.93
CA THR B 54 14.04 3.20 10.84
C THR B 54 12.53 3.25 11.10
N GLY B 55 11.93 2.12 11.43
CA GLY B 55 10.50 2.11 11.64
C GLY B 55 10.03 1.34 12.86
N GLN B 56 9.94 0.02 12.73
CA GLN B 56 9.44 -0.82 13.81
C GLN B 56 9.60 -2.31 13.51
N TYR B 57 9.03 -3.14 14.39
CA TYR B 57 9.06 -4.59 14.22
C TYR B 57 7.77 -5.03 13.55
N LEU B 58 7.79 -6.17 12.86
CA LEU B 58 6.61 -6.67 12.17
C LEU B 58 5.63 -7.36 13.12
N ALA B 59 4.37 -7.35 12.73
CA ALA B 59 3.30 -7.97 13.48
C ALA B 59 2.15 -8.28 12.52
N MET B 60 2.00 -9.55 12.17
CA MET B 60 0.96 -9.97 11.24
C MET B 60 -0.36 -10.29 11.95
N ASP B 61 -1.46 -9.84 11.35
CA ASP B 61 -2.78 -10.13 11.89
C ASP B 61 -3.27 -11.43 11.28
N THR B 62 -3.00 -12.54 11.96
CA THR B 62 -3.40 -13.86 11.48
C THR B 62 -2.98 -14.03 10.01
N ASP B 63 -1.83 -13.45 9.66
CA ASP B 63 -1.28 -13.50 8.30
C ASP B 63 -1.99 -12.53 7.36
N GLY B 64 -3.33 -12.45 7.49
CA GLY B 64 -4.11 -11.56 6.64
C GLY B 64 -3.53 -10.17 6.52
N LEU B 65 -3.68 -9.37 7.56
CA LEU B 65 -3.17 -8.00 7.57
C LEU B 65 -1.74 -7.97 8.08
N LEU B 66 -0.82 -7.51 7.24
CA LEU B 66 0.58 -7.42 7.60
C LEU B 66 0.90 -6.05 8.17
N TYR B 67 1.14 -5.97 9.46
CA TYR B 67 1.46 -4.71 10.13
C TYR B 67 2.63 -4.91 11.10
N GLY B 68 2.77 -4.02 12.08
CA GLY B 68 3.84 -4.13 13.05
C GLY B 68 4.23 -2.77 13.61
N SER B 69 4.54 -2.72 14.90
CA SER B 69 4.93 -1.47 15.53
C SER B 69 5.15 -1.63 17.04
N GLN B 70 4.10 -2.05 17.73
CA GLN B 70 4.15 -2.21 19.18
C GLN B 70 4.98 -3.41 19.62
N THR B 71 4.47 -4.62 19.39
CA THR B 71 5.18 -5.82 19.82
C THR B 71 5.52 -6.76 18.66
N PRO B 72 6.78 -7.22 18.60
CA PRO B 72 7.24 -8.15 17.56
C PRO B 72 6.78 -9.57 17.88
N ASN B 73 5.47 -9.77 17.90
CA ASN B 73 4.88 -11.05 18.21
C ASN B 73 5.41 -12.15 17.28
N GLU B 74 5.26 -13.42 17.70
CA GLU B 74 5.74 -14.56 16.90
C GLU B 74 5.36 -14.39 15.43
N GLU B 75 4.23 -13.74 15.17
CA GLU B 75 3.79 -13.47 13.79
C GLU B 75 4.97 -12.96 12.94
N CYS B 76 5.92 -12.27 13.60
CA CYS B 76 7.09 -11.72 12.94
C CYS B 76 8.13 -12.79 12.58
N LEU B 77 7.87 -14.05 12.94
CA LEU B 77 8.81 -15.13 12.62
C LEU B 77 8.44 -15.73 11.27
N PHE B 78 9.31 -15.53 10.28
CA PHE B 78 9.07 -16.04 8.94
C PHE B 78 10.16 -17.00 8.50
N LEU B 79 9.77 -18.09 7.87
CA LEU B 79 10.71 -19.08 7.38
C LEU B 79 11.21 -18.67 6.00
N GLU B 80 12.52 -18.46 5.88
CA GLU B 80 13.10 -18.02 4.62
C GLU B 80 13.21 -19.17 3.61
N ARG B 81 12.64 -18.95 2.43
CA ARG B 81 12.67 -19.95 1.36
C ARG B 81 12.99 -19.26 0.03
N LEU B 82 14.22 -19.42 -0.44
CA LEU B 82 14.65 -18.79 -1.69
C LEU B 82 14.02 -19.48 -2.90
N GLU B 83 13.74 -18.71 -3.95
CA GLU B 83 13.16 -19.24 -5.17
C GLU B 83 14.12 -19.05 -6.34
N GLU B 84 14.25 -20.08 -7.17
CA GLU B 84 15.16 -20.03 -8.33
C GLU B 84 14.82 -18.86 -9.26
N ASN B 85 13.62 -18.31 -9.11
CA ASN B 85 13.15 -17.20 -9.93
C ASN B 85 13.83 -15.88 -9.53
N HIS B 86 14.88 -15.94 -8.71
CA HIS B 86 15.62 -14.74 -8.28
C HIS B 86 14.79 -13.93 -7.28
N TYR B 87 14.17 -14.62 -6.33
CA TYR B 87 13.35 -13.97 -5.33
C TYR B 87 13.39 -14.74 -4.01
N ASN B 88 13.12 -14.02 -2.92
CA ASN B 88 13.14 -14.61 -1.59
C ASN B 88 11.73 -14.76 -1.03
N THR B 89 11.34 -16.00 -0.75
CA THR B 89 10.03 -16.27 -0.19
C THR B 89 10.15 -16.46 1.32
N TYR B 90 9.19 -15.96 2.07
CA TYR B 90 9.22 -16.08 3.52
C TYR B 90 7.89 -16.60 4.03
N ILE B 91 7.92 -17.79 4.62
CA ILE B 91 6.72 -18.43 5.15
C ILE B 91 6.47 -18.05 6.60
N SER B 92 5.36 -17.38 6.85
CA SER B 92 4.98 -16.98 8.19
C SER B 92 4.59 -18.23 8.98
N LYS B 93 5.60 -19.00 9.39
CA LYS B 93 5.40 -20.24 10.14
C LYS B 93 4.25 -20.10 11.14
N LYS B 94 4.16 -18.94 11.79
CA LYS B 94 3.10 -18.66 12.75
C LYS B 94 1.74 -19.09 12.22
N HIS B 95 1.55 -19.06 10.90
CA HIS B 95 0.28 -19.45 10.30
C HIS B 95 0.46 -20.31 9.05
N ALA B 96 1.59 -21.01 8.96
CA ALA B 96 1.84 -21.90 7.83
C ALA B 96 0.75 -22.97 7.75
N GLU B 97 -0.03 -23.09 8.84
CA GLU B 97 -1.12 -24.04 8.93
C GLU B 97 -1.98 -24.04 7.67
N LYS B 98 -2.27 -22.85 7.15
CA LYS B 98 -3.10 -22.72 5.95
C LYS B 98 -2.26 -22.66 4.69
N ASN B 99 -0.98 -23.04 4.79
CA ASN B 99 -0.08 -23.01 3.64
C ASN B 99 0.09 -21.58 3.15
N TRP B 100 -0.04 -20.62 4.07
CA TRP B 100 0.08 -19.19 3.76
C TRP B 100 1.47 -18.68 4.14
N PHE B 101 1.95 -17.70 3.38
CA PHE B 101 3.24 -17.09 3.64
C PHE B 101 3.21 -15.60 3.28
N VAL B 102 3.49 -14.77 4.30
CA VAL B 102 3.50 -13.31 4.18
C VAL B 102 3.75 -12.79 2.76
N GLY B 103 2.80 -11.99 2.28
CA GLY B 103 2.89 -11.41 0.95
C GLY B 103 2.39 -9.96 0.95
N LEU B 104 3.10 -9.08 0.25
CA LEU B 104 2.71 -7.67 0.20
C LEU B 104 2.33 -7.25 -1.22
N LYS B 105 1.59 -6.15 -1.31
CA LYS B 105 1.16 -5.62 -2.61
C LYS B 105 2.01 -4.41 -2.99
N LYS B 106 2.97 -4.64 -3.90
CA LYS B 106 3.88 -3.60 -4.37
C LYS B 106 3.17 -2.26 -4.53
N ASN B 107 2.13 -2.22 -5.34
CA ASN B 107 1.39 -0.98 -5.57
C ASN B 107 0.28 -0.80 -4.53
N GLY B 108 0.65 -0.93 -3.25
CA GLY B 108 -0.30 -0.78 -2.18
C GLY B 108 0.34 -0.89 -0.81
N SER B 109 0.41 -2.10 -0.28
CA SER B 109 0.99 -2.32 1.04
C SER B 109 1.02 -3.83 1.37
N CYS B 110 1.53 -4.17 2.54
CA CYS B 110 1.63 -5.56 2.97
C CYS B 110 0.32 -6.01 3.63
N LYS B 111 -0.39 -6.92 2.97
CA LYS B 111 -1.65 -7.45 3.47
C LYS B 111 -2.26 -8.41 2.44
N ARG B 112 -1.93 -9.69 2.54
CA ARG B 112 -2.45 -10.67 1.59
C ARG B 112 -2.74 -12.04 2.22
N GLY B 113 -2.73 -12.13 3.55
CA GLY B 113 -2.98 -13.42 4.21
C GLY B 113 -4.00 -14.28 3.48
N PRO B 114 -5.25 -13.82 3.31
CA PRO B 114 -6.29 -14.58 2.62
C PRO B 114 -5.81 -15.19 1.30
N ARG B 115 -4.76 -14.63 0.71
CA ARG B 115 -4.22 -15.12 -0.55
C ARG B 115 -2.68 -15.19 -0.53
N THR B 116 -2.09 -15.35 0.66
CA THR B 116 -0.63 -15.42 0.76
C THR B 116 -0.13 -16.78 0.27
N HIS B 117 -0.41 -17.05 -1.00
CA HIS B 117 -0.03 -18.29 -1.64
C HIS B 117 0.50 -18.00 -3.04
N TYR B 118 0.87 -19.06 -3.77
CA TYR B 118 1.40 -18.90 -5.13
C TYR B 118 0.54 -17.93 -5.95
N GLY B 119 -0.76 -17.91 -5.66
CA GLY B 119 -1.68 -17.03 -6.35
C GLY B 119 -1.15 -15.60 -6.44
N GLN B 120 -0.44 -15.16 -5.40
CA GLN B 120 0.14 -13.83 -5.37
C GLN B 120 1.65 -13.91 -5.41
N LYS B 121 2.19 -14.06 -6.62
CA LYS B 121 3.64 -14.15 -6.83
C LYS B 121 4.38 -13.02 -6.09
N ALA B 122 3.67 -11.92 -5.82
CA ALA B 122 4.24 -10.77 -5.12
C ALA B 122 4.95 -11.18 -3.82
N ILE B 123 4.64 -12.36 -3.30
CA ILE B 123 5.28 -12.84 -2.08
C ILE B 123 6.78 -13.07 -2.30
N LEU B 124 7.16 -13.36 -3.55
CA LEU B 124 8.56 -13.60 -3.88
C LEU B 124 9.30 -12.27 -3.86
N PHE B 125 9.68 -11.84 -2.67
CA PHE B 125 10.36 -10.56 -2.49
C PHE B 125 11.78 -10.56 -3.02
N LEU B 126 12.20 -9.41 -3.52
CA LEU B 126 13.53 -9.21 -4.04
C LEU B 126 14.32 -8.36 -3.04
N PRO B 127 15.11 -9.01 -2.17
CA PRO B 127 15.89 -8.31 -1.15
C PRO B 127 17.09 -7.56 -1.74
N LEU B 128 17.21 -6.30 -1.37
CA LEU B 128 18.32 -5.47 -1.82
C LEU B 128 19.03 -4.86 -0.61
N PRO B 129 19.53 -5.70 0.31
CA PRO B 129 20.20 -5.26 1.52
C PRO B 129 21.72 -5.23 1.40
N VAL B 130 22.37 -4.93 2.53
CA VAL B 130 23.83 -4.89 2.60
C VAL B 130 24.31 -6.06 3.45
N SER B 131 25.25 -6.83 2.91
CA SER B 131 25.78 -7.99 3.61
C SER B 131 27.28 -7.84 3.87
N SER B 132 27.94 -8.95 4.21
CA SER B 132 29.37 -8.94 4.47
C SER B 132 30.08 -10.01 3.66
N ASP B 133 30.68 -9.59 2.55
CA ASP B 133 31.38 -10.51 1.67
C ASP B 133 32.89 -10.33 1.79
N GLU A 1 -6.41 -6.52 -9.12
CA GLU A 1 -7.04 -5.18 -9.16
C GLU A 1 -7.74 -4.96 -10.51
N LYS A 2 -8.94 -4.37 -10.48
CA LYS A 2 -9.68 -4.13 -11.72
C LYS A 2 -10.82 -3.12 -11.52
N LEU A 3 -10.51 -2.02 -10.82
CA LEU A 3 -11.51 -1.00 -10.56
C LEU A 3 -11.70 -0.10 -11.78
N GLY A 4 -10.66 -0.03 -12.63
CA GLY A 4 -10.72 0.79 -13.83
C GLY A 4 -9.62 1.84 -13.85
N LYS A 5 -9.96 3.06 -14.23
CA LYS A 5 -8.99 4.14 -14.28
C LYS A 5 -9.62 5.44 -13.78
N LEU A 6 -8.83 6.26 -13.11
CA LEU A 6 -9.28 7.52 -12.58
C LEU A 6 -8.44 8.67 -13.12
N GLN A 7 -9.10 9.69 -13.65
CA GLN A 7 -8.42 10.85 -14.20
C GLN A 7 -8.31 11.91 -13.12
N TYR A 8 -7.15 12.55 -12.99
CA TYR A 8 -6.98 13.56 -11.95
C TYR A 8 -5.88 14.57 -12.27
N SER A 9 -6.11 15.81 -11.86
CA SER A 9 -5.18 16.91 -12.04
C SER A 9 -4.91 17.56 -10.69
N LEU A 10 -3.84 17.14 -10.03
CA LEU A 10 -3.51 17.66 -8.71
C LEU A 10 -2.41 18.71 -8.77
N ASP A 11 -2.52 19.72 -7.92
CA ASP A 11 -1.52 20.78 -7.85
C ASP A 11 -1.14 21.00 -6.38
N TYR A 12 -0.31 21.99 -6.11
CA TYR A 12 0.11 22.24 -4.73
C TYR A 12 -0.01 23.70 -4.35
N ASP A 13 -0.31 23.94 -3.08
CA ASP A 13 -0.44 25.29 -2.56
C ASP A 13 0.65 25.54 -1.52
N PHE A 14 1.46 26.56 -1.75
CA PHE A 14 2.57 26.88 -0.84
C PHE A 14 2.22 28.00 0.14
N GLN A 15 1.02 28.58 0.03
CA GLN A 15 0.64 29.65 0.94
C GLN A 15 0.00 29.06 2.19
N ASN A 16 -0.80 28.01 1.99
CA ASN A 16 -1.45 27.33 3.10
C ASN A 16 -0.68 26.06 3.48
N ASN A 17 0.16 25.59 2.56
CA ASN A 17 0.98 24.40 2.77
C ASN A 17 0.14 23.12 2.69
N GLN A 18 -0.30 22.79 1.48
CA GLN A 18 -1.10 21.60 1.24
C GLN A 18 -1.26 21.35 -0.26
N LEU A 19 -1.52 20.10 -0.63
CA LEU A 19 -1.69 19.75 -2.03
C LEU A 19 -3.14 19.94 -2.46
N LEU A 20 -3.33 20.33 -3.71
CA LEU A 20 -4.64 20.56 -4.26
C LEU A 20 -4.99 19.39 -5.19
N VAL A 21 -5.58 18.35 -4.60
CA VAL A 21 -5.97 17.18 -5.36
C VAL A 21 -7.27 17.42 -6.11
N GLY A 22 -7.17 17.64 -7.42
CA GLY A 22 -8.34 17.86 -8.24
C GLY A 22 -8.53 16.77 -9.26
N ILE A 23 -9.20 15.69 -8.86
CA ILE A 23 -9.44 14.58 -9.76
C ILE A 23 -10.58 14.91 -10.72
N ILE A 24 -10.68 14.18 -11.83
CA ILE A 24 -11.72 14.42 -12.81
C ILE A 24 -12.88 13.44 -12.60
N GLN A 25 -12.58 12.13 -12.74
CA GLN A 25 -13.59 11.10 -12.59
C GLN A 25 -12.98 9.70 -12.68
N ALA A 26 -13.81 8.70 -12.44
CA ALA A 26 -13.40 7.30 -12.51
C ALA A 26 -14.29 6.57 -13.52
N ALA A 27 -13.77 5.52 -14.15
CA ALA A 27 -14.52 4.76 -15.13
C ALA A 27 -14.38 3.26 -14.94
N GLU A 28 -15.41 2.52 -15.34
CA GLU A 28 -15.43 1.06 -15.25
C GLU A 28 -15.57 0.57 -13.81
N LEU A 29 -16.19 1.39 -12.95
CA LEU A 29 -16.39 1.05 -11.55
C LEU A 29 -17.30 -0.17 -11.39
N PRO A 30 -16.98 -1.08 -10.45
CA PRO A 30 -17.78 -2.29 -10.20
C PRO A 30 -19.22 -1.97 -9.82
N ALA A 31 -20.10 -2.96 -10.01
CA ALA A 31 -21.52 -2.80 -9.71
C ALA A 31 -21.87 -3.38 -8.33
N LEU A 32 -22.22 -2.50 -7.41
CA LEU A 32 -22.58 -2.90 -6.04
C LEU A 32 -24.09 -2.91 -5.85
N ASP A 33 -24.79 -2.07 -6.60
CA ASP A 33 -26.25 -1.98 -6.52
C ASP A 33 -26.90 -3.13 -7.29
N MET A 34 -28.06 -3.55 -6.82
CA MET A 34 -28.79 -4.64 -7.46
C MET A 34 -29.36 -4.18 -8.81
N GLY A 35 -28.46 -3.80 -9.72
CA GLY A 35 -28.86 -3.35 -11.04
C GLY A 35 -27.67 -2.95 -11.90
N GLY A 36 -26.63 -3.79 -11.88
CA GLY A 36 -25.44 -3.53 -12.68
C GLY A 36 -24.93 -2.10 -12.54
N THR A 37 -25.07 -1.53 -11.36
CA THR A 37 -24.60 -0.17 -11.10
C THR A 37 -24.24 0.00 -9.63
N SER A 38 -23.79 1.19 -9.26
CA SER A 38 -23.41 1.46 -7.87
C SER A 38 -23.49 2.96 -7.57
N ASP A 39 -23.29 3.30 -6.31
CA ASP A 39 -23.28 4.69 -5.85
C ASP A 39 -21.87 5.00 -5.34
N PRO A 40 -20.86 4.90 -6.23
CA PRO A 40 -19.46 5.09 -5.86
C PRO A 40 -19.05 6.53 -5.56
N TYR A 41 -18.41 6.71 -4.41
CA TYR A 41 -17.89 8.00 -3.98
C TYR A 41 -16.44 7.78 -3.55
N VAL A 42 -15.57 8.74 -3.82
CA VAL A 42 -14.17 8.58 -3.46
C VAL A 42 -13.86 9.13 -2.08
N LYS A 43 -13.27 8.29 -1.25
CA LYS A 43 -12.90 8.67 0.11
C LYS A 43 -11.38 8.85 0.17
N VAL A 44 -10.94 10.09 0.23
CA VAL A 44 -9.53 10.39 0.27
C VAL A 44 -8.92 10.05 1.62
N PHE A 45 -7.98 9.11 1.61
CA PHE A 45 -7.32 8.68 2.82
C PHE A 45 -5.81 8.85 2.70
N LEU A 46 -5.12 8.88 3.83
CA LEU A 46 -3.68 9.05 3.87
C LEU A 46 -3.04 8.03 4.80
N LEU A 47 -1.74 7.84 4.63
CA LEU A 47 -0.98 6.92 5.47
C LEU A 47 -1.02 7.39 6.94
N PRO A 48 -0.23 6.76 7.85
CA PRO A 48 -0.18 7.14 9.27
C PRO A 48 -0.51 8.61 9.53
N ASP A 49 0.01 9.49 8.67
CA ASP A 49 -0.25 10.93 8.77
C ASP A 49 -1.70 11.21 9.12
N LYS A 50 -2.61 10.64 8.32
CA LYS A 50 -4.05 10.77 8.51
C LYS A 50 -4.48 12.22 8.79
N LYS A 51 -3.74 13.20 8.29
CA LYS A 51 -4.10 14.61 8.52
C LYS A 51 -5.07 15.09 7.45
N LYS A 52 -6.16 14.37 7.25
CA LYS A 52 -7.16 14.73 6.25
C LYS A 52 -8.24 13.64 6.13
N LYS A 53 -9.48 14.07 5.98
CA LYS A 53 -10.60 13.15 5.86
C LYS A 53 -11.75 13.83 5.10
N PHE A 54 -11.65 13.81 3.77
CA PHE A 54 -12.66 14.42 2.90
C PHE A 54 -13.51 13.35 2.24
N GLU A 55 -14.82 13.60 2.20
CA GLU A 55 -15.75 12.66 1.60
C GLU A 55 -16.49 13.32 0.42
N THR A 56 -16.27 12.77 -0.77
CA THR A 56 -16.90 13.30 -1.97
C THR A 56 -18.41 13.10 -1.94
N LYS A 57 -19.12 13.81 -2.80
CA LYS A 57 -20.57 13.71 -2.88
C LYS A 57 -20.98 12.35 -3.42
N VAL A 58 -22.08 11.82 -2.92
CA VAL A 58 -22.57 10.53 -3.36
C VAL A 58 -23.00 10.58 -4.82
N HIS A 59 -22.44 9.67 -5.61
CA HIS A 59 -22.77 9.57 -7.03
C HIS A 59 -23.61 8.30 -7.22
N ARG A 60 -24.91 8.44 -7.04
CA ARG A 60 -25.83 7.30 -7.11
C ARG A 60 -25.99 6.71 -8.50
N LYS A 61 -26.14 5.39 -8.51
CA LYS A 61 -26.36 4.60 -9.73
C LYS A 61 -25.48 5.07 -10.89
N THR A 62 -24.19 4.82 -10.79
CA THR A 62 -23.27 5.20 -11.84
C THR A 62 -21.92 4.50 -11.69
N LEU A 63 -21.36 4.07 -12.82
CA LEU A 63 -20.06 3.39 -12.85
C LEU A 63 -19.04 4.21 -13.64
N ASN A 64 -19.45 5.40 -14.08
CA ASN A 64 -18.60 6.31 -14.84
C ASN A 64 -19.09 7.75 -14.64
N PRO A 65 -19.12 8.22 -13.38
CA PRO A 65 -19.59 9.55 -13.05
C PRO A 65 -18.48 10.59 -12.97
N VAL A 66 -18.76 11.78 -13.49
CA VAL A 66 -17.82 12.90 -13.45
C VAL A 66 -18.25 13.87 -12.35
N PHE A 67 -17.31 14.68 -11.85
CA PHE A 67 -17.65 15.62 -10.78
C PHE A 67 -16.53 16.62 -10.53
N ASN A 68 -15.29 16.12 -10.53
CA ASN A 68 -14.13 16.97 -10.29
C ASN A 68 -14.20 17.62 -8.92
N GLU A 69 -14.20 16.78 -7.88
CA GLU A 69 -14.28 17.26 -6.51
C GLU A 69 -12.87 17.53 -5.96
N GLN A 70 -12.72 18.66 -5.28
CA GLN A 70 -11.43 19.09 -4.74
C GLN A 70 -11.11 18.41 -3.41
N PHE A 71 -10.01 17.66 -3.39
CA PHE A 71 -9.56 16.99 -2.16
C PHE A 71 -8.50 17.86 -1.47
N THR A 72 -8.80 18.28 -0.25
CA THR A 72 -7.91 19.12 0.52
C THR A 72 -6.79 18.30 1.16
N PHE A 73 -5.65 18.22 0.46
CA PHE A 73 -4.51 17.48 0.95
C PHE A 73 -3.78 18.27 2.04
N LYS A 74 -4.46 18.45 3.16
CA LYS A 74 -3.91 19.21 4.29
C LYS A 74 -2.63 18.58 4.84
N VAL A 75 -1.49 19.07 4.36
CA VAL A 75 -0.19 18.57 4.80
C VAL A 75 0.93 19.37 4.12
N PRO A 76 1.92 19.85 4.91
CA PRO A 76 3.04 20.62 4.37
C PRO A 76 3.80 19.86 3.28
N TYR A 77 4.09 20.54 2.17
CA TYR A 77 4.81 19.91 1.07
C TYR A 77 6.09 19.23 1.56
N SER A 78 6.80 19.88 2.49
CA SER A 78 8.02 19.31 3.04
C SER A 78 7.69 18.02 3.78
N GLU A 79 6.60 18.04 4.53
CA GLU A 79 6.14 16.88 5.29
C GLU A 79 5.68 15.79 4.34
N LEU A 80 4.92 16.18 3.32
CA LEU A 80 4.37 15.26 2.33
C LEU A 80 5.39 14.19 1.94
N GLY A 81 6.67 14.58 1.83
CA GLY A 81 7.72 13.65 1.46
C GLY A 81 7.58 12.29 2.13
N GLY A 82 7.31 12.28 3.43
CA GLY A 82 7.20 11.02 4.15
C GLY A 82 5.77 10.48 4.19
N LYS A 83 4.88 11.02 3.37
CA LYS A 83 3.48 10.57 3.37
C LYS A 83 3.14 9.74 2.13
N THR A 84 1.99 9.10 2.19
CA THR A 84 1.48 8.28 1.12
C THR A 84 -0.04 8.42 1.07
N LEU A 85 -0.59 8.93 -0.03
CA LEU A 85 -2.03 9.13 -0.15
C LEU A 85 -2.71 7.92 -0.75
N VAL A 86 -3.96 7.69 -0.33
CA VAL A 86 -4.75 6.58 -0.83
C VAL A 86 -6.17 7.04 -1.17
N MET A 87 -6.55 6.90 -2.42
CA MET A 87 -7.87 7.30 -2.88
C MET A 87 -8.75 6.07 -3.04
N ALA A 88 -9.60 5.82 -2.05
CA ALA A 88 -10.48 4.67 -2.09
C ALA A 88 -11.89 5.08 -2.50
N VAL A 89 -12.48 4.30 -3.39
CA VAL A 89 -13.83 4.58 -3.84
C VAL A 89 -14.82 3.67 -3.12
N TYR A 90 -15.76 4.30 -2.43
CA TYR A 90 -16.75 3.58 -1.66
C TYR A 90 -18.12 3.67 -2.34
N ASP A 91 -18.89 2.60 -2.28
CA ASP A 91 -20.21 2.56 -2.89
C ASP A 91 -21.29 2.90 -1.86
N PHE A 92 -22.38 3.46 -2.34
CA PHE A 92 -23.50 3.83 -1.48
C PHE A 92 -24.77 3.08 -1.90
N ASP A 93 -24.66 1.75 -1.97
CA ASP A 93 -25.80 0.89 -2.34
C ASP A 93 -27.08 1.29 -1.60
N ARG A 94 -26.96 1.51 -0.30
CA ARG A 94 -28.09 1.91 0.54
C ARG A 94 -29.01 0.72 0.83
N PHE A 95 -28.43 -0.37 1.35
CA PHE A 95 -29.21 -1.56 1.68
C PHE A 95 -28.37 -2.61 2.40
N SER A 96 -27.29 -3.03 1.75
CA SER A 96 -26.40 -4.04 2.30
C SER A 96 -25.13 -3.39 2.85
N LYS A 97 -24.15 -4.21 3.22
CA LYS A 97 -22.89 -3.69 3.75
C LYS A 97 -22.08 -3.03 2.63
N HIS A 98 -21.86 -1.73 2.77
CA HIS A 98 -21.12 -0.96 1.77
C HIS A 98 -19.71 -1.51 1.61
N ASP A 99 -19.35 -1.86 0.39
CA ASP A 99 -18.04 -2.44 0.10
C ASP A 99 -17.15 -1.45 -0.65
N ILE A 100 -15.84 -1.64 -0.51
CA ILE A 100 -14.86 -0.80 -1.18
C ILE A 100 -14.56 -1.38 -2.56
N ILE A 101 -15.20 -0.81 -3.58
CA ILE A 101 -15.01 -1.27 -4.95
C ILE A 101 -13.55 -1.16 -5.38
N GLY A 102 -12.85 -0.11 -4.92
CA GLY A 102 -11.46 0.06 -5.27
C GLY A 102 -10.79 1.19 -4.53
N GLU A 103 -9.47 1.30 -4.69
CA GLU A 103 -8.68 2.33 -4.03
C GLU A 103 -7.30 2.44 -4.70
N PHE A 104 -6.94 3.65 -5.11
CA PHE A 104 -5.64 3.88 -5.75
C PHE A 104 -4.74 4.69 -4.82
N LYS A 105 -3.42 4.53 -4.96
CA LYS A 105 -2.47 5.24 -4.11
C LYS A 105 -1.13 5.42 -4.83
N VAL A 106 -0.34 6.39 -4.35
CA VAL A 106 0.97 6.68 -4.93
C VAL A 106 1.88 7.34 -3.90
N PRO A 107 3.17 6.97 -3.88
CA PRO A 107 4.15 7.53 -2.94
C PRO A 107 4.32 9.04 -3.11
N MET A 108 3.99 9.79 -2.05
CA MET A 108 4.09 11.25 -2.09
C MET A 108 5.52 11.70 -2.37
N ASN A 109 6.49 11.11 -1.67
CA ASN A 109 7.90 11.48 -1.87
C ASN A 109 8.28 11.35 -3.34
N THR A 110 7.77 10.31 -3.98
CA THR A 110 8.05 10.07 -5.38
C THR A 110 7.40 11.14 -6.25
N VAL A 111 6.10 11.39 -6.04
CA VAL A 111 5.37 12.38 -6.80
C VAL A 111 6.00 13.77 -6.66
N ASP A 112 6.54 14.28 -7.75
CA ASP A 112 7.16 15.59 -7.74
C ASP A 112 6.10 16.68 -7.67
N PHE A 113 6.40 17.74 -6.92
CA PHE A 113 5.48 18.85 -6.76
C PHE A 113 6.10 20.12 -7.36
N GLY A 114 6.71 19.98 -8.53
CA GLY A 114 7.33 21.11 -9.19
C GLY A 114 6.33 22.03 -9.84
N HIS A 115 5.37 21.45 -10.55
CA HIS A 115 4.34 22.22 -11.23
C HIS A 115 2.94 21.73 -10.85
N VAL A 116 2.51 20.64 -11.47
CA VAL A 116 1.21 20.06 -11.21
C VAL A 116 1.21 18.56 -11.53
N THR A 117 0.45 17.81 -10.77
CA THR A 117 0.33 16.38 -10.96
C THR A 117 -0.92 16.05 -11.78
N GLU A 118 -0.82 16.27 -13.09
CA GLU A 118 -1.93 15.99 -14.00
C GLU A 118 -1.64 14.72 -14.79
N GLU A 119 -2.49 13.71 -14.60
CA GLU A 119 -2.32 12.43 -15.28
C GLU A 119 -3.50 11.52 -15.01
N TRP A 120 -3.41 10.30 -15.52
CA TRP A 120 -4.46 9.30 -15.33
C TRP A 120 -3.95 8.24 -14.36
N ARG A 121 -4.74 7.91 -13.37
CA ARG A 121 -4.33 6.91 -12.37
C ARG A 121 -5.17 5.65 -12.49
N ASP A 122 -4.51 4.51 -12.41
CA ASP A 122 -5.19 3.22 -12.49
C ASP A 122 -6.02 2.99 -11.23
N LEU A 123 -7.19 2.41 -11.39
CA LEU A 123 -8.07 2.14 -10.28
C LEU A 123 -7.86 0.71 -9.78
N GLN A 124 -7.36 0.60 -8.55
CA GLN A 124 -7.07 -0.69 -7.95
C GLN A 124 -8.22 -1.19 -7.08
N SER A 125 -8.49 -2.48 -7.16
CA SER A 125 -9.54 -3.10 -6.35
C SER A 125 -8.90 -3.82 -5.18
N ALA A 126 -9.09 -3.29 -3.97
CA ALA A 126 -8.52 -3.89 -2.77
C ALA A 126 -9.57 -4.63 -1.96
N GLU A 127 -9.22 -5.81 -1.49
CA GLU A 127 -10.12 -6.64 -0.69
C GLU A 127 -10.21 -6.06 0.73
N LYS A 128 -10.87 -4.91 0.84
CA LYS A 128 -11.04 -4.23 2.13
C LYS A 128 -12.35 -4.63 2.78
N TYR B 1 29.25 -5.00 5.74
CA TYR B 1 28.71 -3.82 6.45
C TYR B 1 27.22 -4.01 6.74
N LYS B 2 26.90 -5.04 7.53
CA LYS B 2 25.51 -5.34 7.86
C LYS B 2 24.82 -4.11 8.46
N LYS B 3 23.73 -3.70 7.83
CA LYS B 3 22.96 -2.55 8.26
C LYS B 3 21.62 -2.52 7.53
N PRO B 4 20.75 -1.54 7.84
CA PRO B 4 19.43 -1.40 7.23
C PRO B 4 19.39 -1.94 5.80
N LYS B 5 18.66 -3.04 5.61
CA LYS B 5 18.55 -3.69 4.31
C LYS B 5 17.23 -3.34 3.64
N LEU B 6 17.22 -3.29 2.32
CA LEU B 6 16.01 -2.98 1.57
C LEU B 6 15.44 -4.23 0.91
N LEU B 7 14.11 -4.33 0.87
CA LEU B 7 13.44 -5.48 0.28
C LEU B 7 12.15 -5.04 -0.44
N TYR B 8 11.89 -5.65 -1.61
CA TYR B 8 10.70 -5.35 -2.39
C TYR B 8 10.51 -6.41 -3.48
N CYS B 9 9.33 -6.49 -4.07
CA CYS B 9 9.06 -7.47 -5.12
C CYS B 9 8.29 -6.85 -6.28
N SER B 10 8.12 -7.63 -7.36
CA SER B 10 7.40 -7.17 -8.53
C SER B 10 8.21 -6.11 -9.27
N ASN B 11 8.01 -6.04 -10.58
CA ASN B 11 8.71 -5.06 -11.40
C ASN B 11 8.20 -3.65 -11.10
N GLY B 12 9.04 -2.66 -11.33
CA GLY B 12 8.66 -1.29 -11.07
C GLY B 12 9.16 -0.81 -9.71
N GLY B 13 9.99 0.22 -9.73
CA GLY B 13 10.55 0.77 -8.50
C GLY B 13 9.47 1.09 -7.47
N HIS B 14 9.59 0.45 -6.31
CA HIS B 14 8.66 0.64 -5.20
C HIS B 14 9.21 -0.09 -3.97
N PHE B 15 9.80 0.67 -3.04
CA PHE B 15 10.41 0.08 -1.85
C PHE B 15 9.45 0.08 -0.66
N LEU B 16 9.60 -0.90 0.22
CA LEU B 16 8.76 -1.01 1.41
C LEU B 16 9.14 0.03 2.44
N ARG B 17 8.26 1.00 2.68
CA ARG B 17 8.52 2.05 3.66
C ARG B 17 7.78 1.75 4.94
N ILE B 18 8.52 1.70 6.04
CA ILE B 18 7.94 1.39 7.34
C ILE B 18 7.88 2.62 8.25
N LEU B 19 6.81 2.71 9.03
CA LEU B 19 6.61 3.82 9.94
C LEU B 19 6.18 3.32 11.31
N PRO B 20 6.75 3.88 12.40
CA PRO B 20 6.42 3.48 13.77
C PRO B 20 4.92 3.37 14.01
N ASP B 21 4.16 4.20 13.29
CA ASP B 21 2.70 4.21 13.38
C ASP B 21 2.13 2.80 13.27
N GLY B 22 2.69 2.03 12.36
CA GLY B 22 2.22 0.68 12.13
C GLY B 22 1.96 0.39 10.67
N THR B 23 1.52 1.42 9.96
CA THR B 23 1.24 1.30 8.54
C THR B 23 2.54 1.27 7.73
N VAL B 24 2.55 0.48 6.66
CA VAL B 24 3.71 0.34 5.79
C VAL B 24 3.26 0.20 4.33
N ASP B 25 3.92 0.93 3.44
CA ASP B 25 3.59 0.89 2.01
C ASP B 25 4.85 0.75 1.16
N GLY B 26 4.64 0.56 -0.14
CA GLY B 26 5.76 0.39 -1.05
C GLY B 26 6.07 1.66 -1.83
N THR B 27 6.63 2.64 -1.15
CA THR B 27 6.99 3.90 -1.80
C THR B 27 8.33 3.77 -2.52
N ARG B 28 8.40 4.28 -3.73
CA ARG B 28 9.62 4.20 -4.52
C ARG B 28 10.46 5.47 -4.34
N ASP B 29 11.26 5.48 -3.28
CA ASP B 29 12.15 6.59 -2.98
C ASP B 29 13.26 6.12 -2.05
N ARG B 30 14.43 6.74 -2.20
CA ARG B 30 15.59 6.39 -1.38
C ARG B 30 16.16 7.65 -0.72
N SER B 31 15.31 8.66 -0.55
CA SER B 31 15.70 9.92 0.05
C SER B 31 15.36 9.90 1.54
N ASP B 32 14.15 9.44 1.86
CA ASP B 32 13.70 9.36 3.24
C ASP B 32 14.19 8.06 3.88
N GLN B 33 14.75 8.16 5.08
CA GLN B 33 15.28 6.99 5.79
C GLN B 33 14.17 6.18 6.45
N HIS B 34 13.29 5.58 5.64
CA HIS B 34 12.21 4.76 6.18
C HIS B 34 11.91 3.54 5.31
N ILE B 35 12.83 3.18 4.39
CA ILE B 35 12.65 2.02 3.52
C ILE B 35 13.81 1.06 3.68
N GLN B 36 13.97 0.55 4.90
CA GLN B 36 15.04 -0.38 5.21
C GLN B 36 14.70 -1.16 6.48
N LEU B 37 15.23 -2.38 6.57
CA LEU B 37 14.96 -3.23 7.72
C LEU B 37 16.15 -4.15 8.01
N GLN B 38 16.22 -4.67 9.23
CA GLN B 38 17.30 -5.55 9.64
C GLN B 38 16.98 -6.99 9.21
N LEU B 39 16.89 -7.19 7.90
CA LEU B 39 16.59 -8.49 7.32
C LEU B 39 17.74 -9.47 7.49
N SER B 40 17.75 -10.19 8.60
CA SER B 40 18.80 -11.17 8.86
C SER B 40 18.24 -12.42 9.53
N ALA B 41 18.93 -13.55 9.35
CA ALA B 41 18.51 -14.81 9.93
C ALA B 41 18.80 -14.83 11.43
N GLU B 42 17.82 -15.24 12.22
CA GLU B 42 17.97 -15.30 13.67
C GLU B 42 17.95 -16.75 14.14
N SER B 43 17.03 -17.54 13.60
CA SER B 43 16.92 -18.96 13.96
C SER B 43 17.42 -19.83 12.80
N VAL B 44 17.37 -21.14 12.97
CA VAL B 44 17.82 -22.08 11.94
C VAL B 44 17.10 -21.82 10.60
N GLY B 45 17.69 -20.95 9.79
CA GLY B 45 17.10 -20.61 8.51
C GLY B 45 15.87 -19.72 8.65
N GLU B 46 15.73 -19.11 9.83
CA GLU B 46 14.59 -18.25 10.11
C GLU B 46 15.06 -16.80 10.26
N VAL B 47 14.46 -15.90 9.49
CA VAL B 47 14.81 -14.50 9.53
C VAL B 47 13.70 -13.68 10.18
N TYR B 48 14.05 -12.51 10.68
CA TYR B 48 13.09 -11.63 11.33
C TYR B 48 13.10 -10.27 10.66
N ILE B 49 11.94 -9.81 10.22
CA ILE B 49 11.83 -8.52 9.56
C ILE B 49 11.57 -7.43 10.60
N LYS B 50 12.64 -6.74 10.97
CA LYS B 50 12.56 -5.67 11.96
C LYS B 50 13.30 -4.42 11.47
N SER B 51 12.66 -3.27 11.59
CA SER B 51 13.27 -2.01 11.17
C SER B 51 13.66 -1.20 12.40
N THR B 52 14.56 -1.76 13.20
CA THR B 52 15.02 -1.11 14.43
C THR B 52 15.44 0.33 14.18
N GLU B 53 16.49 0.52 13.39
CA GLU B 53 16.99 1.86 13.07
C GLU B 53 16.31 2.41 11.81
N THR B 54 15.00 2.26 11.72
CA THR B 54 14.26 2.73 10.56
C THR B 54 12.77 2.94 10.85
N GLY B 55 12.16 2.01 11.60
CA GLY B 55 10.76 2.13 11.91
C GLY B 55 10.32 1.34 13.14
N GLN B 56 9.88 0.10 12.92
CA GLN B 56 9.39 -0.74 14.00
C GLN B 56 9.62 -2.22 13.74
N TYR B 57 9.00 -3.07 14.56
CA TYR B 57 9.09 -4.51 14.43
C TYR B 57 7.80 -5.04 13.80
N LEU B 58 7.93 -5.83 12.76
CA LEU B 58 6.76 -6.36 12.07
C LEU B 58 6.18 -7.58 12.78
N ALA B 59 4.85 -7.68 12.75
CA ALA B 59 4.12 -8.78 13.38
C ALA B 59 2.82 -8.98 12.62
N MET B 60 2.95 -9.56 11.43
CA MET B 60 1.81 -9.81 10.55
C MET B 60 0.63 -10.42 11.31
N ASP B 61 -0.54 -9.80 11.19
CA ASP B 61 -1.74 -10.31 11.84
C ASP B 61 -2.03 -11.70 11.30
N THR B 62 -1.62 -12.73 12.04
CA THR B 62 -1.81 -14.11 11.61
C THR B 62 -1.43 -14.25 10.13
N ASP B 63 -0.36 -13.56 9.74
CA ASP B 63 0.14 -13.57 8.36
C ASP B 63 -0.70 -12.66 7.47
N GLY B 64 -2.02 -12.81 7.56
CA GLY B 64 -2.95 -12.03 6.76
C GLY B 64 -2.58 -10.57 6.59
N LEU B 65 -2.56 -9.82 7.69
CA LEU B 65 -2.25 -8.40 7.63
C LEU B 65 -0.83 -8.15 8.07
N LEU B 66 0.06 -7.95 7.10
CA LEU B 66 1.46 -7.68 7.37
C LEU B 66 1.64 -6.27 7.93
N TYR B 67 1.90 -6.18 9.23
CA TYR B 67 2.08 -4.88 9.89
C TYR B 67 3.13 -4.99 10.99
N GLY B 68 3.52 -3.86 11.56
CA GLY B 68 4.51 -3.87 12.62
C GLY B 68 4.53 -2.57 13.38
N SER B 69 4.80 -2.62 14.68
CA SER B 69 4.84 -1.42 15.51
C SER B 69 5.07 -1.78 16.97
N GLN B 70 4.16 -2.56 17.54
CA GLN B 70 4.26 -2.93 18.95
C GLN B 70 5.46 -3.84 19.23
N THR B 71 5.37 -5.12 18.85
CA THR B 71 6.47 -6.05 19.10
C THR B 71 6.54 -7.15 18.04
N PRO B 72 7.72 -7.75 17.85
CA PRO B 72 7.92 -8.82 16.88
C PRO B 72 7.28 -10.13 17.32
N ASN B 73 5.94 -10.18 17.29
CA ASN B 73 5.19 -11.36 17.68
C ASN B 73 5.68 -12.58 16.88
N GLU B 74 5.39 -13.79 17.36
CA GLU B 74 5.82 -15.00 16.67
C GLU B 74 5.65 -14.86 15.16
N GLU B 75 4.55 -14.25 14.74
CA GLU B 75 4.28 -14.03 13.32
C GLU B 75 5.48 -13.37 12.61
N CYS B 76 6.35 -12.74 13.39
CA CYS B 76 7.54 -12.07 12.86
C CYS B 76 8.60 -13.08 12.42
N LEU B 77 8.47 -14.34 12.81
CA LEU B 77 9.44 -15.36 12.43
C LEU B 77 9.15 -15.89 11.03
N PHE B 78 10.09 -15.68 10.10
CA PHE B 78 9.92 -16.13 8.73
C PHE B 78 11.08 -17.03 8.30
N LEU B 79 10.75 -18.15 7.68
CA LEU B 79 11.76 -19.09 7.19
C LEU B 79 12.30 -18.59 5.86
N GLU B 80 13.62 -18.42 5.79
CA GLU B 80 14.26 -17.93 4.57
C GLU B 80 14.36 -19.03 3.50
N ARG B 81 13.88 -18.71 2.31
CA ARG B 81 13.91 -19.64 1.18
C ARG B 81 14.20 -18.89 -0.12
N LEU B 82 15.37 -19.11 -0.68
CA LEU B 82 15.76 -18.45 -1.93
C LEU B 82 15.11 -19.12 -3.13
N GLU B 83 14.83 -18.35 -4.18
CA GLU B 83 14.23 -18.89 -5.39
C GLU B 83 15.17 -18.67 -6.56
N GLU B 84 15.20 -19.63 -7.49
CA GLU B 84 16.07 -19.54 -8.67
C GLU B 84 15.89 -18.21 -9.40
N ASN B 85 14.67 -17.69 -9.41
CA ASN B 85 14.36 -16.43 -10.09
C ASN B 85 14.93 -15.22 -9.35
N HIS B 86 16.21 -15.30 -8.97
CA HIS B 86 16.91 -14.22 -8.26
C HIS B 86 15.98 -13.47 -7.29
N TYR B 87 15.26 -14.21 -6.47
CA TYR B 87 14.34 -13.61 -5.50
C TYR B 87 14.41 -14.34 -4.17
N ASN B 88 14.16 -13.61 -3.10
CA ASN B 88 14.19 -14.16 -1.75
C ASN B 88 12.78 -14.41 -1.22
N THR B 89 12.49 -15.66 -0.91
CA THR B 89 11.19 -16.04 -0.38
C THR B 89 11.30 -16.27 1.12
N TYR B 90 10.26 -15.89 1.85
CA TYR B 90 10.24 -16.06 3.30
C TYR B 90 8.91 -16.65 3.74
N ILE B 91 8.98 -17.82 4.35
CA ILE B 91 7.78 -18.51 4.81
C ILE B 91 7.51 -18.20 6.27
N SER B 92 6.37 -17.57 6.54
CA SER B 92 5.98 -17.25 7.90
C SER B 92 5.67 -18.54 8.65
N LYS B 93 6.73 -19.29 8.97
CA LYS B 93 6.61 -20.57 9.65
C LYS B 93 5.54 -20.53 10.76
N LYS B 94 5.44 -19.40 11.45
CA LYS B 94 4.45 -19.24 12.52
C LYS B 94 3.06 -19.62 12.00
N HIS B 95 2.83 -19.48 10.70
CA HIS B 95 1.55 -19.84 10.11
C HIS B 95 1.72 -20.58 8.80
N ALA B 96 2.82 -21.32 8.67
CA ALA B 96 3.08 -22.10 7.46
C ALA B 96 1.98 -23.16 7.29
N GLU B 97 1.20 -23.38 8.36
CA GLU B 97 0.10 -24.34 8.37
C GLU B 97 -0.75 -24.22 7.10
N LYS B 98 -1.13 -23.00 6.76
CA LYS B 98 -1.95 -22.75 5.58
C LYS B 98 -1.09 -22.51 4.34
N ASN B 99 0.19 -22.86 4.43
CA ASN B 99 1.14 -22.68 3.33
C ASN B 99 1.20 -21.21 2.91
N TRP B 100 1.34 -20.35 3.91
CA TRP B 100 1.43 -18.92 3.68
C TRP B 100 2.86 -18.43 3.92
N PHE B 101 3.39 -17.65 2.99
CA PHE B 101 4.74 -17.12 3.11
C PHE B 101 4.77 -15.61 2.83
N VAL B 102 4.67 -14.83 3.92
CA VAL B 102 4.67 -13.35 3.88
C VAL B 102 4.47 -12.78 2.47
N GLY B 103 3.22 -12.46 2.15
CA GLY B 103 2.91 -11.92 0.84
C GLY B 103 2.34 -10.51 0.94
N LEU B 104 2.85 -9.60 0.11
CA LEU B 104 2.39 -8.22 0.13
C LEU B 104 2.10 -7.70 -1.27
N LYS B 105 1.45 -6.54 -1.33
CA LYS B 105 1.13 -5.90 -2.60
C LYS B 105 1.90 -4.60 -2.70
N LYS B 106 3.07 -4.65 -3.31
CA LYS B 106 3.92 -3.48 -3.48
C LYS B 106 3.13 -2.30 -4.06
N ASN B 107 2.06 -2.62 -4.80
CA ASN B 107 1.21 -1.60 -5.42
C ASN B 107 0.15 -1.08 -4.43
N GLY B 108 0.32 -1.38 -3.14
CA GLY B 108 -0.63 -0.94 -2.13
C GLY B 108 -0.06 -1.03 -0.74
N SER B 109 0.20 -2.24 -0.27
CA SER B 109 0.76 -2.47 1.06
C SER B 109 0.95 -3.96 1.32
N CYS B 110 1.51 -4.29 2.47
CA CYS B 110 1.76 -5.68 2.84
C CYS B 110 0.57 -6.28 3.59
N LYS B 111 -0.12 -7.22 2.93
CA LYS B 111 -1.27 -7.91 3.50
C LYS B 111 -1.91 -8.81 2.43
N ARG B 112 -1.58 -10.11 2.49
CA ARG B 112 -2.12 -11.06 1.51
C ARG B 112 -2.40 -12.43 2.10
N GLY B 113 -2.76 -12.49 3.39
CA GLY B 113 -3.04 -13.77 4.06
C GLY B 113 -3.72 -14.78 3.15
N PRO B 114 -4.94 -14.48 2.68
CA PRO B 114 -5.70 -15.37 1.80
C PRO B 114 -5.02 -15.61 0.43
N ARG B 115 -3.84 -15.04 0.24
CA ARG B 115 -3.10 -15.19 -1.02
C ARG B 115 -1.59 -15.33 -0.76
N THR B 116 -1.21 -15.67 0.46
CA THR B 116 0.21 -15.83 0.81
C THR B 116 0.81 -17.10 0.19
N HIS B 117 -0.03 -17.91 -0.45
CA HIS B 117 0.43 -19.12 -1.12
C HIS B 117 0.96 -18.73 -2.50
N TYR B 118 1.21 -19.69 -3.39
CA TYR B 118 1.71 -19.35 -4.72
C TYR B 118 0.61 -18.72 -5.56
N GLY B 119 0.13 -17.57 -5.10
CA GLY B 119 -0.92 -16.86 -5.80
C GLY B 119 -0.41 -15.59 -6.45
N GLN B 120 0.62 -14.98 -5.85
CA GLN B 120 1.20 -13.76 -6.38
C GLN B 120 2.72 -13.83 -6.28
N LYS B 121 3.39 -13.52 -7.39
CA LYS B 121 4.86 -13.56 -7.42
C LYS B 121 5.46 -12.56 -6.44
N ALA B 122 4.65 -11.60 -5.99
CA ALA B 122 5.09 -10.56 -5.05
C ALA B 122 5.80 -11.15 -3.82
N ILE B 123 5.52 -12.42 -3.51
CA ILE B 123 6.16 -13.07 -2.37
C ILE B 123 7.66 -13.24 -2.60
N LEU B 124 8.07 -13.26 -3.86
CA LEU B 124 9.48 -13.41 -4.21
C LEU B 124 10.15 -12.05 -4.17
N PHE B 125 10.49 -11.62 -2.97
CA PHE B 125 11.10 -10.31 -2.76
C PHE B 125 12.56 -10.25 -3.22
N LEU B 126 12.94 -9.07 -3.71
CA LEU B 126 14.28 -8.81 -4.17
C LEU B 126 15.07 -8.19 -3.01
N PRO B 127 16.07 -8.90 -2.49
CA PRO B 127 16.87 -8.42 -1.38
C PRO B 127 17.95 -7.42 -1.79
N LEU B 128 17.90 -6.23 -1.19
CA LEU B 128 18.88 -5.19 -1.44
C LEU B 128 19.53 -4.79 -0.12
N PRO B 129 20.26 -5.72 0.52
CA PRO B 129 20.91 -5.49 1.79
C PRO B 129 22.40 -5.15 1.65
N VAL B 130 22.99 -4.70 2.75
CA VAL B 130 24.41 -4.37 2.77
C VAL B 130 25.18 -5.45 3.49
N SER B 131 25.49 -6.52 2.76
CA SER B 131 26.21 -7.65 3.33
C SER B 131 27.64 -7.26 3.74
N SER B 132 28.36 -8.19 4.35
CA SER B 132 29.72 -7.94 4.78
C SER B 132 30.69 -8.86 4.04
N ASP B 133 30.82 -8.62 2.73
CA ASP B 133 31.70 -9.41 1.90
C ASP B 133 33.10 -8.80 1.89
N GLU A 1 -6.28 -6.86 -9.37
CA GLU A 1 -6.77 -5.47 -9.25
C GLU A 1 -7.33 -4.98 -10.59
N LYS A 2 -8.57 -4.51 -10.58
CA LYS A 2 -9.20 -4.02 -11.81
C LYS A 2 -10.39 -3.12 -11.49
N LEU A 3 -10.08 -1.88 -11.12
CA LEU A 3 -11.12 -0.90 -10.80
C LEU A 3 -11.35 0.05 -11.99
N GLY A 4 -10.45 0.01 -12.96
CA GLY A 4 -10.57 0.86 -14.12
C GLY A 4 -9.42 1.84 -14.24
N LYS A 5 -9.72 3.08 -14.59
CA LYS A 5 -8.71 4.10 -14.72
C LYS A 5 -9.27 5.47 -14.31
N LEU A 6 -8.43 6.30 -13.71
CA LEU A 6 -8.85 7.61 -13.26
C LEU A 6 -7.90 8.69 -13.74
N GLN A 7 -8.45 9.76 -14.30
CA GLN A 7 -7.65 10.88 -14.79
C GLN A 7 -7.61 11.97 -13.72
N TYR A 8 -6.44 12.57 -13.51
CA TYR A 8 -6.32 13.61 -12.49
C TYR A 8 -5.13 14.55 -12.73
N SER A 9 -5.30 15.78 -12.29
CA SER A 9 -4.27 16.81 -12.38
C SER A 9 -4.13 17.47 -11.02
N LEU A 10 -3.06 17.15 -10.32
CA LEU A 10 -2.85 17.68 -8.98
C LEU A 10 -1.72 18.70 -8.93
N ASP A 11 -1.84 19.65 -8.02
CA ASP A 11 -0.83 20.68 -7.80
C ASP A 11 -0.65 20.89 -6.30
N TYR A 12 -0.09 22.02 -5.88
CA TYR A 12 0.12 22.25 -4.46
C TYR A 12 0.10 23.74 -4.11
N ASP A 13 -0.30 24.02 -2.87
CA ASP A 13 -0.36 25.39 -2.38
C ASP A 13 0.72 25.59 -1.31
N PHE A 14 1.68 26.44 -1.60
CA PHE A 14 2.77 26.70 -0.66
C PHE A 14 2.46 27.89 0.27
N GLN A 15 1.29 28.49 0.13
CA GLN A 15 0.91 29.62 0.96
C GLN A 15 0.21 29.11 2.22
N ASN A 16 -0.70 28.15 2.02
CA ASN A 16 -1.44 27.54 3.12
C ASN A 16 -0.77 26.22 3.53
N ASN A 17 0.04 25.67 2.61
CA ASN A 17 0.76 24.42 2.86
C ASN A 17 -0.17 23.21 2.72
N GLN A 18 -0.61 22.95 1.49
CA GLN A 18 -1.49 21.82 1.19
C GLN A 18 -1.42 21.48 -0.29
N LEU A 19 -1.65 20.21 -0.61
CA LEU A 19 -1.62 19.77 -2.01
C LEU A 19 -2.99 19.87 -2.64
N LEU A 20 -3.03 20.29 -3.90
CA LEU A 20 -4.28 20.46 -4.62
C LEU A 20 -4.53 19.24 -5.51
N VAL A 21 -5.28 18.29 -4.97
CA VAL A 21 -5.62 17.07 -5.70
C VAL A 21 -6.93 17.25 -6.46
N GLY A 22 -6.84 17.29 -7.78
CA GLY A 22 -8.03 17.44 -8.61
C GLY A 22 -8.18 16.30 -9.61
N ILE A 23 -9.01 15.33 -9.25
CA ILE A 23 -9.25 14.18 -10.12
C ILE A 23 -10.38 14.49 -11.11
N ILE A 24 -10.17 14.12 -12.37
CA ILE A 24 -11.15 14.38 -13.41
C ILE A 24 -12.33 13.41 -13.33
N GLN A 25 -12.04 12.13 -13.54
CA GLN A 25 -13.08 11.11 -13.52
C GLN A 25 -12.48 9.71 -13.50
N ALA A 26 -13.32 8.73 -13.18
CA ALA A 26 -12.90 7.33 -13.14
C ALA A 26 -13.67 6.55 -14.21
N ALA A 27 -12.99 5.62 -14.87
CA ALA A 27 -13.62 4.84 -15.92
C ALA A 27 -13.55 3.34 -15.66
N GLU A 28 -14.64 2.64 -15.97
CA GLU A 28 -14.73 1.18 -15.82
C GLU A 28 -14.84 0.74 -14.36
N LEU A 29 -15.69 1.43 -13.61
CA LEU A 29 -15.90 1.11 -12.20
C LEU A 29 -16.79 -0.14 -12.08
N PRO A 30 -16.39 -1.11 -11.26
CA PRO A 30 -17.15 -2.36 -11.05
C PRO A 30 -18.60 -2.12 -10.64
N ALA A 31 -19.47 -3.05 -11.06
CA ALA A 31 -20.88 -2.97 -10.75
C ALA A 31 -21.16 -3.45 -9.33
N LEU A 32 -21.70 -2.55 -8.51
CA LEU A 32 -22.02 -2.87 -7.12
C LEU A 32 -23.54 -2.96 -6.92
N ASP A 33 -24.28 -2.11 -7.62
CA ASP A 33 -25.74 -2.08 -7.51
C ASP A 33 -26.38 -3.07 -8.47
N MET A 34 -27.70 -3.16 -8.42
CA MET A 34 -28.46 -4.05 -9.27
C MET A 34 -28.79 -3.38 -10.60
N GLY A 35 -28.05 -3.74 -11.64
CA GLY A 35 -28.30 -3.17 -12.95
C GLY A 35 -27.03 -2.66 -13.61
N GLY A 36 -25.98 -3.48 -13.62
CA GLY A 36 -24.71 -3.10 -14.23
C GLY A 36 -24.31 -1.66 -13.94
N THR A 37 -24.54 -1.21 -12.72
CA THR A 37 -24.18 0.14 -12.32
C THR A 37 -23.95 0.22 -10.81
N SER A 38 -23.31 1.28 -10.37
CA SER A 38 -23.02 1.48 -8.97
C SER A 38 -23.05 2.97 -8.65
N ASP A 39 -22.92 3.31 -7.37
CA ASP A 39 -22.91 4.70 -6.91
C ASP A 39 -21.51 5.00 -6.40
N PRO A 40 -20.52 5.06 -7.31
CA PRO A 40 -19.12 5.28 -6.94
C PRO A 40 -18.78 6.71 -6.55
N TYR A 41 -18.21 6.85 -5.37
CA TYR A 41 -17.76 8.13 -4.85
C TYR A 41 -16.40 7.92 -4.19
N VAL A 42 -15.41 8.70 -4.61
CA VAL A 42 -14.07 8.55 -4.08
C VAL A 42 -13.90 9.26 -2.74
N LYS A 43 -13.23 8.60 -1.82
CA LYS A 43 -12.94 9.14 -0.51
C LYS A 43 -11.44 9.23 -0.33
N VAL A 44 -10.94 10.45 -0.31
CA VAL A 44 -9.51 10.71 -0.17
C VAL A 44 -9.03 10.40 1.24
N PHE A 45 -8.00 9.56 1.32
CA PHE A 45 -7.41 9.19 2.60
C PHE A 45 -5.89 9.23 2.52
N LEU A 46 -5.25 9.23 3.67
CA LEU A 46 -3.79 9.28 3.77
C LEU A 46 -3.26 8.19 4.69
N LEU A 47 -1.95 7.99 4.65
CA LEU A 47 -1.28 7.03 5.51
C LEU A 47 -1.46 7.46 6.98
N PRO A 48 -0.74 6.86 7.97
CA PRO A 48 -0.82 7.22 9.38
C PRO A 48 -1.17 8.70 9.60
N ASP A 49 -0.64 9.56 8.71
CA ASP A 49 -0.92 10.99 8.77
C ASP A 49 -2.38 11.23 9.13
N LYS A 50 -3.27 10.56 8.40
CA LYS A 50 -4.72 10.65 8.62
C LYS A 50 -5.22 12.09 8.85
N LYS A 51 -4.53 13.09 8.28
CA LYS A 51 -4.93 14.47 8.46
C LYS A 51 -5.65 15.00 7.23
N LYS A 52 -6.74 14.33 6.86
CA LYS A 52 -7.55 14.72 5.71
C LYS A 52 -8.62 13.67 5.44
N LYS A 53 -9.87 14.10 5.46
CA LYS A 53 -10.99 13.21 5.22
C LYS A 53 -12.07 13.93 4.41
N PHE A 54 -12.03 13.75 3.09
CA PHE A 54 -13.00 14.39 2.21
C PHE A 54 -13.82 13.33 1.48
N GLU A 55 -15.11 13.61 1.31
CA GLU A 55 -16.02 12.70 0.64
C GLU A 55 -16.61 13.36 -0.60
N THR A 56 -16.28 12.80 -1.77
CA THR A 56 -16.77 13.32 -3.04
C THR A 56 -18.26 13.04 -3.19
N LYS A 57 -18.92 13.74 -4.11
CA LYS A 57 -20.35 13.55 -4.33
C LYS A 57 -20.62 12.21 -5.00
N VAL A 58 -21.51 11.42 -4.39
CA VAL A 58 -21.88 10.11 -4.92
C VAL A 58 -22.48 10.24 -6.31
N HIS A 59 -22.13 9.33 -7.21
CA HIS A 59 -22.64 9.35 -8.58
C HIS A 59 -23.68 8.25 -8.76
N ARG A 60 -24.94 8.66 -8.79
CA ARG A 60 -26.07 7.74 -8.93
C ARG A 60 -25.94 6.81 -10.14
N LYS A 61 -25.82 5.51 -9.86
CA LYS A 61 -25.74 4.47 -10.87
C LYS A 61 -24.86 4.85 -12.08
N THR A 62 -23.56 4.64 -11.95
CA THR A 62 -22.62 4.93 -13.03
C THR A 62 -21.29 4.22 -12.82
N LEU A 63 -20.69 3.78 -13.92
CA LEU A 63 -19.40 3.09 -13.87
C LEU A 63 -18.31 3.96 -14.52
N ASN A 64 -18.65 5.21 -14.84
CA ASN A 64 -17.72 6.15 -15.45
C ASN A 64 -18.21 7.57 -15.17
N PRO A 65 -18.11 7.99 -13.90
CA PRO A 65 -18.57 9.30 -13.46
C PRO A 65 -17.51 10.40 -13.57
N VAL A 66 -17.94 11.54 -14.10
CA VAL A 66 -17.09 12.71 -14.26
C VAL A 66 -17.53 13.77 -13.25
N PHE A 67 -16.61 14.58 -12.75
CA PHE A 67 -16.98 15.58 -11.75
C PHE A 67 -15.90 16.63 -11.50
N ASN A 68 -14.63 16.20 -11.47
CA ASN A 68 -13.53 17.11 -11.19
C ASN A 68 -13.63 17.64 -9.76
N GLU A 69 -13.48 16.75 -8.79
CA GLU A 69 -13.57 17.11 -7.39
C GLU A 69 -12.22 17.57 -6.87
N GLN A 70 -12.24 18.60 -6.03
CA GLN A 70 -11.01 19.16 -5.47
C GLN A 70 -10.75 18.61 -4.07
N PHE A 71 -9.71 17.79 -3.95
CA PHE A 71 -9.33 17.21 -2.66
C PHE A 71 -8.32 18.11 -1.97
N THR A 72 -8.72 18.66 -0.83
CA THR A 72 -7.85 19.52 -0.05
C THR A 72 -6.82 18.69 0.73
N PHE A 73 -5.67 18.46 0.11
CA PHE A 73 -4.62 17.68 0.74
C PHE A 73 -3.97 18.48 1.87
N LYS A 74 -4.65 18.53 3.00
CA LYS A 74 -4.17 19.26 4.16
C LYS A 74 -2.85 18.69 4.69
N VAL A 75 -1.75 19.14 4.10
CA VAL A 75 -0.43 18.70 4.51
C VAL A 75 0.64 19.61 3.92
N PRO A 76 1.55 20.14 4.76
CA PRO A 76 2.62 21.02 4.31
C PRO A 76 3.53 20.32 3.29
N TYR A 77 3.95 21.05 2.26
CA TYR A 77 4.82 20.46 1.25
C TYR A 77 6.06 19.84 1.89
N SER A 78 6.55 20.45 2.96
CA SER A 78 7.71 19.94 3.67
C SER A 78 7.36 18.65 4.45
N GLU A 79 6.07 18.42 4.66
CA GLU A 79 5.60 17.24 5.38
C GLU A 79 5.09 16.16 4.42
N LEU A 80 4.62 16.58 3.25
CA LEU A 80 4.08 15.66 2.24
C LEU A 80 5.01 14.48 1.98
N GLY A 81 6.32 14.70 2.12
CA GLY A 81 7.31 13.65 1.88
C GLY A 81 6.87 12.29 2.42
N GLY A 82 6.83 12.15 3.73
CA GLY A 82 6.45 10.88 4.33
C GLY A 82 4.95 10.69 4.42
N LYS A 83 4.22 11.09 3.38
CA LYS A 83 2.76 10.95 3.37
C LYS A 83 2.28 10.19 2.12
N THR A 84 1.73 9.00 2.35
CA THR A 84 1.20 8.19 1.27
C THR A 84 -0.29 8.42 1.14
N LEU A 85 -0.73 9.00 0.03
CA LEU A 85 -2.14 9.29 -0.17
C LEU A 85 -2.84 8.13 -0.86
N VAL A 86 -4.10 7.91 -0.48
CA VAL A 86 -4.90 6.83 -1.06
C VAL A 86 -6.25 7.36 -1.51
N MET A 87 -6.65 7.00 -2.71
CA MET A 87 -7.92 7.44 -3.27
C MET A 87 -8.83 6.23 -3.44
N ALA A 88 -9.69 6.01 -2.45
CA ALA A 88 -10.61 4.88 -2.47
C ALA A 88 -11.96 5.28 -3.00
N VAL A 89 -12.43 4.57 -4.02
CA VAL A 89 -13.72 4.84 -4.62
C VAL A 89 -14.76 3.92 -3.99
N TYR A 90 -15.63 4.50 -3.17
CA TYR A 90 -16.64 3.74 -2.46
C TYR A 90 -17.97 3.79 -3.22
N ASP A 91 -18.70 2.70 -3.18
CA ASP A 91 -20.01 2.63 -3.83
C ASP A 91 -21.11 2.95 -2.83
N PHE A 92 -22.24 3.41 -3.35
CA PHE A 92 -23.37 3.76 -2.52
C PHE A 92 -24.66 3.20 -3.10
N ASP A 93 -24.67 1.89 -3.35
CA ASP A 93 -25.85 1.20 -3.90
C ASP A 93 -27.13 1.65 -3.19
N ARG A 94 -27.01 2.00 -1.91
CA ARG A 94 -28.13 2.46 -1.11
C ARG A 94 -29.12 1.32 -0.84
N PHE A 95 -28.58 0.11 -0.67
CA PHE A 95 -29.42 -1.06 -0.40
C PHE A 95 -28.66 -2.06 0.48
N SER A 96 -27.54 -2.57 -0.01
CA SER A 96 -26.74 -3.54 0.70
C SER A 96 -25.48 -2.89 1.28
N LYS A 97 -24.65 -3.69 1.94
CA LYS A 97 -23.41 -3.20 2.52
C LYS A 97 -22.39 -2.89 1.43
N HIS A 98 -22.69 -1.87 0.62
CA HIS A 98 -21.80 -1.46 -0.48
C HIS A 98 -20.34 -1.46 0.00
N ASP A 99 -19.45 -1.97 -0.85
CA ASP A 99 -18.02 -2.08 -0.52
C ASP A 99 -17.18 -1.11 -1.36
N ILE A 100 -15.85 -1.21 -1.22
CA ILE A 100 -14.93 -0.36 -1.97
C ILE A 100 -14.54 -1.05 -3.28
N ILE A 101 -15.10 -0.58 -4.38
CA ILE A 101 -14.81 -1.15 -5.69
C ILE A 101 -13.32 -1.07 -6.04
N GLY A 102 -12.63 -0.07 -5.47
CA GLY A 102 -11.21 0.08 -5.71
C GLY A 102 -10.63 1.27 -4.99
N GLU A 103 -9.30 1.35 -4.93
CA GLU A 103 -8.62 2.45 -4.25
C GLU A 103 -7.15 2.52 -4.66
N PHE A 104 -6.77 3.59 -5.34
CA PHE A 104 -5.38 3.76 -5.78
C PHE A 104 -4.61 4.58 -4.74
N LYS A 105 -3.29 4.43 -4.73
CA LYS A 105 -2.45 5.16 -3.77
C LYS A 105 -1.03 5.34 -4.31
N VAL A 106 -0.31 6.30 -3.74
CA VAL A 106 1.06 6.58 -4.15
C VAL A 106 1.80 7.41 -3.08
N PRO A 107 3.10 7.14 -2.87
CA PRO A 107 3.91 7.86 -1.89
C PRO A 107 4.28 9.25 -2.38
N MET A 108 3.85 10.28 -1.66
CA MET A 108 4.12 11.66 -2.04
C MET A 108 5.62 11.93 -2.15
N ASN A 109 6.42 11.35 -1.24
CA ASN A 109 7.89 11.54 -1.28
C ASN A 109 8.43 11.37 -2.70
N THR A 110 7.82 10.46 -3.46
CA THR A 110 8.24 10.20 -4.83
C THR A 110 7.69 11.26 -5.79
N VAL A 111 6.49 11.76 -5.49
CA VAL A 111 5.84 12.75 -6.33
C VAL A 111 6.33 14.16 -5.97
N ASP A 112 7.37 14.60 -6.66
CA ASP A 112 7.95 15.93 -6.43
C ASP A 112 6.94 17.02 -6.80
N PHE A 113 6.95 18.10 -6.04
CA PHE A 113 6.06 19.21 -6.28
C PHE A 113 6.79 20.32 -7.04
N GLY A 114 7.29 19.98 -8.23
CA GLY A 114 8.00 20.94 -9.04
C GLY A 114 7.09 22.01 -9.62
N HIS A 115 5.94 21.59 -10.10
CA HIS A 115 4.97 22.52 -10.70
C HIS A 115 3.56 21.96 -10.58
N VAL A 116 3.30 20.88 -11.30
CA VAL A 116 1.99 20.23 -11.29
C VAL A 116 2.12 18.74 -11.55
N THR A 117 1.17 17.97 -11.04
CA THR A 117 1.16 16.53 -11.21
C THR A 117 -0.08 16.08 -11.98
N GLU A 118 0.01 16.14 -13.30
CA GLU A 118 -1.09 15.74 -14.16
C GLU A 118 -0.76 14.43 -14.85
N GLU A 119 -1.64 13.44 -14.71
CA GLU A 119 -1.41 12.13 -15.30
C GLU A 119 -2.66 11.25 -15.22
N TRP A 120 -2.54 10.04 -15.76
CA TRP A 120 -3.64 9.08 -15.72
C TRP A 120 -3.33 8.03 -14.66
N ARG A 121 -4.25 7.85 -13.72
CA ARG A 121 -4.05 6.92 -12.63
C ARG A 121 -4.81 5.61 -12.82
N ASP A 122 -4.09 4.51 -12.65
CA ASP A 122 -4.67 3.18 -12.75
C ASP A 122 -5.52 2.93 -11.52
N LEU A 123 -6.69 2.34 -11.71
CA LEU A 123 -7.59 2.06 -10.60
C LEU A 123 -7.45 0.62 -10.12
N GLN A 124 -6.91 0.45 -8.93
CA GLN A 124 -6.71 -0.88 -8.34
C GLN A 124 -7.83 -1.23 -7.36
N SER A 125 -8.27 -2.47 -7.43
CA SER A 125 -9.32 -2.97 -6.55
C SER A 125 -8.70 -3.45 -5.23
N ALA A 126 -9.35 -3.13 -4.12
CA ALA A 126 -8.85 -3.52 -2.82
C ALA A 126 -9.88 -4.32 -2.03
N GLU A 127 -9.43 -5.43 -1.45
CA GLU A 127 -10.32 -6.28 -0.65
C GLU A 127 -10.51 -5.69 0.75
N LYS A 128 -11.43 -4.74 0.87
CA LYS A 128 -11.71 -4.11 2.15
C LYS A 128 -12.98 -4.68 2.78
N TYR B 1 28.51 -5.69 5.08
CA TYR B 1 28.19 -4.73 6.16
C TYR B 1 26.80 -5.00 6.70
N LYS B 2 26.71 -5.68 7.84
CA LYS B 2 25.41 -5.99 8.44
C LYS B 2 24.72 -4.72 8.92
N LYS B 3 23.98 -4.09 8.02
CA LYS B 3 23.25 -2.86 8.32
C LYS B 3 22.02 -2.75 7.42
N PRO B 4 21.25 -1.64 7.52
CA PRO B 4 20.04 -1.40 6.74
C PRO B 4 19.98 -2.18 5.43
N LYS B 5 19.09 -3.16 5.40
CA LYS B 5 18.89 -3.99 4.22
C LYS B 5 17.55 -3.66 3.58
N LEU B 6 17.52 -3.57 2.25
CA LEU B 6 16.30 -3.25 1.53
C LEU B 6 15.67 -4.50 0.93
N LEU B 7 14.34 -4.50 0.83
CA LEU B 7 13.59 -5.62 0.29
C LEU B 7 12.37 -5.11 -0.49
N TYR B 8 12.15 -5.66 -1.69
CA TYR B 8 11.02 -5.27 -2.53
C TYR B 8 10.71 -6.35 -3.56
N CYS B 9 9.47 -6.40 -4.03
CA CYS B 9 9.07 -7.39 -5.03
C CYS B 9 8.22 -6.73 -6.11
N SER B 10 7.96 -7.46 -7.20
CA SER B 10 7.17 -6.95 -8.31
C SER B 10 7.99 -5.95 -9.10
N ASN B 11 8.62 -6.43 -10.17
CA ASN B 11 9.46 -5.58 -11.03
C ASN B 11 8.86 -4.19 -11.21
N GLY B 12 9.44 -3.22 -10.52
CA GLY B 12 8.97 -1.85 -10.59
C GLY B 12 9.30 -1.08 -9.33
N GLY B 13 10.16 -0.08 -9.47
CA GLY B 13 10.57 0.74 -8.33
C GLY B 13 9.48 0.94 -7.30
N HIS B 14 9.65 0.34 -6.13
CA HIS B 14 8.71 0.44 -5.01
C HIS B 14 9.32 -0.23 -3.78
N PHE B 15 10.00 0.55 -2.94
CA PHE B 15 10.64 0.02 -1.74
C PHE B 15 9.71 0.08 -0.54
N LEU B 16 9.76 -0.94 0.30
CA LEU B 16 8.92 -1.00 1.50
C LEU B 16 9.29 0.12 2.47
N ARG B 17 8.49 1.19 2.50
CA ARG B 17 8.75 2.33 3.38
C ARG B 17 8.05 2.11 4.73
N ILE B 18 8.85 1.89 5.76
CA ILE B 18 8.32 1.64 7.10
C ILE B 18 8.17 2.93 7.90
N LEU B 19 7.08 3.01 8.66
CA LEU B 19 6.81 4.16 9.51
C LEU B 19 6.31 3.69 10.86
N PRO B 20 6.80 4.32 11.95
CA PRO B 20 6.43 3.98 13.34
C PRO B 20 4.98 3.53 13.50
N ASP B 21 4.08 4.24 12.84
CA ASP B 21 2.64 3.91 12.90
C ASP B 21 2.39 2.43 12.61
N GLY B 22 2.86 1.98 11.45
CA GLY B 22 2.68 0.59 11.05
C GLY B 22 2.25 0.45 9.60
N THR B 23 1.56 1.45 9.07
CA THR B 23 1.11 1.42 7.68
C THR B 23 2.29 1.57 6.71
N VAL B 24 3.01 0.47 6.52
CA VAL B 24 4.15 0.45 5.62
C VAL B 24 3.70 0.20 4.18
N ASP B 25 4.21 0.99 3.25
CA ASP B 25 3.83 0.86 1.83
C ASP B 25 5.06 0.74 0.93
N GLY B 26 4.81 0.47 -0.35
CA GLY B 26 5.90 0.34 -1.31
C GLY B 26 6.24 1.66 -1.95
N THR B 27 7.14 2.40 -1.33
CA THR B 27 7.54 3.71 -1.82
C THR B 27 8.67 3.58 -2.84
N ARG B 28 8.44 4.07 -4.05
CA ARG B 28 9.46 4.00 -5.10
C ARG B 28 10.49 5.11 -4.92
N ASP B 29 11.12 5.13 -3.75
CA ASP B 29 12.13 6.13 -3.43
C ASP B 29 12.84 5.77 -2.13
N ARG B 30 14.13 6.03 -2.08
CA ARG B 30 14.93 5.73 -0.89
C ARG B 30 15.70 6.96 -0.43
N SER B 31 15.27 8.15 -0.86
CA SER B 31 15.92 9.39 -0.46
C SER B 31 15.79 9.59 1.05
N ASP B 32 14.73 9.03 1.62
CA ASP B 32 14.47 9.13 3.06
C ASP B 32 14.75 7.78 3.73
N GLN B 33 15.50 7.81 4.83
CA GLN B 33 15.85 6.59 5.54
C GLN B 33 14.63 5.96 6.22
N HIS B 34 13.76 5.37 5.41
CA HIS B 34 12.57 4.70 5.92
C HIS B 34 12.21 3.47 5.10
N ILE B 35 13.21 2.90 4.42
CA ILE B 35 13.00 1.71 3.59
C ILE B 35 14.09 0.67 3.86
N GLN B 36 14.48 0.55 5.12
CA GLN B 36 15.52 -0.39 5.52
C GLN B 36 15.03 -1.33 6.61
N LEU B 37 15.49 -2.58 6.54
CA LEU B 37 15.14 -3.59 7.53
C LEU B 37 16.38 -4.42 7.86
N GLN B 38 16.53 -4.80 9.12
CA GLN B 38 17.68 -5.58 9.55
C GLN B 38 17.46 -7.07 9.29
N LEU B 39 17.05 -7.41 8.06
CA LEU B 39 16.80 -8.80 7.68
C LEU B 39 18.00 -9.67 8.03
N SER B 40 17.81 -10.60 8.96
CA SER B 40 18.89 -11.48 9.37
C SER B 40 18.34 -12.79 9.90
N ALA B 41 19.12 -13.86 9.73
CA ALA B 41 18.74 -15.17 10.21
C ALA B 41 18.98 -15.25 11.72
N GLU B 42 17.91 -15.27 12.48
CA GLU B 42 18.00 -15.33 13.93
C GLU B 42 18.03 -16.78 14.42
N SER B 43 17.36 -17.66 13.67
CA SER B 43 17.30 -19.07 14.02
C SER B 43 17.55 -19.93 12.78
N VAL B 44 17.56 -21.25 12.96
CA VAL B 44 17.79 -22.19 11.86
C VAL B 44 16.97 -21.82 10.62
N GLY B 45 17.61 -21.12 9.68
CA GLY B 45 16.94 -20.70 8.47
C GLY B 45 15.78 -19.77 8.74
N GLU B 46 15.73 -19.20 9.95
CA GLU B 46 14.65 -18.29 10.34
C GLU B 46 15.16 -16.86 10.34
N VAL B 47 14.57 -16.02 9.50
CA VAL B 47 14.97 -14.63 9.41
C VAL B 47 13.92 -13.73 10.03
N TYR B 48 14.37 -12.64 10.65
CA TYR B 48 13.48 -11.69 11.29
C TYR B 48 13.44 -10.39 10.50
N ILE B 49 12.23 -9.86 10.29
CA ILE B 49 12.07 -8.62 9.56
C ILE B 49 11.79 -7.48 10.55
N LYS B 50 12.80 -6.65 10.78
CA LYS B 50 12.68 -5.53 11.70
C LYS B 50 13.57 -4.36 11.26
N SER B 51 12.98 -3.17 11.20
CA SER B 51 13.74 -1.97 10.83
C SER B 51 14.32 -1.34 12.08
N THR B 52 15.50 -1.82 12.47
CA THR B 52 16.20 -1.36 13.66
C THR B 52 16.30 0.18 13.74
N GLU B 53 17.26 0.73 13.01
CA GLU B 53 17.49 2.18 13.01
C GLU B 53 16.71 2.88 11.90
N THR B 54 15.39 2.72 11.90
CA THR B 54 14.54 3.35 10.87
C THR B 54 13.05 3.11 11.14
N GLY B 55 12.69 1.87 11.44
CA GLY B 55 11.29 1.55 11.66
C GLY B 55 11.03 0.92 13.01
N GLN B 56 10.19 -0.11 13.02
CA GLN B 56 9.84 -0.80 14.26
C GLN B 56 9.86 -2.31 14.05
N TYR B 57 9.25 -3.04 14.96
CA TYR B 57 9.19 -4.49 14.88
C TYR B 57 7.89 -4.92 14.21
N LEU B 58 8.00 -5.82 13.25
CA LEU B 58 6.84 -6.30 12.52
C LEU B 58 6.15 -7.45 13.23
N ALA B 59 4.83 -7.52 13.07
CA ALA B 59 4.00 -8.55 13.67
C ALA B 59 2.88 -8.90 12.70
N MET B 60 3.20 -9.79 11.76
CA MET B 60 2.25 -10.22 10.74
C MET B 60 0.99 -10.82 11.37
N ASP B 61 -0.01 -9.97 11.64
CA ASP B 61 -1.26 -10.44 12.24
C ASP B 61 -1.81 -11.60 11.42
N THR B 62 -1.62 -12.81 11.94
CA THR B 62 -2.08 -14.02 11.29
C THR B 62 -1.71 -14.04 9.80
N ASP B 63 -0.61 -13.35 9.45
CA ASP B 63 -0.14 -13.24 8.06
C ASP B 63 -1.05 -12.32 7.23
N GLY B 64 -2.36 -12.41 7.46
CA GLY B 64 -3.31 -11.57 6.75
C GLY B 64 -2.87 -10.12 6.65
N LEU B 65 -2.46 -9.55 7.78
CA LEU B 65 -2.03 -8.15 7.80
C LEU B 65 -0.58 -8.03 8.29
N LEU B 66 0.31 -7.77 7.35
CA LEU B 66 1.73 -7.63 7.65
C LEU B 66 2.01 -6.19 8.09
N TYR B 67 2.22 -6.00 9.38
CA TYR B 67 2.49 -4.68 9.92
C TYR B 67 3.47 -4.75 11.09
N GLY B 68 3.88 -3.60 11.62
CA GLY B 68 4.80 -3.57 12.72
C GLY B 68 4.79 -2.23 13.43
N SER B 69 5.19 -2.21 14.69
CA SER B 69 5.22 -0.98 15.46
C SER B 69 5.91 -1.15 16.81
N GLN B 70 5.50 -2.15 17.58
CA GLN B 70 6.08 -2.35 18.92
C GLN B 70 6.32 -3.83 19.22
N THR B 71 5.22 -4.56 19.42
CA THR B 71 5.27 -5.97 19.77
C THR B 71 5.96 -6.84 18.72
N PRO B 72 7.16 -7.35 19.03
CA PRO B 72 7.91 -8.21 18.14
C PRO B 72 7.53 -9.68 18.39
N ASN B 73 6.24 -9.96 18.22
CA ASN B 73 5.69 -11.29 18.43
C ASN B 73 6.35 -12.31 17.51
N GLU B 74 6.15 -13.60 17.80
CA GLU B 74 6.75 -14.66 16.98
C GLU B 74 6.27 -14.59 15.53
N GLU B 75 5.26 -13.75 15.26
CA GLU B 75 4.75 -13.56 13.90
C GLU B 75 5.78 -12.86 13.01
N CYS B 76 6.96 -12.54 13.57
CA CYS B 76 8.02 -11.87 12.82
C CYS B 76 9.10 -12.87 12.36
N LEU B 77 9.00 -14.14 12.75
CA LEU B 77 9.99 -15.14 12.35
C LEU B 77 9.53 -15.89 11.10
N PHE B 78 10.36 -15.83 10.06
CA PHE B 78 10.04 -16.50 8.80
C PHE B 78 11.21 -17.35 8.33
N LEU B 79 10.89 -18.51 7.75
CA LEU B 79 11.93 -19.42 7.25
C LEU B 79 12.41 -18.94 5.89
N GLU B 80 13.71 -18.69 5.79
CA GLU B 80 14.31 -18.19 4.55
C GLU B 80 14.28 -19.25 3.45
N ARG B 81 13.69 -18.89 2.32
CA ARG B 81 13.61 -19.79 1.17
C ARG B 81 13.96 -19.02 -0.10
N LEU B 82 15.09 -19.38 -0.71
CA LEU B 82 15.54 -18.70 -1.93
C LEU B 82 14.91 -19.33 -3.18
N GLU B 83 14.52 -18.48 -4.12
CA GLU B 83 13.90 -18.95 -5.37
C GLU B 83 14.87 -18.78 -6.54
N GLU B 84 14.95 -19.82 -7.37
CA GLU B 84 15.84 -19.83 -8.55
C GLU B 84 15.53 -18.66 -9.49
N ASN B 85 14.34 -18.07 -9.32
CA ASN B 85 13.90 -16.94 -10.13
C ASN B 85 14.55 -15.62 -9.65
N HIS B 86 15.62 -15.72 -8.87
CA HIS B 86 16.33 -14.55 -8.37
C HIS B 86 15.46 -13.75 -7.40
N TYR B 87 14.86 -14.45 -6.44
CA TYR B 87 14.01 -13.79 -5.45
C TYR B 87 14.08 -14.51 -4.12
N ASN B 88 13.73 -13.79 -3.06
CA ASN B 88 13.76 -14.33 -1.71
C ASN B 88 12.35 -14.60 -1.18
N THR B 89 12.17 -15.77 -0.61
CA THR B 89 10.89 -16.18 -0.03
C THR B 89 11.08 -16.44 1.45
N TYR B 90 10.09 -16.11 2.26
CA TYR B 90 10.18 -16.31 3.70
C TYR B 90 8.94 -17.03 4.22
N ILE B 91 9.14 -18.28 4.62
CA ILE B 91 8.05 -19.11 5.13
C ILE B 91 7.58 -18.61 6.49
N SER B 92 6.32 -18.20 6.53
CA SER B 92 5.70 -17.68 7.75
C SER B 92 5.48 -18.83 8.74
N LYS B 93 6.57 -19.27 9.37
CA LYS B 93 6.50 -20.36 10.33
C LYS B 93 5.37 -20.13 11.34
N LYS B 94 5.09 -18.86 11.65
CA LYS B 94 4.01 -18.51 12.57
C LYS B 94 2.70 -19.15 12.13
N HIS B 95 2.42 -19.07 10.83
CA HIS B 95 1.20 -19.65 10.28
C HIS B 95 1.51 -20.65 9.17
N ALA B 96 2.64 -21.35 9.30
CA ALA B 96 3.05 -22.34 8.33
C ALA B 96 1.92 -23.34 8.08
N GLU B 97 1.20 -23.70 9.14
CA GLU B 97 0.10 -24.66 9.02
C GLU B 97 -0.93 -24.19 7.99
N LYS B 98 -1.16 -22.88 7.93
CA LYS B 98 -2.11 -22.32 6.98
C LYS B 98 -1.52 -22.26 5.57
N ASN B 99 -0.24 -22.61 5.42
CA ASN B 99 0.42 -22.61 4.12
C ASN B 99 0.67 -21.19 3.62
N TRP B 100 0.67 -20.22 4.54
CA TRP B 100 0.92 -18.83 4.20
C TRP B 100 2.36 -18.45 4.53
N PHE B 101 2.97 -17.64 3.67
CA PHE B 101 4.34 -17.22 3.89
C PHE B 101 4.56 -15.75 3.52
N VAL B 102 4.01 -14.86 4.36
CA VAL B 102 4.14 -13.40 4.22
C VAL B 102 4.03 -12.90 2.77
N GLY B 103 2.86 -12.37 2.41
CA GLY B 103 2.65 -11.85 1.08
C GLY B 103 2.27 -10.38 1.09
N LEU B 104 3.01 -9.56 0.33
CA LEU B 104 2.73 -8.14 0.27
C LEU B 104 2.35 -7.71 -1.15
N LYS B 105 1.81 -6.50 -1.27
CA LYS B 105 1.42 -5.95 -2.57
C LYS B 105 2.17 -4.66 -2.82
N LYS B 106 3.18 -4.72 -3.69
CA LYS B 106 4.01 -3.57 -4.03
C LYS B 106 3.17 -2.35 -4.43
N ASN B 107 2.00 -2.59 -5.01
CA ASN B 107 1.12 -1.50 -5.44
C ASN B 107 0.13 -1.10 -4.33
N GLY B 108 0.40 -1.51 -3.10
CA GLY B 108 -0.49 -1.17 -2.00
C GLY B 108 0.22 -1.21 -0.65
N SER B 109 0.53 -2.42 -0.20
CA SER B 109 1.20 -2.62 1.08
C SER B 109 1.33 -4.12 1.39
N CYS B 110 1.89 -4.44 2.54
CA CYS B 110 2.08 -5.81 2.96
C CYS B 110 0.87 -6.32 3.75
N LYS B 111 0.08 -7.17 3.11
CA LYS B 111 -1.11 -7.76 3.73
C LYS B 111 -1.85 -8.63 2.71
N ARG B 112 -1.48 -9.91 2.64
CA ARG B 112 -2.13 -10.82 1.70
C ARG B 112 -2.33 -12.21 2.29
N GLY B 113 -2.31 -12.33 3.63
CA GLY B 113 -2.50 -13.63 4.28
C GLY B 113 -3.41 -14.58 3.51
N PRO B 114 -4.69 -14.23 3.36
CA PRO B 114 -5.67 -15.06 2.65
C PRO B 114 -5.24 -15.44 1.21
N ARG B 115 -4.17 -14.84 0.71
CA ARG B 115 -3.68 -15.12 -0.63
C ARG B 115 -2.16 -15.34 -0.64
N THR B 116 -1.54 -15.49 0.53
CA THR B 116 -0.10 -15.68 0.58
C THR B 116 0.31 -17.08 0.10
N HIS B 117 0.10 -17.31 -1.19
CA HIS B 117 0.44 -18.57 -1.82
C HIS B 117 1.06 -18.32 -3.19
N TYR B 118 1.34 -19.38 -3.94
CA TYR B 118 1.95 -19.23 -5.26
C TYR B 118 1.32 -18.08 -6.05
N GLY B 119 -0.01 -17.98 -5.99
CA GLY B 119 -0.71 -16.92 -6.69
C GLY B 119 -0.11 -15.55 -6.41
N GLN B 120 0.40 -15.37 -5.18
CA GLN B 120 1.01 -14.12 -4.77
C GLN B 120 2.51 -14.13 -5.07
N LYS B 121 2.86 -14.17 -6.35
CA LYS B 121 4.26 -14.18 -6.77
C LYS B 121 5.01 -13.03 -6.08
N ALA B 122 4.28 -11.98 -5.67
CA ALA B 122 4.86 -10.85 -4.98
C ALA B 122 5.59 -11.28 -3.71
N ILE B 123 5.30 -12.48 -3.22
CA ILE B 123 5.96 -13.00 -2.02
C ILE B 123 7.47 -13.16 -2.27
N LEU B 124 7.83 -13.41 -3.53
CA LEU B 124 9.23 -13.55 -3.91
C LEU B 124 9.90 -12.19 -3.90
N PHE B 125 10.27 -11.73 -2.72
CA PHE B 125 10.88 -10.42 -2.55
C PHE B 125 12.33 -10.40 -3.01
N LEU B 126 12.76 -9.26 -3.55
CA LEU B 126 14.12 -9.06 -3.99
C LEU B 126 14.87 -8.28 -2.92
N PRO B 127 15.80 -8.93 -2.22
CA PRO B 127 16.57 -8.30 -1.15
C PRO B 127 17.81 -7.55 -1.67
N LEU B 128 18.03 -6.35 -1.16
CA LEU B 128 19.16 -5.54 -1.54
C LEU B 128 19.95 -5.13 -0.29
N PRO B 129 20.63 -6.10 0.36
CA PRO B 129 21.42 -5.86 1.55
C PRO B 129 22.90 -5.66 1.27
N VAL B 130 23.54 -4.79 2.03
CA VAL B 130 24.97 -4.52 1.86
C VAL B 130 25.79 -5.66 2.47
N SER B 131 25.62 -6.86 1.92
CA SER B 131 26.31 -8.06 2.39
C SER B 131 27.82 -7.83 2.48
N SER B 132 28.43 -8.44 3.49
CA SER B 132 29.86 -8.31 3.72
C SER B 132 30.62 -9.27 2.80
N ASP B 133 31.10 -8.75 1.67
CA ASP B 133 31.85 -9.54 0.72
C ASP B 133 33.00 -8.74 0.15
N GLU A 1 -7.23 -6.76 -9.27
CA GLU A 1 -7.68 -5.34 -9.31
C GLU A 1 -8.32 -5.04 -10.66
N LYS A 2 -9.50 -4.39 -10.63
CA LYS A 2 -10.20 -4.04 -11.87
C LYS A 2 -11.24 -2.95 -11.63
N LEU A 3 -10.83 -1.88 -10.94
CA LEU A 3 -11.74 -0.77 -10.65
C LEU A 3 -11.90 0.14 -11.88
N GLY A 4 -10.85 0.23 -12.69
CA GLY A 4 -10.91 1.06 -13.89
C GLY A 4 -9.81 2.09 -13.93
N LYS A 5 -10.18 3.34 -14.21
CA LYS A 5 -9.22 4.43 -14.29
C LYS A 5 -9.83 5.73 -13.78
N LEU A 6 -8.98 6.61 -13.30
CA LEU A 6 -9.41 7.89 -12.76
C LEU A 6 -8.52 9.01 -13.30
N GLN A 7 -9.16 10.05 -13.83
CA GLN A 7 -8.44 11.19 -14.38
C GLN A 7 -8.36 12.29 -13.32
N TYR A 8 -7.17 12.85 -13.12
CA TYR A 8 -7.01 13.89 -12.11
C TYR A 8 -5.86 14.84 -12.42
N SER A 9 -5.98 16.05 -11.87
CA SER A 9 -4.98 17.09 -12.00
C SER A 9 -4.71 17.67 -10.61
N LEU A 10 -3.54 17.37 -10.07
CA LEU A 10 -3.20 17.81 -8.72
C LEU A 10 -2.16 18.93 -8.73
N ASP A 11 -2.33 19.89 -7.84
CA ASP A 11 -1.39 21.01 -7.71
C ASP A 11 -0.98 21.14 -6.24
N TYR A 12 0.00 21.97 -5.96
CA TYR A 12 0.48 22.12 -4.59
C TYR A 12 0.43 23.58 -4.14
N ASP A 13 0.08 23.78 -2.88
CA ASP A 13 0.02 25.11 -2.30
C ASP A 13 1.09 25.23 -1.21
N PHE A 14 1.95 26.23 -1.35
CA PHE A 14 3.03 26.45 -0.39
C PHE A 14 2.72 27.57 0.60
N GLN A 15 1.64 28.34 0.37
CA GLN A 15 1.29 29.42 1.27
C GLN A 15 0.62 28.84 2.52
N ASN A 16 -0.21 27.82 2.31
CA ASN A 16 -0.90 27.14 3.40
C ASN A 16 -0.31 25.75 3.63
N ASN A 17 0.53 25.29 2.69
CA ASN A 17 1.18 23.99 2.78
C ASN A 17 0.16 22.85 2.66
N GLN A 18 -0.32 22.66 1.44
CA GLN A 18 -1.29 21.61 1.16
C GLN A 18 -1.33 21.32 -0.33
N LEU A 19 -1.64 20.10 -0.70
CA LEU A 19 -1.73 19.72 -2.11
C LEU A 19 -3.18 19.73 -2.55
N LEU A 20 -3.43 20.33 -3.70
CA LEU A 20 -4.78 20.41 -4.23
C LEU A 20 -5.02 19.26 -5.19
N VAL A 21 -5.62 18.20 -4.68
CA VAL A 21 -5.92 17.03 -5.48
C VAL A 21 -7.26 17.18 -6.18
N GLY A 22 -7.23 17.40 -7.49
CA GLY A 22 -8.45 17.55 -8.25
C GLY A 22 -8.68 16.38 -9.19
N ILE A 23 -9.63 15.52 -8.86
CA ILE A 23 -9.93 14.35 -9.69
C ILE A 23 -11.11 14.66 -10.61
N ILE A 24 -10.91 14.42 -11.90
CA ILE A 24 -11.93 14.69 -12.90
C ILE A 24 -13.07 13.67 -12.80
N GLN A 25 -12.76 12.41 -13.09
CA GLN A 25 -13.76 11.35 -13.06
C GLN A 25 -13.12 9.97 -13.03
N ALA A 26 -13.98 8.96 -12.85
CA ALA A 26 -13.55 7.57 -12.81
C ALA A 26 -14.56 6.73 -13.59
N ALA A 27 -14.08 5.70 -14.29
CA ALA A 27 -14.99 4.87 -15.08
C ALA A 27 -14.68 3.39 -14.92
N GLU A 28 -15.70 2.56 -15.16
CA GLU A 28 -15.60 1.10 -15.06
C GLU A 28 -15.67 0.62 -13.61
N LEU A 29 -16.29 1.44 -12.74
CA LEU A 29 -16.40 1.10 -11.33
C LEU A 29 -17.36 -0.10 -11.15
N PRO A 30 -16.96 -1.09 -10.34
CA PRO A 30 -17.76 -2.29 -10.06
C PRO A 30 -19.23 -1.98 -9.72
N ALA A 31 -20.09 -2.97 -9.92
CA ALA A 31 -21.51 -2.82 -9.65
C ALA A 31 -21.88 -3.35 -8.27
N LEU A 32 -22.33 -2.44 -7.40
CA LEU A 32 -22.74 -2.80 -6.04
C LEU A 32 -24.25 -2.71 -5.87
N ASP A 33 -24.88 -1.82 -6.64
CA ASP A 33 -26.32 -1.62 -6.58
C ASP A 33 -27.06 -2.72 -7.32
N MET A 34 -28.29 -3.01 -6.88
CA MET A 34 -29.11 -4.05 -7.49
C MET A 34 -29.60 -3.60 -8.88
N GLY A 35 -28.66 -3.37 -9.78
CA GLY A 35 -29.01 -2.95 -11.14
C GLY A 35 -27.79 -2.64 -11.97
N GLY A 36 -26.81 -3.55 -11.94
CA GLY A 36 -25.59 -3.37 -12.71
C GLY A 36 -24.98 -1.98 -12.56
N THR A 37 -25.11 -1.40 -11.37
CA THR A 37 -24.58 -0.07 -11.11
C THR A 37 -24.21 0.08 -9.64
N SER A 38 -23.81 1.27 -9.23
CA SER A 38 -23.44 1.54 -7.85
C SER A 38 -23.51 3.04 -7.56
N ASP A 39 -23.33 3.39 -6.29
CA ASP A 39 -23.33 4.78 -5.87
C ASP A 39 -21.91 5.14 -5.42
N PRO A 40 -20.96 5.14 -6.37
CA PRO A 40 -19.55 5.39 -6.09
C PRO A 40 -19.21 6.83 -5.72
N TYR A 41 -18.60 6.99 -4.56
CA TYR A 41 -18.16 8.28 -4.07
C TYR A 41 -16.73 8.11 -3.54
N VAL A 42 -15.83 8.95 -4.01
CA VAL A 42 -14.45 8.88 -3.60
C VAL A 42 -14.23 9.49 -2.23
N LYS A 43 -13.33 8.88 -1.47
CA LYS A 43 -12.98 9.36 -0.15
C LYS A 43 -11.46 9.42 -0.05
N VAL A 44 -10.95 10.61 0.19
CA VAL A 44 -9.51 10.83 0.26
C VAL A 44 -8.94 10.33 1.59
N PHE A 45 -7.94 9.47 1.48
CA PHE A 45 -7.28 8.91 2.65
C PHE A 45 -5.77 9.01 2.49
N LEU A 46 -5.06 9.04 3.61
CA LEU A 46 -3.62 9.14 3.60
C LEU A 46 -3.00 8.11 4.53
N LEU A 47 -1.70 7.87 4.36
CA LEU A 47 -0.96 6.94 5.20
C LEU A 47 -1.07 7.38 6.67
N PRO A 48 -0.40 6.68 7.61
CA PRO A 48 -0.40 6.99 9.04
C PRO A 48 -0.72 8.45 9.34
N ASP A 49 -0.09 9.36 8.58
CA ASP A 49 -0.32 10.80 8.73
C ASP A 49 -1.79 11.09 9.01
N LYS A 50 -2.65 10.59 8.12
CA LYS A 50 -4.10 10.74 8.23
C LYS A 50 -4.55 12.17 8.55
N LYS A 51 -3.71 13.18 8.27
CA LYS A 51 -4.09 14.56 8.56
C LYS A 51 -4.95 15.12 7.44
N LYS A 52 -6.08 14.45 7.17
CA LYS A 52 -6.99 14.87 6.12
C LYS A 52 -8.08 13.83 5.90
N LYS A 53 -9.32 14.29 5.84
CA LYS A 53 -10.46 13.42 5.62
C LYS A 53 -11.52 14.16 4.82
N PHE A 54 -11.67 13.80 3.57
CA PHE A 54 -12.64 14.46 2.69
C PHE A 54 -13.48 13.43 1.94
N GLU A 55 -14.77 13.69 1.87
CA GLU A 55 -15.72 12.82 1.18
C GLU A 55 -16.26 13.53 -0.07
N THR A 56 -16.05 12.93 -1.23
CA THR A 56 -16.52 13.52 -2.48
C THR A 56 -18.04 13.40 -2.61
N LYS A 57 -18.60 14.11 -3.57
CA LYS A 57 -20.04 14.08 -3.81
C LYS A 57 -20.45 12.72 -4.36
N VAL A 58 -21.19 11.96 -3.56
CA VAL A 58 -21.65 10.63 -3.94
C VAL A 58 -22.49 10.69 -5.22
N HIS A 59 -22.23 9.76 -6.13
CA HIS A 59 -22.95 9.71 -7.40
C HIS A 59 -23.81 8.45 -7.43
N ARG A 60 -25.11 8.63 -7.27
CA ARG A 60 -26.03 7.50 -7.24
C ARG A 60 -26.19 6.81 -8.60
N LYS A 61 -26.21 5.48 -8.55
CA LYS A 61 -26.39 4.62 -9.73
C LYS A 61 -25.62 5.13 -10.96
N THR A 62 -24.31 4.99 -10.93
CA THR A 62 -23.48 5.42 -12.04
C THR A 62 -22.08 4.83 -11.95
N LEU A 63 -21.64 4.19 -13.03
CA LEU A 63 -20.31 3.57 -13.08
C LEU A 63 -19.36 4.40 -13.95
N ASN A 64 -19.72 5.66 -14.17
CA ASN A 64 -18.92 6.58 -14.98
C ASN A 64 -19.30 8.02 -14.63
N PRO A 65 -19.16 8.41 -13.35
CA PRO A 65 -19.52 9.74 -12.89
C PRO A 65 -18.35 10.74 -12.93
N VAL A 66 -18.63 11.91 -13.47
CA VAL A 66 -17.66 12.98 -13.57
C VAL A 66 -18.01 14.08 -12.56
N PHE A 67 -17.02 14.65 -11.88
CA PHE A 67 -17.32 15.68 -10.89
C PHE A 67 -16.22 16.74 -10.78
N ASN A 68 -14.97 16.34 -10.90
CA ASN A 68 -13.85 17.30 -10.78
C ASN A 68 -13.80 17.81 -9.33
N GLU A 69 -13.88 16.88 -8.39
CA GLU A 69 -13.86 17.20 -6.98
C GLU A 69 -12.47 17.67 -6.54
N GLN A 70 -12.43 18.49 -5.49
CA GLN A 70 -11.18 19.03 -4.97
C GLN A 70 -10.86 18.43 -3.60
N PHE A 71 -9.68 17.85 -3.49
CA PHE A 71 -9.22 17.26 -2.24
C PHE A 71 -8.13 18.13 -1.61
N THR A 72 -8.40 18.62 -0.41
CA THR A 72 -7.47 19.46 0.33
C THR A 72 -6.41 18.61 1.03
N PHE A 73 -5.33 18.32 0.32
CA PHE A 73 -4.24 17.53 0.88
C PHE A 73 -3.47 18.37 1.90
N LYS A 74 -4.06 18.53 3.08
CA LYS A 74 -3.45 19.31 4.16
C LYS A 74 -2.17 18.65 4.67
N VAL A 75 -1.03 19.11 4.17
CA VAL A 75 0.26 18.60 4.59
C VAL A 75 1.38 19.42 3.94
N PRO A 76 2.40 19.80 4.73
CA PRO A 76 3.52 20.59 4.24
C PRO A 76 4.28 19.84 3.14
N TYR A 77 4.53 20.54 2.02
CA TYR A 77 5.24 19.95 0.90
C TYR A 77 6.52 19.24 1.37
N SER A 78 7.22 19.84 2.31
CA SER A 78 8.45 19.27 2.86
C SER A 78 8.15 17.97 3.62
N GLU A 79 6.99 17.92 4.27
CA GLU A 79 6.57 16.75 5.04
C GLU A 79 6.00 15.66 4.12
N LEU A 80 5.37 16.09 3.02
CA LEU A 80 4.77 15.17 2.06
C LEU A 80 5.65 13.93 1.82
N GLY A 81 6.96 14.14 1.75
CA GLY A 81 7.89 13.04 1.53
C GLY A 81 7.62 11.84 2.43
N GLY A 82 7.12 12.09 3.64
CA GLY A 82 6.84 11.01 4.57
C GLY A 82 5.36 10.60 4.57
N LYS A 83 4.66 10.88 3.48
CA LYS A 83 3.25 10.54 3.37
C LYS A 83 2.98 9.71 2.12
N THR A 84 1.83 9.05 2.09
CA THR A 84 1.43 8.23 0.96
C THR A 84 -0.07 8.42 0.69
N LEU A 85 -0.41 9.07 -0.41
CA LEU A 85 -1.81 9.31 -0.76
C LEU A 85 -2.50 7.99 -1.05
N VAL A 86 -3.59 7.70 -0.35
CA VAL A 86 -4.32 6.46 -0.53
C VAL A 86 -5.81 6.72 -0.73
N MET A 87 -6.14 7.50 -1.74
CA MET A 87 -7.53 7.83 -2.05
C MET A 87 -8.29 6.57 -2.50
N ALA A 88 -9.52 6.43 -2.01
CA ALA A 88 -10.34 5.27 -2.36
C ALA A 88 -11.74 5.69 -2.76
N VAL A 89 -12.42 4.83 -3.50
CA VAL A 89 -13.78 5.10 -3.95
C VAL A 89 -14.75 4.14 -3.25
N TYR A 90 -15.72 4.70 -2.54
CA TYR A 90 -16.68 3.90 -1.80
C TYR A 90 -18.07 4.01 -2.41
N ASP A 91 -18.85 2.95 -2.29
CA ASP A 91 -20.20 2.92 -2.81
C ASP A 91 -21.21 3.28 -1.73
N PHE A 92 -22.39 3.70 -2.14
CA PHE A 92 -23.46 4.06 -1.22
C PHE A 92 -24.79 3.54 -1.74
N ASP A 93 -24.83 2.25 -2.08
CA ASP A 93 -26.05 1.59 -2.58
C ASP A 93 -27.30 2.01 -1.79
N ARG A 94 -27.11 2.26 -0.50
CA ARG A 94 -28.20 2.67 0.39
C ARG A 94 -29.08 1.49 0.78
N PHE A 95 -28.50 0.29 0.84
CA PHE A 95 -29.24 -0.90 1.21
C PHE A 95 -28.36 -1.91 1.94
N SER A 96 -27.44 -2.54 1.20
CA SER A 96 -26.54 -3.52 1.77
C SER A 96 -25.32 -2.83 2.37
N LYS A 97 -24.38 -3.62 2.88
CA LYS A 97 -23.16 -3.09 3.46
C LYS A 97 -22.26 -2.55 2.34
N HIS A 98 -22.57 -1.32 1.90
CA HIS A 98 -21.82 -0.65 0.82
C HIS A 98 -20.39 -1.17 0.75
N ASP A 99 -19.95 -1.52 -0.44
CA ASP A 99 -18.61 -2.06 -0.62
C ASP A 99 -17.67 -1.05 -1.25
N ILE A 100 -16.38 -1.25 -1.04
CA ILE A 100 -15.37 -0.38 -1.60
C ILE A 100 -15.02 -0.86 -3.00
N ILE A 101 -15.80 -0.40 -3.97
CA ILE A 101 -15.61 -0.78 -5.37
C ILE A 101 -14.14 -0.80 -5.78
N GLY A 102 -13.35 0.12 -5.22
CA GLY A 102 -11.94 0.16 -5.54
C GLY A 102 -11.22 1.31 -4.85
N GLU A 103 -9.95 1.46 -5.17
CA GLU A 103 -9.12 2.50 -4.58
C GLU A 103 -7.75 2.53 -5.25
N PHE A 104 -6.83 3.31 -4.69
CA PHE A 104 -5.48 3.40 -5.22
C PHE A 104 -4.59 4.18 -4.24
N LYS A 105 -3.37 4.48 -4.65
CA LYS A 105 -2.45 5.23 -3.81
C LYS A 105 -1.23 5.66 -4.61
N VAL A 106 -0.58 6.73 -4.16
CA VAL A 106 0.61 7.24 -4.83
C VAL A 106 1.64 7.73 -3.82
N PRO A 107 2.92 7.35 -4.01
CA PRO A 107 4.01 7.74 -3.11
C PRO A 107 4.27 9.25 -3.16
N MET A 108 3.80 9.96 -2.14
CA MET A 108 3.96 11.42 -2.07
C MET A 108 5.42 11.82 -2.28
N ASN A 109 6.34 11.11 -1.63
CA ASN A 109 7.77 11.41 -1.76
C ASN A 109 8.22 11.34 -3.22
N THR A 110 7.71 10.34 -3.94
CA THR A 110 8.05 10.16 -5.33
C THR A 110 7.42 11.25 -6.21
N VAL A 111 6.20 11.66 -5.84
CA VAL A 111 5.48 12.69 -6.58
C VAL A 111 6.14 14.06 -6.36
N ASP A 112 6.52 14.71 -7.45
CA ASP A 112 7.15 16.03 -7.37
C ASP A 112 6.09 17.12 -7.40
N PHE A 113 6.32 18.17 -6.64
CA PHE A 113 5.39 19.29 -6.58
C PHE A 113 5.98 20.50 -7.29
N GLY A 114 6.62 20.25 -8.43
CA GLY A 114 7.22 21.32 -9.20
C GLY A 114 6.21 22.30 -9.73
N HIS A 115 5.09 21.78 -10.24
CA HIS A 115 4.04 22.64 -10.78
C HIS A 115 2.67 22.00 -10.55
N VAL A 116 2.34 20.99 -11.34
CA VAL A 116 1.06 20.31 -11.22
C VAL A 116 1.16 18.86 -11.66
N THR A 117 0.59 17.96 -10.87
CA THR A 117 0.61 16.54 -11.16
C THR A 117 -0.63 16.17 -11.98
N GLU A 118 -0.44 15.95 -13.28
CA GLU A 118 -1.54 15.61 -14.16
C GLU A 118 -1.22 14.33 -14.94
N GLU A 119 -1.91 13.25 -14.59
CA GLU A 119 -1.70 11.96 -15.23
C GLU A 119 -2.98 11.11 -15.19
N TRP A 120 -2.99 10.02 -15.95
CA TRP A 120 -4.13 9.12 -15.99
C TRP A 120 -3.94 8.02 -14.95
N ARG A 121 -4.58 8.19 -13.81
CA ARG A 121 -4.48 7.24 -12.71
C ARG A 121 -5.35 6.01 -12.94
N ASP A 122 -4.76 4.85 -12.76
CA ASP A 122 -5.48 3.59 -12.89
C ASP A 122 -6.14 3.27 -11.55
N LEU A 123 -7.36 2.76 -11.60
CA LEU A 123 -8.10 2.43 -10.41
C LEU A 123 -8.00 0.94 -10.11
N GLN A 124 -7.74 0.61 -8.85
CA GLN A 124 -7.60 -0.79 -8.47
C GLN A 124 -8.67 -1.20 -7.46
N SER A 125 -8.96 -2.49 -7.41
CA SER A 125 -9.93 -3.05 -6.50
C SER A 125 -9.21 -3.79 -5.38
N ALA A 126 -9.25 -3.25 -4.18
CA ALA A 126 -8.57 -3.87 -3.04
C ALA A 126 -9.57 -4.56 -2.12
N GLU A 127 -9.28 -5.81 -1.76
CA GLU A 127 -10.14 -6.57 -0.88
C GLU A 127 -10.25 -5.87 0.48
N LYS A 128 -11.40 -5.27 0.73
CA LYS A 128 -11.62 -4.57 1.98
C LYS A 128 -12.79 -5.20 2.73
N TYR B 1 28.77 -5.41 5.52
CA TYR B 1 28.31 -4.27 6.32
C TYR B 1 26.84 -4.44 6.69
N LYS B 2 26.57 -5.42 7.55
CA LYS B 2 25.20 -5.70 7.98
C LYS B 2 24.54 -4.41 8.47
N LYS B 3 23.69 -3.85 7.63
CA LYS B 3 22.99 -2.61 7.93
C LYS B 3 21.71 -2.52 7.10
N PRO B 4 20.98 -1.38 7.19
CA PRO B 4 19.74 -1.14 6.46
C PRO B 4 19.58 -2.02 5.22
N LYS B 5 18.71 -3.00 5.32
CA LYS B 5 18.45 -3.92 4.22
C LYS B 5 17.10 -3.60 3.58
N LEU B 6 17.12 -3.21 2.31
CA LEU B 6 15.90 -2.88 1.58
C LEU B 6 15.27 -4.16 1.04
N LEU B 7 13.94 -4.22 1.10
CA LEU B 7 13.19 -5.37 0.62
C LEU B 7 11.88 -4.94 -0.04
N TYR B 8 11.59 -5.50 -1.20
CA TYR B 8 10.35 -5.19 -1.92
C TYR B 8 10.09 -6.27 -2.97
N CYS B 9 8.92 -6.22 -3.61
CA CYS B 9 8.59 -7.22 -4.63
C CYS B 9 7.63 -6.65 -5.68
N SER B 10 7.36 -7.46 -6.70
CA SER B 10 6.48 -7.07 -7.79
C SER B 10 7.23 -6.13 -8.74
N ASN B 11 7.53 -6.62 -9.94
CA ASN B 11 8.27 -5.83 -10.94
C ASN B 11 7.81 -4.38 -10.92
N GLY B 12 8.79 -3.48 -10.81
CA GLY B 12 8.49 -2.06 -10.78
C GLY B 12 9.28 -1.36 -9.69
N GLY B 13 8.87 -0.12 -9.39
CA GLY B 13 9.56 0.66 -8.37
C GLY B 13 8.67 0.95 -7.18
N HIS B 14 8.73 0.11 -6.17
CA HIS B 14 7.93 0.30 -4.95
C HIS B 14 8.65 -0.32 -3.75
N PHE B 15 9.48 0.48 -3.09
CA PHE B 15 10.24 0.02 -1.93
C PHE B 15 9.38 0.04 -0.68
N LEU B 16 9.60 -0.93 0.21
CA LEU B 16 8.86 -1.03 1.45
C LEU B 16 9.21 0.13 2.38
N ARG B 17 8.31 1.11 2.47
CA ARG B 17 8.54 2.27 3.33
C ARG B 17 7.84 2.08 4.67
N ILE B 18 8.64 1.84 5.71
CA ILE B 18 8.11 1.62 7.05
C ILE B 18 8.03 2.91 7.86
N LEU B 19 6.97 3.03 8.66
CA LEU B 19 6.75 4.20 9.48
C LEU B 19 6.29 3.78 10.88
N PRO B 20 6.73 4.51 11.93
CA PRO B 20 6.37 4.22 13.33
C PRO B 20 4.93 3.76 13.52
N ASP B 21 4.02 4.37 12.76
CA ASP B 21 2.60 4.01 12.83
C ASP B 21 2.41 2.51 12.62
N GLY B 22 2.97 1.99 11.55
CA GLY B 22 2.85 0.59 11.24
C GLY B 22 2.40 0.33 9.80
N THR B 23 1.62 1.25 9.26
CA THR B 23 1.12 1.12 7.89
C THR B 23 2.25 1.31 6.88
N VAL B 24 3.04 0.26 6.68
CA VAL B 24 4.15 0.28 5.73
C VAL B 24 3.60 0.07 4.31
N ASP B 25 4.11 0.86 3.35
CA ASP B 25 3.67 0.76 1.96
C ASP B 25 4.87 0.63 1.01
N GLY B 26 4.58 0.40 -0.26
CA GLY B 26 5.61 0.27 -1.26
C GLY B 26 5.79 1.55 -2.06
N THR B 27 6.78 2.33 -1.70
CA THR B 27 7.05 3.60 -2.38
C THR B 27 8.47 3.61 -2.94
N ARG B 28 8.61 4.03 -4.20
CA ARG B 28 9.92 4.12 -4.82
C ARG B 28 10.66 5.34 -4.29
N ASP B 29 11.01 5.28 -3.01
CA ASP B 29 11.70 6.37 -2.36
C ASP B 29 12.91 5.85 -1.56
N ARG B 30 13.98 6.62 -1.60
CA ARG B 30 15.20 6.29 -0.89
C ARG B 30 15.86 7.57 -0.37
N SER B 31 15.05 8.60 -0.17
CA SER B 31 15.54 9.89 0.29
C SER B 31 15.85 9.84 1.79
N ASP B 32 14.86 9.48 2.59
CA ASP B 32 15.02 9.41 4.04
C ASP B 32 15.04 7.96 4.51
N GLN B 33 15.62 7.74 5.68
CA GLN B 33 15.71 6.39 6.24
C GLN B 33 14.33 5.89 6.68
N HIS B 34 13.55 5.44 5.71
CA HIS B 34 12.21 4.91 5.99
C HIS B 34 11.87 3.72 5.09
N ILE B 35 12.89 3.15 4.44
CA ILE B 35 12.70 2.01 3.55
C ILE B 35 13.82 0.99 3.75
N GLN B 36 14.22 0.79 5.00
CA GLN B 36 15.30 -0.12 5.33
C GLN B 36 14.97 -0.91 6.60
N LEU B 37 15.13 -2.23 6.52
CA LEU B 37 14.86 -3.10 7.67
C LEU B 37 16.12 -3.90 8.01
N GLN B 38 16.12 -4.54 9.17
CA GLN B 38 17.28 -5.32 9.61
C GLN B 38 17.06 -6.82 9.38
N LEU B 39 16.68 -7.17 8.16
CA LEU B 39 16.42 -8.57 7.79
C LEU B 39 17.64 -9.42 8.12
N SER B 40 17.48 -10.34 9.07
CA SER B 40 18.58 -11.20 9.46
C SER B 40 18.08 -12.54 10.00
N ALA B 41 18.82 -13.61 9.70
CA ALA B 41 18.46 -14.93 10.17
C ALA B 41 18.85 -15.08 11.64
N GLU B 42 17.86 -15.06 12.51
CA GLU B 42 18.10 -15.17 13.95
C GLU B 42 18.19 -16.63 14.39
N SER B 43 17.35 -17.48 13.80
CA SER B 43 17.34 -18.90 14.14
C SER B 43 17.53 -19.76 12.89
N VAL B 44 17.61 -21.07 13.09
CA VAL B 44 17.79 -22.02 11.99
C VAL B 44 16.82 -21.73 10.84
N GLY B 45 17.32 -21.04 9.82
CA GLY B 45 16.51 -20.69 8.67
C GLY B 45 15.37 -19.75 9.03
N GLU B 46 15.51 -19.02 10.13
CA GLU B 46 14.49 -18.10 10.57
C GLU B 46 14.99 -16.66 10.54
N VAL B 47 14.41 -15.87 9.66
CA VAL B 47 14.79 -14.47 9.52
C VAL B 47 13.77 -13.58 10.22
N TYR B 48 14.27 -12.57 10.91
CA TYR B 48 13.41 -11.63 11.64
C TYR B 48 13.26 -10.33 10.85
N ILE B 49 12.04 -10.04 10.42
CA ILE B 49 11.78 -8.82 9.68
C ILE B 49 11.43 -7.69 10.64
N LYS B 50 12.43 -6.87 10.96
CA LYS B 50 12.26 -5.76 11.87
C LYS B 50 13.07 -4.54 11.41
N SER B 51 12.53 -3.35 11.65
CA SER B 51 13.20 -2.12 11.26
C SER B 51 13.71 -1.42 12.52
N THR B 52 15.01 -1.52 12.77
CA THR B 52 15.61 -0.90 13.93
C THR B 52 15.77 0.62 13.76
N GLU B 53 16.88 1.04 13.18
CA GLU B 53 17.14 2.47 12.98
C GLU B 53 16.43 2.98 11.72
N THR B 54 15.09 3.03 11.79
CA THR B 54 14.28 3.51 10.66
C THR B 54 12.79 3.27 10.92
N GLY B 55 12.44 2.05 11.32
CA GLY B 55 11.05 1.72 11.57
C GLY B 55 10.84 1.12 12.94
N GLN B 56 10.16 -0.03 12.98
CA GLN B 56 9.87 -0.71 14.23
C GLN B 56 9.84 -2.23 14.03
N TYR B 57 9.38 -2.95 15.04
CA TYR B 57 9.28 -4.41 14.98
C TYR B 57 7.97 -4.80 14.32
N LEU B 58 8.02 -5.75 13.39
CA LEU B 58 6.83 -6.18 12.65
C LEU B 58 6.10 -7.34 13.33
N ALA B 59 4.81 -7.39 13.07
CA ALA B 59 3.92 -8.42 13.61
C ALA B 59 2.75 -8.61 12.64
N MET B 60 2.61 -9.82 12.11
CA MET B 60 1.56 -10.10 11.14
C MET B 60 0.32 -10.68 11.82
N ASP B 61 -0.79 -9.94 11.76
CA ASP B 61 -2.05 -10.40 12.35
C ASP B 61 -2.53 -11.62 11.60
N THR B 62 -2.28 -12.79 12.18
CA THR B 62 -2.69 -14.05 11.56
C THR B 62 -2.19 -14.09 10.11
N ASP B 63 -1.07 -13.41 9.84
CA ASP B 63 -0.47 -13.34 8.50
C ASP B 63 -1.30 -12.43 7.58
N GLY B 64 -2.63 -12.60 7.60
CA GLY B 64 -3.52 -11.80 6.79
C GLY B 64 -3.13 -10.32 6.75
N LEU B 65 -2.98 -9.71 7.91
CA LEU B 65 -2.62 -8.30 7.99
C LEU B 65 -1.18 -8.14 8.50
N LEU B 66 -0.29 -7.79 7.59
CA LEU B 66 1.11 -7.59 7.92
C LEU B 66 1.34 -6.15 8.39
N TYR B 67 2.03 -6.00 9.52
CA TYR B 67 2.31 -4.67 10.06
C TYR B 67 3.45 -4.75 11.08
N GLY B 68 3.74 -3.62 11.73
CA GLY B 68 4.79 -3.58 12.72
C GLY B 68 4.87 -2.24 13.42
N SER B 69 5.23 -2.25 14.69
CA SER B 69 5.35 -1.01 15.46
C SER B 69 5.66 -1.27 16.94
N GLN B 70 4.74 -1.93 17.63
CA GLN B 70 4.91 -2.19 19.06
C GLN B 70 5.88 -3.34 19.35
N THR B 71 5.37 -4.56 19.41
CA THR B 71 6.20 -5.72 19.73
C THR B 71 6.17 -6.78 18.62
N PRO B 72 7.35 -7.35 18.31
CA PRO B 72 7.48 -8.39 17.29
C PRO B 72 7.05 -9.76 17.82
N ASN B 73 5.76 -10.05 17.71
CA ASN B 73 5.23 -11.33 18.19
C ASN B 73 5.82 -12.49 17.36
N GLU B 74 5.56 -13.72 17.78
CA GLU B 74 6.07 -14.91 17.07
C GLU B 74 6.02 -14.74 15.55
N GLU B 75 4.93 -14.13 15.06
CA GLU B 75 4.76 -13.92 13.61
C GLU B 75 5.87 -13.04 13.02
N CYS B 76 6.70 -12.43 13.86
CA CYS B 76 7.80 -11.60 13.38
C CYS B 76 8.92 -12.45 12.78
N LEU B 77 8.94 -13.75 13.08
CA LEU B 77 9.96 -14.65 12.56
C LEU B 77 9.44 -15.40 11.34
N PHE B 78 10.23 -15.42 10.27
CA PHE B 78 9.85 -16.10 9.05
C PHE B 78 10.96 -17.03 8.56
N LEU B 79 10.57 -18.13 7.95
CA LEU B 79 11.52 -19.11 7.44
C LEU B 79 12.21 -18.54 6.19
N GLU B 80 13.52 -18.46 6.24
CA GLU B 80 14.30 -17.91 5.14
C GLU B 80 14.35 -18.89 3.96
N ARG B 81 13.74 -18.49 2.85
CA ARG B 81 13.70 -19.31 1.64
C ARG B 81 14.04 -18.45 0.42
N LEU B 82 14.54 -19.09 -0.63
CA LEU B 82 14.89 -18.38 -1.86
C LEU B 82 14.32 -19.10 -3.07
N GLU B 83 13.94 -18.33 -4.09
CA GLU B 83 13.40 -18.91 -5.32
C GLU B 83 14.43 -18.82 -6.43
N GLU B 84 14.36 -19.75 -7.39
CA GLU B 84 15.31 -19.77 -8.51
C GLU B 84 14.93 -18.73 -9.59
N ASN B 85 14.16 -17.72 -9.17
CA ASN B 85 13.73 -16.64 -10.05
C ASN B 85 14.41 -15.33 -9.62
N HIS B 86 15.46 -15.46 -8.79
CA HIS B 86 16.20 -14.31 -8.26
C HIS B 86 15.31 -13.51 -7.31
N TYR B 87 14.74 -14.20 -6.32
CA TYR B 87 13.87 -13.57 -5.34
C TYR B 87 13.88 -14.34 -4.01
N ASN B 88 13.60 -13.63 -2.94
CA ASN B 88 13.60 -14.22 -1.61
C ASN B 88 12.19 -14.64 -1.21
N THR B 89 12.10 -15.59 -0.29
CA THR B 89 10.82 -16.07 0.20
C THR B 89 10.90 -16.29 1.71
N TYR B 90 9.87 -15.88 2.43
CA TYR B 90 9.86 -16.03 3.88
C TYR B 90 8.56 -16.65 4.34
N ILE B 91 8.66 -17.83 4.95
CA ILE B 91 7.48 -18.55 5.43
C ILE B 91 7.16 -18.15 6.87
N SER B 92 5.97 -17.63 7.07
CA SER B 92 5.51 -17.21 8.39
C SER B 92 5.30 -18.44 9.29
N LYS B 93 6.42 -19.05 9.71
CA LYS B 93 6.38 -20.26 10.55
C LYS B 93 5.29 -20.15 11.62
N LYS B 94 5.17 -18.98 12.24
CA LYS B 94 4.17 -18.76 13.27
C LYS B 94 2.76 -19.17 12.81
N HIS B 95 2.50 -19.12 11.51
CA HIS B 95 1.20 -19.50 10.98
C HIS B 95 1.31 -20.26 9.67
N ALA B 96 2.43 -20.95 9.48
CA ALA B 96 2.64 -21.74 8.27
C ALA B 96 1.59 -22.85 8.15
N GLU B 97 0.84 -23.06 9.24
CA GLU B 97 -0.21 -24.07 9.28
C GLU B 97 -1.03 -24.08 7.99
N LYS B 98 -1.42 -22.90 7.53
CA LYS B 98 -2.23 -22.77 6.31
C LYS B 98 -1.36 -22.74 5.04
N ASN B 99 -0.07 -23.04 5.19
CA ASN B 99 0.86 -23.01 4.06
C ASN B 99 0.97 -21.60 3.51
N TRP B 100 0.99 -20.63 4.43
CA TRP B 100 1.08 -19.22 4.07
C TRP B 100 2.48 -18.67 4.34
N PHE B 101 2.91 -17.76 3.48
CA PHE B 101 4.19 -17.10 3.62
C PHE B 101 4.05 -15.61 3.33
N VAL B 102 4.35 -14.80 4.33
CA VAL B 102 4.25 -13.34 4.25
C VAL B 102 4.40 -12.80 2.83
N GLY B 103 3.38 -12.06 2.39
CA GLY B 103 3.37 -11.47 1.07
C GLY B 103 2.71 -10.10 1.07
N LEU B 104 3.24 -9.17 0.28
CA LEU B 104 2.70 -7.83 0.23
C LEU B 104 2.27 -7.45 -1.19
N LYS B 105 1.73 -6.23 -1.32
CA LYS B 105 1.28 -5.71 -2.61
C LYS B 105 1.98 -4.38 -2.88
N LYS B 106 2.85 -4.36 -3.89
CA LYS B 106 3.58 -3.13 -4.24
C LYS B 106 2.61 -1.99 -4.53
N ASN B 107 1.38 -2.32 -4.92
CA ASN B 107 0.36 -1.32 -5.22
C ASN B 107 -0.63 -1.17 -4.07
N GLY B 108 -0.20 -1.50 -2.85
CA GLY B 108 -1.09 -1.40 -1.71
C GLY B 108 -0.35 -1.37 -0.39
N SER B 109 0.18 -2.51 0.01
CA SER B 109 0.91 -2.65 1.27
C SER B 109 1.10 -4.14 1.59
N CYS B 110 1.62 -4.43 2.77
CA CYS B 110 1.83 -5.81 3.20
C CYS B 110 0.59 -6.32 3.94
N LYS B 111 -0.20 -7.15 3.26
CA LYS B 111 -1.40 -7.74 3.84
C LYS B 111 -2.09 -8.62 2.79
N ARG B 112 -1.62 -9.86 2.68
CA ARG B 112 -2.19 -10.80 1.73
C ARG B 112 -2.26 -12.22 2.29
N GLY B 113 -2.29 -12.34 3.62
CA GLY B 113 -2.35 -13.66 4.25
C GLY B 113 -3.28 -14.61 3.53
N PRO B 114 -4.56 -14.24 3.32
CA PRO B 114 -5.51 -15.10 2.62
C PRO B 114 -5.03 -15.54 1.23
N ARG B 115 -3.93 -14.97 0.75
CA ARG B 115 -3.37 -15.33 -0.56
C ARG B 115 -1.85 -15.49 -0.50
N THR B 116 -1.28 -15.63 0.71
CA THR B 116 0.16 -15.79 0.87
C THR B 116 0.60 -17.20 0.49
N HIS B 117 0.24 -17.61 -0.71
CA HIS B 117 0.56 -18.93 -1.24
C HIS B 117 0.89 -18.79 -2.73
N TYR B 118 0.70 -19.84 -3.52
CA TYR B 118 0.98 -19.73 -4.95
C TYR B 118 -0.10 -18.91 -5.65
N GLY B 119 -0.28 -17.67 -5.18
CA GLY B 119 -1.26 -16.77 -5.73
C GLY B 119 -0.86 -15.32 -5.55
N GLN B 120 0.45 -15.08 -5.46
CA GLN B 120 0.98 -13.74 -5.27
C GLN B 120 2.49 -13.74 -5.49
N LYS B 121 2.91 -13.45 -6.72
CA LYS B 121 4.34 -13.42 -7.04
C LYS B 121 5.07 -12.43 -6.12
N ALA B 122 4.33 -11.42 -5.64
CA ALA B 122 4.88 -10.41 -4.75
C ALA B 122 5.50 -11.03 -3.49
N ILE B 123 5.18 -12.29 -3.22
CA ILE B 123 5.76 -12.98 -2.06
C ILE B 123 7.26 -13.19 -2.27
N LEU B 124 7.67 -13.27 -3.53
CA LEU B 124 9.08 -13.45 -3.87
C LEU B 124 9.80 -12.12 -3.73
N PHE B 125 10.02 -11.72 -2.49
CA PHE B 125 10.67 -10.45 -2.17
C PHE B 125 12.05 -10.31 -2.81
N LEU B 126 12.33 -9.10 -3.27
CA LEU B 126 13.61 -8.77 -3.88
C LEU B 126 14.39 -7.88 -2.92
N PRO B 127 15.39 -8.43 -2.23
CA PRO B 127 16.19 -7.68 -1.26
C PRO B 127 17.37 -6.93 -1.87
N LEU B 128 17.74 -5.84 -1.21
CA LEU B 128 18.87 -5.01 -1.63
C LEU B 128 19.67 -4.58 -0.40
N PRO B 129 20.31 -5.55 0.30
CA PRO B 129 21.10 -5.29 1.49
C PRO B 129 22.60 -5.21 1.20
N VAL B 130 23.31 -4.48 2.05
CA VAL B 130 24.76 -4.34 1.90
C VAL B 130 25.49 -5.54 2.52
N SER B 131 25.35 -6.69 1.88
CA SER B 131 25.97 -7.93 2.32
C SER B 131 27.46 -7.72 2.67
N SER B 132 27.87 -8.27 3.81
CA SER B 132 29.25 -8.14 4.26
C SER B 132 30.19 -8.99 3.42
N ASP B 133 30.42 -8.57 2.18
CA ASP B 133 31.31 -9.28 1.28
C ASP B 133 32.54 -8.45 0.95
N GLU A 1 -5.21 -7.59 -9.36
CA GLU A 1 -6.50 -6.93 -9.02
C GLU A 1 -6.87 -5.93 -10.11
N LYS A 2 -8.15 -5.57 -10.20
CA LYS A 2 -8.61 -4.64 -11.22
C LYS A 2 -9.80 -3.82 -10.75
N LEU A 3 -9.71 -2.51 -10.91
CA LEU A 3 -10.79 -1.60 -10.54
C LEU A 3 -11.04 -0.59 -11.68
N GLY A 4 -10.37 -0.79 -12.82
CA GLY A 4 -10.53 0.10 -13.95
C GLY A 4 -9.49 1.21 -13.95
N LYS A 5 -9.93 2.43 -14.16
CA LYS A 5 -9.02 3.57 -14.18
C LYS A 5 -9.75 4.83 -13.73
N LEU A 6 -9.00 5.76 -13.15
CA LEU A 6 -9.57 7.01 -12.65
C LEU A 6 -8.72 8.19 -13.12
N GLN A 7 -9.36 9.14 -13.78
CA GLN A 7 -8.67 10.32 -14.28
C GLN A 7 -8.71 11.40 -13.19
N TYR A 8 -7.60 12.10 -13.00
CA TYR A 8 -7.54 13.14 -11.98
C TYR A 8 -6.46 14.17 -12.26
N SER A 9 -6.75 15.40 -11.84
CA SER A 9 -5.83 16.52 -12.00
C SER A 9 -5.62 17.14 -10.64
N LEU A 10 -4.52 16.79 -9.99
CA LEU A 10 -4.22 17.28 -8.66
C LEU A 10 -3.20 18.41 -8.68
N ASP A 11 -3.17 19.20 -7.63
CA ASP A 11 -2.23 20.30 -7.49
C ASP A 11 -2.01 20.58 -6.00
N TYR A 12 -1.28 21.63 -5.65
CA TYR A 12 -1.03 21.92 -4.25
C TYR A 12 -1.05 23.41 -3.96
N ASP A 13 -1.18 23.75 -2.68
CA ASP A 13 -1.19 25.13 -2.23
C ASP A 13 -0.26 25.29 -1.04
N PHE A 14 0.69 26.22 -1.14
CA PHE A 14 1.65 26.45 -0.06
C PHE A 14 1.19 27.56 0.89
N GLN A 15 0.13 28.30 0.53
CA GLN A 15 -0.36 29.36 1.39
C GLN A 15 -1.01 28.75 2.64
N ASN A 16 -1.82 27.72 2.41
CA ASN A 16 -2.49 27.01 3.49
C ASN A 16 -1.77 25.68 3.79
N ASN A 17 -0.88 25.28 2.89
CA ASN A 17 -0.11 24.05 3.04
C ASN A 17 -1.01 22.83 2.91
N GLN A 18 -1.42 22.55 1.68
CA GLN A 18 -2.27 21.40 1.41
C GLN A 18 -2.30 21.11 -0.09
N LEU A 19 -2.65 19.89 -0.45
CA LEU A 19 -2.72 19.49 -1.85
C LEU A 19 -4.18 19.45 -2.30
N LEU A 20 -4.41 19.95 -3.50
CA LEU A 20 -5.75 19.97 -4.07
C LEU A 20 -5.94 18.76 -4.98
N VAL A 21 -6.50 17.69 -4.42
CA VAL A 21 -6.72 16.48 -5.18
C VAL A 21 -8.08 16.55 -5.88
N GLY A 22 -8.06 16.98 -7.14
CA GLY A 22 -9.28 17.08 -7.91
C GLY A 22 -9.38 16.00 -8.97
N ILE A 23 -9.98 14.87 -8.62
CA ILE A 23 -10.13 13.78 -9.57
C ILE A 23 -11.16 14.16 -10.62
N ILE A 24 -11.26 13.37 -11.68
CA ILE A 24 -12.20 13.65 -12.75
C ILE A 24 -13.32 12.61 -12.75
N GLN A 25 -12.96 11.35 -13.00
CA GLN A 25 -13.94 10.27 -13.04
C GLN A 25 -13.25 8.92 -12.98
N ALA A 26 -14.03 7.89 -12.65
CA ALA A 26 -13.53 6.51 -12.58
C ALA A 26 -14.30 5.64 -13.56
N ALA A 27 -13.59 4.75 -14.25
CA ALA A 27 -14.24 3.90 -15.24
C ALA A 27 -13.88 2.42 -15.04
N GLU A 28 -14.91 1.57 -15.18
CA GLU A 28 -14.77 0.11 -15.05
C GLU A 28 -14.75 -0.34 -13.59
N LEU A 29 -15.67 0.19 -12.79
CA LEU A 29 -15.76 -0.18 -11.38
C LEU A 29 -16.57 -1.48 -11.25
N PRO A 30 -16.18 -2.37 -10.33
CA PRO A 30 -16.87 -3.65 -10.09
C PRO A 30 -18.34 -3.46 -9.71
N ALA A 31 -19.15 -4.47 -10.00
CA ALA A 31 -20.58 -4.44 -9.70
C ALA A 31 -20.88 -5.03 -8.31
N LEU A 32 -21.38 -4.19 -7.42
CA LEU A 32 -21.72 -4.62 -6.06
C LEU A 32 -23.23 -4.63 -5.84
N ASP A 33 -23.95 -3.74 -6.54
CA ASP A 33 -25.40 -3.66 -6.42
C ASP A 33 -26.07 -4.76 -7.22
N MET A 34 -27.28 -5.15 -6.80
CA MET A 34 -28.03 -6.18 -7.49
C MET A 34 -28.50 -5.70 -8.87
N GLY A 35 -27.55 -5.55 -9.79
CA GLY A 35 -27.87 -5.11 -11.14
C GLY A 35 -26.64 -4.68 -11.91
N GLY A 36 -25.60 -5.52 -11.89
CA GLY A 36 -24.36 -5.23 -12.60
C GLY A 36 -23.91 -3.79 -12.45
N THR A 37 -24.12 -3.22 -11.27
CA THR A 37 -23.73 -1.85 -10.99
C THR A 37 -23.42 -1.68 -9.51
N SER A 38 -23.02 -0.48 -9.10
CA SER A 38 -22.69 -0.22 -7.71
C SER A 38 -22.82 1.27 -7.40
N ASP A 39 -22.67 1.60 -6.12
CA ASP A 39 -22.71 2.99 -5.65
C ASP A 39 -21.31 3.37 -5.18
N PRO A 40 -20.33 3.36 -6.11
CA PRO A 40 -18.93 3.65 -5.78
C PRO A 40 -18.61 5.11 -5.52
N TYR A 41 -18.10 5.39 -4.33
CA TYR A 41 -17.69 6.72 -3.96
C TYR A 41 -16.25 6.66 -3.46
N VAL A 42 -15.46 7.67 -3.82
CA VAL A 42 -14.05 7.69 -3.42
C VAL A 42 -13.87 8.35 -2.06
N LYS A 43 -13.25 7.62 -1.14
CA LYS A 43 -12.97 8.15 0.19
C LYS A 43 -11.46 8.36 0.31
N VAL A 44 -11.06 9.60 0.51
CA VAL A 44 -9.65 9.95 0.60
C VAL A 44 -9.05 9.48 1.92
N PHE A 45 -7.96 8.74 1.82
CA PHE A 45 -7.25 8.24 2.97
C PHE A 45 -5.76 8.57 2.85
N LEU A 46 -5.03 8.42 3.94
CA LEU A 46 -3.61 8.71 3.95
C LEU A 46 -2.87 7.73 4.84
N LEU A 47 -1.55 7.70 4.68
CA LEU A 47 -0.70 6.84 5.50
C LEU A 47 -0.80 7.28 6.97
N PRO A 48 0.05 6.74 7.88
CA PRO A 48 0.04 7.11 9.29
C PRO A 48 -0.48 8.52 9.56
N ASP A 49 -0.03 9.47 8.74
CA ASP A 49 -0.46 10.87 8.84
C ASP A 49 -1.95 10.95 9.19
N LYS A 50 -2.77 10.33 8.34
CA LYS A 50 -4.22 10.29 8.51
C LYS A 50 -4.80 11.64 8.96
N LYS A 51 -4.14 12.74 8.61
CA LYS A 51 -4.63 14.07 8.99
C LYS A 51 -5.51 14.62 7.89
N LYS A 52 -6.58 13.89 7.57
CA LYS A 52 -7.50 14.30 6.51
C LYS A 52 -8.56 13.22 6.30
N LYS A 53 -9.82 13.63 6.29
CA LYS A 53 -10.93 12.70 6.09
C LYS A 53 -12.04 13.37 5.30
N PHE A 54 -12.16 13.01 4.04
CA PHE A 54 -13.18 13.57 3.17
C PHE A 54 -13.84 12.47 2.34
N GLU A 55 -15.16 12.52 2.27
CA GLU A 55 -15.93 11.54 1.53
C GLU A 55 -16.65 12.22 0.36
N THR A 56 -16.69 11.54 -0.78
CA THR A 56 -17.36 12.07 -1.96
C THR A 56 -18.85 11.75 -1.94
N LYS A 57 -19.60 12.30 -2.88
CA LYS A 57 -21.03 12.06 -2.95
C LYS A 57 -21.28 10.64 -3.46
N VAL A 58 -22.20 9.94 -2.82
CA VAL A 58 -22.54 8.58 -3.22
C VAL A 58 -23.03 8.55 -4.66
N HIS A 59 -22.21 8.00 -5.55
CA HIS A 59 -22.57 7.90 -6.95
C HIS A 59 -23.38 6.62 -7.14
N ARG A 60 -24.68 6.73 -6.89
CA ARG A 60 -25.60 5.59 -6.97
C ARG A 60 -25.57 4.88 -8.32
N LYS A 61 -25.67 3.56 -8.25
CA LYS A 61 -25.71 2.67 -9.42
C LYS A 61 -24.97 3.24 -10.63
N THR A 62 -23.65 3.28 -10.57
CA THR A 62 -22.84 3.79 -11.67
C THR A 62 -21.40 3.28 -11.58
N LEU A 63 -21.01 2.47 -12.56
CA LEU A 63 -19.66 1.91 -12.60
C LEU A 63 -18.68 2.88 -13.28
N ASN A 64 -19.22 3.91 -13.94
CA ASN A 64 -18.42 4.92 -14.60
C ASN A 64 -18.87 6.31 -14.12
N PRO A 65 -18.71 6.59 -12.82
CA PRO A 65 -19.13 7.85 -12.22
C PRO A 65 -18.22 9.02 -12.58
N VAL A 66 -18.87 10.15 -12.87
CA VAL A 66 -18.17 11.40 -13.19
C VAL A 66 -18.65 12.48 -12.25
N PHE A 67 -17.73 13.28 -11.71
CA PHE A 67 -18.11 14.32 -10.77
C PHE A 67 -17.06 15.42 -10.67
N ASN A 68 -15.79 15.03 -10.66
CA ASN A 68 -14.70 15.99 -10.56
C ASN A 68 -14.71 16.67 -9.19
N GLU A 69 -14.82 15.86 -8.14
CA GLU A 69 -14.86 16.36 -6.77
C GLU A 69 -13.45 16.77 -6.28
N GLN A 70 -13.40 17.60 -5.24
CA GLN A 70 -12.14 18.12 -4.72
C GLN A 70 -11.79 17.54 -3.35
N PHE A 71 -10.60 16.95 -3.24
CA PHE A 71 -10.12 16.40 -1.98
C PHE A 71 -9.07 17.33 -1.36
N THR A 72 -9.39 17.86 -0.18
CA THR A 72 -8.49 18.77 0.53
C THR A 72 -7.38 17.99 1.23
N PHE A 73 -6.25 17.85 0.54
CA PHE A 73 -5.11 17.13 1.10
C PHE A 73 -4.39 18.02 2.12
N LYS A 74 -5.01 18.18 3.29
CA LYS A 74 -4.45 19.00 4.36
C LYS A 74 -3.10 18.46 4.84
N VAL A 75 -2.02 18.95 4.25
CA VAL A 75 -0.68 18.52 4.62
C VAL A 75 0.35 19.52 4.14
N PRO A 76 1.28 19.92 5.02
CA PRO A 76 2.36 20.86 4.66
C PRO A 76 3.26 20.26 3.59
N TYR A 77 3.58 21.04 2.56
CA TYR A 77 4.43 20.55 1.47
C TYR A 77 5.67 19.84 2.00
N SER A 78 6.32 20.43 3.00
CA SER A 78 7.51 19.83 3.59
C SER A 78 7.15 18.53 4.31
N GLU A 79 6.04 18.56 5.05
CA GLU A 79 5.56 17.39 5.80
C GLU A 79 5.04 16.32 4.85
N LEU A 80 4.46 16.77 3.73
CA LEU A 80 3.91 15.87 2.71
C LEU A 80 4.93 14.82 2.26
N GLY A 81 6.21 15.17 2.28
CA GLY A 81 7.26 14.27 1.86
C GLY A 81 6.98 12.81 2.19
N GLY A 82 6.92 12.48 3.47
CA GLY A 82 6.69 11.11 3.89
C GLY A 82 5.22 10.76 4.00
N LYS A 83 4.43 11.07 2.97
CA LYS A 83 2.99 10.77 2.97
C LYS A 83 2.61 9.89 1.80
N THR A 84 1.86 8.84 2.09
CA THR A 84 1.40 7.91 1.08
C THR A 84 -0.08 8.17 0.78
N LEU A 85 -0.35 8.81 -0.36
CA LEU A 85 -1.72 9.12 -0.74
C LEU A 85 -2.45 7.83 -1.11
N VAL A 86 -3.59 7.60 -0.46
CA VAL A 86 -4.38 6.41 -0.73
C VAL A 86 -5.85 6.78 -0.97
N MET A 87 -6.29 6.59 -2.21
CA MET A 87 -7.68 6.90 -2.58
C MET A 87 -8.47 5.61 -2.71
N ALA A 88 -9.39 5.39 -1.80
CA ALA A 88 -10.20 4.18 -1.82
C ALA A 88 -11.62 4.45 -2.29
N VAL A 89 -12.06 3.69 -3.29
CA VAL A 89 -13.41 3.82 -3.81
C VAL A 89 -14.28 2.77 -3.16
N TYR A 90 -15.24 3.22 -2.37
CA TYR A 90 -16.13 2.33 -1.64
C TYR A 90 -17.52 2.32 -2.26
N ASP A 91 -18.15 1.15 -2.28
CA ASP A 91 -19.50 1.02 -2.80
C ASP A 91 -20.52 1.40 -1.74
N PHE A 92 -21.71 1.74 -2.17
CA PHE A 92 -22.78 2.14 -1.27
C PHE A 92 -24.11 1.54 -1.72
N ASP A 93 -24.12 0.26 -2.06
CA ASP A 93 -25.34 -0.43 -2.51
C ASP A 93 -26.53 -0.08 -1.62
N ARG A 94 -26.26 0.17 -0.34
CA ARG A 94 -27.29 0.53 0.64
C ARG A 94 -28.14 -0.68 1.02
N PHE A 95 -27.53 -1.86 0.99
CA PHE A 95 -28.24 -3.09 1.34
C PHE A 95 -27.30 -4.09 2.02
N SER A 96 -26.41 -4.67 1.24
CA SER A 96 -25.45 -5.65 1.75
C SER A 96 -24.23 -4.96 2.34
N LYS A 97 -23.33 -5.74 2.92
CA LYS A 97 -22.11 -5.18 3.50
C LYS A 97 -21.21 -4.63 2.40
N HIS A 98 -21.55 -3.44 1.90
CA HIS A 98 -20.76 -2.78 0.84
C HIS A 98 -19.27 -2.99 1.07
N ASP A 99 -18.53 -3.18 -0.01
CA ASP A 99 -17.09 -3.41 0.08
C ASP A 99 -16.31 -2.41 -0.76
N ILE A 100 -15.01 -2.31 -0.50
CA ILE A 100 -14.15 -1.40 -1.23
C ILE A 100 -13.70 -2.04 -2.54
N ILE A 101 -14.42 -1.72 -3.61
CA ILE A 101 -14.11 -2.26 -4.94
C ILE A 101 -12.63 -2.15 -5.27
N GLY A 102 -11.99 -1.06 -4.83
CA GLY A 102 -10.58 -0.88 -5.09
C GLY A 102 -10.05 0.42 -4.52
N GLU A 103 -8.74 0.64 -4.64
CA GLU A 103 -8.12 1.85 -4.11
C GLU A 103 -6.71 2.05 -4.68
N PHE A 104 -6.44 3.25 -5.18
CA PHE A 104 -5.13 3.57 -5.73
C PHE A 104 -4.35 4.41 -4.73
N LYS A 105 -3.02 4.41 -4.84
CA LYS A 105 -2.19 5.16 -3.91
C LYS A 105 -0.88 5.61 -4.55
N VAL A 106 -0.23 6.56 -3.90
CA VAL A 106 1.04 7.11 -4.39
C VAL A 106 1.81 7.79 -3.26
N PRO A 107 3.12 7.50 -3.12
CA PRO A 107 3.96 8.11 -2.10
C PRO A 107 4.33 9.55 -2.47
N MET A 108 3.85 10.51 -1.69
CA MET A 108 4.08 11.93 -1.95
C MET A 108 5.55 12.23 -2.23
N ASN A 109 6.46 11.68 -1.43
CA ASN A 109 7.90 11.93 -1.61
C ASN A 109 8.33 11.66 -3.06
N THR A 110 7.60 10.77 -3.74
CA THR A 110 7.91 10.43 -5.13
C THR A 110 7.17 11.36 -6.10
N VAL A 111 6.37 12.29 -5.57
CA VAL A 111 5.61 13.22 -6.40
C VAL A 111 6.29 14.58 -6.44
N ASP A 112 6.65 15.02 -7.64
CA ASP A 112 7.30 16.31 -7.82
C ASP A 112 6.24 17.41 -7.95
N PHE A 113 5.80 17.93 -6.80
CA PHE A 113 4.78 18.97 -6.77
C PHE A 113 5.33 20.31 -7.28
N GLY A 114 5.80 20.32 -8.51
CA GLY A 114 6.34 21.54 -9.09
C GLY A 114 5.27 22.60 -9.28
N HIS A 115 4.13 22.17 -9.82
CA HIS A 115 3.01 23.07 -10.07
C HIS A 115 1.69 22.32 -9.98
N VAL A 116 1.47 21.40 -10.90
CA VAL A 116 0.24 20.60 -10.93
C VAL A 116 0.55 19.15 -11.23
N THR A 117 -0.25 18.26 -10.67
CA THR A 117 -0.09 16.83 -10.87
C THR A 117 -1.30 16.25 -11.59
N GLU A 118 -1.31 16.39 -12.91
CA GLU A 118 -2.38 15.87 -13.73
C GLU A 118 -1.90 14.61 -14.45
N GLU A 119 -2.57 13.50 -14.21
CA GLU A 119 -2.19 12.23 -14.83
C GLU A 119 -3.35 11.25 -14.83
N TRP A 120 -3.14 10.09 -15.46
CA TRP A 120 -4.16 9.05 -15.52
C TRP A 120 -3.82 7.95 -14.53
N ARG A 121 -4.65 7.79 -13.51
CA ARG A 121 -4.41 6.79 -12.48
C ARG A 121 -5.25 5.53 -12.72
N ASP A 122 -4.59 4.38 -12.68
CA ASP A 122 -5.28 3.11 -12.86
C ASP A 122 -5.98 2.73 -11.56
N LEU A 123 -6.99 1.89 -11.67
CA LEU A 123 -7.73 1.45 -10.50
C LEU A 123 -7.52 -0.03 -10.24
N GLN A 124 -7.21 -0.36 -8.99
CA GLN A 124 -6.97 -1.74 -8.58
C GLN A 124 -7.88 -2.13 -7.42
N SER A 125 -8.33 -3.38 -7.41
CA SER A 125 -9.19 -3.88 -6.35
C SER A 125 -8.40 -4.01 -5.05
N ALA A 126 -9.10 -3.86 -3.92
CA ALA A 126 -8.45 -3.95 -2.60
C ALA A 126 -9.38 -4.58 -1.58
N GLU A 127 -9.21 -5.88 -1.37
CA GLU A 127 -10.03 -6.60 -0.41
C GLU A 127 -9.65 -6.20 1.00
N LYS A 128 -10.64 -5.80 1.80
CA LYS A 128 -10.40 -5.39 3.17
C LYS A 128 -11.10 -6.33 4.14
N TYR B 1 29.06 -5.96 6.17
CA TYR B 1 28.45 -4.77 6.80
C TYR B 1 26.95 -5.00 7.01
N LYS B 2 26.63 -5.92 7.93
CA LYS B 2 25.25 -6.26 8.23
C LYS B 2 24.51 -5.05 8.80
N LYS B 3 23.77 -4.38 7.93
CA LYS B 3 23.01 -3.20 8.32
C LYS B 3 21.69 -3.13 7.56
N PRO B 4 20.87 -2.08 7.77
CA PRO B 4 19.58 -1.88 7.11
C PRO B 4 19.41 -2.68 5.81
N LYS B 5 18.47 -3.61 5.84
CA LYS B 5 18.18 -4.46 4.68
C LYS B 5 16.98 -3.88 3.93
N LEU B 6 17.08 -3.82 2.59
CA LEU B 6 16.00 -3.31 1.76
C LEU B 6 15.26 -4.46 1.08
N LEU B 7 13.93 -4.35 1.00
CA LEU B 7 13.11 -5.38 0.38
C LEU B 7 12.12 -4.77 -0.60
N TYR B 8 12.06 -5.35 -1.79
CA TYR B 8 11.15 -4.88 -2.85
C TYR B 8 10.65 -6.07 -3.66
N CYS B 9 9.45 -5.95 -4.23
CA CYS B 9 8.87 -7.02 -5.04
C CYS B 9 7.93 -6.45 -6.09
N SER B 10 7.59 -7.28 -7.08
CA SER B 10 6.69 -6.89 -8.15
C SER B 10 7.38 -5.89 -9.07
N ASN B 11 7.86 -6.38 -10.22
CA ASN B 11 8.57 -5.54 -11.21
C ASN B 11 8.06 -4.09 -11.19
N GLY B 12 8.89 -3.20 -10.65
CA GLY B 12 8.52 -1.80 -10.57
C GLY B 12 9.14 -1.14 -9.35
N GLY B 13 10.25 -0.43 -9.55
CA GLY B 13 10.95 0.25 -8.47
C GLY B 13 10.04 0.72 -7.35
N HIS B 14 9.99 -0.05 -6.27
CA HIS B 14 9.16 0.27 -5.12
C HIS B 14 9.74 -0.40 -3.87
N PHE B 15 10.17 0.39 -2.90
CA PHE B 15 10.77 -0.15 -1.68
C PHE B 15 9.79 -0.05 -0.51
N LEU B 16 9.81 -1.06 0.36
CA LEU B 16 8.95 -1.10 1.52
C LEU B 16 9.32 0.01 2.51
N ARG B 17 8.50 1.06 2.56
CA ARG B 17 8.74 2.18 3.47
C ARG B 17 7.96 1.96 4.76
N ILE B 18 8.69 1.63 5.82
CA ILE B 18 8.10 1.36 7.11
C ILE B 18 7.93 2.62 7.95
N LEU B 19 6.93 2.60 8.83
CA LEU B 19 6.63 3.73 9.71
C LEU B 19 6.14 3.20 11.06
N PRO B 20 6.64 3.78 12.17
CA PRO B 20 6.26 3.37 13.53
C PRO B 20 4.75 3.24 13.71
N ASP B 21 4.00 4.06 12.99
CA ASP B 21 2.54 4.04 13.05
C ASP B 21 2.00 2.63 12.86
N GLY B 22 2.53 1.91 11.87
CA GLY B 22 2.08 0.57 11.60
C GLY B 22 1.77 0.35 10.13
N THR B 23 1.27 1.39 9.48
CA THR B 23 0.93 1.29 8.07
C THR B 23 2.16 1.48 7.19
N VAL B 24 2.71 0.36 6.72
CA VAL B 24 3.88 0.37 5.85
C VAL B 24 3.46 0.23 4.39
N ASP B 25 4.12 0.95 3.49
CA ASP B 25 3.80 0.91 2.06
C ASP B 25 5.06 0.72 1.21
N GLY B 26 4.86 0.47 -0.08
CA GLY B 26 5.98 0.28 -0.99
C GLY B 26 6.32 1.54 -1.75
N THR B 27 6.99 2.47 -1.07
CA THR B 27 7.38 3.73 -1.68
C THR B 27 8.55 3.54 -2.64
N ARG B 28 8.49 4.19 -3.79
CA ARG B 28 9.55 4.09 -4.79
C ARG B 28 10.59 5.19 -4.55
N ASP B 29 11.07 5.29 -3.32
CA ASP B 29 12.05 6.32 -2.96
C ASP B 29 13.13 5.75 -2.05
N ARG B 30 14.34 6.29 -2.19
CA ARG B 30 15.48 5.86 -1.39
C ARG B 30 16.10 7.06 -0.67
N SER B 31 15.44 8.21 -0.72
CA SER B 31 15.92 9.41 -0.07
C SER B 31 15.53 9.39 1.40
N ASP B 32 14.26 9.06 1.66
CA ASP B 32 13.75 8.98 3.02
C ASP B 32 14.19 7.66 3.67
N GLN B 33 14.97 7.75 4.75
CA GLN B 33 15.47 6.57 5.42
C GLN B 33 14.34 5.83 6.15
N HIS B 34 13.38 5.34 5.39
CA HIS B 34 12.25 4.60 5.97
C HIS B 34 12.05 3.26 5.29
N ILE B 35 13.06 2.79 4.55
CA ILE B 35 13.00 1.51 3.86
C ILE B 35 14.16 0.65 4.31
N GLN B 36 14.37 0.59 5.61
CA GLN B 36 15.48 -0.16 6.18
C GLN B 36 15.03 -1.07 7.31
N LEU B 37 15.10 -2.38 7.07
CA LEU B 37 14.73 -3.37 8.08
C LEU B 37 15.95 -4.27 8.33
N GLN B 38 16.13 -4.72 9.55
CA GLN B 38 17.28 -5.55 9.90
C GLN B 38 17.00 -7.02 9.66
N LEU B 39 16.56 -7.35 8.44
CA LEU B 39 16.26 -8.73 8.07
C LEU B 39 17.43 -9.62 8.46
N SER B 40 17.19 -10.53 9.40
CA SER B 40 18.24 -11.44 9.87
C SER B 40 17.65 -12.80 10.23
N ALA B 41 18.48 -13.84 10.11
CA ALA B 41 18.07 -15.19 10.45
C ALA B 41 18.31 -15.43 11.93
N GLU B 42 17.24 -15.75 12.64
CA GLU B 42 17.32 -15.99 14.08
C GLU B 42 17.53 -17.48 14.35
N SER B 43 16.63 -18.30 13.85
CA SER B 43 16.71 -19.74 14.04
C SER B 43 17.09 -20.40 12.71
N VAL B 44 17.07 -21.73 12.67
CA VAL B 44 17.42 -22.46 11.45
C VAL B 44 16.44 -22.10 10.32
N GLY B 45 16.91 -21.28 9.39
CA GLY B 45 16.09 -20.86 8.26
C GLY B 45 15.05 -19.80 8.63
N GLU B 46 14.96 -19.46 9.91
CA GLU B 46 14.00 -18.47 10.38
C GLU B 46 14.58 -17.07 10.29
N VAL B 47 14.01 -16.24 9.43
CA VAL B 47 14.46 -14.88 9.26
C VAL B 47 13.43 -13.92 9.83
N TYR B 48 13.88 -13.01 10.68
CA TYR B 48 13.00 -12.04 11.31
C TYR B 48 13.14 -10.67 10.65
N ILE B 49 12.03 -10.17 10.12
CA ILE B 49 12.01 -8.87 9.48
C ILE B 49 11.73 -7.79 10.52
N LYS B 50 12.75 -7.48 11.31
CA LYS B 50 12.64 -6.47 12.36
C LYS B 50 13.41 -5.21 12.00
N SER B 51 12.85 -4.06 12.35
CA SER B 51 13.49 -2.78 12.09
C SER B 51 14.42 -2.42 13.25
N THR B 52 15.57 -1.82 12.92
CA THR B 52 16.53 -1.46 13.94
C THR B 52 16.30 -0.05 14.48
N GLU B 53 16.60 0.96 13.67
CA GLU B 53 16.46 2.35 14.09
C GLU B 53 15.22 2.99 13.45
N THR B 54 15.31 3.34 12.18
CA THR B 54 14.21 3.98 11.47
C THR B 54 13.16 2.96 11.02
N GLY B 55 12.43 2.41 11.98
CA GLY B 55 11.40 1.43 11.68
C GLY B 55 10.68 0.97 12.92
N GLN B 56 9.93 -0.12 12.80
CA GLN B 56 9.16 -0.68 13.91
C GLN B 56 9.23 -2.21 13.92
N TYR B 57 8.69 -2.82 14.97
CA TYR B 57 8.68 -4.28 15.08
C TYR B 57 7.44 -4.84 14.39
N LEU B 58 7.67 -5.65 13.36
CA LEU B 58 6.59 -6.24 12.57
C LEU B 58 5.75 -7.22 13.38
N ALA B 59 4.47 -7.27 13.04
CA ALA B 59 3.50 -8.15 13.68
C ALA B 59 2.32 -8.33 12.73
N MET B 60 2.23 -9.49 12.12
CA MET B 60 1.18 -9.78 11.16
C MET B 60 -0.12 -10.26 11.82
N ASP B 61 -1.25 -9.74 11.35
CA ASP B 61 -2.55 -10.16 11.87
C ASP B 61 -2.92 -11.47 11.19
N THR B 62 -2.37 -12.56 11.70
CA THR B 62 -2.61 -13.88 11.13
C THR B 62 -2.25 -13.86 9.64
N ASP B 63 -1.10 -13.26 9.33
CA ASP B 63 -0.61 -13.12 7.96
C ASP B 63 -1.48 -12.14 7.16
N GLY B 64 -2.81 -12.35 7.20
CA GLY B 64 -3.73 -11.48 6.49
C GLY B 64 -3.27 -10.04 6.41
N LEU B 65 -3.21 -9.38 7.57
CA LEU B 65 -2.78 -7.99 7.62
C LEU B 65 -1.33 -7.92 8.11
N LEU B 66 -0.43 -7.64 7.18
CA LEU B 66 0.99 -7.54 7.50
C LEU B 66 1.33 -6.13 7.97
N TYR B 67 1.59 -5.98 9.26
CA TYR B 67 1.93 -4.68 9.82
C TYR B 67 3.04 -4.82 10.87
N GLY B 68 3.37 -3.72 11.53
CA GLY B 68 4.40 -3.74 12.54
C GLY B 68 4.51 -2.41 13.26
N SER B 69 4.89 -2.44 14.53
CA SER B 69 5.02 -1.21 15.29
C SER B 69 5.78 -1.42 16.60
N GLN B 70 5.12 -2.02 17.58
CA GLN B 70 5.73 -2.21 18.89
C GLN B 70 5.95 -3.68 19.24
N THR B 71 4.87 -4.40 19.53
CA THR B 71 4.93 -5.80 19.91
C THR B 71 5.35 -6.70 18.75
N PRO B 72 6.58 -7.24 18.79
CA PRO B 72 7.07 -8.15 17.76
C PRO B 72 6.59 -9.57 18.01
N ASN B 73 5.30 -9.78 17.79
CA ASN B 73 4.68 -11.09 18.01
C ASN B 73 5.35 -12.18 17.16
N GLU B 74 5.17 -13.43 17.58
CA GLU B 74 5.77 -14.58 16.87
C GLU B 74 5.44 -14.54 15.39
N GLU B 75 4.28 -13.96 15.04
CA GLU B 75 3.86 -13.83 13.64
C GLU B 75 5.02 -13.32 12.78
N CYS B 76 5.92 -12.56 13.39
CA CYS B 76 7.07 -11.99 12.69
C CYS B 76 8.14 -13.05 12.37
N LEU B 77 7.96 -14.29 12.83
CA LEU B 77 8.94 -15.33 12.56
C LEU B 77 8.62 -16.03 11.23
N PHE B 78 9.47 -15.80 10.24
CA PHE B 78 9.27 -16.38 8.92
C PHE B 78 10.47 -17.23 8.50
N LEU B 79 10.20 -18.29 7.76
CA LEU B 79 11.24 -19.18 7.28
C LEU B 79 11.71 -18.73 5.90
N GLU B 80 13.01 -18.46 5.77
CA GLU B 80 13.58 -18.00 4.53
C GLU B 80 13.58 -19.11 3.47
N ARG B 81 12.95 -18.84 2.32
CA ARG B 81 12.88 -19.81 1.24
C ARG B 81 13.39 -19.18 -0.06
N LEU B 82 14.45 -19.75 -0.62
CA LEU B 82 15.04 -19.23 -1.84
C LEU B 82 14.31 -19.73 -3.09
N GLU B 83 14.40 -18.95 -4.16
CA GLU B 83 13.77 -19.32 -5.42
C GLU B 83 14.71 -19.01 -6.58
N GLU B 84 14.78 -19.93 -7.54
CA GLU B 84 15.64 -19.78 -8.71
C GLU B 84 15.32 -18.50 -9.49
N ASN B 85 14.06 -18.06 -9.42
CA ASN B 85 13.61 -16.85 -10.10
C ASN B 85 14.37 -15.61 -9.63
N HIS B 86 15.17 -15.75 -8.56
CA HIS B 86 15.98 -14.64 -8.03
C HIS B 86 15.15 -13.79 -7.06
N TYR B 87 14.56 -14.45 -6.08
CA TYR B 87 13.75 -13.77 -5.07
C TYR B 87 13.86 -14.48 -3.72
N ASN B 88 13.51 -13.77 -2.66
CA ASN B 88 13.57 -14.31 -1.31
C ASN B 88 12.16 -14.49 -0.74
N THR B 89 11.80 -15.73 -0.43
CA THR B 89 10.48 -16.03 0.12
C THR B 89 10.57 -16.23 1.63
N TYR B 90 9.54 -15.79 2.35
CA TYR B 90 9.52 -15.92 3.81
C TYR B 90 8.30 -16.69 4.27
N ILE B 91 8.50 -17.95 4.66
CA ILE B 91 7.41 -18.80 5.10
C ILE B 91 6.94 -18.42 6.50
N SER B 92 5.69 -17.99 6.60
CA SER B 92 5.10 -17.59 7.87
C SER B 92 4.84 -18.82 8.73
N LYS B 93 5.90 -19.34 9.35
CA LYS B 93 5.77 -20.50 10.21
C LYS B 93 4.59 -20.34 11.17
N LYS B 94 4.37 -19.10 11.62
CA LYS B 94 3.27 -18.80 12.52
C LYS B 94 1.94 -19.28 11.96
N HIS B 95 1.80 -19.25 10.64
CA HIS B 95 0.57 -19.69 9.98
C HIS B 95 0.84 -20.54 8.75
N ALA B 96 1.93 -21.30 8.78
CA ALA B 96 2.26 -22.17 7.66
C ALA B 96 1.16 -23.20 7.46
N GLU B 97 0.44 -23.51 8.54
CA GLU B 97 -0.64 -24.47 8.50
C GLU B 97 -1.74 -24.02 7.54
N LYS B 98 -1.84 -22.70 7.31
CA LYS B 98 -2.83 -22.16 6.38
C LYS B 98 -2.20 -21.91 5.00
N ASN B 99 -0.96 -22.37 4.81
CA ASN B 99 -0.26 -22.20 3.55
C ASN B 99 -0.03 -20.71 3.24
N TRP B 100 0.04 -19.90 4.29
CA TRP B 100 0.27 -18.46 4.14
C TRP B 100 1.71 -18.13 4.53
N PHE B 101 2.30 -17.18 3.83
CA PHE B 101 3.68 -16.79 4.11
C PHE B 101 3.97 -15.35 3.72
N VAL B 102 3.44 -14.41 4.51
CA VAL B 102 3.62 -12.97 4.34
C VAL B 102 3.69 -12.51 2.87
N GLY B 103 2.55 -12.05 2.35
CA GLY B 103 2.48 -11.56 0.98
C GLY B 103 2.15 -10.07 0.95
N LEU B 104 3.02 -9.27 0.35
CA LEU B 104 2.79 -7.83 0.27
C LEU B 104 2.41 -7.40 -1.13
N LYS B 105 1.65 -6.30 -1.21
CA LYS B 105 1.20 -5.75 -2.48
C LYS B 105 1.94 -4.45 -2.77
N LYS B 106 3.01 -4.55 -3.56
CA LYS B 106 3.84 -3.41 -3.93
C LYS B 106 3.03 -2.12 -4.04
N ASN B 107 2.10 -2.08 -4.99
CA ASN B 107 1.27 -0.91 -5.20
C ASN B 107 0.12 -0.86 -4.21
N GLY B 108 0.47 -0.80 -2.93
CA GLY B 108 -0.54 -0.76 -1.88
C GLY B 108 0.05 -0.88 -0.50
N SER B 109 0.43 -2.11 -0.12
CA SER B 109 1.00 -2.38 1.20
C SER B 109 1.08 -3.90 1.41
N CYS B 110 1.64 -4.29 2.55
CA CYS B 110 1.76 -5.71 2.87
C CYS B 110 0.51 -6.20 3.58
N LYS B 111 -0.26 -7.05 2.89
CA LYS B 111 -1.50 -7.60 3.45
C LYS B 111 -2.22 -8.47 2.41
N ARG B 112 -1.90 -9.75 2.39
CA ARG B 112 -2.52 -10.67 1.44
C ARG B 112 -2.74 -12.06 2.02
N GLY B 113 -2.71 -12.18 3.36
CA GLY B 113 -2.89 -13.48 4.03
C GLY B 113 -3.71 -14.48 3.23
N PRO B 114 -5.02 -14.25 3.09
CA PRO B 114 -5.93 -15.15 2.36
C PRO B 114 -5.41 -15.53 0.96
N ARG B 115 -4.47 -14.74 0.43
CA ARG B 115 -3.91 -14.99 -0.89
C ARG B 115 -2.38 -15.15 -0.84
N THR B 116 -1.79 -15.25 0.35
CA THR B 116 -0.34 -15.40 0.45
C THR B 116 0.10 -16.80 0.04
N HIS B 117 -0.16 -17.13 -1.22
CA HIS B 117 0.19 -18.42 -1.77
C HIS B 117 0.75 -18.22 -3.17
N TYR B 118 1.11 -19.30 -3.86
CA TYR B 118 1.67 -19.20 -5.21
C TYR B 118 0.81 -18.30 -6.10
N GLY B 119 -0.48 -18.16 -5.77
CA GLY B 119 -1.37 -17.31 -6.54
C GLY B 119 -0.89 -15.87 -6.59
N GLN B 120 -0.05 -15.47 -5.63
CA GLN B 120 0.48 -14.11 -5.58
C GLN B 120 2.00 -14.13 -5.62
N LYS B 121 2.57 -14.10 -6.82
CA LYS B 121 4.02 -14.10 -7.01
C LYS B 121 4.68 -12.99 -6.17
N ALA B 122 3.90 -11.97 -5.84
CA ALA B 122 4.39 -10.84 -5.04
C ALA B 122 5.07 -11.29 -3.74
N ILE B 123 4.80 -12.52 -3.30
CA ILE B 123 5.42 -13.05 -2.10
C ILE B 123 6.93 -13.20 -2.29
N LEU B 124 7.37 -13.35 -3.55
CA LEU B 124 8.78 -13.49 -3.85
C LEU B 124 9.43 -12.11 -3.85
N PHE B 125 9.96 -11.73 -2.70
CA PHE B 125 10.57 -10.41 -2.54
C PHE B 125 12.03 -10.40 -2.98
N LEU B 126 12.46 -9.25 -3.49
CA LEU B 126 13.84 -9.05 -3.92
C LEU B 126 14.58 -8.28 -2.83
N PRO B 127 15.42 -8.97 -2.04
CA PRO B 127 16.18 -8.36 -0.97
C PRO B 127 17.41 -7.62 -1.48
N LEU B 128 17.56 -6.37 -1.09
CA LEU B 128 18.68 -5.55 -1.48
C LEU B 128 19.36 -4.95 -0.25
N PRO B 129 19.89 -5.81 0.64
CA PRO B 129 20.54 -5.39 1.86
C PRO B 129 22.05 -5.26 1.73
N VAL B 130 22.70 -4.83 2.81
CA VAL B 130 24.14 -4.69 2.84
C VAL B 130 24.75 -5.88 3.56
N SER B 131 25.33 -6.80 2.79
CA SER B 131 25.93 -8.00 3.35
C SER B 131 27.38 -7.74 3.80
N SER B 132 28.11 -8.80 4.10
CA SER B 132 29.49 -8.67 4.53
C SER B 132 30.39 -9.50 3.61
N ASP B 133 30.98 -8.84 2.63
CA ASP B 133 31.85 -9.50 1.67
C ASP B 133 32.94 -8.54 1.21
#